data_6Z2W
#
_entry.id   6Z2W
#
_cell.length_a   1.00
_cell.length_b   1.00
_cell.length_c   1.00
_cell.angle_alpha   90.00
_cell.angle_beta   90.00
_cell.angle_gamma   90.00
#
_symmetry.space_group_name_H-M   'P 1'
#
loop_
_entity.id
_entity.type
_entity.pdbx_description
1 polymer 'DNA damage checkpoint protein LCD1'
2 polymer 'Serine/threonine-protein kinase MEC1'
3 non-polymer 'PHOSPHOAMINOPHOSPHONIC ACID-ADENYLATE ESTER'
4 non-polymer 'ZINC ION'
5 non-polymer 'MAGNESIUM ION'
6 water water
#
loop_
_entity_poly.entity_id
_entity_poly.type
_entity_poly.pdbx_seq_one_letter_code
_entity_poly.pdbx_strand_id
1 'polypeptide(L)'
;MRRETVGEFSSDDDDDILLELGTRPPRFTQIPPSSAALQTQIPTTLEVTTTTLNNKQSKNDNQLVNQLNKAQGEASMLRD
KINFLNIEREKEKNIQAVKVNELQVKHLQELAKLKQELQKLEDEKKFLQMEARGKSKREVITNVKPPSTTLSTNTNTITP
DSSSVAIEAKPQSPQSKKRKISDNLLKKNMVPLNPNRIIPDETSLFLESILLHQIIGADLSTIEILNRLKLDYITEFKFK
NFVIAKGAPIGKSIVSLLLRCKKTLTLDRFIDTLLEDIAVLIKEISVHPNESKLAVPFLVALMYQIVQFRPSATHNLALK
DCFLFICDLIRIYHHVLKVPIHESNMNLHVEPQIFQYELIDYLIISYSFDLLEGILRVLQSHPKQTYMEFFDENILKSFE
FVYKLALTISYKPMVNVIFSAVEVVNIITSIILNMDNSSDLKSLISGSWWRDCITRLYALLEKEIKSGDVYNENVDTTTL
HMSKYHDFFGLIRNIGDNELGGLISKLIYTDRLQSVPRVISKEDIGMDSDKFTAPIIGYKMEKWLLKLKDEVLNIFENLL
MIYGDDATIVNGEMLIHSSKFLSREQALMIERYVGQDSPNLDLRCHLIEHTLTIIYRLWKDHFKQLREEQIKQVESQLIM
SLWRFLVCQTETVTANEREMRDHRHLVDSLHDLTIKDQASYYEDAFEDLPEYIEEELKMQLNKRTGRIMQVKYDEKFQEM
ARTILESKSFDLTTLEEADSLYISMGL
;
D,C
2 'polypeptide(L)'
;MESHVKYLDELILAIKDLNSGVDSKVQIKKVPTDPSSSQEYAKSLKILNTLIRNLKDQRRNNIMKNDTIFSKTVSALALL
LEYNPFLLVMKDSNGNFEIQRLIDDFLNISVLNYDNYHRIWFMRRKLGSWCKACVEFYGKPAKFQLTAHFENTMNLYEQA
LTEVLLGKTELLKFYDTLKGLYILLYWFTSEYSTFGNSIAFLDSSLGFTKFDFNFQRLIRIVLYVFDSCELAALEYAEIQ
LKYISLVVDYVCNRTISTALDAPALVCCEQLKFVLTTMHHFLDNKYGLLDNDPTMAKGILRLYSLCISNDFSKCFVDHFP
IDQWADFSQSEHFPFTQLTNKALSIVYFDLKRRSLPVEALKYDNKFNIWVYQSEPDSSLKNVTSPFDDRYKQLEKLRLLV
LKKFNKTERGTLLKYRVNQLSPGFFQRAGNDFKLILNEASVSIQTCFKTNNITRLTSWTVILGRLACLESEKFSGTLPNS
TKDMDNWYVCHLCDIEKTGNPFVRINPNRPEAAGKSEIFRILHSNFLSHPNIDEFSESLLSGILFSLHRIFSHFQPPKLT
DGNGQINKSFKLVQKCFMNSNRYLRLLSTRIIPLFNISDSHNSEDEHTATLIKFLQSQKLPVVKENLVIAWTQLTLTTSN
DVFDTLLLKLIDIFNSDDYSLRIMMTLQIKNMAKILKKTPYQLLSPILPVLLRQLGKNLVERKVGFQNLIELLGYSSKTI
LDIFQRYIIPYAIIQYKSDVLSEIAKIMCDGDTSLINQMKVNLLKKNSRQIFAVALVKHGLFSLDILETLFLNRAPTFDK
GYITAYLPDYKTLAEITKLYKNSVTKDASDSENANMILCSLRFLITNFEKDKRHGSKYKNINNWTDDQEQAFQKKLQDNI
LGIFQVFSSDIHDVEGRTTYYEKLRVINGISFLIIYAPKKSIISALAQISICLQTGLGLKEVRYEAFRCWHLLVRHLNDE
ELSTVIDSLIAFILQKWSEFNGKLRNIVYSILDTLIKEKSDLILKLKPYTTLALVGKPELGILARDGQFARMVNKIRSTT
DLIPIFANNLKSSNKYVINQNLDDIEVYLRRKQTERSIDFTPKKVGQTSDITLVLGALLDTSHKFRNLDKDLCEKCAKCI
SMIGVLDVTKHEFKRTTYSENEVYDLNDSVQTIKFLIWVINDILVPAFWQSENPSKQLFVALVIQESLKYCGLSSESWDM
NHKELYPNEAKLWEKFNSVSKTTIYPLLSSLYLAQSWKEYVPLKYPSNNFKEGYKIWVKRFTLDLLKTGTTENHPLHVFS
SLIREDDGSLSNFLLPYISLDIIIKAEKGTPYADILNGIIIEFDSIFTCNLEGMNNLQVDSLRMCYESIFRVFEYCKKWA
TEFKQNYSKLHGTFIIKDTKTTNMLLRIDEFLRTTPSDLLAQRSLETDSFERSALYLEQCYRQNPHDKNQNGQLLKNLQI
TYEEIGDIDSLDGVLRTFATGNLVSKIEELQYSENWKLAQDCFNVLGKFSDDPKTTTRMLKSMYDHQLYSQIISNSSFHS
SDGKISLSPDVKEWYSIGLEAANLEGNVQTLKNWVEQIESLRNIDDREVLLQYNIAKALIAISNEDPLRTQKYIHNSFRL
IGTNFITSSKETTLLKKQNLLMKLHSLYDLSFLSSAKDKFEYKSNTTILDYRMERIGADFVPNHYILSMRKSFDQLKMNE
QADADLGKTFFTLAQLARNNARLDIASESLMHCLERRLPQAELEFAEILWKQGENDRALKIVQEIHEKYQENSSVNARDR
AAVLLKFTEWLDLSNNSASEQIIKQYQDIFQIDSKWDKPYYSIGLYYSRLLERKKAEGYITNGRFEYRAISYFLLAFEKN
TAKVRENLPKVITFWLDIAAASISEAPGNRKEMLSKATEDICSHVEEALQHCPTYIWYFVLTQLLSRLLHSHQSSAQIIM
HILLSLAVEYPSHILWYITALVNSNSSKRVLRGKHILEKYRQHSQNPHDLVSSALDLTKALTRVCLQDVKSITSRSGKSL
EKDFKFDMNVAPSAMVVPVRKNLDIISPLESNSMRGYQPFRPVVSIIRFGSSYKVFSSLKKPKQLNIIGSDGNIYGIMCK
KEDVRQDNQYMQFATTMDFLLSKDIASRKRSLGINIYSVLSLREDCGILEMVPNVVTLRSILSTKYESLKIKYSLKSLHD
RWQHTAVDGKLEFYMEQVDKFPPILYQWFLENFPDPINWFNARNTYARSYAVMAMVGHILGLGDRHCENILLDIQTGKVL
HVDLDCLFEKGKRLPVPEIVPFRLTPNLLDALGIIGTEGTFKKSSEVTLALMRKNEVALMNVIETIMYDRNMDHSIQKAL
KVLRNKIRGIDPQDGLVLSVAGQTETLIQEATSEDNLSKMYIGWLPFW
;
E,F
#
loop_
_chem_comp.id
_chem_comp.type
_chem_comp.name
_chem_comp.formula
ANP non-polymer 'PHOSPHOAMINOPHOSPHONIC ACID-ADENYLATE ESTER' 'C10 H17 N6 O12 P3'
MG non-polymer 'MAGNESIUM ION' 'Mg 2'
ZN non-polymer 'ZINC ION' 'Zn 2'
#
# COMPACT_ATOMS: atom_id res chain seq x y z
N LEU A 186 -47.57 -71.69 -5.57
CA LEU A 186 -48.74 -71.00 -6.11
C LEU A 186 -48.40 -69.57 -6.50
N LYS A 187 -48.40 -69.31 -7.81
CA LYS A 187 -48.06 -68.02 -8.43
C LYS A 187 -46.64 -67.60 -8.02
N LYS A 188 -45.69 -68.38 -8.53
CA LYS A 188 -44.27 -68.06 -8.43
C LYS A 188 -43.77 -67.26 -9.64
N ASN A 189 -44.54 -66.24 -10.01
CA ASN A 189 -44.27 -65.45 -11.20
C ASN A 189 -43.85 -64.02 -10.91
N MET A 190 -44.33 -63.44 -9.81
CA MET A 190 -44.27 -62.01 -9.55
C MET A 190 -42.83 -61.51 -9.47
N VAL A 191 -42.63 -60.23 -9.75
CA VAL A 191 -41.30 -59.66 -9.64
C VAL A 191 -41.00 -59.39 -8.16
N PRO A 192 -39.87 -59.84 -7.66
CA PRO A 192 -39.59 -59.65 -6.23
C PRO A 192 -39.02 -58.28 -5.95
N LEU A 193 -39.45 -57.70 -4.83
CA LEU A 193 -39.04 -56.37 -4.46
C LEU A 193 -37.59 -56.36 -3.99
N ASN A 194 -37.10 -55.16 -3.69
CA ASN A 194 -35.80 -55.01 -3.10
C ASN A 194 -35.99 -54.83 -1.60
N PRO A 195 -35.44 -55.71 -0.76
CA PRO A 195 -35.62 -55.53 0.69
C PRO A 195 -34.81 -54.40 1.28
N ASN A 196 -33.80 -53.89 0.57
CA ASN A 196 -32.97 -52.80 1.06
C ASN A 196 -32.92 -51.67 0.04
N ARG A 197 -34.12 -51.19 -0.36
CA ARG A 197 -34.27 -50.03 -1.24
C ARG A 197 -33.60 -48.81 -0.65
N ILE A 198 -32.67 -48.24 -1.41
CA ILE A 198 -32.07 -46.96 -1.06
C ILE A 198 -32.86 -45.93 -1.86
N ILE A 199 -33.92 -45.42 -1.25
CA ILE A 199 -34.58 -44.22 -1.77
C ILE A 199 -33.60 -43.09 -1.53
N PRO A 200 -33.07 -42.46 -2.58
CA PRO A 200 -31.99 -41.49 -2.38
C PRO A 200 -32.52 -40.21 -1.79
N ASP A 201 -31.72 -39.61 -0.91
CA ASP A 201 -32.17 -38.42 -0.19
C ASP A 201 -32.18 -37.24 -1.16
N GLU A 202 -33.38 -36.85 -1.60
CA GLU A 202 -33.51 -35.89 -2.68
C GLU A 202 -33.04 -34.50 -2.27
N THR A 203 -33.14 -34.16 -0.99
CA THR A 203 -32.62 -32.88 -0.55
C THR A 203 -31.10 -32.89 -0.46
N SER A 204 -30.48 -34.07 -0.32
CA SER A 204 -29.03 -34.15 -0.40
C SER A 204 -28.54 -33.97 -1.83
N LEU A 205 -29.24 -34.59 -2.78
CA LEU A 205 -28.93 -34.40 -4.19
C LEU A 205 -29.13 -32.95 -4.60
N PHE A 206 -30.14 -32.30 -4.04
CA PHE A 206 -30.40 -30.90 -4.34
C PHE A 206 -29.35 -29.99 -3.72
N LEU A 207 -28.94 -30.29 -2.49
CA LEU A 207 -27.80 -29.62 -1.87
C LEU A 207 -26.56 -29.73 -2.72
N GLU A 208 -26.30 -30.93 -3.25
CA GLU A 208 -25.08 -31.13 -4.01
C GLU A 208 -25.15 -30.44 -5.36
N SER A 209 -26.33 -30.41 -5.97
CA SER A 209 -26.48 -29.74 -7.26
C SER A 209 -26.37 -28.22 -7.11
N ILE A 210 -26.74 -27.69 -5.94
CA ILE A 210 -26.48 -26.27 -5.69
C ILE A 210 -24.99 -26.03 -5.49
N LEU A 211 -24.33 -26.89 -4.72
CA LEU A 211 -22.94 -26.66 -4.37
C LEU A 211 -21.98 -26.79 -5.55
N LEU A 212 -22.33 -27.57 -6.57
CA LEU A 212 -21.44 -27.74 -7.73
C LEU A 212 -22.15 -27.25 -8.99
N HIS A 213 -23.07 -26.32 -8.82
CA HIS A 213 -23.63 -25.55 -9.92
C HIS A 213 -22.57 -24.63 -10.48
N GLN A 214 -22.40 -24.64 -11.80
CA GLN A 214 -21.43 -23.79 -12.45
C GLN A 214 -21.96 -23.38 -13.81
N ILE A 215 -21.91 -22.08 -14.09
CA ILE A 215 -22.39 -21.57 -15.36
C ILE A 215 -21.30 -21.71 -16.39
N ILE A 216 -21.71 -21.90 -17.65
CA ILE A 216 -20.83 -22.41 -18.68
C ILE A 216 -19.84 -21.32 -19.09
N GLY A 217 -18.55 -21.62 -19.00
CA GLY A 217 -17.51 -20.68 -19.30
C GLY A 217 -16.84 -20.07 -18.10
N ALA A 218 -17.45 -20.15 -16.93
CA ALA A 218 -16.88 -19.59 -15.72
C ALA A 218 -15.89 -20.57 -15.10
N ASP A 219 -14.85 -20.01 -14.48
CA ASP A 219 -13.82 -20.84 -13.86
C ASP A 219 -14.32 -21.46 -12.57
N LEU A 220 -14.88 -20.65 -11.69
CA LEU A 220 -15.31 -21.11 -10.39
C LEU A 220 -16.76 -21.58 -10.46
N SER A 221 -17.18 -22.29 -9.41
CA SER A 221 -18.59 -22.60 -9.29
C SER A 221 -19.33 -21.37 -8.77
N THR A 222 -20.66 -21.42 -8.84
CA THR A 222 -21.47 -20.26 -8.48
C THR A 222 -21.39 -19.98 -6.98
N ILE A 223 -21.47 -21.02 -6.17
CA ILE A 223 -21.23 -20.87 -4.73
C ILE A 223 -19.80 -20.45 -4.48
N GLU A 224 -18.86 -20.97 -5.27
CA GLU A 224 -17.47 -20.57 -5.12
C GLU A 224 -17.18 -19.19 -5.68
N ILE A 225 -18.06 -18.61 -6.48
CA ILE A 225 -17.95 -17.18 -6.76
C ILE A 225 -18.54 -16.38 -5.61
N LEU A 226 -19.65 -16.84 -5.05
CA LEU A 226 -20.28 -16.14 -3.95
C LEU A 226 -19.48 -16.24 -2.65
N ASN A 227 -18.52 -17.16 -2.56
CA ASN A 227 -17.54 -17.14 -1.47
C ASN A 227 -16.55 -15.99 -1.61
N ARG A 228 -16.45 -15.41 -2.79
N ARG A 228 -16.40 -15.42 -2.80
CA ARG A 228 -15.53 -14.33 -3.08
CA ARG A 228 -15.49 -14.30 -3.00
C ARG A 228 -16.21 -12.98 -3.15
C ARG A 228 -16.22 -12.97 -3.16
N LEU A 229 -17.45 -12.89 -2.70
CA LEU A 229 -18.22 -11.65 -2.76
C LEU A 229 -18.63 -11.23 -1.36
N LYS A 230 -18.47 -9.95 -1.07
CA LYS A 230 -18.97 -9.34 0.14
C LYS A 230 -19.85 -8.18 -0.27
N LEU A 231 -20.61 -7.65 0.68
CA LEU A 231 -21.45 -6.49 0.43
C LEU A 231 -21.19 -5.46 1.51
N ASP A 232 -20.52 -4.37 1.14
CA ASP A 232 -19.93 -3.46 2.10
C ASP A 232 -20.69 -2.15 2.23
N TYR A 233 -21.93 -2.09 1.80
CA TYR A 233 -22.79 -0.95 2.12
C TYR A 233 -23.98 -1.35 2.98
N ILE A 234 -24.56 -2.51 2.72
CA ILE A 234 -25.49 -3.09 3.67
C ILE A 234 -24.67 -3.62 4.84
N THR A 235 -24.73 -2.94 5.98
CA THR A 235 -23.85 -3.29 7.09
C THR A 235 -24.27 -4.58 7.78
N GLU A 236 -25.53 -4.98 7.67
CA GLU A 236 -25.98 -6.21 8.30
C GLU A 236 -27.24 -6.64 7.57
N PHE A 237 -27.16 -7.69 6.78
CA PHE A 237 -28.34 -8.26 6.15
C PHE A 237 -28.90 -9.36 7.03
N LYS A 238 -30.22 -9.40 7.13
CA LYS A 238 -30.91 -10.43 7.90
C LYS A 238 -32.36 -10.45 7.46
N PHE A 239 -32.86 -11.62 7.08
CA PHE A 239 -34.29 -11.72 6.82
C PHE A 239 -35.00 -12.67 7.77
N LYS A 240 -34.63 -13.95 7.75
CA LYS A 240 -35.16 -14.95 8.67
C LYS A 240 -34.00 -15.90 8.88
N ASN A 241 -33.28 -15.72 10.00
CA ASN A 241 -32.00 -16.30 10.42
C ASN A 241 -31.04 -16.56 9.26
N PHE A 242 -30.90 -15.57 8.38
CA PHE A 242 -30.04 -15.62 7.20
C PHE A 242 -29.10 -14.42 7.27
N VAL A 243 -28.40 -14.33 8.39
CA VAL A 243 -27.54 -13.21 8.67
C VAL A 243 -26.34 -13.21 7.74
N ILE A 244 -26.05 -12.07 7.14
CA ILE A 244 -24.78 -11.81 6.51
C ILE A 244 -24.14 -10.66 7.27
N ALA A 245 -22.86 -10.78 7.59
CA ALA A 245 -22.15 -9.70 8.24
C ALA A 245 -21.76 -8.65 7.20
N LYS A 246 -20.93 -7.68 7.60
CA LYS A 246 -20.61 -6.61 6.66
C LYS A 246 -19.51 -7.05 5.69
N GLY A 247 -18.41 -7.60 6.20
CA GLY A 247 -17.33 -8.05 5.36
C GLY A 247 -17.32 -9.54 5.10
N ALA A 248 -18.37 -10.26 5.49
CA ALA A 248 -18.37 -11.71 5.35
C ALA A 248 -18.55 -12.10 3.89
N PRO A 249 -18.07 -13.28 3.50
CA PRO A 249 -18.46 -13.84 2.20
C PRO A 249 -19.96 -14.11 2.16
N ILE A 250 -20.56 -13.81 1.01
CA ILE A 250 -22.00 -14.03 0.85
C ILE A 250 -22.30 -15.51 0.74
N GLY A 251 -21.50 -16.22 -0.05
CA GLY A 251 -21.70 -17.65 -0.25
C GLY A 251 -21.44 -18.47 0.98
N LYS A 252 -20.64 -17.94 1.93
CA LYS A 252 -20.61 -18.47 3.28
C LYS A 252 -21.99 -18.51 3.90
N SER A 253 -22.75 -17.43 3.74
CA SER A 253 -24.08 -17.39 4.32
C SER A 253 -25.07 -18.25 3.54
N ILE A 254 -24.90 -18.35 2.21
CA ILE A 254 -25.72 -19.30 1.44
C ILE A 254 -25.48 -20.72 1.91
N VAL A 255 -24.21 -21.12 2.04
CA VAL A 255 -23.95 -22.52 2.38
C VAL A 255 -24.30 -22.78 3.85
N SER A 256 -24.26 -21.75 4.69
CA SER A 256 -24.77 -21.89 6.05
C SER A 256 -26.28 -22.10 6.07
N LEU A 257 -27.01 -21.33 5.24
CA LEU A 257 -28.45 -21.54 5.11
C LEU A 257 -28.78 -22.91 4.55
N LEU A 258 -28.00 -23.38 3.57
CA LEU A 258 -28.23 -24.66 2.95
C LEU A 258 -28.02 -25.82 3.92
N LEU A 259 -26.92 -25.78 4.66
CA LEU A 259 -26.67 -26.81 5.65
C LEU A 259 -27.68 -26.75 6.78
N ARG A 260 -28.09 -25.54 7.18
CA ARG A 260 -29.02 -25.42 8.29
C ARG A 260 -30.41 -25.87 7.89
N CYS A 261 -30.79 -25.71 6.64
CA CYS A 261 -32.15 -26.03 6.24
C CYS A 261 -32.24 -27.39 5.55
N LYS A 262 -31.11 -28.06 5.33
CA LYS A 262 -31.15 -29.47 4.93
C LYS A 262 -31.64 -30.37 6.06
N LYS A 263 -31.13 -30.14 7.28
CA LYS A 263 -31.52 -30.93 8.46
C LYS A 263 -33.01 -30.82 8.72
N THR A 264 -33.55 -29.63 8.56
CA THR A 264 -34.87 -29.29 9.07
C THR A 264 -35.96 -29.55 8.04
N LEU A 265 -35.86 -28.87 6.92
CA LEU A 265 -36.96 -28.82 5.97
C LEU A 265 -36.86 -29.97 4.98
N THR A 266 -38.02 -30.52 4.63
CA THR A 266 -38.12 -31.40 3.48
C THR A 266 -38.09 -30.57 2.20
N LEU A 267 -38.14 -31.23 1.05
CA LEU A 267 -37.69 -30.61 -0.19
C LEU A 267 -38.61 -29.48 -0.65
N ASP A 268 -39.92 -29.66 -0.55
CA ASP A 268 -40.83 -28.62 -1.01
C ASP A 268 -40.82 -27.38 -0.12
N ARG A 269 -40.34 -27.49 1.11
CA ARG A 269 -40.14 -26.32 1.95
C ARG A 269 -38.72 -25.80 1.89
N PHE A 270 -37.76 -26.68 1.63
CA PHE A 270 -36.39 -26.24 1.42
C PHE A 270 -36.27 -25.38 0.19
N ILE A 271 -37.05 -25.70 -0.85
CA ILE A 271 -37.05 -24.91 -2.08
C ILE A 271 -37.58 -23.50 -1.84
N ASP A 272 -38.78 -23.36 -1.26
CA ASP A 272 -39.29 -22.00 -1.17
C ASP A 272 -38.64 -21.18 -0.05
N THR A 273 -38.05 -21.84 0.95
CA THR A 273 -37.18 -21.14 1.89
C THR A 273 -36.00 -20.52 1.17
N LEU A 274 -35.33 -21.30 0.31
CA LEU A 274 -34.23 -20.77 -0.47
C LEU A 274 -34.69 -19.68 -1.44
N LEU A 275 -35.86 -19.85 -2.04
CA LEU A 275 -36.37 -18.88 -3.00
C LEU A 275 -36.65 -17.53 -2.35
N GLU A 276 -37.36 -17.52 -1.22
CA GLU A 276 -37.67 -16.23 -0.60
C GLU A 276 -36.45 -15.60 0.06
N ASP A 277 -35.52 -16.40 0.60
CA ASP A 277 -34.34 -15.81 1.21
C ASP A 277 -33.40 -15.21 0.18
N ILE A 278 -33.13 -15.93 -0.91
CA ILE A 278 -32.28 -15.40 -1.95
C ILE A 278 -32.99 -14.28 -2.70
N ALA A 279 -34.32 -14.31 -2.74
CA ALA A 279 -35.07 -13.20 -3.33
C ALA A 279 -34.94 -11.93 -2.51
N VAL A 280 -35.02 -12.02 -1.18
CA VAL A 280 -34.87 -10.85 -0.35
C VAL A 280 -33.44 -10.31 -0.43
N LEU A 281 -32.46 -11.20 -0.55
CA LEU A 281 -31.08 -10.73 -0.73
C LEU A 281 -30.88 -10.02 -2.07
N ILE A 282 -31.41 -10.58 -3.17
CA ILE A 282 -31.35 -9.92 -4.48
C ILE A 282 -32.08 -8.58 -4.43
N LYS A 283 -33.20 -8.54 -3.71
CA LYS A 283 -34.01 -7.33 -3.60
C LYS A 283 -33.23 -6.19 -2.95
N GLU A 284 -32.78 -6.38 -1.72
CA GLU A 284 -32.07 -5.25 -1.12
C GLU A 284 -30.64 -5.06 -1.59
N ILE A 285 -30.05 -5.97 -2.37
CA ILE A 285 -28.87 -5.53 -3.09
C ILE A 285 -29.28 -4.66 -4.27
N SER A 286 -30.45 -4.92 -4.86
CA SER A 286 -30.86 -4.23 -6.06
C SER A 286 -31.30 -2.80 -5.78
N VAL A 287 -32.18 -2.59 -4.81
CA VAL A 287 -32.67 -1.24 -4.48
C VAL A 287 -31.68 -0.64 -3.48
N HIS A 288 -30.57 -0.13 -4.03
CA HIS A 288 -29.59 0.53 -3.18
C HIS A 288 -28.81 1.48 -4.07
N PRO A 289 -28.49 2.67 -3.61
CA PRO A 289 -27.85 3.64 -4.51
C PRO A 289 -26.36 3.44 -4.72
N ASN A 290 -25.64 2.99 -3.69
CA ASN A 290 -24.19 2.97 -3.74
C ASN A 290 -23.60 1.60 -4.01
N GLU A 291 -24.36 0.55 -3.79
CA GLU A 291 -23.81 -0.80 -3.74
C GLU A 291 -23.70 -1.41 -5.13
N SER A 292 -22.57 -2.07 -5.39
CA SER A 292 -22.41 -2.83 -6.61
C SER A 292 -23.30 -4.06 -6.57
N LYS A 293 -23.73 -4.49 -7.76
CA LYS A 293 -24.72 -5.54 -7.89
C LYS A 293 -24.14 -6.83 -8.46
N LEU A 294 -22.91 -7.14 -8.07
CA LEU A 294 -22.23 -8.27 -8.70
C LEU A 294 -22.77 -9.60 -8.21
N ALA A 295 -23.31 -9.63 -6.99
CA ALA A 295 -23.87 -10.86 -6.45
C ALA A 295 -25.14 -11.29 -7.17
N VAL A 296 -25.86 -10.34 -7.75
CA VAL A 296 -27.20 -10.54 -8.31
C VAL A 296 -27.25 -11.51 -9.49
N PRO A 297 -26.36 -11.48 -10.51
CA PRO A 297 -26.46 -12.51 -11.56
C PRO A 297 -26.26 -13.92 -11.07
N PHE A 298 -25.36 -14.11 -10.11
CA PHE A 298 -25.09 -15.45 -9.64
C PHE A 298 -26.17 -15.91 -8.68
N LEU A 299 -26.79 -14.99 -7.96
CA LEU A 299 -27.94 -15.37 -7.15
C LEU A 299 -29.17 -15.67 -8.01
N VAL A 300 -29.32 -15.01 -9.15
CA VAL A 300 -30.43 -15.34 -10.05
C VAL A 300 -30.18 -16.68 -10.73
N ALA A 301 -28.95 -16.95 -11.12
CA ALA A 301 -28.61 -18.25 -11.70
C ALA A 301 -28.76 -19.38 -10.68
N LEU A 302 -28.41 -19.08 -9.44
CA LEU A 302 -28.58 -20.03 -8.35
C LEU A 302 -30.05 -20.27 -8.07
N MET A 303 -30.86 -19.22 -8.15
CA MET A 303 -32.30 -19.33 -7.99
C MET A 303 -32.92 -20.16 -9.09
N TYR A 304 -32.41 -20.03 -10.31
CA TYR A 304 -32.88 -20.85 -11.42
C TYR A 304 -32.54 -22.32 -11.19
N GLN A 305 -31.33 -22.59 -10.69
CA GLN A 305 -30.96 -23.96 -10.35
C GLN A 305 -31.86 -24.52 -9.25
N ILE A 306 -32.29 -23.67 -8.32
CA ILE A 306 -33.21 -24.10 -7.26
C ILE A 306 -34.57 -24.46 -7.84
N VAL A 307 -35.06 -23.66 -8.78
CA VAL A 307 -36.41 -23.87 -9.32
C VAL A 307 -36.50 -25.15 -10.13
N GLN A 308 -35.60 -25.36 -11.08
CA GLN A 308 -35.79 -26.39 -12.08
C GLN A 308 -35.29 -27.77 -11.66
N PHE A 309 -34.86 -27.94 -10.41
CA PHE A 309 -34.20 -29.19 -10.02
C PHE A 309 -35.17 -30.35 -10.01
N ARG A 310 -36.17 -30.30 -9.13
CA ARG A 310 -37.32 -31.19 -9.25
C ARG A 310 -38.53 -30.32 -9.53
N PRO A 311 -39.07 -30.32 -10.75
CA PRO A 311 -40.21 -29.46 -11.04
C PRO A 311 -41.48 -29.89 -10.35
N SER A 312 -41.59 -31.16 -9.95
CA SER A 312 -42.76 -31.59 -9.20
C SER A 312 -42.70 -31.12 -7.76
N ALA A 313 -41.51 -30.86 -7.24
CA ALA A 313 -41.36 -30.49 -5.84
C ALA A 313 -41.58 -29.00 -5.61
N THR A 314 -41.41 -28.17 -6.63
CA THR A 314 -41.57 -26.73 -6.44
C THR A 314 -43.05 -26.41 -6.44
N HIS A 315 -43.58 -26.06 -5.27
CA HIS A 315 -44.98 -25.68 -5.16
C HIS A 315 -45.21 -24.35 -5.88
N ASN A 316 -46.40 -24.20 -6.47
CA ASN A 316 -46.58 -23.12 -7.43
C ASN A 316 -46.87 -21.76 -6.80
N LEU A 317 -47.12 -21.69 -5.49
CA LEU A 317 -47.16 -20.37 -4.85
C LEU A 317 -45.77 -19.79 -4.72
N ALA A 318 -44.76 -20.66 -4.53
CA ALA A 318 -43.38 -20.23 -4.65
C ALA A 318 -43.07 -19.75 -6.06
N LEU A 319 -43.63 -20.42 -7.07
CA LEU A 319 -43.47 -19.98 -8.44
C LEU A 319 -44.12 -18.63 -8.69
N LYS A 320 -45.29 -18.40 -8.10
CA LYS A 320 -45.99 -17.13 -8.25
C LYS A 320 -45.20 -15.99 -7.63
N ASP A 321 -44.70 -16.20 -6.41
CA ASP A 321 -43.93 -15.16 -5.74
C ASP A 321 -42.61 -14.93 -6.43
N CYS A 322 -41.99 -15.99 -6.97
CA CYS A 322 -40.73 -15.84 -7.67
C CYS A 322 -40.92 -15.15 -9.01
N PHE A 323 -42.05 -15.41 -9.68
CA PHE A 323 -42.35 -14.76 -10.94
C PHE A 323 -42.56 -13.27 -10.74
N LEU A 324 -43.34 -12.90 -9.72
CA LEU A 324 -43.58 -11.49 -9.43
C LEU A 324 -42.30 -10.79 -9.00
N PHE A 325 -41.44 -11.50 -8.25
CA PHE A 325 -40.16 -10.91 -7.88
C PHE A 325 -39.25 -10.71 -9.08
N ILE A 326 -39.24 -11.64 -10.03
CA ILE A 326 -38.34 -11.44 -11.16
C ILE A 326 -38.89 -10.38 -12.11
N CYS A 327 -40.21 -10.25 -12.22
CA CYS A 327 -40.75 -9.18 -13.05
C CYS A 327 -40.47 -7.79 -12.46
N ASP A 328 -40.66 -7.61 -11.15
CA ASP A 328 -40.31 -6.27 -10.68
C ASP A 328 -38.81 -6.11 -10.45
N LEU A 329 -38.04 -7.21 -10.42
CA LEU A 329 -36.58 -7.09 -10.51
C LEU A 329 -36.17 -6.55 -11.86
N ILE A 330 -36.86 -6.95 -12.92
CA ILE A 330 -36.55 -6.40 -14.24
C ILE A 330 -37.01 -4.95 -14.33
N ARG A 331 -38.12 -4.60 -13.67
CA ARG A 331 -38.48 -3.17 -13.73
C ARG A 331 -37.58 -2.32 -12.84
N ILE A 332 -36.87 -2.92 -11.89
CA ILE A 332 -35.79 -2.20 -11.23
C ILE A 332 -34.66 -1.90 -12.21
N TYR A 333 -34.24 -2.91 -12.97
CA TYR A 333 -33.21 -2.72 -13.99
C TYR A 333 -33.89 -2.29 -15.28
N HIS A 334 -34.46 -1.09 -15.19
CA HIS A 334 -35.37 -0.53 -16.16
C HIS A 334 -34.62 -0.06 -17.40
N HIS A 335 -33.36 0.33 -17.22
CA HIS A 335 -32.59 1.08 -18.19
C HIS A 335 -31.73 0.19 -19.07
N VAL A 336 -31.66 -1.10 -18.79
CA VAL A 336 -30.81 -1.98 -19.59
C VAL A 336 -31.46 -2.24 -20.94
N LEU A 337 -32.78 -2.38 -20.95
CA LEU A 337 -33.54 -2.58 -22.16
C LEU A 337 -34.05 -1.26 -22.72
N LYS A 338 -33.48 -0.14 -22.31
CA LYS A 338 -33.88 1.18 -22.77
C LYS A 338 -32.67 2.05 -23.09
N VAL A 339 -31.73 1.50 -23.86
CA VAL A 339 -30.71 2.35 -24.45
C VAL A 339 -31.24 2.83 -25.80
N PRO A 340 -30.98 4.08 -26.19
CA PRO A 340 -31.56 4.59 -27.43
C PRO A 340 -30.91 3.99 -28.65
N ILE A 341 -31.61 4.11 -29.78
CA ILE A 341 -31.15 3.56 -31.06
C ILE A 341 -29.83 4.18 -31.49
N HIS A 342 -29.82 5.49 -31.66
CA HIS A 342 -28.64 6.19 -32.12
C HIS A 342 -28.31 7.31 -31.15
N GLU A 343 -27.02 7.55 -30.98
CA GLU A 343 -26.52 8.49 -29.99
C GLU A 343 -26.28 9.85 -30.62
N SER A 344 -25.74 10.77 -29.84
CA SER A 344 -25.38 12.09 -30.33
C SER A 344 -24.23 12.00 -31.33
N ASN A 345 -24.18 12.97 -32.24
CA ASN A 345 -22.99 13.14 -33.05
C ASN A 345 -21.81 13.59 -32.22
N MET A 346 -22.08 14.32 -31.13
CA MET A 346 -21.05 14.71 -30.19
C MET A 346 -20.99 13.81 -28.97
N ASN A 347 -21.52 12.60 -29.09
CA ASN A 347 -21.26 11.58 -28.07
C ASN A 347 -19.82 11.13 -28.25
N LEU A 348 -18.90 11.86 -27.64
CA LEU A 348 -17.49 11.52 -27.69
C LEU A 348 -17.25 10.23 -26.96
N HIS A 349 -16.53 9.31 -27.59
CA HIS A 349 -16.12 8.07 -26.94
C HIS A 349 -14.76 8.23 -26.30
N VAL A 350 -14.62 9.30 -25.53
CA VAL A 350 -13.54 9.49 -24.59
C VAL A 350 -14.13 9.30 -23.20
N GLU A 351 -13.81 8.19 -22.61
CA GLU A 351 -14.52 7.58 -21.51
C GLU A 351 -13.62 6.41 -21.20
N PRO A 352 -13.59 5.89 -19.97
CA PRO A 352 -12.72 4.73 -19.71
C PRO A 352 -13.09 3.46 -20.44
N GLN A 353 -14.27 3.38 -21.08
CA GLN A 353 -14.70 2.27 -21.94
C GLN A 353 -14.67 0.96 -21.16
N ILE A 354 -15.50 0.91 -20.13
CA ILE A 354 -15.49 -0.20 -19.20
C ILE A 354 -16.75 -1.02 -19.41
N PHE A 355 -16.61 -2.32 -19.23
CA PHE A 355 -17.65 -3.25 -19.58
C PHE A 355 -18.21 -4.00 -18.38
N GLN A 356 -17.56 -3.93 -17.21
CA GLN A 356 -17.88 -4.82 -16.10
C GLN A 356 -19.26 -4.54 -15.50
N TYR A 357 -19.66 -3.28 -15.42
CA TYR A 357 -21.00 -2.99 -14.89
C TYR A 357 -22.06 -3.29 -15.93
N GLU A 358 -21.76 -2.99 -17.19
CA GLU A 358 -22.63 -3.36 -18.28
C GLU A 358 -22.74 -4.87 -18.41
N LEU A 359 -21.65 -5.59 -18.17
CA LEU A 359 -21.71 -7.04 -18.19
C LEU A 359 -22.56 -7.57 -17.04
N ILE A 360 -22.48 -6.94 -15.87
CA ILE A 360 -23.29 -7.36 -14.73
C ILE A 360 -24.78 -7.16 -15.01
N ASP A 361 -25.18 -5.97 -15.45
CA ASP A 361 -26.62 -5.81 -15.59
C ASP A 361 -27.18 -6.46 -16.87
N TYR A 362 -26.34 -6.72 -17.88
CA TYR A 362 -26.75 -7.63 -18.94
C TYR A 362 -26.99 -9.03 -18.42
N LEU A 363 -26.10 -9.54 -17.55
CA LEU A 363 -26.31 -10.84 -16.93
C LEU A 363 -27.55 -10.86 -16.06
N ILE A 364 -27.84 -9.75 -15.36
CA ILE A 364 -29.02 -9.69 -14.49
C ILE A 364 -30.30 -9.77 -15.31
N ILE A 365 -30.39 -8.97 -16.38
CA ILE A 365 -31.57 -8.99 -17.25
C ILE A 365 -31.73 -10.33 -17.96
N SER A 366 -30.64 -10.87 -18.51
CA SER A 366 -30.77 -12.11 -19.27
C SER A 366 -31.08 -13.29 -18.37
N TYR A 367 -30.45 -13.37 -17.19
CA TYR A 367 -30.78 -14.46 -16.29
C TYR A 367 -32.17 -14.28 -15.69
N SER A 368 -32.66 -13.04 -15.61
CA SER A 368 -33.99 -12.82 -15.08
C SER A 368 -35.07 -13.28 -16.06
N PHE A 369 -34.93 -12.91 -17.33
CA PHE A 369 -35.85 -13.40 -18.36
C PHE A 369 -35.76 -14.91 -18.54
N ASP A 370 -34.55 -15.47 -18.47
CA ASP A 370 -34.40 -16.91 -18.50
C ASP A 370 -35.07 -17.57 -17.29
N LEU A 371 -35.03 -16.91 -16.14
CA LEU A 371 -35.72 -17.45 -14.98
C LEU A 371 -37.23 -17.35 -15.13
N LEU A 372 -37.75 -16.31 -15.79
CA LEU A 372 -39.19 -16.24 -16.06
C LEU A 372 -39.64 -17.40 -16.94
N GLU A 373 -38.85 -17.70 -17.99
CA GLU A 373 -39.11 -18.89 -18.81
C GLU A 373 -39.04 -20.16 -17.99
N GLY A 374 -38.08 -20.25 -17.06
CA GLY A 374 -37.96 -21.46 -16.24
C GLY A 374 -39.10 -21.64 -15.26
N ILE A 375 -39.55 -20.54 -14.64
CA ILE A 375 -40.74 -20.56 -13.79
C ILE A 375 -41.94 -21.08 -14.55
N LEU A 376 -42.15 -20.58 -15.76
CA LEU A 376 -43.34 -20.99 -16.49
C LEU A 376 -43.23 -22.37 -17.08
N ARG A 377 -42.02 -22.90 -17.30
CA ARG A 377 -41.99 -24.26 -17.80
C ARG A 377 -42.03 -25.27 -16.66
N VAL A 378 -41.55 -24.92 -15.46
CA VAL A 378 -41.81 -25.83 -14.36
C VAL A 378 -43.27 -25.72 -13.92
N LEU A 379 -43.92 -24.56 -14.12
CA LEU A 379 -45.35 -24.45 -13.86
C LEU A 379 -46.14 -25.19 -14.92
N GLN A 380 -45.57 -25.34 -16.11
CA GLN A 380 -46.21 -26.10 -17.17
C GLN A 380 -46.21 -27.60 -16.86
N SER A 381 -45.31 -28.05 -16.01
CA SER A 381 -45.17 -29.47 -15.71
C SER A 381 -46.05 -29.94 -14.54
N HIS A 382 -46.66 -29.01 -13.80
CA HIS A 382 -47.55 -29.36 -12.71
C HIS A 382 -48.85 -29.95 -13.26
N PRO A 383 -49.62 -30.67 -12.42
CA PRO A 383 -50.92 -31.17 -12.86
C PRO A 383 -51.88 -30.07 -13.27
N LYS A 384 -52.72 -30.38 -14.26
CA LYS A 384 -53.40 -29.36 -15.04
C LYS A 384 -54.66 -28.83 -14.37
N GLN A 385 -54.88 -29.11 -13.09
CA GLN A 385 -55.99 -28.53 -12.36
C GLN A 385 -55.57 -27.36 -11.52
N THR A 386 -54.27 -27.10 -11.40
CA THR A 386 -53.75 -26.20 -10.40
C THR A 386 -53.06 -24.99 -11.01
N TYR A 387 -53.43 -24.61 -12.24
CA TYR A 387 -52.80 -23.43 -12.80
C TYR A 387 -53.33 -22.15 -12.21
N MET A 388 -54.53 -22.16 -11.63
CA MET A 388 -55.09 -20.96 -11.04
C MET A 388 -54.46 -20.59 -9.71
N GLU A 389 -53.66 -21.47 -9.12
CA GLU A 389 -52.85 -21.09 -7.98
C GLU A 389 -51.69 -20.20 -8.38
N PHE A 390 -51.32 -20.20 -9.66
CA PHE A 390 -50.27 -19.33 -10.17
C PHE A 390 -50.81 -18.00 -10.68
N PHE A 391 -51.85 -18.04 -11.50
CA PHE A 391 -52.25 -16.86 -12.28
C PHE A 391 -53.25 -15.99 -11.54
N ASP A 392 -53.01 -14.69 -11.59
CA ASP A 392 -53.98 -13.70 -11.15
C ASP A 392 -53.80 -12.47 -12.03
N GLU A 393 -54.33 -11.33 -11.58
CA GLU A 393 -54.16 -10.08 -12.32
C GLU A 393 -52.71 -9.64 -12.34
N ASN A 394 -51.99 -9.83 -11.23
CA ASN A 394 -50.68 -9.24 -11.08
C ASN A 394 -49.64 -9.95 -11.94
N ILE A 395 -49.80 -11.27 -12.13
CA ILE A 395 -48.95 -12.04 -13.03
C ILE A 395 -48.98 -11.46 -14.44
N LEU A 396 -50.18 -11.29 -14.96
CA LEU A 396 -50.33 -10.86 -16.34
C LEU A 396 -50.03 -9.39 -16.54
N LYS A 397 -50.31 -8.54 -15.55
CA LYS A 397 -49.90 -7.14 -15.66
C LYS A 397 -48.38 -7.00 -15.62
N SER A 398 -47.71 -7.77 -14.75
CA SER A 398 -46.27 -7.69 -14.63
C SER A 398 -45.59 -8.25 -15.88
N PHE A 399 -46.12 -9.35 -16.44
CA PHE A 399 -45.53 -9.84 -17.67
C PHE A 399 -45.87 -8.96 -18.86
N GLU A 400 -47.03 -8.30 -18.84
CA GLU A 400 -47.35 -7.33 -19.88
C GLU A 400 -46.34 -6.19 -19.90
N PHE A 401 -45.97 -5.70 -18.72
CA PHE A 401 -44.95 -4.66 -18.64
C PHE A 401 -43.60 -5.17 -19.13
N VAL A 402 -43.21 -6.37 -18.70
CA VAL A 402 -41.85 -6.80 -19.01
C VAL A 402 -41.77 -7.30 -20.45
N TYR A 403 -42.90 -7.67 -21.05
CA TYR A 403 -42.96 -8.09 -22.44
C TYR A 403 -42.96 -6.90 -23.38
N LYS A 404 -43.66 -5.82 -23.01
CA LYS A 404 -43.46 -4.57 -23.74
C LYS A 404 -42.05 -4.05 -23.57
N LEU A 405 -41.39 -4.37 -22.46
CA LEU A 405 -40.02 -3.92 -22.26
C LEU A 405 -39.04 -4.70 -23.12
N ALA A 406 -39.25 -6.01 -23.28
CA ALA A 406 -38.28 -6.85 -23.98
C ALA A 406 -38.36 -6.69 -25.49
N LEU A 407 -39.52 -7.01 -26.08
CA LEU A 407 -39.74 -6.83 -27.52
C LEU A 407 -39.96 -5.36 -27.79
N THR A 408 -38.87 -4.62 -27.82
CA THR A 408 -38.93 -3.17 -27.88
C THR A 408 -39.24 -2.68 -29.28
N ILE A 409 -39.53 -1.39 -29.37
CA ILE A 409 -39.78 -0.72 -30.63
C ILE A 409 -38.80 0.43 -30.84
N SER A 410 -38.62 1.27 -29.83
CA SER A 410 -37.85 2.49 -29.96
C SER A 410 -36.46 2.41 -29.32
N TYR A 411 -36.09 1.27 -28.78
CA TYR A 411 -34.80 1.13 -28.12
C TYR A 411 -34.02 0.00 -28.76
N LYS A 412 -32.75 -0.11 -28.38
CA LYS A 412 -31.90 -1.13 -28.97
C LYS A 412 -32.31 -2.51 -28.46
N PRO A 413 -32.57 -3.46 -29.34
CA PRO A 413 -33.03 -4.77 -28.88
C PRO A 413 -31.90 -5.59 -28.30
N MET A 414 -32.21 -6.25 -27.19
CA MET A 414 -31.37 -7.31 -26.66
C MET A 414 -32.04 -8.61 -27.06
N VAL A 415 -31.37 -9.39 -27.90
CA VAL A 415 -32.04 -10.52 -28.54
C VAL A 415 -32.23 -11.66 -27.55
N ASN A 416 -31.33 -11.73 -26.55
CA ASN A 416 -31.36 -12.72 -25.48
C ASN A 416 -32.68 -12.74 -24.76
N VAL A 417 -33.24 -11.56 -24.51
CA VAL A 417 -34.50 -11.48 -23.79
C VAL A 417 -35.68 -11.64 -24.75
N ILE A 418 -35.47 -11.46 -26.06
CA ILE A 418 -36.55 -11.64 -27.02
C ILE A 418 -36.90 -13.11 -27.16
N PHE A 419 -35.87 -13.98 -27.19
CA PHE A 419 -36.10 -15.43 -27.21
C PHE A 419 -36.95 -15.88 -26.03
N SER A 420 -36.54 -15.51 -24.83
CA SER A 420 -37.24 -15.93 -23.63
C SER A 420 -38.59 -15.27 -23.49
N ALA A 421 -38.72 -14.01 -23.93
CA ALA A 421 -39.98 -13.30 -23.79
C ALA A 421 -41.04 -13.82 -24.75
N VAL A 422 -40.64 -14.38 -25.89
CA VAL A 422 -41.65 -15.02 -26.73
C VAL A 422 -41.86 -16.48 -26.34
N GLU A 423 -40.87 -17.12 -25.71
CA GLU A 423 -41.10 -18.48 -25.24
C GLU A 423 -42.04 -18.50 -24.03
N VAL A 424 -42.05 -17.43 -23.26
CA VAL A 424 -43.04 -17.28 -22.20
C VAL A 424 -44.46 -17.23 -22.78
N VAL A 425 -44.64 -16.44 -23.85
CA VAL A 425 -45.95 -16.34 -24.49
C VAL A 425 -46.34 -17.67 -25.11
N ASN A 426 -45.35 -18.45 -25.56
CA ASN A 426 -45.63 -19.81 -26.01
C ASN A 426 -46.13 -20.68 -24.88
N ILE A 427 -45.49 -20.61 -23.71
CA ILE A 427 -45.93 -21.43 -22.58
C ILE A 427 -47.32 -21.03 -22.13
N ILE A 428 -47.64 -19.73 -22.21
CA ILE A 428 -48.96 -19.23 -21.84
C ILE A 428 -50.03 -19.76 -22.79
N THR A 429 -49.81 -19.62 -24.11
CA THR A 429 -50.78 -20.14 -25.06
C THR A 429 -50.87 -21.66 -25.00
N SER A 430 -49.75 -22.33 -24.75
CA SER A 430 -49.72 -23.78 -24.72
C SER A 430 -50.44 -24.33 -23.51
N ILE A 431 -50.50 -23.59 -22.41
CA ILE A 431 -51.28 -24.09 -21.30
C ILE A 431 -52.73 -23.61 -21.34
N ILE A 432 -53.03 -22.50 -22.02
CA ILE A 432 -54.42 -22.17 -22.30
C ILE A 432 -55.03 -23.23 -23.20
N LEU A 433 -54.25 -23.79 -24.11
CA LEU A 433 -54.73 -24.92 -24.89
C LEU A 433 -54.87 -26.19 -24.07
N ASN A 434 -54.02 -26.40 -23.07
CA ASN A 434 -53.97 -27.67 -22.37
C ASN A 434 -54.36 -27.58 -20.90
N MET A 435 -55.29 -26.72 -20.54
CA MET A 435 -55.93 -26.80 -19.23
C MET A 435 -57.43 -27.01 -19.44
N ASP A 436 -58.10 -27.50 -18.40
CA ASP A 436 -59.53 -27.78 -18.50
C ASP A 436 -60.36 -26.52 -18.27
N ASN A 437 -60.06 -25.78 -17.21
CA ASN A 437 -60.79 -24.54 -16.91
C ASN A 437 -60.08 -23.38 -17.59
N SER A 438 -60.14 -23.40 -18.93
CA SER A 438 -59.40 -22.42 -19.73
C SER A 438 -60.02 -21.03 -19.66
N SER A 439 -61.26 -20.94 -19.19
CA SER A 439 -61.97 -19.67 -19.16
C SER A 439 -61.34 -18.70 -18.19
N ASP A 440 -60.81 -19.19 -17.07
CA ASP A 440 -60.32 -18.31 -16.01
C ASP A 440 -59.05 -17.58 -16.44
N LEU A 441 -58.16 -18.27 -17.15
CA LEU A 441 -57.06 -17.58 -17.82
C LEU A 441 -57.58 -16.62 -18.88
N LYS A 442 -58.56 -17.05 -19.67
CA LYS A 442 -59.04 -16.21 -20.76
C LYS A 442 -59.87 -15.04 -20.24
N SER A 443 -60.65 -15.26 -19.18
CA SER A 443 -61.38 -14.12 -18.61
C SER A 443 -60.45 -13.21 -17.82
N LEU A 444 -59.31 -13.74 -17.38
CA LEU A 444 -58.32 -12.93 -16.71
C LEU A 444 -57.50 -12.08 -17.68
N ILE A 445 -57.45 -12.47 -18.94
CA ILE A 445 -56.71 -11.74 -19.96
C ILE A 445 -57.66 -10.82 -20.71
N SER A 446 -57.31 -9.54 -20.80
CA SER A 446 -58.08 -8.57 -21.56
C SER A 446 -57.81 -8.73 -23.05
N GLY A 447 -58.51 -7.93 -23.87
CA GLY A 447 -58.17 -7.90 -25.28
C GLY A 447 -56.95 -7.05 -25.56
N SER A 448 -56.68 -6.06 -24.70
CA SER A 448 -55.56 -5.16 -24.91
C SER A 448 -54.23 -5.85 -24.70
N TRP A 449 -54.19 -6.85 -23.82
CA TRP A 449 -52.97 -7.64 -23.59
C TRP A 449 -52.55 -8.34 -24.87
N TRP A 450 -53.49 -9.05 -25.51
CA TRP A 450 -53.16 -9.71 -26.76
C TRP A 450 -52.92 -8.72 -27.90
N ARG A 451 -53.72 -7.66 -28.00
CA ARG A 451 -53.44 -6.79 -29.14
C ARG A 451 -52.25 -5.86 -28.92
N ASP A 452 -51.63 -5.87 -27.74
CA ASP A 452 -50.30 -5.32 -27.62
C ASP A 452 -49.21 -6.37 -27.79
N CYS A 453 -49.53 -7.64 -27.52
CA CYS A 453 -48.57 -8.71 -27.74
C CYS A 453 -48.38 -9.00 -29.22
N ILE A 454 -49.48 -9.14 -29.95
CA ILE A 454 -49.44 -9.64 -31.33
C ILE A 454 -48.85 -8.62 -32.28
N THR A 455 -48.99 -7.33 -31.98
CA THR A 455 -48.36 -6.33 -32.83
C THR A 455 -46.84 -6.34 -32.69
N ARG A 456 -46.35 -6.61 -31.49
CA ARG A 456 -44.90 -6.77 -31.33
C ARG A 456 -44.40 -8.07 -31.94
N LEU A 457 -45.25 -9.10 -31.98
CA LEU A 457 -44.90 -10.31 -32.69
C LEU A 457 -44.90 -10.12 -34.20
N TYR A 458 -45.82 -9.30 -34.70
CA TYR A 458 -45.81 -8.92 -36.11
C TYR A 458 -44.57 -8.12 -36.46
N ALA A 459 -44.17 -7.20 -35.56
CA ALA A 459 -42.95 -6.45 -35.79
C ALA A 459 -41.71 -7.30 -35.65
N LEU A 460 -41.80 -8.42 -34.92
CA LEU A 460 -40.66 -9.34 -34.84
C LEU A 460 -40.60 -10.28 -36.04
N LEU A 461 -41.75 -10.64 -36.59
CA LEU A 461 -41.78 -11.57 -37.70
C LEU A 461 -41.29 -10.94 -39.00
N GLU A 462 -41.33 -9.62 -39.10
CA GLU A 462 -40.91 -8.92 -40.31
C GLU A 462 -39.49 -8.42 -40.23
N LYS A 463 -38.68 -8.95 -39.34
CA LYS A 463 -37.28 -8.58 -39.27
C LYS A 463 -36.45 -9.55 -40.10
N GLU A 464 -35.26 -9.12 -40.49
CA GLU A 464 -34.46 -9.88 -41.44
C GLU A 464 -33.39 -10.70 -40.72
N ILE A 465 -33.10 -11.87 -41.28
CA ILE A 465 -32.11 -12.77 -40.72
C ILE A 465 -31.08 -13.01 -41.83
N LYS A 466 -29.92 -12.38 -41.70
CA LYS A 466 -28.88 -12.46 -42.71
C LYS A 466 -27.55 -12.73 -42.01
N SER A 467 -26.85 -13.79 -42.46
CA SER A 467 -25.63 -14.26 -41.79
C SER A 467 -24.53 -13.23 -41.77
N GLY A 468 -24.34 -12.50 -42.86
CA GLY A 468 -23.21 -11.59 -42.97
C GLY A 468 -23.30 -10.39 -42.05
N ASP A 469 -24.48 -10.10 -41.55
CA ASP A 469 -24.62 -9.03 -40.57
C ASP A 469 -25.59 -9.44 -39.45
N VAL A 470 -25.41 -10.65 -38.93
CA VAL A 470 -25.99 -10.89 -37.62
C VAL A 470 -25.16 -10.05 -36.67
N TYR A 471 -23.91 -10.44 -36.43
CA TYR A 471 -23.14 -9.86 -35.34
C TYR A 471 -22.68 -8.44 -35.60
N ASN A 472 -23.00 -7.87 -36.76
CA ASN A 472 -22.81 -6.46 -37.04
C ASN A 472 -23.77 -5.63 -36.20
N GLU A 473 -23.43 -4.35 -36.05
CA GLU A 473 -24.36 -3.34 -35.53
C GLU A 473 -24.78 -2.47 -36.71
N ASN A 474 -26.07 -2.51 -37.02
CA ASN A 474 -26.58 -2.01 -38.28
C ASN A 474 -27.90 -1.28 -38.02
N VAL A 475 -28.68 -1.10 -39.08
CA VAL A 475 -29.94 -0.35 -39.01
C VAL A 475 -30.92 -1.07 -38.08
N ASP A 476 -31.68 -0.27 -37.33
CA ASP A 476 -32.47 -0.78 -36.23
C ASP A 476 -33.70 -1.53 -36.70
N THR A 477 -34.18 -2.43 -35.83
CA THR A 477 -35.52 -3.04 -35.84
C THR A 477 -35.88 -3.73 -37.15
N THR A 478 -34.89 -4.02 -37.99
CA THR A 478 -35.10 -4.75 -39.23
C THR A 478 -34.23 -5.98 -39.33
N THR A 479 -33.12 -6.03 -38.59
CA THR A 479 -32.25 -7.20 -38.56
C THR A 479 -32.11 -7.67 -37.12
N LEU A 480 -32.60 -8.87 -36.85
CA LEU A 480 -32.27 -9.57 -35.61
C LEU A 480 -30.78 -9.83 -35.57
N HIS A 481 -30.07 -9.24 -34.61
CA HIS A 481 -28.63 -9.13 -34.81
C HIS A 481 -27.73 -9.58 -33.67
N MET A 482 -28.22 -9.80 -32.44
CA MET A 482 -27.44 -10.46 -31.38
C MET A 482 -26.12 -9.74 -31.06
N SER A 483 -26.22 -8.61 -30.34
CA SER A 483 -25.11 -7.68 -30.16
C SER A 483 -23.86 -8.35 -29.60
N LYS A 484 -22.72 -7.77 -29.97
CA LYS A 484 -21.42 -8.24 -29.50
C LYS A 484 -21.28 -8.12 -27.99
N TYR A 485 -21.91 -7.10 -27.41
CA TYR A 485 -21.72 -6.82 -26.01
C TYR A 485 -22.62 -7.64 -25.10
N HIS A 486 -23.47 -8.48 -25.64
CA HIS A 486 -24.11 -9.50 -24.82
C HIS A 486 -24.15 -10.80 -25.62
N ASP A 487 -23.05 -11.54 -25.56
CA ASP A 487 -22.87 -12.79 -26.28
C ASP A 487 -22.36 -13.78 -25.24
N PHE A 488 -23.29 -14.40 -24.53
CA PHE A 488 -23.00 -15.49 -23.63
C PHE A 488 -24.15 -16.46 -23.74
N PHE A 489 -24.09 -17.53 -22.96
CA PHE A 489 -25.09 -18.58 -23.14
C PHE A 489 -26.43 -18.23 -22.48
N GLY A 490 -26.44 -18.03 -21.18
CA GLY A 490 -27.72 -17.94 -20.50
C GLY A 490 -28.09 -19.28 -19.91
N LEU A 491 -29.20 -19.27 -19.18
CA LEU A 491 -29.48 -20.36 -18.26
C LEU A 491 -30.14 -21.56 -18.92
N ILE A 492 -30.89 -21.37 -20.01
CA ILE A 492 -31.52 -22.53 -20.65
C ILE A 492 -30.72 -22.95 -21.87
N ARG A 493 -30.64 -22.09 -22.86
CA ARG A 493 -30.18 -22.48 -24.18
C ARG A 493 -28.89 -21.75 -24.53
N ASN A 494 -28.09 -22.40 -25.35
CA ASN A 494 -26.74 -21.97 -25.67
C ASN A 494 -26.82 -21.18 -26.96
N ILE A 495 -26.79 -19.85 -26.87
CA ILE A 495 -27.39 -19.06 -27.93
C ILE A 495 -26.35 -18.46 -28.87
N GLY A 496 -25.18 -18.10 -28.36
CA GLY A 496 -24.15 -17.57 -29.24
C GLY A 496 -23.00 -18.53 -29.35
N ASP A 497 -21.78 -18.01 -29.41
CA ASP A 497 -20.60 -18.84 -29.23
C ASP A 497 -20.00 -18.65 -27.84
N ASN A 498 -20.68 -17.90 -26.97
CA ASN A 498 -20.28 -17.61 -25.59
C ASN A 498 -18.93 -16.89 -25.56
N GLU A 499 -18.88 -15.75 -26.24
CA GLU A 499 -17.62 -15.02 -26.25
C GLU A 499 -17.40 -14.28 -24.95
N LEU A 500 -18.46 -13.98 -24.21
CA LEU A 500 -18.36 -13.28 -22.93
C LEU A 500 -18.43 -14.23 -21.75
N GLY A 501 -17.98 -15.46 -21.92
CA GLY A 501 -18.01 -16.42 -20.83
C GLY A 501 -16.73 -16.42 -20.04
N GLY A 502 -15.63 -16.05 -20.69
CA GLY A 502 -14.39 -15.86 -19.97
C GLY A 502 -14.42 -14.62 -19.11
N LEU A 503 -15.22 -13.63 -19.50
CA LEU A 503 -15.26 -12.40 -18.74
C LEU A 503 -16.11 -12.52 -17.48
N ILE A 504 -17.04 -13.49 -17.44
CA ILE A 504 -17.75 -13.78 -16.21
C ILE A 504 -16.79 -14.30 -15.16
N SER A 505 -15.86 -15.16 -15.55
CA SER A 505 -14.83 -15.63 -14.65
C SER A 505 -13.82 -14.53 -14.33
N LYS A 506 -13.52 -13.67 -15.31
CA LYS A 506 -12.61 -12.55 -15.08
C LYS A 506 -13.33 -11.31 -14.57
N LEU A 507 -14.51 -11.47 -13.99
CA LEU A 507 -15.20 -10.37 -13.32
C LEU A 507 -14.86 -10.27 -11.85
N ILE A 508 -14.21 -11.30 -11.28
CA ILE A 508 -13.76 -11.31 -9.89
C ILE A 508 -12.28 -11.67 -9.85
N TYR A 509 -11.64 -11.36 -8.72
CA TYR A 509 -10.20 -11.51 -8.58
C TYR A 509 -9.78 -12.91 -8.16
N THR A 510 -10.71 -13.75 -7.71
CA THR A 510 -10.65 -15.18 -7.36
C THR A 510 -9.65 -15.55 -6.25
N ASP A 511 -8.95 -14.57 -5.68
CA ASP A 511 -8.06 -14.79 -4.54
C ASP A 511 -8.28 -13.71 -3.49
N ARG A 512 -9.51 -13.24 -3.38
CA ARG A 512 -9.79 -11.97 -2.73
C ARG A 512 -11.27 -11.95 -2.46
N LEU A 513 -11.67 -11.17 -1.46
CA LEU A 513 -13.07 -11.01 -1.09
C LEU A 513 -13.42 -9.55 -1.34
N GLN A 514 -14.24 -9.28 -2.35
CA GLN A 514 -14.44 -7.91 -2.79
C GLN A 514 -15.90 -7.65 -3.10
N SER A 515 -16.20 -6.38 -3.37
CA SER A 515 -17.54 -5.90 -3.68
C SER A 515 -17.65 -5.24 -5.05
N VAL A 516 -16.68 -4.41 -5.42
CA VAL A 516 -16.67 -3.79 -6.75
C VAL A 516 -16.16 -4.83 -7.74
N PRO A 517 -16.45 -4.69 -9.03
CA PRO A 517 -15.98 -5.69 -9.99
C PRO A 517 -14.53 -5.51 -10.36
N ARG A 518 -13.95 -6.62 -10.82
CA ARG A 518 -12.66 -6.57 -11.48
C ARG A 518 -12.84 -5.87 -12.82
N VAL A 519 -11.87 -5.05 -13.19
CA VAL A 519 -11.99 -4.22 -14.37
C VAL A 519 -11.89 -5.07 -15.63
N ILE A 520 -12.93 -5.02 -16.45
CA ILE A 520 -12.93 -5.62 -17.77
C ILE A 520 -12.91 -4.48 -18.79
N SER A 521 -11.86 -4.44 -19.59
CA SER A 521 -11.82 -3.49 -20.70
C SER A 521 -12.88 -3.88 -21.72
N LYS A 522 -13.50 -2.88 -22.35
CA LYS A 522 -14.62 -3.19 -23.21
C LYS A 522 -14.18 -3.46 -24.64
N GLU A 523 -13.14 -2.78 -25.11
CA GLU A 523 -12.71 -2.95 -26.49
C GLU A 523 -11.56 -3.93 -26.63
N ASP A 524 -11.34 -4.79 -25.64
CA ASP A 524 -10.38 -5.87 -25.84
C ASP A 524 -11.00 -7.05 -26.59
N ILE A 525 -12.31 -7.26 -26.42
CA ILE A 525 -12.99 -8.33 -27.10
C ILE A 525 -13.12 -8.00 -28.59
N GLY A 526 -13.21 -9.04 -29.40
CA GLY A 526 -13.14 -8.86 -30.84
C GLY A 526 -11.72 -8.97 -31.33
N MET A 527 -11.45 -9.95 -32.18
CA MET A 527 -10.10 -10.18 -32.67
C MET A 527 -10.09 -10.76 -34.07
N PHE A 532 -13.03 -13.41 -38.84
CA PHE A 532 -11.58 -13.43 -38.88
C PHE A 532 -11.09 -14.87 -38.85
N THR A 533 -11.91 -15.77 -38.29
CA THR A 533 -11.69 -17.20 -38.41
C THR A 533 -12.87 -17.92 -39.05
N ALA A 534 -14.09 -17.69 -38.59
CA ALA A 534 -15.20 -18.48 -39.05
C ALA A 534 -16.51 -17.71 -39.13
N PRO A 535 -17.19 -17.74 -40.27
CA PRO A 535 -18.61 -17.37 -40.32
C PRO A 535 -19.58 -18.51 -40.05
N ILE A 536 -19.10 -19.65 -39.55
CA ILE A 536 -19.99 -20.74 -39.15
C ILE A 536 -20.79 -20.33 -37.92
N ILE A 537 -20.20 -19.46 -37.10
CA ILE A 537 -20.89 -18.87 -35.95
C ILE A 537 -22.11 -18.09 -36.40
N GLY A 538 -21.98 -17.36 -37.51
CA GLY A 538 -23.12 -16.65 -38.07
C GLY A 538 -24.20 -17.58 -38.57
N TYR A 539 -23.81 -18.73 -39.12
CA TYR A 539 -24.78 -19.72 -39.57
C TYR A 539 -25.58 -20.29 -38.41
N LYS A 540 -24.92 -20.62 -37.30
CA LYS A 540 -25.69 -21.17 -36.19
C LYS A 540 -26.49 -20.10 -35.46
N MET A 541 -26.06 -18.84 -35.50
CA MET A 541 -26.93 -17.81 -34.94
C MET A 541 -28.14 -17.56 -35.84
N GLU A 542 -27.98 -17.69 -37.17
CA GLU A 542 -29.14 -17.73 -38.04
C GLU A 542 -30.04 -18.90 -37.72
N LYS A 543 -29.46 -20.05 -37.35
CA LYS A 543 -30.27 -21.21 -37.00
C LYS A 543 -31.16 -20.91 -35.80
N TRP A 544 -30.61 -20.23 -34.80
CA TRP A 544 -31.42 -19.83 -33.65
C TRP A 544 -32.48 -18.79 -34.03
N LEU A 545 -32.13 -17.83 -34.89
CA LEU A 545 -33.12 -16.82 -35.25
C LEU A 545 -34.23 -17.37 -36.14
N LEU A 546 -33.93 -18.36 -36.97
CA LEU A 546 -34.99 -19.00 -37.73
C LEU A 546 -35.89 -19.85 -36.84
N LYS A 547 -35.31 -20.48 -35.82
CA LYS A 547 -36.15 -21.15 -34.83
C LYS A 547 -36.99 -20.16 -34.02
N LEU A 548 -36.48 -18.94 -33.85
CA LEU A 548 -37.26 -17.88 -33.22
C LEU A 548 -38.47 -17.50 -34.05
N LYS A 549 -38.31 -17.40 -35.37
CA LYS A 549 -39.47 -17.09 -36.20
C LYS A 549 -40.43 -18.26 -36.31
N ASP A 550 -39.90 -19.48 -36.28
CA ASP A 550 -40.75 -20.67 -36.16
C ASP A 550 -41.55 -20.64 -34.87
N GLU A 551 -40.94 -20.12 -33.80
CA GLU A 551 -41.59 -19.97 -32.52
C GLU A 551 -42.72 -18.96 -32.58
N VAL A 552 -42.47 -17.81 -33.23
CA VAL A 552 -43.48 -16.76 -33.34
C VAL A 552 -44.68 -17.24 -34.12
N LEU A 553 -44.47 -17.87 -35.28
CA LEU A 553 -45.64 -18.28 -36.03
C LEU A 553 -46.23 -19.57 -35.46
N ASN A 554 -45.49 -20.26 -34.59
CA ASN A 554 -46.06 -21.34 -33.81
C ASN A 554 -47.04 -20.85 -32.75
N ILE A 555 -46.75 -19.71 -32.12
CA ILE A 555 -47.72 -19.23 -31.13
C ILE A 555 -48.87 -18.52 -31.83
N PHE A 556 -48.65 -18.06 -33.07
CA PHE A 556 -49.78 -17.70 -33.92
C PHE A 556 -50.68 -18.90 -34.16
N GLU A 557 -50.08 -20.03 -34.50
CA GLU A 557 -50.82 -21.28 -34.70
C GLU A 557 -51.55 -21.74 -33.43
N ASN A 558 -50.96 -21.49 -32.26
CA ASN A 558 -51.66 -21.80 -31.02
C ASN A 558 -52.85 -20.89 -30.80
N LEU A 559 -52.68 -19.58 -30.95
CA LEU A 559 -53.79 -18.73 -30.56
C LEU A 559 -54.81 -18.55 -31.67
N LEU A 560 -54.59 -19.16 -32.84
CA LEU A 560 -55.74 -19.47 -33.70
C LEU A 560 -56.64 -20.50 -33.01
N MET A 561 -56.03 -21.45 -32.31
CA MET A 561 -56.78 -22.57 -31.76
C MET A 561 -57.40 -22.20 -30.42
N ILE A 562 -56.81 -21.26 -29.69
CA ILE A 562 -57.47 -20.71 -28.52
C ILE A 562 -58.71 -19.95 -28.94
N TYR A 563 -58.52 -18.93 -29.76
CA TYR A 563 -59.61 -18.10 -30.25
C TYR A 563 -60.08 -18.61 -31.60
N GLY A 564 -60.68 -19.80 -31.57
CA GLY A 564 -61.29 -20.34 -32.77
C GLY A 564 -62.47 -19.50 -33.23
N ASP A 565 -63.30 -19.06 -32.28
CA ASP A 565 -64.24 -18.00 -32.58
C ASP A 565 -63.50 -16.68 -32.75
N ASP A 566 -64.20 -15.72 -33.36
CA ASP A 566 -63.57 -14.47 -33.71
C ASP A 566 -63.37 -13.60 -32.47
N ALA A 567 -62.37 -12.74 -32.53
CA ALA A 567 -62.09 -11.84 -31.42
C ALA A 567 -61.49 -10.57 -31.98
N THR A 568 -60.88 -9.76 -31.10
CA THR A 568 -60.12 -8.60 -31.52
C THR A 568 -58.85 -9.02 -32.27
N ILE A 569 -58.33 -10.21 -32.00
CA ILE A 569 -56.96 -10.53 -32.31
C ILE A 569 -56.80 -11.55 -33.46
N VAL A 570 -57.70 -12.52 -33.59
CA VAL A 570 -57.71 -13.36 -34.80
C VAL A 570 -58.59 -12.61 -35.79
N ASN A 571 -57.97 -11.67 -36.50
CA ASN A 571 -58.72 -10.58 -37.09
C ASN A 571 -58.31 -10.24 -38.53
N GLY A 572 -57.64 -11.16 -39.22
CA GLY A 572 -57.34 -10.99 -40.62
C GLY A 572 -55.96 -10.42 -40.90
N GLU A 573 -55.33 -9.77 -39.92
CA GLU A 573 -53.94 -9.38 -40.10
C GLU A 573 -52.96 -10.55 -40.04
N MET A 574 -53.42 -11.73 -39.63
CA MET A 574 -52.67 -12.94 -39.89
C MET A 574 -52.80 -13.41 -41.34
N LEU A 575 -53.57 -12.73 -42.18
CA LEU A 575 -53.29 -12.87 -43.60
C LEU A 575 -52.20 -11.92 -44.04
N ILE A 576 -52.25 -10.66 -43.56
CA ILE A 576 -51.32 -9.64 -44.03
C ILE A 576 -49.89 -9.99 -43.65
N HIS A 577 -49.62 -10.14 -42.35
CA HIS A 577 -48.24 -10.29 -41.92
C HIS A 577 -47.67 -11.66 -42.30
N SER A 578 -48.49 -12.70 -42.19
CA SER A 578 -48.01 -14.03 -42.53
C SER A 578 -47.88 -14.22 -44.04
N SER A 579 -48.70 -13.55 -44.86
CA SER A 579 -48.53 -13.69 -46.30
C SER A 579 -47.41 -12.82 -46.83
N LYS A 580 -47.18 -11.64 -46.23
CA LYS A 580 -45.95 -10.90 -46.49
C LYS A 580 -44.73 -11.75 -46.18
N PHE A 581 -44.75 -12.44 -45.03
CA PHE A 581 -43.63 -13.27 -44.63
C PHE A 581 -43.41 -14.44 -45.58
N LEU A 582 -44.50 -15.15 -45.93
CA LEU A 582 -44.42 -16.27 -46.85
C LEU A 582 -43.93 -15.86 -48.22
N SER A 583 -44.43 -14.74 -48.74
CA SER A 583 -44.05 -14.30 -50.07
C SER A 583 -42.59 -13.85 -50.12
N ARG A 584 -42.13 -13.12 -49.09
CA ARG A 584 -40.74 -12.67 -49.16
C ARG A 584 -39.76 -13.80 -48.89
N GLU A 585 -40.11 -14.74 -48.02
CA GLU A 585 -39.19 -15.84 -47.74
C GLU A 585 -39.28 -16.95 -48.78
N GLN A 586 -40.24 -16.89 -49.70
CA GLN A 586 -40.10 -17.66 -50.93
C GLN A 586 -39.28 -16.90 -51.95
N ALA A 587 -39.47 -15.58 -52.02
CA ALA A 587 -38.84 -14.77 -53.06
C ALA A 587 -37.34 -14.75 -52.92
N LEU A 588 -36.83 -14.34 -51.76
CA LEU A 588 -35.38 -14.33 -51.62
C LEU A 588 -34.78 -15.70 -51.35
N MET A 589 -35.59 -16.72 -51.08
CA MET A 589 -35.11 -18.09 -51.18
C MET A 589 -34.79 -18.45 -52.63
N ILE A 590 -35.74 -18.18 -53.53
CA ILE A 590 -35.54 -18.49 -54.94
C ILE A 590 -34.47 -17.60 -55.57
N GLU A 591 -34.35 -16.37 -55.12
CA GLU A 591 -33.37 -15.46 -55.70
C GLU A 591 -31.99 -15.58 -55.05
N ARG A 592 -31.90 -15.99 -53.80
CA ARG A 592 -30.63 -15.80 -53.12
C ARG A 592 -30.02 -17.06 -52.54
N TYR A 593 -30.84 -17.98 -52.03
CA TYR A 593 -30.29 -19.02 -51.16
C TYR A 593 -30.01 -20.35 -51.83
N VAL A 594 -30.59 -20.63 -52.99
CA VAL A 594 -30.39 -21.93 -53.61
C VAL A 594 -28.96 -22.03 -54.13
N GLY A 595 -28.21 -22.99 -53.59
CA GLY A 595 -26.82 -23.14 -53.94
C GLY A 595 -25.96 -22.13 -53.21
N GLN A 596 -26.05 -22.12 -51.89
CA GLN A 596 -25.29 -21.16 -51.10
C GLN A 596 -24.61 -21.89 -49.94
N ASP A 597 -24.66 -23.22 -49.94
CA ASP A 597 -24.11 -24.22 -49.01
C ASP A 597 -24.06 -23.80 -47.54
N SER A 598 -25.17 -23.28 -47.06
CA SER A 598 -25.45 -22.95 -45.68
C SER A 598 -26.31 -24.02 -45.05
N PRO A 599 -26.18 -24.25 -43.74
CA PRO A 599 -26.99 -25.28 -43.09
C PRO A 599 -28.42 -24.89 -42.91
N ASN A 600 -28.73 -23.61 -43.03
CA ASN A 600 -29.99 -23.05 -42.59
C ASN A 600 -31.00 -22.95 -43.70
N LEU A 601 -30.79 -23.64 -44.81
CA LEU A 601 -31.72 -23.50 -45.92
C LEU A 601 -32.99 -24.28 -45.64
N ASP A 602 -32.84 -25.51 -45.13
CA ASP A 602 -33.97 -26.41 -44.90
C ASP A 602 -34.96 -25.81 -43.92
N LEU A 603 -34.46 -25.36 -42.76
CA LEU A 603 -35.29 -24.67 -41.80
C LEU A 603 -35.90 -23.40 -42.37
N ARG A 604 -35.17 -22.72 -43.26
CA ARG A 604 -35.74 -21.51 -43.86
C ARG A 604 -36.82 -21.87 -44.87
N CYS A 605 -36.73 -23.05 -45.48
CA CYS A 605 -37.83 -23.51 -46.29
C CYS A 605 -38.71 -24.48 -45.52
N HIS A 606 -38.54 -24.53 -44.20
CA HIS A 606 -39.56 -25.10 -43.34
C HIS A 606 -40.52 -24.03 -42.86
N LEU A 607 -39.99 -22.83 -42.61
CA LEU A 607 -40.80 -21.70 -42.17
C LEU A 607 -41.92 -21.40 -43.13
N ILE A 608 -41.60 -21.28 -44.41
CA ILE A 608 -42.62 -21.07 -45.44
C ILE A 608 -43.58 -22.24 -45.45
N GLU A 609 -43.05 -23.45 -45.31
CA GLU A 609 -43.85 -24.65 -45.32
C GLU A 609 -44.70 -24.73 -44.06
N HIS A 610 -44.29 -24.05 -43.00
CA HIS A 610 -45.14 -23.97 -41.84
C HIS A 610 -46.15 -22.85 -41.99
N THR A 611 -45.74 -21.69 -42.53
CA THR A 611 -46.64 -20.55 -42.46
C THR A 611 -47.76 -20.61 -43.49
N LEU A 612 -47.60 -21.42 -44.54
CA LEU A 612 -48.71 -21.77 -45.40
C LEU A 612 -49.86 -22.37 -44.61
N THR A 613 -49.54 -23.28 -43.67
CA THR A 613 -50.57 -23.84 -42.82
C THR A 613 -51.16 -22.78 -41.89
N ILE A 614 -50.35 -21.78 -41.51
CA ILE A 614 -50.90 -20.69 -40.72
C ILE A 614 -51.81 -19.83 -41.60
N ILE A 615 -51.56 -19.81 -42.91
CA ILE A 615 -52.56 -19.32 -43.85
C ILE A 615 -53.75 -20.26 -43.87
N TYR A 616 -53.48 -21.56 -44.01
CA TYR A 616 -54.47 -22.50 -44.52
C TYR A 616 -55.61 -22.72 -43.52
N ARG A 617 -55.28 -22.97 -42.26
CA ARG A 617 -56.34 -23.12 -41.28
C ARG A 617 -56.96 -21.79 -40.94
N LEU A 618 -56.26 -20.68 -41.21
CA LEU A 618 -56.91 -19.39 -41.19
C LEU A 618 -57.89 -19.26 -42.35
N TRP A 619 -57.57 -19.88 -43.49
CA TRP A 619 -58.46 -19.80 -44.63
C TRP A 619 -59.67 -20.71 -44.43
N LYS A 620 -59.43 -21.98 -44.11
CA LYS A 620 -60.50 -22.96 -44.10
C LYS A 620 -61.38 -22.82 -42.86
N ASP A 621 -60.77 -22.56 -41.69
CA ASP A 621 -61.49 -22.65 -40.45
C ASP A 621 -61.76 -21.30 -39.80
N HIS A 622 -61.29 -20.19 -40.38
CA HIS A 622 -61.49 -18.90 -39.78
C HIS A 622 -61.84 -17.84 -40.80
N PHE A 623 -62.65 -18.20 -41.79
CA PHE A 623 -62.96 -17.24 -42.85
C PHE A 623 -63.96 -16.18 -42.39
N LYS A 624 -64.62 -16.38 -41.26
CA LYS A 624 -65.71 -15.49 -40.84
C LYS A 624 -65.19 -14.10 -40.45
N GLN A 625 -63.89 -13.98 -40.20
CA GLN A 625 -63.30 -12.70 -39.81
C GLN A 625 -62.32 -12.19 -40.86
N LEU A 626 -62.04 -12.98 -41.90
CA LEU A 626 -61.14 -12.51 -42.94
C LEU A 626 -61.91 -11.47 -43.76
N ARG A 627 -61.78 -10.22 -43.34
CA ARG A 627 -62.55 -9.14 -43.92
C ARG A 627 -62.09 -8.85 -45.34
N GLU A 628 -63.05 -8.45 -46.17
CA GLU A 628 -62.84 -8.32 -47.62
C GLU A 628 -61.87 -7.20 -47.94
N GLU A 629 -61.83 -6.14 -47.11
CA GLU A 629 -60.88 -5.06 -47.33
C GLU A 629 -59.47 -5.49 -46.98
N GLN A 630 -59.33 -6.41 -46.03
CA GLN A 630 -58.01 -6.83 -45.59
C GLN A 630 -57.39 -7.85 -46.53
N ILE A 631 -58.22 -8.67 -47.17
CA ILE A 631 -57.71 -9.66 -48.13
C ILE A 631 -57.08 -8.96 -49.33
N LYS A 632 -57.69 -7.87 -49.79
CA LYS A 632 -57.12 -7.16 -50.91
C LYS A 632 -55.91 -6.31 -50.56
N GLN A 633 -55.58 -6.16 -49.28
CA GLN A 633 -54.29 -5.55 -48.94
C GLN A 633 -53.15 -6.48 -49.33
N VAL A 634 -53.36 -7.78 -49.16
CA VAL A 634 -52.41 -8.78 -49.65
C VAL A 634 -53.12 -9.73 -50.61
N GLU A 635 -53.26 -9.29 -51.85
CA GLU A 635 -53.82 -10.10 -52.90
C GLU A 635 -52.76 -10.39 -53.94
N SER A 636 -51.83 -9.46 -54.11
CA SER A 636 -50.52 -9.75 -54.64
C SER A 636 -49.91 -10.98 -53.99
N GLN A 637 -49.67 -10.89 -52.69
CA GLN A 637 -48.68 -11.74 -52.05
C GLN A 637 -49.27 -13.08 -51.68
N LEU A 638 -50.55 -13.09 -51.30
CA LEU A 638 -51.25 -14.34 -51.07
C LEU A 638 -51.31 -15.19 -52.33
N ILE A 639 -51.75 -14.61 -53.45
CA ILE A 639 -51.89 -15.36 -54.68
C ILE A 639 -50.54 -15.78 -55.24
N MET A 640 -49.53 -14.91 -55.11
CA MET A 640 -48.21 -15.26 -55.62
C MET A 640 -47.56 -16.35 -54.77
N SER A 641 -47.78 -16.31 -53.47
CA SER A 641 -47.23 -17.33 -52.59
C SER A 641 -47.92 -18.67 -52.78
N LEU A 642 -49.23 -18.67 -53.07
CA LEU A 642 -49.89 -19.92 -53.40
C LEU A 642 -49.45 -20.42 -54.78
N TRP A 643 -49.14 -19.49 -55.68
CA TRP A 643 -48.72 -19.84 -57.02
C TRP A 643 -47.35 -20.51 -57.01
N ARG A 644 -46.47 -20.08 -56.10
CA ARG A 644 -45.17 -20.73 -56.02
C ARG A 644 -45.22 -22.11 -55.37
N PHE A 645 -46.35 -22.51 -54.79
CA PHE A 645 -46.55 -23.92 -54.48
C PHE A 645 -47.19 -24.68 -55.63
N LEU A 646 -48.22 -24.11 -56.27
CA LEU A 646 -48.86 -24.83 -57.36
C LEU A 646 -48.03 -24.89 -58.63
N VAL A 647 -46.92 -24.17 -58.70
CA VAL A 647 -46.04 -24.32 -59.84
C VAL A 647 -45.31 -25.66 -59.80
N CYS A 648 -45.23 -26.29 -58.63
CA CYS A 648 -44.50 -27.52 -58.46
C CYS A 648 -45.26 -28.75 -58.95
N GLN A 649 -46.54 -28.62 -59.31
CA GLN A 649 -47.26 -29.77 -59.81
C GLN A 649 -46.89 -30.13 -61.24
N THR A 650 -46.13 -29.27 -61.92
CA THR A 650 -45.60 -29.59 -63.24
C THR A 650 -44.61 -30.72 -63.11
N GLU A 651 -43.51 -30.45 -62.40
CA GLU A 651 -42.49 -31.42 -62.00
C GLU A 651 -41.90 -32.12 -63.23
N THR A 652 -41.17 -31.33 -64.01
CA THR A 652 -40.29 -31.85 -65.03
C THR A 652 -38.82 -31.73 -64.64
N VAL A 653 -38.55 -31.68 -63.33
CA VAL A 653 -37.19 -31.53 -62.85
C VAL A 653 -36.68 -32.85 -62.30
N THR A 654 -37.37 -33.40 -61.30
CA THR A 654 -36.77 -34.53 -60.59
C THR A 654 -36.97 -35.84 -61.33
N ALA A 655 -38.17 -36.42 -61.24
CA ALA A 655 -38.68 -37.51 -62.07
C ALA A 655 -37.87 -38.82 -62.09
N ASN A 656 -36.75 -38.88 -61.38
CA ASN A 656 -35.84 -40.03 -61.42
C ASN A 656 -34.98 -39.98 -60.16
N GLU A 657 -33.86 -40.69 -60.18
CA GLU A 657 -32.90 -40.62 -59.08
C GLU A 657 -31.53 -40.11 -59.49
N ARG A 658 -31.18 -40.18 -60.77
CA ARG A 658 -29.78 -40.02 -61.18
C ARG A 658 -29.33 -38.57 -61.10
N GLU A 659 -30.15 -37.63 -61.55
CA GLU A 659 -29.74 -36.25 -61.50
C GLU A 659 -30.18 -35.54 -60.23
N MET A 660 -31.05 -36.14 -59.42
CA MET A 660 -31.41 -35.51 -58.16
C MET A 660 -30.26 -35.54 -57.18
N ARG A 661 -29.49 -36.63 -57.16
CA ARG A 661 -28.33 -36.62 -56.28
C ARG A 661 -27.25 -35.70 -56.81
N ASP A 662 -27.22 -35.48 -58.12
CA ASP A 662 -26.34 -34.46 -58.67
C ASP A 662 -26.79 -33.06 -58.26
N HIS A 663 -28.11 -32.87 -58.12
CA HIS A 663 -28.59 -31.60 -57.60
C HIS A 663 -28.25 -31.43 -56.12
N ARG A 664 -28.32 -32.52 -55.35
CA ARG A 664 -28.04 -32.36 -53.93
C ARG A 664 -26.54 -32.30 -53.65
N HIS A 665 -25.69 -32.65 -54.63
CA HIS A 665 -24.31 -32.21 -54.51
C HIS A 665 -24.19 -30.70 -54.65
N LEU A 666 -25.12 -30.07 -55.36
CA LEU A 666 -25.06 -28.64 -55.63
C LEU A 666 -25.69 -27.81 -54.54
N VAL A 667 -26.77 -28.29 -53.91
CA VAL A 667 -27.49 -27.49 -52.94
C VAL A 667 -27.38 -28.03 -51.52
N ASP A 668 -27.14 -29.33 -51.34
CA ASP A 668 -27.40 -29.96 -50.05
C ASP A 668 -26.28 -30.94 -49.70
N SER A 669 -25.03 -30.50 -49.88
CA SER A 669 -23.91 -31.35 -49.49
C SER A 669 -23.72 -31.36 -47.98
N LEU A 670 -24.12 -30.27 -47.31
CA LEU A 670 -24.00 -30.18 -45.86
C LEU A 670 -24.86 -31.21 -45.17
N HIS A 671 -26.04 -31.49 -45.72
CA HIS A 671 -26.87 -32.52 -45.11
C HIS A 671 -26.40 -33.92 -45.46
N ASP A 672 -25.63 -34.09 -46.54
CA ASP A 672 -24.93 -35.36 -46.73
C ASP A 672 -23.87 -35.57 -45.65
N LEU A 673 -23.11 -34.52 -45.32
CA LEU A 673 -22.18 -34.60 -44.20
C LEU A 673 -22.89 -34.90 -42.89
N THR A 674 -24.03 -34.25 -42.67
CA THR A 674 -24.83 -34.47 -41.47
C THR A 674 -25.33 -35.90 -41.38
N ILE A 675 -25.85 -36.45 -42.48
CA ILE A 675 -26.41 -37.79 -42.39
C ILE A 675 -25.30 -38.84 -42.35
N LYS A 676 -24.11 -38.55 -42.89
CA LYS A 676 -23.02 -39.51 -42.74
C LYS A 676 -22.46 -39.48 -41.32
N ASP A 677 -22.39 -38.30 -40.70
CA ASP A 677 -21.97 -38.25 -39.30
C ASP A 677 -23.02 -38.86 -38.38
N GLN A 678 -24.29 -38.74 -38.73
CA GLN A 678 -25.33 -39.40 -37.94
C GLN A 678 -25.31 -40.91 -38.18
N ALA A 679 -24.91 -41.34 -39.37
CA ALA A 679 -24.97 -42.75 -39.71
C ALA A 679 -23.79 -43.51 -39.16
N SER A 680 -22.63 -42.89 -39.13
CA SER A 680 -21.44 -43.59 -38.65
C SER A 680 -21.24 -43.45 -37.15
N TYR A 681 -21.88 -42.48 -36.50
CA TYR A 681 -21.68 -42.31 -35.07
C TYR A 681 -22.95 -42.41 -34.25
N TYR A 682 -24.01 -41.71 -34.63
CA TYR A 682 -25.04 -41.34 -33.66
C TYR A 682 -26.39 -41.99 -33.85
N GLU A 683 -26.59 -42.84 -34.85
CA GLU A 683 -27.89 -43.43 -35.06
C GLU A 683 -27.82 -44.95 -34.98
N ASP A 684 -28.67 -45.54 -34.14
CA ASP A 684 -28.66 -46.98 -33.93
C ASP A 684 -29.18 -47.73 -35.15
N ALA A 685 -30.12 -47.13 -35.88
CA ALA A 685 -30.68 -47.79 -37.04
C ALA A 685 -29.75 -47.76 -38.25
N PHE A 686 -28.78 -46.85 -38.26
CA PHE A 686 -27.94 -46.67 -39.45
C PHE A 686 -26.66 -47.49 -39.37
N GLU A 687 -26.75 -48.78 -39.08
CA GLU A 687 -25.64 -49.69 -39.33
C GLU A 687 -26.23 -51.04 -39.69
N ASP A 688 -25.54 -51.74 -40.61
CA ASP A 688 -26.05 -52.91 -41.31
C ASP A 688 -27.40 -52.59 -41.96
N LEU A 689 -27.35 -51.67 -42.91
CA LEU A 689 -28.54 -51.11 -43.53
C LEU A 689 -29.12 -52.11 -44.52
N PRO A 690 -30.34 -52.61 -44.30
CA PRO A 690 -30.74 -53.87 -44.95
C PRO A 690 -31.38 -53.75 -46.33
N GLU A 691 -31.20 -52.61 -47.02
CA GLU A 691 -31.80 -52.31 -48.33
C GLU A 691 -33.32 -52.27 -48.20
N TYR A 692 -33.77 -51.73 -47.08
CA TYR A 692 -35.07 -51.08 -47.02
C TYR A 692 -35.01 -49.81 -46.19
N ILE A 693 -33.93 -49.57 -45.47
CA ILE A 693 -33.82 -48.40 -44.62
C ILE A 693 -33.01 -47.31 -45.30
N GLU A 694 -32.24 -47.64 -46.33
CA GLU A 694 -31.63 -46.59 -47.13
C GLU A 694 -32.38 -46.36 -48.42
N GLU A 695 -33.33 -47.22 -48.76
CA GLU A 695 -34.29 -46.88 -49.80
C GLU A 695 -35.39 -45.96 -49.28
N GLU A 696 -35.49 -45.79 -47.95
CA GLU A 696 -36.22 -44.65 -47.41
C GLU A 696 -35.34 -43.40 -47.39
N LEU A 697 -34.03 -43.58 -47.24
CA LEU A 697 -33.13 -42.42 -47.31
C LEU A 697 -33.07 -41.85 -48.72
N LYS A 698 -33.02 -42.71 -49.73
CA LYS A 698 -33.13 -42.22 -51.11
C LYS A 698 -34.57 -42.11 -51.56
N MET A 699 -35.49 -41.87 -50.62
CA MET A 699 -36.74 -41.18 -50.84
C MET A 699 -36.75 -39.83 -50.13
N GLN A 700 -36.27 -39.79 -48.88
CA GLN A 700 -36.42 -38.57 -48.10
C GLN A 700 -35.31 -37.55 -48.30
N LEU A 701 -34.08 -37.96 -48.64
CA LEU A 701 -33.12 -36.97 -49.14
C LEU A 701 -33.58 -36.38 -50.45
N ASN A 702 -34.23 -37.18 -51.28
CA ASN A 702 -34.78 -36.67 -52.54
C ASN A 702 -35.89 -35.67 -52.31
N LYS A 703 -36.84 -35.97 -51.44
CA LYS A 703 -37.88 -34.97 -51.20
C LYS A 703 -37.37 -33.78 -50.41
N ARG A 704 -36.30 -33.95 -49.62
CA ARG A 704 -35.66 -32.84 -48.96
C ARG A 704 -35.00 -31.91 -49.96
N THR A 705 -34.23 -32.47 -50.90
CA THR A 705 -33.55 -31.60 -51.85
C THR A 705 -34.52 -31.02 -52.87
N GLY A 706 -35.66 -31.69 -53.10
CA GLY A 706 -36.72 -31.04 -53.85
C GLY A 706 -37.27 -29.84 -53.12
N ARG A 707 -37.59 -30.01 -51.84
CA ARG A 707 -38.16 -28.93 -51.03
C ARG A 707 -37.17 -27.79 -50.81
N ILE A 708 -35.86 -28.06 -50.92
CA ILE A 708 -34.86 -26.99 -50.85
C ILE A 708 -34.73 -26.28 -52.19
N MET A 709 -34.67 -27.05 -53.28
CA MET A 709 -34.53 -26.51 -54.64
C MET A 709 -35.73 -25.71 -55.14
N GLN A 710 -36.80 -25.57 -54.35
CA GLN A 710 -37.96 -24.71 -54.58
C GLN A 710 -38.81 -25.14 -55.77
N VAL A 711 -38.51 -26.29 -56.36
CA VAL A 711 -39.40 -26.98 -57.28
C VAL A 711 -39.64 -28.36 -56.66
N LYS A 712 -40.87 -28.86 -56.79
CA LYS A 712 -41.35 -30.06 -56.08
C LYS A 712 -41.24 -29.89 -54.57
N TYR A 713 -42.17 -29.10 -54.01
CA TYR A 713 -42.51 -29.24 -52.61
C TYR A 713 -43.33 -30.50 -52.38
N ASP A 714 -43.86 -30.64 -51.18
CA ASP A 714 -44.66 -31.79 -50.83
C ASP A 714 -46.06 -31.65 -51.43
N GLU A 715 -46.68 -32.79 -51.74
CA GLU A 715 -47.98 -32.80 -52.39
C GLU A 715 -49.07 -32.26 -51.48
N LYS A 716 -48.91 -32.43 -50.17
CA LYS A 716 -49.91 -31.97 -49.22
C LYS A 716 -49.96 -30.45 -49.16
N PHE A 717 -48.80 -29.80 -49.27
CA PHE A 717 -48.76 -28.35 -49.27
C PHE A 717 -49.23 -27.79 -50.59
N GLN A 718 -49.06 -28.56 -51.68
CA GLN A 718 -49.70 -28.22 -52.94
C GLN A 718 -51.21 -28.25 -52.82
N GLU A 719 -51.75 -29.24 -52.11
CA GLU A 719 -53.20 -29.30 -51.93
C GLU A 719 -53.71 -28.17 -51.06
N MET A 720 -52.98 -27.85 -49.99
CA MET A 720 -53.39 -26.73 -49.15
C MET A 720 -53.31 -25.41 -49.87
N ALA A 721 -52.34 -25.25 -50.76
CA ALA A 721 -52.30 -24.02 -51.52
C ALA A 721 -53.32 -24.01 -52.65
N ARG A 722 -53.69 -25.19 -53.15
CA ARG A 722 -54.71 -25.29 -54.19
C ARG A 722 -56.08 -24.94 -53.65
N THR A 723 -56.43 -25.48 -52.50
CA THR A 723 -57.76 -25.28 -51.93
C THR A 723 -57.93 -23.96 -51.22
N ILE A 724 -57.04 -22.99 -51.43
CA ILE A 724 -57.27 -21.61 -51.06
C ILE A 724 -57.58 -20.76 -52.28
N LEU A 725 -56.75 -20.87 -53.31
CA LEU A 725 -56.92 -20.08 -54.52
C LEU A 725 -58.12 -20.57 -55.33
N GLU A 726 -58.16 -21.88 -55.59
CA GLU A 726 -59.20 -22.42 -56.47
C GLU A 726 -60.55 -22.49 -55.76
N SER A 727 -60.56 -22.62 -54.44
CA SER A 727 -61.81 -22.76 -53.71
C SER A 727 -62.58 -21.45 -53.70
N LYS A 728 -63.90 -21.56 -53.66
CA LYS A 728 -64.80 -20.44 -53.88
C LYS A 728 -65.35 -19.88 -52.58
N SER A 729 -64.56 -19.93 -51.50
CA SER A 729 -64.95 -19.21 -50.29
C SER A 729 -64.81 -17.72 -50.47
N PHE A 730 -63.87 -17.30 -51.30
CA PHE A 730 -63.71 -15.90 -51.66
C PHE A 730 -63.10 -15.83 -53.04
N ASP A 731 -63.59 -14.91 -53.86
CA ASP A 731 -63.08 -14.77 -55.22
C ASP A 731 -61.80 -13.94 -55.21
N LEU A 732 -60.68 -14.65 -55.06
CA LEU A 732 -59.38 -14.01 -55.21
C LEU A 732 -59.14 -13.65 -56.68
N THR A 733 -59.40 -14.60 -57.57
CA THR A 733 -59.27 -14.41 -59.00
C THR A 733 -60.60 -14.70 -59.67
N THR A 734 -60.86 -14.02 -60.78
CA THR A 734 -61.95 -14.43 -61.63
C THR A 734 -61.49 -15.60 -62.50
N LEU A 735 -62.44 -16.22 -63.21
CA LEU A 735 -62.13 -17.42 -63.98
C LEU A 735 -61.26 -17.14 -65.20
N GLU A 736 -61.23 -15.90 -65.67
CA GLU A 736 -60.33 -15.50 -66.74
C GLU A 736 -59.03 -14.91 -66.22
N GLU A 737 -58.95 -14.58 -64.94
CA GLU A 737 -57.69 -14.23 -64.32
C GLU A 737 -56.97 -15.43 -63.73
N ALA A 738 -57.69 -16.50 -63.42
CA ALA A 738 -57.06 -17.68 -62.84
C ALA A 738 -56.28 -18.44 -63.90
N ASP A 739 -56.89 -18.69 -65.06
CA ASP A 739 -56.18 -19.41 -66.10
C ASP A 739 -55.05 -18.61 -66.72
N SER A 740 -54.99 -17.29 -66.49
CA SER A 740 -53.79 -16.54 -66.80
C SER A 740 -52.65 -16.91 -65.85
N LEU A 741 -52.97 -17.40 -64.66
CA LEU A 741 -51.95 -17.95 -63.78
C LEU A 741 -51.65 -19.40 -64.13
N TYR A 742 -52.64 -20.15 -64.58
CA TYR A 742 -52.38 -21.54 -64.92
C TYR A 742 -51.60 -21.70 -66.22
N ILE A 743 -51.67 -20.72 -67.13
CA ILE A 743 -50.88 -20.84 -68.36
C ILE A 743 -49.41 -20.60 -68.09
N SER A 744 -49.07 -19.93 -66.98
CA SER A 744 -47.68 -19.72 -66.62
C SER A 744 -47.06 -20.91 -65.90
N MET A 745 -47.71 -22.07 -65.93
CA MET A 745 -47.11 -23.36 -65.64
C MET A 745 -47.21 -24.32 -66.81
N GLY A 746 -48.33 -24.32 -67.49
CA GLY A 746 -48.73 -25.36 -68.41
C GLY A 746 -50.22 -25.20 -68.59
N LEU A 747 -50.97 -26.28 -68.37
CA LEU A 747 -52.43 -26.26 -68.17
C LEU A 747 -53.21 -25.71 -69.37
N LEU B 186 -55.64 -65.06 10.34
CA LEU B 186 -54.64 -65.97 10.89
C LEU B 186 -53.34 -65.25 11.20
N LYS B 187 -53.05 -65.12 12.50
CA LYS B 187 -51.89 -64.41 13.06
C LYS B 187 -51.89 -62.95 12.59
N LYS B 188 -52.89 -62.23 13.10
CA LYS B 188 -52.97 -60.78 12.93
C LYS B 188 -52.30 -60.03 14.09
N ASN B 189 -51.09 -60.47 14.43
CA ASN B 189 -50.36 -59.94 15.57
C ASN B 189 -49.12 -59.16 15.21
N MET B 190 -48.46 -59.51 14.11
CA MET B 190 -47.11 -59.06 13.79
C MET B 190 -47.03 -57.54 13.64
N VAL B 191 -45.85 -57.00 13.87
CA VAL B 191 -45.66 -55.57 13.68
C VAL B 191 -45.54 -55.28 12.19
N PRO B 192 -46.30 -54.33 11.66
CA PRO B 192 -46.26 -54.07 10.22
C PRO B 192 -45.10 -53.15 9.87
N LEU B 193 -44.47 -53.47 8.74
CA LEU B 193 -43.30 -52.72 8.30
C LEU B 193 -43.71 -51.36 7.76
N ASN B 194 -42.69 -50.58 7.38
CA ASN B 194 -42.92 -49.32 6.74
C ASN B 194 -42.75 -49.52 5.25
N PRO B 195 -43.77 -49.27 4.42
CA PRO B 195 -43.60 -49.45 2.97
C PRO B 195 -42.75 -48.38 2.31
N ASN B 196 -42.51 -47.25 2.96
CA ASN B 196 -41.73 -46.16 2.40
C ASN B 196 -40.60 -45.75 3.36
N ARG B 197 -39.82 -46.76 3.78
CA ARG B 197 -38.63 -46.55 4.61
C ARG B 197 -37.65 -45.59 3.94
N ILE B 198 -37.34 -44.52 4.64
CA ILE B 198 -36.28 -43.61 4.23
C ILE B 198 -35.05 -44.05 5.00
N ILE B 199 -34.28 -44.96 4.41
CA ILE B 199 -32.94 -45.25 4.89
C ILE B 199 -32.12 -44.01 4.58
N PRO B 200 -31.64 -43.27 5.59
CA PRO B 200 -31.00 -41.98 5.31
C PRO B 200 -29.64 -42.16 4.67
N ASP B 201 -29.32 -41.27 3.73
CA ASP B 201 -28.08 -41.41 2.98
C ASP B 201 -26.92 -41.05 3.91
N GLU B 202 -26.19 -42.07 4.36
CA GLU B 202 -25.20 -41.88 5.41
C GLU B 202 -24.01 -41.08 4.91
N THR B 203 -23.69 -41.14 3.63
CA THR B 203 -22.62 -40.30 3.11
C THR B 203 -23.05 -38.85 2.97
N SER B 204 -24.35 -38.58 2.87
CA SER B 204 -24.83 -37.21 2.90
C SER B 204 -24.75 -36.63 4.30
N LEU B 205 -25.12 -37.42 5.31
CA LEU B 205 -24.97 -37.01 6.69
C LEU B 205 -23.51 -36.78 7.04
N PHE B 206 -22.63 -37.62 6.49
CA PHE B 206 -21.20 -37.46 6.75
C PHE B 206 -20.63 -36.23 6.05
N LEU B 207 -21.08 -35.98 4.81
CA LEU B 207 -20.76 -34.73 4.12
C LEU B 207 -21.19 -33.52 4.94
N GLU B 208 -22.39 -33.57 5.52
CA GLU B 208 -22.90 -32.42 6.24
C GLU B 208 -22.17 -32.24 7.56
N SER B 209 -21.80 -33.35 8.21
CA SER B 209 -21.07 -33.24 9.47
C SER B 209 -19.64 -32.73 9.24
N ILE B 210 -19.07 -32.99 8.07
CA ILE B 210 -17.79 -32.37 7.75
C ILE B 210 -17.97 -30.88 7.49
N LEU B 211 -19.02 -30.52 6.73
CA LEU B 211 -19.18 -29.12 6.32
C LEU B 211 -19.52 -28.19 7.48
N LEU B 212 -20.15 -28.69 8.54
CA LEU B 212 -20.51 -27.84 9.68
C LEU B 212 -19.80 -28.33 10.95
N HIS B 213 -18.66 -28.97 10.76
CA HIS B 213 -17.74 -29.26 11.85
C HIS B 213 -17.12 -27.95 12.33
N GLN B 214 -17.12 -27.74 13.63
CA GLN B 214 -16.55 -26.55 14.22
C GLN B 214 -15.96 -26.87 15.57
N ILE B 215 -14.72 -26.47 15.78
CA ILE B 215 -14.05 -26.74 17.05
C ILE B 215 -14.45 -25.68 18.04
N ILE B 216 -14.47 -26.07 19.32
CA ILE B 216 -15.17 -25.32 20.35
C ILE B 216 -14.39 -24.06 20.69
N GLY B 217 -15.05 -22.91 20.56
CA GLY B 217 -14.42 -21.64 20.80
C GLY B 217 -14.05 -20.87 19.55
N ALA B 218 -14.01 -21.52 18.40
CA ALA B 218 -13.67 -20.86 17.16
C ALA B 218 -14.90 -20.22 16.55
N ASP B 219 -14.67 -19.10 15.86
CA ASP B 219 -15.77 -18.36 15.24
C ASP B 219 -16.27 -19.08 14.00
N LEU B 220 -15.37 -19.42 13.10
CA LEU B 220 -15.73 -20.03 11.83
C LEU B 220 -15.79 -21.55 11.98
N SER B 221 -16.39 -22.18 10.98
CA SER B 221 -16.30 -23.63 10.92
C SER B 221 -14.93 -24.03 10.38
N THR B 222 -14.62 -25.32 10.49
CA THR B 222 -13.29 -25.79 10.10
C THR B 222 -13.09 -25.71 8.60
N ILE B 223 -14.10 -26.10 7.83
CA ILE B 223 -14.07 -25.89 6.38
C ILE B 223 -14.07 -24.41 6.06
N GLU B 224 -14.79 -23.62 6.84
CA GLU B 224 -14.80 -22.18 6.63
C GLU B 224 -13.53 -21.50 7.12
N ILE B 225 -12.71 -22.16 7.93
CA ILE B 225 -11.36 -21.64 8.14
C ILE B 225 -10.47 -22.04 6.97
N LEU B 226 -10.63 -23.26 6.47
CA LEU B 226 -9.81 -23.72 5.36
C LEU B 226 -10.17 -23.03 4.03
N ASN B 227 -11.32 -22.37 3.95
CA ASN B 227 -11.61 -21.47 2.84
C ASN B 227 -10.77 -20.19 2.89
N ARG B 228 -10.19 -19.89 4.05
N ARG B 228 -10.21 -19.85 4.04
CA ARG B 228 -9.41 -18.70 4.25
CA ARG B 228 -9.39 -18.65 4.17
C ARG B 228 -7.92 -18.98 4.28
C ARG B 228 -7.91 -18.98 4.29
N LEU B 229 -7.50 -20.18 3.86
CA LEU B 229 -6.10 -20.56 3.90
C LEU B 229 -5.64 -20.91 2.51
N LYS B 230 -4.46 -20.41 2.15
CA LYS B 230 -3.77 -20.79 0.94
C LYS B 230 -2.40 -21.29 1.32
N LEU B 231 -1.73 -21.93 0.37
CA LEU B 231 -0.37 -22.41 0.60
C LEU B 231 0.52 -21.93 -0.54
N ASP B 232 1.38 -20.98 -0.23
CA ASP B 232 2.07 -20.21 -1.26
C ASP B 232 3.54 -20.57 -1.42
N TYR B 233 3.96 -21.73 -0.94
CA TYR B 233 5.27 -22.26 -1.29
C TYR B 233 5.18 -23.55 -2.09
N ILE B 234 4.23 -24.41 -1.76
CA ILE B 234 3.91 -25.51 -2.66
C ILE B 234 3.12 -24.92 -3.82
N THR B 235 3.76 -24.83 -4.99
CA THR B 235 3.15 -24.13 -6.11
C THR B 235 2.00 -24.92 -6.73
N GLU B 236 1.96 -26.24 -6.56
CA GLU B 236 0.88 -27.04 -7.12
C GLU B 236 0.86 -28.34 -6.33
N PHE B 237 -0.16 -28.51 -5.49
CA PHE B 237 -0.35 -29.77 -4.80
C PHE B 237 -1.30 -30.64 -5.62
N LYS B 238 -0.98 -31.93 -5.67
CA LYS B 238 -1.81 -32.91 -6.37
C LYS B 238 -1.41 -34.29 -5.88
N PHE B 239 -2.38 -35.08 -5.43
CA PHE B 239 -2.07 -36.46 -5.12
C PHE B 239 -2.83 -37.44 -6.00
N LYS B 240 -4.15 -37.44 -5.93
CA LYS B 240 -5.01 -38.27 -6.80
C LYS B 240 -6.25 -37.41 -7.01
N ASN B 241 -6.30 -36.73 -8.15
CA ASN B 241 -7.22 -35.67 -8.59
C ASN B 241 -7.70 -34.77 -7.45
N PHE B 242 -6.75 -34.33 -6.63
CA PHE B 242 -7.00 -33.47 -5.48
C PHE B 242 -6.11 -32.23 -5.62
N VAL B 243 -6.26 -31.58 -6.77
CA VAL B 243 -5.41 -30.47 -7.13
C VAL B 243 -5.73 -29.27 -6.24
N ILE B 244 -4.69 -28.66 -5.69
CA ILE B 244 -4.76 -27.33 -5.11
C ILE B 244 -3.86 -26.44 -5.95
N ALA B 245 -4.35 -25.25 -6.31
CA ALA B 245 -3.52 -24.30 -7.04
C ALA B 245 -2.58 -23.59 -6.05
N LYS B 246 -1.90 -22.56 -6.52
CA LYS B 246 -0.93 -21.91 -5.64
C LYS B 246 -1.61 -20.93 -4.70
N GLY B 247 -2.45 -20.05 -5.22
CA GLY B 247 -3.16 -19.10 -4.39
C GLY B 247 -4.59 -19.48 -4.07
N ALA B 248 -5.00 -20.69 -4.38
CA ALA B 248 -6.38 -21.08 -4.18
C ALA B 248 -6.67 -21.30 -2.70
N PRO B 249 -7.92 -21.15 -2.28
CA PRO B 249 -8.31 -21.61 -0.95
C PRO B 249 -8.15 -23.13 -0.84
N ILE B 250 -7.66 -23.57 0.31
CA ILE B 250 -7.47 -25.00 0.53
C ILE B 250 -8.81 -25.70 0.73
N GLY B 251 -9.69 -25.09 1.51
CA GLY B 251 -10.99 -25.66 1.78
C GLY B 251 -11.90 -25.69 0.56
N LYS B 252 -11.64 -24.83 -0.42
CA LYS B 252 -12.20 -24.99 -1.74
C LYS B 252 -11.89 -26.37 -2.32
N SER B 253 -10.63 -26.79 -2.18
CA SER B 253 -10.24 -28.08 -2.72
C SER B 253 -10.77 -29.22 -1.87
N ILE B 254 -10.87 -29.04 -0.54
CA ILE B 254 -11.53 -30.05 0.30
C ILE B 254 -12.98 -30.22 -0.11
N VAL B 255 -13.72 -29.12 -0.27
CA VAL B 255 -15.15 -29.27 -0.56
C VAL B 255 -15.34 -29.74 -2.00
N SER B 256 -14.39 -29.46 -2.90
CA SER B 256 -14.43 -30.05 -4.22
C SER B 256 -14.22 -31.55 -4.18
N LEU B 257 -13.26 -32.01 -3.36
CA LEU B 257 -13.05 -33.45 -3.16
C LEU B 257 -14.27 -34.11 -2.54
N LEU B 258 -14.89 -33.45 -1.58
CA LEU B 258 -16.04 -33.99 -0.88
C LEU B 258 -17.24 -34.15 -1.82
N LEU B 259 -17.54 -33.11 -2.59
CA LEU B 259 -18.63 -33.20 -3.55
C LEU B 259 -18.33 -34.21 -4.64
N ARG B 260 -17.07 -34.28 -5.07
CA ARG B 260 -16.73 -35.20 -6.15
C ARG B 260 -16.77 -36.64 -5.69
N CYS B 261 -16.47 -36.90 -4.44
CA CYS B 261 -16.39 -38.28 -3.98
C CYS B 261 -17.65 -38.71 -3.23
N LYS B 262 -18.60 -37.80 -3.01
CA LYS B 262 -19.93 -38.23 -2.55
C LYS B 262 -20.68 -38.98 -3.64
N LYS B 263 -20.65 -38.47 -4.88
CA LYS B 263 -21.32 -39.12 -6.01
C LYS B 263 -20.79 -40.52 -6.23
N THR B 264 -19.48 -40.68 -6.14
CA THR B 264 -18.80 -41.87 -6.61
C THR B 264 -18.74 -42.95 -5.54
N LEU B 265 -18.10 -42.63 -4.43
CA LEU B 265 -17.73 -43.64 -3.46
C LEU B 265 -18.82 -43.81 -2.42
N THR B 266 -19.03 -45.05 -2.00
CA THR B 266 -19.81 -45.35 -0.82
C THR B 266 -18.99 -45.04 0.43
N LEU B 267 -19.57 -45.22 1.61
CA LEU B 267 -19.05 -44.56 2.80
C LEU B 267 -17.71 -45.12 3.25
N ASP B 268 -17.53 -46.43 3.21
CA ASP B 268 -16.27 -47.01 3.65
C ASP B 268 -15.09 -46.69 2.72
N ARG B 269 -15.38 -46.32 1.47
CA ARG B 269 -14.32 -45.85 0.57
C ARG B 269 -14.22 -44.34 0.57
N PHE B 270 -15.32 -43.64 0.84
CA PHE B 270 -15.27 -42.19 0.98
C PHE B 270 -14.42 -41.79 2.17
N ILE B 271 -14.49 -42.58 3.24
CA ILE B 271 -13.69 -42.33 4.45
C ILE B 271 -12.20 -42.45 4.15
N ASP B 272 -11.75 -43.58 3.61
CA ASP B 272 -10.31 -43.71 3.48
C ASP B 272 -9.74 -42.93 2.30
N THR B 273 -10.56 -42.58 1.31
CA THR B 273 -10.16 -41.59 0.31
C THR B 273 -9.87 -40.25 0.97
N LEU B 274 -10.78 -39.78 1.83
CA LEU B 274 -10.54 -38.54 2.56
C LEU B 274 -9.34 -38.64 3.48
N LEU B 275 -9.16 -39.79 4.13
CA LEU B 275 -8.05 -39.97 5.07
C LEU B 275 -6.71 -39.90 4.37
N GLU B 276 -6.54 -40.63 3.26
CA GLU B 276 -5.23 -40.60 2.60
C GLU B 276 -4.98 -39.29 1.87
N ASP B 277 -6.02 -38.64 1.35
CA ASP B 277 -5.80 -37.37 0.65
C ASP B 277 -5.45 -36.25 1.63
N ILE B 278 -6.19 -36.16 2.74
CA ILE B 278 -5.87 -35.14 3.73
C ILE B 278 -4.58 -35.48 4.45
N ALA B 279 -4.23 -36.77 4.54
CA ALA B 279 -2.94 -37.17 5.11
C ALA B 279 -1.78 -36.72 4.23
N VAL B 280 -1.90 -36.89 2.91
CA VAL B 280 -0.83 -36.45 2.01
C VAL B 280 -0.71 -34.93 2.03
N LEU B 281 -1.83 -34.22 2.16
CA LEU B 281 -1.75 -32.76 2.26
C LEU B 281 -1.08 -32.31 3.57
N ILE B 282 -1.44 -32.93 4.70
CA ILE B 282 -0.77 -32.65 5.98
C ILE B 282 0.71 -32.98 5.91
N LYS B 283 1.04 -34.07 5.21
CA LYS B 283 2.41 -34.53 5.09
C LYS B 283 3.28 -33.51 4.36
N GLU B 284 2.92 -33.17 3.11
CA GLU B 284 3.80 -32.21 2.45
C GLU B 284 3.60 -30.76 2.86
N ILE B 285 2.60 -30.41 3.66
CA ILE B 285 2.73 -29.12 4.32
C ILE B 285 3.71 -29.23 5.46
N SER B 286 3.79 -30.40 6.11
CA SER B 286 4.62 -30.55 7.30
C SER B 286 6.10 -30.59 6.97
N VAL B 287 6.51 -31.42 6.01
CA VAL B 287 7.93 -31.54 5.64
C VAL B 287 8.20 -30.47 4.58
N HIS B 288 8.41 -29.24 5.07
CA HIS B 288 8.73 -28.15 4.17
C HIS B 288 9.46 -27.11 4.98
N PRO B 289 10.51 -26.50 4.46
CA PRO B 289 11.29 -25.57 5.28
C PRO B 289 10.70 -24.19 5.46
N ASN B 290 10.04 -23.67 4.43
CA ASN B 290 9.62 -22.28 4.43
C ASN B 290 8.15 -22.07 4.73
N GLU B 291 7.34 -23.10 4.59
CA GLU B 291 5.89 -22.92 4.59
C GLU B 291 5.33 -22.92 6.00
N SER B 292 4.39 -22.02 6.24
CA SER B 292 3.66 -22.03 7.49
C SER B 292 2.71 -23.21 7.55
N LYS B 293 2.46 -23.69 8.76
CA LYS B 293 1.73 -24.93 8.96
C LYS B 293 0.35 -24.69 9.57
N LEU B 294 -0.31 -23.60 9.16
CA LEU B 294 -1.55 -23.23 9.82
C LEU B 294 -2.70 -24.15 9.40
N ALA B 295 -2.62 -24.72 8.21
CA ALA B 295 -3.66 -25.62 7.74
C ALA B 295 -3.70 -26.93 8.52
N VAL B 296 -2.57 -27.33 9.08
CA VAL B 296 -2.38 -28.65 9.70
C VAL B 296 -3.26 -28.91 10.92
N PRO B 297 -3.44 -28.00 11.91
CA PRO B 297 -4.37 -28.32 13.00
C PRO B 297 -5.80 -28.54 12.57
N PHE B 298 -6.26 -27.77 11.59
CA PHE B 298 -7.63 -27.90 11.17
C PHE B 298 -7.81 -29.10 10.27
N LEU B 299 -6.78 -29.48 9.53
CA LEU B 299 -6.86 -30.73 8.78
C LEU B 299 -6.78 -31.95 9.69
N VAL B 300 -6.07 -31.87 10.80
CA VAL B 300 -6.05 -32.99 11.75
C VAL B 300 -7.38 -33.09 12.48
N ALA B 301 -7.98 -31.95 12.85
CA ALA B 301 -9.29 -31.96 13.47
C ALA B 301 -10.37 -32.45 12.50
N LEU B 302 -10.23 -32.09 11.23
CA LEU B 302 -11.13 -32.56 10.20
C LEU B 302 -10.96 -34.06 9.98
N MET B 303 -9.72 -34.54 10.04
CA MET B 303 -9.43 -35.96 9.93
C MET B 303 -10.03 -36.74 11.09
N TYR B 304 -10.00 -36.16 12.29
CA TYR B 304 -10.64 -36.79 13.44
C TYR B 304 -12.14 -36.87 13.27
N GLN B 305 -12.75 -35.81 12.74
CA GLN B 305 -14.18 -35.84 12.45
C GLN B 305 -14.51 -36.90 11.40
N ILE B 306 -13.60 -37.12 10.45
CA ILE B 306 -13.80 -38.17 9.45
C ILE B 306 -13.74 -39.56 10.08
N VAL B 307 -12.81 -39.77 11.00
CA VAL B 307 -12.61 -41.09 11.59
C VAL B 307 -13.80 -41.50 12.45
N GLN B 308 -14.21 -40.66 13.39
CA GLN B 308 -15.12 -41.09 14.44
C GLN B 308 -16.59 -41.00 14.07
N PHE B 309 -16.92 -40.67 12.81
CA PHE B 309 -18.31 -40.40 12.46
C PHE B 309 -19.16 -41.65 12.54
N ARG B 310 -18.88 -42.63 11.69
CA ARG B 310 -19.41 -43.97 11.88
C ARG B 310 -18.25 -44.89 12.16
N PRO B 311 -18.05 -45.34 13.40
CA PRO B 311 -16.89 -46.20 13.69
C PRO B 311 -16.98 -47.57 13.06
N SER B 312 -18.18 -48.04 12.73
CA SER B 312 -18.31 -49.31 12.03
C SER B 312 -17.93 -49.20 10.57
N ALA B 313 -18.01 -48.00 10.01
CA ALA B 313 -17.74 -47.81 8.59
C ALA B 313 -16.27 -47.63 8.30
N THR B 314 -15.47 -47.19 9.27
CA THR B 314 -14.06 -46.97 9.02
C THR B 314 -13.34 -48.31 9.05
N HIS B 315 -12.89 -48.77 7.90
CA HIS B 315 -12.15 -50.02 7.82
C HIS B 315 -10.79 -49.84 8.48
N ASN B 316 -10.29 -50.91 9.10
CA ASN B 316 -9.17 -50.75 10.01
C ASN B 316 -7.81 -50.68 9.34
N LEU B 317 -7.71 -50.96 8.05
CA LEU B 317 -6.47 -50.67 7.34
C LEU B 317 -6.29 -49.17 7.14
N ALA B 318 -7.40 -48.45 6.97
CA ALA B 318 -7.37 -47.00 7.01
C ALA B 318 -6.93 -46.52 8.39
N LEU B 319 -7.39 -47.20 9.44
CA LEU B 319 -6.98 -46.85 10.79
C LEU B 319 -5.49 -47.10 10.99
N LYS B 320 -4.97 -48.20 10.43
CA LYS B 320 -3.55 -48.51 10.54
C LYS B 320 -2.70 -47.47 9.86
N ASP B 321 -3.07 -47.10 8.62
CA ASP B 321 -2.31 -46.11 7.88
C ASP B 321 -2.43 -44.73 8.53
N CYS B 322 -3.60 -44.42 9.08
CA CYS B 322 -3.78 -43.12 9.74
C CYS B 322 -3.02 -43.07 11.05
N PHE B 323 -2.95 -44.19 11.77
CA PHE B 323 -2.19 -44.24 13.02
C PHE B 323 -0.70 -44.05 12.75
N LEU B 324 -0.17 -44.75 11.74
CA LEU B 324 1.24 -44.60 11.40
C LEU B 324 1.55 -43.20 10.91
N PHE B 325 0.61 -42.60 10.16
CA PHE B 325 0.81 -41.22 9.73
C PHE B 325 0.79 -40.24 10.89
N ILE B 326 -0.08 -40.45 11.87
CA ILE B 326 -0.09 -39.48 12.96
C ILE B 326 1.11 -39.66 13.87
N CYS B 327 1.60 -40.89 14.02
CA CYS B 327 2.81 -41.09 14.83
C CYS B 327 4.03 -40.47 14.17
N ASP B 328 4.23 -40.66 12.86
CA ASP B 328 5.40 -39.98 12.32
C ASP B 328 5.14 -38.50 12.02
N LEU B 329 3.87 -38.06 12.01
CA LEU B 329 3.57 -36.63 12.06
C LEU B 329 4.04 -36.02 13.37
N ILE B 330 3.87 -36.75 14.47
CA ILE B 330 4.36 -36.25 15.75
C ILE B 330 5.89 -36.28 15.78
N ARG B 331 6.52 -37.28 15.15
CA ARG B 331 7.98 -37.23 15.16
C ARG B 331 8.52 -36.18 14.20
N ILE B 332 7.72 -35.69 13.25
CA ILE B 332 8.09 -34.49 12.53
C ILE B 332 8.10 -33.29 13.45
N TYR B 333 7.04 -33.13 14.25
CA TYR B 333 6.98 -32.05 15.22
C TYR B 333 7.63 -32.52 16.52
N HIS B 334 8.94 -32.75 16.38
CA HIS B 334 9.75 -33.43 17.37
C HIS B 334 10.04 -32.53 18.55
N HIS B 335 10.04 -31.22 18.32
CA HIS B 335 10.58 -30.22 19.22
C HIS B 335 9.53 -29.60 20.11
N VAL B 336 8.25 -29.89 19.89
CA VAL B 336 7.22 -29.28 20.70
C VAL B 336 7.19 -29.91 22.08
N LEU B 337 7.41 -31.22 22.14
CA LEU B 337 7.47 -31.95 23.38
C LEU B 337 8.89 -32.06 23.91
N LYS B 338 9.80 -31.23 23.42
CA LYS B 338 11.20 -31.23 23.83
C LYS B 338 11.70 -29.82 24.08
N VAL B 339 10.96 -29.03 24.84
CA VAL B 339 11.51 -27.79 25.37
C VAL B 339 12.16 -28.10 26.70
N PRO B 340 13.30 -27.50 27.03
CA PRO B 340 14.00 -27.86 28.26
C PRO B 340 13.28 -27.34 29.49
N ILE B 341 13.63 -27.93 30.64
CA ILE B 341 13.00 -27.60 31.92
C ILE B 341 13.26 -26.14 32.27
N HIS B 342 14.52 -25.76 32.40
CA HIS B 342 14.88 -24.41 32.78
C HIS B 342 15.84 -23.84 31.74
N GLU B 343 15.72 -22.54 31.53
CA GLU B 343 16.45 -21.85 30.48
C GLU B 343 17.71 -21.21 31.05
N SER B 344 18.41 -20.47 30.19
CA SER B 344 19.60 -19.74 30.63
C SER B 344 19.23 -18.62 31.58
N ASN B 345 20.18 -18.27 32.45
CA ASN B 345 20.04 -17.04 33.22
C ASN B 345 20.12 -15.82 32.32
N MET B 346 20.87 -15.91 31.22
CA MET B 346 20.95 -14.87 30.23
C MET B 346 20.03 -15.11 29.05
N ASN B 347 19.00 -15.93 29.24
CA ASN B 347 17.93 -16.01 28.26
C ASN B 347 17.10 -14.74 28.41
N LEU B 348 17.54 -13.69 27.73
CA LEU B 348 16.82 -12.42 27.74
C LEU B 348 15.48 -12.59 27.05
N HIS B 349 14.43 -12.12 27.70
CA HIS B 349 13.10 -12.10 27.09
C HIS B 349 12.85 -10.77 26.40
N VAL B 350 13.82 -10.38 25.57
CA VAL B 350 13.68 -9.33 24.59
C VAL B 350 13.60 -10.01 23.24
N GLU B 351 12.42 -10.03 22.69
CA GLU B 351 12.00 -10.94 21.66
C GLU B 351 10.61 -10.41 21.36
N PRO B 352 10.06 -10.57 20.16
CA PRO B 352 8.70 -10.08 19.91
C PRO B 352 7.60 -10.74 20.71
N GLN B 353 7.88 -11.86 21.39
CA GLN B 353 6.95 -12.53 22.31
C GLN B 353 5.65 -12.90 21.60
N ILE B 354 5.80 -13.75 20.61
CA ILE B 354 4.70 -14.10 19.72
C ILE B 354 4.26 -15.51 20.00
N PHE B 355 2.97 -15.74 19.89
CA PHE B 355 2.37 -16.98 20.31
C PHE B 355 1.77 -17.78 19.15
N GLN B 356 1.63 -17.18 17.97
CA GLN B 356 0.83 -17.80 16.91
C GLN B 356 1.46 -19.06 16.34
N TYR B 357 2.79 -19.11 16.22
CA TYR B 357 3.42 -20.33 15.73
C TYR B 357 3.45 -21.39 16.82
N GLU B 358 3.69 -20.96 18.06
CA GLU B 358 3.61 -21.86 19.19
C GLU B 358 2.19 -22.36 19.38
N LEU B 359 1.19 -21.51 19.14
CA LEU B 359 -0.19 -21.98 19.23
C LEU B 359 -0.51 -22.99 18.13
N ILE B 360 0.04 -22.78 16.93
CA ILE B 360 -0.19 -23.74 15.83
C ILE B 360 0.43 -25.09 16.16
N ASP B 361 1.69 -25.13 16.56
CA ASP B 361 2.24 -26.48 16.73
C ASP B 361 1.82 -27.13 18.06
N TYR B 362 1.37 -26.35 19.05
CA TYR B 362 0.65 -26.95 20.17
C TYR B 362 -0.66 -27.58 19.72
N LEU B 363 -1.41 -26.90 18.84
CA LEU B 363 -2.63 -27.49 18.29
C LEU B 363 -2.33 -28.73 17.45
N ILE B 364 -1.21 -28.74 16.72
CA ILE B 364 -0.86 -29.90 15.89
C ILE B 364 -0.56 -31.11 16.76
N ILE B 365 0.27 -30.92 17.79
CA ILE B 365 0.61 -32.02 18.69
C ILE B 365 -0.61 -32.52 19.47
N SER B 366 -1.41 -31.59 20.01
CA SER B 366 -2.54 -32.02 20.84
C SER B 366 -3.63 -32.68 20.01
N TYR B 367 -3.91 -32.15 18.81
CA TYR B 367 -4.90 -32.81 17.97
C TYR B 367 -4.36 -34.12 17.41
N SER B 368 -3.04 -34.25 17.26
CA SER B 368 -2.48 -35.50 16.77
C SER B 368 -2.59 -36.62 17.82
N PHE B 369 -2.23 -36.32 19.06
CA PHE B 369 -2.42 -37.29 20.15
C PHE B 369 -3.89 -37.62 20.38
N ASP B 370 -4.76 -36.61 20.30
CA ASP B 370 -6.19 -36.86 20.39
C ASP B 370 -6.68 -37.73 19.24
N LEU B 371 -6.09 -37.57 18.06
CA LEU B 371 -6.46 -38.43 16.94
C LEU B 371 -5.94 -39.84 17.14
N LEU B 372 -4.78 -40.03 17.77
CA LEU B 372 -4.31 -41.38 18.09
C LEU B 372 -5.27 -42.09 19.04
N GLU B 373 -5.74 -41.37 20.06
CA GLU B 373 -6.77 -41.91 20.94
C GLU B 373 -8.06 -42.23 20.17
N GLY B 374 -8.44 -41.38 19.22
CA GLY B 374 -9.65 -41.62 18.46
C GLY B 374 -9.55 -42.81 17.51
N ILE B 375 -8.39 -42.97 16.87
CA ILE B 375 -8.10 -44.15 16.05
C ILE B 375 -8.25 -45.41 16.88
N LEU B 376 -7.67 -45.42 18.08
CA LEU B 376 -7.72 -46.65 18.86
C LEU B 376 -9.06 -46.89 19.51
N ARG B 377 -9.88 -45.86 19.70
CA ARG B 377 -11.18 -46.19 20.26
C ARG B 377 -12.19 -46.55 19.15
N VAL B 378 -12.01 -46.04 17.94
CA VAL B 378 -12.85 -46.60 16.89
C VAL B 378 -12.36 -47.99 16.49
N LEU B 379 -11.07 -48.28 16.67
CA LEU B 379 -10.58 -49.65 16.46
C LEU B 379 -11.03 -50.56 17.57
N GLN B 380 -11.29 -50.00 18.75
CA GLN B 380 -11.81 -50.77 19.86
C GLN B 380 -13.25 -51.19 19.63
N SER B 381 -13.97 -50.49 18.76
CA SER B 381 -15.38 -50.78 18.52
C SER B 381 -15.62 -51.79 17.40
N HIS B 382 -14.60 -52.15 16.64
CA HIS B 382 -14.72 -53.16 15.61
C HIS B 382 -14.92 -54.54 16.22
N PRO B 383 -15.42 -55.52 15.44
CA PRO B 383 -15.53 -56.88 15.95
C PRO B 383 -14.20 -57.49 16.34
N LYS B 384 -14.23 -58.33 17.37
CA LYS B 384 -13.04 -58.67 18.12
C LYS B 384 -12.21 -59.78 17.48
N GLN B 385 -12.47 -60.11 16.22
CA GLN B 385 -11.64 -61.05 15.51
C GLN B 385 -10.64 -60.36 14.60
N THR B 386 -10.76 -59.06 14.43
CA THR B 386 -10.07 -58.35 13.36
C THR B 386 -9.07 -57.33 13.90
N TYR B 387 -8.57 -57.53 15.12
CA TYR B 387 -7.59 -56.57 15.61
C TYR B 387 -6.23 -56.76 14.97
N MET B 388 -5.94 -57.95 14.44
CA MET B 388 -4.64 -58.18 13.81
C MET B 388 -4.51 -57.54 12.45
N GLU B 389 -5.59 -57.03 11.88
CA GLU B 389 -5.48 -56.20 10.69
C GLU B 389 -4.93 -54.82 11.01
N PHE B 390 -4.99 -54.40 12.28
CA PHE B 390 -4.42 -53.13 12.71
C PHE B 390 -2.99 -53.27 13.17
N PHE B 391 -2.70 -54.25 14.03
CA PHE B 391 -1.45 -54.28 14.76
C PHE B 391 -0.35 -55.03 14.02
N ASP B 392 0.83 -54.45 14.01
CA ASP B 392 2.04 -55.13 13.57
C ASP B 392 3.20 -54.58 14.39
N GLU B 393 4.42 -54.79 13.91
CA GLU B 393 5.60 -54.26 14.57
C GLU B 393 5.62 -52.74 14.53
N ASN B 394 5.20 -52.15 13.41
CA ASN B 394 5.40 -50.73 13.18
C ASN B 394 4.47 -49.90 14.05
N ILE B 395 3.25 -50.40 14.29
CA ILE B 395 2.30 -49.75 15.20
C ILE B 395 2.92 -49.57 16.58
N LEU B 396 3.43 -50.65 17.15
CA LEU B 396 3.93 -50.61 18.51
C LEU B 396 5.27 -49.92 18.62
N LYS B 397 6.13 -49.99 17.60
CA LYS B 397 7.37 -49.20 17.64
C LYS B 397 7.07 -47.71 17.55
N SER B 398 6.13 -47.32 16.68
CA SER B 398 5.81 -45.92 16.53
C SER B 398 5.11 -45.37 17.77
N PHE B 399 4.23 -46.14 18.39
CA PHE B 399 3.63 -45.66 19.62
C PHE B 399 4.61 -45.70 20.78
N GLU B 400 5.57 -46.63 20.78
CA GLU B 400 6.63 -46.62 21.78
C GLU B 400 7.44 -45.34 21.72
N PHE B 401 7.77 -44.90 20.50
CA PHE B 401 8.49 -43.64 20.34
C PHE B 401 7.64 -42.47 20.81
N VAL B 402 6.37 -42.43 20.42
CA VAL B 402 5.60 -41.23 20.71
C VAL B 402 5.14 -41.22 22.17
N TYR B 403 5.11 -42.38 22.81
CA TYR B 403 4.77 -42.50 24.22
C TYR B 403 5.94 -42.13 25.10
N LYS B 404 7.17 -42.53 24.72
CA LYS B 404 8.33 -41.97 25.38
C LYS B 404 8.44 -40.47 25.15
N LEU B 405 7.92 -39.97 24.03
CA LEU B 405 7.96 -38.55 23.76
C LEU B 405 6.98 -37.77 24.62
N ALA B 406 5.78 -38.32 24.84
CA ALA B 406 4.73 -37.60 25.55
C ALA B 406 4.96 -37.56 27.06
N LEU B 407 4.98 -38.73 27.70
CA LEU B 407 5.27 -38.84 29.13
C LEU B 407 6.76 -38.64 29.33
N THR B 408 7.17 -37.38 29.32
CA THR B 408 8.57 -37.04 29.30
C THR B 408 9.17 -37.14 30.69
N ILE B 409 10.49 -37.07 30.73
CA ILE B 409 11.27 -37.07 31.96
C ILE B 409 12.10 -35.80 32.10
N SER B 410 12.82 -35.44 31.04
CA SER B 410 13.78 -34.37 31.09
C SER B 410 13.31 -33.09 30.40
N TYR B 411 12.09 -33.05 29.91
CA TYR B 411 11.58 -31.89 29.20
C TYR B 411 10.30 -31.42 29.88
N LYS B 412 9.83 -30.25 29.46
CA LYS B 412 8.63 -29.68 30.07
C LYS B 412 7.42 -30.48 29.64
N PRO B 413 6.59 -30.94 30.56
CA PRO B 413 5.45 -31.77 30.18
C PRO B 413 4.33 -30.93 29.59
N MET B 414 3.75 -31.45 28.53
CA MET B 414 2.47 -30.97 28.01
C MET B 414 1.43 -31.95 28.51
N VAL B 415 0.51 -31.48 29.33
CA VAL B 415 -0.36 -32.40 30.04
C VAL B 415 -1.44 -32.94 29.12
N ASN B 416 -1.78 -32.13 28.10
CA ASN B 416 -2.77 -32.48 27.08
C ASN B 416 -2.44 -33.79 26.40
N VAL B 417 -1.15 -34.02 26.12
CA VAL B 417 -0.76 -35.24 25.45
C VAL B 417 -0.56 -36.37 26.44
N ILE B 418 -0.40 -36.06 27.73
CA ILE B 418 -0.25 -37.11 28.74
C ILE B 418 -1.56 -37.84 28.96
N PHE B 419 -2.68 -37.09 28.99
CA PHE B 419 -4.01 -37.70 29.08
C PHE B 419 -4.25 -38.70 27.95
N SER B 420 -4.04 -38.25 26.72
CA SER B 420 -4.29 -39.10 25.56
C SER B 420 -3.28 -40.22 25.45
N ALA B 421 -2.03 -39.98 25.83
CA ALA B 421 -1.00 -41.00 25.70
C ALA B 421 -1.18 -42.12 26.72
N VAL B 422 -1.80 -41.84 27.86
CA VAL B 422 -2.11 -42.95 28.77
C VAL B 422 -3.46 -43.57 28.44
N GLU B 423 -4.38 -42.82 27.82
CA GLU B 423 -5.64 -43.44 27.41
C GLU B 423 -5.44 -44.39 26.24
N VAL B 424 -4.43 -44.14 25.42
CA VAL B 424 -4.05 -45.11 24.39
C VAL B 424 -3.59 -46.42 25.02
N VAL B 425 -2.75 -46.34 26.05
CA VAL B 425 -2.27 -47.53 26.74
C VAL B 425 -3.42 -48.25 27.42
N ASN B 426 -4.43 -47.49 27.87
CA ASN B 426 -5.64 -48.11 28.39
C ASN B 426 -6.38 -48.90 27.33
N ILE B 427 -6.53 -48.31 26.14
CA ILE B 427 -7.23 -48.99 25.06
C ILE B 427 -6.49 -50.25 24.63
N ILE B 428 -5.15 -50.19 24.67
CA ILE B 428 -4.32 -51.34 24.32
C ILE B 428 -4.51 -52.47 25.33
N THR B 429 -4.39 -52.15 26.64
CA THR B 429 -4.58 -53.19 27.65
C THR B 429 -6.01 -53.71 27.67
N SER B 430 -6.98 -52.84 27.40
CA SER B 430 -8.37 -53.26 27.42
C SER B 430 -8.70 -54.19 26.27
N ILE B 431 -8.09 -53.99 25.10
CA ILE B 431 -8.36 -54.93 24.03
C ILE B 431 -7.50 -56.19 24.12
N ILE B 432 -6.33 -56.13 24.76
CA ILE B 432 -5.61 -57.36 25.07
C ILE B 432 -6.43 -58.20 26.04
N LEU B 433 -7.14 -57.56 26.98
CA LEU B 433 -8.07 -58.29 27.80
C LEU B 433 -9.28 -58.78 27.03
N ASN B 434 -9.77 -58.01 26.06
CA ASN B 434 -11.03 -58.35 25.41
C ASN B 434 -10.88 -58.77 23.94
N MET B 435 -9.83 -59.51 23.60
CA MET B 435 -9.78 -60.21 22.32
C MET B 435 -9.56 -61.69 22.59
N ASP B 436 -9.86 -62.52 21.59
CA ASP B 436 -9.72 -63.96 21.75
C ASP B 436 -8.30 -64.43 21.49
N ASN B 437 -7.71 -64.00 20.37
CA ASN B 437 -6.34 -64.37 20.04
C ASN B 437 -5.39 -63.34 20.64
N SER B 438 -5.34 -63.34 21.98
CA SER B 438 -4.58 -62.32 22.70
C SER B 438 -3.07 -62.55 22.59
N SER B 439 -2.67 -63.74 22.16
CA SER B 439 -1.25 -64.08 22.10
C SER B 439 -0.50 -63.25 21.06
N ASP B 440 -1.17 -62.93 19.94
CA ASP B 440 -0.50 -62.26 18.84
C ASP B 440 -0.13 -60.82 19.18
N LEU B 441 -1.01 -60.12 19.91
CA LEU B 441 -0.64 -58.84 20.51
C LEU B 441 0.46 -59.03 21.53
N LYS B 442 0.35 -60.06 22.38
CA LYS B 442 1.32 -60.24 23.45
C LYS B 442 2.67 -60.74 22.90
N SER B 443 2.64 -61.60 21.88
CA SER B 443 3.91 -62.02 21.28
C SER B 443 4.49 -60.91 20.43
N LEU B 444 3.66 -59.98 19.96
CA LEU B 444 4.16 -58.83 19.22
C LEU B 444 4.77 -57.77 20.13
N ILE B 445 4.43 -57.77 21.41
CA ILE B 445 4.96 -56.82 22.37
C ILE B 445 6.13 -57.45 23.11
N SER B 446 7.27 -56.76 23.12
CA SER B 446 8.44 -57.20 23.86
C SER B 446 8.26 -56.90 25.35
N GLY B 447 9.22 -57.34 26.17
CA GLY B 447 9.23 -56.94 27.56
C GLY B 447 9.71 -55.52 27.76
N SER B 448 10.56 -55.04 26.85
CA SER B 448 11.13 -53.70 27.00
C SER B 448 10.09 -52.62 26.76
N TRP B 449 9.08 -52.91 25.92
CA TRP B 449 8.00 -51.96 25.69
C TRP B 449 7.25 -51.68 26.98
N TRP B 450 6.85 -52.75 27.69
CA TRP B 450 6.15 -52.56 28.95
C TRP B 450 7.08 -52.00 30.03
N ARG B 451 8.32 -52.48 30.11
CA ARG B 451 9.12 -51.92 31.21
C ARG B 451 9.67 -50.53 30.91
N ASP B 452 9.46 -50.00 29.71
CA ASP B 452 9.62 -48.57 29.51
C ASP B 452 8.32 -47.81 29.69
N CYS B 453 7.17 -48.47 29.50
CA CYS B 453 5.89 -47.83 29.73
C CYS B 453 5.62 -47.65 31.21
N ILE B 454 5.80 -48.73 32.00
CA ILE B 454 5.35 -48.77 33.38
C ILE B 454 6.22 -47.87 34.26
N THR B 455 7.48 -47.66 33.91
CA THR B 455 8.30 -46.74 34.70
C THR B 455 7.86 -45.29 34.51
N ARG B 456 7.43 -44.95 33.31
CA ARG B 456 6.88 -43.61 33.09
C ARG B 456 5.51 -43.46 33.76
N LEU B 457 4.76 -44.55 33.86
CA LEU B 457 3.50 -44.52 34.62
C LEU B 457 3.75 -44.39 36.11
N TYR B 458 4.81 -45.03 36.61
CA TYR B 458 5.21 -44.86 38.00
C TYR B 458 5.65 -43.43 38.27
N ALA B 459 6.39 -42.85 37.33
CA ALA B 459 6.80 -41.46 37.47
C ALA B 459 5.62 -40.50 37.33
N LEU B 460 4.55 -40.92 36.66
CA LEU B 460 3.36 -40.08 36.58
C LEU B 460 2.48 -40.23 37.82
N LEU B 461 2.46 -41.41 38.43
CA LEU B 461 1.60 -41.64 39.58
C LEU B 461 2.12 -40.95 40.83
N GLU B 462 3.41 -40.62 40.87
CA GLU B 462 4.02 -39.98 42.03
C GLU B 462 4.11 -38.46 41.88
N LYS B 463 3.32 -37.87 40.99
CA LYS B 463 3.30 -36.43 40.87
C LYS B 463 2.17 -35.86 41.72
N GLU B 464 2.26 -34.58 42.04
CA GLU B 464 1.35 -33.98 42.99
C GLU B 464 0.25 -33.21 42.28
N ILE B 465 -0.94 -33.21 42.87
CA ILE B 465 -2.10 -32.53 42.34
C ILE B 465 -2.56 -31.57 43.41
N LYS B 466 -2.29 -30.29 43.21
CA LYS B 466 -2.63 -29.26 44.19
C LYS B 466 -3.28 -28.09 43.46
N SER B 467 -4.46 -27.67 43.93
CA SER B 467 -5.28 -26.68 43.24
C SER B 467 -4.59 -25.33 43.12
N GLY B 468 -3.91 -24.89 44.18
CA GLY B 468 -3.36 -23.55 44.19
C GLY B 468 -2.21 -23.36 43.24
N ASP B 469 -1.60 -24.43 42.76
CA ASP B 469 -0.57 -24.33 41.75
C ASP B 469 -0.74 -25.41 40.69
N VAL B 470 -1.97 -25.60 40.21
CA VAL B 470 -2.08 -26.28 38.93
C VAL B 470 -1.52 -25.30 37.93
N TYR B 471 -2.26 -24.21 37.66
CA TYR B 471 -1.95 -23.36 36.52
C TYR B 471 -0.69 -22.52 36.70
N ASN B 472 -0.03 -22.62 37.84
CA ASN B 472 1.28 -22.05 38.06
C ASN B 472 2.33 -22.78 37.22
N GLU B 473 3.46 -22.11 36.99
CA GLU B 473 4.65 -22.75 36.46
C GLU B 473 5.65 -22.87 37.61
N ASN B 474 5.97 -24.11 37.97
CA ASN B 474 6.66 -24.41 39.22
C ASN B 474 7.69 -25.49 38.97
N VAL B 475 8.13 -26.14 40.05
CA VAL B 475 9.18 -27.15 39.98
C VAL B 475 8.73 -28.32 39.12
N ASP B 476 9.67 -28.87 38.36
CA ASP B 476 9.38 -29.82 37.31
C ASP B 476 9.01 -31.19 37.86
N THR B 477 8.25 -31.94 37.05
CA THR B 477 8.04 -33.39 37.13
C THR B 477 7.50 -33.87 38.48
N THR B 478 6.99 -32.96 39.30
CA THR B 478 6.38 -33.30 40.57
C THR B 478 4.96 -32.79 40.70
N THR B 479 4.58 -31.77 39.93
CA THR B 479 3.22 -31.25 39.92
C THR B 479 2.69 -31.32 38.50
N LEU B 480 1.65 -32.12 38.30
CA LEU B 480 0.86 -32.05 37.08
C LEU B 480 0.19 -30.69 37.01
N HIS B 481 0.52 -29.89 35.99
CA HIS B 481 0.25 -28.47 36.15
C HIS B 481 -0.47 -27.77 34.99
N MET B 482 -0.59 -28.36 33.79
CA MET B 482 -1.47 -27.83 32.74
C MET B 482 -1.15 -26.40 32.33
N SER B 483 -0.06 -26.21 31.59
CA SER B 483 0.52 -24.89 31.32
C SER B 483 -0.47 -23.91 30.74
N LYS B 484 -0.23 -22.62 31.05
CA LYS B 484 -1.06 -21.54 30.56
C LYS B 484 -1.03 -21.44 29.05
N TYR B 485 0.10 -21.78 28.44
CA TYR B 485 0.28 -21.58 27.01
C TYR B 485 -0.29 -22.72 26.18
N HIS B 486 -0.86 -23.74 26.78
CA HIS B 486 -1.69 -24.67 26.04
C HIS B 486 -2.90 -25.03 26.89
N ASP B 487 -3.91 -24.17 26.82
CA ASP B 487 -5.14 -24.30 27.59
C ASP B 487 -6.26 -24.13 26.59
N PHE B 488 -6.62 -25.22 25.93
CA PHE B 488 -7.79 -25.28 25.07
C PHE B 488 -8.40 -26.65 25.26
N PHE B 489 -9.47 -26.92 24.53
CA PHE B 489 -10.19 -28.16 24.78
C PHE B 489 -9.52 -29.38 24.16
N GLY B 490 -9.35 -29.40 22.86
CA GLY B 490 -8.95 -30.62 22.20
C GLY B 490 -10.15 -31.38 21.69
N LEU B 491 -9.86 -32.48 21.00
CA LEU B 491 -10.85 -33.09 20.13
C LEU B 491 -11.80 -34.02 20.86
N ILE B 492 -11.39 -34.63 21.98
CA ILE B 492 -12.30 -35.52 22.69
C ILE B 492 -12.88 -34.82 23.90
N ARG B 493 -12.03 -34.46 24.85
CA ARG B 493 -12.49 -34.07 26.16
C ARG B 493 -12.13 -32.61 26.44
N ASN B 494 -12.97 -31.99 27.26
CA ASN B 494 -12.91 -30.56 27.50
C ASN B 494 -12.09 -30.36 28.78
N ILE B 495 -10.83 -29.99 28.62
CA ILE B 495 -9.87 -30.30 29.67
C ILE B 495 -9.54 -29.10 30.54
N GLY B 496 -9.53 -27.89 29.99
CA GLY B 496 -9.27 -26.73 30.80
C GLY B 496 -10.51 -25.88 30.93
N ASP B 497 -10.35 -24.56 30.91
CA ASP B 497 -11.47 -23.66 30.72
C ASP B 497 -11.50 -23.08 29.31
N ASN B 498 -10.63 -23.57 28.42
CA ASN B 498 -10.51 -23.17 27.03
C ASN B 498 -10.19 -21.68 26.92
N GLU B 499 -9.09 -21.28 27.54
CA GLU B 499 -8.72 -19.87 27.49
C GLU B 499 -8.11 -19.52 26.14
N LEU B 500 -7.56 -20.49 25.43
CA LEU B 500 -6.96 -20.26 24.12
C LEU B 500 -7.89 -20.64 22.99
N GLY B 501 -9.19 -20.54 23.19
CA GLY B 501 -10.13 -20.87 22.15
C GLY B 501 -10.52 -19.67 21.32
N GLY B 502 -10.45 -18.49 21.92
CA GLY B 502 -10.63 -17.28 21.15
C GLY B 502 -9.46 -17.00 20.24
N LEU B 503 -8.27 -17.48 20.61
CA LEU B 503 -7.10 -17.23 19.78
C LEU B 503 -7.03 -18.13 18.57
N ILE B 504 -7.71 -19.28 18.61
CA ILE B 504 -7.82 -20.11 17.41
C ILE B 504 -8.63 -19.38 16.35
N SER B 505 -9.70 -18.70 16.76
CA SER B 505 -10.46 -17.87 15.84
C SER B 505 -9.70 -16.61 15.44
N LYS B 506 -8.92 -16.05 16.36
CA LYS B 506 -8.10 -14.89 16.05
C LYS B 506 -6.72 -15.25 15.52
N LEU B 507 -6.58 -16.45 14.98
CA LEU B 507 -5.36 -16.86 14.30
C LEU B 507 -5.40 -16.56 12.80
N ILE B 508 -6.58 -16.24 12.26
CA ILE B 508 -6.76 -15.87 10.86
C ILE B 508 -7.51 -14.56 10.79
N TYR B 509 -7.42 -13.91 9.63
CA TYR B 509 -7.99 -12.57 9.45
C TYR B 509 -9.45 -12.56 9.07
N THR B 510 -10.02 -13.71 8.69
CA THR B 510 -11.42 -14.05 8.40
C THR B 510 -12.09 -13.25 7.29
N ASP B 511 -11.35 -12.33 6.65
CA ASP B 511 -11.85 -11.59 5.49
C ASP B 511 -10.80 -11.55 4.39
N ARG B 512 -10.00 -12.60 4.30
CA ARG B 512 -8.73 -12.55 3.61
C ARG B 512 -8.30 -14.00 3.39
N LEU B 513 -7.48 -14.20 2.37
CA LEU B 513 -6.95 -15.52 2.03
C LEU B 513 -5.44 -15.44 2.23
N GLN B 514 -4.92 -16.11 3.25
CA GLN B 514 -3.54 -15.92 3.64
C GLN B 514 -2.88 -17.24 4.00
N SER B 515 -1.58 -17.16 4.22
CA SER B 515 -0.73 -18.30 4.55
C SER B 515 -0.03 -18.16 5.89
N VAL B 516 0.52 -16.99 6.19
CA VAL B 516 1.17 -16.75 7.48
C VAL B 516 0.06 -16.51 8.51
N PRO B 517 0.31 -16.69 9.80
CA PRO B 517 -0.74 -16.47 10.78
C PRO B 517 -0.97 -15.00 11.10
N ARG B 518 -2.17 -14.73 11.58
CA ARG B 518 -2.44 -13.45 12.20
C ARG B 518 -1.68 -13.37 13.51
N VAL B 519 -1.15 -12.19 13.81
CA VAL B 519 -0.25 -12.05 14.95
C VAL B 519 -1.06 -12.10 16.25
N ILE B 520 -0.72 -13.07 17.10
CA ILE B 520 -1.24 -13.16 18.45
C ILE B 520 -0.13 -12.79 19.41
N SER B 521 -0.35 -11.73 20.19
CA SER B 521 0.59 -11.40 21.25
C SER B 521 0.54 -12.47 22.32
N LYS B 522 1.69 -12.77 22.91
CA LYS B 522 1.73 -13.90 23.84
C LYS B 522 1.40 -13.49 25.26
N GLU B 523 1.77 -12.29 25.66
CA GLU B 523 1.54 -11.85 27.02
C GLU B 523 0.29 -11.01 27.17
N ASP B 524 -0.64 -11.08 26.21
CA ASP B 524 -1.93 -10.45 26.43
C ASP B 524 -2.86 -11.33 27.25
N ILE B 525 -2.72 -12.65 27.13
CA ILE B 525 -3.54 -13.57 27.90
C ILE B 525 -3.13 -13.54 29.37
N GLY B 526 -4.08 -13.87 30.23
CA GLY B 526 -3.88 -13.70 31.65
C GLY B 526 -4.36 -12.33 32.10
N MET B 527 -5.34 -12.31 32.98
CA MET B 527 -5.93 -11.05 33.42
C MET B 527 -6.43 -11.14 34.86
N PHE B 532 -8.01 -14.49 39.84
CA PHE B 532 -8.43 -13.09 39.83
C PHE B 532 -9.95 -13.00 39.84
N THR B 533 -10.61 -14.05 39.35
CA THR B 533 -12.04 -14.23 39.52
C THR B 533 -12.40 -15.53 40.23
N ALA B 534 -11.85 -16.66 39.80
CA ALA B 534 -12.30 -17.93 40.33
C ALA B 534 -11.20 -18.97 40.41
N PRO B 535 -10.99 -19.58 41.58
CA PRO B 535 -10.23 -20.84 41.66
C PRO B 535 -11.08 -22.10 41.49
N ILE B 536 -12.32 -21.98 41.02
CA ILE B 536 -13.14 -23.14 40.70
C ILE B 536 -12.56 -23.86 39.48
N ILE B 537 -11.92 -23.09 38.60
CA ILE B 537 -11.20 -23.64 37.45
C ILE B 537 -10.10 -24.58 37.91
N GLY B 538 -9.40 -24.21 38.99
CA GLY B 538 -8.38 -25.08 39.55
C GLY B 538 -8.97 -26.34 40.13
N TYR B 539 -10.16 -26.26 40.71
CA TYR B 539 -10.82 -27.45 41.24
C TYR B 539 -11.19 -28.42 40.12
N LYS B 540 -11.73 -27.92 39.01
CA LYS B 540 -12.08 -28.88 37.96
C LYS B 540 -10.86 -29.38 37.20
N MET B 541 -9.77 -28.62 37.17
CA MET B 541 -8.56 -29.20 36.59
C MET B 541 -7.95 -30.25 37.52
N GLU B 542 -8.07 -30.07 38.85
CA GLU B 542 -7.77 -31.16 39.76
C GLU B 542 -8.66 -32.36 39.53
N LYS B 543 -9.93 -32.14 39.20
CA LYS B 543 -10.84 -33.26 38.92
C LYS B 543 -10.35 -34.07 37.74
N TRP B 544 -9.88 -33.40 36.68
CA TRP B 544 -9.30 -34.13 35.56
C TRP B 544 -8.01 -34.84 35.92
N LEU B 545 -7.14 -34.21 36.73
CA LEU B 545 -5.89 -34.87 37.07
C LEU B 545 -6.07 -36.05 38.01
N LEU B 546 -7.08 -35.99 38.87
CA LEU B 546 -7.39 -37.15 39.72
C LEU B 546 -7.99 -38.28 38.89
N LYS B 547 -8.78 -37.94 37.87
CA LYS B 547 -9.23 -38.98 36.93
C LYS B 547 -8.08 -39.55 36.12
N LEU B 548 -7.05 -38.73 35.88
CA LEU B 548 -5.84 -39.22 35.23
C LEU B 548 -5.11 -40.24 36.08
N LYS B 549 -5.03 -40.00 37.39
CA LYS B 549 -4.38 -40.99 38.24
C LYS B 549 -5.23 -42.23 38.43
N ASP B 550 -6.55 -42.06 38.44
CA ASP B 550 -7.47 -43.20 38.40
C ASP B 550 -7.26 -44.02 37.14
N GLU B 551 -6.97 -43.34 36.03
CA GLU B 551 -6.68 -43.99 34.77
C GLU B 551 -5.40 -44.79 34.82
N VAL B 552 -4.35 -44.21 35.41
CA VAL B 552 -3.05 -44.88 35.51
C VAL B 552 -3.15 -46.14 36.36
N LEU B 553 -3.78 -46.04 37.52
CA LEU B 553 -3.81 -47.25 38.33
C LEU B 553 -4.92 -48.20 37.84
N ASN B 554 -5.81 -47.71 36.98
CA ASN B 554 -6.73 -48.60 36.27
C ASN B 554 -6.01 -49.44 35.22
N ILE B 555 -5.03 -48.89 34.52
CA ILE B 555 -4.33 -49.74 33.56
C ILE B 555 -3.30 -50.61 34.26
N PHE B 556 -2.89 -50.22 35.46
CA PHE B 556 -2.20 -51.17 36.34
C PHE B 556 -3.09 -52.35 36.67
N GLU B 557 -4.35 -52.07 37.02
CA GLU B 557 -5.33 -53.11 37.31
C GLU B 557 -5.61 -53.99 36.09
N ASN B 558 -5.57 -53.42 34.89
CA ASN B 558 -5.72 -54.22 33.68
C ASN B 558 -4.53 -55.13 33.46
N LEU B 559 -3.31 -54.61 33.56
CA LEU B 559 -2.20 -55.45 33.16
C LEU B 559 -1.71 -56.34 34.30
N LEU B 560 -2.31 -56.24 35.49
CA LEU B 560 -2.28 -57.39 36.39
C LEU B 560 -3.04 -58.56 35.78
N MET B 561 -4.14 -58.26 35.11
CA MET B 561 -5.03 -59.31 34.62
C MET B 561 -4.55 -59.88 33.29
N ILE B 562 -3.83 -59.08 32.50
CA ILE B 562 -3.16 -59.62 31.33
C ILE B 562 -2.08 -60.59 31.76
N TYR B 563 -1.12 -60.09 32.54
CA TYR B 563 -0.01 -60.90 33.01
C TYR B 563 -0.33 -61.42 34.41
N GLY B 564 -1.31 -62.32 34.45
CA GLY B 564 -1.62 -63.01 35.70
C GLY B 564 -0.47 -63.90 36.15
N ASP B 565 0.14 -64.61 35.22
CA ASP B 565 1.42 -65.22 35.50
C ASP B 565 2.50 -64.13 35.59
N ASP B 566 3.63 -64.51 36.17
CA ASP B 566 4.67 -63.55 36.46
C ASP B 566 5.41 -63.19 35.17
N ALA B 567 5.98 -61.98 35.16
CA ALA B 567 6.71 -61.51 34.00
C ALA B 567 7.80 -60.56 34.48
N THR B 568 8.36 -59.81 33.54
CA THR B 568 9.29 -58.74 33.88
C THR B 568 8.57 -57.59 34.60
N ILE B 569 7.27 -57.44 34.38
CA ILE B 569 6.59 -56.18 34.66
C ILE B 569 5.61 -56.26 35.84
N VAL B 570 4.93 -57.38 36.06
CA VAL B 570 4.17 -57.57 37.30
C VAL B 570 5.17 -58.17 38.27
N ASN B 571 5.93 -57.28 38.92
CA ASN B 571 7.20 -57.68 39.50
C ASN B 571 7.45 -57.13 40.89
N GLY B 572 6.42 -56.70 41.60
CA GLY B 572 6.55 -56.30 42.98
C GLY B 572 6.72 -54.82 43.19
N GLU B 573 7.13 -54.08 42.16
CA GLU B 573 7.14 -52.62 42.27
C GLU B 573 5.74 -52.01 42.24
N MET B 574 4.72 -52.78 41.89
CA MET B 574 3.36 -52.38 42.20
C MET B 574 2.99 -52.57 43.65
N LEU B 575 3.88 -53.09 44.49
CA LEU B 575 3.72 -52.79 45.90
C LEU B 575 4.35 -51.46 46.26
N ILE B 576 5.56 -51.19 45.74
CA ILE B 576 6.30 -49.99 46.13
C ILE B 576 5.56 -48.73 45.71
N HIS B 577 5.30 -48.58 44.41
CA HIS B 577 4.75 -47.31 43.95
C HIS B 577 3.30 -47.12 44.36
N SER B 578 2.52 -48.20 44.33
CA SER B 578 1.12 -48.09 44.71
C SER B 578 0.95 -47.94 46.23
N SER B 579 1.84 -48.53 47.04
CA SER B 579 1.71 -48.34 48.48
C SER B 579 2.27 -47.00 48.94
N LYS B 580 3.31 -46.48 48.27
CA LYS B 580 3.69 -45.08 48.48
C LYS B 580 2.54 -44.15 48.16
N PHE B 581 1.84 -44.41 47.04
CA PHE B 581 0.72 -43.58 46.63
C PHE B 581 -0.43 -43.65 47.63
N LEU B 582 -0.79 -44.86 48.04
CA LEU B 582 -1.87 -45.07 49.01
C LEU B 582 -1.57 -44.41 50.34
N SER B 583 -0.34 -44.57 50.83
CA SER B 583 0.03 -44.02 52.12
C SER B 583 0.06 -42.49 52.10
N ARG B 584 0.59 -41.89 51.04
CA ARG B 584 0.66 -40.44 51.04
C ARG B 584 -0.70 -39.82 50.78
N GLU B 585 -1.55 -40.45 49.96
CA GLU B 585 -2.86 -39.87 49.71
C GLU B 585 -3.87 -40.21 50.79
N GLN B 586 -3.52 -41.09 51.73
CA GLN B 586 -4.26 -41.11 52.99
C GLN B 586 -3.73 -40.07 53.95
N ALA B 587 -2.41 -39.88 53.96
CA ALA B 587 -1.76 -39.02 54.95
C ALA B 587 -2.17 -37.56 54.75
N LEU B 588 -1.95 -37.02 53.56
CA LEU B 588 -2.34 -35.63 53.38
C LEU B 588 -3.83 -35.44 53.14
N MET B 589 -4.60 -36.52 52.95
CA MET B 589 -6.05 -36.41 53.10
C MET B 589 -6.43 -36.15 54.54
N ILE B 590 -5.88 -36.93 55.47
CA ILE B 590 -6.19 -36.76 56.88
C ILE B 590 -5.60 -35.47 57.43
N GLU B 591 -4.46 -35.04 56.93
CA GLU B 591 -3.84 -33.82 57.43
C GLU B 591 -4.33 -32.56 56.74
N ARG B 592 -4.81 -32.64 55.52
CA ARG B 592 -4.99 -31.38 54.79
C ARG B 592 -6.39 -31.17 54.24
N TYR B 593 -7.07 -32.23 53.79
CA TYR B 593 -8.24 -32.02 52.95
C TYR B 593 -9.57 -32.07 53.67
N VAL B 594 -9.65 -32.66 54.85
CA VAL B 594 -10.94 -32.81 55.51
C VAL B 594 -11.42 -31.45 56.00
N GLY B 595 -12.54 -30.99 55.45
CA GLY B 595 -13.05 -29.69 55.77
C GLY B 595 -12.36 -28.60 54.98
N GLN B 596 -12.35 -28.74 53.66
CA GLN B 596 -11.67 -27.78 52.81
C GLN B 596 -12.59 -27.38 51.66
N ASP B 597 -13.86 -27.80 51.73
CA ASP B 597 -15.01 -27.61 50.82
C ASP B 597 -14.65 -27.51 49.34
N SER B 598 -13.89 -28.47 48.87
CA SER B 598 -13.54 -28.71 47.48
C SER B 598 -14.36 -29.86 46.93
N PRO B 599 -14.66 -29.86 45.63
CA PRO B 599 -15.46 -30.94 45.06
C PRO B 599 -14.69 -32.22 44.92
N ASN B 600 -13.37 -32.15 44.99
CA ASN B 600 -12.50 -33.23 44.56
C ASN B 600 -12.09 -34.12 45.70
N LEU B 601 -12.77 -34.06 46.84
CA LEU B 601 -12.35 -34.87 47.97
C LEU B 601 -12.75 -36.31 47.77
N ASP B 602 -13.99 -36.53 47.31
CA ASP B 602 -14.55 -37.87 47.16
C ASP B 602 -13.74 -38.70 46.19
N LEU B 603 -13.48 -38.15 45.00
CA LEU B 603 -12.62 -38.80 44.02
C LEU B 603 -11.22 -39.02 44.57
N ARG B 604 -10.71 -38.09 45.39
CA ARG B 604 -9.39 -38.28 45.96
C ARG B 604 -9.41 -39.36 47.02
N CYS B 605 -10.54 -39.57 47.68
CA CYS B 605 -10.66 -40.73 48.54
C CYS B 605 -11.37 -41.87 47.85
N HIS B 606 -11.51 -41.79 46.53
CA HIS B 606 -11.82 -42.95 45.72
C HIS B 606 -10.54 -43.61 45.24
N LEU B 607 -9.53 -42.78 44.91
CA LEU B 607 -8.24 -43.26 44.45
C LEU B 607 -7.62 -44.23 45.44
N ILE B 608 -7.54 -43.82 46.70
CA ILE B 608 -7.03 -44.70 47.75
C ILE B 608 -7.89 -45.94 47.85
N GLU B 609 -9.21 -45.77 47.74
CA GLU B 609 -10.13 -46.87 47.83
C GLU B 609 -10.03 -47.76 46.61
N HIS B 610 -9.53 -47.23 45.50
CA HIS B 610 -9.25 -48.07 44.36
C HIS B 610 -7.88 -48.73 44.51
N THR B 611 -6.87 -48.00 44.98
CA THR B 611 -5.52 -48.56 44.88
C THR B 611 -5.24 -49.60 45.95
N LEU B 612 -6.03 -49.62 47.03
CA LEU B 612 -6.02 -50.75 47.95
C LEU B 612 -6.31 -52.05 47.22
N THR B 613 -7.30 -52.04 46.32
CA THR B 613 -7.58 -53.22 45.52
C THR B 613 -6.43 -53.53 44.57
N ILE B 614 -5.71 -52.50 44.12
CA ILE B 614 -4.53 -52.77 43.31
C ILE B 614 -3.44 -53.36 44.17
N ILE B 615 -3.45 -53.06 45.46
CA ILE B 615 -2.67 -53.84 46.41
C ILE B 615 -3.24 -55.25 46.52
N TYR B 616 -4.56 -55.34 46.70
CA TYR B 616 -5.19 -56.52 47.28
C TYR B 616 -5.11 -57.72 46.34
N ARG B 617 -5.48 -57.52 45.08
CA ARG B 617 -5.37 -58.63 44.14
C ARG B 617 -3.91 -58.89 43.77
N LEU B 618 -3.05 -57.89 43.97
CA LEU B 618 -1.62 -58.17 43.92
C LEU B 618 -1.19 -59.02 45.10
N TRP B 619 -1.83 -58.82 46.25
CA TRP B 619 -1.49 -59.62 47.41
C TRP B 619 -2.03 -61.04 47.30
N LYS B 620 -3.33 -61.16 47.02
CA LYS B 620 -3.97 -62.46 47.09
C LYS B 620 -3.64 -63.32 45.87
N ASP B 621 -3.60 -62.72 44.69
CA ASP B 621 -3.52 -63.49 43.46
C ASP B 621 -2.17 -63.40 42.77
N HIS B 622 -1.24 -62.63 43.29
CA HIS B 622 0.06 -62.49 42.62
C HIS B 622 1.20 -62.48 43.62
N PHE B 623 1.11 -63.32 44.66
CA PHE B 623 2.15 -63.32 45.67
C PHE B 623 3.43 -64.01 45.22
N LYS B 624 3.38 -64.75 44.10
CA LYS B 624 4.52 -65.57 43.68
C LYS B 624 5.70 -64.71 43.21
N GLN B 625 5.45 -63.44 42.91
CA GLN B 625 6.51 -62.54 42.45
C GLN B 625 6.76 -61.41 43.43
N LEU B 626 5.97 -61.30 44.50
CA LEU B 626 6.20 -60.28 45.51
C LEU B 626 7.43 -60.69 46.29
N ARG B 627 8.59 -60.24 45.81
CA ARG B 627 9.86 -60.67 46.38
C ARG B 627 10.06 -60.09 47.77
N GLU B 628 10.74 -60.86 48.61
CA GLU B 628 10.85 -60.56 50.03
C GLU B 628 11.68 -59.29 50.28
N GLU B 629 12.64 -59.01 49.40
CA GLU B 629 13.43 -57.80 49.54
C GLU B 629 12.63 -56.57 49.16
N GLN B 630 11.67 -56.74 48.25
CA GLN B 630 10.89 -55.59 47.78
C GLN B 630 9.77 -55.24 48.74
N ILE B 631 9.23 -56.23 49.46
CA ILE B 631 8.18 -55.97 50.44
C ILE B 631 8.70 -55.13 51.58
N LYS B 632 9.94 -55.38 52.01
CA LYS B 632 10.51 -54.59 53.09
C LYS B 632 10.99 -53.21 52.65
N GLN B 633 10.99 -52.91 51.35
CA GLN B 633 11.21 -51.53 50.96
C GLN B 633 10.03 -50.67 51.34
N VAL B 634 8.82 -51.22 51.23
CA VAL B 634 7.62 -50.56 51.73
C VAL B 634 6.92 -51.46 52.75
N GLU B 635 7.42 -51.41 53.98
CA GLU B 635 6.83 -52.13 55.09
C GLU B 635 6.30 -51.16 56.11
N SER B 636 6.95 -50.00 56.22
CA SER B 636 6.31 -48.80 56.73
C SER B 636 4.95 -48.57 56.11
N GLN B 637 4.94 -48.35 54.80
CA GLN B 637 3.83 -47.66 54.17
C GLN B 637 2.69 -48.62 53.86
N LEU B 638 3.03 -49.87 53.55
CA LEU B 638 2.00 -50.89 53.38
C LEU B 638 1.24 -51.13 54.67
N ILE B 639 1.95 -51.35 55.78
CA ILE B 639 1.31 -51.65 57.06
C ILE B 639 0.56 -50.44 57.57
N MET B 640 1.11 -49.24 57.38
CA MET B 640 0.44 -48.03 57.85
C MET B 640 -0.82 -47.74 57.04
N SER B 641 -0.76 -48.00 55.73
CA SER B 641 -1.93 -47.80 54.89
C SER B 641 -3.02 -48.82 55.17
N LEU B 642 -2.65 -50.06 55.51
CA LEU B 642 -3.67 -51.02 55.92
C LEU B 642 -4.21 -50.67 57.30
N TRP B 643 -3.37 -50.06 58.14
CA TRP B 643 -3.78 -49.69 59.48
C TRP B 643 -4.81 -48.57 59.44
N ARG B 644 -4.67 -47.64 58.49
CA ARG B 644 -5.65 -46.58 58.39
C ARG B 644 -6.98 -47.03 57.80
N PHE B 645 -7.08 -48.26 57.28
CA PHE B 645 -8.38 -48.85 57.04
C PHE B 645 -8.90 -49.62 58.24
N LEU B 646 -8.05 -50.42 58.90
CA LEU B 646 -8.54 -51.18 60.05
C LEU B 646 -8.76 -50.33 61.28
N VAL B 647 -8.39 -49.05 61.28
CA VAL B 647 -8.74 -48.19 62.38
C VAL B 647 -10.24 -47.89 62.38
N CYS B 648 -10.90 -48.05 61.24
CA CYS B 648 -12.30 -47.70 61.10
C CYS B 648 -13.24 -48.74 61.66
N GLN B 649 -12.74 -49.92 62.06
CA GLN B 649 -13.64 -50.92 62.64
C GLN B 649 -14.03 -50.58 64.07
N THR B 650 -13.39 -49.59 64.68
CA THR B 650 -13.80 -49.11 65.99
C THR B 650 -15.17 -48.47 65.88
N GLU B 651 -15.23 -47.37 65.12
CA GLU B 651 -16.46 -46.67 64.74
C GLU B 651 -17.24 -46.24 65.98
N THR B 652 -16.65 -45.28 66.69
CA THR B 652 -17.34 -44.54 67.72
C THR B 652 -17.67 -43.12 67.26
N VAL B 653 -17.74 -42.90 65.95
CA VAL B 653 -18.00 -41.57 65.42
C VAL B 653 -19.43 -41.48 64.90
N THR B 654 -19.80 -42.34 63.95
CA THR B 654 -21.06 -42.09 63.29
C THR B 654 -22.25 -42.61 64.08
N ALA B 655 -22.47 -43.92 64.05
CA ALA B 655 -23.36 -44.68 64.96
C ALA B 655 -24.84 -44.25 65.00
N ASN B 656 -25.22 -43.22 64.26
CA ASN B 656 -26.57 -42.66 64.32
C ASN B 656 -26.81 -41.88 63.04
N GLU B 657 -27.81 -40.99 63.05
CA GLU B 657 -28.03 -40.10 61.92
C GLU B 657 -27.90 -38.62 62.25
N ARG B 658 -28.03 -38.24 63.53
CA ARG B 658 -28.25 -36.84 63.87
C ARG B 658 -26.98 -36.01 63.71
N GLU B 659 -25.84 -36.53 64.14
CA GLU B 659 -24.62 -35.75 64.03
C GLU B 659 -23.86 -36.04 62.74
N MET B 660 -24.24 -37.07 61.98
CA MET B 660 -23.56 -37.31 60.72
C MET B 660 -23.94 -36.26 59.68
N ARG B 661 -25.20 -35.81 59.69
CA ARG B 661 -25.55 -34.74 58.77
C ARG B 661 -24.95 -33.42 59.21
N ASP B 662 -24.70 -33.28 60.52
CA ASP B 662 -23.96 -32.12 60.98
C ASP B 662 -22.50 -32.20 60.54
N HIS B 663 -21.95 -33.40 60.44
CA HIS B 663 -20.61 -33.56 59.88
C HIS B 663 -20.60 -33.24 58.39
N ARG B 664 -21.63 -33.65 57.66
CA ARG B 664 -21.61 -33.39 56.23
C ARG B 664 -21.97 -31.96 55.90
N HIS B 665 -22.50 -31.19 56.85
CA HIS B 665 -22.47 -29.75 56.67
C HIS B 665 -21.04 -29.22 56.73
N LEU B 666 -20.16 -29.91 57.45
CA LEU B 666 -18.80 -29.43 57.64
C LEU B 666 -17.85 -29.88 56.55
N VAL B 667 -18.04 -31.07 55.99
CA VAL B 667 -17.10 -31.59 55.01
C VAL B 667 -17.70 -31.70 53.61
N ASP B 668 -19.02 -31.83 53.48
CA ASP B 668 -19.60 -32.31 52.23
C ASP B 668 -20.85 -31.51 51.88
N SER B 669 -20.77 -30.19 52.00
CA SER B 669 -21.90 -29.35 51.62
C SER B 669 -22.02 -29.24 50.11
N LEU B 670 -20.89 -29.35 49.40
CA LEU B 670 -20.88 -29.27 47.94
C LEU B 670 -21.66 -30.42 47.32
N HIS B 671 -21.58 -31.60 47.92
CA HIS B 671 -22.36 -32.71 47.40
C HIS B 671 -23.83 -32.62 47.80
N ASP B 672 -24.17 -31.88 48.85
CA ASP B 672 -25.57 -31.55 49.07
C ASP B 672 -26.10 -30.64 47.98
N LEU B 673 -25.31 -29.63 47.57
CA LEU B 673 -25.68 -28.82 46.42
C LEU B 673 -25.81 -29.64 45.15
N THR B 674 -24.88 -30.56 44.94
CA THR B 674 -24.92 -31.44 43.77
C THR B 674 -26.16 -32.32 43.76
N ILE B 675 -26.50 -32.91 44.91
CA ILE B 675 -27.64 -33.82 44.90
C ILE B 675 -28.96 -33.05 44.87
N LYS B 676 -28.99 -31.80 45.36
CA LYS B 676 -30.21 -31.01 45.21
C LYS B 676 -30.39 -30.53 43.78
N ASP B 677 -29.30 -30.19 43.09
CA ASP B 677 -29.42 -29.82 41.69
C ASP B 677 -29.74 -31.04 40.83
N GLN B 678 -29.27 -32.22 41.22
CA GLN B 678 -29.66 -33.43 40.50
C GLN B 678 -31.10 -33.79 40.81
N ALA B 679 -31.58 -33.47 42.00
CA ALA B 679 -32.92 -33.87 42.40
C ALA B 679 -33.99 -32.97 41.83
N SER B 680 -33.70 -31.69 41.75
CA SER B 680 -34.70 -30.76 41.26
C SER B 680 -34.69 -30.61 39.74
N TYR B 681 -33.60 -31.00 39.08
CA TYR B 681 -33.53 -30.83 37.63
C TYR B 681 -33.32 -32.13 36.87
N TYR B 682 -32.33 -32.94 37.24
CA TYR B 682 -31.74 -33.86 36.30
C TYR B 682 -31.99 -35.33 36.56
N GLU B 683 -32.70 -35.71 37.61
CA GLU B 683 -32.91 -37.12 37.88
C GLU B 683 -34.39 -37.45 37.88
N ASP B 684 -34.75 -38.46 37.09
CA ASP B 684 -36.14 -38.85 36.95
C ASP B 684 -36.68 -39.51 38.21
N ALA B 685 -35.82 -40.21 38.94
CA ALA B 685 -36.27 -40.87 40.15
C ALA B 685 -36.43 -39.91 41.32
N PHE B 686 -35.83 -38.73 41.26
CA PHE B 686 -35.85 -37.82 42.41
C PHE B 686 -37.00 -36.82 42.31
N GLU B 687 -38.22 -37.28 42.08
CA GLU B 687 -39.39 -36.45 42.34
C GLU B 687 -40.51 -37.37 42.77
N ASP B 688 -41.34 -36.87 43.69
CA ASP B 688 -42.31 -37.64 44.47
C ASP B 688 -41.60 -38.83 45.14
N LEU B 689 -40.70 -38.48 46.05
CA LEU B 689 -39.81 -39.45 46.68
C LEU B 689 -40.58 -40.24 47.74
N PRO B 690 -40.75 -41.54 47.58
CA PRO B 690 -41.83 -42.23 48.29
C PRO B 690 -41.50 -42.76 49.68
N GLU B 691 -40.44 -42.24 50.33
CA GLU B 691 -39.94 -42.68 51.64
C GLU B 691 -39.48 -44.14 51.55
N TYR B 692 -38.87 -44.47 50.43
CA TYR B 692 -37.89 -45.53 50.39
C TYR B 692 -36.70 -45.17 49.52
N ILE B 693 -36.81 -44.11 48.72
CA ILE B 693 -35.73 -43.73 47.83
C ILE B 693 -34.87 -42.63 48.45
N GLU B 694 -35.37 -41.94 49.47
CA GLU B 694 -34.51 -41.04 50.21
C GLU B 694 -34.03 -41.64 51.50
N GLU B 695 -34.60 -42.77 51.91
CA GLU B 695 -33.97 -43.57 52.95
C GLU B 695 -32.81 -44.38 52.43
N GLU B 696 -32.65 -44.49 51.11
CA GLU B 696 -31.37 -44.90 50.54
C GLU B 696 -30.42 -43.72 50.44
N LEU B 697 -30.95 -42.50 50.25
CA LEU B 697 -30.09 -41.34 50.24
C LEU B 697 -29.51 -41.06 51.62
N LYS B 698 -30.31 -41.21 52.68
CA LYS B 698 -29.77 -41.11 54.02
C LYS B 698 -29.24 -42.45 54.52
N MET B 699 -28.81 -43.30 53.60
CA MET B 699 -27.78 -44.31 53.83
C MET B 699 -26.50 -43.98 53.06
N GLN B 700 -26.63 -43.55 51.81
CA GLN B 700 -25.46 -43.42 50.96
C GLN B 700 -24.78 -42.06 51.09
N LEU B 701 -25.48 -40.96 51.40
CA LEU B 701 -24.79 -39.75 51.83
C LEU B 701 -24.05 -39.98 53.13
N ASN B 702 -24.62 -40.80 54.02
CA ASN B 702 -23.94 -41.12 55.27
C ASN B 702 -22.67 -41.92 55.04
N LYS B 703 -22.73 -42.96 54.19
CA LYS B 703 -21.50 -43.69 53.95
C LYS B 703 -20.52 -42.91 53.10
N ARG B 704 -21.00 -41.97 52.28
CA ARG B 704 -20.13 -41.08 51.55
C ARG B 704 -19.39 -40.14 52.49
N THR B 705 -20.10 -39.52 53.42
CA THR B 705 -19.42 -38.58 54.31
C THR B 705 -18.58 -39.32 55.34
N GLY B 706 -18.89 -40.58 55.63
CA GLY B 706 -17.95 -41.39 56.40
C GLY B 706 -16.66 -41.62 55.62
N ARG B 707 -16.79 -42.03 54.36
CA ARG B 707 -15.62 -42.31 53.53
C ARG B 707 -14.81 -41.06 53.23
N ILE B 708 -15.41 -39.87 53.30
CA ILE B 708 -14.67 -38.62 53.15
C ILE B 708 -13.98 -38.24 54.46
N MET B 709 -14.71 -38.35 55.58
CA MET B 709 -14.17 -38.00 56.91
C MET B 709 -13.06 -38.91 57.41
N GLN B 710 -12.67 -39.95 56.66
CA GLN B 710 -11.51 -40.81 56.89
C GLN B 710 -11.64 -41.70 58.11
N VAL B 711 -12.80 -41.69 58.76
CA VAL B 711 -13.21 -42.69 59.73
C VAL B 711 -14.47 -43.32 59.18
N LYS B 712 -14.62 -44.64 59.37
CA LYS B 712 -15.66 -45.45 58.74
C LYS B 712 -15.57 -45.38 57.21
N TYR B 713 -14.59 -46.07 56.65
CA TYR B 713 -14.65 -46.51 55.27
C TYR B 713 -15.66 -47.65 55.13
N ASP B 714 -15.68 -48.24 53.96
CA ASP B 714 -16.59 -49.34 53.69
C ASP B 714 -16.05 -50.62 54.32
N GLU B 715 -16.96 -51.51 54.71
CA GLU B 715 -16.59 -52.74 55.41
C GLU B 715 -15.80 -53.67 54.51
N LYS B 716 -16.06 -53.62 53.20
CA LYS B 716 -15.38 -54.51 52.26
C LYS B 716 -13.91 -54.14 52.13
N PHE B 717 -13.60 -52.85 52.17
CA PHE B 717 -12.21 -52.43 52.09
C PHE B 717 -11.50 -52.66 53.42
N GLN B 718 -12.24 -52.66 54.52
CA GLN B 718 -11.71 -53.11 55.79
C GLN B 718 -11.32 -54.58 55.73
N GLU B 719 -12.15 -55.40 55.09
CA GLU B 719 -11.82 -56.82 54.97
C GLU B 719 -10.63 -57.04 54.05
N MET B 720 -10.54 -56.31 52.95
CA MET B 720 -9.39 -56.43 52.06
C MET B 720 -8.11 -55.97 52.74
N ALA B 721 -8.19 -54.95 53.57
CA ALA B 721 -7.00 -54.54 54.29
C ALA B 721 -6.68 -55.47 55.44
N ARG B 722 -7.69 -56.13 55.99
CA ARG B 722 -7.48 -57.09 57.08
C ARG B 722 -6.78 -58.33 56.58
N THR B 723 -7.23 -58.87 55.46
CA THR B 723 -6.71 -60.11 54.93
C THR B 723 -5.40 -59.94 54.17
N ILE B 724 -4.71 -58.82 54.31
CA ILE B 724 -3.33 -58.68 53.87
C ILE B 724 -2.39 -58.69 55.07
N LEU B 725 -2.70 -57.87 56.07
CA LEU B 725 -1.84 -57.78 57.25
C LEU B 725 -1.96 -59.02 58.12
N GLU B 726 -3.19 -59.41 58.44
CA GLU B 726 -3.40 -60.51 59.37
C GLU B 726 -3.12 -61.86 58.73
N SER B 727 -3.29 -61.97 57.40
CA SER B 727 -3.09 -63.24 56.72
C SER B 727 -1.62 -63.62 56.69
N LYS B 728 -1.38 -64.93 56.70
CA LYS B 728 -0.05 -65.48 56.89
C LYS B 728 0.60 -65.90 55.58
N SER B 729 0.30 -65.21 54.48
CA SER B 729 1.04 -65.44 53.26
C SER B 729 2.46 -64.89 53.36
N PHE B 730 2.63 -63.83 54.14
CA PHE B 730 3.95 -63.28 54.43
C PHE B 730 3.87 -62.62 55.79
N ASP B 731 4.93 -62.79 56.59
CA ASP B 731 4.98 -62.21 57.92
C ASP B 731 5.41 -60.75 57.81
N LEU B 732 4.42 -59.88 57.68
CA LEU B 732 4.68 -58.44 57.76
C LEU B 732 5.02 -58.05 59.19
N THR B 733 4.21 -58.51 60.14
CA THR B 733 4.41 -58.27 61.55
C THR B 733 4.52 -59.59 62.28
N THR B 734 5.28 -59.61 63.36
CA THR B 734 5.21 -60.72 64.27
C THR B 734 3.98 -60.58 65.16
N LEU B 735 3.68 -61.62 65.93
CA LEU B 735 2.46 -61.62 66.74
C LEU B 735 2.54 -60.66 67.92
N GLU B 736 3.75 -60.25 68.33
CA GLU B 736 3.90 -59.24 69.35
C GLU B 736 4.09 -57.84 68.77
N GLU B 737 4.35 -57.73 67.47
CA GLU B 737 4.32 -56.44 66.79
C GLU B 737 2.94 -56.12 66.24
N ALA B 738 2.10 -57.13 66.01
CA ALA B 738 0.78 -56.87 65.46
C ALA B 738 -0.14 -56.28 66.53
N ASP B 739 -0.16 -56.87 67.72
CA ASP B 739 -1.02 -56.34 68.77
C ASP B 739 -0.53 -55.01 69.32
N SER B 740 0.70 -54.61 69.02
CA SER B 740 1.10 -53.23 69.26
C SER B 740 0.41 -52.28 68.30
N LEU B 741 0.00 -52.78 67.13
CA LEU B 741 -0.85 -51.98 66.24
C LEU B 741 -2.31 -52.07 66.64
N TYR B 742 -2.75 -53.21 67.16
CA TYR B 742 -4.15 -53.33 67.55
C TYR B 742 -4.47 -52.57 68.82
N ILE B 743 -3.48 -52.32 69.69
CA ILE B 743 -3.78 -51.55 70.90
C ILE B 743 -3.97 -50.08 70.58
N SER B 744 -3.45 -49.61 69.45
CA SER B 744 -3.63 -48.24 69.04
C SER B 744 -4.96 -47.99 68.34
N MET B 745 -5.90 -48.93 68.43
CA MET B 745 -7.31 -48.72 68.17
C MET B 745 -8.18 -49.04 69.38
N GLY B 746 -7.85 -50.11 70.08
CA GLY B 746 -8.72 -50.74 71.05
C GLY B 746 -8.15 -52.11 71.28
N LEU B 747 -8.99 -53.14 71.14
CA LEU B 747 -8.57 -54.54 71.01
C LEU B 747 -7.78 -55.08 72.21
N GLU C 2 -42.07 -64.01 -49.56
CA GLU C 2 -41.81 -64.49 -50.92
C GLU C 2 -43.12 -64.79 -51.66
N SER C 3 -44.10 -65.29 -50.90
CA SER C 3 -45.36 -65.68 -51.52
C SER C 3 -46.23 -64.47 -51.84
N HIS C 4 -46.20 -63.45 -51.00
CA HIS C 4 -47.07 -62.28 -51.15
C HIS C 4 -46.29 -60.99 -51.40
N VAL C 5 -45.06 -61.09 -51.92
CA VAL C 5 -44.39 -59.87 -52.37
C VAL C 5 -45.05 -59.34 -53.64
N LYS C 6 -45.54 -60.24 -54.50
CA LYS C 6 -46.30 -59.81 -55.66
C LYS C 6 -47.69 -59.33 -55.27
N TYR C 7 -48.22 -59.85 -54.16
CA TYR C 7 -49.52 -59.38 -53.67
C TYR C 7 -49.43 -57.93 -53.19
N LEU C 8 -48.39 -57.61 -52.43
CA LEU C 8 -48.18 -56.22 -52.02
C LEU C 8 -47.79 -55.34 -53.20
N ASP C 9 -47.06 -55.89 -54.17
CA ASP C 9 -46.69 -55.13 -55.36
C ASP C 9 -47.89 -54.87 -56.26
N GLU C 10 -48.93 -55.70 -56.18
CA GLU C 10 -50.18 -55.40 -56.86
C GLU C 10 -51.08 -54.50 -56.03
N LEU C 11 -50.95 -54.56 -54.70
CA LEU C 11 -51.76 -53.73 -53.83
C LEU C 11 -51.32 -52.27 -53.86
N ILE C 12 -50.02 -52.01 -54.03
CA ILE C 12 -49.59 -50.62 -54.20
C ILE C 12 -50.08 -50.07 -55.52
N LEU C 13 -50.14 -50.90 -56.57
CA LEU C 13 -50.72 -50.47 -57.83
C LEU C 13 -52.22 -50.27 -57.71
N ALA C 14 -52.88 -51.06 -56.86
CA ALA C 14 -54.31 -50.88 -56.61
C ALA C 14 -54.59 -49.60 -55.85
N ILE C 15 -53.69 -49.21 -54.94
CA ILE C 15 -53.85 -47.94 -54.24
C ILE C 15 -53.60 -46.78 -55.19
N LYS C 16 -52.54 -46.86 -55.99
CA LYS C 16 -52.26 -45.79 -56.94
C LYS C 16 -53.25 -45.75 -58.10
N ASP C 17 -54.02 -46.83 -58.30
CA ASP C 17 -55.02 -46.86 -59.36
C ASP C 17 -56.28 -46.08 -59.01
N LEU C 18 -56.53 -45.83 -57.73
CA LEU C 18 -57.57 -44.90 -57.33
C LEU C 18 -56.96 -43.52 -57.06
N ASN C 19 -56.26 -43.01 -58.07
CA ASN C 19 -55.67 -41.68 -57.94
C ASN C 19 -56.68 -40.59 -58.29
N SER C 20 -56.96 -40.44 -59.59
CA SER C 20 -57.77 -39.37 -60.17
C SER C 20 -57.87 -39.58 -61.67
N GLY C 21 -58.57 -38.67 -62.36
CA GLY C 21 -58.46 -38.62 -63.80
C GLY C 21 -57.14 -38.08 -64.29
N VAL C 22 -56.42 -37.33 -63.45
CA VAL C 22 -55.12 -36.75 -63.79
C VAL C 22 -54.12 -37.09 -62.68
N ASP C 23 -52.91 -36.56 -62.79
CA ASP C 23 -51.84 -36.87 -61.85
C ASP C 23 -51.92 -36.06 -60.55
N SER C 24 -52.83 -35.10 -60.44
CA SER C 24 -52.99 -34.30 -59.22
C SER C 24 -54.12 -34.89 -58.39
N LYS C 25 -53.78 -35.39 -57.19
CA LYS C 25 -54.74 -36.09 -56.35
C LYS C 25 -54.24 -36.08 -54.91
N VAL C 26 -55.04 -35.55 -54.00
CA VAL C 26 -54.77 -35.67 -52.56
C VAL C 26 -56.03 -36.15 -51.85
N GLN C 27 -57.17 -35.50 -52.12
CA GLN C 27 -58.50 -35.86 -51.61
C GLN C 27 -58.56 -35.77 -50.08
N ILE C 28 -58.46 -34.53 -49.59
CA ILE C 28 -58.48 -34.27 -48.15
C ILE C 28 -59.87 -34.32 -47.53
N LYS C 29 -60.92 -34.34 -48.32
CA LYS C 29 -62.27 -34.34 -47.76
C LYS C 29 -62.89 -35.72 -47.89
N LYS C 30 -63.90 -35.97 -47.07
CA LYS C 30 -64.63 -37.23 -47.13
C LYS C 30 -65.47 -37.27 -48.40
N VAL C 31 -65.06 -38.11 -49.33
CA VAL C 31 -65.77 -38.24 -50.61
C VAL C 31 -67.13 -38.89 -50.37
N PRO C 32 -68.18 -38.52 -51.11
CA PRO C 32 -69.54 -39.06 -50.86
C PRO C 32 -69.67 -40.55 -51.16
N SER C 44 -64.45 -44.47 -53.07
CA SER C 44 -65.75 -44.55 -52.41
C SER C 44 -65.64 -45.34 -51.11
N LEU C 45 -64.55 -45.10 -50.38
CA LEU C 45 -64.25 -45.66 -49.06
C LEU C 45 -64.14 -47.18 -49.04
N LYS C 46 -63.95 -47.81 -50.20
CA LYS C 46 -63.78 -49.26 -50.22
C LYS C 46 -62.38 -49.66 -49.76
N ILE C 47 -61.40 -48.76 -49.92
CA ILE C 47 -60.03 -49.04 -49.55
C ILE C 47 -59.80 -49.07 -48.05
N LEU C 48 -60.79 -48.66 -47.25
CA LEU C 48 -60.70 -48.91 -45.82
C LEU C 48 -60.78 -50.40 -45.53
N ASN C 49 -61.48 -51.15 -46.39
CA ASN C 49 -61.38 -52.61 -46.37
C ASN C 49 -59.96 -53.07 -46.66
N THR C 50 -59.21 -52.32 -47.47
CA THR C 50 -57.80 -52.63 -47.59
C THR C 50 -57.03 -52.16 -46.36
N LEU C 51 -57.45 -51.03 -45.75
CA LEU C 51 -56.81 -50.52 -44.55
C LEU C 51 -56.88 -51.51 -43.41
N ILE C 52 -58.09 -52.03 -43.15
CA ILE C 52 -58.28 -53.14 -42.22
C ILE C 52 -57.44 -54.34 -42.65
N ARG C 53 -57.32 -54.56 -43.95
CA ARG C 53 -56.48 -55.63 -44.46
C ARG C 53 -54.99 -55.39 -44.21
N ASN C 54 -54.55 -54.14 -44.06
CA ASN C 54 -53.12 -53.91 -43.96
C ASN C 54 -52.57 -54.26 -42.58
N LEU C 55 -53.06 -53.57 -41.54
CA LEU C 55 -52.50 -53.75 -40.21
C LEU C 55 -52.81 -55.13 -39.65
N LYS C 56 -53.92 -55.75 -40.06
CA LYS C 56 -54.20 -57.12 -39.67
C LYS C 56 -53.29 -58.12 -40.35
N ASP C 57 -52.61 -57.75 -41.43
CA ASP C 57 -51.59 -58.60 -42.03
C ASP C 57 -50.20 -58.28 -41.49
N GLN C 58 -50.11 -57.78 -40.26
CA GLN C 58 -48.84 -57.30 -39.75
C GLN C 58 -48.51 -57.90 -38.38
N ARG C 59 -49.52 -58.12 -37.53
CA ARG C 59 -49.29 -58.79 -36.24
C ARG C 59 -49.45 -60.30 -36.42
N ARG C 60 -48.36 -60.95 -36.85
CA ARG C 60 -48.35 -62.39 -37.02
C ARG C 60 -46.90 -62.84 -36.92
N ASN C 61 -46.71 -64.14 -36.67
CA ASN C 61 -45.43 -64.68 -36.23
C ASN C 61 -44.62 -65.34 -37.34
N ASN C 62 -45.16 -65.53 -38.54
CA ASN C 62 -44.54 -66.44 -39.50
C ASN C 62 -43.53 -65.69 -40.33
N ILE C 63 -43.93 -64.73 -41.16
CA ILE C 63 -43.05 -64.15 -42.18
C ILE C 63 -42.89 -62.65 -42.01
N MET C 64 -43.26 -62.10 -40.86
CA MET C 64 -42.95 -60.71 -40.57
C MET C 64 -41.46 -60.52 -40.31
N LYS C 65 -40.76 -61.60 -39.93
CA LYS C 65 -39.33 -61.50 -39.67
C LYS C 65 -38.53 -61.25 -40.94
N ASN C 66 -39.10 -61.56 -42.09
CA ASN C 66 -38.47 -61.15 -43.34
C ASN C 66 -38.56 -59.65 -43.49
N ASP C 67 -37.48 -59.06 -44.01
CA ASP C 67 -37.37 -57.61 -44.02
C ASP C 67 -38.24 -56.97 -45.09
N THR C 68 -38.27 -57.56 -46.28
CA THR C 68 -38.90 -56.88 -47.42
C THR C 68 -40.42 -56.91 -47.34
N ILE C 69 -41.00 -58.00 -46.86
CA ILE C 69 -42.44 -58.15 -46.84
C ILE C 69 -43.02 -57.63 -45.54
N PHE C 70 -42.19 -56.96 -44.74
CA PHE C 70 -42.64 -56.08 -43.69
C PHE C 70 -42.50 -54.62 -44.09
N SER C 71 -41.37 -54.29 -44.72
CA SER C 71 -41.10 -52.91 -45.13
C SER C 71 -42.05 -52.47 -46.24
N LYS C 72 -42.29 -53.33 -47.23
CA LYS C 72 -43.29 -53.02 -48.24
C LYS C 72 -44.70 -53.06 -47.66
N THR C 73 -44.92 -53.88 -46.63
CA THR C 73 -46.24 -53.97 -46.01
C THR C 73 -46.59 -52.66 -45.31
N VAL C 74 -45.62 -52.05 -44.65
CA VAL C 74 -45.88 -50.78 -43.99
C VAL C 74 -45.72 -49.60 -44.95
N SER C 75 -44.92 -49.74 -46.01
CA SER C 75 -44.80 -48.69 -47.02
C SER C 75 -46.06 -48.56 -47.84
N ALA C 76 -46.76 -49.68 -48.09
CA ALA C 76 -48.05 -49.64 -48.74
C ALA C 76 -49.07 -48.90 -47.88
N LEU C 77 -49.01 -49.10 -46.58
CA LEU C 77 -49.96 -48.43 -45.71
C LEU C 77 -49.63 -46.94 -45.58
N ALA C 78 -48.34 -46.59 -45.63
CA ALA C 78 -47.96 -45.18 -45.64
C ALA C 78 -48.33 -44.50 -46.94
N LEU C 79 -48.24 -45.22 -48.06
CA LEU C 79 -48.66 -44.63 -49.33
C LEU C 79 -50.17 -44.53 -49.41
N LEU C 80 -50.89 -45.41 -48.73
CA LEU C 80 -52.34 -45.27 -48.62
C LEU C 80 -52.70 -44.05 -47.80
N LEU C 81 -52.10 -43.90 -46.63
CA LEU C 81 -52.47 -42.80 -45.74
C LEU C 81 -51.90 -41.47 -46.17
N GLU C 82 -50.88 -41.46 -47.03
CA GLU C 82 -50.31 -40.22 -47.51
C GLU C 82 -51.24 -39.56 -48.52
N TYR C 83 -51.67 -40.31 -49.52
CA TYR C 83 -52.54 -39.79 -50.55
C TYR C 83 -54.01 -39.87 -50.17
N ASN C 84 -54.31 -40.18 -48.91
CA ASN C 84 -55.68 -40.16 -48.39
C ASN C 84 -55.65 -39.68 -46.94
N PRO C 85 -55.51 -38.37 -46.70
CA PRO C 85 -55.52 -37.88 -45.32
C PRO C 85 -56.88 -37.89 -44.66
N PHE C 86 -57.95 -38.23 -45.38
CA PHE C 86 -59.27 -38.33 -44.77
C PHE C 86 -59.44 -39.64 -44.01
N LEU C 87 -58.62 -40.65 -44.30
CA LEU C 87 -58.73 -41.93 -43.60
C LEU C 87 -58.37 -41.82 -42.13
N LEU C 88 -57.54 -40.84 -41.78
CA LEU C 88 -57.09 -40.69 -40.41
C LEU C 88 -58.20 -40.17 -39.52
N VAL C 89 -58.97 -39.21 -40.02
CA VAL C 89 -59.82 -38.39 -39.17
C VAL C 89 -61.26 -38.78 -39.52
N MET C 90 -61.44 -40.04 -39.94
CA MET C 90 -62.73 -40.40 -40.50
C MET C 90 -63.82 -40.63 -39.46
N LYS C 91 -63.50 -40.50 -38.17
CA LYS C 91 -64.45 -40.53 -37.05
C LYS C 91 -65.21 -41.85 -36.99
N ASP C 92 -64.47 -42.91 -36.67
CA ASP C 92 -65.12 -44.15 -36.29
C ASP C 92 -65.80 -43.91 -34.95
N SER C 93 -67.12 -43.70 -34.99
CA SER C 93 -67.84 -43.04 -33.90
C SER C 93 -68.07 -43.98 -32.73
N ASN C 94 -66.98 -44.31 -32.04
CA ASN C 94 -67.12 -44.71 -30.65
C ASN C 94 -67.17 -43.46 -29.77
N GLY C 95 -66.10 -42.68 -29.77
CA GLY C 95 -66.15 -41.32 -29.28
C GLY C 95 -65.16 -40.38 -29.96
N ASN C 96 -64.47 -40.85 -30.99
CA ASN C 96 -63.21 -40.25 -31.38
C ASN C 96 -62.93 -40.50 -32.85
N PHE C 97 -61.84 -39.90 -33.33
CA PHE C 97 -61.36 -40.22 -34.67
C PHE C 97 -60.55 -41.51 -34.62
N GLU C 98 -60.32 -42.08 -35.79
CA GLU C 98 -59.73 -43.41 -35.84
C GLU C 98 -58.21 -43.38 -35.76
N ILE C 99 -57.60 -42.19 -35.73
CA ILE C 99 -56.16 -42.14 -35.54
C ILE C 99 -55.79 -42.58 -34.12
N GLN C 100 -56.70 -42.44 -33.16
CA GLN C 100 -56.50 -43.04 -31.85
C GLN C 100 -56.50 -44.55 -31.94
N ARG C 101 -57.34 -45.12 -32.81
CA ARG C 101 -57.30 -46.54 -33.11
C ARG C 101 -56.02 -46.89 -33.87
N LEU C 102 -55.45 -45.93 -34.59
CA LEU C 102 -54.26 -46.25 -35.37
C LEU C 102 -53.03 -46.28 -34.50
N ILE C 103 -52.97 -45.40 -33.50
CA ILE C 103 -51.77 -45.27 -32.66
C ILE C 103 -51.56 -46.52 -31.80
N ASP C 104 -52.58 -46.92 -31.04
CA ASP C 104 -52.39 -48.05 -30.13
C ASP C 104 -52.27 -49.37 -30.85
N ASP C 105 -52.86 -49.48 -32.04
CA ASP C 105 -52.59 -50.65 -32.88
C ASP C 105 -51.19 -50.61 -33.45
N PHE C 106 -50.71 -49.41 -33.79
CA PHE C 106 -49.38 -49.22 -34.36
C PHE C 106 -48.30 -49.42 -33.31
N LEU C 107 -48.67 -49.29 -32.04
CA LEU C 107 -47.76 -49.54 -30.93
C LEU C 107 -47.45 -51.01 -30.78
N ASN C 108 -48.39 -51.89 -31.14
CA ASN C 108 -48.22 -53.31 -30.88
C ASN C 108 -47.16 -53.92 -31.78
N ILE C 109 -47.06 -53.46 -33.02
CA ILE C 109 -46.03 -53.98 -33.91
C ILE C 109 -44.65 -53.50 -33.45
N SER C 110 -44.57 -52.26 -32.97
CA SER C 110 -43.31 -51.72 -32.48
C SER C 110 -42.87 -52.36 -31.17
N VAL C 111 -43.82 -52.74 -30.32
CA VAL C 111 -43.43 -53.42 -29.08
C VAL C 111 -43.10 -54.88 -29.38
N LEU C 112 -43.69 -55.47 -30.43
CA LEU C 112 -43.25 -56.78 -30.90
C LEU C 112 -41.93 -56.72 -31.66
N ASN C 113 -41.49 -55.54 -32.06
CA ASN C 113 -40.20 -55.40 -32.73
C ASN C 113 -39.31 -54.50 -31.90
N TYR C 114 -39.23 -54.82 -30.60
CA TYR C 114 -38.56 -53.97 -29.63
C TYR C 114 -37.05 -53.92 -29.85
N ASP C 115 -36.45 -55.03 -30.28
CA ASP C 115 -35.00 -55.11 -30.30
C ASP C 115 -34.38 -54.60 -31.59
N ASN C 116 -35.06 -54.74 -32.71
CA ASN C 116 -34.50 -54.33 -34.01
C ASN C 116 -34.68 -52.83 -34.14
N TYR C 117 -33.57 -52.09 -34.14
CA TYR C 117 -33.63 -50.63 -34.23
C TYR C 117 -34.03 -50.13 -35.60
N HIS C 118 -33.99 -50.97 -36.63
CA HIS C 118 -34.49 -50.56 -37.93
C HIS C 118 -36.01 -50.50 -37.93
N ARG C 119 -36.64 -51.57 -37.44
CA ARG C 119 -38.07 -51.76 -37.53
C ARG C 119 -38.87 -50.87 -36.58
N ILE C 120 -38.24 -50.04 -35.75
CA ILE C 120 -39.02 -49.10 -34.95
C ILE C 120 -38.72 -47.66 -35.35
N TRP C 121 -37.48 -47.40 -35.80
CA TRP C 121 -37.16 -46.10 -36.40
C TRP C 121 -37.96 -45.88 -37.66
N PHE C 122 -38.07 -46.93 -38.48
CA PHE C 122 -38.80 -46.84 -39.74
C PHE C 122 -40.29 -46.74 -39.51
N MET C 123 -40.81 -47.31 -38.43
CA MET C 123 -42.20 -47.14 -38.10
C MET C 123 -42.47 -45.75 -37.55
N ARG C 124 -41.59 -45.22 -36.71
CA ARG C 124 -41.87 -43.94 -36.08
C ARG C 124 -41.64 -42.77 -37.01
N ARG C 125 -40.81 -42.91 -38.04
CA ARG C 125 -40.69 -41.82 -38.99
C ARG C 125 -41.96 -41.66 -39.82
N LYS C 126 -42.58 -42.78 -40.18
CA LYS C 126 -43.83 -42.66 -40.92
C LYS C 126 -45.00 -42.38 -40.00
N LEU C 127 -44.91 -42.75 -38.73
CA LEU C 127 -45.91 -42.27 -37.77
C LEU C 127 -45.76 -40.78 -37.53
N GLY C 128 -44.54 -40.26 -37.71
CA GLY C 128 -44.36 -38.83 -37.72
C GLY C 128 -45.01 -38.17 -38.91
N SER C 129 -44.86 -38.79 -40.10
CA SER C 129 -45.50 -38.24 -41.29
C SER C 129 -47.02 -38.27 -41.19
N TRP C 130 -47.58 -39.28 -40.52
CA TRP C 130 -49.03 -39.40 -40.47
C TRP C 130 -49.69 -38.40 -39.54
N CYS C 131 -48.95 -37.71 -38.70
CA CYS C 131 -49.57 -36.70 -37.85
C CYS C 131 -49.05 -35.30 -38.10
N LYS C 132 -47.75 -35.14 -38.31
CA LYS C 132 -47.19 -33.84 -38.68
C LYS C 132 -47.70 -33.39 -40.02
N ALA C 133 -47.34 -34.12 -41.09
CA ALA C 133 -47.64 -33.70 -42.45
C ALA C 133 -49.02 -34.11 -42.90
N CYS C 134 -49.87 -34.60 -42.00
CA CYS C 134 -51.20 -35.05 -42.38
C CYS C 134 -52.32 -34.55 -41.50
N VAL C 135 -52.06 -34.09 -40.28
CA VAL C 135 -53.13 -33.52 -39.47
C VAL C 135 -52.79 -32.04 -39.28
N GLU C 136 -52.20 -31.46 -40.32
CA GLU C 136 -52.28 -30.03 -40.55
C GLU C 136 -53.50 -29.65 -41.36
N PHE C 137 -54.21 -30.64 -41.91
CA PHE C 137 -55.46 -30.39 -42.63
C PHE C 137 -56.64 -30.19 -41.69
N TYR C 138 -56.48 -30.45 -40.43
CA TYR C 138 -57.65 -30.46 -39.57
C TYR C 138 -57.50 -29.56 -38.36
N GLY C 139 -56.32 -29.54 -37.73
CA GLY C 139 -56.07 -28.57 -36.69
C GLY C 139 -56.79 -28.89 -35.40
N LYS C 140 -57.49 -27.88 -34.89
CA LYS C 140 -58.10 -27.89 -33.55
C LYS C 140 -58.94 -29.11 -33.19
N PRO C 141 -59.90 -29.60 -34.01
CA PRO C 141 -60.65 -30.77 -33.56
C PRO C 141 -59.86 -32.05 -33.62
N ALA C 142 -58.75 -32.09 -34.35
CA ALA C 142 -58.02 -33.32 -34.51
C ALA C 142 -56.57 -33.25 -34.12
N LYS C 143 -56.09 -32.11 -33.62
CA LYS C 143 -54.81 -32.08 -32.91
C LYS C 143 -55.00 -32.50 -31.45
N PHE C 144 -56.08 -32.04 -30.84
CA PHE C 144 -56.31 -32.29 -29.42
C PHE C 144 -56.99 -33.61 -29.15
N GLN C 145 -57.22 -34.42 -30.17
CA GLN C 145 -57.71 -35.77 -29.93
C GLN C 145 -56.63 -36.81 -30.15
N LEU C 146 -55.44 -36.43 -30.59
CA LEU C 146 -54.32 -37.34 -30.50
C LEU C 146 -53.24 -36.88 -29.54
N THR C 147 -53.10 -35.58 -29.29
CA THR C 147 -52.18 -35.16 -28.23
C THR C 147 -52.76 -35.37 -26.86
N ALA C 148 -54.05 -35.66 -26.74
CA ALA C 148 -54.62 -36.16 -25.50
C ALA C 148 -54.57 -37.68 -25.47
N HIS C 149 -54.59 -38.32 -26.64
CA HIS C 149 -54.50 -39.77 -26.69
C HIS C 149 -53.12 -40.25 -26.27
N PHE C 150 -52.07 -39.56 -26.69
CA PHE C 150 -50.73 -39.93 -26.22
C PHE C 150 -50.57 -39.67 -24.74
N GLU C 151 -51.18 -38.62 -24.22
CA GLU C 151 -51.11 -38.36 -22.78
C GLU C 151 -51.86 -39.41 -21.99
N ASN C 152 -52.98 -39.92 -22.52
CA ASN C 152 -53.68 -40.98 -21.80
C ASN C 152 -52.97 -42.32 -21.92
N THR C 153 -52.46 -42.67 -23.10
CA THR C 153 -51.73 -43.93 -23.20
C THR C 153 -50.34 -43.86 -22.59
N MET C 154 -49.87 -42.67 -22.20
CA MET C 154 -48.64 -42.53 -21.43
C MET C 154 -48.90 -42.46 -19.94
N ASN C 155 -50.02 -41.85 -19.54
CA ASN C 155 -50.49 -41.90 -18.17
C ASN C 155 -50.78 -43.33 -17.76
N LEU C 156 -51.30 -44.14 -18.68
CA LEU C 156 -51.59 -45.53 -18.39
C LEU C 156 -50.31 -46.32 -18.14
N TYR C 157 -49.27 -46.07 -18.94
CA TYR C 157 -48.03 -46.82 -18.76
C TYR C 157 -47.21 -46.34 -17.57
N GLU C 158 -47.29 -45.05 -17.22
CA GLU C 158 -46.60 -44.64 -16.00
C GLU C 158 -47.40 -44.91 -14.76
N GLN C 159 -48.71 -45.12 -14.91
CA GLN C 159 -49.56 -45.51 -13.79
C GLN C 159 -49.36 -46.99 -13.47
N ALA C 160 -49.43 -47.85 -14.49
CA ALA C 160 -49.19 -49.28 -14.31
C ALA C 160 -47.74 -49.61 -13.97
N LEU C 161 -46.81 -48.67 -14.16
CA LEU C 161 -45.44 -48.88 -13.72
C LEU C 161 -45.29 -48.78 -12.23
N THR C 162 -46.22 -48.12 -11.54
CA THR C 162 -46.08 -47.89 -10.11
C THR C 162 -46.76 -48.95 -9.26
N GLU C 163 -47.63 -49.79 -9.82
CA GLU C 163 -48.16 -50.93 -9.08
C GLU C 163 -47.31 -52.17 -9.22
N VAL C 164 -46.03 -52.02 -9.59
CA VAL C 164 -45.07 -53.09 -9.39
C VAL C 164 -44.28 -52.86 -8.11
N LEU C 165 -44.36 -51.65 -7.55
CA LEU C 165 -43.78 -51.39 -6.24
C LEU C 165 -44.50 -52.15 -5.14
N LEU C 166 -45.82 -52.24 -5.24
CA LEU C 166 -46.58 -53.00 -4.25
C LEU C 166 -46.51 -54.50 -4.48
N GLY C 167 -45.86 -54.96 -5.55
CA GLY C 167 -45.45 -56.34 -5.66
C GLY C 167 -46.52 -57.32 -6.09
N LYS C 168 -47.77 -56.89 -6.24
CA LYS C 168 -48.81 -57.83 -6.63
C LYS C 168 -48.93 -57.96 -8.14
N THR C 169 -48.00 -57.36 -8.88
CA THR C 169 -48.07 -57.33 -10.33
C THR C 169 -47.63 -58.65 -10.94
N GLU C 170 -47.82 -58.76 -12.25
CA GLU C 170 -47.37 -59.93 -12.99
C GLU C 170 -45.92 -59.77 -13.42
N LEU C 171 -45.49 -60.60 -14.35
CA LEU C 171 -44.11 -60.56 -14.80
C LEU C 171 -44.01 -60.23 -16.28
N LEU C 172 -44.81 -60.91 -17.11
CA LEU C 172 -44.88 -60.56 -18.51
C LEU C 172 -45.59 -59.22 -18.69
N LYS C 173 -46.51 -58.87 -17.78
CA LYS C 173 -47.13 -57.56 -17.80
C LYS C 173 -46.11 -56.48 -17.44
N PHE C 174 -45.23 -56.78 -16.51
CA PHE C 174 -44.11 -55.90 -16.21
C PHE C 174 -43.21 -55.71 -17.42
N TYR C 175 -42.95 -56.81 -18.14
CA TYR C 175 -42.09 -56.77 -19.32
C TYR C 175 -42.68 -55.91 -20.42
N ASP C 176 -43.94 -56.14 -20.79
CA ASP C 176 -44.49 -55.40 -21.93
C ASP C 176 -44.88 -53.99 -21.52
N THR C 177 -45.06 -53.75 -20.22
CA THR C 177 -45.27 -52.40 -19.74
C THR C 177 -43.99 -51.57 -19.90
N LEU C 178 -42.85 -52.15 -19.53
CA LEU C 178 -41.58 -51.49 -19.77
C LEU C 178 -41.32 -51.24 -21.25
N LYS C 179 -41.65 -52.22 -22.09
CA LYS C 179 -41.37 -52.08 -23.52
C LYS C 179 -42.31 -51.07 -24.18
N GLY C 180 -43.58 -51.03 -23.74
CA GLY C 180 -44.50 -50.06 -24.30
C GLY C 180 -44.18 -48.64 -23.89
N LEU C 181 -43.76 -48.47 -22.63
CA LEU C 181 -43.27 -47.17 -22.20
C LEU C 181 -42.00 -46.79 -22.94
N TYR C 182 -41.14 -47.77 -23.24
CA TYR C 182 -39.96 -47.53 -24.05
C TYR C 182 -40.31 -47.02 -25.44
N ILE C 183 -41.33 -47.61 -26.07
CA ILE C 183 -41.67 -47.18 -27.43
C ILE C 183 -42.33 -45.80 -27.42
N LEU C 184 -43.19 -45.53 -26.42
CA LEU C 184 -43.80 -44.20 -26.32
C LEU C 184 -42.76 -43.13 -26.03
N LEU C 185 -41.75 -43.43 -25.22
CA LEU C 185 -40.69 -42.46 -25.04
C LEU C 185 -39.73 -42.44 -26.21
N TYR C 186 -39.68 -43.51 -27.01
CA TYR C 186 -38.81 -43.53 -28.17
C TYR C 186 -39.35 -42.68 -29.31
N TRP C 187 -40.68 -42.64 -29.45
CA TRP C 187 -41.30 -41.83 -30.49
C TRP C 187 -41.02 -40.34 -30.27
N PHE C 188 -41.09 -39.90 -29.04
CA PHE C 188 -41.02 -38.47 -28.75
C PHE C 188 -39.60 -37.97 -28.57
N THR C 189 -38.62 -38.87 -28.46
CA THR C 189 -37.22 -38.48 -28.36
C THR C 189 -36.52 -38.45 -29.70
N SER C 190 -37.24 -38.24 -30.79
CA SER C 190 -36.61 -38.04 -32.07
C SER C 190 -36.27 -36.57 -32.24
N GLU C 191 -35.77 -36.19 -33.40
CA GLU C 191 -35.60 -34.77 -33.65
C GLU C 191 -36.94 -34.13 -33.97
N TYR C 192 -36.93 -32.80 -34.05
CA TYR C 192 -38.16 -32.03 -34.22
C TYR C 192 -38.81 -32.27 -35.58
N SER C 193 -38.06 -32.74 -36.56
CA SER C 193 -38.63 -32.96 -37.88
C SER C 193 -39.53 -34.18 -37.94
N THR C 194 -39.42 -35.10 -36.97
CA THR C 194 -40.26 -36.30 -37.02
C THR C 194 -41.68 -35.99 -36.62
N PHE C 195 -41.88 -35.58 -35.38
CA PHE C 195 -43.13 -35.04 -34.89
C PHE C 195 -43.00 -33.53 -34.89
N GLY C 196 -43.82 -32.85 -35.68
CA GLY C 196 -43.70 -31.41 -35.71
C GLY C 196 -44.46 -30.79 -34.57
N ASN C 197 -45.36 -29.87 -34.89
CA ASN C 197 -46.29 -29.35 -33.89
C ASN C 197 -47.56 -30.15 -33.84
N SER C 198 -47.53 -31.40 -34.29
CA SER C 198 -48.73 -32.22 -34.31
C SER C 198 -49.19 -32.59 -32.92
N ILE C 199 -48.26 -32.64 -31.97
CA ILE C 199 -48.55 -33.10 -30.61
C ILE C 199 -48.21 -31.97 -29.65
N ALA C 200 -49.14 -31.66 -28.75
CA ALA C 200 -49.13 -30.40 -28.03
C ALA C 200 -48.09 -30.32 -26.92
N PHE C 201 -47.43 -31.43 -26.56
CA PHE C 201 -46.30 -31.32 -25.65
C PHE C 201 -44.94 -31.30 -26.35
N LEU C 202 -44.89 -31.65 -27.63
CA LEU C 202 -43.70 -31.42 -28.43
C LEU C 202 -43.75 -30.10 -29.18
N ASP C 203 -44.54 -29.15 -28.68
CA ASP C 203 -44.96 -28.00 -29.47
C ASP C 203 -43.83 -26.99 -29.67
N SER C 204 -43.07 -26.69 -28.63
CA SER C 204 -42.12 -25.60 -28.71
C SER C 204 -40.93 -25.96 -29.56
N SER C 205 -40.47 -24.99 -30.34
CA SER C 205 -39.15 -25.05 -30.95
C SER C 205 -38.13 -24.55 -29.93
N LEU C 206 -36.93 -24.23 -30.40
CA LEU C 206 -35.77 -23.81 -29.60
C LEU C 206 -35.30 -24.92 -28.67
N GLY C 207 -35.64 -26.17 -28.99
CA GLY C 207 -35.06 -27.34 -28.35
C GLY C 207 -35.48 -27.61 -26.93
N PHE C 208 -36.63 -27.11 -26.50
CA PHE C 208 -36.97 -27.20 -25.08
C PHE C 208 -38.50 -27.17 -24.95
N THR C 209 -39.10 -28.34 -24.71
CA THR C 209 -40.53 -28.56 -24.84
C THR C 209 -41.16 -28.93 -23.50
N LYS C 210 -42.47 -29.17 -23.51
CA LYS C 210 -43.16 -29.67 -22.32
C LYS C 210 -42.79 -31.11 -22.06
N PHE C 211 -42.41 -31.84 -23.10
CA PHE C 211 -42.03 -33.24 -22.94
C PHE C 211 -40.73 -33.41 -22.19
N ASP C 212 -39.88 -32.38 -22.10
CA ASP C 212 -38.56 -32.57 -21.51
C ASP C 212 -38.63 -32.85 -20.02
N PHE C 213 -39.35 -32.01 -19.28
CA PHE C 213 -39.52 -32.26 -17.85
C PHE C 213 -40.35 -33.50 -17.59
N ASN C 214 -41.31 -33.81 -18.47
CA ASN C 214 -42.11 -35.02 -18.30
C ASN C 214 -41.27 -36.26 -18.53
N PHE C 215 -40.37 -36.21 -19.50
CA PHE C 215 -39.44 -37.29 -19.78
C PHE C 215 -38.45 -37.49 -18.64
N GLN C 216 -37.91 -36.38 -18.11
CA GLN C 216 -37.02 -36.48 -16.98
C GLN C 216 -37.76 -36.93 -15.73
N ARG C 217 -39.08 -36.75 -15.67
CA ARG C 217 -39.84 -37.33 -14.58
C ARG C 217 -40.00 -38.84 -14.77
N LEU C 218 -40.33 -39.28 -15.99
CA LEU C 218 -40.63 -40.69 -16.19
C LEU C 218 -39.39 -41.56 -16.15
N ILE C 219 -38.23 -41.03 -16.58
CA ILE C 219 -37.01 -41.80 -16.49
C ILE C 219 -36.57 -41.94 -15.03
N ARG C 220 -36.82 -40.92 -14.21
CA ARG C 220 -36.55 -41.09 -12.79
C ARG C 220 -37.54 -42.04 -12.13
N ILE C 221 -38.78 -42.10 -12.64
CA ILE C 221 -39.72 -43.09 -12.13
C ILE C 221 -39.28 -44.49 -12.51
N VAL C 222 -38.79 -44.70 -13.73
CA VAL C 222 -38.39 -46.05 -14.10
C VAL C 222 -37.06 -46.44 -13.44
N LEU C 223 -36.20 -45.47 -13.13
CA LEU C 223 -35.03 -45.78 -12.32
C LEU C 223 -35.40 -46.10 -10.88
N TYR C 224 -36.43 -45.43 -10.36
CA TYR C 224 -36.95 -45.74 -9.04
C TYR C 224 -37.55 -47.13 -9.00
N VAL C 225 -38.17 -47.56 -10.11
CA VAL C 225 -38.67 -48.93 -10.21
C VAL C 225 -37.52 -49.91 -10.27
N PHE C 226 -36.46 -49.57 -11.00
CA PHE C 226 -35.30 -50.46 -11.10
C PHE C 226 -34.59 -50.59 -9.75
N ASP C 227 -34.61 -49.54 -8.95
CA ASP C 227 -34.11 -49.64 -7.58
C ASP C 227 -35.07 -50.44 -6.72
N SER C 228 -36.38 -50.28 -6.92
CA SER C 228 -37.36 -50.88 -6.03
C SER C 228 -37.48 -52.38 -6.27
N CYS C 229 -37.21 -52.84 -7.48
CA CYS C 229 -37.30 -54.26 -7.76
C CYS C 229 -35.93 -54.90 -7.60
N GLU C 230 -35.87 -56.21 -7.86
CA GLU C 230 -34.62 -56.95 -7.80
C GLU C 230 -34.81 -58.19 -8.65
N LEU C 231 -34.09 -58.27 -9.77
CA LEU C 231 -34.29 -59.38 -10.69
C LEU C 231 -33.01 -59.54 -11.51
N ALA C 232 -32.70 -60.79 -11.85
CA ALA C 232 -31.51 -61.09 -12.64
C ALA C 232 -31.85 -61.92 -13.88
N ALA C 233 -33.02 -61.67 -14.46
CA ALA C 233 -33.33 -62.27 -15.75
C ALA C 233 -32.45 -61.64 -16.82
N LEU C 234 -32.06 -62.46 -17.80
CA LEU C 234 -31.11 -61.99 -18.81
C LEU C 234 -31.78 -61.02 -19.78
N GLU C 235 -32.96 -61.37 -20.27
CA GLU C 235 -33.60 -60.47 -21.21
C GLU C 235 -34.28 -59.29 -20.52
N TYR C 236 -34.48 -59.35 -19.21
CA TYR C 236 -34.81 -58.13 -18.47
C TYR C 236 -33.65 -57.15 -18.48
N ALA C 237 -32.42 -57.64 -18.38
CA ALA C 237 -31.26 -56.78 -18.58
C ALA C 237 -31.21 -56.26 -20.01
N GLU C 238 -31.63 -57.10 -20.97
CA GLU C 238 -31.68 -56.68 -22.37
C GLU C 238 -32.64 -55.52 -22.58
N ILE C 239 -33.83 -55.58 -21.98
CA ILE C 239 -34.76 -54.45 -22.10
C ILE C 239 -34.41 -53.32 -21.14
N GLN C 240 -33.47 -53.55 -20.22
CA GLN C 240 -33.04 -52.50 -19.33
C GLN C 240 -31.92 -51.68 -19.94
N LEU C 241 -31.19 -52.25 -20.92
CA LEU C 241 -30.25 -51.43 -21.68
C LEU C 241 -30.94 -50.44 -22.61
N LYS C 242 -32.18 -50.72 -23.01
CA LYS C 242 -32.82 -49.84 -23.97
C LYS C 242 -33.26 -48.52 -23.37
N TYR C 243 -33.36 -48.42 -22.04
CA TYR C 243 -33.63 -47.11 -21.46
C TYR C 243 -32.40 -46.22 -21.47
N ILE C 244 -31.19 -46.77 -21.33
CA ILE C 244 -30.05 -45.88 -21.50
C ILE C 244 -29.78 -45.64 -22.98
N SER C 245 -30.18 -46.57 -23.84
CA SER C 245 -30.17 -46.29 -25.28
C SER C 245 -31.13 -45.16 -25.63
N LEU C 246 -32.29 -45.17 -25.01
CA LEU C 246 -33.27 -44.11 -25.22
C LEU C 246 -32.81 -42.79 -24.62
N VAL C 247 -32.11 -42.82 -23.49
CA VAL C 247 -31.71 -41.56 -22.91
C VAL C 247 -30.49 -41.00 -23.63
N VAL C 248 -29.69 -41.83 -24.30
CA VAL C 248 -28.62 -41.24 -25.11
C VAL C 248 -29.19 -40.79 -26.45
N ASP C 249 -30.27 -41.42 -26.92
CA ASP C 249 -30.94 -40.93 -28.11
C ASP C 249 -31.68 -39.63 -27.83
N TYR C 250 -32.13 -39.42 -26.60
CA TYR C 250 -32.81 -38.18 -26.22
C TYR C 250 -31.91 -36.95 -26.35
N VAL C 251 -30.62 -37.10 -26.09
CA VAL C 251 -29.72 -35.97 -26.10
C VAL C 251 -28.88 -35.90 -27.37
N CYS C 252 -28.65 -37.03 -28.04
CA CYS C 252 -27.79 -36.98 -29.21
C CYS C 252 -28.48 -36.40 -30.44
N ASN C 253 -29.79 -36.21 -30.42
CA ASN C 253 -30.48 -35.65 -31.57
C ASN C 253 -31.25 -34.37 -31.24
N ARG C 254 -30.98 -33.75 -30.10
CA ARG C 254 -31.30 -32.35 -29.91
C ARG C 254 -30.12 -31.47 -30.24
N THR C 255 -29.13 -32.00 -30.92
CA THR C 255 -27.93 -31.27 -31.24
C THR C 255 -28.11 -30.54 -32.56
N ILE C 256 -27.39 -29.41 -32.71
CA ILE C 256 -27.63 -28.56 -33.86
C ILE C 256 -27.03 -29.16 -35.12
N SER C 257 -26.00 -29.99 -34.97
CA SER C 257 -25.36 -30.76 -36.04
C SER C 257 -24.81 -29.86 -37.15
N THR C 258 -23.74 -29.14 -36.80
CA THR C 258 -23.03 -28.34 -37.77
C THR C 258 -22.24 -29.23 -38.74
N ALA C 259 -21.46 -28.57 -39.61
CA ALA C 259 -20.92 -29.10 -40.87
C ALA C 259 -20.17 -30.42 -40.75
N LEU C 260 -19.03 -30.39 -40.07
CA LEU C 260 -18.28 -31.61 -39.81
C LEU C 260 -17.72 -31.67 -38.39
N ASP C 261 -17.96 -30.65 -37.57
CA ASP C 261 -17.45 -30.60 -36.21
C ASP C 261 -18.40 -31.43 -35.33
N ALA C 262 -18.22 -31.36 -34.01
CA ALA C 262 -19.10 -32.07 -33.11
C ALA C 262 -20.48 -31.44 -33.13
N PRO C 263 -21.54 -32.25 -33.13
CA PRO C 263 -22.89 -31.67 -33.11
C PRO C 263 -23.18 -31.03 -31.77
N ALA C 264 -23.19 -29.71 -31.74
CA ALA C 264 -23.22 -28.96 -30.49
C ALA C 264 -24.58 -29.04 -29.83
N LEU C 265 -24.58 -29.09 -28.50
CA LEU C 265 -25.78 -29.32 -27.73
C LEU C 265 -26.53 -27.99 -27.53
N VAL C 266 -27.81 -28.10 -27.19
CA VAL C 266 -28.64 -26.93 -26.99
C VAL C 266 -28.92 -26.66 -25.51
N CYS C 267 -28.97 -27.68 -24.67
CA CYS C 267 -29.38 -27.53 -23.29
C CYS C 267 -28.43 -28.35 -22.44
N CYS C 268 -27.65 -27.68 -21.59
CA CYS C 268 -26.70 -28.35 -20.72
C CYS C 268 -27.40 -29.20 -19.66
N GLU C 269 -28.63 -28.85 -19.31
CA GLU C 269 -29.35 -29.58 -18.27
C GLU C 269 -29.75 -30.97 -18.73
N GLN C 270 -30.04 -31.14 -20.03
CA GLN C 270 -30.35 -32.46 -20.54
C GLN C 270 -29.13 -33.35 -20.57
N LEU C 271 -27.96 -32.76 -20.87
CA LEU C 271 -26.72 -33.52 -20.79
C LEU C 271 -26.41 -33.96 -19.37
N LYS C 272 -26.60 -33.04 -18.41
CA LYS C 272 -26.43 -33.38 -16.99
C LYS C 272 -27.38 -34.49 -16.58
N PHE C 273 -28.62 -34.44 -17.06
CA PHE C 273 -29.60 -35.48 -16.76
C PHE C 273 -29.17 -36.83 -17.31
N VAL C 274 -28.72 -36.87 -18.57
CA VAL C 274 -28.41 -38.15 -19.20
C VAL C 274 -27.15 -38.76 -18.58
N LEU C 275 -26.15 -37.91 -18.29
CA LEU C 275 -24.93 -38.41 -17.66
C LEU C 275 -25.22 -38.92 -16.26
N THR C 276 -26.02 -38.20 -15.48
CA THR C 276 -26.39 -38.64 -14.14
C THR C 276 -27.23 -39.91 -14.20
N THR C 277 -28.08 -40.03 -15.22
CA THR C 277 -28.96 -41.18 -15.33
C THR C 277 -28.21 -42.45 -15.67
N MET C 278 -27.27 -42.37 -16.60
CA MET C 278 -26.53 -43.58 -16.92
C MET C 278 -25.39 -43.84 -15.95
N HIS C 279 -24.94 -42.84 -15.20
CA HIS C 279 -24.02 -43.12 -14.09
C HIS C 279 -24.74 -43.80 -12.94
N HIS C 280 -25.98 -43.40 -12.65
CA HIS C 280 -26.82 -44.15 -11.71
C HIS C 280 -27.14 -45.54 -12.23
N PHE C 281 -27.16 -45.71 -13.55
CA PHE C 281 -27.41 -47.01 -14.15
C PHE C 281 -26.20 -47.91 -14.01
N LEU C 282 -25.00 -47.35 -14.06
CA LEU C 282 -23.80 -48.16 -13.88
C LEU C 282 -23.51 -48.45 -12.41
N ASP C 283 -23.82 -47.50 -11.51
CA ASP C 283 -23.55 -47.69 -10.08
C ASP C 283 -24.28 -48.90 -9.51
N ASN C 284 -25.54 -49.06 -9.87
CA ASN C 284 -26.32 -50.16 -9.33
C ASN C 284 -26.16 -51.45 -10.10
N LYS C 285 -25.16 -51.51 -11.00
CA LYS C 285 -24.84 -52.69 -11.82
C LYS C 285 -26.03 -53.14 -12.64
N TYR C 286 -26.84 -52.19 -13.08
CA TYR C 286 -28.01 -52.46 -13.90
C TYR C 286 -27.58 -52.62 -15.35
N GLY C 287 -28.20 -53.58 -16.03
CA GLY C 287 -27.95 -53.78 -17.43
C GLY C 287 -26.57 -54.27 -17.78
N LEU C 288 -26.15 -55.39 -17.19
CA LEU C 288 -24.95 -56.08 -17.61
C LEU C 288 -25.34 -57.29 -18.44
N LEU C 289 -24.85 -57.36 -19.66
CA LEU C 289 -25.20 -58.44 -20.57
C LEU C 289 -24.02 -58.66 -21.51
N ASP C 290 -23.81 -59.92 -21.88
CA ASP C 290 -22.64 -60.29 -22.68
C ASP C 290 -22.78 -59.76 -24.10
N ASN C 291 -21.64 -59.32 -24.65
CA ASN C 291 -21.40 -58.76 -26.00
C ASN C 291 -22.55 -57.91 -26.53
N ASP C 292 -22.95 -56.94 -25.71
CA ASP C 292 -24.01 -55.99 -26.05
C ASP C 292 -23.42 -54.59 -26.10
N PRO C 293 -23.57 -53.85 -27.20
CA PRO C 293 -22.79 -52.62 -27.38
C PRO C 293 -23.40 -51.38 -26.77
N THR C 294 -24.56 -51.50 -26.11
CA THR C 294 -25.46 -50.36 -25.91
C THR C 294 -24.85 -49.31 -24.97
N MET C 295 -24.40 -49.74 -23.80
CA MET C 295 -23.80 -48.81 -22.85
C MET C 295 -22.48 -48.25 -23.36
N ALA C 296 -21.73 -49.07 -24.10
CA ALA C 296 -20.50 -48.61 -24.73
C ALA C 296 -20.78 -47.53 -25.77
N LYS C 297 -21.85 -47.71 -26.56
CA LYS C 297 -22.25 -46.69 -27.52
C LYS C 297 -22.65 -45.41 -26.82
N GLY C 298 -23.39 -45.52 -25.71
CA GLY C 298 -23.80 -44.34 -24.97
C GLY C 298 -22.63 -43.55 -24.41
N ILE C 299 -21.66 -44.25 -23.82
CA ILE C 299 -20.50 -43.59 -23.24
C ILE C 299 -19.64 -42.95 -24.33
N LEU C 300 -19.45 -43.64 -25.46
CA LEU C 300 -18.60 -43.10 -26.51
C LEU C 300 -19.26 -41.94 -27.24
N ARG C 301 -20.57 -42.05 -27.52
CA ARG C 301 -21.29 -40.95 -28.16
C ARG C 301 -21.31 -39.71 -27.29
N LEU C 302 -21.58 -39.87 -26.00
CA LEU C 302 -21.67 -38.70 -25.13
C LEU C 302 -20.31 -38.11 -24.84
N TYR C 303 -19.26 -38.92 -24.86
CA TYR C 303 -17.94 -38.32 -24.74
C TYR C 303 -17.54 -37.63 -26.04
N SER C 304 -18.03 -38.13 -27.18
CA SER C 304 -17.75 -37.50 -28.46
C SER C 304 -18.39 -36.12 -28.56
N LEU C 305 -19.53 -35.92 -27.90
CA LEU C 305 -20.12 -34.59 -27.84
C LEU C 305 -19.39 -33.68 -26.88
N CYS C 306 -18.50 -34.21 -26.04
CA CYS C 306 -17.82 -33.43 -25.03
C CYS C 306 -16.30 -33.57 -25.09
N ILE C 307 -15.72 -33.48 -26.30
CA ILE C 307 -14.30 -33.74 -26.45
C ILE C 307 -13.47 -32.58 -25.92
N SER C 308 -13.63 -31.40 -26.52
CA SER C 308 -12.87 -30.24 -26.08
C SER C 308 -13.72 -28.98 -26.06
N ASN C 309 -15.02 -29.11 -26.13
CA ASN C 309 -15.94 -27.99 -26.22
C ASN C 309 -16.25 -27.47 -24.82
N ASP C 310 -17.30 -26.66 -24.70
CA ASP C 310 -17.71 -26.07 -23.43
C ASP C 310 -18.27 -27.09 -22.45
N PHE C 311 -18.57 -28.31 -22.89
CA PHE C 311 -19.25 -29.29 -22.06
C PHE C 311 -18.33 -30.37 -21.52
N SER C 312 -17.01 -30.15 -21.57
CA SER C 312 -16.08 -31.16 -21.07
C SER C 312 -16.10 -31.22 -19.56
N LYS C 313 -16.19 -30.05 -18.90
CA LYS C 313 -16.36 -30.01 -17.46
C LYS C 313 -17.69 -30.63 -17.05
N CYS C 314 -18.73 -30.38 -17.85
CA CYS C 314 -20.04 -31.00 -17.62
C CYS C 314 -19.98 -32.51 -17.80
N PHE C 315 -19.07 -33.01 -18.62
CA PHE C 315 -18.92 -34.45 -18.74
C PHE C 315 -18.17 -35.02 -17.55
N VAL C 316 -17.07 -34.40 -17.16
CA VAL C 316 -16.22 -35.00 -16.14
C VAL C 316 -16.83 -34.85 -14.74
N ASP C 317 -17.70 -33.85 -14.54
CA ASP C 317 -18.30 -33.69 -13.22
C ASP C 317 -19.51 -34.60 -13.03
N HIS C 318 -20.28 -34.83 -14.09
CA HIS C 318 -21.53 -35.54 -13.96
C HIS C 318 -21.45 -36.99 -14.40
N PHE C 319 -20.42 -37.37 -15.13
CA PHE C 319 -20.11 -38.77 -15.40
C PHE C 319 -18.70 -39.02 -14.89
N PRO C 320 -18.54 -39.22 -13.58
CA PRO C 320 -17.20 -39.42 -13.03
C PRO C 320 -16.72 -40.84 -13.31
N ILE C 321 -15.48 -40.94 -13.80
CA ILE C 321 -14.96 -42.20 -14.29
C ILE C 321 -13.77 -42.71 -13.48
N ASP C 322 -13.10 -41.85 -12.71
CA ASP C 322 -11.81 -42.16 -12.11
C ASP C 322 -11.95 -42.89 -10.77
N GLN C 323 -13.07 -43.60 -10.55
CA GLN C 323 -13.33 -44.31 -9.31
C GLN C 323 -13.76 -45.73 -9.58
N TRP C 324 -13.52 -46.21 -10.80
CA TRP C 324 -13.71 -47.58 -11.21
C TRP C 324 -12.42 -48.16 -11.78
N ALA C 325 -11.30 -47.47 -11.59
CA ALA C 325 -10.10 -47.65 -12.39
C ALA C 325 -9.48 -49.03 -12.28
N ASP C 326 -8.87 -49.35 -11.14
CA ASP C 326 -8.33 -50.68 -10.81
C ASP C 326 -7.40 -51.22 -11.90
N PHE C 327 -6.24 -50.56 -12.02
CA PHE C 327 -5.29 -50.86 -13.08
C PHE C 327 -4.69 -52.26 -13.01
N SER C 328 -4.75 -52.90 -11.85
CA SER C 328 -3.95 -54.11 -11.60
C SER C 328 -4.55 -55.37 -12.20
N GLN C 329 -5.70 -55.30 -12.87
CA GLN C 329 -6.39 -56.50 -13.32
C GLN C 329 -6.61 -56.47 -14.83
N SER C 330 -6.61 -57.66 -15.43
CA SER C 330 -6.93 -57.78 -16.85
C SER C 330 -8.40 -57.51 -17.10
N GLU C 331 -9.27 -57.87 -16.16
CA GLU C 331 -10.65 -57.37 -16.14
C GLU C 331 -10.56 -55.93 -15.64
N HIS C 332 -10.32 -55.01 -16.57
CA HIS C 332 -9.73 -53.73 -16.25
C HIS C 332 -10.70 -52.79 -15.55
N PHE C 333 -11.92 -52.65 -16.05
CA PHE C 333 -12.99 -51.94 -15.38
C PHE C 333 -14.03 -53.00 -15.03
N PRO C 334 -14.98 -52.71 -14.12
CA PRO C 334 -15.80 -53.82 -13.61
C PRO C 334 -16.85 -54.41 -14.55
N PHE C 335 -17.34 -53.68 -15.56
CA PHE C 335 -18.67 -54.05 -16.04
C PHE C 335 -18.73 -55.19 -17.05
N THR C 336 -18.37 -54.94 -18.30
CA THR C 336 -18.40 -55.91 -19.40
C THR C 336 -17.38 -55.45 -20.41
N GLN C 337 -16.90 -56.40 -21.24
CA GLN C 337 -15.71 -56.19 -22.06
C GLN C 337 -15.87 -55.02 -23.03
N LEU C 338 -17.05 -54.89 -23.60
CA LEU C 338 -17.34 -53.73 -24.45
C LEU C 338 -17.44 -52.46 -23.63
N THR C 339 -18.16 -52.51 -22.51
CA THR C 339 -18.33 -51.33 -21.66
C THR C 339 -17.02 -50.94 -21.00
N ASN C 340 -16.25 -51.93 -20.55
CA ASN C 340 -14.94 -51.66 -19.96
C ASN C 340 -13.98 -51.10 -21.00
N LYS C 341 -14.10 -51.57 -22.24
CA LYS C 341 -13.26 -51.08 -23.31
C LYS C 341 -13.57 -49.63 -23.65
N ALA C 342 -14.86 -49.30 -23.77
CA ALA C 342 -15.27 -47.93 -24.09
C ALA C 342 -14.93 -46.97 -22.97
N LEU C 343 -15.16 -47.40 -21.73
CA LEU C 343 -14.81 -46.57 -20.58
C LEU C 343 -13.31 -46.41 -20.45
N SER C 344 -12.54 -47.42 -20.85
CA SER C 344 -11.09 -47.30 -20.84
C SER C 344 -10.60 -46.31 -21.89
N ILE C 345 -11.29 -46.26 -23.04
CA ILE C 345 -10.92 -45.30 -24.07
C ILE C 345 -11.25 -43.88 -23.63
N VAL C 346 -12.41 -43.70 -22.98
CA VAL C 346 -12.79 -42.40 -22.44
C VAL C 346 -11.82 -41.96 -21.35
N TYR C 347 -11.42 -42.90 -20.49
CA TYR C 347 -10.45 -42.62 -19.44
C TYR C 347 -9.10 -42.26 -20.03
N PHE C 348 -8.70 -42.94 -21.11
CA PHE C 348 -7.45 -42.65 -21.78
C PHE C 348 -7.45 -41.27 -22.39
N ASP C 349 -8.57 -40.85 -22.99
CA ASP C 349 -8.62 -39.55 -23.62
C ASP C 349 -8.66 -38.43 -22.59
N LEU C 350 -9.39 -38.64 -21.49
CA LEU C 350 -9.40 -37.67 -20.41
C LEU C 350 -8.03 -37.54 -19.76
N LYS C 351 -7.33 -38.67 -19.56
CA LYS C 351 -6.02 -38.63 -18.97
C LYS C 351 -4.99 -38.02 -19.92
N ARG C 352 -5.19 -38.19 -21.23
CA ARG C 352 -4.30 -37.58 -22.20
C ARG C 352 -4.44 -36.07 -22.20
N ARG C 353 -5.68 -35.56 -22.28
CA ARG C 353 -5.84 -34.12 -22.26
C ARG C 353 -5.64 -33.52 -20.88
N SER C 354 -5.57 -34.32 -19.82
CA SER C 354 -5.16 -33.80 -18.53
C SER C 354 -3.67 -33.49 -18.51
N LEU C 355 -2.86 -34.44 -18.97
CA LEU C 355 -1.40 -34.33 -18.90
C LEU C 355 -0.89 -33.25 -19.83
N PRO C 356 0.30 -32.70 -19.56
CA PRO C 356 0.89 -31.71 -20.47
C PRO C 356 1.36 -32.34 -21.78
N VAL C 357 1.81 -31.45 -22.68
CA VAL C 357 2.24 -31.87 -24.01
C VAL C 357 3.54 -32.66 -23.93
N GLU C 358 4.48 -32.18 -23.10
CA GLU C 358 5.78 -32.83 -22.95
C GLU C 358 5.69 -34.21 -22.31
N ALA C 359 4.61 -34.49 -21.57
CA ALA C 359 4.45 -35.80 -20.95
C ALA C 359 3.89 -36.84 -21.90
N LEU C 360 3.61 -36.49 -23.15
CA LEU C 360 3.04 -37.42 -24.10
C LEU C 360 3.84 -37.40 -25.39
N LYS C 361 3.88 -38.55 -26.05
CA LYS C 361 4.65 -38.75 -27.26
C LYS C 361 3.75 -39.28 -28.36
N TYR C 362 4.22 -39.18 -29.59
CA TYR C 362 3.48 -39.65 -30.75
C TYR C 362 3.86 -41.09 -31.05
N ASP C 363 2.87 -41.89 -31.40
CA ASP C 363 3.07 -43.34 -31.49
C ASP C 363 3.87 -43.71 -32.73
N ASN C 364 3.53 -43.12 -33.89
CA ASN C 364 3.98 -43.48 -35.23
C ASN C 364 3.60 -44.90 -35.65
N LYS C 365 2.76 -45.59 -34.89
CA LYS C 365 2.21 -46.88 -35.27
C LYS C 365 0.70 -46.85 -35.40
N PHE C 366 0.00 -46.41 -34.36
CA PHE C 366 -1.44 -46.22 -34.40
C PHE C 366 -1.84 -44.79 -34.69
N ASN C 367 -0.86 -43.90 -34.85
CA ASN C 367 -1.05 -42.48 -35.17
C ASN C 367 -1.89 -41.76 -34.12
N ILE C 368 -1.67 -42.10 -32.86
CA ILE C 368 -2.35 -41.46 -31.74
C ILE C 368 -1.30 -40.99 -30.75
N TRP C 369 -1.54 -39.84 -30.14
CA TRP C 369 -0.68 -39.39 -29.06
C TRP C 369 -0.98 -40.21 -27.80
N VAL C 370 0.05 -40.47 -27.01
CA VAL C 370 -0.06 -41.43 -25.92
C VAL C 370 0.95 -41.05 -24.85
N TYR C 371 0.60 -41.31 -23.59
CA TYR C 371 1.50 -41.09 -22.46
C TYR C 371 2.28 -42.35 -22.13
N GLN C 372 3.21 -42.21 -21.18
CA GLN C 372 4.00 -43.35 -20.71
C GLN C 372 3.11 -44.36 -20.02
N SER C 373 3.15 -45.60 -20.52
CA SER C 373 2.02 -46.52 -20.50
C SER C 373 1.55 -46.91 -19.10
N GLU C 374 2.33 -47.70 -18.35
CA GLU C 374 2.03 -48.19 -17.00
C GLU C 374 3.20 -49.02 -16.50
N PRO C 375 3.28 -49.36 -15.21
CA PRO C 375 4.11 -50.51 -14.83
C PRO C 375 3.58 -51.82 -15.38
N ASP C 376 2.25 -51.96 -15.48
CA ASP C 376 1.59 -53.03 -16.21
C ASP C 376 1.44 -52.59 -17.67
N SER C 377 0.57 -53.26 -18.42
CA SER C 377 0.30 -52.77 -19.78
C SER C 377 -0.73 -51.64 -19.78
N SER C 378 -1.98 -51.97 -19.46
CA SER C 378 -3.15 -51.08 -19.37
C SER C 378 -3.46 -50.31 -20.67
N LEU C 379 -2.76 -50.60 -21.78
CA LEU C 379 -2.94 -49.90 -23.04
C LEU C 379 -3.42 -50.82 -24.15
N LYS C 380 -3.73 -52.08 -23.82
CA LYS C 380 -4.23 -52.99 -24.84
C LYS C 380 -5.61 -52.57 -25.33
N ASN C 381 -6.60 -52.55 -24.43
CA ASN C 381 -8.00 -52.40 -24.82
C ASN C 381 -8.32 -51.03 -25.42
N VAL C 382 -7.44 -50.04 -25.25
CA VAL C 382 -7.70 -48.75 -25.87
C VAL C 382 -7.37 -48.81 -27.37
N THR C 383 -6.44 -49.68 -27.77
CA THR C 383 -6.03 -49.79 -29.17
C THR C 383 -5.76 -51.23 -29.60
N SER C 384 -6.66 -52.15 -29.27
CA SER C 384 -6.33 -53.57 -29.25
C SER C 384 -5.98 -54.28 -30.57
N PRO C 385 -6.46 -53.88 -31.77
CA PRO C 385 -7.39 -52.89 -32.34
C PRO C 385 -8.81 -53.28 -32.06
N PHE C 386 -9.75 -52.54 -32.62
CA PHE C 386 -11.07 -52.47 -32.02
C PHE C 386 -11.89 -53.71 -32.33
N ASP C 387 -13.10 -53.72 -31.80
CA ASP C 387 -13.81 -54.95 -31.44
C ASP C 387 -14.43 -55.70 -32.60
N ASP C 388 -15.36 -56.59 -32.27
CA ASP C 388 -16.21 -57.32 -33.20
C ASP C 388 -16.98 -56.35 -34.11
N ARG C 389 -17.61 -56.90 -35.15
CA ARG C 389 -18.24 -56.07 -36.16
C ARG C 389 -19.49 -55.39 -35.59
N TYR C 390 -19.24 -54.27 -34.93
CA TYR C 390 -20.20 -53.32 -34.39
C TYR C 390 -19.77 -51.99 -35.00
N LYS C 391 -20.29 -51.69 -36.20
CA LYS C 391 -19.56 -50.83 -37.15
C LYS C 391 -19.44 -49.39 -36.66
N GLN C 392 -20.35 -48.93 -35.82
CA GLN C 392 -20.24 -47.56 -35.32
C GLN C 392 -19.22 -47.43 -34.21
N LEU C 393 -18.94 -48.54 -33.50
CA LEU C 393 -18.10 -48.47 -32.30
C LEU C 393 -16.67 -48.12 -32.64
N GLU C 394 -16.10 -48.81 -33.63
CA GLU C 394 -14.71 -48.56 -33.98
C GLU C 394 -14.50 -47.19 -34.60
N LYS C 395 -15.53 -46.60 -35.22
CA LYS C 395 -15.32 -45.27 -35.76
C LYS C 395 -15.51 -44.22 -34.69
N LEU C 396 -16.40 -44.46 -33.72
CA LEU C 396 -16.44 -43.65 -32.50
C LEU C 396 -15.08 -43.66 -31.80
N ARG C 397 -14.47 -44.83 -31.73
CA ARG C 397 -13.20 -44.98 -31.04
C ARG C 397 -12.06 -44.34 -31.82
N LEU C 398 -12.11 -44.42 -33.15
CA LEU C 398 -11.17 -43.67 -33.99
C LEU C 398 -11.33 -42.16 -33.82
N LEU C 399 -12.56 -41.67 -33.71
CA LEU C 399 -12.75 -40.22 -33.55
C LEU C 399 -12.25 -39.76 -32.19
N VAL C 400 -12.54 -40.54 -31.14
CA VAL C 400 -12.08 -40.20 -29.80
C VAL C 400 -10.56 -40.22 -29.73
N LEU C 401 -9.93 -41.19 -30.39
CA LEU C 401 -8.47 -41.26 -30.30
C LEU C 401 -7.77 -40.30 -31.27
N LYS C 402 -8.41 -39.94 -32.37
CA LYS C 402 -7.75 -39.16 -33.41
C LYS C 402 -8.12 -37.69 -33.41
N LYS C 403 -9.09 -37.27 -32.59
CA LYS C 403 -9.43 -35.85 -32.53
C LYS C 403 -8.36 -35.02 -31.84
N PHE C 404 -7.40 -35.65 -31.16
CA PHE C 404 -6.34 -34.92 -30.47
C PHE C 404 -5.26 -34.43 -31.41
N ASN C 405 -5.23 -34.96 -32.65
CA ASN C 405 -4.05 -34.86 -33.52
C ASN C 405 -3.73 -33.44 -33.95
N LYS C 406 -4.72 -32.54 -33.94
CA LYS C 406 -4.57 -31.12 -34.28
C LYS C 406 -3.99 -30.93 -35.68
N THR C 407 -4.39 -31.80 -36.60
CA THR C 407 -3.91 -31.79 -37.97
C THR C 407 -4.64 -30.73 -38.79
N GLU C 408 -4.55 -30.83 -40.11
CA GLU C 408 -5.36 -30.00 -40.99
C GLU C 408 -6.83 -30.27 -40.72
N ARG C 409 -7.54 -29.28 -40.19
CA ARG C 409 -8.92 -29.45 -39.79
C ARG C 409 -9.81 -29.61 -41.02
N GLY C 410 -10.95 -30.26 -40.81
CA GLY C 410 -11.84 -30.58 -41.90
C GLY C 410 -12.49 -29.33 -42.47
N THR C 411 -12.51 -29.23 -43.79
CA THR C 411 -12.99 -28.04 -44.47
C THR C 411 -13.85 -28.53 -45.63
N LEU C 412 -14.80 -27.70 -46.07
CA LEU C 412 -15.84 -28.17 -46.96
C LEU C 412 -15.32 -28.45 -48.37
N LEU C 413 -14.56 -27.52 -48.94
CA LEU C 413 -14.02 -27.76 -50.27
C LEU C 413 -12.86 -28.76 -50.23
N LYS C 414 -12.13 -28.82 -49.12
CA LYS C 414 -11.13 -29.87 -48.96
C LYS C 414 -11.78 -31.23 -48.84
N TYR C 415 -12.97 -31.29 -48.23
CA TYR C 415 -13.75 -32.52 -48.24
C TYR C 415 -14.15 -32.88 -49.67
N ARG C 416 -14.72 -31.92 -50.38
CA ARG C 416 -15.26 -32.25 -51.69
C ARG C 416 -14.20 -32.39 -52.78
N VAL C 417 -12.93 -32.10 -52.49
CA VAL C 417 -11.89 -32.56 -53.40
C VAL C 417 -11.31 -33.88 -52.91
N ASN C 418 -11.32 -34.12 -51.59
CA ASN C 418 -10.89 -35.42 -51.10
C ASN C 418 -11.95 -36.49 -51.32
N GLN C 419 -13.22 -36.10 -51.45
CA GLN C 419 -14.27 -37.01 -51.87
C GLN C 419 -14.20 -37.29 -53.37
N LEU C 420 -13.49 -36.46 -54.11
CA LEU C 420 -13.50 -36.52 -55.57
C LEU C 420 -12.19 -37.05 -56.14
N SER C 421 -11.05 -36.44 -55.77
CA SER C 421 -9.73 -36.99 -56.07
C SER C 421 -9.15 -37.48 -54.76
N PRO C 422 -9.35 -38.76 -54.42
CA PRO C 422 -9.09 -39.22 -53.04
C PRO C 422 -7.60 -39.25 -52.71
N GLY C 423 -7.27 -38.75 -51.53
CA GLY C 423 -5.90 -38.65 -51.11
C GLY C 423 -5.16 -37.61 -51.91
N PHE C 424 -5.60 -36.36 -51.84
CA PHE C 424 -4.94 -35.29 -52.56
C PHE C 424 -3.96 -34.50 -51.72
N PHE C 425 -4.20 -34.35 -50.42
CA PHE C 425 -3.39 -33.47 -49.58
C PHE C 425 -2.25 -34.21 -48.88
N GLN C 426 -1.70 -35.25 -49.51
CA GLN C 426 -0.46 -35.87 -49.08
C GLN C 426 0.76 -35.20 -49.69
N ARG C 427 0.62 -33.94 -50.10
CA ARG C 427 1.62 -33.20 -50.87
C ARG C 427 1.64 -31.79 -50.30
N ALA C 428 2.15 -30.83 -51.09
CA ALA C 428 2.02 -29.41 -50.76
C ALA C 428 0.56 -29.03 -50.48
N GLY C 429 -0.32 -29.23 -51.45
CA GLY C 429 -1.75 -29.07 -51.21
C GLY C 429 -2.23 -27.64 -51.11
N ASN C 430 -1.80 -26.93 -50.06
CA ASN C 430 -2.24 -25.57 -49.81
C ASN C 430 -1.70 -24.57 -50.82
N ASP C 431 -0.69 -24.94 -51.61
CA ASP C 431 -0.30 -24.13 -52.74
C ASP C 431 -1.39 -24.15 -53.80
N PHE C 432 -1.62 -23.00 -54.43
CA PHE C 432 -2.85 -22.78 -55.18
C PHE C 432 -2.73 -23.13 -56.65
N LYS C 433 -1.53 -23.05 -57.23
CA LYS C 433 -1.39 -23.24 -58.66
C LYS C 433 -1.55 -24.70 -59.07
N LEU C 434 -1.30 -25.64 -58.16
CA LEU C 434 -1.29 -27.05 -58.52
C LEU C 434 -2.68 -27.67 -58.55
N ILE C 435 -3.61 -27.18 -57.71
CA ILE C 435 -4.96 -27.73 -57.73
C ILE C 435 -5.70 -27.31 -59.00
N LEU C 436 -5.37 -26.14 -59.56
CA LEU C 436 -5.92 -25.75 -60.85
C LEU C 436 -5.48 -26.70 -61.96
N ASN C 437 -4.23 -27.12 -61.95
CA ASN C 437 -3.77 -28.03 -62.99
C ASN C 437 -4.25 -29.45 -62.76
N GLU C 438 -4.44 -29.87 -61.51
CA GLU C 438 -5.05 -31.16 -61.25
C GLU C 438 -6.50 -31.19 -61.72
N ALA C 439 -7.25 -30.12 -61.42
CA ALA C 439 -8.61 -29.98 -61.94
C ALA C 439 -8.62 -29.86 -63.46
N SER C 440 -7.58 -29.26 -64.04
CA SER C 440 -7.50 -29.12 -65.49
C SER C 440 -7.26 -30.47 -66.16
N VAL C 441 -6.36 -31.29 -65.63
CA VAL C 441 -6.10 -32.58 -66.26
C VAL C 441 -7.26 -33.54 -66.00
N SER C 442 -7.99 -33.37 -64.89
CA SER C 442 -9.19 -34.16 -64.70
C SER C 442 -10.40 -33.60 -65.43
N ILE C 443 -10.33 -32.35 -65.91
CA ILE C 443 -11.44 -31.75 -66.61
C ILE C 443 -11.24 -31.78 -68.12
N GLN C 444 -10.04 -32.08 -68.60
CA GLN C 444 -9.79 -32.17 -70.03
C GLN C 444 -9.75 -33.61 -70.52
N THR C 445 -9.28 -34.54 -69.70
CA THR C 445 -8.85 -35.83 -70.19
C THR C 445 -9.72 -36.99 -69.71
N CYS C 446 -9.90 -37.15 -68.39
CA CYS C 446 -10.29 -38.44 -67.84
C CYS C 446 -11.77 -38.75 -67.96
N PHE C 447 -12.52 -38.04 -68.81
CA PHE C 447 -13.90 -38.37 -69.10
C PHE C 447 -14.03 -38.69 -70.58
N LYS C 448 -14.72 -39.78 -70.90
CA LYS C 448 -15.17 -40.00 -72.27
C LYS C 448 -16.62 -39.55 -72.43
N THR C 449 -17.54 -40.24 -71.76
CA THR C 449 -18.90 -39.74 -71.57
C THR C 449 -19.47 -40.14 -70.22
N ASN C 450 -18.70 -40.79 -69.35
CA ASN C 450 -19.27 -41.49 -68.20
C ASN C 450 -19.61 -40.55 -67.06
N ASN C 451 -18.94 -39.41 -66.99
CA ASN C 451 -19.03 -38.58 -65.80
C ASN C 451 -20.16 -37.54 -65.90
N ILE C 452 -21.41 -38.00 -66.03
CA ILE C 452 -22.53 -37.06 -65.95
C ILE C 452 -22.88 -36.71 -64.52
N THR C 453 -22.13 -37.23 -63.55
CA THR C 453 -22.19 -36.89 -62.13
C THR C 453 -20.88 -36.31 -61.63
N ARG C 454 -19.77 -36.89 -62.06
CA ARG C 454 -18.48 -36.41 -61.61
C ARG C 454 -18.16 -35.05 -62.20
N LEU C 455 -18.64 -34.74 -63.41
CA LEU C 455 -18.48 -33.39 -63.94
C LEU C 455 -19.30 -32.37 -63.17
N THR C 456 -20.45 -32.77 -62.62
CA THR C 456 -21.20 -31.84 -61.77
C THR C 456 -20.47 -31.59 -60.47
N SER C 457 -19.83 -32.63 -59.93
CA SER C 457 -18.97 -32.41 -58.76
C SER C 457 -17.75 -31.57 -59.12
N TRP C 458 -17.21 -31.74 -60.32
CA TRP C 458 -16.09 -30.91 -60.73
C TRP C 458 -16.51 -29.47 -60.93
N THR C 459 -17.73 -29.22 -61.40
CA THR C 459 -18.12 -27.84 -61.57
C THR C 459 -18.58 -27.20 -60.27
N VAL C 460 -18.99 -27.97 -59.26
CA VAL C 460 -19.19 -27.32 -57.96
C VAL C 460 -17.84 -27.01 -57.32
N ILE C 461 -16.81 -27.82 -57.60
CA ILE C 461 -15.46 -27.48 -57.15
C ILE C 461 -14.93 -26.26 -57.90
N LEU C 462 -15.20 -26.18 -59.20
CA LEU C 462 -14.78 -25.01 -59.97
C LEU C 462 -15.56 -23.77 -59.57
N GLY C 463 -16.78 -23.95 -59.05
CA GLY C 463 -17.48 -22.83 -58.47
C GLY C 463 -16.80 -22.34 -57.20
N ARG C 464 -16.43 -23.28 -56.31
CA ARG C 464 -15.88 -22.86 -55.03
C ARG C 464 -14.43 -22.42 -55.14
N LEU C 465 -13.65 -23.01 -56.06
CA LEU C 465 -12.28 -22.58 -56.25
C LEU C 465 -12.22 -21.20 -56.92
N ALA C 466 -13.28 -20.83 -57.63
CA ALA C 466 -13.34 -19.53 -58.29
C ALA C 466 -13.36 -18.40 -57.29
N CYS C 467 -14.11 -18.58 -56.21
CA CYS C 467 -14.09 -17.63 -55.11
C CYS C 467 -12.72 -17.57 -54.46
N LEU C 468 -12.11 -18.73 -54.24
CA LEU C 468 -10.83 -18.79 -53.54
C LEU C 468 -9.70 -18.19 -54.38
N GLU C 469 -9.87 -18.17 -55.70
CA GLU C 469 -8.95 -17.41 -56.54
C GLU C 469 -9.14 -15.92 -56.34
N SER C 470 -10.35 -15.50 -56.03
CA SER C 470 -10.64 -14.07 -55.94
C SER C 470 -10.16 -13.47 -54.63
N GLU C 471 -9.75 -14.32 -53.68
CA GLU C 471 -9.32 -13.80 -52.39
C GLU C 471 -7.87 -13.35 -52.40
N LYS C 472 -7.15 -13.61 -53.49
CA LYS C 472 -5.85 -12.98 -53.66
C LYS C 472 -6.02 -11.75 -54.54
N PHE C 473 -5.19 -10.74 -54.26
CA PHE C 473 -5.45 -9.30 -54.49
C PHE C 473 -6.91 -8.92 -54.22
N SER C 474 -7.42 -9.37 -53.08
CA SER C 474 -8.79 -9.04 -52.68
C SER C 474 -8.86 -7.64 -52.11
N SER C 480 -3.30 -11.70 -50.27
CA SER C 480 -2.04 -12.43 -50.29
C SER C 480 -1.69 -12.99 -48.93
N THR C 481 -2.72 -13.38 -48.16
CA THR C 481 -2.52 -13.87 -46.81
C THR C 481 -3.29 -15.16 -46.61
N LYS C 482 -4.38 -15.33 -47.36
CA LYS C 482 -5.32 -16.43 -47.14
C LYS C 482 -4.73 -17.75 -47.63
N ASP C 483 -5.47 -18.84 -47.42
CA ASP C 483 -4.93 -20.16 -47.67
C ASP C 483 -6.06 -21.12 -48.01
N MET C 484 -5.69 -22.29 -48.50
CA MET C 484 -6.62 -23.33 -48.90
C MET C 484 -7.35 -23.96 -47.71
N ASP C 485 -6.68 -24.06 -46.56
CA ASP C 485 -7.21 -24.85 -45.46
C ASP C 485 -8.26 -24.09 -44.64
N ASN C 486 -8.00 -22.82 -44.33
CA ASN C 486 -8.95 -22.02 -43.56
C ASN C 486 -9.84 -21.18 -44.48
N TRP C 487 -10.46 -21.83 -45.45
CA TRP C 487 -11.49 -21.21 -46.29
C TRP C 487 -12.74 -22.06 -46.11
N TYR C 488 -13.64 -21.66 -45.22
CA TYR C 488 -14.82 -22.46 -44.95
C TYR C 488 -15.89 -22.20 -46.00
N VAL C 489 -16.35 -20.95 -46.10
CA VAL C 489 -17.33 -20.52 -47.09
C VAL C 489 -16.92 -19.16 -47.61
N CYS C 490 -17.62 -18.71 -48.64
CA CYS C 490 -17.34 -17.42 -49.24
C CYS C 490 -17.87 -16.29 -48.38
N HIS C 491 -17.14 -15.17 -48.36
CA HIS C 491 -17.61 -14.00 -47.63
C HIS C 491 -18.61 -13.18 -48.42
N LEU C 492 -18.83 -13.52 -49.68
CA LEU C 492 -19.68 -12.76 -50.58
C LEU C 492 -20.77 -13.61 -51.19
N CYS C 493 -20.46 -14.84 -51.58
CA CYS C 493 -21.44 -15.68 -52.25
C CYS C 493 -22.17 -16.59 -51.30
N ASP C 494 -21.70 -16.72 -50.06
CA ASP C 494 -22.28 -17.65 -49.10
C ASP C 494 -22.94 -16.95 -47.94
N ILE C 495 -22.23 -16.11 -47.22
CA ILE C 495 -22.91 -15.27 -46.24
C ILE C 495 -23.50 -14.08 -46.98
N GLU C 496 -24.62 -13.58 -46.48
CA GLU C 496 -25.23 -12.44 -47.14
C GLU C 496 -25.69 -11.44 -46.11
N LYS C 497 -25.82 -10.20 -46.56
CA LYS C 497 -26.08 -9.08 -45.69
C LYS C 497 -27.42 -8.45 -46.06
N THR C 498 -27.72 -7.32 -45.45
CA THR C 498 -28.99 -6.65 -45.70
C THR C 498 -28.84 -5.63 -46.82
N GLY C 499 -29.97 -5.16 -47.31
CA GLY C 499 -29.98 -4.17 -48.36
C GLY C 499 -29.92 -4.79 -49.74
N ASN C 500 -29.52 -3.97 -50.69
CA ASN C 500 -29.38 -4.40 -52.07
C ASN C 500 -28.22 -5.36 -52.20
N PRO C 501 -28.45 -6.61 -52.62
CA PRO C 501 -27.36 -7.59 -52.68
C PRO C 501 -26.36 -7.35 -53.80
N PHE C 502 -26.63 -6.45 -54.73
CA PHE C 502 -25.72 -6.19 -55.82
C PHE C 502 -24.90 -4.93 -55.60
N VAL C 503 -25.00 -4.32 -54.42
CA VAL C 503 -24.05 -3.31 -54.01
C VAL C 503 -22.75 -3.97 -53.57
N ARG C 504 -22.82 -5.22 -53.12
CA ARG C 504 -21.65 -5.89 -52.57
C ARG C 504 -20.65 -6.28 -53.64
N ILE C 505 -21.10 -6.63 -54.83
CA ILE C 505 -20.20 -7.06 -55.88
C ILE C 505 -19.56 -5.85 -56.54
N ASN C 506 -18.29 -5.98 -56.86
CA ASN C 506 -17.46 -4.83 -57.20
C ASN C 506 -17.62 -4.50 -58.68
N PRO C 507 -17.86 -3.24 -59.05
CA PRO C 507 -17.80 -2.90 -60.48
C PRO C 507 -16.43 -3.11 -61.10
N ASN C 508 -15.38 -2.56 -60.50
CA ASN C 508 -14.03 -2.73 -61.04
C ASN C 508 -13.30 -3.90 -60.40
N ARG C 509 -13.95 -5.05 -60.39
CA ARG C 509 -13.31 -6.30 -60.04
C ARG C 509 -12.57 -6.80 -61.29
N PRO C 510 -11.62 -7.74 -61.13
CA PRO C 510 -10.88 -8.22 -62.31
C PRO C 510 -11.78 -8.96 -63.29
N GLU C 511 -11.43 -8.85 -64.57
CA GLU C 511 -12.20 -9.50 -65.63
C GLU C 511 -11.99 -11.01 -65.59
N ALA C 512 -12.98 -11.75 -66.08
CA ALA C 512 -12.97 -13.19 -65.91
C ALA C 512 -11.99 -13.86 -66.86
N ALA C 513 -12.02 -13.48 -68.13
CA ALA C 513 -11.14 -14.10 -69.11
C ALA C 513 -9.70 -13.67 -68.92
N GLY C 514 -9.47 -12.43 -68.49
CA GLY C 514 -8.11 -11.92 -68.41
C GLY C 514 -7.31 -12.49 -67.26
N LYS C 515 -7.94 -12.67 -66.10
CA LYS C 515 -7.19 -13.03 -64.91
C LYS C 515 -7.64 -14.34 -64.27
N SER C 516 -8.92 -14.62 -64.20
CA SER C 516 -9.39 -15.83 -63.55
C SER C 516 -9.14 -17.01 -64.47
N GLU C 517 -8.13 -17.82 -64.16
CA GLU C 517 -7.82 -18.98 -64.97
C GLU C 517 -8.88 -20.07 -64.85
N ILE C 518 -9.71 -20.01 -63.82
CA ILE C 518 -10.77 -20.99 -63.70
C ILE C 518 -11.91 -20.71 -64.67
N PHE C 519 -12.09 -19.47 -65.10
CA PHE C 519 -13.04 -19.22 -66.18
C PHE C 519 -12.46 -19.65 -67.52
N ARG C 520 -11.13 -19.59 -67.66
CA ARG C 520 -10.47 -20.20 -68.82
C ARG C 520 -10.73 -21.70 -68.86
N ILE C 521 -10.66 -22.35 -67.69
CA ILE C 521 -11.01 -23.77 -67.59
C ILE C 521 -12.48 -23.99 -67.94
N LEU C 522 -13.35 -23.11 -67.45
CA LEU C 522 -14.80 -23.30 -67.56
C LEU C 522 -15.24 -23.13 -69.00
N HIS C 523 -14.67 -22.14 -69.70
CA HIS C 523 -14.94 -21.95 -71.12
C HIS C 523 -14.24 -23.01 -71.96
N SER C 524 -13.09 -23.52 -71.52
CA SER C 524 -12.37 -24.49 -72.31
C SER C 524 -13.09 -25.83 -72.36
N ASN C 525 -13.56 -26.31 -71.21
CA ASN C 525 -14.32 -27.56 -71.27
C ASN C 525 -15.78 -27.30 -71.65
N PHE C 526 -16.50 -26.57 -70.81
CA PHE C 526 -17.96 -26.67 -70.76
C PHE C 526 -18.63 -25.82 -71.83
N LEU C 527 -18.34 -24.52 -71.83
CA LEU C 527 -19.07 -23.60 -72.69
C LEU C 527 -18.66 -23.67 -74.15
N SER C 528 -17.55 -24.32 -74.47
CA SER C 528 -17.16 -24.55 -75.84
C SER C 528 -17.38 -25.98 -76.28
N HIS C 529 -17.96 -26.81 -75.43
CA HIS C 529 -18.32 -28.16 -75.80
C HIS C 529 -19.46 -28.10 -76.82
N PRO C 530 -19.40 -28.86 -77.91
CA PRO C 530 -20.39 -28.71 -78.98
C PRO C 530 -21.75 -29.34 -78.70
N ASN C 531 -22.02 -29.80 -77.47
CA ASN C 531 -23.27 -30.46 -77.14
C ASN C 531 -23.85 -29.88 -75.86
N ILE C 532 -23.92 -28.55 -75.78
CA ILE C 532 -24.45 -27.89 -74.59
C ILE C 532 -25.94 -28.15 -74.44
N ASP C 533 -26.68 -28.13 -75.54
CA ASP C 533 -28.11 -28.37 -75.47
C ASP C 533 -28.48 -29.81 -75.11
N GLU C 534 -27.51 -30.74 -75.00
CA GLU C 534 -27.71 -31.94 -74.20
C GLU C 534 -26.44 -32.23 -73.38
N PHE C 535 -26.32 -31.59 -72.22
CA PHE C 535 -25.47 -32.17 -71.16
C PHE C 535 -26.31 -33.11 -70.31
N SER C 536 -27.16 -32.53 -69.49
CA SER C 536 -28.17 -33.06 -68.57
C SER C 536 -28.69 -31.81 -67.88
N GLU C 537 -29.82 -31.93 -67.20
CA GLU C 537 -30.32 -30.75 -66.51
C GLU C 537 -29.48 -30.41 -65.29
N SER C 538 -28.93 -31.43 -64.63
CA SER C 538 -28.15 -31.20 -63.42
C SER C 538 -26.78 -30.60 -63.74
N LEU C 539 -26.17 -31.01 -64.85
CA LEU C 539 -24.89 -30.41 -65.23
C LEU C 539 -25.08 -28.98 -65.72
N LEU C 540 -26.22 -28.68 -66.34
CA LEU C 540 -26.53 -27.30 -66.67
C LEU C 540 -26.71 -26.46 -65.42
N SER C 541 -27.41 -27.00 -64.41
CA SER C 541 -27.58 -26.26 -63.16
C SER C 541 -26.25 -26.06 -62.45
N GLY C 542 -25.37 -27.06 -62.52
CA GLY C 542 -24.06 -26.93 -61.90
C GLY C 542 -23.17 -25.91 -62.60
N ILE C 543 -23.21 -25.91 -63.93
CA ILE C 543 -22.39 -24.95 -64.66
C ILE C 543 -22.95 -23.54 -64.49
N LEU C 544 -24.26 -23.42 -64.26
CA LEU C 544 -24.85 -22.13 -63.96
C LEU C 544 -24.48 -21.63 -62.57
N PHE C 545 -24.44 -22.53 -61.57
CA PHE C 545 -23.97 -22.14 -60.23
C PHE C 545 -22.53 -21.67 -60.28
N SER C 546 -21.67 -22.45 -60.94
CA SER C 546 -20.25 -22.11 -61.00
C SER C 546 -20.02 -20.82 -61.76
N LEU C 547 -20.78 -20.61 -62.83
CA LEU C 547 -20.67 -19.38 -63.59
C LEU C 547 -21.23 -18.20 -62.82
N HIS C 548 -22.22 -18.44 -61.95
CA HIS C 548 -22.68 -17.41 -61.02
C HIS C 548 -21.57 -17.00 -60.06
N ARG C 549 -20.83 -17.98 -59.54
CA ARG C 549 -19.76 -17.65 -58.60
C ARG C 549 -18.61 -16.93 -59.29
N ILE C 550 -18.30 -17.33 -60.53
CA ILE C 550 -17.24 -16.65 -61.29
C ILE C 550 -17.64 -15.21 -61.60
N PHE C 551 -18.85 -15.01 -62.11
CA PHE C 551 -19.24 -13.67 -62.52
C PHE C 551 -19.65 -12.79 -61.36
N SER C 552 -19.86 -13.37 -60.18
CA SER C 552 -19.98 -12.56 -58.99
C SER C 552 -18.62 -12.17 -58.43
N HIS C 553 -17.61 -13.00 -58.65
CA HIS C 553 -16.26 -12.63 -58.22
C HIS C 553 -15.41 -12.02 -59.33
N PHE C 554 -15.82 -12.10 -60.59
CA PHE C 554 -15.04 -11.54 -61.70
C PHE C 554 -15.97 -10.88 -62.70
N GLN C 555 -15.45 -9.89 -63.44
CA GLN C 555 -16.26 -9.23 -64.46
C GLN C 555 -16.50 -10.16 -65.63
N PRO C 556 -17.75 -10.34 -66.07
CA PRO C 556 -18.03 -11.23 -67.19
C PRO C 556 -17.52 -10.65 -68.50
N PRO C 557 -17.27 -11.47 -69.52
CA PRO C 557 -16.78 -10.93 -70.78
C PRO C 557 -17.86 -10.15 -71.53
N LYS C 558 -17.41 -9.42 -72.56
CA LYS C 558 -18.31 -8.61 -73.37
C LYS C 558 -19.31 -9.49 -74.10
N LEU C 559 -20.59 -9.15 -74.01
CA LEU C 559 -21.63 -10.00 -74.56
C LEU C 559 -21.72 -9.94 -76.07
N THR C 560 -21.23 -8.89 -76.71
CA THR C 560 -21.29 -8.77 -78.16
C THR C 560 -20.16 -7.86 -78.63
N ASP C 561 -19.37 -8.34 -79.60
CA ASP C 561 -18.43 -7.47 -80.28
C ASP C 561 -19.05 -6.79 -81.50
N GLY C 562 -19.97 -7.45 -82.18
CA GLY C 562 -20.63 -6.89 -83.34
C GLY C 562 -20.89 -7.93 -84.41
N ASN C 563 -20.14 -9.04 -84.36
CA ASN C 563 -20.23 -10.09 -85.37
C ASN C 563 -21.19 -11.19 -84.93
N GLY C 564 -22.43 -10.78 -84.66
CA GLY C 564 -23.36 -11.66 -83.98
C GLY C 564 -22.86 -11.88 -82.57
N GLN C 565 -22.35 -13.08 -82.31
CA GLN C 565 -21.39 -13.37 -81.23
C GLN C 565 -21.98 -13.09 -79.84
N ILE C 566 -22.94 -13.93 -79.47
CA ILE C 566 -23.22 -14.12 -78.05
C ILE C 566 -22.20 -15.09 -77.49
N ASN C 567 -21.56 -14.70 -76.38
CA ASN C 567 -20.23 -15.20 -76.04
C ASN C 567 -20.26 -16.46 -75.16
N LYS C 568 -21.04 -17.46 -75.58
CA LYS C 568 -20.99 -18.85 -75.11
C LYS C 568 -21.40 -19.06 -73.64
N SER C 569 -21.59 -17.98 -72.91
CA SER C 569 -22.08 -17.99 -71.53
C SER C 569 -23.40 -17.25 -71.43
N PHE C 570 -23.48 -16.07 -72.04
CA PHE C 570 -24.77 -15.44 -72.25
C PHE C 570 -25.65 -16.27 -73.18
N LYS C 571 -25.04 -17.02 -74.09
CA LYS C 571 -25.77 -17.99 -74.91
C LYS C 571 -26.38 -19.08 -74.04
N LEU C 572 -25.68 -19.48 -72.98
CA LEU C 572 -26.26 -20.43 -72.03
C LEU C 572 -27.41 -19.80 -71.25
N VAL C 573 -27.35 -18.48 -71.04
CA VAL C 573 -28.48 -17.81 -70.41
C VAL C 573 -29.68 -17.80 -71.34
N GLN C 574 -29.46 -17.57 -72.65
CA GLN C 574 -30.53 -17.78 -73.62
C GLN C 574 -31.07 -19.21 -73.58
N LYS C 575 -30.18 -20.19 -73.44
CA LYS C 575 -30.62 -21.58 -73.53
C LYS C 575 -31.44 -21.98 -72.31
N CYS C 576 -31.05 -21.53 -71.12
CA CYS C 576 -31.70 -21.97 -69.88
C CYS C 576 -32.81 -21.04 -69.43
N PHE C 577 -32.78 -19.78 -69.84
CA PHE C 577 -33.75 -18.80 -69.37
C PHE C 577 -35.14 -19.08 -69.93
N MET C 578 -35.21 -19.72 -71.09
CA MET C 578 -36.48 -20.10 -71.70
C MET C 578 -36.69 -21.60 -71.69
N ASN C 579 -36.00 -22.32 -70.80
CA ASN C 579 -36.02 -23.78 -70.86
C ASN C 579 -37.33 -24.31 -70.28
N SER C 580 -37.53 -25.62 -70.39
CA SER C 580 -38.80 -26.21 -70.02
C SER C 580 -38.97 -26.28 -68.51
N ASN C 581 -37.94 -26.67 -67.78
CA ASN C 581 -38.03 -26.75 -66.34
C ASN C 581 -37.88 -25.38 -65.70
N ARG C 582 -38.57 -25.18 -64.59
CA ARG C 582 -38.51 -23.87 -63.94
C ARG C 582 -37.22 -23.68 -63.17
N TYR C 583 -36.52 -24.76 -62.83
CA TYR C 583 -35.33 -24.67 -62.01
C TYR C 583 -34.19 -24.01 -62.77
N LEU C 584 -33.96 -24.44 -64.01
CA LEU C 584 -32.93 -23.82 -64.83
C LEU C 584 -33.30 -22.39 -65.19
N ARG C 585 -34.60 -22.10 -65.31
CA ARG C 585 -35.04 -20.74 -65.58
C ARG C 585 -34.73 -19.81 -64.41
N LEU C 586 -35.18 -20.17 -63.20
CA LEU C 586 -34.96 -19.29 -62.07
C LEU C 586 -33.52 -19.37 -61.56
N LEU C 587 -32.73 -20.29 -62.08
CA LEU C 587 -31.33 -20.28 -61.72
C LEU C 587 -30.53 -19.45 -62.70
N SER C 588 -30.93 -19.46 -63.97
CA SER C 588 -30.24 -18.66 -64.97
C SER C 588 -30.67 -17.21 -64.93
N THR C 589 -31.79 -16.91 -64.26
CA THR C 589 -32.10 -15.50 -64.04
C THR C 589 -31.22 -14.87 -62.97
N ARG C 590 -30.42 -15.65 -62.26
CA ARG C 590 -29.59 -15.11 -61.19
C ARG C 590 -28.28 -14.52 -61.69
N ILE C 591 -28.00 -14.63 -62.98
CA ILE C 591 -26.75 -14.15 -63.55
C ILE C 591 -26.96 -13.06 -64.59
N ILE C 592 -28.18 -12.89 -65.09
CA ILE C 592 -28.62 -11.68 -65.78
C ILE C 592 -28.25 -10.40 -65.04
N PRO C 593 -28.36 -10.28 -63.70
CA PRO C 593 -27.82 -9.08 -63.06
C PRO C 593 -26.31 -9.00 -63.04
N LEU C 594 -25.60 -10.13 -63.13
CA LEU C 594 -24.14 -10.09 -63.07
C LEU C 594 -23.56 -9.52 -64.35
N PHE C 595 -24.25 -9.70 -65.48
CA PHE C 595 -23.82 -9.09 -66.74
C PHE C 595 -23.99 -7.59 -66.71
N ASN C 596 -24.92 -7.08 -65.90
CA ASN C 596 -25.24 -5.66 -65.87
C ASN C 596 -24.28 -4.87 -64.99
N ILE C 597 -23.32 -5.52 -64.34
CA ILE C 597 -22.43 -4.83 -63.43
C ILE C 597 -20.98 -5.03 -63.89
N SER C 598 -20.42 -3.97 -64.48
CA SER C 598 -19.03 -3.96 -64.91
C SER C 598 -18.61 -2.51 -65.13
N ASP C 599 -17.32 -2.33 -65.39
CA ASP C 599 -16.84 -1.11 -66.02
C ASP C 599 -15.74 -1.51 -67.01
N SER C 600 -15.58 -0.66 -68.04
CA SER C 600 -14.95 -0.93 -69.34
C SER C 600 -15.67 -2.01 -70.13
N HIS C 601 -16.86 -2.41 -69.71
CA HIS C 601 -17.77 -3.21 -70.51
C HIS C 601 -19.17 -2.63 -70.38
N ASN C 602 -19.43 -1.89 -69.31
CA ASN C 602 -20.75 -1.37 -69.01
C ASN C 602 -20.69 0.05 -68.48
N SER C 603 -19.62 0.79 -68.81
CA SER C 603 -19.46 2.12 -68.24
C SER C 603 -20.37 3.13 -68.93
N GLU C 604 -20.63 2.92 -70.22
CA GLU C 604 -21.54 3.78 -70.97
C GLU C 604 -22.86 3.09 -71.29
N ASP C 605 -23.21 2.06 -70.50
CA ASP C 605 -24.53 1.44 -70.43
C ASP C 605 -24.96 0.73 -71.71
N GLU C 606 -24.16 -0.22 -72.22
CA GLU C 606 -24.57 -0.95 -73.41
C GLU C 606 -24.88 -2.41 -73.09
N HIS C 607 -24.24 -2.98 -72.06
CA HIS C 607 -24.67 -4.28 -71.56
C HIS C 607 -26.07 -4.19 -70.96
N THR C 608 -26.37 -3.05 -70.34
CA THR C 608 -27.71 -2.83 -69.82
C THR C 608 -28.73 -2.80 -70.95
N ALA C 609 -28.39 -2.14 -72.06
CA ALA C 609 -29.28 -2.09 -73.20
C ALA C 609 -29.42 -3.46 -73.87
N THR C 610 -28.35 -4.25 -73.85
CA THR C 610 -28.41 -5.60 -74.41
C THR C 610 -29.33 -6.49 -73.58
N LEU C 611 -29.21 -6.42 -72.25
CA LEU C 611 -30.08 -7.18 -71.38
C LEU C 611 -31.53 -6.68 -71.46
N ILE C 612 -31.72 -5.38 -71.68
CA ILE C 612 -33.06 -4.84 -71.84
C ILE C 612 -33.69 -5.36 -73.12
N LYS C 613 -32.97 -5.34 -74.24
CA LYS C 613 -33.61 -5.80 -75.47
C LYS C 613 -33.65 -7.32 -75.55
N PHE C 614 -32.95 -8.01 -74.64
CA PHE C 614 -33.22 -9.43 -74.47
C PHE C 614 -34.48 -9.67 -73.66
N LEU C 615 -34.63 -8.96 -72.55
CA LEU C 615 -35.80 -9.17 -71.69
C LEU C 615 -37.08 -8.64 -72.31
N GLN C 616 -36.98 -7.77 -73.32
CA GLN C 616 -38.13 -7.33 -74.09
C GLN C 616 -38.52 -8.30 -75.19
N SER C 617 -38.11 -9.58 -75.12
CA SER C 617 -38.28 -10.48 -76.25
C SER C 617 -38.72 -11.87 -75.83
N GLN C 618 -39.44 -12.01 -74.72
CA GLN C 618 -39.94 -13.30 -74.27
C GLN C 618 -41.44 -13.19 -74.14
N LYS C 619 -42.14 -13.52 -75.22
CA LYS C 619 -43.60 -13.51 -75.26
C LYS C 619 -44.16 -14.91 -75.07
N LEU C 620 -43.49 -15.70 -74.23
CA LEU C 620 -43.85 -17.07 -73.96
C LEU C 620 -44.39 -17.19 -72.55
N PRO C 621 -45.46 -17.98 -72.34
CA PRO C 621 -46.19 -17.89 -71.07
C PRO C 621 -45.50 -18.51 -69.87
N VAL C 622 -44.66 -19.53 -70.04
CA VAL C 622 -44.08 -20.18 -68.86
C VAL C 622 -42.87 -19.42 -68.34
N VAL C 623 -42.34 -18.48 -69.12
CA VAL C 623 -41.18 -17.70 -68.71
C VAL C 623 -41.60 -16.47 -67.92
N LYS C 624 -42.89 -16.31 -67.62
CA LYS C 624 -43.38 -15.09 -67.00
C LYS C 624 -42.91 -14.91 -65.56
N GLU C 625 -42.52 -15.98 -64.87
CA GLU C 625 -42.09 -15.85 -63.49
C GLU C 625 -40.74 -15.15 -63.40
N ASN C 626 -39.70 -15.82 -63.90
CA ASN C 626 -38.34 -15.33 -63.69
C ASN C 626 -38.06 -14.06 -64.47
N LEU C 627 -38.75 -13.85 -65.59
CA LEU C 627 -38.71 -12.58 -66.32
C LEU C 627 -39.03 -11.41 -65.40
N VAL C 628 -40.10 -11.55 -64.61
CA VAL C 628 -40.45 -10.52 -63.64
C VAL C 628 -39.38 -10.41 -62.57
N ILE C 629 -38.75 -11.53 -62.23
CA ILE C 629 -37.56 -11.48 -61.39
C ILE C 629 -36.41 -10.82 -62.15
N ALA C 630 -36.21 -11.24 -63.42
CA ALA C 630 -35.06 -10.78 -64.20
C ALA C 630 -35.15 -9.31 -64.53
N TRP C 631 -36.34 -8.75 -64.63
CA TRP C 631 -36.45 -7.31 -64.73
C TRP C 631 -36.00 -6.64 -63.44
N THR C 632 -36.52 -7.11 -62.30
CA THR C 632 -36.42 -6.37 -61.05
C THR C 632 -34.99 -6.31 -60.54
N GLN C 633 -34.31 -7.43 -60.49
CA GLN C 633 -32.91 -7.39 -60.13
C GLN C 633 -31.99 -7.01 -61.28
N LEU C 634 -32.53 -6.65 -62.45
CA LEU C 634 -31.76 -5.88 -63.41
C LEU C 634 -31.76 -4.41 -63.02
N THR C 635 -32.81 -3.97 -62.32
CA THR C 635 -32.90 -2.58 -61.89
C THR C 635 -32.03 -2.32 -60.66
N LEU C 636 -31.89 -3.32 -59.79
CA LEU C 636 -31.12 -3.16 -58.57
C LEU C 636 -29.63 -2.99 -58.83
N THR C 637 -29.16 -3.38 -60.01
CA THR C 637 -27.76 -3.20 -60.39
C THR C 637 -27.48 -1.84 -61.02
N THR C 638 -28.50 -1.02 -61.22
CA THR C 638 -28.36 0.23 -61.95
C THR C 638 -28.45 1.42 -61.01
N SER C 639 -28.19 2.59 -61.58
CA SER C 639 -28.15 3.82 -60.80
C SER C 639 -28.95 4.92 -61.46
N ASN C 640 -28.83 6.13 -60.90
CA ASN C 640 -29.77 7.25 -60.93
C ASN C 640 -30.57 7.49 -62.21
N ASP C 641 -29.95 7.41 -63.38
CA ASP C 641 -30.70 7.63 -64.62
C ASP C 641 -31.36 6.34 -65.12
N VAL C 642 -30.55 5.29 -65.25
CA VAL C 642 -31.02 4.02 -65.79
C VAL C 642 -31.98 3.36 -64.82
N PHE C 643 -31.81 3.62 -63.52
CA PHE C 643 -32.74 3.14 -62.50
C PHE C 643 -34.13 3.72 -62.69
N ASP C 644 -34.21 5.02 -62.93
CA ASP C 644 -35.50 5.67 -63.14
C ASP C 644 -36.11 5.29 -64.48
N THR C 645 -35.28 4.97 -65.47
CA THR C 645 -35.84 4.47 -66.72
C THR C 645 -36.39 3.06 -66.55
N LEU C 646 -35.66 2.21 -65.85
CA LEU C 646 -36.07 0.83 -65.64
C LEU C 646 -37.27 0.70 -64.71
N LEU C 647 -37.47 1.64 -63.80
CA LEU C 647 -38.67 1.58 -62.97
C LEU C 647 -39.93 1.87 -63.78
N LEU C 648 -39.85 2.82 -64.72
CA LEU C 648 -40.94 3.01 -65.66
C LEU C 648 -41.14 1.79 -66.53
N LYS C 649 -40.05 1.10 -66.89
CA LYS C 649 -40.20 -0.15 -67.64
C LYS C 649 -40.82 -1.24 -66.78
N LEU C 650 -40.63 -1.16 -65.46
CA LEU C 650 -41.32 -2.07 -64.54
C LEU C 650 -42.82 -1.77 -64.50
N ILE C 651 -43.18 -0.49 -64.49
CA ILE C 651 -44.59 -0.19 -64.30
C ILE C 651 -45.38 -0.32 -65.61
N ASP C 652 -44.76 -0.12 -66.77
CA ASP C 652 -45.60 -0.30 -67.95
C ASP C 652 -45.74 -1.76 -68.38
N ILE C 653 -45.12 -2.71 -67.67
CA ILE C 653 -45.53 -4.11 -67.70
C ILE C 653 -46.30 -4.50 -66.45
N PHE C 654 -46.29 -3.67 -65.41
CA PHE C 654 -47.24 -3.83 -64.31
C PHE C 654 -48.68 -3.63 -64.79
N ASN C 655 -48.90 -2.70 -65.70
CA ASN C 655 -50.22 -2.46 -66.28
C ASN C 655 -50.40 -3.12 -67.63
N SER C 656 -49.86 -4.33 -67.83
CA SER C 656 -49.86 -4.95 -69.15
C SER C 656 -51.21 -5.56 -69.49
N ASP C 657 -52.14 -5.59 -68.52
CA ASP C 657 -53.49 -6.17 -68.47
C ASP C 657 -53.46 -7.70 -68.57
N ASP C 658 -52.27 -8.29 -68.48
CA ASP C 658 -52.12 -9.71 -68.18
C ASP C 658 -52.16 -9.82 -66.66
N TYR C 659 -53.02 -10.68 -66.12
CA TYR C 659 -53.22 -10.72 -64.68
C TYR C 659 -52.00 -11.29 -63.97
N SER C 660 -51.35 -12.28 -64.58
CA SER C 660 -50.18 -12.90 -63.99
C SER C 660 -49.03 -11.91 -63.88
N LEU C 661 -48.79 -11.15 -64.96
CA LEU C 661 -47.76 -10.11 -64.94
C LEU C 661 -48.05 -9.06 -63.89
N ARG C 662 -49.33 -8.75 -63.69
CA ARG C 662 -49.67 -7.70 -62.74
C ARG C 662 -49.42 -8.16 -61.31
N ILE C 663 -49.79 -9.39 -60.97
CA ILE C 663 -49.57 -9.82 -59.60
C ILE C 663 -48.09 -10.10 -59.33
N MET C 664 -47.36 -10.63 -60.33
CA MET C 664 -45.93 -10.82 -60.16
C MET C 664 -45.19 -9.50 -60.05
N MET C 665 -45.67 -8.46 -60.75
CA MET C 665 -45.02 -7.17 -60.62
C MET C 665 -45.33 -6.48 -59.30
N THR C 666 -46.56 -6.63 -58.78
CA THR C 666 -46.84 -6.14 -57.43
C THR C 666 -45.92 -6.77 -56.41
N LEU C 667 -45.72 -8.09 -56.51
CA LEU C 667 -44.87 -8.79 -55.55
C LEU C 667 -43.42 -8.34 -55.66
N GLN C 668 -42.90 -8.21 -56.88
CA GLN C 668 -41.50 -7.83 -57.02
C GLN C 668 -41.26 -6.37 -56.69
N ILE C 669 -42.22 -5.49 -57.00
CA ILE C 669 -42.08 -4.09 -56.64
C ILE C 669 -42.10 -3.91 -55.13
N LYS C 670 -42.98 -4.64 -54.44
CA LYS C 670 -43.03 -4.51 -52.99
C LYS C 670 -41.79 -5.09 -52.32
N ASN C 671 -41.30 -6.24 -52.79
CA ASN C 671 -40.08 -6.79 -52.19
C ASN C 671 -38.86 -5.96 -52.53
N MET C 672 -38.80 -5.39 -53.73
CA MET C 672 -37.72 -4.49 -54.09
C MET C 672 -37.76 -3.23 -53.25
N ALA C 673 -38.95 -2.74 -52.92
CA ALA C 673 -39.07 -1.57 -52.07
C ALA C 673 -38.65 -1.88 -50.65
N LYS C 674 -38.94 -3.08 -50.15
CA LYS C 674 -38.57 -3.35 -48.77
C LYS C 674 -37.09 -3.72 -48.64
N ILE C 675 -36.48 -4.32 -49.67
CA ILE C 675 -35.05 -4.62 -49.56
C ILE C 675 -34.18 -3.42 -49.87
N LEU C 676 -34.78 -2.30 -50.28
CA LEU C 676 -34.08 -1.04 -50.33
C LEU C 676 -34.35 -0.19 -49.09
N LYS C 677 -35.09 -0.75 -48.12
CA LYS C 677 -35.55 -0.08 -46.91
C LYS C 677 -36.34 1.20 -47.25
N LYS C 678 -37.34 1.03 -48.11
CA LYS C 678 -38.23 2.10 -48.51
C LYS C 678 -39.65 1.58 -48.49
N THR C 679 -40.59 2.49 -48.64
CA THR C 679 -41.93 2.11 -49.00
C THR C 679 -42.09 2.21 -50.50
N PRO C 680 -43.07 1.53 -51.11
CA PRO C 680 -43.25 1.67 -52.56
C PRO C 680 -43.62 3.07 -53.02
N TYR C 681 -44.20 3.90 -52.14
CA TYR C 681 -44.41 5.29 -52.51
C TYR C 681 -43.10 6.03 -52.66
N GLN C 682 -42.17 5.88 -51.71
CA GLN C 682 -40.90 6.56 -51.84
C GLN C 682 -39.90 5.78 -52.68
N LEU C 683 -40.35 4.69 -53.30
CA LEU C 683 -39.62 4.09 -54.41
C LEU C 683 -40.09 4.66 -55.74
N LEU C 684 -41.41 4.76 -55.94
CA LEU C 684 -41.93 5.12 -57.24
C LEU C 684 -42.23 6.61 -57.39
N SER C 685 -42.25 7.37 -56.31
CA SER C 685 -42.44 8.82 -56.36
C SER C 685 -41.42 9.64 -57.17
N PRO C 686 -40.17 9.22 -57.39
CA PRO C 686 -39.36 9.96 -58.37
C PRO C 686 -39.78 9.81 -59.81
N ILE C 687 -40.61 8.84 -60.16
CA ILE C 687 -41.11 8.70 -61.53
C ILE C 687 -42.61 8.86 -61.63
N LEU C 688 -43.31 9.02 -60.52
CA LEU C 688 -44.68 9.48 -60.56
C LEU C 688 -44.93 10.80 -61.29
N PRO C 689 -44.00 11.78 -61.35
CA PRO C 689 -44.24 12.89 -62.28
C PRO C 689 -44.20 12.51 -63.74
N VAL C 690 -43.61 11.39 -64.11
CA VAL C 690 -43.58 10.97 -65.50
C VAL C 690 -44.67 9.93 -65.77
N LEU C 691 -44.87 9.01 -64.84
CA LEU C 691 -45.75 7.86 -65.05
C LEU C 691 -47.19 8.26 -65.25
N LEU C 692 -47.80 8.89 -64.24
CA LEU C 692 -49.19 9.30 -64.35
C LEU C 692 -49.37 10.61 -65.10
N ARG C 693 -48.30 11.19 -65.64
CA ARG C 693 -48.42 12.36 -66.51
C ARG C 693 -49.13 11.99 -67.80
N GLN C 694 -48.72 10.91 -68.44
CA GLN C 694 -49.43 10.45 -69.62
C GLN C 694 -50.76 9.80 -69.29
N LEU C 695 -51.02 9.49 -68.02
CA LEU C 695 -52.36 9.07 -67.64
C LEU C 695 -53.35 10.22 -67.61
N GLY C 696 -52.89 11.47 -67.73
CA GLY C 696 -53.80 12.56 -68.01
C GLY C 696 -54.40 12.49 -69.40
N LYS C 697 -53.76 11.76 -70.31
CA LYS C 697 -54.34 11.54 -71.63
C LYS C 697 -55.44 10.50 -71.59
N ASN C 698 -55.41 9.59 -70.61
CA ASN C 698 -56.29 8.43 -70.62
C ASN C 698 -56.84 8.14 -69.24
N LEU C 699 -57.23 9.17 -68.50
CA LEU C 699 -57.70 8.95 -67.14
C LEU C 699 -59.13 8.44 -67.10
N VAL C 700 -59.89 8.60 -68.19
CA VAL C 700 -61.24 8.03 -68.23
C VAL C 700 -61.21 6.55 -68.62
N GLU C 701 -60.32 6.15 -69.54
CA GLU C 701 -60.30 4.77 -69.96
C GLU C 701 -59.52 3.91 -68.98
N ARG C 702 -58.33 4.35 -68.60
CA ARG C 702 -57.47 3.59 -67.69
C ARG C 702 -57.74 4.01 -66.24
N LYS C 703 -59.00 3.88 -65.83
CA LYS C 703 -59.34 4.04 -64.43
C LYS C 703 -58.84 2.86 -63.62
N VAL C 704 -58.84 1.66 -64.22
CA VAL C 704 -58.39 0.48 -63.49
C VAL C 704 -56.87 0.49 -63.32
N GLY C 705 -56.14 1.03 -64.30
CA GLY C 705 -54.69 1.15 -64.14
C GLY C 705 -54.31 2.15 -63.08
N PHE C 706 -55.01 3.29 -63.03
CA PHE C 706 -54.79 4.26 -61.98
C PHE C 706 -55.22 3.71 -60.62
N GLN C 707 -56.23 2.86 -60.59
CA GLN C 707 -56.64 2.24 -59.34
C GLN C 707 -55.59 1.24 -58.87
N ASN C 708 -54.98 0.50 -59.80
CA ASN C 708 -53.89 -0.40 -59.41
C ASN C 708 -52.68 0.37 -58.92
N LEU C 709 -52.40 1.51 -59.53
CA LEU C 709 -51.26 2.31 -59.10
C LEU C 709 -51.51 2.92 -57.72
N ILE C 710 -52.74 3.35 -57.43
CA ILE C 710 -52.97 3.94 -56.11
C ILE C 710 -53.05 2.86 -55.04
N GLU C 711 -53.50 1.64 -55.37
CA GLU C 711 -53.43 0.61 -54.34
C GLU C 711 -52.02 0.09 -54.16
N LEU C 712 -51.14 0.22 -55.16
CA LEU C 712 -49.75 -0.15 -54.93
C LEU C 712 -49.06 0.89 -54.06
N LEU C 713 -49.35 2.16 -54.27
CA LEU C 713 -48.65 3.19 -53.50
C LEU C 713 -49.10 3.24 -52.04
N GLY C 714 -50.24 2.65 -51.70
CA GLY C 714 -50.69 2.63 -50.33
C GLY C 714 -51.22 3.94 -49.82
N TYR C 715 -51.53 4.89 -50.70
CA TYR C 715 -52.21 6.11 -50.33
C TYR C 715 -53.63 6.09 -50.89
N SER C 716 -54.40 7.12 -50.56
CA SER C 716 -55.68 7.30 -51.20
C SER C 716 -55.49 7.86 -52.59
N SER C 717 -56.57 7.85 -53.38
CA SER C 717 -56.52 8.38 -54.72
C SER C 717 -56.39 9.90 -54.75
N LYS C 718 -56.81 10.57 -53.67
CA LYS C 718 -56.68 12.02 -53.56
C LYS C 718 -55.29 12.44 -53.11
N THR C 719 -54.64 11.63 -52.28
CA THR C 719 -53.43 12.07 -51.58
C THR C 719 -52.24 12.15 -52.53
N ILE C 720 -52.15 11.24 -53.51
CA ILE C 720 -51.10 11.41 -54.52
C ILE C 720 -51.53 12.37 -55.61
N LEU C 721 -52.77 12.84 -55.57
CA LEU C 721 -53.28 13.66 -56.65
C LEU C 721 -53.14 15.14 -56.39
N ASP C 722 -53.27 15.59 -55.15
CA ASP C 722 -53.00 16.99 -54.85
C ASP C 722 -51.52 17.29 -54.70
N ILE C 723 -50.68 16.27 -54.50
CA ILE C 723 -49.25 16.48 -54.45
C ILE C 723 -48.61 16.34 -55.81
N PHE C 724 -49.25 15.63 -56.75
CA PHE C 724 -48.80 15.56 -58.13
C PHE C 724 -49.78 16.23 -59.08
N GLN C 725 -50.51 17.22 -58.56
CA GLN C 725 -51.34 18.06 -59.43
C GLN C 725 -50.49 18.97 -60.29
N ARG C 726 -49.22 19.18 -59.93
CA ARG C 726 -48.31 20.03 -60.67
C ARG C 726 -48.01 19.48 -62.07
N TYR C 727 -48.18 18.17 -62.28
CA TYR C 727 -47.67 17.53 -63.48
C TYR C 727 -48.72 17.10 -64.47
N ILE C 728 -49.96 16.90 -64.06
CA ILE C 728 -50.98 16.37 -64.96
C ILE C 728 -52.04 17.39 -65.31
N ILE C 729 -52.31 18.37 -64.45
CA ILE C 729 -53.16 19.49 -64.82
C ILE C 729 -52.59 20.30 -65.98
N PRO C 730 -51.27 20.52 -66.11
CA PRO C 730 -50.75 21.08 -67.37
C PRO C 730 -50.94 20.21 -68.60
N TYR C 731 -51.31 18.93 -68.48
CA TYR C 731 -51.65 18.15 -69.67
C TYR C 731 -53.11 17.79 -69.77
N ALA C 732 -53.81 17.64 -68.64
CA ALA C 732 -55.23 17.29 -68.69
C ALA C 732 -56.08 18.46 -69.14
N ILE C 733 -55.64 19.68 -68.89
CA ILE C 733 -56.35 20.86 -69.36
C ILE C 733 -56.24 20.98 -70.87
N ILE C 734 -55.01 20.99 -71.38
CA ILE C 734 -54.77 21.46 -72.74
C ILE C 734 -55.21 20.46 -73.81
N GLN C 735 -55.56 19.23 -73.44
CA GLN C 735 -55.93 18.23 -74.44
C GLN C 735 -57.35 18.43 -74.95
N TYR C 736 -57.87 17.39 -75.63
CA TYR C 736 -59.18 17.38 -76.28
C TYR C 736 -60.31 17.72 -75.32
N LYS C 737 -61.45 18.12 -75.91
CA LYS C 737 -62.47 18.87 -75.17
C LYS C 737 -63.24 18.01 -74.18
N SER C 738 -63.44 16.72 -74.49
CA SER C 738 -64.10 15.84 -73.54
C SER C 738 -63.12 15.52 -72.42
N ASP C 739 -63.09 16.39 -71.42
CA ASP C 739 -61.99 16.46 -70.48
C ASP C 739 -62.01 15.32 -69.48
N VAL C 740 -60.81 14.96 -69.01
CA VAL C 740 -60.67 14.17 -67.79
C VAL C 740 -60.62 15.06 -66.55
N LEU C 741 -60.82 16.37 -66.73
CA LEU C 741 -60.84 17.29 -65.60
C LEU C 741 -62.04 17.06 -64.69
N SER C 742 -63.11 16.51 -65.24
CA SER C 742 -64.29 16.21 -64.43
C SER C 742 -63.99 15.12 -63.39
N GLU C 743 -63.22 14.10 -63.77
CA GLU C 743 -62.90 13.05 -62.81
C GLU C 743 -61.86 13.51 -61.80
N ILE C 744 -60.89 14.33 -62.23
CA ILE C 744 -59.90 14.83 -61.28
C ILE C 744 -60.56 15.82 -60.32
N ALA C 745 -61.66 16.47 -60.73
CA ALA C 745 -62.45 17.24 -59.80
C ALA C 745 -63.27 16.34 -58.88
N LYS C 746 -63.78 15.24 -59.43
CA LYS C 746 -64.58 14.30 -58.65
C LYS C 746 -63.78 13.58 -57.57
N ILE C 747 -62.47 13.49 -57.72
CA ILE C 747 -61.62 12.94 -56.67
C ILE C 747 -60.99 14.05 -55.81
N MET C 748 -60.50 15.12 -56.43
CA MET C 748 -59.88 16.23 -55.68
C MET C 748 -60.87 16.98 -54.78
N CYS C 749 -62.17 16.81 -54.97
CA CYS C 749 -63.13 17.10 -53.92
C CYS C 749 -64.08 15.92 -53.82
N ASP C 750 -64.39 15.51 -52.59
CA ASP C 750 -65.18 14.32 -52.36
C ASP C 750 -66.65 14.62 -52.58
N GLY C 751 -67.25 13.94 -53.55
CA GLY C 751 -68.68 14.06 -53.80
C GLY C 751 -69.06 15.30 -54.58
N ASP C 752 -70.03 15.17 -55.48
CA ASP C 752 -70.50 16.32 -56.25
C ASP C 752 -71.39 17.24 -55.42
N THR C 753 -71.83 16.78 -54.23
CA THR C 753 -72.45 17.68 -53.27
C THR C 753 -71.47 18.72 -52.74
N SER C 754 -70.18 18.46 -52.79
CA SER C 754 -69.19 19.52 -52.77
C SER C 754 -69.03 20.04 -54.19
N LEU C 755 -69.01 21.37 -54.33
CA LEU C 755 -69.11 21.99 -55.64
C LEU C 755 -67.78 21.88 -56.38
N ILE C 756 -67.82 21.25 -57.56
CA ILE C 756 -66.62 21.03 -58.36
C ILE C 756 -66.14 22.29 -59.07
N ASN C 757 -66.98 23.32 -59.21
CA ASN C 757 -66.60 24.45 -60.03
C ASN C 757 -65.59 25.36 -59.33
N GLN C 758 -65.80 25.68 -58.05
CA GLN C 758 -64.87 26.56 -57.37
C GLN C 758 -63.56 25.83 -57.06
N MET C 759 -63.63 24.54 -56.77
CA MET C 759 -62.42 23.77 -56.54
C MET C 759 -61.69 23.56 -57.85
N LYS C 760 -62.43 23.44 -58.95
CA LYS C 760 -61.83 23.30 -60.27
C LYS C 760 -61.14 24.60 -60.68
N VAL C 761 -61.74 25.74 -60.37
CA VAL C 761 -61.17 27.00 -60.82
C VAL C 761 -60.02 27.42 -59.89
N ASN C 762 -59.98 26.89 -58.67
CA ASN C 762 -58.85 27.27 -57.83
C ASN C 762 -57.70 26.26 -57.95
N LEU C 763 -57.98 25.04 -58.43
CA LEU C 763 -56.87 24.20 -58.86
C LEU C 763 -56.30 24.67 -60.18
N LEU C 764 -57.16 25.18 -61.06
CA LEU C 764 -56.69 25.76 -62.31
C LEU C 764 -55.90 27.03 -62.06
N LYS C 765 -56.23 27.74 -60.98
CA LYS C 765 -55.45 28.91 -60.60
C LYS C 765 -54.29 28.53 -59.68
N LYS C 766 -54.23 27.28 -59.23
CA LYS C 766 -53.15 26.87 -58.34
C LYS C 766 -51.85 26.71 -59.09
N ASN C 767 -51.88 25.98 -60.20
CA ASN C 767 -50.69 25.69 -60.98
C ASN C 767 -50.77 26.26 -62.38
N SER C 768 -51.28 27.50 -62.51
CA SER C 768 -51.42 28.14 -63.81
C SER C 768 -50.09 28.46 -64.45
N ARG C 769 -49.03 28.55 -63.66
CA ARG C 769 -47.70 28.85 -64.20
C ARG C 769 -47.20 27.70 -65.05
N GLN C 770 -47.34 26.47 -64.56
CA GLN C 770 -46.94 25.30 -65.33
C GLN C 770 -47.86 25.09 -66.53
N ILE C 771 -49.12 25.49 -66.42
CA ILE C 771 -50.04 25.40 -67.55
C ILE C 771 -49.62 26.36 -68.65
N PHE C 772 -49.27 27.60 -68.27
CA PHE C 772 -48.70 28.55 -69.22
C PHE C 772 -47.43 28.00 -69.85
N ALA C 773 -46.61 27.33 -69.04
CA ALA C 773 -45.35 26.79 -69.52
C ALA C 773 -45.56 25.73 -70.59
N VAL C 774 -46.37 24.73 -70.28
CA VAL C 774 -46.66 23.65 -71.23
C VAL C 774 -47.39 24.18 -72.47
N ALA C 775 -48.25 25.18 -72.28
CA ALA C 775 -48.94 25.78 -73.42
C ALA C 775 -47.98 26.49 -74.35
N LEU C 776 -46.90 27.06 -73.81
CA LEU C 776 -45.96 27.75 -74.67
C LEU C 776 -44.97 26.77 -75.33
N VAL C 777 -44.54 25.72 -74.63
CA VAL C 777 -43.59 24.81 -75.27
C VAL C 777 -44.24 23.62 -75.97
N LYS C 778 -45.11 22.88 -75.30
CA LYS C 778 -45.55 21.58 -75.82
C LYS C 778 -46.56 21.68 -76.95
N HIS C 779 -47.10 22.86 -77.23
CA HIS C 779 -48.04 23.02 -78.32
C HIS C 779 -47.74 24.23 -79.16
N GLY C 780 -47.09 25.23 -78.55
CA GLY C 780 -46.75 26.44 -79.27
C GLY C 780 -47.94 27.37 -79.41
N LEU C 781 -48.52 27.76 -78.29
CA LEU C 781 -49.69 28.62 -78.25
C LEU C 781 -49.23 30.04 -77.90
N PHE C 782 -48.78 30.77 -78.92
CA PHE C 782 -48.27 32.13 -78.74
C PHE C 782 -49.33 33.17 -79.06
N SER C 783 -50.60 32.85 -78.78
CA SER C 783 -51.70 33.78 -78.97
C SER C 783 -52.50 33.81 -77.68
N LEU C 784 -52.65 35.00 -77.11
CA LEU C 784 -53.23 35.12 -75.77
C LEU C 784 -54.72 34.84 -75.76
N ASP C 785 -55.41 35.10 -76.88
CA ASP C 785 -56.83 34.78 -76.95
C ASP C 785 -57.06 33.28 -77.01
N ILE C 786 -56.11 32.55 -77.58
CA ILE C 786 -56.18 31.08 -77.58
C ILE C 786 -56.10 30.56 -76.15
N LEU C 787 -55.15 31.09 -75.36
CA LEU C 787 -55.05 30.72 -73.95
C LEU C 787 -56.30 31.12 -73.18
N GLU C 788 -56.85 32.31 -73.47
CA GLU C 788 -58.02 32.82 -72.76
C GLU C 788 -59.24 31.95 -73.03
N THR C 789 -59.50 31.63 -74.30
CA THR C 789 -60.68 30.85 -74.64
C THR C 789 -60.51 29.38 -74.25
N LEU C 790 -59.30 28.84 -74.40
CA LEU C 790 -59.05 27.47 -73.97
C LEU C 790 -59.02 27.33 -72.46
N PHE C 791 -58.95 28.43 -71.73
CA PHE C 791 -59.29 28.38 -70.31
C PHE C 791 -60.78 28.45 -70.08
N LEU C 792 -61.45 29.45 -70.67
CA LEU C 792 -62.77 29.83 -70.21
C LEU C 792 -63.88 28.85 -70.61
N ASN C 793 -63.60 27.89 -71.49
CA ASN C 793 -64.58 26.82 -71.66
C ASN C 793 -64.32 25.66 -70.72
N ARG C 794 -63.08 25.52 -70.25
CA ARG C 794 -62.75 24.53 -69.23
C ARG C 794 -63.11 25.01 -67.83
N ALA C 795 -63.27 26.33 -67.67
CA ALA C 795 -63.77 26.94 -66.45
C ALA C 795 -64.35 28.31 -66.77
N PRO C 796 -65.68 28.44 -66.91
CA PRO C 796 -66.26 29.74 -67.20
C PRO C 796 -66.22 30.70 -66.03
N THR C 797 -65.95 30.22 -64.81
CA THR C 797 -65.85 31.05 -63.63
C THR C 797 -64.45 31.59 -63.40
N PHE C 798 -63.62 31.66 -64.45
CA PHE C 798 -62.22 32.04 -64.31
C PHE C 798 -62.07 33.54 -64.54
N ASP C 799 -61.17 34.14 -63.77
CA ASP C 799 -61.23 35.56 -63.46
C ASP C 799 -60.65 36.42 -64.59
N LYS C 800 -61.55 37.01 -65.39
CA LYS C 800 -61.26 38.12 -66.32
C LYS C 800 -60.20 37.75 -67.36
N GLY C 801 -60.55 36.79 -68.20
CA GLY C 801 -59.52 36.16 -69.00
C GLY C 801 -58.64 35.35 -68.08
N TYR C 802 -57.33 35.42 -68.29
CA TYR C 802 -56.41 34.77 -67.37
C TYR C 802 -56.13 35.69 -66.18
N ILE C 803 -55.43 35.16 -65.19
CA ILE C 803 -55.01 36.00 -64.07
C ILE C 803 -53.93 36.96 -64.58
N THR C 804 -54.32 38.23 -64.73
CA THR C 804 -53.75 39.10 -65.76
C THR C 804 -52.29 39.45 -65.50
N ALA C 805 -51.55 39.63 -66.60
CA ALA C 805 -50.16 40.08 -66.62
C ALA C 805 -49.23 39.15 -65.84
N TYR C 806 -49.60 37.87 -65.77
CA TYR C 806 -48.77 36.88 -65.10
C TYR C 806 -47.98 36.04 -66.07
N LEU C 807 -47.91 36.41 -67.32
CA LEU C 807 -47.07 35.67 -68.26
C LEU C 807 -45.58 36.05 -68.17
N PRO C 808 -45.16 37.35 -68.00
CA PRO C 808 -43.73 37.60 -67.75
C PRO C 808 -43.36 37.48 -66.27
N ASP C 809 -44.18 36.80 -65.49
CA ASP C 809 -43.84 36.40 -64.13
C ASP C 809 -42.57 35.59 -64.12
N TYR C 810 -41.83 35.71 -63.02
CA TYR C 810 -40.61 34.93 -62.81
C TYR C 810 -40.91 33.43 -62.77
N LYS C 811 -42.04 33.07 -62.16
CA LYS C 811 -42.38 31.66 -62.03
C LYS C 811 -42.73 31.04 -63.37
N THR C 812 -43.36 31.81 -64.26
CA THR C 812 -43.65 31.29 -65.60
C THR C 812 -42.38 31.12 -66.42
N LEU C 813 -41.43 32.07 -66.31
CA LEU C 813 -40.16 31.89 -67.00
C LEU C 813 -39.38 30.70 -66.47
N ALA C 814 -39.43 30.49 -65.15
CA ALA C 814 -38.78 29.32 -64.57
C ALA C 814 -39.41 28.04 -65.06
N GLU C 815 -40.75 27.98 -65.10
CA GLU C 815 -41.40 26.76 -65.56
C GLU C 815 -41.28 26.57 -67.06
N ILE C 816 -41.03 27.64 -67.82
CA ILE C 816 -40.63 27.47 -69.22
C ILE C 816 -39.29 26.76 -69.28
N THR C 817 -38.27 27.29 -68.60
CA THR C 817 -36.95 26.74 -68.80
C THR C 817 -36.71 25.43 -68.07
N LYS C 818 -37.60 25.01 -67.17
CA LYS C 818 -37.46 23.68 -66.55
C LYS C 818 -37.71 22.55 -67.52
N LEU C 819 -38.33 22.81 -68.67
CA LEU C 819 -38.67 21.77 -69.63
C LEU C 819 -37.63 21.61 -70.71
N TYR C 820 -36.40 22.07 -70.46
CA TYR C 820 -35.29 21.85 -71.38
C TYR C 820 -34.66 20.50 -71.09
N LYS C 821 -35.14 19.47 -71.77
CA LYS C 821 -34.46 18.18 -71.70
C LYS C 821 -33.15 18.27 -72.47
N ASN C 822 -32.08 17.77 -71.87
CA ASN C 822 -30.77 17.81 -72.51
C ASN C 822 -30.05 16.49 -72.30
N SER C 823 -29.29 16.08 -73.31
CA SER C 823 -28.52 14.86 -73.24
C SER C 823 -27.24 15.06 -74.05
N VAL C 824 -26.42 14.01 -74.10
CA VAL C 824 -25.30 14.03 -75.01
C VAL C 824 -25.75 13.76 -76.43
N THR C 825 -26.94 13.19 -76.61
CA THR C 825 -27.50 12.92 -77.94
C THR C 825 -28.33 14.14 -78.34
N LYS C 826 -27.67 15.11 -78.95
CA LYS C 826 -28.33 16.29 -79.48
C LYS C 826 -29.15 15.89 -80.70
N ASP C 827 -30.46 15.80 -80.51
CA ASP C 827 -31.37 15.36 -81.55
C ASP C 827 -32.13 16.56 -82.12
N ALA C 828 -32.78 16.34 -83.27
CA ALA C 828 -33.63 17.37 -83.84
C ALA C 828 -34.84 17.64 -82.95
N SER C 829 -35.38 16.59 -82.34
CA SER C 829 -36.45 16.78 -81.36
C SER C 829 -35.96 17.45 -80.09
N ASP C 830 -34.66 17.35 -79.79
CA ASP C 830 -34.09 18.06 -78.66
C ASP C 830 -33.74 19.50 -79.01
N SER C 831 -33.54 19.81 -80.30
CA SER C 831 -33.40 21.19 -80.69
C SER C 831 -34.74 21.88 -80.89
N GLU C 832 -35.80 21.11 -81.13
CA GLU C 832 -37.11 21.68 -81.37
C GLU C 832 -37.67 22.37 -80.14
N ASN C 833 -37.70 21.65 -79.00
CA ASN C 833 -38.18 22.29 -77.78
C ASN C 833 -37.19 23.31 -77.23
N ALA C 834 -35.90 23.15 -77.53
CA ALA C 834 -34.93 24.19 -77.18
C ALA C 834 -35.26 25.50 -77.87
N ASN C 835 -35.46 25.45 -79.19
CA ASN C 835 -35.89 26.63 -79.94
C ASN C 835 -37.25 27.12 -79.49
N MET C 836 -38.13 26.21 -79.09
CA MET C 836 -39.47 26.61 -78.67
C MET C 836 -39.44 27.35 -77.34
N ILE C 837 -38.64 26.88 -76.39
CA ILE C 837 -38.60 27.60 -75.12
C ILE C 837 -37.78 28.88 -75.26
N LEU C 838 -36.82 28.92 -76.20
CA LEU C 838 -36.11 30.17 -76.45
C LEU C 838 -37.03 31.21 -77.06
N CYS C 839 -37.83 30.82 -78.04
CA CYS C 839 -38.79 31.74 -78.63
C CYS C 839 -39.92 32.09 -77.67
N SER C 840 -40.26 31.22 -76.72
CA SER C 840 -41.25 31.62 -75.72
C SER C 840 -40.65 32.63 -74.74
N LEU C 841 -39.37 32.49 -74.39
CA LEU C 841 -38.67 33.55 -73.68
C LEU C 841 -38.69 34.86 -74.45
N ARG C 842 -38.43 34.80 -75.76
CA ARG C 842 -38.48 35.99 -76.60
C ARG C 842 -39.88 36.59 -76.66
N PHE C 843 -40.89 35.75 -76.53
CA PHE C 843 -42.25 36.27 -76.48
C PHE C 843 -42.54 36.95 -75.15
N LEU C 844 -42.00 36.43 -74.04
CA LEU C 844 -42.53 36.86 -72.76
C LEU C 844 -41.94 38.16 -72.23
N ILE C 845 -40.69 38.49 -72.54
CA ILE C 845 -39.96 39.48 -71.74
C ILE C 845 -39.59 40.73 -72.53
N THR C 846 -39.25 40.61 -73.81
CA THR C 846 -38.68 41.79 -74.46
C THR C 846 -39.74 42.75 -75.00
N ASN C 847 -40.92 42.23 -75.38
CA ASN C 847 -42.05 43.06 -75.80
C ASN C 847 -43.31 42.32 -75.35
N PHE C 848 -43.79 42.64 -74.16
CA PHE C 848 -45.01 42.02 -73.69
C PHE C 848 -46.21 42.94 -73.85
N GLU C 849 -46.12 44.17 -73.33
CA GLU C 849 -47.18 45.15 -73.52
C GLU C 849 -47.28 45.61 -74.96
N LYS C 850 -46.21 45.46 -75.74
CA LYS C 850 -46.30 45.68 -77.17
C LYS C 850 -46.97 44.50 -77.86
N ASP C 851 -46.74 43.28 -77.38
CA ASP C 851 -47.10 42.05 -78.09
C ASP C 851 -47.82 41.07 -77.16
N LYS C 852 -48.84 41.54 -76.46
CA LYS C 852 -49.74 40.62 -75.76
C LYS C 852 -50.46 39.71 -76.75
N ARG C 853 -50.91 40.27 -77.87
CA ARG C 853 -51.74 39.56 -78.84
C ARG C 853 -50.94 39.04 -80.02
N HIS C 854 -50.19 39.92 -80.68
CA HIS C 854 -49.49 39.56 -81.91
C HIS C 854 -48.20 38.85 -81.55
N GLY C 855 -48.28 37.54 -81.41
CA GLY C 855 -47.13 36.73 -81.05
C GLY C 855 -46.97 35.52 -81.94
N SER C 856 -47.82 35.40 -82.97
CA SER C 856 -47.73 34.29 -83.90
C SER C 856 -46.45 34.32 -84.72
N LYS C 857 -45.85 35.51 -84.91
CA LYS C 857 -44.60 35.59 -85.63
C LYS C 857 -43.42 35.09 -84.82
N TYR C 858 -43.54 35.09 -83.49
CA TYR C 858 -42.43 34.65 -82.64
C TYR C 858 -42.25 33.14 -82.62
N LYS C 859 -43.20 32.36 -83.14
CA LYS C 859 -43.01 30.92 -83.21
C LYS C 859 -41.93 30.54 -84.20
N ASN C 860 -41.70 31.36 -85.22
CA ASN C 860 -40.54 31.19 -86.07
C ASN C 860 -39.29 31.63 -85.32
N ILE C 861 -38.17 31.01 -85.67
CA ILE C 861 -36.91 31.23 -84.97
C ILE C 861 -36.04 32.26 -85.68
N ASN C 862 -35.85 32.10 -86.99
CA ASN C 862 -34.86 32.87 -87.72
C ASN C 862 -35.39 34.21 -88.22
N ASN C 863 -36.66 34.54 -87.98
CA ASN C 863 -37.16 35.87 -88.27
C ASN C 863 -36.74 36.90 -87.23
N TRP C 864 -36.02 36.48 -86.19
CA TRP C 864 -35.57 37.33 -85.10
C TRP C 864 -34.44 38.21 -85.61
N THR C 865 -34.77 39.48 -85.89
CA THR C 865 -33.80 40.41 -86.43
C THR C 865 -32.83 40.87 -85.34
N ASP C 866 -31.72 41.48 -85.78
CA ASP C 866 -30.74 42.01 -84.85
C ASP C 866 -31.15 43.35 -84.25
N ASP C 867 -32.31 43.89 -84.62
CA ASP C 867 -32.82 45.09 -83.97
C ASP C 867 -33.30 44.79 -82.56
N GLN C 868 -33.71 43.56 -82.30
CA GLN C 868 -34.39 43.20 -81.08
C GLN C 868 -33.61 42.21 -80.21
N GLU C 869 -32.42 41.80 -80.63
CA GLU C 869 -31.65 40.85 -79.83
C GLU C 869 -31.05 41.53 -78.60
N GLN C 870 -30.51 42.73 -78.74
CA GLN C 870 -29.94 43.40 -77.59
C GLN C 870 -31.01 43.94 -76.64
N ALA C 871 -32.21 44.22 -77.14
CA ALA C 871 -33.32 44.53 -76.24
C ALA C 871 -33.74 43.29 -75.46
N PHE C 872 -33.67 42.12 -76.09
CA PHE C 872 -33.89 40.87 -75.39
C PHE C 872 -32.82 40.63 -74.33
N GLN C 873 -31.55 40.92 -74.65
CA GLN C 873 -30.48 40.76 -73.68
C GLN C 873 -30.59 41.75 -72.54
N LYS C 874 -31.17 42.93 -72.79
CA LYS C 874 -31.38 43.87 -71.70
C LYS C 874 -32.53 43.41 -70.80
N LYS C 875 -33.65 43.01 -71.40
CA LYS C 875 -34.79 42.58 -70.62
C LYS C 875 -34.62 41.21 -69.98
N LEU C 876 -33.59 40.46 -70.38
CA LEU C 876 -33.37 39.14 -69.78
C LEU C 876 -32.73 39.26 -68.41
N GLN C 877 -31.82 40.23 -68.23
CA GLN C 877 -31.01 40.31 -67.02
C GLN C 877 -31.57 41.28 -65.99
N ASP C 878 -32.68 41.95 -66.29
CA ASP C 878 -33.55 42.46 -65.24
C ASP C 878 -34.56 41.42 -64.80
N ASN C 879 -34.48 40.20 -65.36
CA ASN C 879 -35.53 39.20 -65.20
C ASN C 879 -34.89 37.82 -65.01
N ILE C 880 -33.68 37.78 -64.47
CA ILE C 880 -32.96 36.52 -64.30
C ILE C 880 -32.64 36.21 -62.83
N LEU C 881 -32.54 37.20 -61.96
CA LEU C 881 -32.25 36.88 -60.56
C LEU C 881 -33.48 36.35 -59.84
N GLY C 882 -34.68 36.77 -60.27
CA GLY C 882 -35.88 36.25 -59.66
C GLY C 882 -36.25 34.86 -60.15
N ILE C 883 -35.86 34.50 -61.37
CA ILE C 883 -36.13 33.13 -61.78
C ILE C 883 -35.14 32.20 -61.10
N PHE C 884 -33.93 32.67 -60.80
CA PHE C 884 -33.05 31.91 -59.91
C PHE C 884 -33.55 31.94 -58.48
N GLN C 885 -34.32 32.95 -58.09
CA GLN C 885 -34.96 32.91 -56.77
C GLN C 885 -36.02 31.82 -56.71
N VAL C 886 -36.76 31.63 -57.81
CA VAL C 886 -37.74 30.55 -57.86
C VAL C 886 -37.04 29.19 -57.89
N PHE C 887 -35.92 29.11 -58.61
CA PHE C 887 -35.08 27.90 -58.61
C PHE C 887 -34.54 27.58 -57.22
N SER C 888 -34.10 28.61 -56.50
CA SER C 888 -33.63 28.43 -55.14
C SER C 888 -34.77 28.08 -54.20
N SER C 889 -35.98 28.51 -54.51
CA SER C 889 -37.13 28.12 -53.70
C SER C 889 -37.44 26.65 -53.86
N ASP C 890 -37.37 26.12 -55.07
CA ASP C 890 -37.81 24.74 -55.25
C ASP C 890 -36.67 23.73 -55.39
N ILE C 891 -35.41 24.12 -55.17
CA ILE C 891 -34.43 23.07 -54.89
C ILE C 891 -34.45 22.80 -53.40
N HIS C 892 -34.07 23.80 -52.59
CA HIS C 892 -34.00 23.61 -51.15
C HIS C 892 -35.41 23.62 -50.57
N ASP C 893 -36.11 22.50 -50.79
CA ASP C 893 -37.52 22.39 -50.49
C ASP C 893 -37.66 22.08 -49.01
N VAL C 894 -38.17 23.03 -48.25
CA VAL C 894 -38.01 22.94 -46.80
C VAL C 894 -39.07 22.05 -46.15
N GLU C 895 -40.26 21.93 -46.73
CA GLU C 895 -41.34 21.19 -46.07
C GLU C 895 -41.55 19.80 -46.66
N GLY C 896 -40.67 19.35 -47.55
CA GLY C 896 -40.85 18.07 -48.20
C GLY C 896 -41.99 18.09 -49.20
N ARG C 897 -42.08 19.16 -49.99
CA ARG C 897 -43.18 19.31 -50.92
C ARG C 897 -43.01 18.40 -52.14
N THR C 898 -41.78 18.08 -52.51
CA THR C 898 -41.55 17.31 -53.73
C THR C 898 -40.31 16.44 -53.61
N THR C 899 -40.15 15.55 -54.58
CA THR C 899 -39.01 14.66 -54.69
C THR C 899 -37.95 15.31 -55.58
N TYR C 900 -36.94 14.53 -56.00
CA TYR C 900 -35.82 15.10 -56.74
C TYR C 900 -36.08 15.26 -58.23
N TYR C 901 -37.27 14.93 -58.73
CA TYR C 901 -37.56 15.18 -60.13
C TYR C 901 -37.61 16.68 -60.41
N GLU C 902 -38.16 17.44 -59.45
CA GLU C 902 -38.06 18.89 -59.51
C GLU C 902 -36.62 19.35 -59.54
N LYS C 903 -35.76 18.72 -58.75
CA LYS C 903 -34.36 19.14 -58.69
C LYS C 903 -33.64 18.83 -59.99
N LEU C 904 -33.98 17.70 -60.62
CA LEU C 904 -33.46 17.37 -61.94
C LEU C 904 -33.87 18.42 -62.97
N ARG C 905 -35.12 18.82 -62.97
CA ARG C 905 -35.51 19.77 -64.01
C ARG C 905 -35.14 21.21 -63.68
N VAL C 906 -34.87 21.53 -62.40
CA VAL C 906 -34.23 22.82 -62.09
C VAL C 906 -32.80 22.84 -62.62
N ILE C 907 -32.07 21.74 -62.45
CA ILE C 907 -30.72 21.65 -63.01
C ILE C 907 -30.75 21.72 -64.53
N ASN C 908 -31.82 21.18 -65.14
CA ASN C 908 -32.02 21.39 -66.57
C ASN C 908 -32.25 22.86 -66.91
N GLY C 909 -32.99 23.59 -66.07
CA GLY C 909 -33.21 25.01 -66.31
C GLY C 909 -31.93 25.83 -66.16
N ILE C 910 -31.12 25.49 -65.16
CA ILE C 910 -29.80 26.10 -64.99
C ILE C 910 -28.95 25.85 -66.22
N SER C 911 -29.00 24.62 -66.75
CA SER C 911 -28.19 24.26 -67.90
C SER C 911 -28.63 25.01 -69.15
N PHE C 912 -29.95 25.19 -69.31
CA PHE C 912 -30.45 25.99 -70.42
C PHE C 912 -29.99 27.44 -70.31
N LEU C 913 -30.07 28.02 -69.12
CA LEU C 913 -29.64 29.39 -68.96
C LEU C 913 -28.12 29.54 -69.05
N ILE C 914 -27.36 28.48 -68.81
CA ILE C 914 -25.93 28.57 -69.05
C ILE C 914 -25.64 28.56 -70.54
N ILE C 915 -26.35 27.73 -71.31
CA ILE C 915 -26.14 27.73 -72.75
C ILE C 915 -26.79 28.96 -73.40
N TYR C 916 -28.11 29.07 -73.28
CA TYR C 916 -28.89 30.03 -74.05
C TYR C 916 -29.20 31.27 -73.22
N ALA C 917 -28.18 32.10 -73.01
CA ALA C 917 -28.31 33.41 -72.38
C ALA C 917 -27.03 34.20 -72.68
N PRO C 918 -27.09 35.54 -72.63
CA PRO C 918 -25.86 36.32 -72.75
C PRO C 918 -24.95 36.13 -71.54
N LYS C 919 -23.67 36.44 -71.76
CA LYS C 919 -22.64 36.18 -70.76
C LYS C 919 -22.78 37.08 -69.55
N LYS C 920 -23.20 38.34 -69.75
CA LYS C 920 -23.36 39.28 -68.65
C LYS C 920 -24.49 38.87 -67.72
N SER C 921 -25.44 38.06 -68.19
CA SER C 921 -26.47 37.51 -67.33
C SER C 921 -25.99 36.36 -66.48
N ILE C 922 -24.84 35.76 -66.82
CA ILE C 922 -24.38 34.55 -66.16
C ILE C 922 -23.20 34.90 -65.24
N ILE C 923 -22.46 35.96 -65.60
CA ILE C 923 -21.53 36.54 -64.65
C ILE C 923 -22.31 37.14 -63.48
N SER C 924 -23.52 37.63 -63.74
CA SER C 924 -24.38 38.29 -62.77
C SER C 924 -24.78 37.41 -61.60
N ALA C 925 -25.62 36.42 -61.86
CA ALA C 925 -26.08 35.53 -60.80
C ALA C 925 -25.35 34.20 -60.83
N LEU C 926 -24.03 34.27 -60.63
CA LEU C 926 -23.23 33.06 -60.51
C LEU C 926 -23.36 32.44 -59.14
N ALA C 927 -23.44 33.27 -58.11
CA ALA C 927 -23.57 32.79 -56.75
C ALA C 927 -24.97 32.33 -56.40
N GLN C 928 -25.93 32.43 -57.33
CA GLN C 928 -27.17 31.68 -57.20
C GLN C 928 -26.95 30.22 -57.60
N ILE C 929 -26.44 30.01 -58.80
CA ILE C 929 -26.32 28.66 -59.33
C ILE C 929 -25.18 27.90 -58.68
N SER C 930 -24.25 28.59 -58.01
CA SER C 930 -23.22 27.91 -57.25
C SER C 930 -23.81 27.08 -56.12
N ILE C 931 -24.60 27.73 -55.25
CA ILE C 931 -25.26 27.00 -54.17
C ILE C 931 -26.58 26.40 -54.59
N CYS C 932 -26.95 26.50 -55.87
CA CYS C 932 -27.93 25.55 -56.41
C CYS C 932 -27.27 24.23 -56.81
N LEU C 933 -26.13 24.31 -57.52
CA LEU C 933 -25.39 23.10 -57.85
C LEU C 933 -24.76 22.45 -56.64
N GLN C 934 -24.52 23.19 -55.56
CA GLN C 934 -24.02 22.59 -54.34
C GLN C 934 -25.08 21.71 -53.70
N THR C 935 -26.32 22.19 -53.65
CA THR C 935 -27.43 21.35 -53.18
C THR C 935 -27.71 20.21 -54.17
N GLY C 936 -27.39 20.40 -55.44
CA GLY C 936 -27.51 19.29 -56.39
C GLY C 936 -26.47 18.21 -56.15
N LEU C 937 -25.22 18.62 -55.93
CA LEU C 937 -24.15 17.69 -55.57
C LEU C 937 -24.41 17.01 -54.24
N GLY C 938 -25.07 17.71 -53.30
CA GLY C 938 -25.29 17.13 -52.00
C GLY C 938 -26.30 16.01 -52.01
N LEU C 939 -27.38 16.16 -52.76
CA LEU C 939 -28.39 15.13 -52.84
C LEU C 939 -27.93 14.06 -53.83
N LYS C 940 -28.19 12.80 -53.49
CA LYS C 940 -27.48 11.68 -54.10
C LYS C 940 -27.94 11.41 -55.53
N GLU C 941 -29.24 11.43 -55.77
CA GLU C 941 -29.76 11.02 -57.07
C GLU C 941 -29.62 12.08 -58.14
N VAL C 942 -29.29 13.31 -57.77
CA VAL C 942 -29.13 14.39 -58.73
C VAL C 942 -27.68 14.82 -58.84
N ARG C 943 -26.74 13.94 -58.47
CA ARG C 943 -25.33 14.31 -58.53
C ARG C 943 -24.81 14.38 -59.96
N TYR C 944 -25.15 13.38 -60.78
CA TYR C 944 -24.58 13.29 -62.13
C TYR C 944 -25.04 14.44 -63.02
N GLU C 945 -26.30 14.82 -62.92
CA GLU C 945 -26.79 15.93 -63.71
C GLU C 945 -26.19 17.25 -63.23
N ALA C 946 -25.87 17.33 -61.94
CA ALA C 946 -25.25 18.54 -61.44
C ALA C 946 -23.78 18.62 -61.80
N PHE C 947 -23.07 17.49 -61.87
CA PHE C 947 -21.71 17.51 -62.40
C PHE C 947 -21.71 17.86 -63.88
N ARG C 948 -22.69 17.37 -64.63
CA ARG C 948 -22.76 17.71 -66.04
C ARG C 948 -23.15 19.17 -66.23
N CYS C 949 -23.95 19.71 -65.31
CA CYS C 949 -24.29 21.13 -65.36
C CYS C 949 -23.10 22.00 -64.99
N TRP C 950 -22.24 21.50 -64.09
CA TRP C 950 -21.00 22.22 -63.81
C TRP C 950 -20.06 22.16 -65.00
N HIS C 951 -19.99 21.00 -65.66
CA HIS C 951 -19.15 20.84 -66.85
C HIS C 951 -19.60 21.79 -67.94
N LEU C 952 -20.90 22.00 -68.04
CA LEU C 952 -21.43 23.02 -68.91
C LEU C 952 -21.05 24.41 -68.44
N LEU C 953 -21.05 24.63 -67.12
CA LEU C 953 -20.73 25.92 -66.54
C LEU C 953 -19.24 26.24 -66.59
N VAL C 954 -18.38 25.23 -66.41
CA VAL C 954 -16.96 25.49 -66.30
C VAL C 954 -16.37 25.87 -67.65
N ARG C 955 -17.05 25.60 -68.76
CA ARG C 955 -16.54 25.94 -70.08
C ARG C 955 -17.30 27.06 -70.76
N HIS C 956 -18.48 27.44 -70.27
CA HIS C 956 -19.17 28.62 -70.76
C HIS C 956 -18.87 29.84 -69.90
N LEU C 957 -17.66 29.90 -69.35
CA LEU C 957 -17.32 30.93 -68.38
C LEU C 957 -15.80 31.06 -68.34
N ASN C 958 -15.34 32.26 -68.02
CA ASN C 958 -13.91 32.57 -68.09
C ASN C 958 -13.11 32.04 -66.91
N ASP C 959 -11.85 32.48 -66.81
CA ASP C 959 -10.91 31.99 -65.82
C ASP C 959 -11.08 32.67 -64.46
N GLU C 960 -11.11 34.01 -64.46
CA GLU C 960 -10.97 34.73 -63.21
C GLU C 960 -12.28 34.80 -62.45
N GLU C 961 -13.42 34.76 -63.15
CA GLU C 961 -14.71 34.81 -62.47
C GLU C 961 -15.21 33.38 -62.28
N LEU C 962 -14.29 32.50 -61.88
CA LEU C 962 -14.54 31.08 -61.67
C LEU C 962 -13.85 30.73 -60.37
N SER C 963 -12.99 31.65 -59.92
CA SER C 963 -12.27 31.49 -58.67
C SER C 963 -13.21 31.55 -57.47
N THR C 964 -14.37 32.17 -57.65
CA THR C 964 -15.29 32.35 -56.54
C THR C 964 -16.02 31.06 -56.21
N VAL C 965 -15.96 30.07 -57.11
CA VAL C 965 -16.81 28.89 -57.03
C VAL C 965 -16.04 27.60 -57.20
N ILE C 966 -14.73 27.64 -57.42
CA ILE C 966 -14.01 26.43 -57.79
C ILE C 966 -13.63 25.62 -56.54
N ASP C 967 -13.42 26.30 -55.41
CA ASP C 967 -12.99 25.62 -54.19
C ASP C 967 -14.07 24.70 -53.67
N SER C 968 -15.33 25.16 -53.72
CA SER C 968 -16.44 24.44 -53.14
C SER C 968 -16.75 23.13 -53.84
N LEU C 969 -16.30 22.94 -55.08
CA LEU C 969 -16.51 21.63 -55.70
C LEU C 969 -15.23 20.86 -55.94
N ILE C 970 -14.06 21.52 -56.01
CA ILE C 970 -12.82 20.74 -55.96
C ILE C 970 -12.72 20.03 -54.62
N ALA C 971 -13.20 20.69 -53.56
CA ALA C 971 -13.34 20.04 -52.26
C ALA C 971 -14.34 18.89 -52.30
N PHE C 972 -15.46 19.05 -53.01
CA PHE C 972 -16.46 17.99 -53.07
C PHE C 972 -15.93 16.80 -53.86
N ILE C 973 -15.15 17.05 -54.89
CA ILE C 973 -14.53 15.98 -55.66
C ILE C 973 -13.54 15.22 -54.80
N LEU C 974 -12.65 15.94 -54.10
CA LEU C 974 -11.60 15.28 -53.36
C LEU C 974 -12.10 14.62 -52.08
N GLN C 975 -13.20 15.12 -51.51
CA GLN C 975 -13.70 14.60 -50.24
C GLN C 975 -14.81 13.58 -50.38
N LYS C 976 -15.46 13.49 -51.54
CA LYS C 976 -16.51 12.51 -51.75
C LYS C 976 -16.18 11.59 -52.92
N TRP C 977 -14.89 11.35 -53.14
CA TRP C 977 -14.46 10.58 -54.31
C TRP C 977 -14.78 9.10 -54.19
N SER C 978 -14.90 8.58 -52.97
CA SER C 978 -14.84 7.14 -52.78
C SER C 978 -16.10 6.42 -53.23
N GLU C 979 -17.26 7.06 -53.11
CA GLU C 979 -18.52 6.42 -53.48
C GLU C 979 -18.92 6.71 -54.92
N PHE C 980 -18.09 7.44 -55.65
CA PHE C 980 -18.36 7.69 -57.07
C PHE C 980 -18.24 6.39 -57.84
N ASN C 981 -19.22 6.10 -58.69
CA ASN C 981 -19.17 4.92 -59.54
C ASN C 981 -18.33 5.22 -60.77
N GLY C 982 -18.42 4.37 -61.79
CA GLY C 982 -17.67 4.58 -63.00
C GLY C 982 -18.12 5.80 -63.78
N LYS C 983 -19.43 6.04 -63.81
CA LYS C 983 -19.97 7.14 -64.61
C LYS C 983 -19.66 8.49 -63.97
N LEU C 984 -19.79 8.58 -62.64
CA LEU C 984 -19.45 9.83 -61.96
C LEU C 984 -17.96 10.09 -61.98
N ARG C 985 -17.14 9.04 -61.90
CA ARG C 985 -15.71 9.25 -62.04
C ARG C 985 -15.33 9.66 -63.45
N ASN C 986 -16.05 9.18 -64.46
CA ASN C 986 -15.76 9.61 -65.83
C ASN C 986 -16.17 11.06 -66.06
N ILE C 987 -17.31 11.48 -65.52
CA ILE C 987 -17.71 12.88 -65.72
C ILE C 987 -16.85 13.81 -64.87
N VAL C 988 -16.30 13.33 -63.75
CA VAL C 988 -15.39 14.20 -63.00
C VAL C 988 -14.00 14.24 -63.66
N TYR C 989 -13.59 13.15 -64.30
CA TYR C 989 -12.40 13.20 -65.15
C TYR C 989 -12.59 14.17 -66.30
N SER C 990 -13.81 14.24 -66.83
CA SER C 990 -14.09 15.18 -67.90
C SER C 990 -14.22 16.61 -67.42
N ILE C 991 -14.57 16.81 -66.14
CA ILE C 991 -14.37 18.11 -65.49
C ILE C 991 -12.89 18.47 -65.49
N LEU C 992 -12.08 17.58 -64.94
CA LEU C 992 -10.74 17.95 -64.52
C LEU C 992 -9.79 18.12 -65.70
N ASP C 993 -9.94 17.31 -66.76
CA ASP C 993 -9.04 17.48 -67.89
C ASP C 993 -9.36 18.75 -68.67
N THR C 994 -10.65 19.10 -68.75
CA THR C 994 -11.06 20.40 -69.28
C THR C 994 -10.49 21.53 -68.44
N LEU C 995 -10.49 21.35 -67.12
CA LEU C 995 -10.05 22.41 -66.23
C LEU C 995 -8.54 22.57 -66.25
N ILE C 996 -7.80 21.50 -66.52
CA ILE C 996 -6.34 21.62 -66.52
C ILE C 996 -5.75 21.87 -67.90
N LYS C 997 -6.48 21.60 -68.99
CA LYS C 997 -5.92 21.94 -70.29
C LYS C 997 -6.23 23.38 -70.67
N GLU C 998 -7.52 23.71 -70.80
CA GLU C 998 -7.90 24.97 -71.40
C GLU C 998 -8.05 26.10 -70.40
N LYS C 999 -8.18 25.81 -69.11
CA LYS C 999 -8.35 26.84 -68.10
C LYS C 999 -7.34 26.67 -66.98
N SER C 1000 -6.07 26.51 -67.37
CA SER C 1000 -4.97 26.42 -66.44
C SER C 1000 -4.60 27.78 -65.84
N ASP C 1001 -5.15 28.87 -66.37
CA ASP C 1001 -4.95 30.19 -65.77
C ASP C 1001 -5.48 30.24 -64.35
N LEU C 1002 -6.66 29.65 -64.12
CA LEU C 1002 -7.21 29.58 -62.78
C LEU C 1002 -6.43 28.62 -61.91
N ILE C 1003 -6.08 27.46 -62.46
CA ILE C 1003 -5.57 26.36 -61.67
C ILE C 1003 -4.12 26.57 -61.27
N LEU C 1004 -3.30 27.11 -62.16
CA LEU C 1004 -1.89 27.25 -61.86
C LEU C 1004 -1.61 28.48 -60.99
N LYS C 1005 -1.88 29.67 -61.53
CA LYS C 1005 -1.35 30.88 -60.91
C LYS C 1005 -2.40 31.79 -60.29
N LEU C 1006 -3.68 31.62 -60.61
CA LEU C 1006 -4.66 32.46 -59.96
C LEU C 1006 -4.96 31.96 -58.56
N LYS C 1007 -5.00 30.64 -58.38
CA LYS C 1007 -5.02 30.03 -57.05
C LYS C 1007 -4.38 28.65 -57.12
N PRO C 1008 -3.12 28.53 -56.68
CA PRO C 1008 -2.40 27.25 -56.83
C PRO C 1008 -2.79 26.19 -55.82
N TYR C 1009 -3.74 26.48 -54.93
CA TYR C 1009 -4.21 25.44 -54.02
C TYR C 1009 -5.04 24.40 -54.75
N THR C 1010 -5.72 24.82 -55.82
CA THR C 1010 -6.61 23.90 -56.51
C THR C 1010 -5.86 22.88 -57.36
N THR C 1011 -4.58 23.13 -57.65
CA THR C 1011 -3.81 22.07 -58.30
C THR C 1011 -3.09 21.18 -57.30
N LEU C 1012 -2.57 21.76 -56.20
CA LEU C 1012 -1.85 20.97 -55.22
C LEU C 1012 -2.80 20.08 -54.44
N ALA C 1013 -4.06 20.49 -54.31
CA ALA C 1013 -5.06 19.64 -53.69
C ALA C 1013 -5.37 18.44 -54.57
N LEU C 1014 -5.42 18.63 -55.89
CA LEU C 1014 -5.70 17.53 -56.79
C LEU C 1014 -4.51 16.59 -56.93
N VAL C 1015 -3.29 17.13 -56.81
CA VAL C 1015 -2.11 16.28 -56.78
C VAL C 1015 -2.04 15.51 -55.48
N GLY C 1016 -2.50 16.12 -54.38
CA GLY C 1016 -2.36 15.53 -53.05
C GLY C 1016 -3.16 14.27 -52.83
N LYS C 1017 -4.13 13.98 -53.70
CA LYS C 1017 -4.85 12.72 -53.61
C LYS C 1017 -4.34 11.80 -54.72
N PRO C 1018 -3.62 10.72 -54.39
CA PRO C 1018 -3.10 9.84 -55.44
C PRO C 1018 -4.14 8.88 -55.98
N GLU C 1019 -5.25 8.70 -55.28
CA GLU C 1019 -6.32 7.84 -55.76
C GLU C 1019 -6.95 8.38 -57.03
N LEU C 1020 -6.97 9.69 -57.19
CA LEU C 1020 -7.51 10.29 -58.40
C LEU C 1020 -6.57 10.06 -59.59
N GLY C 1021 -5.30 10.37 -59.43
CA GLY C 1021 -4.35 10.17 -60.50
C GLY C 1021 -4.35 11.25 -61.56
N ILE C 1022 -3.99 12.47 -61.18
CA ILE C 1022 -3.93 13.57 -62.14
C ILE C 1022 -2.75 13.42 -63.09
N LEU C 1023 -1.56 13.15 -62.54
CA LEU C 1023 -0.32 13.45 -63.26
C LEU C 1023 -0.07 12.48 -64.41
N ALA C 1024 -0.56 11.25 -64.30
CA ALA C 1024 -0.42 10.28 -65.37
C ALA C 1024 -1.33 10.56 -66.55
N ARG C 1025 -2.35 11.41 -66.38
CA ARG C 1025 -3.31 11.63 -67.44
C ARG C 1025 -2.76 12.56 -68.52
N ASP C 1026 -2.14 13.66 -68.12
CA ASP C 1026 -1.51 14.58 -69.06
C ASP C 1026 -0.02 14.31 -69.21
N GLY C 1027 0.73 14.42 -68.13
CA GLY C 1027 2.19 14.33 -68.19
C GLY C 1027 2.88 15.67 -68.33
N GLN C 1028 2.40 16.50 -69.25
CA GLN C 1028 2.90 17.87 -69.36
C GLN C 1028 2.37 18.77 -68.25
N PHE C 1029 1.27 18.37 -67.61
CA PHE C 1029 0.78 19.09 -66.46
C PHE C 1029 1.66 18.88 -65.24
N ALA C 1030 2.38 17.76 -65.18
CA ALA C 1030 3.34 17.54 -64.10
C ALA C 1030 4.51 18.51 -64.18
N ARG C 1031 4.84 18.97 -65.39
CA ARG C 1031 5.84 20.01 -65.57
C ARG C 1031 5.42 21.32 -64.91
N MET C 1032 4.12 21.57 -64.85
CA MET C 1032 3.64 22.74 -64.13
C MET C 1032 3.48 22.46 -62.64
N VAL C 1033 3.15 21.22 -62.29
CA VAL C 1033 2.97 20.84 -60.89
C VAL C 1033 4.28 20.94 -60.13
N ASN C 1034 5.36 20.40 -60.70
CA ASN C 1034 6.64 20.33 -59.98
C ASN C 1034 7.38 21.67 -59.95
N LYS C 1035 6.74 22.76 -60.33
CA LYS C 1035 7.23 24.10 -60.04
C LYS C 1035 6.18 25.01 -59.46
N ILE C 1036 4.89 24.61 -59.47
CA ILE C 1036 3.88 25.42 -58.83
C ILE C 1036 3.82 25.14 -57.33
N ARG C 1037 4.39 24.01 -56.88
CA ARG C 1037 4.44 23.74 -55.46
C ARG C 1037 5.47 24.62 -54.77
N SER C 1038 6.61 24.86 -55.42
CA SER C 1038 7.70 25.57 -54.79
C SER C 1038 7.42 27.07 -54.70
N THR C 1039 7.13 27.70 -55.84
CA THR C 1039 7.16 29.16 -55.94
C THR C 1039 5.97 29.85 -55.29
N THR C 1040 5.01 29.11 -54.75
CA THR C 1040 3.81 29.68 -54.16
C THR C 1040 3.80 29.39 -52.68
N ASP C 1041 3.86 30.43 -51.86
CA ASP C 1041 3.72 30.26 -50.42
C ASP C 1041 2.28 29.91 -50.11
N LEU C 1042 2.09 28.86 -49.32
CA LEU C 1042 0.81 28.17 -49.24
C LEU C 1042 0.08 28.42 -47.92
N ILE C 1043 0.74 28.99 -46.93
CA ILE C 1043 0.18 29.25 -45.61
C ILE C 1043 -1.00 30.24 -45.61
N PRO C 1044 -0.93 31.45 -46.22
CA PRO C 1044 -2.07 32.37 -46.09
C PRO C 1044 -3.30 31.93 -46.88
N ILE C 1045 -3.16 31.00 -47.84
CA ILE C 1045 -4.31 30.45 -48.51
C ILE C 1045 -4.79 29.15 -47.87
N PHE C 1046 -4.07 28.65 -46.86
CA PHE C 1046 -4.76 27.83 -45.86
C PHE C 1046 -5.44 28.69 -44.82
N ALA C 1047 -4.96 29.92 -44.62
CA ALA C 1047 -5.50 30.76 -43.56
C ALA C 1047 -6.90 31.27 -43.91
N ASN C 1048 -7.06 31.84 -45.10
CA ASN C 1048 -8.37 32.36 -45.49
C ASN C 1048 -9.27 31.31 -46.14
N ASN C 1049 -8.88 30.04 -46.10
CA ASN C 1049 -9.77 28.96 -46.47
C ASN C 1049 -10.35 28.25 -45.27
N LEU C 1050 -9.70 28.32 -44.12
CA LEU C 1050 -10.25 27.74 -42.89
C LEU C 1050 -11.33 28.60 -42.27
N LYS C 1051 -11.50 29.83 -42.74
CA LYS C 1051 -12.60 30.68 -42.29
C LYS C 1051 -13.86 30.45 -43.10
N SER C 1052 -13.90 29.40 -43.93
CA SER C 1052 -15.05 29.09 -44.73
C SER C 1052 -16.14 28.45 -43.89
N SER C 1053 -17.22 28.05 -44.54
CA SER C 1053 -18.41 27.60 -43.83
C SER C 1053 -18.75 26.15 -44.08
N ASN C 1054 -18.72 25.70 -45.33
CA ASN C 1054 -19.11 24.33 -45.64
C ASN C 1054 -18.00 23.36 -45.27
N LYS C 1055 -18.43 22.21 -44.74
CA LYS C 1055 -17.54 21.23 -44.13
C LYS C 1055 -16.64 20.53 -45.14
N TYR C 1056 -16.91 20.63 -46.44
CA TYR C 1056 -16.11 19.90 -47.41
C TYR C 1056 -14.79 20.59 -47.66
N VAL C 1057 -14.76 21.92 -47.67
CA VAL C 1057 -13.49 22.57 -47.95
C VAL C 1057 -12.62 22.59 -46.71
N ILE C 1058 -13.21 22.61 -45.52
CA ILE C 1058 -12.44 22.61 -44.30
C ILE C 1058 -12.28 21.20 -43.75
N ASN C 1059 -12.52 20.19 -44.57
CA ASN C 1059 -11.89 18.89 -44.39
C ASN C 1059 -10.74 18.69 -45.36
N GLN C 1060 -10.84 19.29 -46.54
CA GLN C 1060 -9.75 19.19 -47.51
C GLN C 1060 -8.58 20.05 -47.12
N ASN C 1061 -8.85 21.21 -46.50
CA ASN C 1061 -7.76 22.01 -45.97
C ASN C 1061 -7.08 21.31 -44.80
N LEU C 1062 -7.81 20.56 -43.99
CA LEU C 1062 -7.18 19.85 -42.88
C LEU C 1062 -6.37 18.65 -43.39
N ASP C 1063 -6.90 17.92 -44.36
CA ASP C 1063 -6.15 16.83 -44.97
C ASP C 1063 -4.96 17.32 -45.77
N ASP C 1064 -4.99 18.55 -46.26
CA ASP C 1064 -3.81 19.10 -46.93
C ASP C 1064 -2.80 19.66 -45.94
N ILE C 1065 -3.24 20.23 -44.82
CA ILE C 1065 -2.31 20.73 -43.82
C ILE C 1065 -1.57 19.59 -43.14
N GLU C 1066 -2.26 18.49 -42.81
CA GLU C 1066 -1.58 17.40 -42.12
C GLU C 1066 -0.60 16.65 -43.03
N VAL C 1067 -0.72 16.81 -44.35
CA VAL C 1067 0.28 16.29 -45.27
C VAL C 1067 1.37 17.33 -45.55
N TYR C 1068 0.99 18.61 -45.59
CA TYR C 1068 1.93 19.70 -45.81
C TYR C 1068 2.95 19.79 -44.70
N LEU C 1069 2.48 19.80 -43.46
CA LEU C 1069 3.40 19.88 -42.32
C LEU C 1069 4.19 18.60 -42.16
N ARG C 1070 3.63 17.46 -42.54
CA ARG C 1070 4.39 16.22 -42.50
C ARG C 1070 5.51 16.22 -43.54
N ARG C 1071 5.30 16.89 -44.68
CA ARG C 1071 6.40 17.06 -45.63
C ARG C 1071 7.42 18.06 -45.10
N LYS C 1072 6.96 19.12 -44.44
CA LYS C 1072 7.88 20.15 -43.98
C LYS C 1072 8.69 19.74 -42.77
N GLN C 1073 8.24 18.76 -42.00
CA GLN C 1073 9.08 18.22 -40.92
C GLN C 1073 10.30 17.52 -41.48
N THR C 1074 10.09 16.58 -42.41
CA THR C 1074 11.22 15.89 -43.03
C THR C 1074 12.02 16.82 -43.92
N GLU C 1075 11.39 17.85 -44.45
CA GLU C 1075 12.10 18.85 -45.23
C GLU C 1075 12.93 19.77 -44.34
N ARG C 1076 12.60 19.84 -43.04
CA ARG C 1076 13.35 20.54 -41.99
C ARG C 1076 13.42 22.05 -42.21
N SER C 1077 12.58 22.62 -43.06
CA SER C 1077 12.64 24.05 -43.32
C SER C 1077 11.23 24.64 -43.38
N ILE C 1078 10.39 24.25 -42.43
CA ILE C 1078 9.16 25.00 -42.21
C ILE C 1078 9.50 26.33 -41.57
N ASP C 1079 8.88 27.39 -42.08
CA ASP C 1079 9.31 28.74 -41.76
C ASP C 1079 8.82 29.14 -40.38
N PHE C 1080 9.72 29.68 -39.56
CA PHE C 1080 9.35 30.32 -38.29
C PHE C 1080 9.98 31.71 -38.30
N THR C 1081 9.28 32.67 -38.89
CA THR C 1081 9.82 34.00 -39.09
C THR C 1081 9.62 34.84 -37.83
N PRO C 1082 10.69 35.40 -37.22
CA PRO C 1082 10.59 36.26 -36.04
C PRO C 1082 9.85 37.57 -36.30
N SER C 1089 2.96 35.08 -44.28
CA SER C 1089 3.57 33.76 -44.41
C SER C 1089 3.94 33.19 -43.03
N ASP C 1090 3.29 33.71 -41.99
CA ASP C 1090 3.55 33.23 -40.64
C ASP C 1090 2.73 32.00 -40.34
N ILE C 1091 3.35 31.02 -39.68
CA ILE C 1091 2.68 29.80 -39.28
C ILE C 1091 1.68 30.07 -38.16
N THR C 1092 1.85 31.17 -37.43
CA THR C 1092 0.89 31.53 -36.39
C THR C 1092 -0.45 31.98 -36.97
N LEU C 1093 -0.49 32.42 -38.24
CA LEU C 1093 -1.74 32.70 -38.92
C LEU C 1093 -2.58 31.45 -39.06
N VAL C 1094 -1.98 30.36 -39.55
CA VAL C 1094 -2.74 29.14 -39.71
C VAL C 1094 -2.99 28.49 -38.36
N LEU C 1095 -2.16 28.76 -37.35
CA LEU C 1095 -2.47 28.23 -36.02
C LEU C 1095 -3.69 28.93 -35.42
N GLY C 1096 -3.80 30.24 -35.60
CA GLY C 1096 -4.99 30.95 -35.14
C GLY C 1096 -6.23 30.54 -35.93
N ALA C 1097 -6.06 30.27 -37.23
CA ALA C 1097 -7.17 29.76 -38.02
C ALA C 1097 -7.63 28.39 -37.54
N LEU C 1098 -6.69 27.52 -37.16
CA LEU C 1098 -7.05 26.21 -36.66
C LEU C 1098 -7.71 26.29 -35.30
N LEU C 1099 -7.25 27.20 -34.43
CA LEU C 1099 -7.91 27.35 -33.13
C LEU C 1099 -9.33 27.88 -33.29
N ASP C 1100 -9.54 28.82 -34.21
CA ASP C 1100 -10.89 29.31 -34.46
C ASP C 1100 -11.76 28.25 -35.12
N THR C 1101 -11.17 27.38 -35.95
CA THR C 1101 -11.94 26.32 -36.58
C THR C 1101 -12.37 25.27 -35.57
N SER C 1102 -11.49 24.93 -34.63
CA SER C 1102 -11.85 23.97 -33.59
C SER C 1102 -12.84 24.57 -32.60
N HIS C 1103 -12.75 25.87 -32.36
CA HIS C 1103 -13.72 26.51 -31.47
C HIS C 1103 -15.07 26.68 -32.14
N LYS C 1104 -15.11 26.77 -33.47
CA LYS C 1104 -16.36 26.93 -34.19
C LYS C 1104 -17.19 25.65 -34.14
N PHE C 1105 -16.55 24.49 -34.14
CA PHE C 1105 -17.22 23.21 -34.26
C PHE C 1105 -17.18 22.40 -32.98
N ARG C 1106 -17.22 23.07 -31.82
CA ARG C 1106 -17.15 22.40 -30.54
C ARG C 1106 -18.35 21.54 -30.26
N ASN C 1107 -19.48 21.79 -30.92
CA ASN C 1107 -20.70 21.05 -30.69
C ASN C 1107 -21.24 20.43 -31.96
N LEU C 1108 -20.46 20.42 -33.04
CA LEU C 1108 -20.87 19.88 -34.32
C LEU C 1108 -19.66 19.20 -34.94
N ASP C 1109 -19.81 17.91 -35.31
CA ASP C 1109 -18.79 17.14 -36.03
C ASP C 1109 -17.48 17.07 -35.28
N LYS C 1110 -17.41 16.24 -34.22
CA LYS C 1110 -16.18 15.99 -33.47
C LYS C 1110 -14.97 15.60 -34.32
N ASP C 1111 -15.17 15.09 -35.55
CA ASP C 1111 -14.07 14.56 -36.35
C ASP C 1111 -13.19 15.66 -36.90
N LEU C 1112 -13.76 16.79 -37.33
CA LEU C 1112 -12.87 17.80 -37.87
C LEU C 1112 -12.18 18.58 -36.77
N CYS C 1113 -12.76 18.64 -35.57
CA CYS C 1113 -12.00 19.13 -34.43
C CYS C 1113 -10.89 18.17 -34.02
N GLU C 1114 -11.11 16.86 -34.20
CA GLU C 1114 -10.04 15.89 -33.98
C GLU C 1114 -8.86 16.13 -34.91
N LYS C 1115 -9.12 16.13 -36.23
CA LYS C 1115 -8.02 16.32 -37.17
C LYS C 1115 -7.48 17.74 -37.15
N CYS C 1116 -8.29 18.70 -36.69
CA CYS C 1116 -7.84 20.06 -36.54
C CYS C 1116 -6.85 20.20 -35.38
N ALA C 1117 -7.17 19.57 -34.24
CA ALA C 1117 -6.23 19.53 -33.13
C ALA C 1117 -5.00 18.71 -33.46
N LYS C 1118 -5.15 17.69 -34.32
CA LYS C 1118 -3.96 16.95 -34.76
C LYS C 1118 -3.05 17.82 -35.61
N CYS C 1119 -3.62 18.69 -36.46
CA CYS C 1119 -2.80 19.63 -37.21
C CYS C 1119 -2.14 20.66 -36.30
N ILE C 1120 -2.84 21.10 -35.24
CA ILE C 1120 -2.24 22.02 -34.28
C ILE C 1120 -1.06 21.36 -33.56
N SER C 1121 -1.21 20.08 -33.23
CA SER C 1121 -0.12 19.32 -32.65
C SER C 1121 1.03 19.16 -33.62
N MET C 1122 0.74 19.04 -34.91
CA MET C 1122 1.81 18.97 -35.90
C MET C 1122 2.54 20.29 -36.03
N ILE C 1123 1.86 21.41 -35.76
CA ILE C 1123 2.56 22.69 -35.67
C ILE C 1123 3.46 22.69 -34.44
N GLY C 1124 2.87 22.51 -33.26
CA GLY C 1124 3.62 22.41 -32.04
C GLY C 1124 3.55 23.68 -31.20
N VAL C 1125 4.42 23.73 -30.20
CA VAL C 1125 4.52 24.91 -29.35
C VAL C 1125 5.34 25.94 -30.09
N LEU C 1126 4.78 27.13 -30.29
CA LEU C 1126 5.58 28.22 -30.80
C LEU C 1126 6.28 28.91 -29.65
N ASP C 1127 7.42 29.52 -29.96
CA ASP C 1127 8.04 30.43 -29.03
C ASP C 1127 7.12 31.63 -28.81
N VAL C 1128 6.76 31.86 -27.55
CA VAL C 1128 5.75 32.86 -27.23
C VAL C 1128 6.31 34.27 -27.40
N THR C 1129 7.64 34.39 -27.43
CA THR C 1129 8.27 35.69 -27.63
C THR C 1129 8.09 36.17 -29.07
N LYS C 1130 8.61 35.41 -30.03
CA LYS C 1130 8.71 35.87 -31.41
C LYS C 1130 7.56 35.40 -32.29
N HIS C 1131 6.43 34.99 -31.70
CA HIS C 1131 5.26 34.62 -32.48
C HIS C 1131 4.00 35.09 -31.78
N GLU C 1132 3.12 35.74 -32.53
CA GLU C 1132 1.95 36.38 -31.96
C GLU C 1132 0.83 36.37 -32.99
N PHE C 1133 -0.41 36.35 -32.52
CA PHE C 1133 -1.57 36.35 -33.40
C PHE C 1133 -1.78 37.74 -34.01
N LYS C 1134 -2.91 37.92 -34.69
CA LYS C 1134 -3.12 39.13 -35.49
C LYS C 1134 -3.40 40.35 -34.61
N ARG C 1135 -4.31 40.22 -33.63
CA ARG C 1135 -4.64 41.25 -32.63
C ARG C 1135 -5.05 42.58 -33.28
N THR C 1136 -6.15 42.53 -34.03
CA THR C 1136 -6.69 43.73 -34.67
C THR C 1136 -7.65 44.43 -33.71
N THR C 1137 -7.08 44.98 -32.64
CA THR C 1137 -7.82 45.67 -31.60
C THR C 1137 -7.63 47.18 -31.64
N TYR C 1138 -6.39 47.65 -31.77
CA TYR C 1138 -6.11 49.06 -32.02
C TYR C 1138 -6.17 49.25 -33.53
N SER C 1139 -7.34 49.68 -34.02
CA SER C 1139 -7.65 49.65 -35.44
C SER C 1139 -8.76 50.68 -35.68
N GLU C 1140 -9.46 50.54 -36.81
CA GLU C 1140 -10.69 51.30 -37.03
C GLU C 1140 -11.73 51.03 -35.94
N ASN C 1141 -11.71 49.82 -35.37
CA ASN C 1141 -12.19 49.53 -34.01
C ASN C 1141 -13.70 49.61 -33.88
N GLU C 1142 -14.43 49.42 -34.99
CA GLU C 1142 -15.86 49.12 -35.02
C GLU C 1142 -16.72 50.25 -34.47
N VAL C 1143 -16.21 51.47 -34.40
CA VAL C 1143 -16.95 52.60 -33.85
C VAL C 1143 -17.62 53.35 -34.99
N TYR C 1144 -18.95 53.31 -35.01
CA TYR C 1144 -19.73 53.93 -36.07
C TYR C 1144 -20.99 54.54 -35.46
N ASP C 1145 -21.14 55.84 -35.62
CA ASP C 1145 -22.35 56.51 -35.17
C ASP C 1145 -23.49 56.19 -36.13
N LEU C 1146 -24.62 55.73 -35.59
CA LEU C 1146 -25.79 55.39 -36.38
C LEU C 1146 -26.77 56.54 -36.52
N ASN C 1147 -26.31 57.76 -36.33
CA ASN C 1147 -27.14 58.95 -36.45
C ASN C 1147 -26.75 59.83 -37.62
N ASP C 1148 -25.45 60.07 -37.81
CA ASP C 1148 -24.99 60.83 -38.96
C ASP C 1148 -24.98 59.96 -40.21
N SER C 1149 -24.99 60.61 -41.37
CA SER C 1149 -24.99 59.87 -42.61
C SER C 1149 -23.59 59.36 -42.97
N VAL C 1150 -22.58 60.23 -42.82
CA VAL C 1150 -21.24 59.99 -43.34
C VAL C 1150 -20.56 58.80 -42.67
N GLN C 1151 -20.94 58.46 -41.45
CA GLN C 1151 -20.41 57.26 -40.80
C GLN C 1151 -21.33 56.07 -40.89
N THR C 1152 -22.63 56.29 -41.08
CA THR C 1152 -23.55 55.17 -41.30
C THR C 1152 -23.26 54.50 -42.64
N ILE C 1153 -22.91 55.30 -43.64
CA ILE C 1153 -22.52 54.76 -44.93
C ILE C 1153 -21.20 54.01 -44.83
N LYS C 1154 -20.28 54.49 -43.97
CA LYS C 1154 -19.03 53.77 -43.75
C LYS C 1154 -19.28 52.45 -43.02
N PHE C 1155 -20.22 52.44 -42.08
CA PHE C 1155 -20.59 51.20 -41.39
C PHE C 1155 -21.20 50.20 -42.37
N LEU C 1156 -22.07 50.66 -43.25
CA LEU C 1156 -22.71 49.75 -44.19
C LEU C 1156 -21.73 49.23 -45.21
N ILE C 1157 -20.80 50.07 -45.68
CA ILE C 1157 -19.82 49.57 -46.63
C ILE C 1157 -18.84 48.63 -45.95
N TRP C 1158 -18.58 48.83 -44.65
CA TRP C 1158 -17.71 47.94 -43.92
C TRP C 1158 -18.38 46.58 -43.68
N VAL C 1159 -19.65 46.59 -43.26
CA VAL C 1159 -20.34 45.35 -42.97
C VAL C 1159 -20.67 44.60 -44.25
N ILE C 1160 -20.79 45.29 -45.38
CA ILE C 1160 -20.87 44.59 -46.65
C ILE C 1160 -19.52 43.98 -47.01
N ASN C 1161 -18.43 44.74 -46.79
CA ASN C 1161 -17.13 44.31 -47.29
C ASN C 1161 -16.58 43.13 -46.49
N ASP C 1162 -16.68 43.15 -45.16
CA ASP C 1162 -15.94 42.12 -44.42
C ASP C 1162 -16.75 40.87 -44.11
N ILE C 1163 -18.06 40.97 -43.88
CA ILE C 1163 -18.82 39.81 -43.45
C ILE C 1163 -20.04 39.51 -44.32
N LEU C 1164 -20.61 40.45 -45.06
CA LEU C 1164 -21.76 40.11 -45.90
C LEU C 1164 -21.36 39.56 -47.25
N VAL C 1165 -20.32 40.12 -47.86
CA VAL C 1165 -19.77 39.54 -49.09
C VAL C 1165 -19.22 38.14 -48.91
N PRO C 1166 -18.46 37.79 -47.84
CA PRO C 1166 -18.13 36.37 -47.67
C PRO C 1166 -19.32 35.47 -47.40
N ALA C 1167 -20.28 35.91 -46.56
CA ALA C 1167 -21.47 35.10 -46.30
C ALA C 1167 -22.36 34.96 -47.53
N PHE C 1168 -22.21 35.86 -48.51
CA PHE C 1168 -22.96 35.76 -49.75
C PHE C 1168 -22.54 34.54 -50.55
N TRP C 1169 -21.26 34.20 -50.52
CA TRP C 1169 -20.76 33.07 -51.30
C TRP C 1169 -20.82 31.76 -50.54
N GLN C 1170 -20.46 31.76 -49.26
CA GLN C 1170 -20.28 30.53 -48.50
C GLN C 1170 -21.55 30.02 -47.85
N SER C 1171 -22.71 30.49 -48.29
CA SER C 1171 -23.99 30.10 -47.71
C SER C 1171 -24.27 28.62 -47.98
N GLU C 1172 -25.06 28.02 -47.09
CA GLU C 1172 -25.37 26.60 -47.20
C GLU C 1172 -26.69 26.37 -47.93
N ASN C 1173 -27.78 26.84 -47.36
CA ASN C 1173 -28.99 26.75 -48.17
C ASN C 1173 -29.17 28.02 -48.98
N PRO C 1174 -29.75 27.94 -50.18
CA PRO C 1174 -29.92 29.12 -51.01
C PRO C 1174 -30.89 30.16 -50.46
N SER C 1175 -31.76 29.80 -49.51
CA SER C 1175 -32.61 30.79 -48.88
C SER C 1175 -31.81 31.78 -48.06
N LYS C 1176 -30.74 31.30 -47.40
CA LYS C 1176 -29.87 32.19 -46.66
C LYS C 1176 -29.10 33.09 -47.61
N GLN C 1177 -28.70 32.58 -48.77
CA GLN C 1177 -28.00 33.39 -49.76
C GLN C 1177 -28.92 34.44 -50.37
N LEU C 1178 -30.20 34.12 -50.55
CA LEU C 1178 -31.17 35.12 -50.99
C LEU C 1178 -31.39 36.19 -49.93
N PHE C 1179 -31.40 35.80 -48.65
CA PHE C 1179 -31.60 36.79 -47.59
C PHE C 1179 -30.38 37.69 -47.44
N VAL C 1180 -29.18 37.13 -47.60
CA VAL C 1180 -27.96 37.93 -47.61
C VAL C 1180 -27.96 38.89 -48.80
N ALA C 1181 -28.45 38.42 -49.96
CA ALA C 1181 -28.60 39.27 -51.13
C ALA C 1181 -29.58 40.41 -50.89
N LEU C 1182 -30.70 40.12 -50.21
CA LEU C 1182 -31.68 41.14 -49.86
C LEU C 1182 -31.08 42.21 -48.96
N VAL C 1183 -30.38 41.79 -47.91
CA VAL C 1183 -29.81 42.75 -46.97
C VAL C 1183 -28.69 43.55 -47.62
N ILE C 1184 -27.88 42.89 -48.45
CA ILE C 1184 -26.76 43.57 -49.08
C ILE C 1184 -27.22 44.43 -50.26
N GLN C 1185 -28.45 44.24 -50.73
CA GLN C 1185 -29.05 45.16 -51.70
C GLN C 1185 -29.64 46.38 -51.02
N GLU C 1186 -30.42 46.16 -49.96
CA GLU C 1186 -31.06 47.28 -49.28
C GLU C 1186 -30.06 48.16 -48.55
N SER C 1187 -28.91 47.60 -48.16
CA SER C 1187 -27.83 48.42 -47.64
C SER C 1187 -27.23 49.30 -48.72
N LEU C 1188 -27.18 48.82 -49.97
CA LEU C 1188 -26.78 49.68 -51.08
C LEU C 1188 -27.85 50.73 -51.37
N LYS C 1189 -29.11 50.39 -51.12
CA LYS C 1189 -30.19 51.32 -51.36
C LYS C 1189 -30.18 52.45 -50.34
N TYR C 1190 -29.80 52.15 -49.10
CA TYR C 1190 -29.65 53.20 -48.11
C TYR C 1190 -28.46 54.10 -48.43
N CYS C 1191 -27.42 53.53 -49.06
CA CYS C 1191 -26.22 54.29 -49.37
C CYS C 1191 -26.34 55.09 -50.67
N GLY C 1192 -27.50 55.08 -51.31
CA GLY C 1192 -27.71 55.88 -52.50
C GLY C 1192 -26.95 55.38 -53.71
N LEU C 1193 -27.06 54.08 -53.99
CA LEU C 1193 -26.37 53.48 -55.11
C LEU C 1193 -27.25 52.57 -55.96
N SER C 1194 -28.46 52.25 -55.51
CA SER C 1194 -29.23 51.16 -56.12
C SER C 1194 -30.20 51.63 -57.19
N SER C 1195 -31.14 52.51 -56.83
CA SER C 1195 -32.27 52.83 -57.71
C SER C 1195 -31.80 53.59 -58.96
N GLU C 1196 -31.04 54.65 -58.78
CA GLU C 1196 -30.33 55.20 -59.91
C GLU C 1196 -29.16 54.30 -60.27
N SER C 1197 -28.86 54.21 -61.56
CA SER C 1197 -27.73 53.43 -62.05
C SER C 1197 -26.69 54.40 -62.61
N TRP C 1198 -25.45 54.22 -62.18
CA TRP C 1198 -24.37 55.09 -62.62
C TRP C 1198 -23.10 54.34 -62.99
N ASP C 1199 -22.96 53.06 -62.64
CA ASP C 1199 -21.69 52.37 -62.69
C ASP C 1199 -21.27 51.99 -64.11
N MET C 1200 -22.09 52.29 -65.12
CA MET C 1200 -21.75 51.98 -66.50
C MET C 1200 -20.71 52.92 -67.08
N ASN C 1201 -20.31 53.96 -66.33
CA ASN C 1201 -19.33 55.00 -66.64
C ASN C 1201 -19.76 55.93 -67.76
N HIS C 1202 -20.97 55.77 -68.32
CA HIS C 1202 -21.50 56.71 -69.29
C HIS C 1202 -22.15 57.90 -68.61
N LYS C 1203 -22.43 57.81 -67.31
CA LYS C 1203 -22.95 58.95 -66.57
C LYS C 1203 -21.83 59.90 -66.16
N GLU C 1204 -20.92 59.42 -65.30
CA GLU C 1204 -19.65 60.04 -64.91
C GLU C 1204 -19.82 61.32 -64.08
N LEU C 1205 -21.04 61.82 -63.95
CA LEU C 1205 -21.34 62.99 -63.15
C LEU C 1205 -21.60 62.65 -61.70
N TYR C 1206 -21.12 61.48 -61.25
CA TYR C 1206 -21.31 61.02 -59.88
C TYR C 1206 -19.94 60.77 -59.24
N PRO C 1207 -19.23 61.83 -58.81
CA PRO C 1207 -17.95 61.59 -58.13
C PRO C 1207 -18.18 61.16 -56.69
N ASN C 1208 -19.28 61.67 -56.11
CA ASN C 1208 -19.65 61.35 -54.74
C ASN C 1208 -20.02 59.88 -54.60
N GLU C 1209 -20.53 59.27 -55.68
CA GLU C 1209 -20.82 57.85 -55.68
C GLU C 1209 -19.63 57.01 -56.12
N ALA C 1210 -18.75 57.54 -56.98
CA ALA C 1210 -17.60 56.77 -57.44
C ALA C 1210 -16.54 56.63 -56.34
N LYS C 1211 -16.25 57.73 -55.63
CA LYS C 1211 -15.33 57.66 -54.50
C LYS C 1211 -15.92 56.85 -53.35
N LEU C 1212 -17.25 56.76 -53.27
CA LEU C 1212 -17.87 55.86 -52.30
C LEU C 1212 -17.71 54.41 -52.73
N TRP C 1213 -17.87 54.15 -54.03
CA TRP C 1213 -17.80 52.79 -54.55
C TRP C 1213 -16.40 52.21 -54.48
N GLU C 1214 -15.38 53.06 -54.61
CA GLU C 1214 -13.99 52.59 -54.67
C GLU C 1214 -13.54 51.95 -53.35
N LYS C 1215 -14.20 52.24 -52.23
CA LYS C 1215 -13.83 51.64 -50.96
C LYS C 1215 -14.20 50.16 -50.88
N PHE C 1216 -15.13 49.68 -51.70
CA PHE C 1216 -15.29 48.25 -51.90
C PHE C 1216 -14.04 47.68 -52.56
N ASN C 1217 -13.59 46.51 -52.11
CA ASN C 1217 -12.49 45.86 -52.81
C ASN C 1217 -13.05 44.96 -53.91
N SER C 1218 -12.15 44.55 -54.83
CA SER C 1218 -12.57 43.97 -56.09
C SER C 1218 -13.24 42.61 -55.90
N VAL C 1219 -12.78 41.83 -54.92
CA VAL C 1219 -13.42 40.56 -54.61
C VAL C 1219 -14.78 40.74 -53.94
N SER C 1220 -15.11 41.95 -53.52
CA SER C 1220 -16.48 42.32 -53.20
C SER C 1220 -17.16 43.10 -54.31
N LYS C 1221 -16.39 43.84 -55.11
CA LYS C 1221 -16.98 44.64 -56.20
C LYS C 1221 -17.63 43.76 -57.24
N THR C 1222 -16.96 42.66 -57.62
CA THR C 1222 -17.49 41.79 -58.68
C THR C 1222 -18.76 41.09 -58.26
N THR C 1223 -18.92 40.81 -56.96
CA THR C 1223 -20.12 40.16 -56.49
C THR C 1223 -21.19 41.13 -56.01
N ILE C 1224 -20.84 42.41 -55.79
CA ILE C 1224 -21.87 43.37 -55.40
C ILE C 1224 -22.41 44.14 -56.59
N TYR C 1225 -21.67 44.16 -57.70
CA TYR C 1225 -22.12 44.86 -58.91
C TYR C 1225 -23.46 44.41 -59.50
N PRO C 1226 -23.84 43.11 -59.57
CA PRO C 1226 -25.13 42.81 -60.23
C PRO C 1226 -26.35 43.29 -59.48
N LEU C 1227 -26.35 43.20 -58.16
CA LEU C 1227 -27.58 43.41 -57.42
C LEU C 1227 -27.74 44.85 -56.93
N LEU C 1228 -27.17 45.81 -57.65
CA LEU C 1228 -27.60 47.20 -57.49
C LEU C 1228 -29.03 47.38 -57.97
N SER C 1229 -29.34 46.85 -59.15
CA SER C 1229 -30.64 47.02 -59.76
C SER C 1229 -31.57 45.84 -59.52
N SER C 1230 -31.21 44.92 -58.62
CA SER C 1230 -32.01 43.71 -58.40
C SER C 1230 -33.30 44.02 -57.65
N LEU C 1231 -34.21 43.06 -57.61
CA LEU C 1231 -35.56 43.26 -57.11
C LEU C 1231 -35.88 42.26 -56.02
N TYR C 1232 -34.97 42.08 -55.07
CA TYR C 1232 -35.25 41.20 -53.95
C TYR C 1232 -36.19 41.88 -52.99
N LEU C 1233 -37.19 41.12 -52.52
CA LEU C 1233 -38.23 41.67 -51.65
C LEU C 1233 -38.79 40.49 -50.85
N ALA C 1234 -38.38 40.38 -49.59
CA ALA C 1234 -38.71 39.22 -48.77
C ALA C 1234 -39.14 39.63 -47.37
N GLN C 1235 -40.11 40.55 -47.29
CA GLN C 1235 -40.63 41.04 -46.02
C GLN C 1235 -41.23 39.93 -45.16
N SER C 1236 -42.33 39.32 -45.64
CA SER C 1236 -42.93 38.09 -45.08
C SER C 1236 -43.32 38.26 -43.61
N TRP C 1237 -44.28 39.13 -43.37
CA TRP C 1237 -44.53 39.68 -42.05
C TRP C 1237 -45.83 39.12 -41.45
N LYS C 1238 -46.09 39.48 -40.19
CA LYS C 1238 -47.31 39.33 -39.38
C LYS C 1238 -47.50 37.91 -38.84
N GLU C 1239 -46.40 37.22 -38.60
CA GLU C 1239 -46.39 35.98 -37.80
C GLU C 1239 -45.25 36.03 -36.79
N TYR C 1240 -45.14 37.16 -36.08
CA TYR C 1240 -43.95 37.49 -35.34
C TYR C 1240 -44.06 37.33 -33.83
N VAL C 1241 -45.18 37.77 -33.23
CA VAL C 1241 -45.55 37.71 -31.80
C VAL C 1241 -44.40 38.12 -30.87
N PRO C 1242 -44.14 39.43 -30.70
CA PRO C 1242 -43.07 39.89 -29.80
C PRO C 1242 -43.23 39.42 -28.36
N LEU C 1243 -42.34 38.53 -27.91
CA LEU C 1243 -42.40 38.01 -26.57
C LEU C 1243 -41.79 39.00 -25.59
N LYS C 1244 -42.41 39.10 -24.41
CA LYS C 1244 -41.83 39.91 -23.34
C LYS C 1244 -40.56 39.26 -22.82
N TYR C 1245 -39.69 40.08 -22.24
CA TYR C 1245 -38.27 39.74 -22.20
C TYR C 1245 -37.88 38.68 -21.18
N PRO C 1246 -38.23 38.77 -19.87
CA PRO C 1246 -37.66 37.79 -18.93
C PRO C 1246 -38.14 36.35 -19.08
N SER C 1247 -39.02 36.07 -20.04
CA SER C 1247 -39.21 34.70 -20.51
C SER C 1247 -37.94 34.29 -21.25
N ASN C 1248 -37.10 33.52 -20.57
CA ASN C 1248 -35.78 33.21 -21.06
C ASN C 1248 -35.80 32.11 -22.11
N ASN C 1249 -34.76 32.09 -22.93
CA ASN C 1249 -34.58 31.10 -23.98
C ASN C 1249 -33.39 30.19 -23.69
N PHE C 1250 -33.04 30.05 -22.41
CA PHE C 1250 -31.82 29.36 -22.03
C PHE C 1250 -31.96 27.85 -22.15
N LYS C 1251 -33.17 27.33 -21.97
CA LYS C 1251 -33.43 25.90 -21.89
C LYS C 1251 -33.38 25.20 -23.23
N GLU C 1252 -33.14 25.93 -24.32
CA GLU C 1252 -32.92 25.36 -25.64
C GLU C 1252 -31.45 25.36 -26.04
N GLY C 1253 -30.79 26.51 -25.97
CA GLY C 1253 -29.38 26.59 -26.28
C GLY C 1253 -28.91 28.03 -26.27
N TYR C 1254 -27.67 28.21 -26.73
CA TYR C 1254 -27.16 29.57 -26.90
C TYR C 1254 -27.59 30.16 -28.23
N LYS C 1255 -27.43 29.40 -29.32
CA LYS C 1255 -27.76 29.93 -30.63
C LYS C 1255 -29.26 30.11 -30.82
N ILE C 1256 -30.08 29.40 -30.05
CA ILE C 1256 -31.50 29.75 -29.98
C ILE C 1256 -31.65 31.11 -29.31
N TRP C 1257 -30.95 31.29 -28.18
CA TRP C 1257 -31.16 32.45 -27.31
C TRP C 1257 -30.75 33.74 -27.98
N VAL C 1258 -29.55 33.77 -28.57
CA VAL C 1258 -29.03 35.03 -29.08
C VAL C 1258 -29.75 35.45 -30.35
N LYS C 1259 -30.21 34.49 -31.15
CA LYS C 1259 -31.00 34.80 -32.33
C LYS C 1259 -32.36 35.34 -31.95
N ARG C 1260 -33.04 34.68 -31.00
CA ARG C 1260 -34.35 35.16 -30.57
C ARG C 1260 -34.26 36.49 -29.84
N PHE C 1261 -33.20 36.72 -29.08
CA PHE C 1261 -33.07 37.97 -28.35
C PHE C 1261 -32.74 39.13 -29.29
N THR C 1262 -31.82 38.90 -30.24
CA THR C 1262 -31.51 39.91 -31.26
C THR C 1262 -32.74 40.22 -32.11
N LEU C 1263 -33.55 39.20 -32.40
CA LEU C 1263 -34.74 39.39 -33.22
C LEU C 1263 -35.83 40.11 -32.45
N ASP C 1264 -35.95 39.84 -31.15
CA ASP C 1264 -36.88 40.59 -30.31
C ASP C 1264 -36.43 42.03 -30.14
N LEU C 1265 -35.14 42.30 -30.27
CA LEU C 1265 -34.70 43.68 -30.18
C LEU C 1265 -34.94 44.46 -31.46
N LEU C 1266 -34.36 44.03 -32.58
CA LEU C 1266 -34.22 44.95 -33.70
C LEU C 1266 -35.53 45.15 -34.47
N LYS C 1267 -36.50 44.25 -34.32
CA LYS C 1267 -37.80 44.49 -34.92
C LYS C 1267 -38.73 45.29 -34.04
N THR C 1268 -38.30 45.64 -32.82
CA THR C 1268 -39.10 46.47 -31.93
C THR C 1268 -38.44 47.81 -31.65
N GLY C 1269 -37.37 48.16 -32.36
CA GLY C 1269 -36.69 49.41 -32.11
C GLY C 1269 -36.09 50.12 -33.30
N THR C 1270 -36.51 49.77 -34.51
CA THR C 1270 -35.85 50.31 -35.70
C THR C 1270 -36.79 51.08 -36.60
N THR C 1271 -37.95 50.50 -36.93
CA THR C 1271 -39.08 51.13 -37.63
C THR C 1271 -38.69 51.57 -39.05
N GLU C 1272 -38.20 50.59 -39.81
CA GLU C 1272 -38.20 50.52 -41.28
C GLU C 1272 -37.48 51.67 -42.01
N ASN C 1273 -36.76 52.54 -41.31
CA ASN C 1273 -36.07 53.63 -42.01
C ASN C 1273 -34.60 53.68 -41.62
N HIS C 1274 -34.33 53.36 -40.36
CA HIS C 1274 -32.97 53.15 -39.91
C HIS C 1274 -32.41 51.89 -40.56
N PRO C 1275 -31.17 51.93 -41.06
CA PRO C 1275 -30.71 50.88 -41.98
C PRO C 1275 -30.38 49.54 -41.34
N LEU C 1276 -30.57 49.38 -40.04
CA LEU C 1276 -30.44 48.06 -39.43
C LEU C 1276 -31.72 47.26 -39.49
N HIS C 1277 -32.75 47.78 -40.17
CA HIS C 1277 -34.03 47.08 -40.16
C HIS C 1277 -34.03 45.85 -41.07
N VAL C 1278 -33.26 45.90 -42.16
CA VAL C 1278 -33.29 44.84 -43.15
C VAL C 1278 -32.58 43.60 -42.61
N PHE C 1279 -31.58 43.80 -41.75
CA PHE C 1279 -30.71 42.75 -41.22
C PHE C 1279 -31.46 41.68 -40.44
N SER C 1280 -32.70 41.95 -40.03
CA SER C 1280 -33.55 40.97 -39.37
C SER C 1280 -33.89 39.79 -40.26
N SER C 1281 -33.78 39.93 -41.59
CA SER C 1281 -34.00 38.79 -42.46
C SER C 1281 -32.89 37.74 -42.37
N LEU C 1282 -31.76 38.07 -41.74
CA LEU C 1282 -30.64 37.15 -41.65
C LEU C 1282 -30.68 36.24 -40.44
N ILE C 1283 -31.41 36.61 -39.40
CA ILE C 1283 -31.25 35.99 -38.09
C ILE C 1283 -32.40 35.03 -37.77
N ARG C 1284 -33.09 34.54 -38.78
CA ARG C 1284 -33.90 33.33 -38.62
C ARG C 1284 -33.23 32.13 -39.23
N GLU C 1285 -32.01 32.31 -39.76
CA GLU C 1285 -31.22 31.21 -40.28
C GLU C 1285 -29.75 31.40 -39.91
N ASP C 1286 -29.45 32.31 -39.00
CA ASP C 1286 -28.11 32.57 -38.51
C ASP C 1286 -27.57 31.35 -37.76
N ASP C 1287 -26.25 31.26 -37.70
CA ASP C 1287 -25.60 30.32 -36.80
C ASP C 1287 -25.29 30.93 -35.44
N GLY C 1288 -25.84 32.11 -35.14
CA GLY C 1288 -25.56 32.82 -33.93
C GLY C 1288 -24.40 33.81 -34.03
N SER C 1289 -23.59 33.72 -35.08
CA SER C 1289 -22.46 34.63 -35.21
C SER C 1289 -22.92 36.01 -35.63
N LEU C 1290 -23.81 36.09 -36.61
CA LEU C 1290 -24.25 37.38 -37.12
C LEU C 1290 -25.18 38.08 -36.11
N SER C 1291 -25.95 37.30 -35.36
CA SER C 1291 -26.76 37.86 -34.28
C SER C 1291 -25.87 38.48 -33.21
N ASN C 1292 -24.79 37.77 -32.84
CA ASN C 1292 -23.85 38.30 -31.86
C ASN C 1292 -23.09 39.50 -32.41
N PHE C 1293 -22.92 39.56 -33.73
CA PHE C 1293 -22.31 40.73 -34.34
C PHE C 1293 -23.20 41.95 -34.21
N LEU C 1294 -24.48 41.82 -34.56
CA LEU C 1294 -25.36 42.97 -34.60
C LEU C 1294 -25.99 43.31 -33.26
N LEU C 1295 -25.88 42.44 -32.26
CA LEU C 1295 -26.43 42.74 -30.94
C LEU C 1295 -25.89 44.01 -30.26
N PRO C 1296 -24.57 44.32 -30.26
CA PRO C 1296 -24.16 45.60 -29.68
C PRO C 1296 -24.69 46.82 -30.41
N TYR C 1297 -24.75 46.77 -31.74
CA TYR C 1297 -25.16 47.94 -32.50
C TYR C 1297 -26.64 48.25 -32.31
N ILE C 1298 -27.49 47.21 -32.34
CA ILE C 1298 -28.91 47.46 -32.19
C ILE C 1298 -29.23 47.81 -30.74
N SER C 1299 -28.50 47.24 -29.77
CA SER C 1299 -28.75 47.61 -28.38
C SER C 1299 -28.28 49.03 -28.09
N LEU C 1300 -27.14 49.43 -28.66
CA LEU C 1300 -26.64 50.79 -28.49
C LEU C 1300 -27.54 51.80 -29.19
N ASP C 1301 -28.18 51.41 -30.30
CA ASP C 1301 -29.14 52.33 -30.91
C ASP C 1301 -30.44 52.38 -30.11
N ILE C 1302 -30.76 51.32 -29.37
CA ILE C 1302 -31.90 51.39 -28.46
C ILE C 1302 -31.58 52.24 -27.23
N ILE C 1303 -30.29 52.36 -26.87
CA ILE C 1303 -29.88 53.16 -25.72
C ILE C 1303 -30.22 54.64 -25.92
N ILE C 1304 -29.92 55.18 -27.10
CA ILE C 1304 -30.03 56.62 -27.30
C ILE C 1304 -31.46 57.13 -27.42
N LYS C 1305 -32.46 56.26 -27.31
CA LYS C 1305 -33.86 56.68 -27.25
C LYS C 1305 -34.14 57.17 -25.84
N ALA C 1306 -34.49 58.45 -25.73
CA ALA C 1306 -34.43 59.15 -24.46
C ALA C 1306 -35.81 59.31 -23.81
N GLU C 1307 -35.77 59.80 -22.55
CA GLU C 1307 -36.89 60.41 -21.79
C GLU C 1307 -38.19 59.60 -21.86
N LYS C 1308 -38.16 58.42 -21.22
CA LYS C 1308 -38.61 57.10 -21.72
C LYS C 1308 -39.70 57.23 -22.79
N GLY C 1309 -40.89 57.73 -22.46
CA GLY C 1309 -41.80 58.29 -23.45
C GLY C 1309 -42.38 57.31 -24.44
N THR C 1310 -41.51 56.82 -25.33
CA THR C 1310 -41.81 55.83 -26.35
C THR C 1310 -41.65 54.45 -25.71
N PRO C 1311 -42.12 53.38 -26.36
CA PRO C 1311 -41.76 52.04 -25.85
C PRO C 1311 -40.33 51.63 -26.13
N TYR C 1312 -39.54 52.47 -26.79
CA TYR C 1312 -38.16 52.15 -27.10
C TYR C 1312 -37.30 52.07 -25.84
N ALA C 1313 -37.69 52.79 -24.79
CA ALA C 1313 -37.02 52.59 -23.51
C ALA C 1313 -37.79 51.64 -22.62
N ASP C 1314 -39.01 51.25 -23.00
CA ASP C 1314 -39.71 50.19 -22.30
C ASP C 1314 -39.10 48.83 -22.61
N ILE C 1315 -38.61 48.63 -23.84
CA ILE C 1315 -37.89 47.41 -24.16
C ILE C 1315 -36.47 47.45 -23.63
N LEU C 1316 -35.95 48.63 -23.29
CA LEU C 1316 -34.68 48.72 -22.58
C LEU C 1316 -34.79 48.11 -21.18
N ASN C 1317 -35.88 48.40 -20.47
CA ASN C 1317 -36.14 47.77 -19.18
C ASN C 1317 -36.40 46.28 -19.30
N GLY C 1318 -36.77 45.81 -20.49
CA GLY C 1318 -36.86 44.38 -20.69
C GLY C 1318 -35.49 43.72 -20.79
N ILE C 1319 -34.55 44.38 -21.45
CA ILE C 1319 -33.23 43.75 -21.61
C ILE C 1319 -32.32 43.97 -20.42
N ILE C 1320 -32.61 44.98 -19.58
CA ILE C 1320 -31.91 45.07 -18.30
C ILE C 1320 -32.23 43.85 -17.43
N ILE C 1321 -33.52 43.51 -17.31
CA ILE C 1321 -33.84 42.33 -16.54
C ILE C 1321 -33.58 41.04 -17.32
N GLU C 1322 -33.39 41.11 -18.64
CA GLU C 1322 -32.89 39.95 -19.36
C GLU C 1322 -31.42 39.71 -19.06
N PHE C 1323 -30.63 40.78 -18.95
CA PHE C 1323 -29.25 40.65 -18.48
C PHE C 1323 -29.21 40.15 -17.04
N ASP C 1324 -30.18 40.57 -16.22
CA ASP C 1324 -30.31 40.05 -14.87
C ASP C 1324 -30.63 38.55 -14.90
N SER C 1325 -31.43 38.12 -15.87
CA SER C 1325 -31.72 36.71 -16.03
C SER C 1325 -30.50 35.93 -16.51
N ILE C 1326 -29.63 36.58 -17.28
CA ILE C 1326 -28.37 35.95 -17.69
C ILE C 1326 -27.46 35.75 -16.49
N PHE C 1327 -27.16 36.83 -15.77
CA PHE C 1327 -26.18 36.77 -14.70
C PHE C 1327 -26.70 35.98 -13.50
N THR C 1328 -27.77 36.46 -12.88
CA THR C 1328 -28.33 35.80 -11.70
C THR C 1328 -29.10 34.55 -12.12
N CYS C 1329 -28.32 33.50 -12.42
CA CYS C 1329 -28.82 32.20 -12.81
C CYS C 1329 -28.34 31.15 -11.81
N ASN C 1330 -28.69 29.90 -12.07
CA ASN C 1330 -28.40 28.86 -11.08
C ASN C 1330 -26.99 28.30 -11.27
N LEU C 1331 -26.70 27.78 -12.46
CA LEU C 1331 -25.41 27.29 -12.97
C LEU C 1331 -25.00 25.94 -12.36
N GLU C 1332 -25.71 25.45 -11.36
CA GLU C 1332 -25.57 24.07 -10.96
C GLU C 1332 -26.86 23.33 -11.23
N GLY C 1333 -26.80 22.01 -11.12
CA GLY C 1333 -27.89 21.16 -11.55
C GLY C 1333 -27.93 20.91 -13.04
N MET C 1334 -26.93 21.40 -13.78
CA MET C 1334 -26.85 21.28 -15.22
C MET C 1334 -25.44 20.82 -15.56
N ASN C 1335 -25.31 20.06 -16.66
CA ASN C 1335 -24.03 19.47 -16.98
C ASN C 1335 -23.19 20.45 -17.79
N ASN C 1336 -22.09 19.97 -18.39
CA ASN C 1336 -21.06 20.84 -18.94
C ASN C 1336 -21.38 21.37 -20.34
N LEU C 1337 -22.65 21.38 -20.76
CA LEU C 1337 -23.01 22.07 -22.00
C LEU C 1337 -24.00 23.20 -21.81
N GLN C 1338 -24.87 23.14 -20.81
CA GLN C 1338 -25.69 24.32 -20.54
C GLN C 1338 -24.86 25.41 -19.90
N VAL C 1339 -23.83 25.05 -19.14
CA VAL C 1339 -22.95 26.08 -18.61
C VAL C 1339 -22.06 26.63 -19.71
N ASP C 1340 -21.79 25.85 -20.76
CA ASP C 1340 -21.03 26.37 -21.90
C ASP C 1340 -21.84 27.39 -22.67
N SER C 1341 -23.13 27.09 -22.89
CA SER C 1341 -24.05 28.05 -23.46
C SER C 1341 -24.19 29.28 -22.58
N LEU C 1342 -24.08 29.11 -21.26
CA LEU C 1342 -24.13 30.27 -20.38
C LEU C 1342 -22.86 31.11 -20.46
N ARG C 1343 -21.70 30.47 -20.70
CA ARG C 1343 -20.47 31.22 -20.97
C ARG C 1343 -20.62 32.07 -22.22
N MET C 1344 -21.22 31.48 -23.27
CA MET C 1344 -21.42 32.24 -24.50
C MET C 1344 -22.44 33.36 -24.30
N CYS C 1345 -23.48 33.12 -23.51
CA CYS C 1345 -24.45 34.17 -23.20
C CYS C 1345 -23.82 35.28 -22.35
N TYR C 1346 -22.83 34.93 -21.53
CA TYR C 1346 -22.03 35.95 -20.84
C TYR C 1346 -21.28 36.79 -21.84
N GLU C 1347 -20.49 36.14 -22.71
CA GLU C 1347 -19.60 36.83 -23.65
C GLU C 1347 -20.35 37.75 -24.59
N SER C 1348 -21.50 37.29 -25.10
CA SER C 1348 -22.28 38.06 -26.07
C SER C 1348 -22.80 39.36 -25.50
N ILE C 1349 -22.91 39.46 -24.18
CA ILE C 1349 -23.41 40.68 -23.56
C ILE C 1349 -22.36 41.36 -22.72
N PHE C 1350 -21.17 40.79 -22.55
CA PHE C 1350 -20.03 41.62 -22.22
C PHE C 1350 -19.63 42.46 -23.42
N ARG C 1351 -19.82 41.91 -24.62
CA ARG C 1351 -19.50 42.64 -25.84
C ARG C 1351 -20.31 43.92 -25.96
N VAL C 1352 -21.59 43.88 -25.57
CA VAL C 1352 -22.39 45.09 -25.68
C VAL C 1352 -21.99 46.11 -24.62
N PHE C 1353 -21.48 45.66 -23.48
CA PHE C 1353 -20.99 46.62 -22.48
C PHE C 1353 -19.73 47.32 -22.96
N GLU C 1354 -18.77 46.56 -23.51
CA GLU C 1354 -17.58 47.26 -23.98
C GLU C 1354 -17.86 48.07 -25.24
N TYR C 1355 -18.86 47.71 -26.05
CA TYR C 1355 -19.18 48.55 -27.19
C TYR C 1355 -19.88 49.83 -26.78
N CYS C 1356 -20.76 49.77 -25.77
CA CYS C 1356 -21.39 50.98 -25.27
C CYS C 1356 -20.34 51.92 -24.67
N LYS C 1357 -19.37 51.35 -23.93
CA LYS C 1357 -18.32 52.18 -23.35
C LYS C 1357 -17.42 52.78 -24.43
N LYS C 1358 -17.04 51.97 -25.43
CA LYS C 1358 -16.17 52.43 -26.50
C LYS C 1358 -16.86 53.50 -27.34
N TRP C 1359 -18.14 53.29 -27.67
CA TRP C 1359 -18.90 54.24 -28.46
C TRP C 1359 -19.09 55.55 -27.71
N ALA C 1360 -19.36 55.47 -26.41
CA ALA C 1360 -19.58 56.68 -25.64
C ALA C 1360 -18.30 57.49 -25.51
N THR C 1361 -17.17 56.82 -25.32
CA THR C 1361 -15.90 57.55 -25.20
C THR C 1361 -15.46 58.15 -26.53
N GLU C 1362 -15.64 57.42 -27.64
CA GLU C 1362 -15.29 58.01 -28.92
C GLU C 1362 -16.29 59.09 -29.32
N PHE C 1363 -17.54 59.00 -28.84
CA PHE C 1363 -18.51 60.04 -29.11
C PHE C 1363 -18.17 61.32 -28.37
N LYS C 1364 -17.73 61.21 -27.12
CA LYS C 1364 -17.24 62.36 -26.40
C LYS C 1364 -16.00 62.95 -27.07
N GLN C 1365 -15.13 62.08 -27.58
CA GLN C 1365 -13.87 62.53 -28.19
C GLN C 1365 -14.13 63.29 -29.49
N ASN C 1366 -14.93 62.73 -30.40
CA ASN C 1366 -15.15 63.44 -31.65
C ASN C 1366 -16.20 64.53 -31.52
N TYR C 1367 -17.01 64.50 -30.45
CA TYR C 1367 -17.92 65.61 -30.20
C TYR C 1367 -17.18 66.83 -29.67
N SER C 1368 -16.16 66.61 -28.85
CA SER C 1368 -15.29 67.70 -28.43
C SER C 1368 -14.21 68.02 -29.47
N LYS C 1369 -14.03 67.16 -30.47
CA LYS C 1369 -13.04 67.44 -31.50
C LYS C 1369 -13.58 68.40 -32.55
N LEU C 1370 -14.64 68.01 -33.25
CA LEU C 1370 -15.16 68.80 -34.35
C LEU C 1370 -16.14 69.87 -33.88
N HIS C 1371 -17.18 69.48 -33.15
CA HIS C 1371 -18.18 70.44 -32.67
C HIS C 1371 -17.59 71.20 -31.49
N GLY C 1372 -16.86 72.27 -31.79
CA GLY C 1372 -16.27 73.06 -30.73
C GLY C 1372 -15.07 72.37 -30.11
N THR C 1373 -14.70 72.85 -28.94
CA THR C 1373 -13.62 72.25 -28.16
C THR C 1373 -14.02 71.98 -26.72
N PHE C 1374 -14.80 72.86 -26.10
CA PHE C 1374 -15.19 72.70 -24.71
C PHE C 1374 -16.21 71.59 -24.59
N ILE C 1375 -15.87 70.53 -23.85
CA ILE C 1375 -16.68 69.31 -23.86
C ILE C 1375 -17.74 69.47 -22.78
N ILE C 1376 -18.76 70.26 -23.10
CA ILE C 1376 -20.08 70.30 -22.47
C ILE C 1376 -20.96 71.12 -23.39
N LYS C 1377 -22.19 70.66 -23.65
CA LYS C 1377 -23.09 71.38 -24.55
C LYS C 1377 -24.51 70.89 -24.39
N ASP C 1378 -25.44 71.84 -24.31
CA ASP C 1378 -26.86 71.70 -24.66
C ASP C 1378 -27.69 70.82 -23.74
N THR C 1379 -27.06 70.12 -22.79
CA THR C 1379 -27.65 69.30 -21.74
C THR C 1379 -28.62 68.21 -22.26
N LYS C 1380 -28.59 67.88 -23.54
CA LYS C 1380 -29.45 66.84 -24.10
C LYS C 1380 -28.66 65.67 -24.64
N THR C 1381 -27.53 65.91 -25.30
CA THR C 1381 -26.59 64.83 -25.56
C THR C 1381 -25.91 64.36 -24.28
N THR C 1382 -25.88 65.21 -23.25
CA THR C 1382 -25.56 64.75 -21.91
C THR C 1382 -26.62 63.77 -21.40
N ASN C 1383 -27.88 63.99 -21.78
CA ASN C 1383 -28.91 63.03 -21.41
C ASN C 1383 -28.80 61.75 -22.22
N MET C 1384 -28.17 61.78 -23.39
CA MET C 1384 -27.74 60.53 -24.02
C MET C 1384 -26.65 59.86 -23.20
N LEU C 1385 -25.61 60.63 -22.83
CA LEU C 1385 -24.43 60.09 -22.16
C LEU C 1385 -24.68 59.67 -20.73
N LEU C 1386 -25.83 60.02 -20.15
CA LEU C 1386 -26.15 59.51 -18.83
C LEU C 1386 -26.76 58.12 -18.88
N ARG C 1387 -27.43 57.77 -19.98
CA ARG C 1387 -28.09 56.47 -20.04
C ARG C 1387 -27.10 55.33 -20.23
N ILE C 1388 -25.97 55.58 -20.90
CA ILE C 1388 -24.91 54.57 -20.91
C ILE C 1388 -24.30 54.46 -19.53
N ASP C 1389 -24.27 55.55 -18.77
CA ASP C 1389 -23.66 55.51 -17.44
C ASP C 1389 -24.51 54.75 -16.45
N GLU C 1390 -25.84 54.87 -16.53
CA GLU C 1390 -26.63 53.93 -15.74
C GLU C 1390 -26.72 52.57 -16.42
N PHE C 1391 -26.36 52.45 -17.69
CA PHE C 1391 -26.31 51.15 -18.33
C PHE C 1391 -25.02 50.43 -18.01
N LEU C 1392 -23.96 51.17 -17.71
CA LEU C 1392 -22.70 50.59 -17.25
C LEU C 1392 -22.58 50.56 -15.74
N ARG C 1393 -23.60 51.03 -15.02
CA ARG C 1393 -23.68 50.86 -13.57
C ARG C 1393 -24.83 49.98 -13.13
N THR C 1394 -25.74 49.62 -14.02
CA THR C 1394 -26.67 48.55 -13.68
C THR C 1394 -25.96 47.22 -13.78
N THR C 1395 -26.66 46.15 -13.28
CA THR C 1395 -26.19 44.80 -12.95
C THR C 1395 -24.74 44.82 -12.47
N PRO C 1396 -24.45 45.62 -11.41
CA PRO C 1396 -23.10 46.20 -11.26
C PRO C 1396 -22.00 45.23 -10.86
N SER C 1397 -20.78 45.75 -10.80
CA SER C 1397 -19.58 44.98 -10.50
C SER C 1397 -19.63 44.43 -9.09
N ASP C 1398 -18.70 43.48 -8.83
CA ASP C 1398 -18.68 42.35 -7.87
C ASP C 1398 -19.52 41.22 -8.47
N LEU C 1399 -20.16 41.45 -9.61
CA LEU C 1399 -20.97 40.46 -10.29
C LEU C 1399 -20.64 40.32 -11.76
N LEU C 1400 -20.10 41.37 -12.39
CA LEU C 1400 -19.42 41.17 -13.67
C LEU C 1400 -18.20 40.30 -13.47
N ALA C 1401 -17.42 40.60 -12.43
CA ALA C 1401 -16.21 39.84 -12.12
C ALA C 1401 -16.55 38.43 -11.68
N GLN C 1402 -17.62 38.26 -10.90
CA GLN C 1402 -18.03 36.93 -10.43
C GLN C 1402 -18.46 36.04 -11.58
N ARG C 1403 -19.08 36.61 -12.61
CA ARG C 1403 -19.52 35.84 -13.75
C ARG C 1403 -18.50 35.82 -14.88
N SER C 1404 -17.40 36.54 -14.74
CA SER C 1404 -16.37 36.55 -15.78
C SER C 1404 -15.11 35.79 -15.40
N LEU C 1405 -14.84 35.56 -14.12
CA LEU C 1405 -13.64 34.77 -13.81
C LEU C 1405 -13.90 33.29 -14.02
N GLU C 1406 -15.15 32.86 -13.89
CA GLU C 1406 -15.51 31.50 -14.26
C GLU C 1406 -15.63 31.34 -15.77
N THR C 1407 -15.76 32.44 -16.51
CA THR C 1407 -15.80 32.42 -17.97
C THR C 1407 -14.44 32.11 -18.58
N ASP C 1408 -13.34 32.35 -17.83
CA ASP C 1408 -11.86 32.28 -18.07
C ASP C 1408 -11.29 33.53 -18.74
N SER C 1409 -12.05 34.61 -18.85
CA SER C 1409 -11.47 35.87 -19.30
C SER C 1409 -10.88 36.57 -18.07
N PHE C 1410 -9.63 36.21 -17.75
CA PHE C 1410 -9.07 36.58 -16.46
C PHE C 1410 -8.70 38.06 -16.43
N GLU C 1411 -8.31 38.61 -17.57
CA GLU C 1411 -8.02 40.05 -17.62
C GLU C 1411 -9.29 40.87 -17.45
N ARG C 1412 -10.40 40.41 -18.02
CA ARG C 1412 -11.67 41.10 -17.86
C ARG C 1412 -12.16 41.02 -16.42
N SER C 1413 -11.97 39.86 -15.80
CA SER C 1413 -12.33 39.72 -14.39
C SER C 1413 -11.44 40.59 -13.52
N ALA C 1414 -10.17 40.72 -13.87
CA ALA C 1414 -9.28 41.60 -13.12
C ALA C 1414 -9.70 43.05 -13.27
N LEU C 1415 -10.16 43.43 -14.47
CA LEU C 1415 -10.67 44.77 -14.70
C LEU C 1415 -11.87 45.08 -13.84
N TYR C 1416 -12.83 44.15 -13.80
CA TYR C 1416 -14.03 44.43 -13.01
C TYR C 1416 -13.75 44.34 -11.51
N LEU C 1417 -12.77 43.52 -11.10
CA LEU C 1417 -12.37 43.52 -9.69
C LEU C 1417 -11.71 44.82 -9.29
N GLU C 1418 -10.95 45.43 -10.20
CA GLU C 1418 -10.34 46.71 -9.86
C GLU C 1418 -11.37 47.84 -9.87
N GLN C 1419 -12.36 47.76 -10.76
CA GLN C 1419 -13.46 48.71 -10.72
C GLN C 1419 -14.23 48.62 -9.40
N CYS C 1420 -14.53 47.40 -8.95
CA CYS C 1420 -15.17 47.24 -7.65
C CYS C 1420 -14.17 47.17 -6.50
N TYR C 1421 -12.92 47.57 -6.74
CA TYR C 1421 -12.06 48.03 -5.66
C TYR C 1421 -12.13 49.55 -5.51
N ARG C 1422 -12.09 50.28 -6.62
CA ARG C 1422 -12.05 51.73 -6.52
C ARG C 1422 -13.42 52.31 -6.15
N GLN C 1423 -14.48 51.85 -6.81
CA GLN C 1423 -15.80 52.41 -6.56
C GLN C 1423 -16.39 51.94 -5.24
N ASN C 1424 -16.13 50.69 -4.88
CA ASN C 1424 -16.35 50.23 -3.52
C ASN C 1424 -15.50 51.06 -2.57
N PRO C 1425 -16.05 51.55 -1.45
CA PRO C 1425 -15.18 52.19 -0.46
C PRO C 1425 -14.26 51.16 0.18
N HIS C 1426 -13.01 51.20 -0.27
CA HIS C 1426 -11.96 50.27 0.12
C HIS C 1426 -11.33 50.62 1.45
N ASP C 1427 -11.74 51.73 2.06
CA ASP C 1427 -11.43 51.96 3.46
C ASP C 1427 -12.20 51.00 4.35
N LYS C 1428 -13.39 50.59 3.92
CA LYS C 1428 -14.18 49.60 4.65
C LYS C 1428 -13.66 48.20 4.37
N ASN C 1429 -14.27 47.21 5.03
CA ASN C 1429 -13.69 45.88 5.15
C ASN C 1429 -14.31 44.90 4.16
N GLN C 1430 -14.57 45.34 2.93
CA GLN C 1430 -15.00 44.41 1.89
C GLN C 1430 -13.85 43.72 1.20
N ASN C 1431 -12.62 43.96 1.64
CA ASN C 1431 -11.42 43.43 1.01
C ASN C 1431 -11.07 42.03 1.47
N GLY C 1432 -11.99 41.32 2.11
CA GLY C 1432 -11.76 39.94 2.43
C GLY C 1432 -12.41 39.04 1.40
N GLN C 1433 -13.67 39.34 1.07
CA GLN C 1433 -14.37 38.64 0.02
C GLN C 1433 -14.00 39.16 -1.37
N LEU C 1434 -13.31 40.28 -1.45
CA LEU C 1434 -12.83 40.78 -2.73
C LEU C 1434 -11.54 40.10 -3.15
N LEU C 1435 -10.75 39.65 -2.19
CA LEU C 1435 -9.40 39.20 -2.48
C LEU C 1435 -9.24 37.68 -2.54
N LYS C 1436 -10.21 36.89 -2.09
CA LYS C 1436 -10.00 35.45 -2.18
C LYS C 1436 -10.11 34.93 -3.60
N ASN C 1437 -10.71 35.71 -4.51
CA ASN C 1437 -10.68 35.44 -5.93
C ASN C 1437 -9.82 36.41 -6.73
N LEU C 1438 -9.44 37.55 -6.15
CA LEU C 1438 -8.57 38.50 -6.85
C LEU C 1438 -7.18 37.91 -7.07
N GLN C 1439 -6.66 37.17 -6.09
CA GLN C 1439 -5.37 36.52 -6.28
C GLN C 1439 -5.46 35.33 -7.22
N ILE C 1440 -6.66 34.76 -7.40
CA ILE C 1440 -6.83 33.74 -8.41
C ILE C 1440 -6.75 34.36 -9.79
N THR C 1441 -7.25 35.58 -9.95
CA THR C 1441 -7.18 36.26 -11.23
C THR C 1441 -5.79 36.75 -11.58
N TYR C 1442 -4.79 36.59 -10.72
CA TYR C 1442 -3.41 36.84 -11.12
C TYR C 1442 -2.57 35.59 -11.22
N GLU C 1443 -2.90 34.51 -10.51
CA GLU C 1443 -2.01 33.36 -10.46
C GLU C 1443 -2.18 32.42 -11.64
N GLU C 1444 -3.11 32.70 -12.57
CA GLU C 1444 -3.06 32.08 -13.88
C GLU C 1444 -3.21 33.10 -15.01
N ILE C 1445 -3.09 34.38 -14.71
CA ILE C 1445 -2.99 35.39 -15.77
C ILE C 1445 -1.57 35.49 -16.29
N GLY C 1446 -0.62 34.87 -15.60
CA GLY C 1446 0.78 34.94 -15.93
C GLY C 1446 1.58 35.92 -15.10
N ASP C 1447 0.92 36.96 -14.60
CA ASP C 1447 1.62 38.00 -13.87
C ASP C 1447 1.81 37.58 -12.41
N ILE C 1448 3.02 37.76 -11.92
CA ILE C 1448 3.36 37.38 -10.55
C ILE C 1448 3.60 38.64 -9.74
N ASP C 1449 4.17 39.66 -10.39
CA ASP C 1449 4.62 40.84 -9.67
C ASP C 1449 3.49 41.74 -9.17
N SER C 1450 2.26 41.52 -9.60
CA SER C 1450 1.13 42.10 -8.89
C SER C 1450 0.51 41.13 -7.91
N LEU C 1451 0.54 39.82 -8.23
CA LEU C 1451 0.15 38.80 -7.27
C LEU C 1451 1.00 38.86 -6.01
N ASP C 1452 2.32 38.97 -6.18
CA ASP C 1452 3.21 39.16 -5.04
C ASP C 1452 3.01 40.52 -4.39
N GLY C 1453 2.48 41.49 -5.13
CA GLY C 1453 2.23 42.80 -4.58
C GLY C 1453 0.91 42.88 -3.87
N VAL C 1454 -0.07 42.09 -4.28
CA VAL C 1454 -1.35 42.10 -3.58
C VAL C 1454 -1.31 41.16 -2.39
N LEU C 1455 -0.53 40.07 -2.45
CA LEU C 1455 -0.41 39.19 -1.29
C LEU C 1455 0.35 39.82 -0.14
N ARG C 1456 1.15 40.85 -0.37
CA ARG C 1456 1.84 41.52 0.72
C ARG C 1456 1.28 42.90 1.05
N THR C 1457 0.20 43.32 0.41
CA THR C 1457 -0.41 44.61 0.69
C THR C 1457 -1.87 44.41 1.02
N PHE C 1458 -2.31 44.98 2.15
CA PHE C 1458 -3.63 44.88 2.77
C PHE C 1458 -4.22 43.47 2.83
N ALA C 1459 -3.37 42.45 2.90
CA ALA C 1459 -3.84 41.07 3.00
C ALA C 1459 -2.99 40.27 3.96
N THR C 1460 -2.44 40.92 4.99
CA THR C 1460 -1.40 40.35 5.82
C THR C 1460 -1.92 39.90 7.19
N GLY C 1461 -3.14 39.36 7.22
CA GLY C 1461 -3.65 38.82 8.45
C GLY C 1461 -3.02 37.49 8.80
N ASN C 1462 -3.28 36.46 7.99
CA ASN C 1462 -2.83 35.11 8.27
C ASN C 1462 -1.39 34.90 7.81
N LEU C 1463 -0.67 34.05 8.55
CA LEU C 1463 0.72 33.74 8.23
C LEU C 1463 0.83 32.81 7.02
N VAL C 1464 -0.19 31.99 6.77
CA VAL C 1464 -0.21 31.10 5.62
C VAL C 1464 -0.17 31.90 4.32
N SER C 1465 -0.76 33.08 4.32
CA SER C 1465 -0.65 34.00 3.19
C SER C 1465 0.78 34.48 2.98
N LYS C 1466 1.53 34.67 4.07
CA LYS C 1466 2.95 34.99 3.93
C LYS C 1466 3.75 33.77 3.48
N ILE C 1467 3.27 32.57 3.78
CA ILE C 1467 3.92 31.37 3.28
C ILE C 1467 3.71 31.23 1.79
N GLU C 1468 2.52 31.60 1.30
CA GLU C 1468 2.20 31.51 -0.12
C GLU C 1468 2.90 32.57 -0.95
N GLU C 1469 3.66 33.48 -0.36
CA GLU C 1469 4.54 34.34 -1.15
C GLU C 1469 5.82 33.62 -1.54
N LEU C 1470 6.21 32.60 -0.78
CA LEU C 1470 7.48 31.92 -1.02
C LEU C 1470 7.46 31.08 -2.28
N GLN C 1471 6.28 30.56 -2.66
CA GLN C 1471 6.15 29.64 -3.80
C GLN C 1471 6.23 30.34 -5.16
N TYR C 1472 6.61 31.61 -5.20
CA TYR C 1472 6.83 32.31 -6.47
C TYR C 1472 8.12 33.12 -6.46
N SER C 1473 8.94 32.99 -5.43
CA SER C 1473 10.07 33.90 -5.23
C SER C 1473 11.33 33.13 -4.83
N GLU C 1474 11.67 32.08 -5.60
CA GLU C 1474 12.96 31.40 -5.65
C GLU C 1474 13.24 30.54 -4.42
N ASN C 1475 12.43 30.68 -3.37
CA ASN C 1475 12.49 29.81 -2.20
C ASN C 1475 11.22 28.98 -2.11
N TRP C 1476 10.80 28.47 -3.28
CA TRP C 1476 9.54 27.75 -3.39
C TRP C 1476 9.57 26.45 -2.60
N LYS C 1477 10.73 25.83 -2.48
CA LYS C 1477 10.86 24.61 -1.69
C LYS C 1477 10.79 24.87 -0.20
N LEU C 1478 11.00 26.12 0.23
CA LEU C 1478 10.71 26.47 1.61
C LEU C 1478 9.21 26.50 1.85
N ALA C 1479 8.42 26.81 0.82
CA ALA C 1479 6.97 26.75 0.94
C ALA C 1479 6.41 25.36 0.70
N GLN C 1480 7.13 24.53 -0.06
CA GLN C 1480 6.67 23.18 -0.35
C GLN C 1480 6.59 22.33 0.91
N ASP C 1481 7.67 22.28 1.68
CA ASP C 1481 7.65 21.46 2.88
C ASP C 1481 6.85 22.08 4.00
N CYS C 1482 6.51 23.36 3.92
CA CYS C 1482 5.47 23.90 4.79
C CYS C 1482 4.10 23.40 4.37
N PHE C 1483 3.84 23.34 3.06
CA PHE C 1483 2.57 22.83 2.58
C PHE C 1483 2.43 21.32 2.79
N ASN C 1484 3.56 20.61 2.85
CA ASN C 1484 3.51 19.17 3.06
C ASN C 1484 3.03 18.79 4.44
N VAL C 1485 3.18 19.68 5.40
CA VAL C 1485 2.69 19.42 6.75
C VAL C 1485 1.46 20.24 7.08
N LEU C 1486 1.19 21.34 6.38
CA LEU C 1486 -0.15 21.91 6.40
C LEU C 1486 -1.13 20.98 5.69
N GLY C 1487 -0.71 20.38 4.57
CA GLY C 1487 -1.52 19.44 3.83
C GLY C 1487 -1.59 18.05 4.39
N LYS C 1488 -0.99 17.82 5.55
CA LYS C 1488 -1.12 16.54 6.24
C LYS C 1488 -1.77 16.85 7.59
N PHE C 1489 -2.85 17.63 7.54
CA PHE C 1489 -3.73 17.82 8.68
C PHE C 1489 -5.08 17.14 8.51
N SER C 1490 -5.48 16.80 7.27
CA SER C 1490 -6.68 16.02 6.94
C SER C 1490 -7.96 16.69 7.41
N ASP C 1491 -7.96 18.02 7.48
CA ASP C 1491 -9.12 18.78 7.92
C ASP C 1491 -9.85 19.47 6.78
N ASP C 1492 -9.14 19.78 5.70
CA ASP C 1492 -9.72 20.47 4.56
C ASP C 1492 -9.46 19.66 3.30
N PRO C 1493 -10.36 19.73 2.33
CA PRO C 1493 -10.09 19.06 1.05
C PRO C 1493 -9.27 19.93 0.11
N LYS C 1494 -9.26 21.24 0.35
CA LYS C 1494 -8.62 22.18 -0.55
C LYS C 1494 -7.19 22.51 -0.16
N THR C 1495 -6.83 22.32 1.10
CA THR C 1495 -5.42 22.49 1.45
C THR C 1495 -4.57 21.33 0.95
N THR C 1496 -5.19 20.22 0.55
CA THR C 1496 -4.47 19.16 -0.13
C THR C 1496 -4.23 19.53 -1.59
N THR C 1497 -5.26 20.02 -2.29
CA THR C 1497 -5.07 20.36 -3.69
C THR C 1497 -4.23 21.61 -3.88
N ARG C 1498 -4.11 22.45 -2.85
CA ARG C 1498 -3.14 23.53 -2.91
C ARG C 1498 -1.72 22.98 -2.96
N MET C 1499 -1.43 21.98 -2.12
CA MET C 1499 -0.15 21.29 -2.13
C MET C 1499 0.09 20.58 -3.45
N LEU C 1500 -0.94 19.96 -4.01
CA LEU C 1500 -0.77 19.21 -5.26
C LEU C 1500 -0.54 20.14 -6.44
N LYS C 1501 -1.28 21.24 -6.54
CA LYS C 1501 -1.03 22.21 -7.59
C LYS C 1501 0.32 22.89 -7.42
N SER C 1502 0.77 23.10 -6.18
CA SER C 1502 2.09 23.70 -5.99
C SER C 1502 3.20 22.72 -6.30
N MET C 1503 2.96 21.42 -6.13
CA MET C 1503 3.91 20.43 -6.61
C MET C 1503 3.94 20.38 -8.12
N TYR C 1504 2.77 20.42 -8.75
CA TYR C 1504 2.69 20.31 -10.21
C TYR C 1504 3.31 21.52 -10.89
N ASP C 1505 3.13 22.71 -10.31
CA ASP C 1505 3.69 23.92 -10.91
C ASP C 1505 5.20 23.95 -10.80
N HIS C 1506 5.77 23.19 -9.88
CA HIS C 1506 7.22 23.08 -9.72
C HIS C 1506 7.71 21.68 -10.06
N GLN C 1507 6.99 20.98 -10.95
CA GLN C 1507 7.47 19.81 -11.68
C GLN C 1507 7.88 18.65 -10.77
N LEU C 1508 7.28 18.54 -9.60
CA LEU C 1508 7.64 17.47 -8.66
C LEU C 1508 6.73 16.27 -8.88
N TYR C 1509 6.91 15.66 -10.05
CA TYR C 1509 5.98 14.63 -10.53
C TYR C 1509 6.15 13.34 -9.76
N SER C 1510 7.41 12.96 -9.50
CA SER C 1510 7.70 11.77 -8.70
C SER C 1510 7.24 11.94 -7.27
N GLN C 1511 7.21 13.17 -6.78
CA GLN C 1511 6.71 13.45 -5.45
C GLN C 1511 5.19 13.52 -5.42
N ILE C 1512 4.54 13.78 -6.57
CA ILE C 1512 3.09 13.68 -6.63
C ILE C 1512 2.66 12.23 -6.61
N ILE C 1513 3.30 11.38 -7.43
CA ILE C 1513 2.85 9.99 -7.52
C ILE C 1513 3.19 9.17 -6.30
N SER C 1514 4.05 9.68 -5.41
CA SER C 1514 4.37 8.99 -4.16
C SER C 1514 3.62 9.58 -2.97
N ASN C 1515 2.63 10.43 -3.22
CA ASN C 1515 1.94 11.11 -2.14
C ASN C 1515 0.98 10.16 -1.44
N SER C 1516 0.81 10.39 -0.13
CA SER C 1516 -0.11 9.61 0.68
C SER C 1516 -1.55 10.11 0.61
N SER C 1517 -1.79 11.20 -0.13
CA SER C 1517 -3.16 11.65 -0.36
C SER C 1517 -3.92 10.71 -1.28
N PHE C 1518 -3.22 9.93 -2.09
CA PHE C 1518 -3.82 8.92 -2.94
C PHE C 1518 -3.67 7.52 -2.37
N HIS C 1519 -2.44 7.15 -2.01
CA HIS C 1519 -2.16 5.85 -1.43
C HIS C 1519 -2.59 5.88 0.03
N SER C 1520 -3.86 5.54 0.27
CA SER C 1520 -4.32 5.24 1.62
C SER C 1520 -3.57 4.03 2.17
N SER C 1521 -3.74 2.89 1.52
CA SER C 1521 -2.75 1.82 1.58
C SER C 1521 -2.16 1.55 0.21
N ASP C 1522 -2.99 1.20 -0.77
CA ASP C 1522 -2.61 1.04 -2.18
C ASP C 1522 -3.52 1.81 -3.12
N GLY C 1523 -4.82 1.83 -2.85
CA GLY C 1523 -5.80 2.39 -3.75
C GLY C 1523 -6.44 3.66 -3.21
N LYS C 1524 -7.41 4.14 -3.98
CA LYS C 1524 -7.98 5.46 -3.80
C LYS C 1524 -9.47 5.33 -3.52
N ILE C 1525 -10.08 6.46 -3.15
CA ILE C 1525 -11.48 6.51 -2.76
C ILE C 1525 -12.38 6.54 -3.98
N SER C 1526 -13.69 6.48 -3.75
CA SER C 1526 -14.73 6.34 -4.77
C SER C 1526 -14.98 7.64 -5.53
N LEU C 1527 -16.16 7.74 -6.16
CA LEU C 1527 -16.52 8.83 -7.08
C LEU C 1527 -16.28 10.22 -6.48
N SER C 1528 -16.00 11.18 -7.36
CA SER C 1528 -15.09 12.27 -7.03
C SER C 1528 -15.80 13.60 -6.93
N PRO C 1529 -16.03 14.16 -5.73
CA PRO C 1529 -16.49 15.54 -5.61
C PRO C 1529 -15.42 16.58 -5.96
N ASP C 1530 -14.25 16.47 -5.32
CA ASP C 1530 -13.10 17.34 -5.56
C ASP C 1530 -11.85 16.50 -5.80
N VAL C 1531 -12.00 15.18 -5.78
CA VAL C 1531 -10.85 14.30 -5.98
C VAL C 1531 -10.53 14.20 -7.46
N LYS C 1532 -11.46 14.64 -8.31
CA LYS C 1532 -11.19 14.78 -9.74
C LYS C 1532 -10.08 15.78 -9.99
N GLU C 1533 -10.05 16.86 -9.22
CA GLU C 1533 -8.92 17.79 -9.26
C GLU C 1533 -7.65 17.14 -8.76
N TRP C 1534 -7.77 16.17 -7.86
CA TRP C 1534 -6.60 15.41 -7.44
C TRP C 1534 -6.22 14.36 -8.48
N TYR C 1535 -7.20 13.66 -9.04
CA TYR C 1535 -6.91 12.59 -10.00
C TYR C 1535 -6.33 13.12 -11.29
N SER C 1536 -6.67 14.34 -11.69
CA SER C 1536 -6.07 14.95 -12.86
C SER C 1536 -4.56 15.11 -12.68
N ILE C 1537 -4.16 15.68 -11.54
CA ILE C 1537 -2.75 15.88 -11.24
C ILE C 1537 -2.06 14.53 -11.08
N GLY C 1538 -2.77 13.54 -10.54
CA GLY C 1538 -2.17 12.23 -10.34
C GLY C 1538 -1.88 11.51 -11.64
N LEU C 1539 -2.86 11.49 -12.55
CA LEU C 1539 -2.66 10.91 -13.89
C LEU C 1539 -1.60 11.65 -14.68
N GLU C 1540 -1.57 12.97 -14.55
CA GLU C 1540 -0.62 13.74 -15.36
C GLU C 1540 0.81 13.53 -14.86
N ALA C 1541 1.00 13.50 -13.55
CA ALA C 1541 2.32 13.20 -13.00
C ALA C 1541 2.70 11.75 -13.22
N ALA C 1542 1.73 10.84 -13.24
CA ALA C 1542 2.04 9.46 -13.54
C ALA C 1542 2.41 9.27 -15.00
N ASN C 1543 1.91 10.14 -15.88
CA ASN C 1543 2.36 10.09 -17.26
C ASN C 1543 3.76 10.65 -17.41
N LEU C 1544 4.06 11.73 -16.70
CA LEU C 1544 5.32 12.42 -16.92
C LEU C 1544 6.51 11.69 -16.33
N GLU C 1545 6.29 10.74 -15.43
CA GLU C 1545 7.32 9.81 -14.99
C GLU C 1545 6.97 8.44 -15.56
N GLY C 1546 7.82 7.92 -16.42
CA GLY C 1546 7.45 6.73 -17.15
C GLY C 1546 7.73 5.45 -16.39
N ASN C 1547 6.69 4.93 -15.75
CA ASN C 1547 6.78 3.70 -14.98
C ASN C 1547 5.47 2.97 -15.23
N VAL C 1548 5.55 1.80 -15.88
CA VAL C 1548 4.35 1.09 -16.28
C VAL C 1548 3.58 0.57 -15.08
N GLN C 1549 4.22 0.40 -13.93
CA GLN C 1549 3.51 -0.17 -12.80
C GLN C 1549 2.70 0.88 -12.07
N THR C 1550 3.24 2.08 -11.87
CA THR C 1550 2.47 3.13 -11.22
C THR C 1550 1.46 3.78 -12.15
N LEU C 1551 1.55 3.49 -13.45
CA LEU C 1551 0.62 4.02 -14.44
C LEU C 1551 -0.44 3.00 -14.81
N LYS C 1552 -0.12 1.73 -14.65
CA LYS C 1552 -0.99 0.64 -15.05
C LYS C 1552 -1.99 0.29 -13.96
N ASN C 1553 -1.67 0.56 -12.70
CA ASN C 1553 -2.65 0.37 -11.64
C ASN C 1553 -3.38 1.65 -11.27
N TRP C 1554 -2.96 2.80 -11.81
CA TRP C 1554 -3.78 4.00 -11.68
C TRP C 1554 -5.03 3.89 -12.54
N VAL C 1555 -4.88 3.34 -13.74
CA VAL C 1555 -6.03 3.13 -14.62
C VAL C 1555 -6.86 1.94 -14.19
N GLU C 1556 -6.34 1.09 -13.30
CA GLU C 1556 -7.19 0.13 -12.63
C GLU C 1556 -8.15 0.83 -11.67
N GLN C 1557 -7.72 1.97 -11.12
CA GLN C 1557 -8.56 2.71 -10.21
C GLN C 1557 -9.47 3.70 -10.93
N ILE C 1558 -9.02 4.26 -12.05
CA ILE C 1558 -9.88 5.13 -12.85
C ILE C 1558 -11.04 4.35 -13.44
N GLU C 1559 -10.75 3.18 -13.99
CA GLU C 1559 -11.75 2.33 -14.62
C GLU C 1559 -12.64 1.60 -13.64
N SER C 1560 -12.45 1.75 -12.34
CA SER C 1560 -13.43 1.22 -11.41
C SER C 1560 -14.57 2.17 -11.16
N LEU C 1561 -14.45 3.41 -11.62
CA LEU C 1561 -15.50 4.41 -11.46
C LEU C 1561 -16.67 4.12 -12.39
N ARG C 1562 -17.74 4.87 -12.20
CA ARG C 1562 -18.98 4.64 -12.93
C ARG C 1562 -19.18 5.63 -14.06
N ASN C 1563 -19.21 6.91 -13.76
CA ASN C 1563 -19.56 7.94 -14.75
C ASN C 1563 -18.62 9.11 -14.55
N ILE C 1564 -17.49 9.09 -15.26
CA ILE C 1564 -16.50 10.15 -15.13
C ILE C 1564 -16.96 11.35 -15.93
N ASP C 1565 -17.33 12.41 -15.24
CA ASP C 1565 -17.79 13.63 -15.88
C ASP C 1565 -16.65 14.59 -16.20
N ASP C 1566 -15.49 14.44 -15.56
CA ASP C 1566 -14.48 15.48 -15.56
C ASP C 1566 -13.80 15.56 -16.93
N ARG C 1567 -13.86 16.75 -17.51
CA ARG C 1567 -13.24 17.05 -18.78
C ARG C 1567 -11.72 16.92 -18.71
N GLU C 1568 -11.14 17.16 -17.55
CA GLU C 1568 -9.69 17.23 -17.38
C GLU C 1568 -9.06 15.88 -17.06
N VAL C 1569 -9.79 14.99 -16.38
CA VAL C 1569 -9.25 13.68 -16.04
C VAL C 1569 -9.09 12.83 -17.28
N LEU C 1570 -10.05 12.89 -18.20
CA LEU C 1570 -10.13 11.94 -19.29
C LEU C 1570 -9.02 12.13 -20.31
N LEU C 1571 -8.48 13.35 -20.42
CA LEU C 1571 -7.33 13.58 -21.29
C LEU C 1571 -6.12 12.79 -20.82
N GLN C 1572 -5.71 13.03 -19.58
CA GLN C 1572 -4.55 12.35 -19.03
C GLN C 1572 -4.79 10.87 -18.85
N TYR C 1573 -6.05 10.45 -18.68
CA TYR C 1573 -6.40 9.04 -18.75
C TYR C 1573 -6.08 8.44 -20.10
N ASN C 1574 -6.50 9.12 -21.18
CA ASN C 1574 -6.29 8.59 -22.52
C ASN C 1574 -4.81 8.58 -22.87
N ILE C 1575 -4.06 9.58 -22.39
CA ILE C 1575 -2.61 9.58 -22.57
C ILE C 1575 -1.99 8.43 -21.78
N ALA C 1576 -2.55 8.13 -20.61
CA ALA C 1576 -2.06 7.02 -19.79
C ALA C 1576 -2.27 5.69 -20.47
N LYS C 1577 -3.45 5.47 -21.05
CA LYS C 1577 -3.69 4.20 -21.69
C LYS C 1577 -3.00 4.11 -23.05
N ALA C 1578 -2.72 5.25 -23.68
CA ALA C 1578 -1.79 5.26 -24.82
C ALA C 1578 -0.42 4.78 -24.40
N LEU C 1579 0.07 5.23 -23.24
CA LEU C 1579 1.39 4.80 -22.78
C LEU C 1579 1.40 3.33 -22.37
N ILE C 1580 0.29 2.86 -21.78
CA ILE C 1580 0.22 1.46 -21.35
C ILE C 1580 0.16 0.54 -22.56
N ALA C 1581 -0.58 0.94 -23.60
CA ALA C 1581 -0.57 0.17 -24.84
C ALA C 1581 0.76 0.29 -25.55
N ILE C 1582 1.46 1.40 -25.38
CA ILE C 1582 2.73 1.59 -26.08
C ILE C 1582 3.81 0.76 -25.39
N SER C 1583 3.62 0.41 -24.12
CA SER C 1583 4.51 -0.54 -23.48
C SER C 1583 4.19 -1.98 -23.84
N ASN C 1584 3.00 -2.27 -24.36
CA ASN C 1584 2.63 -3.60 -24.80
C ASN C 1584 2.94 -3.83 -26.27
N GLU C 1585 3.76 -2.95 -26.88
CA GLU C 1585 4.18 -3.03 -28.28
C GLU C 1585 2.99 -3.06 -29.24
N ASP C 1586 1.96 -2.27 -28.93
CA ASP C 1586 0.71 -2.29 -29.66
C ASP C 1586 0.50 -0.94 -30.35
N PRO C 1587 0.82 -0.82 -31.64
CA PRO C 1587 0.83 0.51 -32.26
C PRO C 1587 -0.55 1.05 -32.57
N LEU C 1588 -1.47 0.21 -33.04
CA LEU C 1588 -2.76 0.75 -33.46
C LEU C 1588 -3.61 1.13 -32.27
N ARG C 1589 -3.43 0.45 -31.14
CA ARG C 1589 -4.19 0.79 -29.94
C ARG C 1589 -3.71 2.11 -29.34
N THR C 1590 -2.41 2.35 -29.33
CA THR C 1590 -1.95 3.64 -28.83
C THR C 1590 -2.26 4.77 -29.80
N GLN C 1591 -2.33 4.49 -31.12
CA GLN C 1591 -2.84 5.50 -32.03
C GLN C 1591 -4.31 5.81 -31.77
N LYS C 1592 -5.08 4.78 -31.39
CA LYS C 1592 -6.48 4.95 -31.05
C LYS C 1592 -6.65 5.86 -29.85
N TYR C 1593 -5.85 5.64 -28.80
CA TYR C 1593 -6.03 6.46 -27.61
C TYR C 1593 -5.44 7.87 -27.76
N ILE C 1594 -4.40 8.03 -28.59
CA ILE C 1594 -3.95 9.40 -28.87
C ILE C 1594 -4.97 10.15 -29.72
N HIS C 1595 -5.67 9.44 -30.61
CA HIS C 1595 -6.74 10.10 -31.34
C HIS C 1595 -7.92 10.45 -30.44
N ASN C 1596 -8.17 9.62 -29.42
CA ASN C 1596 -9.12 10.00 -28.37
C ASN C 1596 -8.70 11.28 -27.68
N SER C 1597 -7.40 11.40 -27.40
CA SER C 1597 -6.89 12.62 -26.76
C SER C 1597 -7.06 13.84 -27.67
N PHE C 1598 -6.85 13.67 -28.98
CA PHE C 1598 -7.04 14.79 -29.90
C PHE C 1598 -8.50 15.18 -30.02
N ARG C 1599 -9.41 14.20 -30.00
CA ARG C 1599 -10.84 14.49 -30.01
C ARG C 1599 -11.24 15.30 -28.78
N LEU C 1600 -10.76 14.89 -27.61
CA LEU C 1600 -11.13 15.58 -26.39
C LEU C 1600 -10.55 16.98 -26.35
N ILE C 1601 -9.34 17.17 -26.86
CA ILE C 1601 -8.78 18.52 -26.86
C ILE C 1601 -9.48 19.39 -27.88
N GLY C 1602 -9.71 18.89 -29.09
CA GLY C 1602 -10.33 19.67 -30.13
C GLY C 1602 -11.78 20.01 -29.88
N THR C 1603 -12.48 19.24 -29.05
CA THR C 1603 -13.85 19.61 -28.75
C THR C 1603 -14.01 20.35 -27.43
N ASN C 1604 -13.28 19.94 -26.39
CA ASN C 1604 -13.52 20.45 -25.05
C ASN C 1604 -12.46 21.44 -24.56
N PHE C 1605 -11.19 21.09 -24.64
CA PHE C 1605 -10.17 21.94 -24.04
C PHE C 1605 -9.93 23.21 -24.83
N ILE C 1606 -10.15 23.17 -26.13
CA ILE C 1606 -9.70 24.24 -26.99
C ILE C 1606 -10.70 25.38 -26.96
N THR C 1607 -10.21 26.59 -27.20
CA THR C 1607 -11.05 27.78 -27.15
C THR C 1607 -10.79 28.67 -28.36
N SER C 1608 -11.33 29.88 -28.33
CA SER C 1608 -11.23 30.79 -29.46
C SER C 1608 -9.86 31.42 -29.52
N SER C 1609 -9.30 31.50 -30.73
CA SER C 1609 -8.16 32.37 -30.98
C SER C 1609 -8.66 33.80 -31.15
N LYS C 1610 -7.71 34.71 -31.42
CA LYS C 1610 -7.83 36.15 -31.62
C LYS C 1610 -8.49 36.88 -30.45
N GLU C 1611 -8.72 36.20 -29.34
CA GLU C 1611 -9.19 36.79 -28.10
C GLU C 1611 -8.18 36.56 -26.98
N THR C 1612 -7.80 35.30 -26.74
CA THR C 1612 -6.84 34.99 -25.69
C THR C 1612 -5.43 35.38 -26.11
N THR C 1613 -4.50 35.18 -25.19
CA THR C 1613 -3.07 35.36 -25.46
C THR C 1613 -2.52 34.13 -26.15
N LEU C 1614 -1.20 34.06 -26.27
CA LEU C 1614 -0.52 32.80 -26.50
C LEU C 1614 0.03 32.25 -25.19
N LEU C 1615 0.01 33.05 -24.12
CA LEU C 1615 0.49 32.62 -22.83
C LEU C 1615 -0.45 31.65 -22.14
N LYS C 1616 -1.73 31.66 -22.49
CA LYS C 1616 -2.69 30.74 -21.91
C LYS C 1616 -3.00 29.57 -22.84
N LYS C 1617 -2.79 29.73 -24.14
CA LYS C 1617 -2.84 28.61 -25.07
C LYS C 1617 -1.64 27.68 -24.90
N GLN C 1618 -0.56 28.18 -24.31
CA GLN C 1618 0.71 27.46 -24.28
C GLN C 1618 0.63 26.21 -23.40
N ASN C 1619 -0.19 26.25 -22.35
CA ASN C 1619 -0.42 25.08 -21.51
C ASN C 1619 -1.15 23.99 -22.27
N LEU C 1620 -1.90 24.34 -23.30
CA LEU C 1620 -2.55 23.35 -24.15
C LEU C 1620 -1.67 22.95 -25.32
N LEU C 1621 -0.86 23.88 -25.82
CA LEU C 1621 0.05 23.55 -26.91
C LEU C 1621 1.14 22.59 -26.48
N MET C 1622 1.58 22.65 -25.21
CA MET C 1622 2.56 21.66 -24.74
C MET C 1622 1.95 20.27 -24.66
N LYS C 1623 0.67 20.17 -24.29
CA LYS C 1623 0.03 18.86 -24.29
C LYS C 1623 -0.21 18.35 -25.70
N LEU C 1624 -0.50 19.24 -26.65
CA LEU C 1624 -0.63 18.80 -28.03
C LEU C 1624 0.73 18.41 -28.63
N HIS C 1625 1.77 19.16 -28.31
CA HIS C 1625 3.11 18.85 -28.81
C HIS C 1625 3.63 17.56 -28.22
N SER C 1626 3.19 17.21 -27.01
CA SER C 1626 3.47 15.92 -26.43
C SER C 1626 2.50 14.84 -26.89
N LEU C 1627 1.38 15.20 -27.50
CA LEU C 1627 0.57 14.15 -28.10
C LEU C 1627 1.05 13.79 -29.49
N TYR C 1628 1.70 14.73 -30.16
CA TYR C 1628 2.17 14.41 -31.50
C TYR C 1628 3.38 13.49 -31.45
N ASP C 1629 4.30 13.73 -30.52
CA ASP C 1629 5.53 12.96 -30.54
C ASP C 1629 5.34 11.53 -30.06
N LEU C 1630 4.29 11.26 -29.28
CA LEU C 1630 3.96 9.88 -28.95
C LEU C 1630 3.46 9.12 -30.18
N SER C 1631 2.61 9.76 -30.98
CA SER C 1631 2.21 9.14 -32.25
C SER C 1631 3.36 9.03 -33.21
N PHE C 1632 4.30 9.96 -33.13
CA PHE C 1632 5.40 9.98 -34.09
C PHE C 1632 6.53 9.06 -33.70
N LEU C 1633 6.64 8.70 -32.43
CA LEU C 1633 7.57 7.68 -31.97
C LEU C 1633 6.96 6.30 -31.96
N SER C 1634 5.63 6.20 -31.83
CA SER C 1634 5.01 4.90 -31.97
C SER C 1634 4.98 4.44 -33.41
N SER C 1635 4.84 5.36 -34.35
CA SER C 1635 4.81 5.03 -35.77
C SER C 1635 6.22 4.75 -36.25
N ALA C 1636 6.67 3.53 -35.94
CA ALA C 1636 7.97 3.03 -36.34
C ALA C 1636 7.94 1.52 -36.18
N LYS C 1637 8.66 0.83 -37.05
CA LYS C 1637 8.77 -0.62 -36.96
C LYS C 1637 10.15 -1.11 -36.58
N ASP C 1638 11.21 -0.38 -36.95
CA ASP C 1638 12.56 -0.74 -36.58
C ASP C 1638 13.35 0.54 -36.36
N LYS C 1639 14.61 0.39 -35.95
CA LYS C 1639 15.41 1.52 -35.49
C LYS C 1639 15.82 2.47 -36.60
N PHE C 1640 15.73 2.04 -37.87
CA PHE C 1640 16.18 2.87 -38.99
C PHE C 1640 15.33 4.13 -39.14
N GLU C 1641 14.02 4.00 -38.97
CA GLU C 1641 13.16 5.16 -38.96
C GLU C 1641 12.94 5.71 -37.57
N TYR C 1642 13.24 4.93 -36.53
CA TYR C 1642 13.14 5.44 -35.16
C TYR C 1642 14.19 6.51 -34.91
N LYS C 1643 15.42 6.30 -35.41
CA LYS C 1643 16.46 7.32 -35.30
C LYS C 1643 16.08 8.58 -36.07
N SER C 1644 15.45 8.40 -37.23
CA SER C 1644 15.01 9.56 -38.02
C SER C 1644 13.88 10.30 -37.32
N ASN C 1645 12.99 9.57 -36.64
CA ASN C 1645 11.94 10.21 -35.87
C ASN C 1645 12.51 11.00 -34.70
N THR C 1646 13.54 10.46 -34.05
CA THR C 1646 14.16 11.19 -32.95
C THR C 1646 14.91 12.43 -33.43
N THR C 1647 15.51 12.38 -34.62
CA THR C 1647 16.12 13.58 -35.16
C THR C 1647 15.08 14.62 -35.57
N ILE C 1648 13.91 14.17 -36.06
CA ILE C 1648 12.83 15.11 -36.35
C ILE C 1648 12.28 15.73 -35.07
N LEU C 1649 12.24 14.96 -33.98
CA LEU C 1649 11.78 15.53 -32.71
C LEU C 1649 12.80 16.50 -32.13
N ASP C 1650 14.09 16.23 -32.33
CA ASP C 1650 15.11 17.19 -31.94
C ASP C 1650 15.03 18.45 -32.80
N TYR C 1651 14.59 18.32 -34.05
CA TYR C 1651 14.24 19.50 -34.83
C TYR C 1651 13.03 20.21 -34.23
N ARG C 1652 12.06 19.46 -33.71
CA ARG C 1652 10.90 20.05 -33.08
C ARG C 1652 11.22 20.66 -31.73
N MET C 1653 12.38 20.33 -31.16
CA MET C 1653 12.87 21.00 -29.96
C MET C 1653 13.69 22.25 -30.28
N GLU C 1654 13.51 22.83 -31.46
CA GLU C 1654 14.13 24.09 -31.80
C GLU C 1654 13.12 25.20 -32.06
N ARG C 1655 11.90 24.86 -32.45
CA ARG C 1655 10.81 25.82 -32.52
C ARG C 1655 10.19 26.08 -31.15
N ILE C 1656 10.57 25.28 -30.16
CA ILE C 1656 9.93 25.22 -28.86
C ILE C 1656 10.16 26.48 -28.04
N GLY C 1657 11.17 27.27 -28.37
CA GLY C 1657 11.55 28.37 -27.52
C GLY C 1657 12.66 27.95 -26.59
N ALA C 1658 12.76 28.62 -25.44
CA ALA C 1658 13.76 28.24 -24.46
C ALA C 1658 13.20 28.25 -23.04
N ASP C 1659 11.89 28.38 -22.88
CA ASP C 1659 11.31 28.39 -21.54
C ASP C 1659 11.34 26.98 -20.96
N PHE C 1660 11.39 26.90 -19.63
CA PHE C 1660 11.69 25.63 -19.00
C PHE C 1660 10.50 24.70 -18.96
N VAL C 1661 9.29 25.23 -18.76
CA VAL C 1661 8.11 24.38 -18.57
C VAL C 1661 7.75 23.55 -19.81
N PRO C 1662 7.63 24.12 -21.03
CA PRO C 1662 7.34 23.23 -22.16
C PRO C 1662 8.49 22.32 -22.52
N ASN C 1663 9.73 22.77 -22.39
CA ASN C 1663 10.88 21.92 -22.65
C ASN C 1663 10.93 20.73 -21.72
N HIS C 1664 10.69 20.96 -20.43
CA HIS C 1664 10.68 19.88 -19.45
C HIS C 1664 9.49 18.95 -19.68
N TYR C 1665 8.36 19.47 -20.15
CA TYR C 1665 7.21 18.63 -20.41
C TYR C 1665 7.44 17.72 -21.60
N ILE C 1666 7.96 18.27 -22.70
CA ILE C 1666 8.16 17.49 -23.91
C ILE C 1666 9.29 16.49 -23.72
N LEU C 1667 10.36 16.89 -23.03
CA LEU C 1667 11.43 15.95 -22.75
C LEU C 1667 11.00 14.88 -21.75
N SER C 1668 10.12 15.23 -20.80
CA SER C 1668 9.55 14.23 -19.91
C SER C 1668 8.67 13.25 -20.65
N MET C 1669 7.98 13.68 -21.69
CA MET C 1669 7.18 12.72 -22.43
C MET C 1669 8.02 11.85 -23.35
N ARG C 1670 9.13 12.37 -23.92
CA ARG C 1670 9.99 11.47 -24.66
C ARG C 1670 10.70 10.50 -23.71
N LYS C 1671 11.03 10.99 -22.51
CA LYS C 1671 11.54 10.14 -21.44
C LYS C 1671 10.56 9.02 -21.10
N SER C 1672 9.30 9.35 -20.92
CA SER C 1672 8.30 8.35 -20.58
C SER C 1672 8.02 7.42 -21.74
N PHE C 1673 8.24 7.85 -22.98
CA PHE C 1673 8.18 6.89 -24.09
C PHE C 1673 9.35 5.92 -24.02
N ASP C 1674 10.56 6.44 -23.87
CA ASP C 1674 11.77 5.65 -24.06
C ASP C 1674 12.04 4.66 -22.93
N GLN C 1675 11.28 4.69 -21.84
CA GLN C 1675 11.43 3.70 -20.78
C GLN C 1675 10.17 2.89 -20.57
N LEU C 1676 9.20 3.01 -21.46
CA LEU C 1676 8.13 2.02 -21.54
C LEU C 1676 8.29 1.10 -22.73
N LYS C 1677 9.06 1.51 -23.73
CA LYS C 1677 9.40 0.68 -24.86
C LYS C 1677 10.85 0.27 -24.67
N MET C 1678 11.07 -0.98 -24.28
CA MET C 1678 12.40 -1.39 -23.85
C MET C 1678 13.24 -1.93 -25.01
N ASN C 1679 13.31 -1.16 -26.08
CA ASN C 1679 14.34 -1.34 -27.08
C ASN C 1679 15.67 -0.88 -26.49
N GLU C 1680 16.77 -1.40 -27.04
CA GLU C 1680 18.07 -0.86 -26.67
C GLU C 1680 18.34 0.47 -27.35
N GLN C 1681 17.77 0.69 -28.54
CA GLN C 1681 17.88 2.00 -29.16
C GLN C 1681 17.03 3.03 -28.44
N ALA C 1682 15.90 2.60 -27.86
CA ALA C 1682 15.13 3.49 -27.02
C ALA C 1682 15.87 3.83 -25.73
N ASP C 1683 16.67 2.90 -25.21
CA ASP C 1683 17.46 3.21 -24.03
C ASP C 1683 18.61 4.16 -24.36
N ALA C 1684 19.22 3.99 -25.54
CA ALA C 1684 20.23 4.93 -25.98
C ALA C 1684 19.64 6.30 -26.25
N ASP C 1685 18.38 6.36 -26.70
CA ASP C 1685 17.66 7.61 -26.75
C ASP C 1685 17.40 8.16 -25.35
N LEU C 1686 17.13 7.25 -24.41
CA LEU C 1686 16.71 7.65 -23.07
C LEU C 1686 17.82 8.32 -22.30
N GLY C 1687 19.05 7.82 -22.46
CA GLY C 1687 20.20 8.50 -21.87
C GLY C 1687 20.39 9.90 -22.43
N LYS C 1688 20.12 10.07 -23.72
CA LYS C 1688 20.19 11.40 -24.33
C LYS C 1688 19.12 12.32 -23.77
N THR C 1689 17.92 11.79 -23.54
CA THR C 1689 16.84 12.59 -22.96
C THR C 1689 17.17 13.01 -21.54
N PHE C 1690 17.74 12.10 -20.74
CA PHE C 1690 18.10 12.48 -19.39
C PHE C 1690 19.24 13.49 -19.37
N PHE C 1691 20.18 13.38 -20.30
CA PHE C 1691 21.26 14.37 -20.33
C PHE C 1691 20.75 15.73 -20.77
N THR C 1692 19.78 15.76 -21.69
CA THR C 1692 19.21 17.05 -22.09
C THR C 1692 18.32 17.63 -21.00
N LEU C 1693 17.63 16.79 -20.23
CA LEU C 1693 16.88 17.26 -19.06
C LEU C 1693 17.82 17.85 -18.02
N ALA C 1694 18.97 17.20 -17.81
CA ALA C 1694 19.93 17.68 -16.83
C ALA C 1694 20.52 19.03 -17.23
N GLN C 1695 21.00 19.14 -18.47
CA GLN C 1695 21.59 20.43 -18.83
C GLN C 1695 20.55 21.48 -19.18
N LEU C 1696 19.30 21.08 -19.42
CA LEU C 1696 18.21 22.05 -19.43
C LEU C 1696 18.00 22.64 -18.05
N ALA C 1697 17.90 21.79 -17.05
CA ALA C 1697 17.50 22.23 -15.73
C ALA C 1697 18.62 22.93 -14.99
N ARG C 1698 19.88 22.70 -15.34
CA ARG C 1698 20.89 23.49 -14.65
C ARG C 1698 21.09 24.86 -15.28
N ASN C 1699 20.68 25.06 -16.54
CA ASN C 1699 20.70 26.40 -17.11
C ASN C 1699 19.50 27.24 -16.70
N ASN C 1700 18.50 26.65 -16.05
CA ASN C 1700 17.29 27.36 -15.66
C ASN C 1700 17.13 27.44 -14.15
N ALA C 1701 18.25 27.41 -13.42
CA ALA C 1701 18.32 27.62 -11.98
C ALA C 1701 17.47 26.62 -11.20
N ARG C 1702 17.32 25.42 -11.73
CA ARG C 1702 16.51 24.38 -11.14
C ARG C 1702 17.29 23.08 -11.12
N LEU C 1703 18.47 23.12 -10.54
CA LEU C 1703 19.34 21.95 -10.43
C LEU C 1703 18.90 20.97 -9.34
N ASP C 1704 17.72 21.17 -8.75
CA ASP C 1704 17.14 20.17 -7.88
C ASP C 1704 16.81 18.90 -8.64
N ILE C 1705 16.37 19.02 -9.89
CA ILE C 1705 16.05 17.85 -10.69
C ILE C 1705 17.09 17.57 -11.76
N ALA C 1706 18.01 18.50 -12.02
CA ALA C 1706 19.12 18.23 -12.93
C ALA C 1706 20.03 17.15 -12.37
N SER C 1707 20.21 17.13 -11.05
CA SER C 1707 21.04 16.11 -10.44
C SER C 1707 20.37 14.73 -10.50
N GLU C 1708 19.10 14.66 -10.11
CA GLU C 1708 18.40 13.38 -10.13
C GLU C 1708 17.95 12.97 -11.52
N SER C 1709 18.19 13.79 -12.53
CA SER C 1709 18.10 13.31 -13.91
C SER C 1709 19.46 12.90 -14.46
N LEU C 1710 20.55 13.58 -14.07
CA LEU C 1710 21.88 13.20 -14.51
C LEU C 1710 22.33 11.88 -13.89
N MET C 1711 21.78 11.52 -12.73
CA MET C 1711 22.14 10.22 -12.17
C MET C 1711 21.61 9.05 -13.00
N HIS C 1712 20.58 9.26 -13.81
CA HIS C 1712 20.16 8.26 -14.77
C HIS C 1712 21.18 8.07 -15.88
N CYS C 1713 22.03 9.06 -16.15
CA CYS C 1713 23.11 8.94 -17.11
C CYS C 1713 24.35 8.27 -16.53
N LEU C 1714 24.26 7.70 -15.33
CA LEU C 1714 25.39 7.01 -14.72
C LEU C 1714 25.21 5.51 -14.63
N GLU C 1715 23.97 5.01 -14.62
CA GLU C 1715 23.75 3.60 -14.87
C GLU C 1715 24.14 3.26 -16.30
N ARG C 1716 23.83 4.14 -17.24
CA ARG C 1716 24.30 3.99 -18.61
C ARG C 1716 25.79 4.27 -18.72
N ARG C 1717 26.34 5.05 -17.78
CA ARG C 1717 27.74 5.46 -17.72
C ARG C 1717 28.17 6.15 -19.02
N LEU C 1718 27.52 7.29 -19.29
CA LEU C 1718 27.92 8.11 -20.42
C LEU C 1718 29.31 8.72 -20.16
N PRO C 1719 30.09 8.94 -21.20
CA PRO C 1719 31.39 9.59 -21.03
C PRO C 1719 31.33 11.10 -20.88
N GLN C 1720 30.15 11.67 -20.63
CA GLN C 1720 29.98 13.11 -20.61
C GLN C 1720 29.36 13.60 -19.30
N ALA C 1721 28.80 12.71 -18.49
CA ALA C 1721 28.21 13.10 -17.21
C ALA C 1721 29.25 13.56 -16.19
N GLU C 1722 30.52 13.17 -16.35
CA GLU C 1722 31.57 13.70 -15.48
C GLU C 1722 31.76 15.20 -15.68
N LEU C 1723 31.50 15.68 -16.90
CA LEU C 1723 31.53 17.12 -17.14
C LEU C 1723 30.24 17.79 -16.70
N GLU C 1724 29.10 17.10 -16.80
CA GLU C 1724 27.84 17.75 -16.47
C GLU C 1724 27.65 17.89 -14.96
N PHE C 1725 28.15 16.91 -14.20
CA PHE C 1725 28.13 17.02 -12.75
C PHE C 1725 29.02 18.13 -12.25
N ALA C 1726 30.03 18.53 -13.03
CA ALA C 1726 30.82 19.70 -12.69
C ALA C 1726 30.00 20.98 -12.74
N GLU C 1727 29.15 21.15 -13.76
CA GLU C 1727 28.33 22.35 -13.79
C GLU C 1727 27.21 22.30 -12.76
N ILE C 1728 26.73 21.11 -12.41
CA ILE C 1728 25.73 21.03 -11.35
C ILE C 1728 26.36 21.38 -10.00
N LEU C 1729 27.60 20.93 -9.76
CA LEU C 1729 28.34 21.36 -8.58
C LEU C 1729 28.63 22.85 -8.60
N TRP C 1730 28.87 23.41 -9.79
CA TRP C 1730 29.15 24.83 -9.88
C TRP C 1730 27.93 25.67 -9.56
N LYS C 1731 26.77 25.28 -10.10
CA LYS C 1731 25.56 26.04 -9.86
C LYS C 1731 25.04 25.84 -8.44
N GLN C 1732 25.36 24.69 -7.82
CA GLN C 1732 24.96 24.48 -6.43
C GLN C 1732 25.69 25.43 -5.49
N GLY C 1733 26.98 25.61 -5.69
CA GLY C 1733 27.68 26.62 -4.94
C GLY C 1733 29.06 26.19 -4.49
N GLU C 1734 29.43 24.94 -4.73
CA GLU C 1734 30.74 24.46 -4.34
C GLU C 1734 31.70 24.58 -5.52
N ASN C 1735 32.70 25.43 -5.36
CA ASN C 1735 33.59 25.73 -6.47
C ASN C 1735 34.72 24.73 -6.56
N ASP C 1736 35.27 24.35 -5.41
CA ASP C 1736 36.52 23.60 -5.39
C ASP C 1736 36.32 22.15 -5.83
N ARG C 1737 35.17 21.55 -5.52
CA ARG C 1737 34.92 20.20 -5.98
C ARG C 1737 34.64 20.16 -7.47
N ALA C 1738 34.01 21.22 -8.01
CA ALA C 1738 33.82 21.34 -9.44
C ALA C 1738 35.15 21.53 -10.16
N LEU C 1739 36.04 22.34 -9.59
CA LEU C 1739 37.37 22.49 -10.17
C LEU C 1739 38.16 21.20 -10.11
N LYS C 1740 38.00 20.45 -9.03
CA LYS C 1740 38.70 19.18 -8.88
C LYS C 1740 38.22 18.16 -9.90
N ILE C 1741 36.91 18.08 -10.14
CA ILE C 1741 36.42 17.11 -11.12
C ILE C 1741 36.70 17.55 -12.55
N VAL C 1742 36.72 18.86 -12.82
CA VAL C 1742 36.98 19.25 -14.20
C VAL C 1742 38.47 19.17 -14.53
N GLN C 1743 39.37 19.33 -13.56
CA GLN C 1743 40.75 19.01 -13.89
C GLN C 1743 40.98 17.51 -13.86
N GLU C 1744 40.15 16.77 -13.12
CA GLU C 1744 40.23 15.32 -13.11
C GLU C 1744 39.86 14.74 -14.46
N ILE C 1745 38.95 15.41 -15.19
CA ILE C 1745 38.74 15.01 -16.58
C ILE C 1745 39.64 15.75 -17.56
N HIS C 1746 40.38 16.77 -17.11
CA HIS C 1746 41.33 17.37 -18.03
C HIS C 1746 42.65 16.60 -18.08
N GLU C 1747 43.18 16.16 -16.94
CA GLU C 1747 44.33 15.27 -17.03
C GLU C 1747 43.95 13.86 -17.48
N LYS C 1748 42.67 13.53 -17.57
CA LYS C 1748 42.20 12.38 -18.32
C LYS C 1748 42.27 12.63 -19.83
N TYR C 1749 42.28 13.90 -20.25
CA TYR C 1749 42.48 14.23 -21.65
C TYR C 1749 43.94 14.44 -22.02
N GLN C 1750 44.87 13.79 -21.32
CA GLN C 1750 46.22 13.69 -21.84
C GLN C 1750 46.41 12.38 -22.58
N GLU C 1751 45.41 11.51 -22.50
CA GLU C 1751 45.41 10.25 -23.25
C GLU C 1751 44.97 10.46 -24.69
N ASN C 1752 44.62 9.36 -25.35
CA ASN C 1752 44.37 9.36 -26.78
C ASN C 1752 42.98 9.92 -27.09
N SER C 1753 42.54 9.67 -28.33
CA SER C 1753 41.95 10.63 -29.29
C SER C 1753 41.02 11.62 -28.61
N SER C 1754 39.81 11.20 -28.14
CA SER C 1754 38.91 11.99 -27.27
C SER C 1754 38.73 13.44 -27.72
N VAL C 1755 38.02 13.61 -28.85
CA VAL C 1755 38.36 14.47 -29.99
C VAL C 1755 39.10 15.76 -29.66
N ASN C 1756 40.25 15.96 -30.31
CA ASN C 1756 41.20 17.00 -29.94
C ASN C 1756 40.71 18.40 -30.24
N ALA C 1757 39.72 18.54 -31.11
CA ALA C 1757 39.37 19.85 -31.64
C ALA C 1757 38.69 20.71 -30.59
N ARG C 1758 37.51 20.29 -30.13
CA ARG C 1758 36.76 21.08 -29.18
C ARG C 1758 36.43 20.36 -27.89
N ASP C 1759 36.44 19.02 -27.88
CA ASP C 1759 36.13 18.32 -26.65
C ASP C 1759 37.27 18.38 -25.64
N ARG C 1760 38.44 18.86 -26.03
CA ARG C 1760 39.54 19.09 -25.11
C ARG C 1760 39.76 20.57 -24.81
N ALA C 1761 39.62 21.43 -25.80
CA ALA C 1761 39.84 22.85 -25.60
C ALA C 1761 38.73 23.50 -24.80
N ALA C 1762 37.49 23.02 -24.93
CA ALA C 1762 36.39 23.61 -24.17
C ALA C 1762 36.43 23.19 -22.71
N VAL C 1763 36.90 21.97 -22.42
CA VAL C 1763 37.02 21.52 -21.04
C VAL C 1763 38.10 22.32 -20.32
N LEU C 1764 39.24 22.51 -20.97
CA LEU C 1764 40.29 23.34 -20.38
C LEU C 1764 39.85 24.80 -20.30
N LEU C 1765 39.07 25.27 -21.28
CA LEU C 1765 38.58 26.65 -21.23
C LEU C 1765 37.61 26.84 -20.09
N LYS C 1766 36.82 25.81 -19.79
CA LYS C 1766 35.91 25.87 -18.65
C LYS C 1766 36.67 25.83 -17.33
N PHE C 1767 37.71 24.99 -17.28
CA PHE C 1767 38.59 24.95 -16.11
C PHE C 1767 39.23 26.31 -15.85
N THR C 1768 39.66 26.99 -16.90
CA THR C 1768 40.24 28.32 -16.71
C THR C 1768 39.17 29.36 -16.39
N GLU C 1769 38.00 29.29 -17.03
CA GLU C 1769 36.98 30.31 -16.84
C GLU C 1769 36.41 30.28 -15.44
N TRP C 1770 36.33 29.11 -14.83
CA TRP C 1770 35.96 29.17 -13.42
C TRP C 1770 37.06 28.72 -12.47
N LEU C 1771 38.31 28.73 -12.91
CA LEU C 1771 39.40 28.97 -11.98
C LEU C 1771 39.58 30.46 -11.78
N ASP C 1772 39.23 31.25 -12.81
CA ASP C 1772 39.10 32.69 -12.67
C ASP C 1772 38.04 33.06 -11.65
N LEU C 1773 36.82 32.55 -11.81
CA LEU C 1773 35.71 32.99 -10.98
C LEU C 1773 35.85 32.47 -9.55
N SER C 1774 36.46 31.31 -9.37
CA SER C 1774 36.65 30.75 -8.04
C SER C 1774 37.65 31.54 -7.22
N ASN C 1775 38.50 32.32 -7.90
CA ASN C 1775 39.53 33.15 -7.29
C ASN C 1775 40.52 32.29 -6.50
N ASN C 1776 40.77 31.09 -7.01
CA ASN C 1776 41.66 30.12 -6.36
C ASN C 1776 43.06 30.10 -6.95
N SER C 1777 43.40 31.06 -7.82
CA SER C 1777 44.69 30.99 -8.46
C SER C 1777 45.21 32.37 -8.76
N ALA C 1778 46.54 32.44 -8.89
CA ALA C 1778 47.20 33.65 -9.32
C ALA C 1778 46.96 33.87 -10.82
N SER C 1779 47.37 35.04 -11.29
CA SER C 1779 47.15 35.41 -12.68
C SER C 1779 48.00 34.56 -13.63
N GLU C 1780 49.26 34.32 -13.27
CA GLU C 1780 50.16 33.63 -14.19
C GLU C 1780 49.79 32.16 -14.36
N GLN C 1781 49.19 31.55 -13.34
CA GLN C 1781 48.73 30.17 -13.46
C GLN C 1781 47.58 30.06 -14.45
N ILE C 1782 46.71 31.07 -14.49
CA ILE C 1782 45.59 31.03 -15.41
C ILE C 1782 46.04 31.34 -16.83
N ILE C 1783 46.98 32.28 -16.97
CA ILE C 1783 47.48 32.67 -18.29
C ILE C 1783 48.34 31.56 -18.90
N LYS C 1784 49.09 30.83 -18.05
CA LYS C 1784 49.95 29.74 -18.50
C LYS C 1784 49.18 28.57 -19.10
N GLN C 1785 47.89 28.46 -18.79
CA GLN C 1785 47.05 27.48 -19.47
C GLN C 1785 46.04 28.09 -20.43
N TYR C 1786 45.79 29.40 -20.35
CA TYR C 1786 45.18 30.12 -21.47
C TYR C 1786 45.99 29.92 -22.75
N GLN C 1787 47.31 30.06 -22.63
CA GLN C 1787 48.16 29.83 -23.79
C GLN C 1787 48.18 28.36 -24.18
N ASP C 1788 47.90 27.44 -23.24
CA ASP C 1788 47.74 26.04 -23.62
C ASP C 1788 46.44 25.80 -24.39
N ILE C 1789 45.38 26.55 -24.05
CA ILE C 1789 44.16 26.52 -24.86
C ILE C 1789 44.46 27.03 -26.26
N PHE C 1790 45.26 28.09 -26.35
CA PHE C 1790 45.65 28.63 -27.65
C PHE C 1790 46.51 27.67 -28.44
N GLN C 1791 47.30 26.86 -27.74
CA GLN C 1791 48.08 25.83 -28.42
C GLN C 1791 47.19 24.72 -28.94
N ILE C 1792 46.24 24.25 -28.14
CA ILE C 1792 45.48 23.06 -28.54
C ILE C 1792 44.45 23.39 -29.62
N ASP C 1793 43.99 24.64 -29.72
CA ASP C 1793 43.07 25.05 -30.78
C ASP C 1793 43.13 26.57 -30.85
N SER C 1794 43.48 27.10 -32.02
CA SER C 1794 43.64 28.54 -32.19
C SER C 1794 42.64 29.15 -33.15
N LYS C 1795 41.78 28.34 -33.78
CA LYS C 1795 40.81 28.82 -34.75
C LYS C 1795 39.46 29.16 -34.11
N TRP C 1796 39.47 29.56 -32.85
CA TRP C 1796 38.25 29.66 -32.07
C TRP C 1796 38.41 30.79 -31.07
N ASP C 1797 37.50 31.76 -31.13
CA ASP C 1797 37.71 33.02 -30.44
C ASP C 1797 37.08 33.09 -29.06
N LYS C 1798 36.28 32.09 -28.68
CA LYS C 1798 35.79 32.03 -27.31
C LYS C 1798 36.92 32.00 -26.27
N PRO C 1799 38.06 31.31 -26.47
CA PRO C 1799 39.18 31.54 -25.56
C PRO C 1799 39.75 32.94 -25.65
N TYR C 1800 39.72 33.57 -26.82
CA TYR C 1800 40.22 34.93 -26.92
C TYR C 1800 39.27 35.92 -26.26
N TYR C 1801 37.96 35.65 -26.37
CA TYR C 1801 36.95 36.35 -25.58
C TYR C 1801 37.24 36.23 -24.09
N SER C 1802 37.51 35.01 -23.63
CA SER C 1802 37.71 34.78 -22.20
C SER C 1802 38.98 35.45 -21.70
N ILE C 1803 40.06 35.41 -22.47
CA ILE C 1803 41.28 36.04 -21.98
C ILE C 1803 41.22 37.56 -22.11
N GLY C 1804 40.47 38.09 -23.08
CA GLY C 1804 40.26 39.53 -23.14
C GLY C 1804 39.43 40.03 -21.98
N LEU C 1805 38.37 39.30 -21.62
CA LEU C 1805 37.59 39.64 -20.43
C LEU C 1805 38.41 39.44 -19.16
N TYR C 1806 39.35 38.50 -19.19
CA TYR C 1806 40.22 38.29 -18.03
C TYR C 1806 41.12 39.49 -17.79
N TYR C 1807 41.77 40.00 -18.84
CA TYR C 1807 42.62 41.17 -18.65
C TYR C 1807 41.81 42.43 -18.37
N SER C 1808 40.68 42.60 -19.06
CA SER C 1808 39.80 43.74 -18.81
C SER C 1808 38.89 43.55 -17.62
N ARG C 1809 39.13 42.53 -16.79
CA ARG C 1809 38.63 42.45 -15.42
C ARG C 1809 39.74 42.60 -14.40
N LEU C 1810 40.91 42.01 -14.69
CA LEU C 1810 42.06 42.11 -13.80
C LEU C 1810 42.60 43.54 -13.75
N LEU C 1811 42.36 44.33 -14.79
CA LEU C 1811 42.74 45.74 -14.75
C LEU C 1811 41.96 46.49 -13.67
N GLU C 1812 40.66 46.22 -13.56
CA GLU C 1812 39.89 46.84 -12.48
C GLU C 1812 40.24 46.26 -11.13
N ARG C 1813 40.45 44.94 -11.07
CA ARG C 1813 40.79 44.31 -9.80
C ARG C 1813 42.22 44.62 -9.35
N LYS C 1814 43.05 45.24 -10.18
CA LYS C 1814 44.26 45.87 -9.69
C LYS C 1814 44.06 47.35 -9.40
N LYS C 1815 43.32 48.05 -10.27
CA LYS C 1815 43.09 49.48 -10.11
C LYS C 1815 42.17 49.79 -8.94
N ALA C 1816 41.46 48.79 -8.41
CA ALA C 1816 40.70 48.98 -7.18
C ALA C 1816 41.61 49.25 -5.98
N GLU C 1817 42.84 48.75 -6.03
CA GLU C 1817 43.87 49.11 -5.06
C GLU C 1817 44.65 50.30 -5.59
N GLY C 1818 45.75 50.64 -4.93
CA GLY C 1818 46.58 51.74 -5.36
C GLY C 1818 47.48 51.40 -6.53
N TYR C 1819 46.89 51.17 -7.69
CA TYR C 1819 47.62 50.84 -8.90
C TYR C 1819 47.47 51.98 -9.90
N ILE C 1820 48.55 52.28 -10.62
CA ILE C 1820 48.53 53.41 -11.53
C ILE C 1820 48.78 52.92 -12.96
N THR C 1821 48.86 53.87 -13.88
CA THR C 1821 48.80 53.55 -15.30
C THR C 1821 50.09 52.89 -15.78
N ASN C 1822 49.98 51.63 -16.19
CA ASN C 1822 50.97 50.95 -17.00
C ASN C 1822 50.28 50.59 -18.32
N GLY C 1823 50.95 49.78 -19.13
CA GLY C 1823 50.42 49.53 -20.45
C GLY C 1823 50.05 48.10 -20.75
N ARG C 1824 50.69 47.15 -20.07
CA ARG C 1824 50.69 45.76 -20.51
C ARG C 1824 49.34 45.09 -20.34
N PHE C 1825 48.62 45.40 -19.26
CA PHE C 1825 47.33 44.77 -19.07
C PHE C 1825 46.24 45.39 -19.94
N GLU C 1826 46.51 46.53 -20.56
CA GLU C 1826 45.65 47.05 -21.62
C GLU C 1826 46.15 46.66 -23.00
N TYR C 1827 47.49 46.58 -23.16
CA TYR C 1827 48.11 46.04 -24.36
C TYR C 1827 47.57 44.65 -24.69
N ARG C 1828 47.66 43.73 -23.74
CA ARG C 1828 47.23 42.37 -24.01
C ARG C 1828 45.72 42.27 -24.13
N ALA C 1829 44.97 43.17 -23.47
CA ALA C 1829 43.53 43.20 -23.61
C ALA C 1829 43.12 43.55 -25.03
N ILE C 1830 43.70 44.63 -25.57
CA ILE C 1830 43.45 45.01 -26.96
C ILE C 1830 43.98 43.94 -27.91
N SER C 1831 45.12 43.33 -27.56
CA SER C 1831 45.77 42.34 -28.41
C SER C 1831 44.93 41.08 -28.56
N TYR C 1832 44.22 40.68 -27.51
CA TYR C 1832 43.39 39.48 -27.62
C TYR C 1832 41.96 39.77 -28.04
N PHE C 1833 41.40 40.95 -27.70
CA PHE C 1833 40.09 41.28 -28.25
C PHE C 1833 40.15 41.46 -29.76
N LEU C 1834 41.23 42.04 -30.28
CA LEU C 1834 41.30 42.30 -31.71
C LEU C 1834 41.60 41.06 -32.51
N LEU C 1835 42.05 39.99 -31.87
CA LEU C 1835 42.16 38.71 -32.53
C LEU C 1835 40.90 37.88 -32.33
N ALA C 1836 40.13 38.17 -31.28
CA ALA C 1836 38.81 37.60 -31.13
C ALA C 1836 37.84 38.14 -32.17
N PHE C 1837 37.97 39.42 -32.52
CA PHE C 1837 37.00 40.09 -33.37
C PHE C 1837 37.03 39.62 -34.82
N GLU C 1838 38.01 38.84 -35.23
CA GLU C 1838 38.07 38.43 -36.62
C GLU C 1838 37.31 37.14 -36.89
N LYS C 1839 36.91 36.40 -35.86
CA LYS C 1839 36.46 35.01 -36.06
C LYS C 1839 34.94 34.86 -36.02
N ASN C 1840 34.29 35.26 -34.93
CA ASN C 1840 32.85 35.05 -34.82
C ASN C 1840 32.07 36.29 -34.46
N THR C 1841 32.72 37.41 -34.14
CA THR C 1841 32.22 38.82 -34.13
C THR C 1841 30.86 39.00 -33.44
N ALA C 1842 30.47 38.10 -32.54
CA ALA C 1842 29.13 38.10 -31.97
C ALA C 1842 29.04 38.81 -30.63
N LYS C 1843 30.13 39.42 -30.17
CA LYS C 1843 30.13 40.15 -28.90
C LYS C 1843 30.89 41.46 -29.07
N VAL C 1844 30.65 42.14 -30.17
CA VAL C 1844 31.38 43.38 -30.44
C VAL C 1844 30.84 44.53 -29.61
N ARG C 1845 29.51 44.56 -29.39
CA ARG C 1845 28.84 45.69 -28.75
C ARG C 1845 29.35 45.95 -27.34
N GLU C 1846 29.47 44.90 -26.54
CA GLU C 1846 29.86 45.03 -25.15
C GLU C 1846 31.34 44.81 -24.91
N ASN C 1847 32.16 44.81 -25.97
CA ASN C 1847 33.59 44.65 -25.78
C ASN C 1847 34.46 45.65 -26.52
N LEU C 1848 34.01 46.17 -27.65
CA LEU C 1848 34.84 47.13 -28.39
C LEU C 1848 34.89 48.54 -27.80
N PRO C 1849 33.86 49.09 -27.12
CA PRO C 1849 34.10 50.32 -26.37
C PRO C 1849 35.14 50.18 -25.27
N LYS C 1850 35.20 49.02 -24.60
CA LYS C 1850 36.31 48.71 -23.69
C LYS C 1850 37.64 48.76 -24.43
N VAL C 1851 37.66 48.25 -25.66
CA VAL C 1851 38.87 48.26 -26.48
C VAL C 1851 39.35 49.66 -26.74
N ILE C 1852 38.47 50.53 -27.24
CA ILE C 1852 39.04 51.79 -27.71
C ILE C 1852 39.18 52.78 -26.56
N THR C 1853 38.49 52.55 -25.43
CA THR C 1853 38.86 53.36 -24.27
C THR C 1853 40.20 52.90 -23.69
N PHE C 1854 40.55 51.61 -23.86
CA PHE C 1854 41.90 51.20 -23.54
C PHE C 1854 42.90 51.77 -24.55
N TRP C 1855 42.45 51.93 -25.80
CA TRP C 1855 43.31 52.42 -26.86
C TRP C 1855 43.63 53.90 -26.68
N LEU C 1856 42.70 54.66 -26.10
CA LEU C 1856 42.93 56.09 -25.94
C LEU C 1856 42.98 56.56 -24.50
N ASP C 1857 43.14 55.66 -23.53
CA ASP C 1857 43.58 56.10 -22.19
C ASP C 1857 45.11 56.22 -22.14
N ILE C 1858 45.81 55.12 -22.39
CA ILE C 1858 47.26 55.12 -22.36
C ILE C 1858 47.88 55.95 -23.47
N ALA C 1859 47.15 56.17 -24.57
CA ALA C 1859 47.66 57.05 -25.61
C ALA C 1859 47.75 58.50 -25.13
N ALA C 1860 46.72 58.97 -24.40
CA ALA C 1860 46.79 60.30 -23.81
C ALA C 1860 47.74 60.33 -22.62
N ALA C 1861 47.90 59.19 -21.93
CA ALA C 1861 48.85 59.11 -20.83
C ALA C 1861 50.29 59.19 -21.32
N SER C 1862 50.54 58.76 -22.56
CA SER C 1862 51.84 58.92 -23.19
C SER C 1862 52.08 60.32 -23.73
N ILE C 1863 51.15 61.25 -23.53
CA ILE C 1863 51.29 62.63 -23.96
C ILE C 1863 51.29 63.50 -22.71
N SER C 1864 50.70 62.98 -21.63
CA SER C 1864 50.51 63.79 -20.42
C SER C 1864 51.84 64.12 -19.73
N GLU C 1865 52.51 63.10 -19.19
CA GLU C 1865 53.79 63.30 -18.49
C GLU C 1865 54.76 62.19 -18.85
N ALA C 1866 54.95 61.97 -20.16
CA ALA C 1866 55.72 60.83 -20.66
C ALA C 1866 57.16 60.75 -20.18
N PRO C 1867 57.94 61.85 -20.03
CA PRO C 1867 59.22 61.58 -19.34
C PRO C 1867 59.10 61.70 -17.83
N ARG C 1870 59.29 54.63 -15.00
CA ARG C 1870 59.68 55.58 -16.02
C ARG C 1870 58.46 56.04 -16.81
N LYS C 1871 57.51 55.11 -16.96
CA LYS C 1871 56.27 55.25 -17.76
C LYS C 1871 56.54 55.52 -19.23
N GLU C 1872 57.75 55.20 -19.70
CA GLU C 1872 58.01 55.03 -21.13
C GLU C 1872 57.48 53.68 -21.60
N MET C 1873 57.20 52.77 -20.65
CA MET C 1873 56.63 51.46 -20.95
C MET C 1873 55.25 51.59 -21.60
N LEU C 1874 54.43 52.51 -21.11
CA LEU C 1874 53.15 52.75 -21.75
C LEU C 1874 53.28 53.47 -23.07
N SER C 1875 54.39 54.17 -23.31
CA SER C 1875 54.60 54.78 -24.62
C SER C 1875 54.94 53.73 -25.67
N LYS C 1876 55.75 52.74 -25.30
CA LYS C 1876 55.95 51.60 -26.20
C LYS C 1876 54.68 50.78 -26.34
N ALA C 1877 53.88 50.73 -25.27
CA ALA C 1877 52.62 50.00 -25.28
C ALA C 1877 51.64 50.62 -26.28
N THR C 1878 51.47 51.95 -26.25
CA THR C 1878 50.63 52.57 -27.26
C THR C 1878 51.28 52.51 -28.64
N GLU C 1879 52.61 52.53 -28.69
CA GLU C 1879 53.35 52.45 -29.95
C GLU C 1879 53.07 51.15 -30.69
N ASP C 1880 52.84 50.05 -29.99
CA ASP C 1880 52.49 48.84 -30.73
C ASP C 1880 51.02 48.41 -30.63
N ILE C 1881 50.19 48.94 -29.73
CA ILE C 1881 48.77 48.65 -29.95
C ILE C 1881 48.17 49.55 -31.03
N CYS C 1882 48.84 50.64 -31.43
CA CYS C 1882 48.45 51.29 -32.68
C CYS C 1882 48.68 50.35 -33.86
N SER C 1883 49.77 49.58 -33.81
CA SER C 1883 50.02 48.56 -34.83
C SER C 1883 48.98 47.46 -34.76
N HIS C 1884 48.56 47.08 -33.55
CA HIS C 1884 47.49 46.08 -33.39
C HIS C 1884 46.18 46.56 -34.00
N VAL C 1885 45.82 47.83 -33.77
CA VAL C 1885 44.58 48.37 -34.34
C VAL C 1885 44.65 48.40 -35.85
N GLU C 1886 45.83 48.71 -36.40
CA GLU C 1886 45.97 48.72 -37.86
C GLU C 1886 45.87 47.31 -38.45
N GLU C 1887 46.48 46.31 -37.79
CA GLU C 1887 46.40 44.93 -38.27
C GLU C 1887 44.96 44.42 -38.21
N ALA C 1888 44.24 44.77 -37.16
CA ALA C 1888 42.83 44.39 -37.07
C ALA C 1888 42.02 45.04 -38.17
N LEU C 1889 42.19 46.35 -38.36
CA LEU C 1889 41.45 47.08 -39.41
C LEU C 1889 41.75 46.54 -40.81
N GLN C 1890 42.96 46.04 -41.03
CA GLN C 1890 43.20 45.46 -42.34
C GLN C 1890 42.72 44.02 -42.47
N HIS C 1891 42.43 43.31 -41.37
CA HIS C 1891 41.73 42.03 -41.56
C HIS C 1891 40.64 41.75 -40.49
N CYS C 1892 39.79 42.72 -40.22
CA CYS C 1892 38.52 42.46 -39.53
C CYS C 1892 37.42 43.06 -40.38
N PRO C 1893 36.15 42.69 -40.17
CA PRO C 1893 35.06 43.34 -40.89
C PRO C 1893 34.93 44.82 -40.57
N THR C 1894 34.16 45.50 -41.43
CA THR C 1894 34.11 46.96 -41.42
C THR C 1894 33.07 47.50 -40.44
N TYR C 1895 31.88 46.89 -40.42
CA TYR C 1895 30.73 47.42 -39.71
C TYR C 1895 30.91 47.45 -38.20
N ILE C 1896 31.82 46.63 -37.65
CA ILE C 1896 31.99 46.54 -36.21
C ILE C 1896 32.54 47.81 -35.58
N TRP C 1897 33.06 48.74 -36.38
CA TRP C 1897 33.49 50.01 -35.83
C TRP C 1897 32.34 50.98 -35.63
N TYR C 1898 31.20 50.75 -36.28
CA TYR C 1898 30.05 51.64 -36.16
C TYR C 1898 29.52 51.69 -34.73
N PHE C 1899 29.71 50.59 -33.98
CA PHE C 1899 29.29 50.53 -32.58
C PHE C 1899 30.02 51.53 -31.70
N VAL C 1900 31.20 51.98 -32.10
CA VAL C 1900 31.87 52.98 -31.28
C VAL C 1900 31.93 54.30 -32.04
N LEU C 1901 30.96 54.50 -32.94
CA LEU C 1901 31.05 55.54 -33.96
C LEU C 1901 31.11 56.94 -33.35
N THR C 1902 30.17 57.27 -32.46
CA THR C 1902 30.20 58.56 -31.80
C THR C 1902 31.37 58.65 -30.84
N GLN C 1903 31.79 57.52 -30.27
CA GLN C 1903 32.99 57.51 -29.46
C GLN C 1903 34.23 57.64 -30.33
N LEU C 1904 34.11 57.32 -31.61
CA LEU C 1904 35.11 57.73 -32.59
C LEU C 1904 34.87 59.13 -33.11
N LEU C 1905 33.65 59.66 -33.04
CA LEU C 1905 33.44 61.05 -33.46
C LEU C 1905 33.94 62.02 -32.41
N SER C 1906 33.87 61.67 -31.15
CA SER C 1906 34.69 62.35 -30.16
C SER C 1906 36.08 61.74 -30.19
N ARG C 1907 36.99 62.30 -29.40
CA ARG C 1907 38.40 61.88 -29.28
C ARG C 1907 39.17 61.98 -30.60
N LEU C 1908 38.66 62.72 -31.58
CA LEU C 1908 39.43 62.98 -32.79
C LEU C 1908 40.55 63.97 -32.51
N LEU C 1909 40.23 65.05 -31.81
CA LEU C 1909 41.22 65.99 -31.29
C LEU C 1909 41.87 65.34 -30.07
N HIS C 1910 42.82 64.44 -30.34
CA HIS C 1910 43.41 63.62 -29.29
C HIS C 1910 44.82 64.04 -28.90
N SER C 1911 45.52 64.74 -29.79
CA SER C 1911 46.91 65.20 -29.61
C SER C 1911 47.85 64.03 -29.31
N HIS C 1912 47.86 63.08 -30.22
CA HIS C 1912 48.80 61.98 -30.22
C HIS C 1912 49.52 61.85 -31.55
N GLN C 1913 48.83 62.09 -32.65
CA GLN C 1913 49.29 62.17 -34.04
C GLN C 1913 49.73 60.83 -34.62
N SER C 1914 49.75 59.76 -33.84
CA SER C 1914 49.86 58.42 -34.35
C SER C 1914 48.59 57.62 -34.16
N SER C 1915 47.68 58.11 -33.32
CA SER C 1915 46.33 57.59 -33.25
C SER C 1915 45.32 58.46 -33.98
N ALA C 1916 45.66 59.74 -34.21
CA ALA C 1916 44.81 60.62 -34.99
C ALA C 1916 44.72 60.15 -36.44
N GLN C 1917 45.83 59.68 -36.99
CA GLN C 1917 45.81 59.09 -38.33
C GLN C 1917 44.99 57.81 -38.34
N ILE C 1918 45.04 57.05 -37.25
CA ILE C 1918 44.25 55.82 -37.18
C ILE C 1918 42.78 56.14 -36.95
N ILE C 1919 42.47 57.18 -36.17
CA ILE C 1919 41.06 57.54 -35.96
C ILE C 1919 40.49 58.27 -37.17
N MET C 1920 41.33 58.70 -38.12
CA MET C 1920 40.79 59.13 -39.40
C MET C 1920 40.69 57.96 -40.39
N HIS C 1921 41.65 57.03 -40.36
CA HIS C 1921 41.57 55.85 -41.21
C HIS C 1921 40.39 54.95 -40.81
N ILE C 1922 40.01 55.00 -39.53
CA ILE C 1922 38.89 54.21 -39.05
C ILE C 1922 37.56 54.78 -39.54
N LEU C 1923 37.56 56.02 -40.03
CA LEU C 1923 36.40 56.62 -40.67
C LEU C 1923 36.46 56.52 -42.19
N LEU C 1924 37.67 56.55 -42.76
CA LEU C 1924 37.86 56.21 -44.18
C LEU C 1924 37.32 54.82 -44.48
N SER C 1925 37.73 53.83 -43.67
CA SER C 1925 37.32 52.45 -43.89
C SER C 1925 35.82 52.29 -43.72
N LEU C 1926 35.24 53.04 -42.79
CA LEU C 1926 33.80 52.92 -42.55
C LEU C 1926 33.01 53.74 -43.56
N ALA C 1927 33.66 54.64 -44.29
CA ALA C 1927 32.98 55.39 -45.33
C ALA C 1927 33.02 54.71 -46.69
N VAL C 1928 34.09 53.97 -47.01
CA VAL C 1928 34.19 53.32 -48.31
C VAL C 1928 33.10 52.27 -48.48
N GLU C 1929 33.09 51.27 -47.60
CA GLU C 1929 31.98 50.33 -47.56
C GLU C 1929 30.91 50.89 -46.64
N TYR C 1930 29.65 50.80 -47.09
CA TYR C 1930 28.44 51.29 -46.42
C TYR C 1930 28.55 52.79 -46.13
N PRO C 1931 28.51 53.68 -47.16
CA PRO C 1931 28.64 55.11 -46.88
C PRO C 1931 27.36 55.68 -46.31
N SER C 1932 26.24 55.20 -46.89
CA SER C 1932 24.95 55.87 -46.86
C SER C 1932 24.43 56.15 -45.46
N HIS C 1933 24.79 55.30 -44.51
CA HIS C 1933 24.39 55.52 -43.13
C HIS C 1933 25.28 56.57 -42.46
N ILE C 1934 26.60 56.41 -42.57
CA ILE C 1934 27.52 57.23 -41.77
C ILE C 1934 27.84 58.56 -42.42
N LEU C 1935 27.36 58.80 -43.64
CA LEU C 1935 27.64 60.07 -44.30
C LEU C 1935 26.98 61.25 -43.59
N TRP C 1936 25.89 60.99 -42.88
CA TRP C 1936 25.30 62.00 -41.99
C TRP C 1936 26.29 62.46 -40.93
N TYR C 1937 26.94 61.50 -40.27
CA TYR C 1937 27.91 61.85 -39.23
C TYR C 1937 29.15 62.48 -39.83
N ILE C 1938 29.56 62.03 -41.01
CA ILE C 1938 30.78 62.56 -41.60
C ILE C 1938 30.57 63.95 -42.19
N THR C 1939 29.32 64.33 -42.48
CA THR C 1939 29.04 65.69 -42.93
C THR C 1939 28.69 66.62 -41.78
N ALA C 1940 28.10 66.11 -40.72
CA ALA C 1940 28.00 66.87 -39.48
C ALA C 1940 29.37 67.08 -38.84
N LEU C 1941 30.35 66.25 -39.20
CA LEU C 1941 31.72 66.47 -38.75
C LEU C 1941 32.27 67.76 -39.31
N VAL C 1942 32.06 68.02 -40.59
CA VAL C 1942 32.65 69.21 -41.18
C VAL C 1942 31.66 70.37 -41.03
N ASN C 1943 31.49 70.79 -39.78
CA ASN C 1943 30.65 71.87 -39.29
C ASN C 1943 30.94 72.04 -37.81
N SER C 1944 31.28 73.26 -37.37
CA SER C 1944 31.52 73.54 -35.96
C SER C 1944 31.48 75.04 -35.75
N ASN C 1945 31.81 75.45 -34.53
CA ASN C 1945 32.19 76.82 -34.22
C ASN C 1945 33.67 76.93 -33.91
N SER C 1946 34.26 75.90 -33.32
CA SER C 1946 35.71 75.78 -33.17
C SER C 1946 36.26 75.15 -34.45
N SER C 1947 37.10 75.89 -35.16
CA SER C 1947 37.43 75.52 -36.54
C SER C 1947 38.53 74.49 -36.66
N LYS C 1948 38.43 73.40 -35.92
CA LYS C 1948 39.36 72.29 -36.05
C LYS C 1948 38.71 71.00 -36.53
N ARG C 1949 37.44 70.78 -36.20
CA ARG C 1949 36.70 69.62 -36.71
C ARG C 1949 36.53 69.72 -38.22
N VAL C 1950 36.37 70.94 -38.73
CA VAL C 1950 36.13 71.17 -40.15
C VAL C 1950 37.34 70.78 -40.97
N LEU C 1951 38.55 70.99 -40.43
CA LEU C 1951 39.77 70.61 -41.13
C LEU C 1951 39.85 69.09 -41.30
N ARG C 1952 39.55 68.35 -40.23
CA ARG C 1952 39.52 66.89 -40.32
C ARG C 1952 38.35 66.40 -41.16
N GLY C 1953 37.27 67.19 -41.25
CA GLY C 1953 36.17 66.81 -42.11
C GLY C 1953 36.49 66.93 -43.58
N LYS C 1954 37.15 68.02 -43.98
CA LYS C 1954 37.65 68.09 -45.34
C LYS C 1954 38.69 67.01 -45.61
N HIS C 1955 39.57 66.75 -44.65
CA HIS C 1955 40.59 65.71 -44.83
C HIS C 1955 39.98 64.31 -44.91
N ILE C 1956 38.85 64.07 -44.26
CA ILE C 1956 38.22 62.76 -44.31
C ILE C 1956 37.35 62.61 -45.55
N LEU C 1957 36.87 63.72 -46.13
CA LEU C 1957 36.14 63.59 -47.38
C LEU C 1957 37.06 63.58 -48.60
N GLU C 1958 38.30 64.09 -48.47
CA GLU C 1958 39.24 64.10 -49.58
C GLU C 1958 39.55 62.70 -50.10
N LYS C 1959 40.02 61.83 -49.22
CA LYS C 1959 40.36 60.49 -49.64
C LYS C 1959 39.14 59.62 -49.90
N TYR C 1960 37.97 60.02 -49.40
CA TYR C 1960 36.74 59.32 -49.76
C TYR C 1960 36.35 59.59 -51.20
N ARG C 1961 36.35 60.87 -51.60
CA ARG C 1961 36.09 61.17 -53.01
C ARG C 1961 37.26 60.81 -53.90
N GLN C 1962 38.44 60.54 -53.33
CA GLN C 1962 39.56 59.99 -54.07
C GLN C 1962 39.42 58.50 -54.33
N HIS C 1963 38.58 57.81 -53.56
CA HIS C 1963 38.36 56.38 -53.77
C HIS C 1963 37.59 56.11 -55.07
N SER C 1964 37.75 54.90 -55.58
CA SER C 1964 37.34 54.56 -56.94
C SER C 1964 35.83 54.54 -57.08
N GLN C 1965 35.14 53.80 -56.23
CA GLN C 1965 33.68 53.78 -56.24
C GLN C 1965 33.18 55.11 -55.72
N ASN C 1966 32.82 56.00 -56.61
CA ASN C 1966 32.17 57.23 -56.22
C ASN C 1966 30.78 57.19 -56.83
N PRO C 1967 29.80 56.56 -56.15
CA PRO C 1967 28.51 56.26 -56.81
C PRO C 1967 27.67 57.48 -57.15
N HIS C 1968 27.99 58.63 -56.57
CA HIS C 1968 27.24 59.86 -56.81
C HIS C 1968 28.18 61.01 -56.47
N ASP C 1969 27.71 62.23 -56.66
CA ASP C 1969 28.31 63.41 -56.04
C ASP C 1969 27.68 63.69 -54.69
N LEU C 1970 27.28 62.63 -53.98
CA LEU C 1970 26.43 62.70 -52.81
C LEU C 1970 27.13 63.22 -51.58
N VAL C 1971 28.44 63.43 -51.61
CA VAL C 1971 29.09 64.20 -50.55
C VAL C 1971 28.66 65.66 -50.64
N SER C 1972 28.64 66.21 -51.86
CA SER C 1972 28.24 67.61 -52.02
C SER C 1972 26.75 67.79 -51.77
N SER C 1973 25.92 66.86 -52.26
CA SER C 1973 24.50 66.93 -51.92
C SER C 1973 24.26 66.60 -50.45
N ALA C 1974 25.17 65.84 -49.83
CA ALA C 1974 25.09 65.58 -48.40
C ALA C 1974 25.33 66.84 -47.59
N LEU C 1975 26.34 67.63 -47.98
CA LEU C 1975 26.51 68.96 -47.41
C LEU C 1975 25.33 69.87 -47.73
N ASP C 1976 24.68 69.65 -48.88
CA ASP C 1976 23.49 70.43 -49.22
C ASP C 1976 22.29 70.05 -48.35
N LEU C 1977 22.20 68.80 -47.89
CA LEU C 1977 21.21 68.48 -46.86
C LEU C 1977 21.62 69.06 -45.52
N THR C 1978 22.91 69.00 -45.20
CA THR C 1978 23.41 69.32 -43.86
C THR C 1978 23.26 70.81 -43.56
N LYS C 1979 23.71 71.66 -44.47
CA LYS C 1979 23.64 73.10 -44.21
C LYS C 1979 22.19 73.59 -44.30
N ALA C 1980 21.35 72.93 -45.07
CA ALA C 1980 19.94 73.28 -45.10
C ALA C 1980 19.26 72.91 -43.78
N LEU C 1981 19.52 71.69 -43.28
CA LEU C 1981 18.92 71.26 -42.03
C LEU C 1981 19.51 71.95 -40.82
N THR C 1982 20.67 72.59 -40.95
CA THR C 1982 21.12 73.45 -39.87
C THR C 1982 20.74 74.91 -40.07
N ARG C 1983 20.22 75.26 -41.25
CA ARG C 1983 19.62 76.57 -41.43
C ARG C 1983 18.15 76.61 -41.06
N VAL C 1984 17.54 75.48 -40.73
CA VAL C 1984 16.11 75.49 -40.38
C VAL C 1984 15.95 75.51 -38.87
N CYS C 1985 17.01 75.89 -38.15
CA CYS C 1985 16.91 76.12 -36.73
C CYS C 1985 17.27 77.53 -36.31
N LEU C 1986 17.81 78.35 -37.23
CA LEU C 1986 18.13 79.74 -36.90
C LEU C 1986 16.98 80.69 -37.18
N GLN C 1987 16.16 80.40 -38.20
CA GLN C 1987 15.09 81.31 -38.61
C GLN C 1987 13.93 81.19 -37.62
N ASP C 1988 14.07 81.91 -36.51
CA ASP C 1988 13.05 81.96 -35.46
C ASP C 1988 11.98 82.98 -35.82
N VAL C 1989 10.76 82.51 -36.02
CA VAL C 1989 9.63 83.38 -36.36
C VAL C 1989 8.71 83.44 -35.14
N LYS C 1990 8.50 84.64 -34.62
CA LYS C 1990 7.68 84.83 -33.44
C LYS C 1990 7.11 86.23 -33.38
N PHE C 2004 8.36 79.15 -44.47
CA PHE C 2004 9.23 79.88 -45.39
C PHE C 2004 9.40 79.15 -46.72
N LYS C 2005 9.37 77.81 -46.65
CA LYS C 2005 9.40 76.90 -47.81
C LYS C 2005 10.65 77.10 -48.68
N PHE C 2006 11.80 76.73 -48.09
CA PHE C 2006 13.07 76.70 -48.82
C PHE C 2006 13.20 75.45 -49.67
N ASP C 2007 14.44 75.12 -50.06
CA ASP C 2007 14.73 74.15 -51.11
C ASP C 2007 14.11 72.79 -50.83
N MET C 2008 13.66 72.14 -51.91
CA MET C 2008 12.82 70.96 -51.80
C MET C 2008 13.37 69.79 -52.60
N ASN C 2009 14.03 70.06 -53.73
CA ASN C 2009 14.45 69.00 -54.62
C ASN C 2009 15.76 68.34 -54.21
N VAL C 2010 16.24 68.59 -52.99
CA VAL C 2010 17.39 67.85 -52.49
C VAL C 2010 17.00 66.39 -52.26
N ALA C 2011 15.83 66.16 -51.70
CA ALA C 2011 15.22 64.85 -51.79
C ALA C 2011 14.66 64.66 -53.21
N PRO C 2012 14.79 63.46 -53.79
CA PRO C 2012 15.35 62.22 -53.26
C PRO C 2012 16.86 62.16 -53.32
N SER C 2013 17.43 61.24 -52.53
CA SER C 2013 18.87 61.05 -52.50
C SER C 2013 19.16 59.61 -52.12
N ALA C 2014 20.38 59.17 -52.44
CA ALA C 2014 20.89 57.92 -51.91
C ALA C 2014 21.29 58.03 -50.44
N MET C 2015 21.36 59.26 -49.92
CA MET C 2015 21.34 59.49 -48.48
C MET C 2015 20.09 58.89 -47.87
N VAL C 2016 20.23 58.34 -46.68
CA VAL C 2016 19.13 57.61 -46.07
C VAL C 2016 18.75 58.33 -44.78
N VAL C 2017 17.46 58.23 -44.43
CA VAL C 2017 16.78 58.99 -43.38
C VAL C 2017 17.44 58.79 -42.02
N PRO C 2018 17.47 59.81 -41.14
CA PRO C 2018 18.11 59.61 -39.81
C PRO C 2018 17.26 58.91 -38.76
N VAL C 2019 16.20 58.22 -39.14
CA VAL C 2019 15.35 57.53 -38.18
C VAL C 2019 16.06 56.29 -37.65
N ARG C 2020 15.78 55.91 -36.40
CA ARG C 2020 16.39 54.73 -35.80
C ARG C 2020 16.01 53.43 -36.48
N LYS C 2021 14.97 53.38 -37.31
CA LYS C 2021 14.78 52.25 -38.22
C LYS C 2021 15.47 52.53 -39.56
N ASN C 2022 16.67 53.06 -39.46
CA ASN C 2022 17.67 53.10 -40.51
C ASN C 2022 19.02 52.78 -39.91
N LEU C 2023 19.25 53.30 -38.70
CA LEU C 2023 20.58 53.56 -38.18
C LEU C 2023 21.02 52.57 -37.12
N ASP C 2024 20.24 51.53 -36.87
CA ASP C 2024 20.69 50.51 -35.94
C ASP C 2024 21.63 49.55 -36.65
N ILE C 2025 22.20 48.62 -35.90
CA ILE C 2025 22.79 47.41 -36.42
C ILE C 2025 21.90 46.27 -35.96
N ILE C 2026 21.47 45.42 -36.89
CA ILE C 2026 20.81 44.19 -36.49
C ILE C 2026 21.81 43.34 -35.72
N SER C 2027 21.37 42.79 -34.59
CA SER C 2027 22.27 42.21 -33.60
C SER C 2027 23.00 41.00 -34.16
N PRO C 2028 24.33 41.01 -34.20
CA PRO C 2028 25.07 39.99 -34.96
C PRO C 2028 25.01 38.59 -34.36
N LEU C 2029 24.27 37.70 -35.02
CA LEU C 2029 24.32 36.29 -34.75
C LEU C 2029 25.26 35.62 -35.74
N GLU C 2030 25.70 34.41 -35.39
CA GLU C 2030 26.60 33.66 -36.24
C GLU C 2030 25.90 33.12 -37.48
N GLY C 2036 27.03 35.36 -43.14
CA GLY C 2036 26.57 35.91 -44.40
C GLY C 2036 25.50 36.97 -44.23
N TYR C 2037 25.32 37.41 -42.99
CA TYR C 2037 24.30 38.40 -42.68
C TYR C 2037 24.76 39.79 -43.09
N GLN C 2038 23.79 40.65 -43.38
CA GLN C 2038 24.00 42.05 -43.70
C GLN C 2038 23.72 42.89 -42.45
N PRO C 2039 24.54 43.91 -42.17
CA PRO C 2039 24.43 44.62 -40.88
C PRO C 2039 23.20 45.48 -40.72
N PHE C 2040 22.45 45.76 -41.78
CA PHE C 2040 21.40 46.76 -41.71
C PHE C 2040 20.08 46.16 -42.15
N ARG C 2041 19.03 46.97 -42.02
CA ARG C 2041 17.74 46.69 -42.63
C ARG C 2041 17.82 47.03 -44.11
N PRO C 2042 16.82 46.64 -44.91
CA PRO C 2042 16.72 47.20 -46.26
C PRO C 2042 16.54 48.71 -46.22
N VAL C 2043 17.23 49.38 -47.15
CA VAL C 2043 17.41 50.83 -47.09
C VAL C 2043 16.10 51.54 -47.39
N VAL C 2044 15.70 52.44 -46.48
CA VAL C 2044 14.52 53.26 -46.70
C VAL C 2044 14.98 54.70 -46.89
N SER C 2045 15.25 55.08 -48.14
CA SER C 2045 15.94 56.32 -48.43
C SER C 2045 14.98 57.49 -48.48
N ILE C 2046 15.54 58.70 -48.37
CA ILE C 2046 14.73 59.91 -48.44
C ILE C 2046 14.24 60.12 -49.88
N ILE C 2047 12.97 60.49 -50.02
CA ILE C 2047 12.33 60.60 -51.32
C ILE C 2047 11.78 62.00 -51.53
N ARG C 2048 10.86 62.42 -50.65
CA ARG C 2048 10.24 63.74 -50.76
C ARG C 2048 10.36 64.44 -49.42
N PHE C 2049 11.08 65.55 -49.40
CA PHE C 2049 11.20 66.36 -48.21
C PHE C 2049 9.85 66.99 -47.89
N GLY C 2050 9.45 66.94 -46.62
CA GLY C 2050 8.13 67.42 -46.25
C GLY C 2050 8.04 68.94 -46.33
N SER C 2051 6.91 69.43 -46.82
CA SER C 2051 6.74 70.87 -46.95
C SER C 2051 6.05 71.48 -45.74
N SER C 2052 5.07 70.78 -45.15
CA SER C 2052 4.30 71.30 -44.03
C SER C 2052 5.11 71.15 -42.75
N TYR C 2053 5.73 72.24 -42.32
CA TYR C 2053 6.48 72.26 -41.07
C TYR C 2053 5.56 72.59 -39.90
N LYS C 2054 6.13 72.54 -38.69
CA LYS C 2054 5.39 72.81 -37.47
C LYS C 2054 6.34 73.49 -36.50
N VAL C 2055 5.80 74.41 -35.68
CA VAL C 2055 6.60 75.11 -34.67
C VAL C 2055 5.68 75.49 -33.53
N PHE C 2056 6.12 75.29 -32.29
CA PHE C 2056 5.17 75.40 -31.19
C PHE C 2056 5.72 76.19 -30.02
N SER C 2057 4.83 76.49 -29.08
CA SER C 2057 5.06 77.46 -28.01
C SER C 2057 5.71 76.80 -26.78
N SER C 2058 6.90 76.27 -27.01
CA SER C 2058 7.78 75.85 -25.94
C SER C 2058 8.72 76.99 -25.58
N LEU C 2059 9.80 76.68 -24.88
CA LEU C 2059 10.74 77.64 -24.29
C LEU C 2059 11.32 78.62 -25.30
N LYS C 2060 12.13 78.17 -26.25
CA LYS C 2060 12.65 79.18 -27.16
C LYS C 2060 11.70 79.51 -28.31
N LYS C 2061 11.64 78.69 -29.39
CA LYS C 2061 10.64 78.51 -30.45
C LYS C 2061 10.94 77.26 -31.27
N PRO C 2062 10.72 76.06 -30.76
CA PRO C 2062 11.23 74.88 -31.47
C PRO C 2062 10.26 74.28 -32.48
N LYS C 2063 10.85 73.58 -33.46
CA LYS C 2063 10.17 73.25 -34.71
C LYS C 2063 10.47 71.83 -35.18
N GLN C 2064 9.62 71.37 -36.10
CA GLN C 2064 9.50 70.00 -36.56
C GLN C 2064 9.24 69.97 -38.05
N LEU C 2065 10.01 69.17 -38.77
CA LEU C 2065 9.88 68.96 -40.20
C LEU C 2065 9.21 67.62 -40.47
N ASN C 2066 9.21 67.19 -41.73
CA ASN C 2066 8.74 65.86 -42.11
C ASN C 2066 9.61 65.33 -43.25
N ILE C 2067 9.70 64.01 -43.34
CA ILE C 2067 10.40 63.32 -44.41
C ILE C 2067 9.47 62.25 -44.96
N ILE C 2068 9.41 62.10 -46.28
CA ILE C 2068 8.74 60.98 -46.91
C ILE C 2068 9.81 60.01 -47.41
N GLY C 2069 9.75 58.77 -46.96
CA GLY C 2069 10.78 57.79 -47.22
C GLY C 2069 10.48 56.91 -48.41
N SER C 2070 11.29 55.85 -48.53
CA SER C 2070 11.19 54.94 -49.67
C SER C 2070 9.93 54.09 -49.64
N ASP C 2071 9.33 53.88 -48.48
CA ASP C 2071 8.04 53.21 -48.41
C ASP C 2071 6.90 54.22 -48.42
N GLY C 2072 7.20 55.51 -48.55
CA GLY C 2072 6.15 56.50 -48.58
C GLY C 2072 5.54 56.81 -47.24
N ASN C 2073 6.25 56.54 -46.15
CA ASN C 2073 5.76 56.84 -44.81
C ASN C 2073 6.32 58.16 -44.32
N ILE C 2074 5.58 58.80 -43.43
CA ILE C 2074 6.04 60.03 -42.81
C ILE C 2074 7.03 59.66 -41.70
N TYR C 2075 8.22 60.21 -41.78
CA TYR C 2075 9.21 60.12 -40.71
C TYR C 2075 9.36 61.51 -40.12
N GLY C 2076 9.14 61.63 -38.82
CA GLY C 2076 9.12 62.93 -38.17
C GLY C 2076 10.50 63.35 -37.68
N ILE C 2077 10.80 64.62 -37.86
CA ILE C 2077 12.10 65.20 -37.58
C ILE C 2077 11.89 66.40 -36.66
N MET C 2078 12.60 66.42 -35.55
CA MET C 2078 12.60 67.56 -34.64
C MET C 2078 13.95 68.25 -34.76
N CYS C 2079 13.95 69.56 -34.95
CA CYS C 2079 15.19 70.30 -35.20
C CYS C 2079 15.39 71.29 -34.06
N LYS C 2080 16.21 70.93 -33.08
CA LYS C 2080 16.40 71.76 -31.91
C LYS C 2080 17.62 72.64 -32.04
N LYS C 2081 17.54 73.83 -31.44
CA LYS C 2081 18.66 74.77 -31.40
C LYS C 2081 19.35 74.63 -30.04
N GLU C 2082 19.96 73.46 -29.85
CA GLU C 2082 20.55 73.09 -28.56
C GLU C 2082 21.57 71.98 -28.78
N ASP C 2083 22.51 71.88 -27.85
CA ASP C 2083 23.62 70.93 -27.95
C ASP C 2083 23.08 69.53 -27.69
N VAL C 2084 22.94 68.73 -28.75
CA VAL C 2084 22.31 67.42 -28.63
C VAL C 2084 23.38 66.33 -28.49
N ARG C 2085 24.61 66.73 -28.17
CA ARG C 2085 25.61 65.76 -27.72
C ARG C 2085 25.16 65.10 -26.43
N GLN C 2086 24.56 65.90 -25.53
CA GLN C 2086 23.92 65.39 -24.32
C GLN C 2086 22.88 64.33 -24.67
N ASP C 2087 22.05 64.63 -25.67
CA ASP C 2087 21.01 63.71 -26.10
C ASP C 2087 21.59 62.46 -26.73
N ASN C 2088 22.67 62.60 -27.51
CA ASN C 2088 23.24 61.45 -28.18
C ASN C 2088 23.91 60.52 -27.18
N GLN C 2089 24.56 61.07 -26.16
CA GLN C 2089 25.18 60.19 -25.19
C GLN C 2089 24.19 59.61 -24.20
N TYR C 2090 23.11 60.34 -23.90
CA TYR C 2090 21.98 59.73 -23.18
C TYR C 2090 21.42 58.56 -23.96
N MET C 2091 21.26 58.73 -25.25
CA MET C 2091 20.70 57.66 -26.05
C MET C 2091 21.68 56.51 -26.25
N GLN C 2092 22.98 56.77 -26.17
CA GLN C 2092 23.91 55.65 -26.19
C GLN C 2092 23.99 54.94 -24.86
N PHE C 2093 23.75 55.66 -23.75
CA PHE C 2093 23.51 54.99 -22.48
C PHE C 2093 22.26 54.12 -22.56
N ALA C 2094 21.23 54.62 -23.23
CA ALA C 2094 19.99 53.86 -23.40
C ALA C 2094 20.21 52.65 -24.29
N THR C 2095 21.03 52.77 -25.33
CA THR C 2095 21.20 51.66 -26.24
C THR C 2095 22.34 50.74 -25.83
N THR C 2096 23.04 51.05 -24.73
CA THR C 2096 23.81 50.03 -24.04
C THR C 2096 23.06 49.47 -22.84
N MET C 2097 21.99 50.13 -22.40
CA MET C 2097 21.17 49.67 -21.29
C MET C 2097 20.10 48.69 -21.73
N ASP C 2098 19.45 48.93 -22.87
CA ASP C 2098 18.37 48.06 -23.28
C ASP C 2098 18.87 46.72 -23.82
N PHE C 2099 20.09 46.67 -24.34
CA PHE C 2099 20.67 45.40 -24.73
C PHE C 2099 21.11 44.59 -23.54
N LEU C 2100 21.42 45.22 -22.40
CA LEU C 2100 21.59 44.46 -21.18
C LEU C 2100 20.25 44.04 -20.60
N LEU C 2101 19.22 44.88 -20.76
CA LEU C 2101 17.88 44.49 -20.36
C LEU C 2101 17.33 43.36 -21.20
N SER C 2102 17.73 43.27 -22.47
CA SER C 2102 17.26 42.21 -23.35
C SER C 2102 18.15 40.98 -23.30
N LYS C 2103 18.97 40.85 -22.27
CA LYS C 2103 19.76 39.64 -22.04
C LYS C 2103 19.66 39.11 -20.63
N ASP C 2104 19.35 39.95 -19.65
CA ASP C 2104 19.19 39.49 -18.27
C ASP C 2104 17.90 38.69 -18.15
N ILE C 2105 17.99 37.51 -17.54
CA ILE C 2105 16.81 36.67 -17.39
C ILE C 2105 15.86 37.22 -16.35
N ALA C 2106 16.36 38.06 -15.44
CA ALA C 2106 15.49 38.76 -14.52
C ALA C 2106 14.73 39.88 -15.19
N SER C 2107 15.17 40.33 -16.36
CA SER C 2107 14.49 41.38 -17.08
C SER C 2107 13.87 40.93 -18.40
N ARG C 2108 14.32 39.82 -18.96
CA ARG C 2108 13.61 39.25 -20.11
C ARG C 2108 12.35 38.51 -19.69
N LYS C 2109 12.31 38.02 -18.45
CA LYS C 2109 11.09 37.39 -17.93
C LYS C 2109 9.96 38.40 -17.82
N ARG C 2110 10.30 39.65 -17.57
CA ARG C 2110 9.36 40.73 -17.34
C ARG C 2110 9.37 41.70 -18.51
N SER C 2111 10.16 41.39 -19.55
CA SER C 2111 10.15 42.06 -20.86
C SER C 2111 10.48 43.54 -20.74
N LEU C 2112 11.52 43.85 -19.99
CA LEU C 2112 11.87 45.24 -19.78
C LEU C 2112 12.53 45.81 -21.02
N GLY C 2113 12.22 47.07 -21.29
CA GLY C 2113 12.84 47.81 -22.37
C GLY C 2113 12.68 49.27 -22.11
N ILE C 2114 13.36 50.07 -22.91
CA ILE C 2114 13.26 51.53 -22.88
C ILE C 2114 13.13 52.04 -24.29
N ASN C 2115 12.39 53.14 -24.44
CA ASN C 2115 12.24 53.70 -25.76
C ASN C 2115 13.53 54.38 -26.21
N ILE C 2116 13.53 54.76 -27.48
CA ILE C 2116 14.76 54.91 -28.22
C ILE C 2116 14.44 55.72 -29.47
N TYR C 2117 15.36 56.62 -29.82
CA TYR C 2117 15.24 57.38 -31.05
C TYR C 2117 16.62 57.91 -31.41
N SER C 2118 16.96 57.78 -32.68
CA SER C 2118 18.26 58.23 -33.17
C SER C 2118 18.32 59.74 -33.19
N VAL C 2119 19.33 60.29 -32.54
CA VAL C 2119 19.52 61.73 -32.44
C VAL C 2119 20.94 62.06 -32.90
N LEU C 2120 21.07 63.08 -33.76
CA LEU C 2120 22.33 63.41 -34.39
C LEU C 2120 22.65 64.87 -34.17
N SER C 2121 23.95 65.16 -34.09
CA SER C 2121 24.40 66.53 -34.02
C SER C 2121 24.53 67.10 -35.43
N LEU C 2122 24.53 68.41 -35.52
CA LEU C 2122 24.90 69.07 -36.77
C LEU C 2122 25.98 70.10 -36.56
N ARG C 2123 25.88 70.88 -35.49
CA ARG C 2123 26.83 71.91 -35.09
C ARG C 2123 26.47 72.20 -33.63
N GLU C 2124 27.40 72.82 -32.91
CA GLU C 2124 27.17 73.15 -31.51
C GLU C 2124 25.98 74.08 -31.37
N ASP C 2125 25.14 73.77 -30.37
CA ASP C 2125 23.84 74.39 -30.13
C ASP C 2125 22.88 74.23 -31.31
N CYS C 2126 22.96 73.10 -32.03
CA CYS C 2126 21.86 72.68 -32.90
C CYS C 2126 21.90 71.16 -33.04
N GLY C 2127 20.81 70.62 -33.58
CA GLY C 2127 20.78 69.19 -33.86
C GLY C 2127 19.43 68.73 -34.34
N ILE C 2128 19.44 67.49 -34.84
CA ILE C 2128 18.27 66.80 -35.36
C ILE C 2128 17.97 65.63 -34.44
N LEU C 2129 16.70 65.25 -34.35
CA LEU C 2129 16.30 64.08 -33.58
C LEU C 2129 15.02 63.49 -34.14
N GLU C 2130 14.81 62.22 -33.86
CA GLU C 2130 13.76 61.42 -34.46
C GLU C 2130 12.46 61.57 -33.68
N MET C 2131 11.34 61.42 -34.38
CA MET C 2131 10.01 61.47 -33.78
C MET C 2131 9.42 60.08 -33.68
N VAL C 2132 9.20 59.61 -32.46
CA VAL C 2132 8.43 58.38 -32.27
C VAL C 2132 6.99 58.64 -32.65
N PRO C 2133 6.37 57.80 -33.47
CA PRO C 2133 4.96 58.01 -33.83
C PRO C 2133 4.04 57.57 -32.71
N ASN C 2134 2.75 57.90 -32.88
CA ASN C 2134 1.63 57.41 -32.07
C ASN C 2134 1.70 57.80 -30.61
N VAL C 2135 2.45 58.84 -30.26
CA VAL C 2135 2.65 59.23 -28.88
C VAL C 2135 1.87 60.49 -28.58
N VAL C 2136 1.63 60.72 -27.28
CA VAL C 2136 0.90 61.88 -26.80
C VAL C 2136 1.36 62.19 -25.37
N THR C 2137 1.54 63.48 -25.07
CA THR C 2137 1.96 63.89 -23.73
C THR C 2137 0.84 63.63 -22.73
N LEU C 2138 1.20 63.47 -21.46
CA LEU C 2138 0.14 63.26 -20.47
C LEU C 2138 -0.43 64.59 -20.02
N ARG C 2139 0.19 65.71 -20.39
CA ARG C 2139 -0.52 66.98 -20.30
C ARG C 2139 -1.72 66.96 -21.23
N SER C 2140 -1.53 66.44 -22.44
CA SER C 2140 -2.62 66.36 -23.39
C SER C 2140 -3.64 65.31 -23.00
N ILE C 2141 -3.22 64.33 -22.21
CA ILE C 2141 -4.17 63.37 -21.66
C ILE C 2141 -4.98 64.02 -20.55
N LEU C 2142 -4.30 64.70 -19.64
CA LEU C 2142 -4.91 65.21 -18.42
C LEU C 2142 -5.81 66.40 -18.71
N SER C 2143 -5.46 67.21 -19.71
CA SER C 2143 -6.31 68.32 -20.12
C SER C 2143 -7.66 67.82 -20.63
N THR C 2144 -7.62 66.84 -21.54
CA THR C 2144 -8.85 66.34 -22.12
C THR C 2144 -9.57 65.34 -21.22
N LYS C 2145 -8.97 64.92 -20.11
CA LYS C 2145 -9.72 64.16 -19.12
C LYS C 2145 -10.24 65.02 -17.97
N TYR C 2146 -9.68 66.22 -17.77
CA TYR C 2146 -10.25 67.15 -16.81
C TYR C 2146 -11.40 67.93 -17.43
N GLU C 2147 -11.29 68.28 -18.72
CA GLU C 2147 -12.38 68.98 -19.38
C GLU C 2147 -13.59 68.09 -19.60
N SER C 2148 -13.42 66.77 -19.58
CA SER C 2148 -14.55 65.87 -19.66
C SER C 2148 -15.30 65.73 -18.36
N LEU C 2149 -14.81 66.34 -17.27
CA LEU C 2149 -15.53 66.36 -16.00
C LEU C 2149 -15.74 67.77 -15.49
N LYS C 2150 -15.38 68.78 -16.29
CA LYS C 2150 -15.65 70.21 -16.05
C LYS C 2150 -15.00 70.72 -14.77
N ILE C 2151 -13.85 70.16 -14.40
CA ILE C 2151 -13.10 70.69 -13.27
C ILE C 2151 -12.44 71.99 -13.70
N LYS C 2152 -12.89 73.11 -13.14
CA LYS C 2152 -12.39 74.41 -13.54
C LYS C 2152 -11.03 74.66 -12.90
N TYR C 2153 -10.08 75.10 -13.72
CA TYR C 2153 -8.76 75.46 -13.22
C TYR C 2153 -8.13 76.46 -14.18
N SER C 2154 -6.98 76.98 -13.79
CA SER C 2154 -6.26 78.00 -14.52
C SER C 2154 -4.87 77.52 -14.88
N LEU C 2155 -4.09 78.40 -15.50
CA LEU C 2155 -2.68 78.11 -15.75
C LEU C 2155 -1.76 79.21 -15.23
N LYS C 2156 -2.18 80.48 -15.31
CA LYS C 2156 -1.40 81.59 -14.76
C LYS C 2156 -1.89 82.03 -13.39
N SER C 2157 -3.19 81.94 -13.14
CA SER C 2157 -3.72 82.09 -11.79
C SER C 2157 -3.43 80.88 -10.92
N LEU C 2158 -2.92 79.80 -11.51
CA LEU C 2158 -2.52 78.62 -10.76
C LEU C 2158 -1.23 78.84 -9.97
N HIS C 2159 -0.32 79.68 -10.47
CA HIS C 2159 0.98 79.82 -9.85
C HIS C 2159 1.28 81.19 -9.27
N ASP C 2160 0.47 82.21 -9.54
CA ASP C 2160 0.65 83.46 -8.82
C ASP C 2160 0.28 83.31 -7.35
N ARG C 2161 -0.74 82.47 -7.08
CA ARG C 2161 -1.06 82.10 -5.71
C ARG C 2161 0.10 81.33 -5.07
N TRP C 2162 0.75 80.47 -5.85
CA TRP C 2162 1.91 79.73 -5.35
C TRP C 2162 3.08 80.66 -5.06
N GLN C 2163 3.23 81.71 -5.87
CA GLN C 2163 4.17 82.78 -5.56
C GLN C 2163 3.78 83.49 -4.27
N HIS C 2164 2.47 83.66 -4.05
CA HIS C 2164 2.00 84.32 -2.85
C HIS C 2164 2.05 83.44 -1.60
N THR C 2165 2.23 82.13 -1.75
CA THR C 2165 2.34 81.25 -0.60
C THR C 2165 3.69 81.39 0.08
N ALA C 2166 3.69 81.29 1.40
CA ALA C 2166 4.91 81.31 2.19
C ALA C 2166 5.51 79.90 2.24
N VAL C 2167 6.45 79.69 3.15
CA VAL C 2167 7.06 78.38 3.30
C VAL C 2167 6.09 77.39 3.97
N ASP C 2168 5.06 77.89 4.65
CA ASP C 2168 4.07 77.02 5.28
C ASP C 2168 2.92 76.69 4.34
N GLY C 2169 2.56 77.62 3.44
CA GLY C 2169 1.41 77.43 2.58
C GLY C 2169 1.60 76.43 1.47
N LYS C 2170 2.83 75.97 1.25
CA LYS C 2170 3.12 75.03 0.17
C LYS C 2170 2.43 73.69 0.41
N LEU C 2171 2.47 73.20 1.65
CA LEU C 2171 1.93 71.88 1.96
C LEU C 2171 0.42 71.86 1.85
N GLU C 2172 -0.25 72.87 2.43
CA GLU C 2172 -1.71 72.93 2.35
C GLU C 2172 -2.16 73.27 0.94
N PHE C 2173 -1.38 74.07 0.21
CA PHE C 2173 -1.68 74.37 -1.19
C PHE C 2173 -1.63 73.11 -2.04
N TYR C 2174 -0.62 72.26 -1.82
CA TYR C 2174 -0.52 70.99 -2.54
C TYR C 2174 -1.67 70.05 -2.14
N MET C 2175 -1.95 69.95 -0.84
CA MET C 2175 -2.97 69.00 -0.39
C MET C 2175 -4.38 69.46 -0.76
N GLU C 2176 -4.57 70.75 -1.06
CA GLU C 2176 -5.85 71.20 -1.59
C GLU C 2176 -5.94 71.02 -3.10
N GLN C 2177 -4.86 71.34 -3.83
CA GLN C 2177 -4.87 71.15 -5.28
C GLN C 2177 -4.92 69.68 -5.67
N VAL C 2178 -4.51 68.76 -4.80
CA VAL C 2178 -4.75 67.36 -5.12
C VAL C 2178 -6.18 66.94 -4.78
N ASP C 2179 -6.86 67.64 -3.87
CA ASP C 2179 -8.27 67.36 -3.65
C ASP C 2179 -9.14 67.96 -4.73
N LYS C 2180 -8.64 68.97 -5.45
CA LYS C 2180 -9.37 69.49 -6.59
C LYS C 2180 -9.44 68.47 -7.71
N PHE C 2181 -8.33 67.81 -8.00
CA PHE C 2181 -8.26 66.90 -9.13
C PHE C 2181 -8.22 65.46 -8.66
N PRO C 2182 -9.26 64.66 -8.95
CA PRO C 2182 -9.16 63.25 -8.67
C PRO C 2182 -8.20 62.58 -9.63
N PRO C 2183 -7.47 61.56 -9.21
CA PRO C 2183 -6.53 60.89 -10.12
C PRO C 2183 -7.29 60.06 -11.15
N ILE C 2184 -6.95 60.27 -12.43
CA ILE C 2184 -7.81 59.85 -13.53
C ILE C 2184 -7.07 59.12 -14.64
N LEU C 2185 -5.76 58.89 -14.48
CA LEU C 2185 -5.01 58.27 -15.55
C LEU C 2185 -5.27 56.78 -15.65
N TYR C 2186 -5.87 56.18 -14.62
CA TYR C 2186 -6.20 54.75 -14.70
C TYR C 2186 -7.29 54.49 -15.73
N GLN C 2187 -8.21 55.43 -15.91
CA GLN C 2187 -9.28 55.22 -16.88
C GLN C 2187 -8.96 55.80 -18.25
N TRP C 2188 -7.82 56.49 -18.40
CA TRP C 2188 -7.34 56.77 -19.75
C TRP C 2188 -6.90 55.48 -20.43
N PHE C 2189 -6.35 54.55 -19.65
CA PHE C 2189 -6.05 53.21 -20.16
C PHE C 2189 -7.32 52.44 -20.48
N LEU C 2190 -8.43 52.77 -19.81
CA LEU C 2190 -9.71 52.19 -20.17
C LEU C 2190 -10.29 52.76 -21.45
N GLU C 2191 -9.72 53.84 -21.98
CA GLU C 2191 -10.26 54.51 -23.15
C GLU C 2191 -9.24 54.49 -24.29
N ASN C 2192 -8.33 53.53 -24.27
CA ASN C 2192 -7.47 53.26 -25.42
C ASN C 2192 -7.57 51.79 -25.75
N PHE C 2193 -7.69 50.98 -24.71
CA PHE C 2193 -7.67 49.52 -24.83
C PHE C 2193 -8.95 49.00 -24.18
N PRO C 2194 -10.09 49.10 -24.86
CA PRO C 2194 -11.32 48.58 -24.27
C PRO C 2194 -11.35 47.07 -24.24
N ASP C 2195 -10.57 46.41 -25.09
CA ASP C 2195 -10.29 45.01 -24.92
C ASP C 2195 -9.48 44.86 -23.64
N PRO C 2196 -9.99 44.19 -22.61
CA PRO C 2196 -9.30 44.21 -21.30
C PRO C 2196 -8.00 43.43 -21.29
N ILE C 2197 -7.80 42.53 -22.24
CA ILE C 2197 -6.52 41.83 -22.34
C ILE C 2197 -5.44 42.80 -22.83
N ASN C 2198 -5.77 43.60 -23.84
CA ASN C 2198 -4.88 44.66 -24.26
C ASN C 2198 -4.71 45.71 -23.19
N TRP C 2199 -5.74 45.93 -22.37
CA TRP C 2199 -5.64 46.87 -21.25
C TRP C 2199 -4.66 46.37 -20.20
N PHE C 2200 -4.74 45.09 -19.85
CA PHE C 2200 -3.88 44.53 -18.83
C PHE C 2200 -2.44 44.50 -19.29
N ASN C 2201 -2.21 44.06 -20.53
CA ASN C 2201 -0.85 44.07 -21.08
C ASN C 2201 -0.33 45.48 -21.23
N ALA C 2202 -1.20 46.44 -21.54
CA ALA C 2202 -0.75 47.82 -21.71
C ALA C 2202 -0.42 48.47 -20.38
N ARG C 2203 -1.17 48.12 -19.33
CA ARG C 2203 -0.85 48.70 -18.02
C ARG C 2203 0.41 48.09 -17.44
N ASN C 2204 0.60 46.77 -17.63
CA ASN C 2204 1.88 46.17 -17.26
C ASN C 2204 3.03 46.80 -18.03
N THR C 2205 2.85 47.02 -19.34
CA THR C 2205 3.88 47.63 -20.16
C THR C 2205 4.18 49.05 -19.72
N TYR C 2206 3.14 49.78 -19.32
CA TYR C 2206 3.30 51.13 -18.78
C TYR C 2206 4.10 51.13 -17.50
N ALA C 2207 3.70 50.30 -16.52
CA ALA C 2207 4.35 50.28 -15.23
C ALA C 2207 5.80 49.85 -15.34
N ARG C 2208 6.06 48.84 -16.17
CA ARG C 2208 7.41 48.32 -16.31
C ARG C 2208 8.32 49.29 -17.06
N SER C 2209 7.84 49.82 -18.20
CA SER C 2209 8.66 50.72 -18.99
C SER C 2209 8.83 52.07 -18.30
N TYR C 2210 7.90 52.44 -17.43
CA TYR C 2210 8.10 53.64 -16.65
C TYR C 2210 9.04 53.39 -15.49
N ALA C 2211 8.99 52.17 -14.92
CA ALA C 2211 9.84 51.83 -13.79
C ALA C 2211 11.30 51.76 -14.19
N VAL C 2212 11.63 51.36 -15.41
CA VAL C 2212 13.03 51.29 -15.78
C VAL C 2212 13.63 52.69 -15.92
N MET C 2213 12.96 53.55 -16.68
CA MET C 2213 13.50 54.89 -16.86
C MET C 2213 13.29 55.75 -15.63
N ALA C 2214 12.43 55.33 -14.69
CA ALA C 2214 12.22 56.05 -13.43
C ALA C 2214 13.51 56.19 -12.62
N MET C 2215 14.42 55.23 -12.70
CA MET C 2215 15.72 55.47 -12.11
C MET C 2215 16.88 55.46 -13.09
N VAL C 2216 16.69 55.08 -14.36
CA VAL C 2216 17.73 55.41 -15.32
C VAL C 2216 17.86 56.92 -15.45
N GLY C 2217 16.73 57.62 -15.39
CA GLY C 2217 16.78 59.07 -15.39
C GLY C 2217 17.32 59.66 -14.11
N HIS C 2218 16.95 59.09 -12.95
CA HIS C 2218 17.45 59.63 -11.69
C HIS C 2218 18.94 59.38 -11.52
N ILE C 2219 19.40 58.20 -11.93
CA ILE C 2219 20.83 57.92 -11.91
C ILE C 2219 21.56 58.83 -12.89
N LEU C 2220 20.96 59.09 -14.04
CA LEU C 2220 21.53 60.11 -14.92
C LEU C 2220 21.17 61.53 -14.51
N GLY C 2221 20.34 61.71 -13.49
CA GLY C 2221 19.96 63.03 -13.02
C GLY C 2221 19.15 63.76 -14.07
N LEU C 2222 17.96 63.24 -14.38
CA LEU C 2222 17.25 63.66 -15.59
C LEU C 2222 16.63 65.04 -15.40
N GLY C 2223 15.66 65.16 -14.50
CA GLY C 2223 15.02 66.43 -14.23
C GLY C 2223 14.18 66.94 -15.39
N ASP C 2224 13.60 68.13 -15.16
CA ASP C 2224 12.76 68.86 -16.12
C ASP C 2224 11.56 68.03 -16.57
N ARG C 2225 11.07 67.16 -15.68
CA ARG C 2225 10.10 66.15 -16.07
C ARG C 2225 8.68 66.67 -16.02
N HIS C 2226 8.40 67.83 -16.57
CA HIS C 2226 7.02 68.28 -16.62
C HIS C 2226 6.24 67.47 -17.64
N CYS C 2227 4.93 67.42 -17.45
CA CYS C 2227 4.03 66.49 -18.12
C CYS C 2227 3.89 66.72 -19.63
N GLU C 2228 4.53 67.74 -20.18
CA GLU C 2228 4.70 67.88 -21.62
C GLU C 2228 5.88 67.07 -22.15
N ASN C 2229 6.59 66.34 -21.30
CA ASN C 2229 7.74 65.56 -21.75
C ASN C 2229 7.67 64.10 -21.32
N ILE C 2230 6.54 63.65 -20.82
CA ILE C 2230 6.35 62.25 -20.49
C ILE C 2230 5.39 61.72 -21.54
N LEU C 2231 5.94 61.12 -22.59
CA LEU C 2231 5.16 60.74 -23.75
C LEU C 2231 4.75 59.29 -23.62
N LEU C 2232 3.51 59.00 -23.98
CA LEU C 2232 2.94 57.67 -23.90
C LEU C 2232 2.39 57.32 -25.28
N ASP C 2233 2.63 56.10 -25.75
CA ASP C 2233 2.14 55.74 -27.07
C ASP C 2233 0.81 55.00 -27.01
N ILE C 2234 -0.06 55.31 -27.97
CA ILE C 2234 -1.40 54.76 -28.01
C ILE C 2234 -1.36 53.29 -28.38
N GLN C 2235 -0.31 52.85 -29.07
CA GLN C 2235 -0.26 51.49 -29.60
C GLN C 2235 -0.11 50.46 -28.50
N THR C 2236 0.89 50.61 -27.63
CA THR C 2236 1.18 49.59 -26.64
C THR C 2236 1.31 50.10 -25.21
N GLY C 2237 1.52 51.39 -24.99
CA GLY C 2237 1.60 51.91 -23.65
C GLY C 2237 2.99 52.10 -23.09
N LYS C 2238 4.02 52.18 -23.93
CA LYS C 2238 5.37 52.46 -23.46
C LYS C 2238 5.47 53.89 -22.95
N VAL C 2239 6.60 54.19 -22.32
CA VAL C 2239 6.87 55.52 -21.78
C VAL C 2239 8.19 56.01 -22.36
N LEU C 2240 8.20 57.21 -22.93
CA LEU C 2240 9.45 57.83 -23.33
C LEU C 2240 9.57 59.23 -22.76
N HIS C 2241 10.81 59.68 -22.68
CA HIS C 2241 11.20 60.92 -22.01
C HIS C 2241 12.00 61.75 -23.00
N VAL C 2242 11.44 62.87 -23.44
CA VAL C 2242 11.88 63.47 -24.69
C VAL C 2242 12.76 64.71 -24.52
N ASP C 2243 12.66 65.46 -23.42
CA ASP C 2243 13.30 66.78 -23.41
C ASP C 2243 14.79 66.67 -23.16
N LEU C 2244 15.03 66.28 -21.94
CA LEU C 2244 16.26 65.83 -21.47
C LEU C 2244 17.32 66.68 -21.92
N ASP C 2245 17.10 67.99 -21.92
CA ASP C 2245 18.22 68.80 -22.27
C ASP C 2245 19.08 68.70 -21.09
N CYS C 2246 18.51 68.95 -19.94
CA CYS C 2246 19.32 68.98 -18.75
C CYS C 2246 19.52 67.61 -18.28
N LEU C 2247 20.76 67.35 -17.91
CA LEU C 2247 21.12 66.08 -17.31
C LEU C 2247 22.17 66.32 -16.25
N PHE C 2248 22.52 65.23 -15.56
CA PHE C 2248 23.54 65.20 -14.51
C PHE C 2248 23.19 66.16 -13.38
N GLU C 2249 22.05 65.85 -12.73
CA GLU C 2249 21.38 66.56 -11.63
C GLU C 2249 21.35 68.08 -11.79
N LYS C 2250 21.18 68.55 -13.04
CA LYS C 2250 21.21 69.99 -13.29
C LYS C 2250 19.94 70.67 -12.79
N GLY C 2251 18.86 69.91 -12.55
CA GLY C 2251 17.63 70.49 -12.05
C GLY C 2251 17.70 70.98 -10.62
N LYS C 2252 18.75 70.61 -9.89
CA LYS C 2252 18.92 71.10 -8.53
C LYS C 2252 19.70 72.41 -8.51
N ARG C 2253 20.41 72.73 -9.59
CA ARG C 2253 21.27 73.90 -9.63
C ARG C 2253 20.50 75.22 -9.73
N LEU C 2254 19.26 75.18 -10.19
CA LEU C 2254 18.47 76.38 -10.43
C LEU C 2254 17.50 76.63 -9.28
N PRO C 2255 17.12 77.90 -9.04
CA PRO C 2255 16.20 78.20 -7.93
C PRO C 2255 14.82 77.57 -8.11
N VAL C 2256 14.04 77.61 -7.02
CA VAL C 2256 12.93 76.70 -6.66
C VAL C 2256 13.24 75.28 -7.16
N PRO C 2257 14.23 74.62 -6.55
CA PRO C 2257 14.92 73.52 -7.22
C PRO C 2257 14.11 72.23 -7.27
N GLU C 2258 14.47 71.39 -8.23
CA GLU C 2258 13.83 70.08 -8.40
C GLU C 2258 14.42 69.11 -7.39
N ILE C 2259 13.66 68.79 -6.35
CA ILE C 2259 14.15 67.93 -5.29
C ILE C 2259 13.37 66.63 -5.26
N VAL C 2260 12.85 66.22 -6.40
CA VAL C 2260 12.27 64.89 -6.55
C VAL C 2260 13.35 64.06 -7.22
N PRO C 2261 13.40 62.74 -7.02
CA PRO C 2261 14.28 61.93 -7.86
C PRO C 2261 13.77 61.79 -9.28
N PHE C 2262 12.47 61.60 -9.45
CA PHE C 2262 11.81 61.41 -10.74
C PHE C 2262 10.34 61.72 -10.51
N ARG C 2263 9.62 62.03 -11.58
CA ARG C 2263 8.21 62.43 -11.48
C ARG C 2263 7.38 61.20 -11.11
N LEU C 2264 7.13 61.00 -9.83
CA LEU C 2264 6.15 60.03 -9.38
C LEU C 2264 5.12 60.79 -8.59
N THR C 2265 3.89 60.78 -9.06
CA THR C 2265 2.96 61.89 -9.03
C THR C 2265 1.57 61.32 -9.19
N PRO C 2266 0.62 61.74 -8.33
CA PRO C 2266 -0.52 60.84 -7.98
C PRO C 2266 -1.45 60.41 -9.10
N ASN C 2267 -1.36 61.00 -10.29
CA ASN C 2267 -2.03 60.40 -11.43
C ASN C 2267 -1.36 59.10 -11.85
N LEU C 2268 -0.04 59.01 -11.63
CA LEU C 2268 0.69 57.87 -12.16
C LEU C 2268 0.52 56.64 -11.29
N LEU C 2269 0.28 56.83 -9.99
CA LEU C 2269 0.40 55.72 -9.04
C LEU C 2269 -0.80 54.80 -9.11
N ASP C 2270 -2.02 55.35 -9.17
CA ASP C 2270 -3.16 54.46 -9.35
C ASP C 2270 -3.26 53.97 -10.80
N ALA C 2271 -2.57 54.64 -11.72
CA ALA C 2271 -2.41 54.08 -13.05
C ALA C 2271 -1.48 52.88 -13.03
N LEU C 2272 -0.56 52.81 -12.04
CA LEU C 2272 0.27 51.62 -11.90
C LEU C 2272 -0.54 50.41 -11.48
N GLY C 2273 -1.64 50.62 -10.77
CA GLY C 2273 -2.51 49.54 -10.39
C GLY C 2273 -3.17 49.83 -9.06
N ILE C 2274 -3.75 48.78 -8.47
CA ILE C 2274 -4.39 48.87 -7.16
C ILE C 2274 -3.35 49.14 -6.08
N ILE C 2275 -2.38 48.23 -5.96
CA ILE C 2275 -1.29 48.36 -5.03
C ILE C 2275 -0.35 49.51 -5.39
N GLY C 2276 -0.40 49.99 -6.63
CA GLY C 2276 0.32 51.19 -6.99
C GLY C 2276 1.80 50.95 -7.14
N THR C 2277 2.60 51.67 -6.37
CA THR C 2277 4.04 51.56 -6.47
C THR C 2277 4.58 50.29 -5.84
N GLU C 2278 3.78 49.57 -5.05
CA GLU C 2278 4.23 48.34 -4.41
C GLU C 2278 3.73 47.17 -5.25
N GLY C 2279 4.44 46.90 -6.33
CA GLY C 2279 4.00 45.92 -7.29
C GLY C 2279 5.02 45.68 -8.39
N THR C 2280 4.56 45.69 -9.65
CA THR C 2280 5.47 45.51 -10.78
C THR C 2280 6.44 46.67 -10.90
N PHE C 2281 6.02 47.86 -10.46
CA PHE C 2281 6.88 49.04 -10.47
C PHE C 2281 8.10 48.82 -9.59
N LYS C 2282 7.88 48.42 -8.34
CA LYS C 2282 8.98 48.22 -7.40
C LYS C 2282 9.85 47.04 -7.81
N LYS C 2283 9.24 45.96 -8.34
CA LYS C 2283 10.01 44.77 -8.68
C LYS C 2283 10.92 45.03 -9.88
N SER C 2284 10.36 45.59 -10.96
CA SER C 2284 11.19 45.93 -12.11
C SER C 2284 12.14 47.07 -11.83
N SER C 2285 11.82 47.93 -10.85
CA SER C 2285 12.75 48.91 -10.33
C SER C 2285 13.98 48.25 -9.72
N GLU C 2286 13.77 47.27 -8.86
CA GLU C 2286 14.88 46.56 -8.22
C GLU C 2286 15.68 45.76 -9.24
N VAL C 2287 15.00 45.20 -10.25
CA VAL C 2287 15.70 44.43 -11.28
C VAL C 2287 16.57 45.35 -12.13
N THR C 2288 16.07 46.54 -12.46
CA THR C 2288 16.86 47.52 -13.21
C THR C 2288 18.06 48.01 -12.40
N LEU C 2289 17.86 48.30 -11.11
CA LEU C 2289 18.97 48.74 -10.27
C LEU C 2289 20.00 47.65 -10.07
N ALA C 2290 19.56 46.39 -9.95
CA ALA C 2290 20.49 45.27 -9.81
C ALA C 2290 21.29 45.08 -11.08
N LEU C 2291 20.66 45.26 -12.25
CA LEU C 2291 21.38 45.17 -13.50
C LEU C 2291 22.35 46.32 -13.67
N MET C 2292 22.01 47.50 -13.15
CA MET C 2292 22.97 48.61 -13.25
C MET C 2292 24.12 48.47 -12.27
N ARG C 2293 23.90 47.82 -11.13
CA ARG C 2293 25.01 47.56 -10.22
C ARG C 2293 25.92 46.47 -10.74
N LYS C 2294 25.35 45.45 -11.37
CA LYS C 2294 26.15 44.36 -11.90
C LYS C 2294 27.00 44.82 -13.09
N ASN C 2295 26.58 45.86 -13.79
CA ASN C 2295 27.27 46.34 -14.97
C ASN C 2295 27.75 47.76 -14.77
N GLU C 2296 28.40 48.03 -13.63
CA GLU C 2296 28.90 49.36 -13.31
C GLU C 2296 29.98 49.81 -14.28
N VAL C 2297 30.93 48.93 -14.58
CA VAL C 2297 32.08 49.30 -15.41
C VAL C 2297 31.65 49.58 -16.85
N ALA C 2298 30.71 48.81 -17.39
CA ALA C 2298 30.29 49.01 -18.77
C ALA C 2298 29.48 50.29 -18.94
N LEU C 2299 28.55 50.53 -18.03
CA LEU C 2299 27.72 51.73 -18.09
C LEU C 2299 28.54 52.99 -17.86
N MET C 2300 29.45 52.95 -16.89
CA MET C 2300 30.34 54.09 -16.68
C MET C 2300 31.29 54.28 -17.85
N ASN C 2301 31.73 53.20 -18.49
CA ASN C 2301 32.61 53.30 -19.65
C ASN C 2301 31.90 53.94 -20.84
N VAL C 2302 30.63 53.60 -21.03
CA VAL C 2302 29.80 54.23 -22.04
C VAL C 2302 29.66 55.73 -21.77
N ILE C 2303 29.44 56.09 -20.50
CA ILE C 2303 29.17 57.49 -20.19
C ILE C 2303 30.46 58.29 -19.91
N GLU C 2304 31.64 57.67 -20.04
CA GLU C 2304 32.90 58.41 -19.89
C GLU C 2304 33.09 59.51 -20.93
N THR C 2305 32.38 59.48 -22.06
CA THR C 2305 32.68 60.40 -23.15
C THR C 2305 32.10 61.79 -22.96
N ILE C 2306 31.34 62.01 -21.88
CA ILE C 2306 30.81 63.34 -21.58
C ILE C 2306 31.94 64.32 -21.27
N MET C 2307 32.92 63.88 -20.48
CA MET C 2307 34.05 64.74 -20.10
C MET C 2307 35.00 65.01 -21.26
N TYR C 2308 34.81 64.33 -22.40
CA TYR C 2308 35.59 64.58 -23.59
C TYR C 2308 34.81 65.27 -24.69
N ASP C 2309 33.47 65.25 -24.62
CA ASP C 2309 32.69 66.13 -25.47
C ASP C 2309 32.71 67.58 -25.01
N ARG C 2310 33.00 67.83 -23.73
CA ARG C 2310 32.88 69.17 -23.17
C ARG C 2310 34.16 69.68 -22.53
N ASN C 2311 35.18 68.82 -22.35
CA ASN C 2311 36.55 69.03 -21.89
C ASN C 2311 36.73 70.09 -20.79
N MET C 2312 35.83 70.12 -19.82
CA MET C 2312 35.93 71.02 -18.68
C MET C 2312 36.28 70.22 -17.43
N ASP C 2313 36.29 70.91 -16.29
CA ASP C 2313 36.67 70.32 -15.00
C ASP C 2313 35.71 70.78 -13.93
N HIS C 2314 35.33 69.85 -13.05
CA HIS C 2314 34.66 70.09 -11.76
C HIS C 2314 33.24 70.61 -11.84
N SER C 2315 32.76 70.93 -13.04
CA SER C 2315 31.34 70.97 -13.32
C SER C 2315 30.89 69.71 -14.03
N ILE C 2316 31.85 68.89 -14.44
CA ILE C 2316 31.56 67.66 -15.19
C ILE C 2316 32.22 66.44 -14.57
N GLN C 2317 33.30 66.60 -13.79
CA GLN C 2317 33.87 65.46 -13.07
C GLN C 2317 32.98 65.08 -11.90
N LYS C 2318 32.49 66.08 -11.17
CA LYS C 2318 31.60 65.85 -10.03
C LYS C 2318 30.30 65.19 -10.47
N ALA C 2319 29.82 65.54 -11.66
CA ALA C 2319 28.64 64.89 -12.21
C ALA C 2319 28.87 63.40 -12.44
N LEU C 2320 30.04 63.05 -12.99
CA LEU C 2320 30.36 61.64 -13.19
C LEU C 2320 30.57 60.91 -11.88
N LYS C 2321 31.09 61.60 -10.86
CA LYS C 2321 31.29 60.94 -9.58
C LYS C 2321 29.96 60.68 -8.88
N VAL C 2322 29.02 61.63 -8.97
CA VAL C 2322 27.69 61.43 -8.41
C VAL C 2322 26.95 60.36 -9.19
N LEU C 2323 27.18 60.30 -10.51
CA LEU C 2323 26.64 59.22 -11.34
C LEU C 2323 27.17 57.86 -10.92
N ARG C 2324 28.49 57.77 -10.66
CA ARG C 2324 29.07 56.50 -10.23
C ARG C 2324 28.58 56.08 -8.86
N ASN C 2325 28.38 57.05 -7.96
CA ASN C 2325 27.87 56.70 -6.63
C ASN C 2325 26.41 56.29 -6.68
N LYS C 2326 25.63 56.85 -7.62
CA LYS C 2326 24.26 56.38 -7.79
C LYS C 2326 24.21 55.01 -8.44
N ILE C 2327 25.15 54.72 -9.34
CA ILE C 2327 25.18 53.39 -9.96
C ILE C 2327 25.57 52.33 -8.95
N ARG C 2328 26.58 52.61 -8.13
CA ARG C 2328 26.97 51.63 -7.11
C ARG C 2328 25.92 51.51 -6.01
N GLY C 2329 25.12 52.54 -5.80
CA GLY C 2329 24.00 52.44 -4.88
C GLY C 2329 24.23 53.13 -3.56
N ILE C 2330 24.82 54.31 -3.59
CA ILE C 2330 25.11 55.08 -2.40
C ILE C 2330 23.98 56.08 -2.17
N ASP C 2331 23.49 56.13 -0.93
CA ASP C 2331 22.52 57.14 -0.56
C ASP C 2331 23.18 58.52 -0.64
N PRO C 2332 22.52 59.52 -1.21
CA PRO C 2332 23.22 60.79 -1.52
C PRO C 2332 23.58 61.62 -0.30
N GLN C 2333 23.05 61.29 0.87
CA GLN C 2333 23.50 61.86 2.13
C GLN C 2333 23.95 60.72 3.03
N ASP C 2334 24.98 61.02 3.85
CA ASP C 2334 25.67 60.04 4.68
C ASP C 2334 26.14 58.85 3.84
N GLY C 2335 27.10 59.15 2.98
CA GLY C 2335 27.44 58.28 1.87
C GLY C 2335 28.03 56.92 2.20
N LEU C 2336 27.22 55.88 2.03
CA LEU C 2336 27.63 54.50 2.16
C LEU C 2336 26.56 53.65 1.47
N VAL C 2337 26.98 52.48 0.99
CA VAL C 2337 26.22 51.76 -0.03
C VAL C 2337 24.96 51.15 0.58
N LEU C 2338 23.82 51.43 -0.05
CA LEU C 2338 22.52 50.93 0.32
C LEU C 2338 22.12 49.81 -0.63
N SER C 2339 21.18 48.96 -0.20
CA SER C 2339 20.80 47.84 -1.03
C SER C 2339 19.87 48.28 -2.16
N VAL C 2340 19.59 47.35 -3.08
CA VAL C 2340 18.68 47.66 -4.19
C VAL C 2340 17.26 47.83 -3.68
N ALA C 2341 16.82 47.00 -2.75
CA ALA C 2341 15.52 47.19 -2.12
C ALA C 2341 15.53 48.34 -1.13
N GLY C 2342 16.69 48.85 -0.77
CA GLY C 2342 16.80 50.04 0.05
C GLY C 2342 16.85 51.29 -0.79
N GLN C 2343 17.59 51.25 -1.90
CA GLN C 2343 17.64 52.39 -2.81
C GLN C 2343 16.30 52.59 -3.49
N THR C 2344 15.60 51.49 -3.80
CA THR C 2344 14.27 51.56 -4.38
C THR C 2344 13.27 52.18 -3.41
N GLU C 2345 13.30 51.75 -2.14
CA GLU C 2345 12.42 52.29 -1.12
C GLU C 2345 12.72 53.75 -0.85
N THR C 2346 14.00 54.14 -0.88
CA THR C 2346 14.37 55.53 -0.69
C THR C 2346 13.84 56.42 -1.81
N LEU C 2347 14.06 56.01 -3.06
CA LEU C 2347 13.64 56.82 -4.19
C LEU C 2347 12.12 56.88 -4.31
N ILE C 2348 11.42 55.79 -3.99
CA ILE C 2348 9.96 55.79 -4.06
C ILE C 2348 9.37 56.63 -2.93
N GLN C 2349 9.76 56.36 -1.68
CA GLN C 2349 9.20 57.16 -0.59
C GLN C 2349 9.79 58.56 -0.48
N GLU C 2350 10.71 58.97 -1.34
CA GLU C 2350 10.94 60.41 -1.45
C GLU C 2350 10.41 60.99 -2.75
N ALA C 2351 9.96 60.16 -3.68
CA ALA C 2351 9.29 60.70 -4.86
C ALA C 2351 7.82 60.96 -4.60
N THR C 2352 7.14 60.06 -3.89
CA THR C 2352 5.74 60.24 -3.55
C THR C 2352 5.54 60.96 -2.23
N SER C 2353 6.60 61.53 -1.65
CA SER C 2353 6.48 62.20 -0.37
C SER C 2353 5.89 63.59 -0.58
N GLU C 2354 4.76 63.86 0.08
CA GLU C 2354 4.02 65.09 -0.16
C GLU C 2354 4.74 66.33 0.33
N ASP C 2355 5.67 66.19 1.29
CA ASP C 2355 6.45 67.36 1.69
C ASP C 2355 7.44 67.75 0.60
N ASN C 2356 7.95 66.77 -0.16
CA ASN C 2356 8.79 67.12 -1.30
C ASN C 2356 7.96 67.69 -2.43
N LEU C 2357 6.79 67.10 -2.70
CA LEU C 2357 5.98 67.47 -3.86
C LEU C 2357 5.41 68.87 -3.77
N SER C 2358 5.31 69.43 -2.58
CA SER C 2358 4.84 70.81 -2.45
C SER C 2358 5.89 71.82 -2.90
N LYS C 2359 7.16 71.47 -2.84
CA LYS C 2359 8.22 72.48 -2.95
C LYS C 2359 8.47 72.91 -4.39
N MET C 2360 8.27 72.04 -5.36
CA MET C 2360 8.81 72.30 -6.69
C MET C 2360 7.90 73.21 -7.51
N TYR C 2361 8.52 73.78 -8.54
CA TYR C 2361 7.94 74.85 -9.37
C TYR C 2361 6.75 74.34 -10.15
N ILE C 2362 5.77 75.24 -10.37
CA ILE C 2362 4.49 74.85 -10.95
C ILE C 2362 4.59 74.53 -12.44
N GLY C 2363 5.73 74.84 -13.07
CA GLY C 2363 6.02 74.32 -14.39
C GLY C 2363 6.05 72.80 -14.37
N TRP C 2364 6.73 72.25 -13.37
CA TRP C 2364 6.60 70.85 -13.01
C TRP C 2364 5.42 70.73 -12.07
N LEU C 2365 4.19 70.81 -12.57
CA LEU C 2365 3.02 70.91 -11.70
C LEU C 2365 2.74 69.58 -11.03
N PRO C 2366 2.87 69.51 -9.70
CA PRO C 2366 2.97 68.20 -9.04
C PRO C 2366 1.64 67.61 -8.70
N PHE C 2367 0.62 68.44 -8.55
CA PHE C 2367 -0.66 68.00 -8.02
C PHE C 2367 -1.42 67.15 -9.02
N TRP C 2368 -1.08 67.27 -10.29
CA TRP C 2368 -1.55 66.34 -11.29
C TRP C 2368 -0.94 64.97 -11.01
N GLU D 2 -48.32 -55.65 53.70
CA GLU D 2 -48.82 -55.47 55.06
C GLU D 2 -48.72 -56.76 55.85
N SER D 3 -48.94 -57.88 55.17
CA SER D 3 -48.96 -59.17 55.84
C SER D 3 -47.55 -59.67 56.14
N HIS D 4 -46.60 -59.39 55.25
CA HIS D 4 -45.24 -59.89 55.40
C HIS D 4 -44.21 -58.78 55.55
N VAL D 5 -44.61 -57.61 56.03
CA VAL D 5 -43.63 -56.61 56.41
C VAL D 5 -42.89 -57.05 57.67
N LYS D 6 -43.59 -57.72 58.59
CA LYS D 6 -42.93 -58.27 59.76
C LYS D 6 -42.10 -59.50 59.39
N TYR D 7 -42.48 -60.20 58.33
CA TYR D 7 -41.70 -61.34 57.86
C TYR D 7 -40.35 -60.90 57.31
N LEU D 8 -40.34 -59.83 56.50
CA LEU D 8 -39.07 -59.27 56.03
C LEU D 8 -38.30 -58.61 57.17
N ASP D 9 -39.00 -58.01 58.13
CA ASP D 9 -38.33 -57.39 59.27
C ASP D 9 -37.73 -58.42 60.21
N GLU D 10 -38.24 -59.67 60.20
CA GLU D 10 -37.59 -60.75 60.91
C GLU D 10 -36.51 -61.41 60.07
N LEU D 11 -36.64 -61.35 58.75
CA LEU D 11 -35.65 -61.95 57.87
C LEU D 11 -34.37 -61.13 57.81
N ILE D 12 -34.46 -59.80 57.92
CA ILE D 12 -33.25 -59.00 58.02
C ILE D 12 -32.53 -59.26 59.34
N LEU D 13 -33.28 -59.49 60.41
CA LEU D 13 -32.68 -59.88 61.68
C LEU D 13 -32.07 -61.27 61.61
N ALA D 14 -32.68 -62.15 60.81
CA ALA D 14 -32.12 -63.49 60.62
C ALA D 14 -30.83 -63.44 59.81
N ILE D 15 -30.74 -62.53 58.85
CA ILE D 15 -29.50 -62.37 58.10
C ILE D 15 -28.42 -61.76 58.99
N LYS D 16 -28.76 -60.72 59.76
CA LYS D 16 -27.79 -60.11 60.66
C LYS D 16 -27.44 -61.01 61.84
N ASP D 17 -28.25 -62.03 62.13
CA ASP D 17 -27.98 -62.95 63.21
C ASP D 17 -26.89 -63.95 62.88
N LEU D 18 -26.63 -64.19 61.59
CA LEU D 18 -25.45 -64.96 61.19
C LEU D 18 -24.31 -64.02 60.85
N ASN D 19 -23.97 -63.16 61.80
CA ASN D 19 -22.87 -62.22 61.59
C ASN D 19 -21.53 -62.87 61.94
N SER D 20 -21.26 -63.05 63.24
CA SER D 20 -20.00 -63.51 63.79
C SER D 20 -20.12 -63.59 65.31
N GLY D 21 -19.03 -63.99 65.99
CA GLY D 21 -18.96 -63.80 67.42
C GLY D 21 -18.79 -62.35 67.84
N VAL D 22 -18.30 -61.50 66.94
CA VAL D 22 -18.10 -60.07 67.20
C VAL D 22 -18.73 -59.26 66.08
N ASP D 23 -18.54 -57.94 66.12
CA ASP D 23 -19.17 -57.04 65.15
C ASP D 23 -18.41 -56.96 63.83
N SER D 24 -17.24 -57.58 63.71
CA SER D 24 -16.46 -57.57 62.47
C SER D 24 -16.74 -58.86 61.69
N LYS D 25 -17.37 -58.72 60.52
CA LYS D 25 -17.80 -59.88 59.74
C LYS D 25 -17.97 -59.46 58.29
N VAL D 26 -17.27 -60.13 57.38
CA VAL D 26 -17.49 -59.97 55.94
C VAL D 26 -17.64 -61.35 55.29
N GLN D 27 -16.70 -62.25 55.59
CA GLN D 27 -16.69 -63.65 55.13
C GLN D 27 -16.63 -63.76 53.60
N ILE D 28 -15.49 -63.34 53.06
CA ILE D 28 -15.28 -63.36 51.61
C ILE D 28 -14.97 -64.73 51.04
N LYS D 29 -14.66 -65.72 51.87
CA LYS D 29 -14.31 -67.04 51.37
C LYS D 29 -15.47 -68.00 51.57
N LYS D 30 -15.45 -69.08 50.79
CA LYS D 30 -16.46 -70.13 50.93
C LYS D 30 -16.23 -70.88 52.24
N VAL D 31 -17.12 -70.67 53.20
CA VAL D 31 -17.02 -71.33 54.50
C VAL D 31 -17.28 -72.83 54.33
N PRO D 32 -16.61 -73.71 55.09
CA PRO D 32 -16.75 -75.16 54.93
C PRO D 32 -18.14 -75.69 55.30
N SER D 44 -23.29 -71.66 57.18
CA SER D 44 -23.03 -72.95 56.57
C SER D 44 -23.86 -73.12 55.30
N LEU D 45 -23.95 -72.04 54.52
CA LEU D 45 -24.60 -71.97 53.21
C LEU D 45 -26.10 -72.28 53.26
N LYS D 46 -26.72 -72.22 54.44
CA LYS D 46 -28.16 -72.45 54.52
C LYS D 46 -28.94 -71.24 54.01
N ILE D 47 -28.34 -70.04 54.10
CA ILE D 47 -29.00 -68.81 53.70
C ILE D 47 -29.13 -68.67 52.19
N LEU D 48 -28.49 -69.55 51.41
CA LEU D 48 -28.80 -69.60 49.99
C LEU D 48 -30.23 -70.09 49.77
N ASN D 49 -30.73 -70.93 50.69
CA ASN D 49 -32.15 -71.23 50.73
C ASN D 49 -32.98 -69.98 50.98
N THR D 50 -32.44 -69.02 51.74
CA THR D 50 -33.12 -67.74 51.82
C THR D 50 -32.92 -66.94 50.54
N LEU D 51 -31.74 -67.06 49.90
CA LEU D 51 -31.46 -66.35 48.65
C LEU D 51 -32.43 -66.75 47.56
N ILE D 52 -32.60 -68.06 47.36
CA ILE D 52 -33.65 -68.59 46.49
C ILE D 52 -35.02 -68.10 46.94
N ARG D 53 -35.23 -67.98 48.25
CA ARG D 53 -36.47 -67.44 48.77
C ARG D 53 -36.65 -65.96 48.46
N ASN D 54 -35.57 -65.20 48.23
CA ASN D 54 -35.74 -63.76 48.07
C ASN D 54 -36.28 -63.40 46.69
N LEU D 55 -35.53 -63.74 45.64
CA LEU D 55 -35.89 -63.31 44.29
C LEU D 55 -37.15 -64.00 43.80
N LYS D 56 -37.42 -65.22 44.29
CA LYS D 56 -38.67 -65.88 43.96
C LYS D 56 -39.87 -65.25 44.66
N ASP D 57 -39.66 -64.44 45.69
CA ASP D 57 -40.74 -63.67 46.29
C ASP D 57 -40.82 -62.27 45.69
N GLN D 58 -40.42 -62.10 44.44
CA GLN D 58 -40.32 -60.78 43.85
C GLN D 58 -41.03 -60.69 42.50
N ARG D 59 -40.99 -61.76 41.70
CA ARG D 59 -41.73 -61.78 40.43
C ARG D 59 -43.13 -62.34 40.69
N ARG D 60 -44.04 -61.45 41.10
CA ARG D 60 -45.43 -61.83 41.33
C ARG D 60 -46.27 -60.56 41.19
N ASN D 61 -47.57 -60.74 40.99
CA ASN D 61 -48.45 -59.68 40.53
C ASN D 61 -49.27 -59.03 41.64
N ASN D 62 -49.28 -59.55 42.87
CA ASN D 62 -50.29 -59.15 43.84
C ASN D 62 -49.82 -57.94 44.60
N ILE D 63 -48.75 -58.02 45.40
CA ILE D 63 -48.41 -56.97 46.36
C ILE D 63 -47.01 -56.42 46.13
N MET D 64 -46.43 -56.67 44.97
CA MET D 64 -45.19 -56.00 44.61
C MET D 64 -45.42 -54.54 44.27
N LYS D 65 -46.66 -54.18 43.93
CA LYS D 65 -46.97 -52.79 43.61
C LYS D 65 -46.91 -51.90 44.84
N ASN D 66 -47.02 -52.47 46.03
CA ASN D 66 -46.76 -51.69 47.23
C ASN D 66 -45.28 -51.36 47.32
N ASP D 67 -45.00 -50.15 47.77
CA ASP D 67 -43.63 -49.63 47.71
C ASP D 67 -42.75 -50.26 48.78
N THR D 68 -43.26 -50.39 50.01
CA THR D 68 -42.40 -50.75 51.13
C THR D 68 -42.01 -52.23 51.11
N ILE D 69 -42.93 -53.10 50.71
CA ILE D 69 -42.67 -54.53 50.74
C ILE D 69 -42.05 -55.01 49.45
N PHE D 70 -41.67 -54.06 48.58
CA PHE D 70 -40.72 -54.30 47.51
C PHE D 70 -39.35 -53.75 47.85
N SER D 71 -39.31 -52.54 48.42
CA SER D 71 -38.06 -51.89 48.75
C SER D 71 -37.34 -52.63 49.88
N LYS D 72 -38.07 -53.05 50.91
CA LYS D 72 -37.47 -53.87 51.94
C LYS D 72 -37.13 -55.27 51.42
N THR D 73 -37.89 -55.76 50.45
CA THR D 73 -37.63 -57.07 49.87
C THR D 73 -36.31 -57.09 49.13
N VAL D 74 -36.00 -56.01 48.41
CA VAL D 74 -34.73 -55.96 47.70
C VAL D 74 -33.61 -55.43 48.60
N SER D 75 -33.93 -54.65 49.64
CA SER D 75 -32.93 -54.20 50.59
C SER D 75 -32.43 -55.35 51.46
N ALA D 76 -33.31 -56.30 51.79
CA ALA D 76 -32.89 -57.51 52.48
C ALA D 76 -31.92 -58.32 51.63
N LEU D 77 -32.17 -58.39 50.33
CA LEU D 77 -31.29 -59.15 49.46
C LEU D 77 -29.96 -58.43 49.27
N ALA D 78 -29.98 -57.11 49.25
CA ALA D 78 -28.73 -56.35 49.18
C ALA D 78 -27.94 -56.45 50.47
N LEU D 79 -28.61 -56.52 51.61
CA LEU D 79 -27.89 -56.70 52.87
C LEU D 79 -27.37 -58.12 53.00
N LEU D 80 -28.05 -59.08 52.38
CA LEU D 80 -27.52 -60.44 52.32
C LEU D 80 -26.27 -60.50 51.47
N LEU D 81 -26.33 -59.93 50.26
CA LEU D 81 -25.20 -60.03 49.35
C LEU D 81 -24.06 -59.09 49.71
N GLU D 82 -24.31 -58.07 50.52
CA GLU D 82 -23.25 -57.17 50.93
C GLU D 82 -22.33 -57.83 51.94
N TYR D 83 -22.90 -58.40 52.98
CA TYR D 83 -22.14 -59.05 54.03
C TYR D 83 -21.83 -60.50 53.70
N ASN D 84 -22.08 -60.93 52.48
CA ASN D 84 -21.70 -62.26 51.99
C ASN D 84 -21.29 -62.18 50.53
N PRO D 85 -20.07 -61.69 50.23
CA PRO D 85 -19.65 -61.64 48.83
C PRO D 85 -19.30 -62.98 48.23
N PHE D 86 -19.30 -64.06 49.00
CA PHE D 86 -19.07 -65.38 48.43
C PHE D 86 -20.29 -65.94 47.73
N LEU D 87 -21.48 -65.42 48.03
CA LEU D 87 -22.71 -65.91 47.40
C LEU D 87 -22.75 -65.60 45.92
N LEU D 88 -22.05 -64.54 45.50
CA LEU D 88 -22.06 -64.13 44.11
C LEU D 88 -21.28 -65.11 43.24
N VAL D 89 -20.14 -65.56 43.71
CA VAL D 89 -19.14 -66.20 42.86
C VAL D 89 -19.11 -67.66 43.29
N MET D 90 -20.26 -68.17 43.77
CA MET D 90 -20.23 -69.48 44.40
C MET D 90 -20.19 -70.64 43.40
N LYS D 91 -20.20 -70.35 42.09
CA LYS D 91 -19.99 -71.32 41.01
C LYS D 91 -21.06 -72.42 41.04
N ASP D 92 -22.29 -72.01 40.74
CA ASP D 92 -23.32 -72.99 40.43
C ASP D 92 -22.94 -73.64 39.11
N SER D 93 -22.38 -74.85 39.19
CA SER D 93 -21.58 -75.40 38.10
C SER D 93 -22.46 -75.96 36.98
N ASN D 94 -23.09 -75.02 36.27
CA ASN D 94 -23.48 -75.32 34.90
C ASN D 94 -22.29 -75.08 33.97
N GLY D 95 -21.84 -73.84 33.89
CA GLY D 95 -20.52 -73.53 33.36
C GLY D 95 -19.89 -72.30 33.95
N ASN D 96 -20.49 -71.72 34.98
CA ASN D 96 -20.24 -70.32 35.30
C ASN D 96 -20.52 -70.05 36.76
N PHE D 97 -20.22 -68.81 37.18
CA PHE D 97 -20.62 -68.38 38.50
C PHE D 97 -22.09 -67.96 38.49
N GLU D 98 -22.66 -67.84 39.67
CA GLU D 98 -24.10 -67.63 39.76
C GLU D 98 -24.49 -66.17 39.62
N ILE D 99 -23.51 -65.26 39.52
CA ILE D 99 -23.87 -63.87 39.28
C ILE D 99 -24.44 -63.69 37.87
N GLN D 100 -24.08 -64.58 36.93
CA GLN D 100 -24.76 -64.60 35.63
C GLN D 100 -26.21 -65.03 35.79
N ARG D 101 -26.49 -65.94 36.71
CA ARG D 101 -27.86 -66.27 37.07
C ARG D 101 -28.53 -65.12 37.80
N LEU D 102 -27.75 -64.27 38.46
CA LEU D 102 -28.34 -63.18 39.21
C LEU D 102 -28.74 -62.03 38.29
N ILE D 103 -27.94 -61.78 37.26
CA ILE D 103 -28.17 -60.64 36.37
C ILE D 103 -29.45 -60.81 35.57
N ASP D 104 -29.59 -61.94 34.86
CA ASP D 104 -30.74 -62.11 33.98
C ASP D 104 -32.04 -62.32 34.77
N ASP D 105 -31.94 -62.86 35.97
CA ASP D 105 -33.10 -62.89 36.84
C ASP D 105 -33.44 -61.50 37.36
N PHE D 106 -32.41 -60.70 37.64
CA PHE D 106 -32.58 -59.35 38.14
C PHE D 106 -33.10 -58.41 37.07
N LEU D 107 -32.90 -58.79 35.81
CA LEU D 107 -33.42 -58.03 34.68
C LEU D 107 -34.94 -58.14 34.57
N ASN D 108 -35.51 -59.27 35.01
CA ASN D 108 -36.93 -59.51 34.81
C ASN D 108 -37.78 -58.60 35.70
N ILE D 109 -37.33 -58.33 36.92
CA ILE D 109 -38.09 -57.44 37.79
C ILE D 109 -38.01 -56.01 37.25
N SER D 110 -36.86 -55.62 36.72
CA SER D 110 -36.71 -54.28 36.17
C SER D 110 -37.48 -54.09 34.87
N VAL D 111 -37.61 -55.15 34.06
CA VAL D 111 -38.41 -55.02 32.85
C VAL D 111 -39.89 -55.08 33.19
N LEU D 112 -40.26 -55.76 34.29
CA LEU D 112 -41.63 -55.67 34.79
C LEU D 112 -41.91 -54.35 35.50
N ASN D 113 -40.88 -53.59 35.83
CA ASN D 113 -41.08 -52.28 36.46
C ASN D 113 -40.49 -51.21 35.54
N TYR D 114 -40.86 -51.30 34.27
CA TYR D 114 -40.26 -50.46 33.23
C TYR D 114 -40.63 -48.98 33.39
N ASP D 115 -41.84 -48.70 33.85
CA ASP D 115 -42.31 -47.32 33.82
C ASP D 115 -41.95 -46.52 35.06
N ASN D 116 -41.86 -47.17 36.23
CA ASN D 116 -41.58 -46.46 37.47
C ASN D 116 -40.08 -46.21 37.55
N TYR D 117 -39.67 -44.94 37.49
CA TYR D 117 -38.26 -44.60 37.50
C TYR D 117 -37.61 -44.78 38.86
N HIS D 118 -38.41 -44.92 39.93
CA HIS D 118 -37.84 -45.24 41.22
C HIS D 118 -37.37 -46.68 41.28
N ARG D 119 -38.24 -47.59 40.86
CA ARG D 119 -38.02 -49.02 41.00
C ARG D 119 -36.97 -49.58 40.05
N ILE D 120 -36.37 -48.80 39.16
CA ILE D 120 -35.27 -49.33 38.36
C ILE D 120 -33.96 -48.61 38.69
N TRP D 121 -34.04 -47.34 39.07
CA TRP D 121 -32.87 -46.65 39.61
C TRP D 121 -32.40 -47.31 40.89
N PHE D 122 -33.35 -47.66 41.77
CA PHE D 122 -33.02 -48.27 43.03
C PHE D 122 -32.52 -49.70 42.86
N MET D 123 -32.97 -50.39 41.81
CA MET D 123 -32.43 -51.70 41.54
C MET D 123 -31.03 -51.61 40.94
N ARG D 124 -30.80 -50.64 40.04
CA ARG D 124 -29.51 -50.61 39.37
C ARG D 124 -28.42 -50.03 40.24
N ARG D 125 -28.75 -49.22 41.25
CA ARG D 125 -27.69 -48.75 42.15
C ARG D 125 -27.18 -49.90 43.01
N LYS D 126 -28.06 -50.78 43.44
CA LYS D 126 -27.59 -51.91 44.21
C LYS D 126 -27.03 -53.01 43.33
N LEU D 127 -27.44 -53.08 42.07
CA LEU D 127 -26.74 -53.95 41.13
C LEU D 127 -25.35 -53.41 40.83
N GLY D 128 -25.19 -52.09 40.93
CA GLY D 128 -23.86 -51.51 40.87
C GLY D 128 -23.01 -51.90 42.07
N SER D 129 -23.60 -51.88 43.26
CA SER D 129 -22.87 -52.30 44.46
C SER D 129 -22.48 -53.76 44.40
N TRP D 130 -23.32 -54.60 43.81
CA TRP D 130 -23.05 -56.04 43.82
C TRP D 130 -21.93 -56.45 42.86
N CYS D 131 -21.49 -55.58 41.98
CA CYS D 131 -20.39 -55.94 41.11
C CYS D 131 -19.17 -55.05 41.28
N LYS D 132 -19.36 -53.75 41.44
CA LYS D 132 -18.26 -52.84 41.72
C LYS D 132 -17.64 -53.15 43.07
N ALA D 133 -18.40 -52.94 44.14
CA ALA D 133 -17.88 -53.05 45.50
C ALA D 133 -17.89 -54.48 46.02
N CYS D 134 -18.14 -55.47 45.17
CA CYS D 134 -18.20 -56.84 45.61
C CYS D 134 -17.45 -57.83 44.75
N VAL D 135 -17.10 -57.51 43.51
CA VAL D 135 -16.30 -58.42 42.72
C VAL D 135 -14.98 -57.70 42.45
N GLU D 136 -14.55 -56.93 43.44
CA GLU D 136 -13.14 -56.59 43.62
C GLU D 136 -12.41 -57.64 44.45
N PHE D 137 -13.15 -58.56 45.06
CA PHE D 137 -12.55 -59.65 45.81
C PHE D 137 -12.06 -60.77 44.92
N TYR D 138 -12.40 -60.75 43.67
CA TYR D 138 -12.11 -61.92 42.85
C TYR D 138 -11.32 -61.59 41.60
N GLY D 139 -11.65 -60.49 40.93
CA GLY D 139 -10.81 -60.02 39.83
C GLY D 139 -10.98 -60.86 38.58
N LYS D 140 -9.82 -61.29 38.05
CA LYS D 140 -9.70 -61.93 36.75
C LYS D 140 -10.65 -63.09 36.47
N PRO D 141 -10.83 -64.10 37.35
CA PRO D 141 -11.77 -65.17 36.97
C PRO D 141 -13.21 -64.76 37.05
N ALA D 142 -13.53 -63.67 37.74
CA ALA D 142 -14.93 -63.30 37.94
C ALA D 142 -15.26 -61.90 37.48
N LYS D 143 -14.30 -61.14 36.92
CA LYS D 143 -14.65 -59.96 36.16
C LYS D 143 -15.04 -60.31 34.74
N PHE D 144 -14.33 -61.26 34.13
CA PHE D 144 -14.55 -61.61 32.75
C PHE D 144 -15.65 -62.64 32.56
N GLN D 145 -16.33 -63.04 33.61
CA GLN D 145 -17.49 -63.88 33.46
C GLN D 145 -18.79 -63.12 33.68
N LEU D 146 -18.73 -61.85 34.06
CA LEU D 146 -19.93 -61.02 33.96
C LEU D 146 -19.80 -59.90 32.95
N THR D 147 -18.60 -59.43 32.65
CA THR D 147 -18.48 -58.48 31.54
C THR D 147 -18.57 -59.16 30.18
N ALA D 148 -18.50 -60.48 30.13
CA ALA D 148 -18.87 -61.22 28.94
C ALA D 148 -20.33 -61.59 28.96
N HIS D 149 -20.90 -61.74 30.16
CA HIS D 149 -22.32 -62.04 30.28
C HIS D 149 -23.18 -60.87 29.83
N PHE D 150 -22.78 -59.64 30.18
CA PHE D 150 -23.52 -58.49 29.68
C PHE D 150 -23.38 -58.32 28.18
N GLU D 151 -22.20 -58.65 27.63
CA GLU D 151 -22.01 -58.58 26.19
C GLU D 151 -22.86 -59.63 25.47
N ASN D 152 -23.02 -60.82 26.06
CA ASN D 152 -23.86 -61.81 25.42
C ASN D 152 -25.34 -61.49 25.56
N THR D 153 -25.79 -61.04 26.74
CA THR D 153 -27.20 -60.67 26.86
C THR D 153 -27.52 -59.35 26.20
N MET D 154 -26.53 -58.60 25.74
CA MET D 154 -26.74 -57.41 24.93
C MET D 154 -26.66 -57.71 23.44
N ASN D 155 -25.77 -58.63 23.06
CA ASN D 155 -25.74 -59.17 21.71
C ASN D 155 -27.05 -59.86 21.37
N LEU D 156 -27.65 -60.54 22.35
CA LEU D 156 -28.92 -61.20 22.12
C LEU D 156 -30.04 -60.20 21.87
N TYR D 157 -30.06 -59.10 22.61
CA TYR D 157 -31.12 -58.12 22.43
C TYR D 157 -30.92 -57.26 21.18
N GLU D 158 -29.68 -57.00 20.78
CA GLU D 158 -29.50 -56.27 19.53
C GLU D 158 -29.59 -57.19 18.32
N GLN D 159 -29.43 -58.49 18.52
CA GLN D 159 -29.60 -59.46 17.46
C GLN D 159 -31.08 -59.69 17.19
N ALA D 160 -31.86 -59.94 18.25
CA ALA D 160 -33.30 -60.10 18.12
C ALA D 160 -34.02 -58.82 17.75
N LEU D 161 -33.37 -57.66 17.86
CA LEU D 161 -33.97 -56.42 17.40
C LEU D 161 -33.95 -56.32 15.88
N THR D 162 -33.10 -57.07 15.20
CA THR D 162 -32.96 -56.94 13.76
C THR D 162 -33.82 -57.92 12.97
N GLU D 163 -34.37 -58.96 13.61
CA GLU D 163 -35.34 -59.82 12.94
C GLU D 163 -36.77 -59.33 13.10
N VAL D 164 -36.95 -58.05 13.42
CA VAL D 164 -38.26 -57.42 13.23
C VAL D 164 -38.29 -56.67 11.91
N LEU D 165 -37.13 -56.44 11.30
CA LEU D 165 -37.07 -55.86 9.96
C LEU D 165 -37.64 -56.82 8.93
N LEU D 166 -37.37 -58.11 9.08
CA LEU D 166 -37.91 -59.09 8.15
C LEU D 166 -39.37 -59.43 8.44
N GLY D 167 -39.95 -58.87 9.49
CA GLY D 167 -41.39 -58.85 9.66
C GLY D 167 -42.02 -60.13 10.17
N LYS D 168 -41.26 -61.21 10.35
CA LYS D 168 -41.87 -62.44 10.81
C LYS D 168 -41.91 -62.52 12.33
N THR D 169 -41.57 -61.43 13.01
CA THR D 169 -41.47 -61.42 14.46
C THR D 169 -42.85 -61.33 15.10
N GLU D 170 -42.87 -61.48 16.43
CA GLU D 170 -44.08 -61.34 17.20
C GLU D 170 -44.31 -59.87 17.56
N LEU D 171 -45.20 -59.65 18.53
CA LEU D 171 -45.53 -58.28 18.91
C LEU D 171 -45.19 -58.03 20.37
N LEU D 172 -45.60 -58.95 21.25
CA LEU D 172 -45.20 -58.85 22.65
C LEU D 172 -43.70 -59.16 22.80
N LYS D 173 -43.16 -59.99 21.91
CA LYS D 173 -41.72 -60.23 21.89
C LYS D 173 -40.97 -58.97 21.45
N PHE D 174 -41.53 -58.24 20.50
CA PHE D 174 -41.00 -56.94 20.12
C PHE D 174 -41.04 -55.98 21.29
N TYR D 175 -42.15 -56.00 22.04
CA TYR D 175 -42.30 -55.10 23.18
C TYR D 175 -41.28 -55.39 24.28
N ASP D 176 -41.14 -56.64 24.70
CA ASP D 176 -40.25 -56.91 25.83
C ASP D 176 -38.79 -56.93 25.37
N THR D 177 -38.55 -57.09 24.06
CA THR D 177 -37.21 -56.94 23.53
C THR D 177 -36.76 -55.49 23.62
N LEU D 178 -37.65 -54.57 23.23
CA LEU D 178 -37.35 -53.14 23.39
C LEU D 178 -37.14 -52.76 24.85
N LYS D 179 -37.95 -53.31 25.75
CA LYS D 179 -37.85 -52.94 27.15
C LYS D 179 -36.61 -53.54 27.80
N GLY D 180 -36.24 -54.76 27.42
CA GLY D 180 -35.04 -55.36 27.97
C GLY D 180 -33.77 -54.67 27.48
N LEU D 181 -33.76 -54.29 26.19
CA LEU D 181 -32.66 -53.47 25.69
C LEU D 181 -32.62 -52.11 26.38
N TYR D 182 -33.79 -51.55 26.69
CA TYR D 182 -33.86 -50.31 27.45
C TYR D 182 -33.23 -50.45 28.82
N ILE D 183 -33.49 -51.55 29.51
CA ILE D 183 -32.95 -51.70 30.86
C ILE D 183 -31.44 -51.97 30.81
N LEU D 184 -30.97 -52.76 29.85
CA LEU D 184 -29.54 -52.98 29.70
C LEU D 184 -28.79 -51.70 29.34
N LEU D 185 -29.39 -50.85 28.50
CA LEU D 185 -28.76 -49.58 28.24
C LEU D 185 -28.96 -48.60 29.38
N TYR D 186 -29.97 -48.80 30.22
CA TYR D 186 -30.19 -47.92 31.35
C TYR D 186 -29.19 -48.16 32.46
N TRP D 187 -28.79 -49.42 32.65
CA TRP D 187 -27.80 -49.74 33.67
C TRP D 187 -26.47 -49.07 33.39
N PHE D 188 -26.05 -49.07 32.13
CA PHE D 188 -24.72 -48.64 31.79
C PHE D 188 -24.63 -47.14 31.53
N THR D 189 -25.77 -46.45 31.42
CA THR D 189 -25.77 -45.01 31.26
C THR D 189 -25.91 -44.25 32.57
N SER D 190 -25.47 -44.85 33.67
CA SER D 190 -25.41 -44.12 34.92
C SER D 190 -24.08 -43.39 35.01
N GLU D 191 -23.81 -42.75 36.14
CA GLU D 191 -22.49 -42.19 36.32
C GLU D 191 -21.50 -43.29 36.67
N TYR D 192 -20.21 -42.92 36.68
CA TYR D 192 -19.14 -43.87 36.86
C TYR D 192 -19.14 -44.50 38.25
N SER D 193 -19.76 -43.87 39.23
CA SER D 193 -19.78 -44.41 40.57
C SER D 193 -20.70 -45.60 40.72
N THR D 194 -21.65 -45.80 39.80
CA THR D 194 -22.58 -46.92 39.93
C THR D 194 -21.89 -48.23 39.56
N PHE D 195 -21.49 -48.36 38.31
CA PHE D 195 -20.64 -49.45 37.85
C PHE D 195 -19.23 -48.90 37.78
N GLY D 196 -18.32 -49.47 38.56
CA GLY D 196 -16.98 -48.96 38.53
C GLY D 196 -16.19 -49.57 37.39
N ASN D 197 -15.05 -50.17 37.71
CA ASN D 197 -14.34 -50.96 36.72
C ASN D 197 -14.76 -52.41 36.74
N SER D 198 -15.96 -52.70 37.25
CA SER D 198 -16.40 -54.08 37.36
C SER D 198 -16.69 -54.68 35.99
N ILE D 199 -17.02 -53.86 35.01
CA ILE D 199 -17.43 -54.31 33.69
C ILE D 199 -16.47 -53.73 32.67
N ALA D 200 -15.94 -54.59 31.79
CA ALA D 200 -14.75 -54.26 31.01
C ALA D 200 -15.00 -53.29 29.87
N PHE D 201 -16.25 -52.98 29.53
CA PHE D 201 -16.49 -51.90 28.58
C PHE D 201 -16.82 -50.57 29.22
N LEU D 202 -17.13 -50.54 30.51
CA LEU D 202 -17.21 -49.31 31.27
C LEU D 202 -15.90 -48.95 31.95
N ASP D 203 -14.79 -49.48 31.44
CA ASP D 203 -13.55 -49.52 32.19
C ASP D 203 -12.87 -48.17 32.31
N SER D 204 -12.84 -47.40 31.23
CA SER D 204 -12.04 -46.18 31.23
C SER D 204 -12.69 -45.09 32.05
N SER D 205 -11.85 -44.35 32.78
CA SER D 205 -12.26 -43.07 33.33
C SER D 205 -12.10 -42.00 32.26
N LEU D 206 -12.10 -40.73 32.68
CA LEU D 206 -12.04 -39.56 31.82
C LEU D 206 -13.26 -39.44 30.92
N GLY D 207 -14.36 -40.10 31.30
CA GLY D 207 -15.66 -39.89 30.70
C GLY D 207 -15.85 -40.44 29.31
N PHE D 208 -15.07 -41.43 28.89
CA PHE D 208 -15.10 -41.84 27.49
C PHE D 208 -14.67 -43.30 27.42
N THR D 209 -15.63 -44.21 27.25
CA THR D 209 -15.45 -45.65 27.44
C THR D 209 -15.67 -46.41 26.13
N LYS D 210 -15.53 -47.74 26.22
CA LYS D 210 -15.86 -48.59 25.07
C LYS D 210 -17.36 -48.64 24.85
N PHE D 211 -18.14 -48.43 25.91
CA PHE D 211 -19.59 -48.46 25.80
C PHE D 211 -20.13 -47.28 25.00
N ASP D 212 -19.37 -46.19 24.85
CA ASP D 212 -19.94 -45.00 24.22
C ASP D 212 -20.23 -45.22 22.74
N PHE D 213 -19.25 -45.71 21.99
CA PHE D 213 -19.48 -46.01 20.59
C PHE D 213 -20.47 -47.16 20.40
N ASN D 214 -20.47 -48.12 21.34
CA ASN D 214 -21.41 -49.23 21.25
C ASN D 214 -22.84 -48.76 21.49
N PHE D 215 -23.01 -47.82 22.42
CA PHE D 215 -24.30 -47.21 22.72
C PHE D 215 -24.79 -46.37 21.55
N GLN D 216 -23.89 -45.58 20.97
CA GLN D 216 -24.27 -44.81 19.79
C GLN D 216 -24.53 -45.69 18.59
N ARG D 217 -24.00 -46.91 18.58
CA ARG D 217 -24.39 -47.85 17.54
C ARG D 217 -25.78 -48.41 17.80
N LEU D 218 -26.07 -48.79 19.05
CA LEU D 218 -27.35 -49.45 19.33
C LEU D 218 -28.52 -48.49 19.28
N ILE D 219 -28.31 -47.23 19.64
CA ILE D 219 -29.41 -46.26 19.53
C ILE D 219 -29.70 -45.95 18.07
N ARG D 220 -28.68 -45.95 17.22
CA ARG D 220 -28.95 -45.81 15.79
C ARG D 220 -29.62 -47.04 15.22
N ILE D 221 -29.31 -48.22 15.77
CA ILE D 221 -30.02 -49.43 15.35
C ILE D 221 -31.49 -49.37 15.77
N VAL D 222 -31.78 -48.89 16.97
CA VAL D 222 -33.17 -48.87 17.39
C VAL D 222 -33.93 -47.72 16.70
N LEU D 223 -33.25 -46.65 16.31
CA LEU D 223 -33.90 -45.64 15.47
C LEU D 223 -34.13 -46.16 14.07
N TYR D 224 -33.23 -46.99 13.56
CA TYR D 224 -33.43 -47.63 12.27
C TYR D 224 -34.60 -48.59 12.31
N VAL D 225 -34.81 -49.25 13.45
CA VAL D 225 -35.98 -50.10 13.63
C VAL D 225 -37.25 -49.26 13.69
N PHE D 226 -37.18 -48.11 14.37
CA PHE D 226 -38.35 -47.23 14.47
C PHE D 226 -38.72 -46.66 13.11
N ASP D 227 -37.73 -46.42 12.25
CA ASP D 227 -38.01 -46.04 10.87
C ASP D 227 -38.55 -47.22 10.08
N SER D 228 -38.01 -48.42 10.33
CA SER D 228 -38.36 -49.57 9.50
C SER D 228 -39.74 -50.09 9.80
N CYS D 229 -40.24 -49.89 11.02
CA CYS D 229 -41.56 -50.35 11.37
C CYS D 229 -42.56 -49.22 11.18
N GLU D 230 -43.81 -49.50 11.50
CA GLU D 230 -44.88 -48.51 11.42
C GLU D 230 -45.99 -49.00 12.33
N LEU D 231 -46.23 -48.28 13.43
CA LEU D 231 -47.22 -48.71 14.40
C LEU D 231 -47.70 -47.51 15.19
N ALA D 232 -48.97 -47.53 15.57
CA ALA D 232 -49.56 -46.43 16.31
C ALA D 232 -50.22 -46.93 17.60
N ALA D 233 -49.65 -47.95 18.22
CA ALA D 233 -50.10 -48.35 19.55
C ALA D 233 -49.71 -47.29 20.56
N LEU D 234 -50.57 -47.09 21.56
CA LEU D 234 -50.34 -46.00 22.51
C LEU D 234 -49.20 -46.33 23.46
N GLU D 235 -49.20 -47.54 24.01
CA GLU D 235 -48.12 -47.87 24.92
C GLU D 235 -46.83 -48.23 24.22
N TYR D 236 -46.87 -48.49 22.91
CA TYR D 236 -45.63 -48.51 22.14
C TYR D 236 -45.00 -47.13 22.06
N ALA D 237 -45.82 -46.09 21.93
CA ALA D 237 -45.30 -44.73 22.06
C ALA D 237 -44.78 -44.48 23.47
N GLU D 238 -45.44 -45.06 24.47
CA GLU D 238 -44.97 -44.92 25.85
C GLU D 238 -43.59 -45.54 26.05
N ILE D 239 -43.34 -46.72 25.49
CA ILE D 239 -42.00 -47.29 25.59
C ILE D 239 -41.03 -46.70 24.58
N GLN D 240 -41.54 -45.90 23.64
CA GLN D 240 -40.67 -45.23 22.69
C GLN D 240 -40.18 -43.91 23.23
N LEU D 241 -40.89 -43.31 24.19
CA LEU D 241 -40.35 -42.15 24.90
C LEU D 241 -39.17 -42.51 25.80
N LYS D 242 -39.09 -43.75 26.26
CA LYS D 242 -38.03 -44.09 27.20
C LYS D 242 -36.67 -44.17 26.56
N TYR D 243 -36.58 -44.30 25.23
CA TYR D 243 -35.27 -44.23 24.60
C TYR D 243 -34.75 -42.81 24.53
N ILE D 244 -35.62 -41.81 24.37
CA ILE D 244 -35.07 -40.46 24.46
C ILE D 244 -34.86 -40.07 25.91
N SER D 245 -35.63 -40.66 26.83
CA SER D 245 -35.32 -40.51 28.26
C SER D 245 -33.96 -41.10 28.59
N LEU D 246 -33.65 -42.25 28.01
CA LEU D 246 -32.37 -42.90 28.22
C LEU D 246 -31.24 -42.12 27.55
N VAL D 247 -31.50 -41.51 26.39
CA VAL D 247 -30.42 -40.80 25.75
C VAL D 247 -30.19 -39.44 26.40
N VAL D 248 -31.19 -38.87 27.07
CA VAL D 248 -30.89 -37.65 27.82
C VAL D 248 -30.26 -38.00 29.16
N ASP D 249 -30.56 -39.19 29.70
CA ASP D 249 -29.86 -39.65 30.88
C ASP D 249 -28.42 -40.02 30.58
N TYR D 250 -28.12 -40.45 29.35
CA TYR D 250 -26.76 -40.78 28.94
C TYR D 250 -25.83 -39.58 29.00
N VAL D 251 -26.33 -38.40 28.69
CA VAL D 251 -25.49 -37.22 28.62
C VAL D 251 -25.63 -36.33 29.85
N CYS D 252 -26.74 -36.40 30.57
CA CYS D 252 -26.90 -35.49 31.70
C CYS D 252 -26.11 -35.94 32.93
N ASN D 253 -25.57 -37.15 32.95
CA ASN D 253 -24.81 -37.60 34.10
C ASN D 253 -23.38 -38.01 33.74
N ARG D 254 -22.89 -37.64 32.56
CA ARG D 254 -21.46 -37.58 32.32
C ARG D 254 -20.92 -36.19 32.58
N THR D 255 -21.70 -35.34 33.24
CA THR D 255 -21.31 -33.97 33.49
C THR D 255 -20.51 -33.88 34.78
N ILE D 256 -19.63 -32.88 34.85
CA ILE D 256 -18.69 -32.82 35.97
C ILE D 256 -19.40 -32.34 37.23
N SER D 257 -20.49 -31.60 37.09
CA SER D 257 -21.37 -31.15 38.17
C SER D 257 -20.62 -30.32 39.21
N THR D 258 -20.25 -29.11 38.79
CA THR D 258 -19.64 -28.16 39.70
C THR D 258 -20.67 -27.59 40.67
N ALA D 259 -20.24 -26.63 41.50
CA ALA D 259 -20.86 -26.20 42.74
C ALA D 259 -22.33 -25.84 42.65
N LEU D 260 -22.64 -24.78 41.93
CA LEU D 260 -24.02 -24.39 41.70
C LEU D 260 -24.28 -23.95 40.27
N ASP D 261 -23.25 -23.92 39.42
CA ASP D 261 -23.38 -23.50 38.03
C ASP D 261 -23.95 -24.67 37.22
N ALA D 262 -23.97 -24.53 35.90
CA ALA D 262 -24.44 -25.62 35.06
C ALA D 262 -23.46 -26.78 35.10
N PRO D 263 -23.94 -28.01 35.18
CA PRO D 263 -23.02 -29.15 35.18
C PRO D 263 -22.36 -29.34 33.83
N ALA D 264 -21.08 -28.98 33.74
CA ALA D 264 -20.41 -28.86 32.46
C ALA D 264 -20.13 -30.23 31.86
N LEU D 265 -20.23 -30.29 30.54
CA LEU D 265 -20.12 -31.54 29.82
C LEU D 265 -18.67 -31.91 29.59
N VAL D 266 -18.43 -33.19 29.31
CA VAL D 266 -17.08 -33.67 29.08
C VAL D 266 -16.79 -33.94 27.60
N CYS D 267 -17.78 -34.31 26.82
CA CYS D 267 -17.57 -34.71 25.43
C CYS D 267 -18.64 -34.07 24.58
N CYS D 268 -18.23 -33.18 23.69
CA CYS D 268 -19.17 -32.49 22.82
C CYS D 268 -19.83 -33.44 21.82
N GLU D 269 -19.16 -34.55 21.49
CA GLU D 269 -19.70 -35.49 20.51
C GLU D 269 -20.91 -36.23 21.06
N GLN D 270 -20.95 -36.49 22.36
CA GLN D 270 -22.12 -37.13 22.95
C GLN D 270 -23.31 -36.19 22.97
N LEU D 271 -23.06 -34.90 23.19
CA LEU D 271 -24.14 -33.91 23.11
C LEU D 271 -24.67 -33.81 21.69
N LYS D 272 -23.77 -33.78 20.70
CA LYS D 272 -24.18 -33.78 19.30
C LYS D 272 -25.01 -35.01 18.96
N PHE D 273 -24.61 -36.17 19.49
CA PHE D 273 -25.35 -37.40 19.27
C PHE D 273 -26.75 -37.34 19.87
N VAL D 274 -26.87 -36.86 21.11
CA VAL D 274 -28.16 -36.88 21.77
C VAL D 274 -29.11 -35.87 21.15
N LEU D 275 -28.59 -34.69 20.78
CA LEU D 275 -29.42 -33.69 20.13
C LEU D 275 -29.88 -34.16 18.75
N THR D 276 -28.98 -34.77 17.98
CA THR D 276 -29.36 -35.30 16.67
C THR D 276 -30.33 -36.46 16.81
N THR D 277 -30.18 -37.26 17.87
CA THR D 277 -31.04 -38.42 18.06
C THR D 277 -32.46 -38.02 18.43
N MET D 278 -32.61 -37.06 19.33
CA MET D 278 -33.97 -36.67 19.66
C MET D 278 -34.57 -35.69 18.67
N HIS D 279 -33.75 -35.01 17.85
CA HIS D 279 -34.30 -34.26 16.72
C HIS D 279 -34.80 -35.18 15.63
N HIS D 280 -34.09 -36.28 15.38
CA HIS D 280 -34.60 -37.33 14.50
C HIS D 280 -35.83 -38.00 15.09
N PHE D 281 -35.95 -38.00 16.42
CA PHE D 281 -37.11 -38.57 17.08
C PHE D 281 -38.32 -37.67 16.93
N LEU D 282 -38.11 -36.35 16.91
CA LEU D 282 -39.21 -35.43 16.73
C LEU D 282 -39.62 -35.29 15.26
N ASP D 283 -38.65 -35.39 14.33
CA ASP D 283 -38.95 -35.24 12.90
C ASP D 283 -39.93 -36.29 12.41
N ASN D 284 -39.74 -37.53 12.82
CA ASN D 284 -40.59 -38.61 12.36
C ASN D 284 -41.85 -38.77 13.18
N LYS D 285 -42.16 -37.79 14.04
CA LYS D 285 -43.34 -37.76 14.90
C LYS D 285 -43.43 -38.99 15.78
N TYR D 286 -42.27 -39.49 16.21
CA TYR D 286 -42.20 -40.64 17.09
C TYR D 286 -42.43 -40.22 18.52
N GLY D 287 -43.15 -41.04 19.26
CA GLY D 287 -43.37 -40.79 20.67
C GLY D 287 -44.21 -39.57 20.99
N LEU D 288 -45.42 -39.51 20.43
CA LEU D 288 -46.39 -38.52 20.83
C LEU D 288 -47.43 -39.19 21.72
N LEU D 289 -47.59 -38.67 22.93
CA LEU D 289 -48.50 -39.26 23.90
C LEU D 289 -49.01 -38.15 24.80
N ASP D 290 -50.26 -38.27 25.23
CA ASP D 290 -50.91 -37.22 25.98
C ASP D 290 -50.33 -37.13 27.38
N ASN D 291 -50.20 -35.89 27.87
CA ASN D 291 -49.69 -35.45 29.19
C ASN D 291 -48.53 -36.30 29.73
N ASP D 292 -47.52 -36.45 28.89
CA ASP D 292 -46.31 -37.19 29.22
C ASP D 292 -45.12 -36.25 29.19
N PRO D 293 -44.34 -36.14 30.25
CA PRO D 293 -43.36 -35.06 30.36
C PRO D 293 -42.01 -35.33 29.72
N THR D 294 -41.83 -36.50 29.11
CA THR D 294 -40.50 -37.06 28.89
C THR D 294 -39.69 -36.25 27.89
N MET D 295 -40.26 -35.97 26.72
CA MET D 295 -39.56 -35.19 25.70
C MET D 295 -39.38 -33.74 26.15
N ALA D 296 -40.34 -33.22 26.89
CA ALA D 296 -40.21 -31.88 27.46
C ALA D 296 -39.07 -31.80 28.45
N LYS D 297 -38.92 -32.84 29.29
CA LYS D 297 -37.80 -32.90 30.23
C LYS D 297 -36.48 -32.97 29.48
N GLY D 298 -36.43 -33.76 28.41
CA GLY D 298 -35.19 -33.87 27.63
C GLY D 298 -34.78 -32.55 27.01
N ILE D 299 -35.73 -31.84 26.41
CA ILE D 299 -35.44 -30.57 25.75
C ILE D 299 -35.02 -29.52 26.78
N LEU D 300 -35.70 -29.48 27.92
CA LEU D 300 -35.39 -28.46 28.93
C LEU D 300 -34.07 -28.75 29.64
N ARG D 301 -33.80 -30.01 29.97
CA ARG D 301 -32.53 -30.39 30.59
C ARG D 301 -31.36 -30.11 29.66
N LEU D 302 -31.48 -30.47 28.38
CA LEU D 302 -30.36 -30.28 27.48
C LEU D 302 -30.18 -28.83 27.10
N TYR D 303 -31.25 -28.03 27.13
CA TYR D 303 -31.03 -26.61 26.94
C TYR D 303 -30.43 -25.97 28.19
N SER D 304 -30.74 -26.53 29.37
CA SER D 304 -30.17 -26.03 30.61
C SER D 304 -28.67 -26.26 30.68
N LEU D 305 -28.19 -27.33 30.04
CA LEU D 305 -26.76 -27.55 29.95
C LEU D 305 -26.10 -26.64 28.93
N CYS D 306 -26.88 -25.96 28.08
CA CYS D 306 -26.35 -25.15 27.00
C CYS D 306 -26.92 -23.72 27.03
N ILE D 307 -26.94 -23.08 28.19
CA ILE D 307 -27.58 -21.77 28.32
C ILE D 307 -26.71 -20.68 27.70
N SER D 308 -25.51 -20.49 28.26
CA SER D 308 -24.61 -19.47 27.74
C SER D 308 -23.17 -19.94 27.69
N ASN D 309 -22.94 -21.23 27.82
CA ASN D 309 -21.61 -21.79 27.89
C ASN D 309 -21.06 -22.02 26.48
N ASP D 310 -20.00 -22.81 26.37
CA ASP D 310 -19.37 -23.10 25.10
C ASP D 310 -20.22 -23.97 24.18
N PHE D 311 -21.30 -24.57 24.67
CA PHE D 311 -22.07 -25.53 23.91
C PHE D 311 -23.38 -24.96 23.39
N SER D 312 -23.53 -23.63 23.39
CA SER D 312 -24.77 -23.04 22.90
C SER D 312 -24.87 -23.14 21.38
N LYS D 313 -23.74 -22.94 20.69
CA LYS D 313 -23.70 -23.16 19.25
C LYS D 313 -23.95 -24.62 18.92
N CYS D 314 -23.40 -25.52 19.74
CA CYS D 314 -23.64 -26.95 19.59
C CYS D 314 -25.10 -27.31 19.83
N PHE D 315 -25.80 -26.52 20.64
CA PHE D 315 -27.23 -26.76 20.81
C PHE D 315 -28.02 -26.28 19.62
N VAL D 316 -27.74 -25.05 19.17
CA VAL D 316 -28.58 -24.45 18.14
C VAL D 316 -28.30 -25.06 16.77
N ASP D 317 -27.12 -25.64 16.55
CA ASP D 317 -26.84 -26.23 15.26
C ASP D 317 -27.39 -27.64 15.14
N HIS D 318 -27.37 -28.40 16.24
CA HIS D 318 -27.71 -29.81 16.18
C HIS D 318 -29.11 -30.10 16.68
N PHE D 319 -29.74 -29.17 17.38
CA PHE D 319 -31.15 -29.25 17.70
C PHE D 319 -31.81 -27.99 17.15
N PRO D 320 -32.07 -27.95 15.84
CA PRO D 320 -32.66 -26.74 15.26
C PRO D 320 -34.14 -26.66 15.59
N ILE D 321 -34.57 -25.48 16.03
CA ILE D 321 -35.91 -25.30 16.55
C ILE D 321 -36.75 -24.32 15.72
N ASP D 322 -36.13 -23.49 14.89
CA ASP D 322 -36.80 -22.35 14.27
C ASP D 322 -37.50 -22.76 12.96
N GLN D 323 -37.88 -24.03 12.82
CA GLN D 323 -38.53 -24.52 11.61
C GLN D 323 -39.78 -25.33 11.97
N TRP D 324 -40.26 -25.16 13.19
CA TRP D 324 -41.52 -25.70 13.67
C TRP D 324 -42.40 -24.59 14.21
N ALA D 325 -42.05 -23.34 13.95
CA ALA D 325 -42.54 -22.20 14.72
C ALA D 325 -44.04 -21.98 14.65
N ASP D 326 -44.55 -21.53 13.49
CA ASP D 326 -45.98 -21.39 13.20
C ASP D 326 -46.72 -20.60 14.28
N PHE D 327 -46.40 -19.30 14.34
CA PHE D 327 -46.92 -18.41 15.37
C PHE D 327 -48.43 -18.23 15.33
N SER D 328 -49.08 -18.51 14.20
CA SER D 328 -50.45 -18.09 13.98
C SER D 328 -51.48 -18.98 14.65
N GLN D 329 -51.08 -20.03 15.36
CA GLN D 329 -52.03 -21.01 15.89
C GLN D 329 -51.89 -21.13 17.40
N SER D 330 -53.03 -21.43 18.06
CA SER D 330 -53.01 -21.71 19.49
C SER D 330 -52.32 -23.03 19.78
N GLU D 331 -52.46 -24.02 18.89
CA GLU D 331 -51.61 -25.21 18.89
C GLU D 331 -50.27 -24.75 18.33
N HIS D 332 -49.42 -24.23 19.23
CA HIS D 332 -48.36 -23.32 18.82
C HIS D 332 -47.21 -24.03 18.12
N PHE D 333 -46.73 -25.14 18.65
CA PHE D 333 -45.77 -26.01 17.99
C PHE D 333 -46.52 -27.31 17.72
N PRO D 334 -46.00 -28.19 16.84
CA PRO D 334 -46.86 -29.30 16.41
C PRO D 334 -47.10 -30.42 17.41
N PHE D 335 -46.24 -30.65 18.40
CA PHE D 335 -46.22 -32.00 18.95
C PHE D 335 -47.27 -32.33 20.01
N THR D 336 -47.08 -31.85 21.24
CA THR D 336 -47.98 -32.10 22.37
C THR D 336 -47.77 -30.94 23.32
N GLN D 337 -48.80 -30.70 24.17
CA GLN D 337 -48.90 -29.46 24.94
C GLN D 337 -47.71 -29.26 25.87
N LEU D 338 -47.22 -30.34 26.48
CA LEU D 338 -46.01 -30.24 27.28
C LEU D 338 -44.78 -30.03 26.41
N THR D 339 -44.68 -30.79 25.32
CA THR D 339 -43.52 -30.68 24.44
C THR D 339 -43.53 -29.34 23.71
N ASN D 340 -44.71 -28.89 23.27
CA ASN D 340 -44.82 -27.59 22.62
C ASN D 340 -44.51 -26.47 23.60
N LYS D 341 -44.90 -26.65 24.86
CA LYS D 341 -44.62 -25.65 25.88
C LYS D 341 -43.13 -25.55 26.18
N ALA D 342 -42.45 -26.69 26.33
CA ALA D 342 -41.02 -26.70 26.60
C ALA D 342 -40.23 -26.16 25.43
N LEU D 343 -40.61 -26.55 24.21
CA LEU D 343 -39.96 -26.05 23.02
C LEU D 343 -40.21 -24.56 22.83
N SER D 344 -41.39 -24.07 23.24
CA SER D 344 -41.66 -22.65 23.17
C SER D 344 -40.80 -21.87 24.16
N ILE D 345 -40.54 -22.46 25.33
CA ILE D 345 -39.68 -21.79 26.31
C ILE D 345 -38.23 -21.75 25.82
N VAL D 346 -37.78 -22.84 25.21
CA VAL D 346 -36.44 -22.88 24.62
C VAL D 346 -36.32 -21.88 23.48
N TYR D 347 -37.36 -21.79 22.65
CA TYR D 347 -37.38 -20.82 21.55
C TYR D 347 -37.38 -19.40 22.08
N PHE D 348 -38.11 -19.16 23.17
CA PHE D 348 -38.17 -17.85 23.78
C PHE D 348 -36.81 -17.43 24.33
N ASP D 349 -36.09 -18.38 24.94
CA ASP D 349 -34.80 -18.03 25.53
C ASP D 349 -33.75 -17.82 24.45
N LEU D 350 -33.79 -18.63 23.38
CA LEU D 350 -32.88 -18.42 22.26
C LEU D 350 -33.16 -17.10 21.56
N LYS D 351 -34.44 -16.76 21.39
CA LYS D 351 -34.77 -15.50 20.75
C LYS D 351 -34.45 -14.31 21.63
N ARG D 352 -34.52 -14.48 22.96
CA ARG D 352 -34.14 -13.41 23.87
C ARG D 352 -32.65 -13.15 23.81
N ARG D 353 -31.83 -14.19 23.92
CA ARG D 353 -30.39 -13.95 23.83
C ARG D 353 -29.91 -13.66 22.42
N SER D 354 -30.74 -13.86 21.40
CA SER D 354 -30.38 -13.38 20.07
C SER D 354 -30.50 -11.87 19.99
N LEU D 355 -31.62 -11.32 20.45
CA LEU D 355 -31.91 -9.90 20.32
C LEU D 355 -30.99 -9.06 21.20
N PRO D 356 -30.79 -7.78 20.85
CA PRO D 356 -29.98 -6.90 21.70
C PRO D 356 -30.67 -6.56 23.02
N VAL D 357 -29.92 -5.86 23.86
CA VAL D 357 -30.40 -5.49 25.19
C VAL D 357 -31.52 -4.46 25.09
N GLU D 358 -31.35 -3.47 24.21
CA GLU D 358 -32.32 -2.40 24.05
C GLU D 358 -33.64 -2.90 23.47
N ALA D 359 -33.64 -4.04 22.78
CA ALA D 359 -34.87 -4.58 22.22
C ALA D 359 -35.69 -5.36 23.24
N LEU D 360 -35.23 -5.47 24.48
CA LEU D 360 -35.95 -6.24 25.49
C LEU D 360 -36.11 -5.40 26.75
N LYS D 361 -37.20 -5.64 27.47
CA LYS D 361 -37.55 -4.89 28.65
C LYS D 361 -37.80 -5.86 29.80
N TYR D 362 -37.79 -5.31 31.01
CA TYR D 362 -38.00 -6.11 32.21
C TYR D 362 -39.48 -6.11 32.56
N ASP D 363 -39.97 -7.28 32.98
CA ASP D 363 -41.41 -7.47 33.12
C ASP D 363 -41.96 -6.75 34.35
N ASN D 364 -41.26 -6.86 35.49
CA ASN D 364 -41.68 -6.46 36.83
C ASN D 364 -42.93 -7.19 37.32
N LYS D 365 -43.38 -8.23 36.62
CA LYS D 365 -44.46 -9.09 37.07
C LYS D 365 -44.01 -10.53 37.26
N PHE D 366 -43.42 -11.13 36.23
CA PHE D 366 -42.86 -12.46 36.31
C PHE D 366 -41.36 -12.44 36.55
N ASN D 367 -40.77 -11.24 36.64
CA ASN D 367 -39.34 -11.03 36.91
C ASN D 367 -38.45 -11.69 35.86
N ILE D 368 -38.88 -11.63 34.61
CA ILE D 368 -38.11 -12.15 33.49
C ILE D 368 -37.98 -11.06 32.44
N TRP D 369 -36.83 -11.01 31.79
CA TRP D 369 -36.66 -10.11 30.66
C TRP D 369 -37.40 -10.69 29.45
N VAL D 370 -37.96 -9.80 28.64
CA VAL D 370 -38.89 -10.22 27.60
C VAL D 370 -38.83 -9.19 26.46
N TYR D 371 -39.03 -9.66 25.24
CA TYR D 371 -39.09 -8.79 24.07
C TYR D 371 -40.54 -8.40 23.76
N GLN D 372 -40.69 -7.52 22.77
CA GLN D 372 -42.02 -7.08 22.33
C GLN D 372 -42.77 -8.26 21.71
N SER D 373 -43.96 -8.53 22.27
CA SER D 373 -44.53 -9.86 22.32
C SER D 373 -44.81 -10.49 20.96
N GLU D 374 -45.81 -9.99 20.22
CA GLU D 374 -46.24 -10.47 18.90
C GLU D 374 -47.38 -9.59 18.40
N PRO D 375 -47.77 -9.68 17.12
CA PRO D 375 -49.11 -9.21 16.76
C PRO D 375 -50.20 -10.06 17.38
N ASP D 376 -49.97 -11.36 17.53
CA ASP D 376 -50.80 -12.25 18.33
C ASP D 376 -50.29 -12.22 19.77
N SER D 377 -50.66 -13.20 20.60
CA SER D 377 -50.08 -13.26 21.93
C SER D 377 -48.71 -13.94 21.93
N SER D 378 -48.69 -15.24 21.66
CA SER D 378 -47.52 -16.14 21.59
C SER D 378 -46.66 -16.15 22.86
N LEU D 379 -47.10 -15.51 23.94
CA LEU D 379 -46.33 -15.43 25.19
C LEU D 379 -47.05 -16.09 26.34
N LYS D 380 -48.18 -16.75 26.10
CA LYS D 380 -48.89 -17.43 27.16
C LYS D 380 -48.09 -18.62 27.68
N ASN D 381 -47.83 -19.61 26.82
CA ASN D 381 -47.28 -20.90 27.26
C ASN D 381 -45.87 -20.79 27.80
N VAL D 382 -45.16 -19.69 27.56
CA VAL D 382 -43.83 -19.56 28.14
C VAL D 382 -43.93 -19.19 29.62
N THR D 383 -45.01 -18.52 30.03
CA THR D 383 -45.18 -18.08 31.41
C THR D 383 -46.63 -18.20 31.89
N SER D 384 -47.27 -19.34 31.64
CA SER D 384 -48.74 -19.41 31.66
C SER D 384 -49.46 -19.19 32.99
N PRO D 385 -48.92 -19.50 34.21
CA PRO D 385 -47.70 -20.08 34.76
C PRO D 385 -47.68 -21.57 34.54
N PHE D 386 -46.70 -22.24 35.11
CA PHE D 386 -46.28 -23.52 34.55
C PHE D 386 -47.24 -24.63 34.95
N ASP D 387 -46.94 -25.83 34.46
CA ASP D 387 -47.93 -26.86 34.19
C ASP D 387 -48.45 -27.61 35.40
N ASP D 388 -49.06 -28.77 35.13
CA ASP D 388 -49.50 -29.74 36.13
C ASP D 388 -48.33 -30.17 37.03
N ARG D 389 -48.65 -30.87 38.11
CA ARG D 389 -47.64 -31.21 39.11
C ARG D 389 -46.67 -32.25 38.55
N TYR D 390 -45.69 -31.73 37.83
CA TYR D 390 -44.52 -32.43 37.30
C TYR D 390 -43.34 -31.62 37.83
N LYS D 391 -42.88 -31.97 39.03
CA LYS D 391 -42.22 -31.01 39.92
C LYS D 391 -40.89 -30.51 39.36
N GLN D 392 -40.22 -31.30 38.53
CA GLN D 392 -38.94 -30.84 37.98
C GLN D 392 -39.14 -29.87 36.83
N LEU D 393 -40.29 -29.95 36.15
CA LEU D 393 -40.50 -29.19 34.92
C LEU D 393 -40.55 -27.70 35.19
N GLU D 394 -41.33 -27.28 36.19
CA GLU D 394 -41.46 -25.86 36.47
C GLU D 394 -40.19 -25.26 37.03
N LYS D 395 -39.33 -26.06 37.67
CA LYS D 395 -38.09 -25.47 38.13
C LYS D 395 -37.05 -25.41 37.03
N LEU D 396 -37.08 -26.39 36.11
CA LEU D 396 -36.32 -26.25 34.85
C LEU D 396 -36.73 -24.99 34.11
N ARG D 397 -38.03 -24.73 34.06
CA ARG D 397 -38.54 -23.57 33.33
C ARG D 397 -38.21 -22.27 34.05
N LEU D 398 -38.23 -22.27 35.39
CA LEU D 398 -37.74 -21.14 36.14
C LEU D 398 -36.26 -20.88 35.92
N LEU D 399 -35.45 -21.94 35.84
CA LEU D 399 -34.01 -21.73 35.62
C LEU D 399 -33.74 -21.19 34.23
N VAL D 400 -34.44 -21.72 33.23
CA VAL D 400 -34.29 -21.26 31.85
C VAL D 400 -34.73 -19.80 31.72
N LEU D 401 -35.81 -19.43 32.40
CA LEU D 401 -36.28 -18.05 32.27
C LEU D 401 -35.52 -17.07 33.16
N LYS D 402 -34.96 -17.53 34.27
CA LYS D 402 -34.37 -16.64 35.25
C LYS D 402 -32.86 -16.59 35.21
N LYS D 403 -32.21 -17.45 34.41
CA LYS D 403 -30.75 -17.39 34.30
C LYS D 403 -30.26 -16.17 33.53
N PHE D 404 -31.14 -15.45 32.84
CA PHE D 404 -30.77 -14.27 32.08
C PHE D 404 -30.57 -13.05 32.97
N ASN D 405 -31.04 -13.10 34.22
CA ASN D 405 -31.24 -11.90 35.05
C ASN D 405 -29.95 -11.19 35.40
N LYS D 406 -28.81 -11.90 35.39
CA LYS D 406 -27.48 -11.34 35.66
C LYS D 406 -27.42 -10.67 37.03
N THR D 407 -28.11 -11.26 38.00
CA THR D 407 -28.20 -10.73 39.35
C THR D 407 -26.95 -11.09 40.15
N GLU D 408 -27.03 -10.97 41.47
CA GLU D 408 -25.98 -11.48 42.35
C GLU D 408 -25.85 -12.98 42.14
N ARG D 409 -24.72 -13.42 41.59
CA ARG D 409 -24.51 -14.81 41.25
C ARG D 409 -24.38 -15.66 42.51
N GLY D 410 -24.70 -16.94 42.37
CA GLY D 410 -24.72 -17.83 43.52
C GLY D 410 -23.33 -18.09 44.05
N THR D 411 -23.18 -18.02 45.36
CA THR D 411 -21.89 -18.13 46.02
C THR D 411 -22.09 -19.02 47.23
N LEU D 412 -21.02 -19.69 47.65
CA LEU D 412 -21.16 -20.79 48.61
C LEU D 412 -21.53 -20.28 50.01
N LEU D 413 -20.82 -19.27 50.51
CA LEU D 413 -21.17 -18.76 51.83
C LEU D 413 -22.43 -17.92 51.79
N LYS D 414 -22.74 -17.29 50.65
CA LYS D 414 -24.01 -16.62 50.50
C LYS D 414 -25.15 -17.63 50.47
N TYR D 415 -24.91 -18.81 49.90
CA TYR D 415 -25.87 -19.89 50.00
C TYR D 415 -26.06 -20.31 51.45
N ARG D 416 -24.97 -20.57 52.15
CA ARG D 416 -25.09 -21.11 53.49
C ARG D 416 -25.48 -20.08 54.53
N VAL D 417 -25.57 -18.79 54.19
CA VAL D 417 -26.25 -17.88 55.08
C VAL D 417 -27.70 -17.71 54.62
N ASN D 418 -27.97 -17.84 53.32
CA ASN D 418 -29.36 -17.81 52.88
C ASN D 418 -30.09 -19.12 53.18
N GLN D 419 -29.36 -20.21 53.34
CA GLN D 419 -29.93 -21.46 53.83
C GLN D 419 -30.18 -21.39 55.34
N LEU D 420 -29.54 -20.45 56.02
CA LEU D 420 -29.55 -20.41 57.47
C LEU D 420 -30.41 -19.27 58.01
N SER D 421 -30.15 -18.03 57.59
CA SER D 421 -31.02 -16.89 57.85
C SER D 421 -31.70 -16.53 56.55
N PRO D 422 -32.89 -17.08 56.28
CA PRO D 422 -33.44 -17.02 54.92
C PRO D 422 -33.89 -15.62 54.52
N GLY D 423 -33.53 -15.22 53.31
CA GLY D 423 -33.83 -13.89 52.84
C GLY D 423 -33.01 -12.86 53.57
N PHE D 424 -31.69 -12.95 53.45
CA PHE D 424 -30.82 -11.99 54.11
C PHE D 424 -30.35 -10.87 53.19
N PHE D 425 -30.18 -11.12 51.90
CA PHE D 425 -29.59 -10.13 51.00
C PHE D 425 -30.64 -9.28 50.29
N GLN D 426 -31.76 -9.01 50.94
CA GLN D 426 -32.72 -8.01 50.50
C GLN D 426 -32.39 -6.61 51.03
N ARG D 427 -31.13 -6.39 51.40
CA ARG D 427 -30.66 -5.20 52.09
C ARG D 427 -29.33 -4.82 51.46
N ALA D 428 -28.52 -4.02 52.19
CA ALA D 428 -27.13 -3.79 51.81
C ALA D 428 -26.38 -5.09 51.56
N GLY D 429 -26.29 -5.95 52.57
CA GLY D 429 -25.77 -7.28 52.38
C GLY D 429 -24.26 -7.37 52.23
N ASN D 430 -23.73 -6.81 51.14
CA ASN D 430 -22.30 -6.87 50.84
C ASN D 430 -21.46 -6.02 51.79
N ASP D 431 -22.07 -5.13 52.56
CA ASP D 431 -21.36 -4.47 53.64
C ASP D 431 -21.06 -5.47 54.75
N PHE D 432 -19.86 -5.35 55.32
CA PHE D 432 -19.30 -6.44 56.10
C PHE D 432 -19.60 -6.35 57.59
N LYS D 433 -19.85 -5.15 58.11
CA LYS D 433 -20.03 -4.99 59.55
C LYS D 433 -21.37 -5.54 60.03
N LEU D 434 -22.36 -5.59 59.15
CA LEU D 434 -23.71 -5.94 59.57
C LEU D 434 -23.92 -7.45 59.68
N ILE D 435 -23.24 -8.25 58.86
CA ILE D 435 -23.38 -9.70 58.94
C ILE D 435 -22.74 -10.23 60.21
N LEU D 436 -21.69 -9.57 60.71
CA LEU D 436 -21.12 -9.94 62.01
C LEU D 436 -22.12 -9.72 63.14
N ASN D 437 -22.87 -8.62 63.10
CA ASN D 437 -23.84 -8.38 64.16
C ASN D 437 -25.08 -9.24 64.02
N GLU D 438 -25.46 -9.60 62.79
CA GLU D 438 -26.55 -10.57 62.60
C GLU D 438 -26.16 -11.93 63.13
N ALA D 439 -24.93 -12.38 62.82
CA ALA D 439 -24.42 -13.62 63.38
C ALA D 439 -24.24 -13.53 64.88
N SER D 440 -23.95 -12.33 65.41
CA SER D 440 -23.78 -12.16 66.84
C SER D 440 -25.12 -12.26 67.56
N VAL D 441 -26.18 -11.64 67.03
CA VAL D 441 -27.47 -11.73 67.72
C VAL D 441 -28.07 -13.12 67.53
N SER D 442 -27.75 -13.81 66.44
CA SER D 442 -28.19 -15.19 66.33
C SER D 442 -27.30 -16.16 67.09
N ILE D 443 -26.10 -15.73 67.50
CA ILE D 443 -25.19 -16.61 68.22
C ILE D 443 -25.24 -16.35 69.72
N GLN D 444 -25.83 -15.25 70.17
CA GLN D 444 -25.95 -14.98 71.59
C GLN D 444 -27.31 -15.31 72.14
N THR D 445 -28.37 -15.15 71.34
CA THR D 445 -29.73 -15.07 71.88
C THR D 445 -30.60 -16.25 71.48
N CYS D 446 -30.75 -16.52 70.18
CA CYS D 446 -31.90 -17.27 69.69
C CYS D 446 -31.79 -18.78 69.88
N PHE D 447 -30.88 -19.25 70.72
CA PHE D 447 -30.80 -20.66 71.07
C PHE D 447 -31.03 -20.81 72.57
N LYS D 448 -31.87 -21.76 72.97
CA LYS D 448 -31.91 -22.18 74.35
C LYS D 448 -31.09 -23.44 74.55
N THR D 449 -31.51 -24.55 73.95
CA THR D 449 -30.67 -25.72 73.77
C THR D 449 -30.94 -26.45 72.48
N ASN D 450 -31.80 -25.93 71.60
CA ASN D 450 -32.36 -26.71 70.51
C ASN D 450 -31.40 -26.84 69.35
N ASN D 451 -30.48 -25.90 69.20
CA ASN D 451 -29.69 -25.81 67.98
C ASN D 451 -28.39 -26.60 68.07
N ILE D 452 -28.48 -27.93 68.27
CA ILE D 452 -27.27 -28.74 68.19
C ILE D 452 -26.88 -29.06 66.76
N THR D 453 -27.62 -28.51 65.78
CA THR D 453 -27.33 -28.55 64.36
C THR D 453 -27.13 -27.16 63.78
N ARG D 454 -27.99 -26.22 64.19
CA ARG D 454 -27.89 -24.87 63.69
C ARG D 454 -26.65 -24.17 64.20
N LEU D 455 -26.19 -24.49 65.42
CA LEU D 455 -24.92 -23.94 65.88
C LEU D 455 -23.74 -24.50 65.10
N THR D 456 -23.82 -25.73 64.61
CA THR D 456 -22.75 -26.24 63.75
C THR D 456 -22.76 -25.53 62.40
N SER D 457 -23.95 -25.23 61.89
CA SER D 457 -24.00 -24.40 60.69
C SER D 457 -23.52 -22.98 60.96
N TRP D 458 -23.80 -22.45 62.15
CA TRP D 458 -23.29 -21.12 62.47
C TRP D 458 -21.78 -21.12 62.64
N THR D 459 -21.20 -22.20 63.13
CA THR D 459 -19.75 -22.19 63.26
C THR D 459 -19.05 -22.52 61.95
N VAL D 460 -19.72 -23.18 60.99
CA VAL D 460 -19.08 -23.25 59.68
C VAL D 460 -19.17 -21.90 58.97
N ILE D 461 -20.22 -21.11 59.25
CA ILE D 461 -20.28 -19.74 58.74
C ILE D 461 -19.23 -18.87 59.41
N LEU D 462 -19.04 -19.04 60.73
CA LEU D 462 -18.01 -18.28 61.43
C LEU D 462 -16.61 -18.72 61.00
N GLY D 463 -16.47 -19.96 60.53
CA GLY D 463 -15.22 -20.35 59.93
C GLY D 463 -14.98 -19.63 58.61
N ARG D 464 -16.00 -19.58 57.76
CA ARG D 464 -15.79 -18.99 56.43
C ARG D 464 -15.76 -17.47 56.48
N LEU D 465 -16.52 -16.84 57.38
CA LEU D 465 -16.47 -15.39 57.52
C LEU D 465 -15.15 -14.93 58.11
N ALA D 466 -14.47 -15.81 58.86
CA ALA D 466 -13.19 -15.48 59.46
C ALA D 466 -12.13 -15.24 58.40
N CYS D 467 -12.13 -16.07 57.36
CA CYS D 467 -11.26 -15.84 56.23
C CYS D 467 -11.60 -14.54 55.52
N LEU D 468 -12.89 -14.28 55.33
CA LEU D 468 -13.31 -13.09 54.58
C LEU D 468 -13.01 -11.81 55.36
N GLU D 469 -12.91 -11.90 56.69
CA GLU D 469 -12.42 -10.78 57.46
C GLU D 469 -10.94 -10.56 57.20
N SER D 470 -10.20 -11.62 56.92
CA SER D 470 -8.75 -11.52 56.79
C SER D 470 -8.35 -10.95 55.43
N GLU D 471 -9.30 -10.84 54.50
CA GLU D 471 -8.96 -10.34 53.18
C GLU D 471 -8.94 -8.82 53.12
N LYS D 472 -9.35 -8.14 54.18
CA LYS D 472 -9.09 -6.72 54.29
C LYS D 472 -7.84 -6.50 55.12
N PHE D 473 -7.10 -5.44 54.76
CA PHE D 473 -5.64 -5.29 54.94
C PHE D 473 -4.88 -6.60 54.71
N SER D 474 -5.21 -7.28 53.61
CA SER D 474 -4.53 -8.51 53.24
C SER D 474 -3.18 -8.22 52.61
N SER D 480 -8.66 -4.07 50.76
CA SER D 480 -9.71 -3.06 50.77
C SER D 480 -10.39 -2.95 49.40
N THR D 481 -10.51 -4.08 48.70
CA THR D 481 -11.07 -4.08 47.36
C THR D 481 -12.12 -5.19 47.24
N LYS D 482 -11.96 -6.24 48.04
CA LYS D 482 -12.76 -7.45 47.89
C LYS D 482 -14.18 -7.22 48.43
N ASP D 483 -15.02 -8.24 48.29
CA ASP D 483 -16.44 -8.07 48.58
C ASP D 483 -17.03 -9.41 49.00
N MET D 484 -18.25 -9.34 49.52
CA MET D 484 -18.98 -10.50 50.00
C MET D 484 -19.41 -11.43 48.87
N ASP D 485 -19.72 -10.87 47.69
CA ASP D 485 -20.38 -11.65 46.65
C ASP D 485 -19.40 -12.48 45.84
N ASN D 486 -18.26 -11.91 45.45
CA ASN D 486 -17.24 -12.64 44.70
C ASN D 486 -16.16 -13.22 45.61
N TRP D 487 -16.59 -13.95 46.63
CA TRP D 487 -15.68 -14.73 47.48
C TRP D 487 -16.16 -16.18 47.39
N TYR D 488 -15.55 -16.96 46.51
CA TYR D 488 -16.01 -18.34 46.32
C TYR D 488 -15.44 -19.24 47.39
N VAL D 489 -14.11 -19.34 47.46
CA VAL D 489 -13.40 -20.12 48.46
C VAL D 489 -12.18 -19.33 48.91
N CYS D 490 -11.52 -19.83 49.94
CA CYS D 490 -10.34 -19.17 50.48
C CYS D 490 -9.13 -19.41 49.59
N HIS D 491 -8.27 -18.42 49.50
CA HIS D 491 -7.04 -18.58 48.73
C HIS D 491 -5.95 -19.27 49.52
N LEU D 492 -6.17 -19.53 50.80
CA LEU D 492 -5.17 -20.09 51.70
C LEU D 492 -5.68 -21.35 52.39
N CYS D 493 -6.94 -21.36 52.82
CA CYS D 493 -7.45 -22.50 53.55
C CYS D 493 -8.15 -23.49 52.67
N ASP D 494 -8.44 -23.13 51.42
CA ASP D 494 -9.21 -23.99 50.53
C ASP D 494 -8.39 -24.49 49.35
N ILE D 495 -7.80 -23.61 48.58
CA ILE D 495 -6.84 -24.08 47.59
C ILE D 495 -5.52 -24.29 48.29
N GLU D 496 -4.74 -25.25 47.82
CA GLU D 496 -3.47 -25.50 48.46
C GLU D 496 -2.40 -25.71 47.40
N LYS D 497 -1.16 -25.48 47.80
CA LYS D 497 -0.03 -25.46 46.90
C LYS D 497 0.95 -26.56 47.29
N THR D 498 2.10 -26.57 46.64
CA THR D 498 3.09 -27.59 46.90
C THR D 498 4.06 -27.12 47.98
N GLY D 499 4.85 -28.06 48.49
CA GLY D 499 5.83 -27.74 49.49
C GLY D 499 5.26 -27.80 50.89
N ASN D 500 5.98 -27.14 51.79
CA ASN D 500 5.57 -27.06 53.19
C ASN D 500 4.32 -26.20 53.31
N PRO D 501 3.20 -26.74 53.80
CA PRO D 501 1.96 -25.96 53.85
C PRO D 501 1.95 -24.88 54.92
N PHE D 502 2.92 -24.84 55.82
CA PHE D 502 2.96 -23.85 56.87
C PHE D 502 3.94 -22.73 56.57
N VAL D 503 4.51 -22.73 55.37
CA VAL D 503 5.21 -21.56 54.88
C VAL D 503 4.21 -20.51 54.42
N ARG D 504 3.02 -20.93 54.03
CA ARG D 504 2.03 -20.02 53.46
C ARG D 504 1.41 -19.11 54.51
N ILE D 505 1.23 -19.59 55.73
CA ILE D 505 0.60 -18.79 56.77
C ILE D 505 1.61 -17.81 57.35
N ASN D 506 1.15 -16.60 57.62
CA ASN D 506 2.04 -15.48 57.88
C ASN D 506 2.44 -15.48 59.36
N PRO D 507 3.73 -15.34 59.68
CA PRO D 507 4.09 -15.13 61.09
C PRO D 507 3.54 -13.84 61.67
N ASN D 508 3.75 -12.71 61.01
CA ASN D 508 3.23 -11.43 61.51
C ASN D 508 1.88 -11.08 60.90
N ARG D 509 0.96 -12.02 60.96
CA ARG D 509 -0.43 -11.76 60.64
C ARG D 509 -1.08 -11.13 61.88
N PRO D 510 -2.24 -10.48 61.73
CA PRO D 510 -2.87 -9.85 62.90
C PRO D 510 -3.31 -10.87 63.94
N GLU D 511 -3.26 -10.45 65.20
CA GLU D 511 -3.64 -11.31 66.31
C GLU D 511 -5.14 -11.52 66.33
N ALA D 512 -5.56 -12.65 66.88
CA ALA D 512 -6.96 -13.04 66.78
C ALA D 512 -7.84 -12.24 67.72
N ALA D 513 -7.43 -12.11 68.98
CA ALA D 513 -8.23 -11.39 69.95
C ALA D 513 -8.23 -9.88 69.69
N GLY D 514 -7.10 -9.35 69.21
CA GLY D 514 -6.99 -7.91 69.04
C GLY D 514 -7.79 -7.36 67.89
N LYS D 515 -7.82 -8.06 66.77
CA LYS D 515 -8.42 -7.50 65.56
C LYS D 515 -9.58 -8.30 64.99
N SER D 516 -9.50 -9.63 64.99
CA SER D 516 -10.56 -10.44 64.40
C SER D 516 -11.72 -10.48 65.37
N GLU D 517 -12.79 -9.74 65.05
CA GLU D 517 -13.97 -9.72 65.91
C GLU D 517 -14.73 -11.04 65.87
N ILE D 518 -14.46 -11.88 64.86
CA ILE D 518 -15.13 -13.17 64.83
C ILE D 518 -14.52 -14.14 65.83
N PHE D 519 -13.26 -13.96 66.21
CA PHE D 519 -12.73 -14.74 67.32
C PHE D 519 -13.26 -14.24 68.66
N ARG D 520 -13.56 -12.94 68.75
CA ARG D 520 -14.29 -12.42 69.89
C ARG D 520 -15.66 -13.08 70.00
N ILE D 521 -16.34 -13.24 68.87
CA ILE D 521 -17.61 -13.97 68.84
C ILE D 521 -17.41 -15.43 69.26
N LEU D 522 -16.34 -16.05 68.75
CA LEU D 522 -16.12 -17.48 68.93
C LEU D 522 -15.79 -17.79 70.38
N HIS D 523 -14.98 -16.94 71.01
CA HIS D 523 -14.68 -17.08 72.42
C HIS D 523 -15.86 -16.66 73.29
N SER D 524 -16.68 -15.72 72.82
CA SER D 524 -17.79 -15.25 73.64
C SER D 524 -18.88 -16.31 73.77
N ASN D 525 -19.24 -16.95 72.65
CA ASN D 525 -20.22 -18.02 72.80
C ASN D 525 -19.57 -19.33 73.21
N PHE D 526 -18.69 -19.87 72.37
CA PHE D 526 -18.40 -21.29 72.39
C PHE D 526 -17.35 -21.66 73.43
N LEU D 527 -16.19 -21.02 73.38
CA LEU D 527 -15.07 -21.43 74.21
C LEU D 527 -15.21 -20.98 75.66
N SER D 528 -16.13 -20.08 75.97
CA SER D 528 -16.41 -19.70 77.33
C SER D 528 -17.72 -20.29 77.84
N HIS D 529 -18.38 -21.11 77.05
CA HIS D 529 -19.56 -21.80 77.49
C HIS D 529 -19.16 -22.83 78.55
N PRO D 530 -19.88 -22.93 79.66
CA PRO D 530 -19.44 -23.80 80.77
C PRO D 530 -19.67 -25.29 80.56
N ASN D 531 -20.07 -25.73 79.37
CA ASN D 531 -20.37 -27.13 79.10
C ASN D 531 -19.70 -27.58 77.82
N ILE D 532 -18.40 -27.30 77.70
CA ILE D 532 -17.67 -27.68 76.49
C ILE D 532 -17.51 -29.19 76.41
N ASP D 533 -17.25 -29.85 77.54
CA ASP D 533 -17.09 -31.30 77.54
C ASP D 533 -18.39 -32.06 77.25
N GLU D 534 -19.54 -31.38 77.14
CA GLU D 534 -20.67 -31.95 76.40
C GLU D 534 -21.33 -30.84 75.54
N PHE D 535 -20.79 -30.60 74.35
CA PHE D 535 -21.61 -30.00 73.29
C PHE D 535 -22.31 -31.09 72.51
N SER D 536 -21.54 -31.79 71.70
CA SER D 536 -21.80 -32.95 70.84
C SER D 536 -20.48 -33.14 70.12
N GLU D 537 -20.29 -34.29 69.49
CA GLU D 537 -19.05 -34.49 68.77
C GLU D 537 -18.99 -33.64 67.50
N SER D 538 -20.14 -33.42 66.86
CA SER D 538 -20.17 -32.66 65.62
C SER D 538 -19.97 -31.17 65.86
N LEU D 539 -20.50 -30.63 66.96
CA LEU D 539 -20.27 -29.23 67.27
C LEU D 539 -18.82 -29.00 67.71
N LEU D 540 -18.19 -29.98 68.36
CA LEU D 540 -16.76 -29.89 68.63
C LEU D 540 -15.95 -29.89 67.35
N SER D 541 -16.31 -30.76 66.40
CA SER D 541 -15.60 -30.78 65.13
C SER D 541 -15.80 -29.48 64.37
N GLY D 542 -16.99 -28.90 64.43
CA GLY D 542 -17.25 -27.64 63.77
C GLY D 542 -16.49 -26.48 64.39
N ILE D 543 -16.43 -26.44 65.72
CA ILE D 543 -15.70 -25.36 66.38
C ILE D 543 -14.21 -25.53 66.18
N LEU D 544 -13.75 -26.77 65.98
CA LEU D 544 -12.34 -26.99 65.66
C LEU D 544 -12.02 -26.57 64.23
N PHE D 545 -12.92 -26.82 63.26
CA PHE D 545 -12.71 -26.32 61.91
C PHE D 545 -12.67 -24.80 61.87
N SER D 546 -13.62 -24.16 62.54
CA SER D 546 -13.68 -22.71 62.53
C SER D 546 -12.49 -22.09 63.23
N LEU D 547 -12.04 -22.72 64.31
CA LEU D 547 -10.87 -22.24 65.01
C LEU D 547 -9.60 -22.49 64.21
N HIS D 548 -9.59 -23.55 63.39
CA HIS D 548 -8.50 -23.75 62.43
C HIS D 548 -8.44 -22.62 61.42
N ARG D 549 -9.60 -22.20 60.91
CA ARG D 549 -9.60 -21.13 59.92
C ARG D 549 -9.21 -19.79 60.54
N ILE D 550 -9.64 -19.54 61.77
CA ILE D 550 -9.25 -18.31 62.46
C ILE D 550 -7.76 -18.29 62.73
N PHE D 551 -7.21 -19.37 63.28
CA PHE D 551 -5.81 -19.36 63.65
C PHE D 551 -4.89 -19.56 62.46
N SER D 552 -5.42 -19.98 61.32
CA SER D 552 -4.64 -19.93 60.09
C SER D 552 -4.66 -18.55 59.48
N HIS D 553 -5.73 -17.78 59.69
CA HIS D 553 -5.77 -16.42 59.20
C HIS D 553 -5.37 -15.38 60.25
N PHE D 554 -5.30 -15.74 61.53
CA PHE D 554 -4.94 -14.78 62.58
C PHE D 554 -4.01 -15.44 63.59
N GLN D 555 -3.19 -14.64 64.27
CA GLN D 555 -2.29 -15.20 65.29
C GLN D 555 -3.09 -15.63 66.50
N PRO D 556 -2.90 -16.85 66.99
CA PRO D 556 -3.66 -17.31 68.16
C PRO D 556 -3.19 -16.60 69.42
N PRO D 557 -4.01 -16.54 70.46
CA PRO D 557 -3.59 -15.86 71.69
C PRO D 557 -2.52 -16.64 72.43
N LYS D 558 -1.90 -15.97 73.42
CA LYS D 558 -0.86 -16.57 74.23
C LYS D 558 -1.41 -17.74 75.03
N LEU D 559 -0.72 -18.89 74.97
CA LEU D 559 -1.25 -20.09 75.59
C LEU D 559 -1.12 -20.10 77.11
N THR D 560 -0.21 -19.29 77.68
CA THR D 560 -0.04 -19.26 79.12
C THR D 560 0.53 -17.91 79.52
N ASP D 561 -0.11 -17.24 80.47
CA ASP D 561 0.49 -16.06 81.09
C ASP D 561 1.35 -16.40 82.29
N GLY D 562 0.99 -17.44 83.03
CA GLY D 562 1.74 -17.87 84.19
C GLY D 562 0.85 -18.35 85.31
N ASN D 563 -0.42 -17.94 85.28
CA ASN D 563 -1.38 -18.26 86.34
C ASN D 563 -2.18 -19.51 85.98
N GLY D 564 -1.46 -20.60 85.75
CA GLY D 564 -2.07 -21.77 85.14
C GLY D 564 -2.46 -21.42 83.72
N GLN D 565 -3.77 -21.26 83.50
CA GLN D 565 -4.33 -20.47 82.40
C GLN D 565 -3.95 -21.03 81.02
N ILE D 566 -4.50 -22.19 80.72
CA ILE D 566 -4.65 -22.58 79.32
C ILE D 566 -5.89 -21.89 78.76
N ASN D 567 -5.72 -21.23 77.62
CA ASN D 567 -6.58 -20.10 77.24
C ASN D 567 -7.81 -20.51 76.42
N LYS D 568 -8.54 -21.51 76.92
CA LYS D 568 -9.90 -21.87 76.50
C LYS D 568 -10.04 -22.38 75.07
N SER D 569 -8.96 -22.31 74.28
CA SER D 569 -8.90 -22.84 72.94
C SER D 569 -7.83 -23.91 72.85
N PHE D 570 -6.65 -23.64 73.41
CA PHE D 570 -5.68 -24.69 73.64
C PHE D 570 -6.22 -25.72 74.63
N LYS D 571 -7.07 -25.30 75.56
CA LYS D 571 -7.78 -26.23 76.44
C LYS D 571 -8.68 -27.16 75.64
N LEU D 572 -9.29 -26.65 74.58
CA LEU D 572 -10.07 -27.51 73.69
C LEU D 572 -9.18 -28.47 72.92
N VAL D 573 -7.93 -28.08 72.65
CA VAL D 573 -7.00 -29.00 72.03
C VAL D 573 -6.63 -30.10 73.00
N GLN D 574 -6.43 -29.77 74.29
CA GLN D 574 -6.30 -30.82 75.32
C GLN D 574 -7.54 -31.72 75.36
N LYS D 575 -8.73 -31.14 75.23
CA LYS D 575 -9.93 -31.94 75.38
C LYS D 575 -10.14 -32.89 74.21
N CYS D 576 -9.85 -32.45 73.00
CA CYS D 576 -10.12 -33.25 71.81
C CYS D 576 -8.95 -34.09 71.35
N PHE D 577 -7.73 -33.69 71.72
CA PHE D 577 -6.54 -34.38 71.23
C PHE D 577 -6.41 -35.77 71.85
N MET D 578 -6.96 -35.95 73.04
CA MET D 578 -6.97 -37.24 73.72
C MET D 578 -8.35 -37.87 73.77
N ASN D 579 -9.26 -37.43 72.90
CA ASN D 579 -10.64 -37.85 73.01
C ASN D 579 -10.81 -39.29 72.50
N SER D 580 -12.01 -39.82 72.68
CA SER D 580 -12.26 -41.23 72.38
C SER D 580 -12.32 -41.49 70.88
N ASN D 581 -13.00 -40.62 70.13
CA ASN D 581 -13.10 -40.80 68.70
C ASN D 581 -11.83 -40.31 68.00
N ARG D 582 -11.49 -40.98 66.90
CA ARG D 582 -10.27 -40.60 66.19
C ARG D 582 -10.46 -39.34 65.38
N TYR D 583 -11.71 -38.98 65.07
CA TYR D 583 -11.97 -37.85 64.19
C TYR D 583 -11.62 -36.53 64.88
N LEU D 584 -12.07 -36.38 66.12
CA LEU D 584 -11.73 -35.18 66.88
C LEU D 584 -10.24 -35.12 67.19
N ARG D 585 -9.60 -36.29 67.35
CA ARG D 585 -8.16 -36.33 67.58
C ARG D 585 -7.40 -35.83 66.36
N LEU D 586 -7.65 -36.42 65.18
CA LEU D 586 -6.90 -36.00 64.01
C LEU D 586 -7.39 -34.69 63.46
N LEU D 587 -8.48 -34.15 63.98
CA LEU D 587 -8.86 -32.82 63.56
C LEU D 587 -8.24 -31.78 64.48
N SER D 588 -8.12 -32.10 65.76
CA SER D 588 -7.50 -31.18 66.70
C SER D 588 -5.99 -31.21 66.62
N THR D 589 -5.41 -32.22 65.97
CA THR D 589 -3.98 -32.15 65.70
C THR D 589 -3.65 -31.18 64.59
N ARG D 590 -4.64 -30.65 63.88
CA ARG D 590 -4.38 -29.76 62.75
C ARG D 590 -4.16 -28.32 63.18
N ILE D 591 -4.30 -28.02 64.47
CA ILE D 591 -4.17 -26.66 64.96
C ILE D 591 -3.04 -26.52 65.97
N ILE D 592 -2.52 -27.62 66.50
CA ILE D 592 -1.22 -27.68 67.16
C ILE D 592 -0.11 -26.99 66.35
N PRO D 593 0.00 -27.15 65.02
CA PRO D 593 0.98 -26.32 64.30
C PRO D 593 0.64 -24.85 64.23
N LEU D 594 -0.64 -24.47 64.34
CA LEU D 594 -1.00 -23.06 64.22
C LEU D 594 -0.58 -22.29 65.45
N PHE D 595 -0.51 -22.95 66.61
CA PHE D 595 -0.01 -22.32 67.82
C PHE D 595 1.48 -22.07 67.74
N ASN D 596 2.20 -22.86 66.95
CA ASN D 596 3.64 -22.77 66.87
C ASN D 596 4.12 -21.68 65.91
N ILE D 597 3.22 -20.96 65.27
CA ILE D 597 3.59 -19.96 64.29
C ILE D 597 3.03 -18.60 64.71
N SER D 598 3.89 -17.75 65.23
CA SER D 598 3.55 -16.39 65.61
C SER D 598 4.83 -15.59 65.76
N ASP D 599 4.66 -14.29 65.95
CA ASP D 599 5.71 -13.46 66.52
C ASP D 599 5.07 -12.47 67.49
N SER D 600 5.87 -12.03 68.46
CA SER D 600 5.48 -11.43 69.74
C SER D 600 4.66 -12.38 70.62
N HIS D 601 4.59 -13.66 70.26
CA HIS D 601 4.10 -14.72 71.12
C HIS D 601 5.04 -15.91 71.02
N ASN D 602 5.77 -16.01 69.92
CA ASN D 602 6.63 -17.15 69.66
C ASN D 602 7.98 -16.72 69.06
N SER D 603 8.40 -15.49 69.32
CA SER D 603 9.61 -15.00 68.69
C SER D 603 10.85 -15.55 69.37
N GLU D 604 10.76 -15.81 70.67
CA GLU D 604 11.86 -16.40 71.42
C GLU D 604 11.57 -17.85 71.80
N ASP D 605 10.65 -18.50 71.08
CA ASP D 605 10.41 -19.94 71.08
C ASP D 605 9.90 -20.49 72.41
N GLU D 606 8.78 -19.96 72.93
CA GLU D 606 8.23 -20.51 74.17
C GLU D 606 6.89 -21.20 73.92
N HIS D 607 6.15 -20.80 72.90
CA HIS D 607 5.00 -21.59 72.47
C HIS D 607 5.45 -22.94 71.91
N THR D 608 6.59 -22.95 71.25
CA THR D 608 7.18 -24.19 70.78
C THR D 608 7.51 -25.11 71.94
N ALA D 609 8.07 -24.56 73.01
CA ALA D 609 8.42 -25.35 74.19
C ALA D 609 7.16 -25.82 74.91
N THR D 610 6.10 -25.01 74.88
CA THR D 610 4.84 -25.41 75.50
C THR D 610 4.22 -26.57 74.75
N LEU D 611 4.21 -26.50 73.41
CA LEU D 611 3.69 -27.60 72.60
C LEU D 611 4.57 -28.84 72.72
N ILE D 612 5.87 -28.65 72.88
CA ILE D 612 6.77 -29.79 73.08
C ILE D 612 6.49 -30.48 74.39
N LYS D 613 6.34 -29.73 75.49
CA LYS D 613 6.10 -30.41 76.77
C LYS D 613 4.66 -30.85 76.90
N PHE D 614 3.78 -30.42 76.00
CA PHE D 614 2.48 -31.07 75.91
C PHE D 614 2.57 -32.39 75.16
N LEU D 615 3.26 -32.39 74.02
CA LEU D 615 3.36 -33.61 73.21
C LEU D 615 4.24 -34.67 73.85
N GLN D 616 5.08 -34.29 74.82
CA GLN D 616 5.83 -35.24 75.62
C GLN D 616 5.04 -35.83 76.77
N SER D 617 3.70 -35.78 76.73
CA SER D 617 2.92 -36.14 77.91
C SER D 617 1.68 -36.96 77.57
N GLN D 618 1.73 -37.74 76.49
CA GLN D 618 0.61 -38.60 76.12
C GLN D 618 1.11 -40.03 76.04
N LYS D 619 1.03 -40.73 77.16
CA LYS D 619 1.44 -42.12 77.24
C LYS D 619 0.24 -43.05 77.14
N LEU D 620 -0.72 -42.67 76.31
CA LEU D 620 -1.96 -43.39 76.12
C LEU D 620 -1.97 -44.02 74.72
N PRO D 621 -2.44 -45.27 74.59
CA PRO D 621 -2.19 -46.01 73.34
C PRO D 621 -3.02 -45.57 72.15
N VAL D 622 -4.22 -45.04 72.34
CA VAL D 622 -5.04 -44.72 71.16
C VAL D 622 -4.65 -43.37 70.56
N VAL D 623 -3.87 -42.56 71.28
CA VAL D 623 -3.46 -41.25 70.79
C VAL D 623 -2.19 -41.34 69.96
N LYS D 624 -1.70 -42.56 69.71
CA LYS D 624 -0.41 -42.73 69.05
C LYS D 624 -0.40 -42.30 67.59
N GLU D 625 -1.56 -42.25 66.94
CA GLU D 625 -1.59 -41.86 65.54
C GLU D 625 -1.30 -40.38 65.37
N ASN D 626 -2.21 -39.54 65.86
CA ASN D 626 -2.12 -38.11 65.58
C ASN D 626 -0.95 -37.45 66.28
N LEU D 627 -0.51 -38.01 67.43
CA LEU D 627 0.71 -37.59 68.09
C LEU D 627 1.89 -37.62 67.15
N VAL D 628 2.03 -38.72 66.39
CA VAL D 628 3.09 -38.83 65.41
C VAL D 628 2.86 -37.83 64.29
N ILE D 629 1.61 -37.53 63.98
CA ILE D 629 1.30 -36.42 63.09
C ILE D 629 1.63 -35.10 63.79
N ALA D 630 1.22 -34.96 65.06
CA ALA D 630 1.37 -33.69 65.77
C ALA D 630 2.81 -33.36 66.04
N TRP D 631 3.69 -34.35 66.16
CA TRP D 631 5.11 -34.06 66.20
C TRP D 631 5.57 -33.50 64.87
N THR D 632 5.23 -34.19 63.78
CA THR D 632 5.89 -33.94 62.49
C THR D 632 5.54 -32.58 61.93
N GLN D 633 4.27 -32.23 61.91
CA GLN D 633 3.92 -30.89 61.48
C GLN D 633 4.06 -29.85 62.59
N LEU D 634 4.59 -30.22 63.76
CA LEU D 634 5.14 -29.21 64.65
C LEU D 634 6.54 -28.83 64.20
N THR D 635 7.24 -29.75 63.53
CA THR D 635 8.58 -29.49 63.03
C THR D 635 8.55 -28.64 61.78
N LEU D 636 7.54 -28.82 60.94
CA LEU D 636 7.43 -28.09 59.69
C LEU D 636 7.21 -26.60 59.89
N THR D 637 6.74 -26.19 61.06
CA THR D 637 6.54 -24.79 61.38
C THR D 637 7.78 -24.13 61.95
N THR D 638 8.86 -24.86 62.14
CA THR D 638 10.04 -24.35 62.81
C THR D 638 11.18 -24.15 61.83
N SER D 639 12.25 -23.57 62.33
CA SER D 639 13.40 -23.22 61.50
C SER D 639 14.70 -23.67 62.14
N ASN D 640 15.81 -23.25 61.52
CA ASN D 640 17.15 -23.83 61.55
C ASN D 640 17.64 -24.48 62.84
N ASP D 641 17.43 -23.87 63.99
CA ASP D 641 17.88 -24.46 65.25
C ASP D 641 16.84 -25.42 65.82
N VAL D 642 15.61 -24.92 65.97
CA VAL D 642 14.54 -25.69 66.58
C VAL D 642 14.14 -26.84 65.68
N PHE D 643 14.30 -26.67 64.36
CA PHE D 643 14.05 -27.75 63.40
C PHE D 643 15.00 -28.91 63.62
N ASP D 644 16.28 -28.61 63.80
CA ASP D 644 17.27 -29.67 64.02
C ASP D 644 17.11 -30.30 65.40
N THR D 645 16.61 -29.55 66.37
CA THR D 645 16.31 -30.16 67.67
C THR D 645 15.11 -31.08 67.58
N LEU D 646 14.06 -30.64 66.88
CA LEU D 646 12.85 -31.42 66.75
C LEU D 646 13.03 -32.65 65.88
N LEU D 647 13.95 -32.63 64.92
CA LEU D 647 14.20 -33.85 64.14
C LEU D 647 14.85 -34.94 64.99
N LEU D 648 15.77 -34.56 65.88
CA LEU D 648 16.29 -35.52 66.86
C LEU D 648 15.19 -35.99 67.79
N LYS D 649 14.24 -35.12 68.13
CA LYS D 649 13.11 -35.56 68.94
C LYS D 649 12.20 -36.50 68.15
N LEU D 650 12.18 -36.35 66.82
CA LEU D 650 11.47 -37.31 65.98
C LEU D 650 12.17 -38.67 65.97
N ILE D 651 13.50 -38.67 65.92
CA ILE D 651 14.17 -39.95 65.77
C ILE D 651 14.29 -40.68 67.10
N ASP D 652 14.36 -39.98 68.25
CA ASP D 652 14.45 -40.79 69.46
C ASP D 652 13.10 -41.30 69.95
N ILE D 653 12.00 -40.99 69.26
CA ILE D 653 10.77 -41.77 69.36
C ILE D 653 10.56 -42.67 68.16
N PHE D 654 11.33 -42.48 67.09
CA PHE D 654 11.40 -43.49 66.03
C PHE D 654 12.00 -44.80 66.55
N ASN D 655 12.98 -44.71 67.43
CA ASN D 655 13.59 -45.89 68.05
C ASN D 655 13.04 -46.19 69.44
N SER D 656 11.74 -45.98 69.66
CA SER D 656 11.19 -46.09 71.00
C SER D 656 10.99 -47.54 71.42
N ASP D 657 11.18 -48.48 70.50
CA ASP D 657 10.99 -49.94 70.52
C ASP D 657 9.51 -50.33 70.67
N ASP D 658 8.61 -49.35 70.57
CA ASP D 658 7.21 -49.61 70.32
C ASP D 658 7.06 -49.74 68.81
N TYR D 659 6.46 -50.84 68.35
CA TYR D 659 6.43 -51.10 66.92
C TYR D 659 5.53 -50.12 66.18
N SER D 660 4.42 -49.73 66.81
CA SER D 660 3.48 -48.81 66.20
C SER D 660 4.10 -47.43 66.01
N LEU D 661 4.80 -46.94 67.04
CA LEU D 661 5.52 -45.67 66.95
C LEU D 661 6.58 -45.72 65.87
N ARG D 662 7.23 -46.87 65.70
CA ARG D 662 8.30 -46.96 64.71
C ARG D 662 7.75 -46.91 63.30
N ILE D 663 6.65 -47.62 63.03
CA ILE D 663 6.13 -47.60 61.66
C ILE D 663 5.45 -46.26 61.36
N MET D 664 4.78 -45.65 62.35
CA MET D 664 4.19 -44.34 62.14
C MET D 664 5.26 -43.27 61.95
N MET D 665 6.41 -43.41 62.61
CA MET D 665 7.46 -42.43 62.40
C MET D 665 8.17 -42.63 61.07
N THR D 666 8.34 -43.86 60.60
CA THR D 666 8.85 -44.07 59.24
C THR D 666 7.97 -43.39 58.22
N LEU D 667 6.64 -43.56 58.37
CA LEU D 667 5.70 -42.98 57.42
C LEU D 667 5.75 -41.46 57.45
N GLN D 668 5.77 -40.88 58.65
CA GLN D 668 5.75 -39.42 58.72
C GLN D 668 7.08 -38.80 58.31
N ILE D 669 8.19 -39.46 58.62
CA ILE D 669 9.51 -38.96 58.20
C ILE D 669 9.61 -39.01 56.69
N LYS D 670 9.14 -40.07 56.06
CA LYS D 670 9.23 -40.16 54.60
C LYS D 670 8.31 -39.17 53.91
N ASN D 671 7.08 -38.98 54.42
CA ASN D 671 6.20 -37.99 53.79
C ASN D 671 6.68 -36.57 54.05
N MET D 672 7.24 -36.30 55.23
CA MET D 672 7.83 -35.00 55.51
C MET D 672 9.02 -34.73 54.61
N ALA D 673 9.82 -35.77 54.32
CA ALA D 673 10.95 -35.60 53.42
C ALA D 673 10.49 -35.34 51.99
N LYS D 674 9.39 -35.98 51.56
CA LYS D 674 8.99 -35.76 50.18
C LYS D 674 8.22 -34.45 50.01
N ILE D 675 7.51 -33.97 51.04
CA ILE D 675 6.83 -32.69 50.91
C ILE D 675 7.75 -31.51 51.12
N LEU D 676 9.00 -31.75 51.51
CA LEU D 676 10.04 -30.74 51.48
C LEU D 676 10.88 -30.83 50.21
N LYS D 677 10.52 -31.73 49.29
CA LYS D 677 11.26 -32.05 48.08
C LYS D 677 12.70 -32.44 48.39
N LYS D 678 12.84 -33.41 49.29
CA LYS D 678 14.13 -33.96 49.67
C LYS D 678 14.02 -35.47 49.73
N THR D 679 15.16 -36.10 49.88
CA THR D 679 15.17 -37.49 50.30
C THR D 679 15.36 -37.53 51.81
N PRO D 680 14.99 -38.63 52.47
CA PRO D 680 15.22 -38.71 53.92
C PRO D 680 16.68 -38.67 54.33
N TYR D 681 17.61 -39.02 53.43
CA TYR D 681 19.01 -38.83 53.75
C TYR D 681 19.37 -37.36 53.82
N GLN D 682 18.95 -36.56 52.85
CA GLN D 682 19.25 -35.14 52.90
C GLN D 682 18.25 -34.37 53.74
N LEU D 683 17.35 -35.06 54.42
CA LEU D 683 16.61 -34.47 55.53
C LEU D 683 17.33 -34.71 56.85
N LEU D 684 17.78 -35.93 57.09
CA LEU D 684 18.33 -36.27 58.39
C LEU D 684 19.84 -36.16 58.49
N SER D 685 20.55 -36.01 57.38
CA SER D 685 21.99 -35.80 57.38
C SER D 685 22.53 -34.56 58.11
N PRO D 686 21.78 -33.46 58.30
CA PRO D 686 22.31 -32.43 59.22
C PRO D 686 22.32 -32.81 60.69
N ILE D 687 21.62 -33.86 61.11
CA ILE D 687 21.66 -34.30 62.49
C ILE D 687 22.24 -35.71 62.65
N LEU D 688 22.55 -36.38 61.54
CA LEU D 688 23.36 -37.58 61.63
C LEU D 688 24.73 -37.41 62.30
N PRO D 689 25.41 -36.26 62.29
CA PRO D 689 26.58 -36.14 63.17
C PRO D 689 26.26 -36.14 64.65
N VAL D 690 25.02 -35.85 65.04
CA VAL D 690 24.65 -35.89 66.45
C VAL D 690 23.97 -37.19 66.80
N LEU D 691 23.10 -37.69 65.92
CA LEU D 691 22.24 -38.83 66.21
C LEU D 691 23.04 -40.10 66.45
N LEU D 692 23.78 -40.56 65.44
CA LEU D 692 24.55 -41.78 65.59
C LEU D 692 25.89 -41.57 66.28
N ARG D 693 26.16 -40.34 66.75
CA ARG D 693 27.35 -40.11 67.57
C ARG D 693 27.23 -40.82 68.91
N GLN D 694 26.09 -40.69 69.58
CA GLN D 694 25.89 -41.45 70.80
C GLN D 694 25.62 -42.92 70.54
N LEU D 695 25.36 -43.32 69.30
CA LEU D 695 25.31 -44.74 69.00
C LEU D 695 26.69 -45.37 68.94
N GLY D 696 27.76 -44.59 68.99
CA GLY D 696 29.06 -45.15 69.27
C GLY D 696 29.21 -45.68 70.68
N LYS D 697 28.36 -45.22 71.59
CA LYS D 697 28.34 -45.77 72.94
C LYS D 697 27.65 -47.12 72.98
N ASN D 698 26.73 -47.38 72.04
CA ASN D 698 25.86 -48.55 72.14
C ASN D 698 25.69 -49.22 70.79
N LEU D 699 26.77 -49.35 70.02
CA LEU D 699 26.64 -49.92 68.69
C LEU D 699 26.55 -51.44 68.72
N VAL D 700 26.93 -52.08 69.83
CA VAL D 700 26.76 -53.53 69.94
C VAL D 700 25.35 -53.89 70.40
N GLU D 701 24.76 -53.10 71.31
CA GLU D 701 23.42 -53.42 71.78
C GLU D 701 22.35 -52.96 70.81
N ARG D 702 22.44 -51.70 70.37
CA ARG D 702 21.44 -51.15 69.46
C ARG D 702 21.87 -51.35 68.01
N LYS D 703 22.09 -52.62 67.66
CA LYS D 703 22.29 -52.96 66.26
C LYS D 703 20.99 -52.85 65.48
N VAL D 704 19.86 -53.14 66.12
CA VAL D 704 18.58 -53.06 65.43
C VAL D 704 18.16 -51.61 65.21
N GLY D 705 18.51 -50.71 66.13
CA GLY D 705 18.22 -49.30 65.92
C GLY D 705 19.05 -48.70 64.80
N PHE D 706 20.33 -49.08 64.73
CA PHE D 706 21.17 -48.65 63.63
C PHE D 706 20.73 -49.26 62.32
N GLN D 707 20.19 -50.49 62.35
CA GLN D 707 19.65 -51.10 61.15
C GLN D 707 18.39 -50.39 60.68
N ASN D 708 17.54 -49.96 61.62
CA ASN D 708 16.37 -49.18 61.23
C ASN D 708 16.76 -47.82 60.66
N LEU D 709 17.80 -47.21 61.22
CA LEU D 709 18.25 -45.92 60.71
C LEU D 709 18.85 -46.06 59.32
N ILE D 710 19.59 -47.13 59.06
CA ILE D 710 20.18 -47.26 57.73
C ILE D 710 19.13 -47.68 56.70
N GLU D 711 18.10 -48.43 57.10
CA GLU D 711 17.06 -48.69 56.12
C GLU D 711 16.16 -47.48 55.90
N LEU D 712 16.08 -46.56 56.86
CA LEU D 712 15.33 -45.34 56.60
C LEU D 712 16.10 -44.44 55.66
N LEU D 713 17.43 -44.36 55.83
CA LEU D 713 18.19 -43.45 54.98
C LEU D 713 18.32 -43.93 53.55
N GLY D 714 18.05 -45.20 53.28
CA GLY D 714 18.12 -45.69 51.92
C GLY D 714 19.51 -45.88 51.38
N TYR D 715 20.53 -45.87 52.23
CA TYR D 715 21.88 -46.21 51.82
C TYR D 715 22.26 -47.55 52.43
N SER D 716 23.46 -48.02 52.09
CA SER D 716 24.00 -49.18 52.78
C SER D 716 24.54 -48.78 54.14
N SER D 717 24.84 -49.78 54.96
CA SER D 717 25.38 -49.52 56.28
C SER D 717 26.80 -48.98 56.22
N LYS D 718 27.53 -49.25 55.14
CA LYS D 718 28.88 -48.74 54.97
C LYS D 718 28.89 -47.32 54.44
N THR D 719 27.91 -46.94 53.62
CA THR D 719 27.98 -45.69 52.87
C THR D 719 27.75 -44.49 53.77
N ILE D 720 26.89 -44.59 54.78
CA ILE D 720 26.81 -43.50 55.74
C ILE D 720 27.87 -43.59 56.80
N LEU D 721 28.67 -44.66 56.79
CA LEU D 721 29.62 -44.88 57.85
C LEU D 721 31.01 -44.36 57.53
N ASP D 722 31.43 -44.40 56.27
CA ASP D 722 32.70 -43.79 55.91
C ASP D 722 32.57 -42.29 55.69
N ILE D 723 31.36 -41.78 55.51
CA ILE D 723 31.17 -40.34 55.38
C ILE D 723 30.89 -39.70 56.74
N PHE D 724 30.41 -40.47 57.71
CA PHE D 724 30.27 -39.98 59.09
C PHE D 724 31.21 -40.70 60.04
N GLN D 725 32.34 -41.17 59.52
CA GLN D 725 33.41 -41.68 60.37
C GLN D 725 34.08 -40.59 61.16
N ARG D 726 33.92 -39.32 60.74
CA ARG D 726 34.50 -38.17 61.42
C ARG D 726 33.93 -37.97 62.82
N TYR D 727 32.74 -38.48 63.09
CA TYR D 727 32.02 -38.11 64.30
C TYR D 727 31.92 -39.18 65.35
N ILE D 728 32.05 -40.46 64.99
CA ILE D 728 31.85 -41.53 65.95
C ILE D 728 33.14 -42.27 66.30
N ILE D 729 34.12 -42.30 65.39
CA ILE D 729 35.45 -42.80 65.77
C ILE D 729 36.11 -41.96 66.86
N PRO D 730 35.96 -40.62 66.92
CA PRO D 730 36.40 -39.92 68.15
C PRO D 730 35.64 -40.27 69.43
N TYR D 731 34.52 -40.99 69.37
CA TYR D 731 33.90 -41.47 70.59
C TYR D 731 33.96 -42.98 70.76
N ALA D 732 33.97 -43.74 69.67
CA ALA D 732 34.03 -45.19 69.79
C ALA D 732 35.40 -45.67 70.22
N ILE D 733 36.44 -44.92 69.89
CA ILE D 733 37.79 -45.27 70.34
C ILE D 733 37.92 -45.05 71.84
N ILE D 734 37.61 -43.85 72.32
CA ILE D 734 38.04 -43.42 73.64
C ILE D 734 37.23 -44.07 74.77
N GLN D 735 36.13 -44.76 74.46
CA GLN D 735 35.31 -45.34 75.51
C GLN D 735 35.89 -46.64 76.07
N TYR D 736 35.06 -47.39 76.81
CA TYR D 736 35.43 -48.61 77.51
C TYR D 736 36.04 -49.66 76.58
N LYS D 737 36.75 -50.61 77.18
CA LYS D 737 37.73 -51.42 76.46
C LYS D 737 37.08 -52.44 75.53
N SER D 738 35.92 -52.98 75.92
CA SER D 738 35.21 -53.89 75.02
C SER D 738 34.61 -53.10 73.87
N ASP D 739 35.41 -52.88 72.84
CA ASP D 739 35.14 -51.84 71.86
C ASP D 739 34.01 -52.21 70.92
N VAL D 740 33.33 -51.19 70.41
CA VAL D 740 32.50 -51.33 69.23
C VAL D 740 33.30 -51.09 67.95
N LEU D 741 34.62 -50.91 68.07
CA LEU D 741 35.48 -50.73 66.92
C LEU D 741 35.55 -51.99 66.05
N SER D 742 35.33 -53.15 66.66
CA SER D 742 35.34 -54.40 65.91
C SER D 742 34.19 -54.46 64.92
N GLU D 743 33.01 -53.97 65.31
CA GLU D 743 31.87 -53.99 64.39
C GLU D 743 32.00 -52.92 63.32
N ILE D 744 32.53 -51.75 63.67
CA ILE D 744 32.71 -50.70 62.67
C ILE D 744 33.82 -51.11 61.69
N ALA D 745 34.75 -51.97 62.11
CA ALA D 745 35.69 -52.56 61.18
C ALA D 745 35.02 -53.64 60.33
N LYS D 746 34.12 -54.40 60.94
CA LYS D 746 33.41 -55.47 60.24
C LYS D 746 32.47 -54.95 59.16
N ILE D 747 32.01 -53.70 59.27
CA ILE D 747 31.22 -53.08 58.21
C ILE D 747 32.09 -52.23 57.28
N MET D 748 33.01 -51.42 57.84
CA MET D 748 33.88 -50.58 57.02
C MET D 748 34.84 -51.34 56.13
N CYS D 749 35.05 -52.63 56.37
CA CYS D 749 35.55 -53.54 55.33
C CYS D 749 34.67 -54.78 55.33
N ASP D 750 34.33 -55.23 54.13
CA ASP D 750 33.39 -56.33 53.97
C ASP D 750 34.09 -57.65 54.24
N GLY D 751 33.64 -58.38 55.27
CA GLY D 751 34.15 -59.70 55.55
C GLY D 751 35.48 -59.69 56.29
N ASP D 752 35.64 -60.62 57.24
CA ASP D 752 36.90 -60.72 57.97
C ASP D 752 38.00 -61.37 57.13
N THR D 753 37.64 -61.96 55.98
CA THR D 753 38.65 -62.36 55.01
C THR D 753 39.37 -61.16 54.40
N SER D 754 38.75 -59.98 54.41
CA SER D 754 39.51 -58.74 54.32
C SER D 754 40.01 -58.38 55.70
N LEU D 755 41.28 -58.00 55.78
CA LEU D 755 41.94 -57.86 57.07
C LEU D 755 41.50 -56.58 57.76
N ILE D 756 40.95 -56.73 58.97
CA ILE D 756 40.43 -55.61 59.73
C ILE D 756 41.52 -54.76 60.37
N ASN D 757 42.75 -55.29 60.49
CA ASN D 757 43.77 -54.57 61.25
C ASN D 757 44.34 -53.39 60.48
N GLN D 758 44.66 -53.56 59.20
CA GLN D 758 45.23 -52.46 58.43
C GLN D 758 44.16 -51.41 58.12
N MET D 759 42.93 -51.85 57.88
CA MET D 759 41.84 -50.91 57.65
C MET D 759 41.49 -50.20 58.95
N LYS D 760 41.61 -50.90 60.07
CA LYS D 760 41.36 -50.29 61.37
C LYS D 760 42.42 -49.25 61.71
N VAL D 761 43.67 -49.54 61.35
CA VAL D 761 44.74 -48.62 61.72
C VAL D 761 44.79 -47.45 60.75
N ASN D 762 44.24 -47.61 59.54
CA ASN D 762 44.26 -46.45 58.65
C ASN D 762 42.99 -45.63 58.77
N LEU D 763 41.90 -46.20 59.32
CA LEU D 763 40.80 -45.35 59.74
C LEU D 763 41.15 -44.61 61.02
N LEU D 764 41.90 -45.26 61.91
CA LEU D 764 42.37 -44.59 63.12
C LEU D 764 43.37 -43.50 62.78
N LYS D 765 44.10 -43.67 61.68
CA LYS D 765 44.99 -42.61 61.22
C LYS D 765 44.29 -41.65 60.28
N LYS D 766 43.05 -41.96 59.89
CA LYS D 766 42.34 -41.07 58.96
C LYS D 766 41.85 -39.83 59.68
N ASN D 767 41.19 -40.01 60.81
CA ASN D 767 40.61 -38.90 61.56
C ASN D 767 41.24 -38.75 62.94
N SER D 768 42.56 -38.91 63.04
CA SER D 768 43.25 -38.81 64.32
C SER D 768 43.23 -37.41 64.90
N ARG D 769 42.99 -36.40 64.06
CA ARG D 769 42.93 -35.03 64.53
C ARG D 769 41.71 -34.80 65.42
N GLN D 770 40.55 -35.31 64.99
CA GLN D 770 39.35 -35.20 65.79
C GLN D 770 39.42 -36.09 67.03
N ILE D 771 40.16 -37.20 66.95
CA ILE D 771 40.37 -38.05 68.11
C ILE D 771 41.19 -37.34 69.16
N PHE D 772 42.27 -36.68 68.71
CA PHE D 772 43.07 -35.82 69.60
C PHE D 772 42.21 -34.73 70.21
N ALA D 773 41.32 -34.16 69.40
CA ALA D 773 40.47 -33.07 69.85
C ALA D 773 39.54 -33.51 70.98
N VAL D 774 38.79 -34.58 70.75
CA VAL D 774 37.87 -35.10 71.74
C VAL D 774 38.61 -35.61 72.97
N ALA D 775 39.80 -36.17 72.78
CA ALA D 775 40.61 -36.62 73.92
C ALA D 775 41.05 -35.46 74.79
N LEU D 776 41.29 -34.29 74.18
CA LEU D 776 41.72 -33.16 74.98
C LEU D 776 40.53 -32.43 75.64
N VAL D 777 39.38 -32.35 74.96
CA VAL D 777 38.27 -31.65 75.62
C VAL D 777 37.32 -32.58 76.39
N LYS D 778 36.83 -33.65 75.79
CA LYS D 778 35.72 -34.40 76.37
C LYS D 778 36.12 -35.28 77.54
N HIS D 779 37.41 -35.47 77.77
CA HIS D 779 37.85 -36.28 78.89
C HIS D 779 38.98 -35.61 79.67
N GLY D 780 39.73 -34.75 79.00
CA GLY D 780 40.83 -34.07 79.65
C GLY D 780 42.05 -34.94 79.80
N LEU D 781 42.55 -35.44 78.67
CA LEU D 781 43.70 -36.33 78.65
C LEU D 781 44.92 -35.53 78.22
N PHE D 782 45.52 -34.83 79.19
CA PHE D 782 46.68 -33.99 78.94
C PHE D 782 47.99 -34.71 79.25
N SER D 783 48.02 -36.02 79.03
CA SER D 783 49.22 -36.82 79.23
C SER D 783 49.44 -37.64 77.96
N LEU D 784 50.61 -37.49 77.34
CA LEU D 784 50.83 -38.07 76.03
C LEU D 784 50.97 -39.59 76.09
N ASP D 785 51.46 -40.13 77.20
CA ASP D 785 51.54 -41.57 77.34
C ASP D 785 50.16 -42.20 77.48
N ILE D 786 49.21 -41.46 78.05
CA ILE D 786 47.83 -41.92 78.11
C ILE D 786 47.25 -42.06 76.70
N LEU D 787 47.47 -41.04 75.85
CA LEU D 787 47.06 -41.12 74.45
C LEU D 787 47.76 -42.25 73.72
N GLU D 788 49.06 -42.43 73.98
CA GLU D 788 49.84 -43.45 73.29
C GLU D 788 49.35 -44.86 73.64
N THR D 789 49.15 -45.12 74.93
CA THR D 789 48.74 -46.46 75.36
C THR D 789 47.27 -46.71 75.02
N LEU D 790 46.42 -45.69 75.15
CA LEU D 790 45.01 -45.84 74.77
C LEU D 790 44.83 -45.93 73.26
N PHE D 791 45.86 -45.59 72.48
CA PHE D 791 45.85 -45.99 71.07
C PHE D 791 46.32 -47.43 70.90
N LEU D 792 47.48 -47.76 71.47
CA LEU D 792 48.19 -48.95 71.04
C LEU D 792 47.57 -50.26 71.53
N ASN D 793 46.60 -50.22 72.44
CA ASN D 793 45.85 -51.44 72.69
C ASN D 793 44.63 -51.55 71.79
N ARG D 794 44.14 -50.42 71.28
CA ARG D 794 43.07 -50.42 70.30
C ARG D 794 43.59 -50.70 68.90
N ALA D 795 44.88 -50.49 68.67
CA ALA D 795 45.57 -50.88 67.45
C ALA D 795 47.05 -51.05 67.73
N PRO D 796 47.54 -52.27 67.91
CA PRO D 796 48.98 -52.47 68.17
C PRO D 796 49.85 -52.22 66.96
N THR D 797 49.28 -52.16 65.76
CA THR D 797 50.01 -51.89 64.54
C THR D 797 50.13 -50.40 64.24
N PHE D 798 50.01 -49.54 65.25
CA PHE D 798 49.98 -48.10 65.04
C PHE D 798 51.39 -47.53 65.19
N ASP D 799 51.70 -46.54 64.37
CA ASP D 799 53.07 -46.22 64.00
C ASP D 799 53.77 -45.38 65.08
N LYS D 800 54.62 -46.04 65.87
CA LYS D 800 55.62 -45.42 66.75
C LYS D 800 55.01 -44.46 67.76
N GLY D 801 54.20 -45.01 68.66
CA GLY D 801 53.34 -44.15 69.45
C GLY D 801 52.29 -43.57 68.53
N TYR D 802 52.01 -42.29 68.69
CA TYR D 802 51.10 -41.62 67.77
C TYR D 802 51.88 -41.16 66.54
N ILE D 803 51.15 -40.68 65.54
CA ILE D 803 51.79 -40.09 64.37
C ILE D 803 52.44 -38.77 64.80
N THR D 804 53.77 -38.79 64.91
CA THR D 804 54.48 -37.96 65.87
C THR D 804 54.41 -36.47 65.55
N ALA D 805 54.42 -35.66 66.62
CA ALA D 805 54.47 -34.20 66.57
C ALA D 805 53.29 -33.60 65.78
N TYR D 806 52.16 -34.30 65.79
CA TYR D 806 50.97 -33.80 65.13
C TYR D 806 49.96 -33.23 66.10
N LEU D 807 50.35 -33.01 67.34
CA LEU D 807 49.44 -32.35 68.28
C LEU D 807 49.39 -30.83 68.11
N PRO D 808 50.52 -30.08 67.88
CA PRO D 808 50.35 -28.65 67.56
C PRO D 808 50.10 -28.39 66.08
N ASP D 809 49.65 -29.41 65.35
CA ASP D 809 49.13 -29.25 64.00
C ASP D 809 47.99 -28.25 63.98
N TYR D 810 47.86 -27.55 62.84
CA TYR D 810 46.78 -26.60 62.64
C TYR D 810 45.42 -27.31 62.66
N LYS D 811 45.36 -28.52 62.12
CA LYS D 811 44.10 -29.24 62.06
C LYS D 811 43.65 -29.67 63.44
N THR D 812 44.58 -30.04 64.31
CA THR D 812 44.21 -30.39 65.68
C THR D 812 43.73 -29.18 66.46
N LEU D 813 44.36 -28.02 66.28
CA LEU D 813 43.87 -26.81 66.94
C LEU D 813 42.49 -26.42 66.42
N ALA D 814 42.27 -26.57 65.11
CA ALA D 814 40.95 -26.30 64.56
C ALA D 814 39.91 -27.23 65.13
N GLU D 815 40.21 -28.53 65.22
CA GLU D 815 39.24 -29.46 65.76
C GLU D 815 39.07 -29.33 67.26
N ILE D 816 40.05 -28.77 67.97
CA ILE D 816 39.82 -28.36 69.35
C ILE D 816 38.76 -27.27 69.40
N THR D 817 38.98 -26.19 68.66
CA THR D 817 38.09 -25.04 68.83
C THR D 817 36.74 -25.20 68.15
N LYS D 818 36.56 -26.22 67.30
CA LYS D 818 35.22 -26.48 66.73
C LYS D 818 34.23 -26.99 67.77
N LEU D 819 34.69 -27.47 68.92
CA LEU D 819 33.81 -28.02 69.93
C LEU D 819 33.41 -27.00 70.98
N TYR D 820 33.50 -25.72 70.67
CA TYR D 820 33.02 -24.67 71.56
C TYR D 820 31.54 -24.44 71.30
N LYS D 821 30.70 -25.16 72.04
CA LYS D 821 29.28 -24.85 72.01
C LYS D 821 29.02 -23.54 72.72
N ASN D 822 28.24 -22.67 72.10
CA ASN D 822 27.92 -21.37 72.69
C ASN D 822 26.45 -21.06 72.52
N SER D 823 25.89 -20.39 73.51
CA SER D 823 24.50 -19.98 73.46
C SER D 823 24.36 -18.67 74.21
N VAL D 824 23.14 -18.16 74.28
CA VAL D 824 22.88 -17.03 75.15
C VAL D 824 22.78 -17.47 76.61
N THR D 825 22.57 -18.77 76.84
CA THR D 825 22.50 -19.31 78.20
C THR D 825 23.91 -19.76 78.59
N LYS D 826 24.68 -18.83 79.13
CA LYS D 826 26.02 -19.12 79.63
C LYS D 826 25.90 -19.96 80.89
N ASP D 827 26.16 -21.26 80.76
CA ASP D 827 26.02 -22.20 81.85
C ASP D 827 27.39 -22.57 82.39
N ALA D 828 27.40 -23.21 83.56
CA ALA D 828 28.65 -23.71 84.13
C ALA D 828 29.21 -24.84 83.27
N SER D 829 28.34 -25.69 82.72
CA SER D 829 28.77 -26.70 81.77
C SER D 829 29.25 -26.10 80.46
N ASP D 830 28.78 -24.90 80.12
CA ASP D 830 29.28 -24.21 78.94
C ASP D 830 30.57 -23.46 79.21
N SER D 831 30.86 -23.13 80.47
CA SER D 831 32.16 -22.59 80.82
C SER D 831 33.19 -23.68 81.03
N GLU D 832 32.74 -24.90 81.34
CA GLU D 832 33.67 -26.00 81.61
C GLU D 832 34.44 -26.40 80.36
N ASN D 833 33.73 -26.68 79.26
CA ASN D 833 34.44 -27.02 78.04
C ASN D 833 35.12 -25.82 77.41
N ALA D 834 34.63 -24.61 77.66
CA ALA D 834 35.35 -23.41 77.23
C ALA D 834 36.71 -23.33 77.88
N ASN D 835 36.77 -23.49 79.20
CA ASN D 835 38.04 -23.54 79.92
C ASN D 835 38.87 -24.74 79.50
N MET D 836 38.22 -25.85 79.16
CA MET D 836 38.97 -27.04 78.79
C MET D 836 39.63 -26.88 77.42
N ILE D 837 38.93 -26.29 76.46
CA ILE D 837 39.57 -26.10 75.17
C ILE D 837 40.58 -24.96 75.23
N LEU D 838 40.38 -23.99 76.11
CA LEU D 838 41.39 -22.94 76.29
C LEU D 838 42.67 -23.52 76.88
N CYS D 839 42.55 -24.35 77.91
CA CYS D 839 43.70 -25.00 78.50
C CYS D 839 44.32 -26.02 77.57
N SER D 840 43.55 -26.64 76.67
CA SER D 840 44.17 -27.52 75.69
C SER D 840 44.95 -26.73 74.64
N LEU D 841 44.45 -25.54 74.25
CA LEU D 841 45.27 -24.62 73.47
C LEU D 841 46.55 -24.24 74.19
N ARG D 842 46.46 -23.95 75.50
CA ARG D 842 47.65 -23.61 76.28
C ARG D 842 48.60 -24.80 76.36
N PHE D 843 48.08 -26.02 76.30
CA PHE D 843 48.94 -27.19 76.28
C PHE D 843 49.63 -27.34 74.93
N LEU D 844 48.96 -27.00 73.84
CA LEU D 844 49.47 -27.46 72.55
C LEU D 844 50.55 -26.57 71.95
N ILE D 845 50.53 -25.25 72.19
CA ILE D 845 51.25 -24.33 71.34
C ILE D 845 52.37 -23.59 72.05
N THR D 846 52.21 -23.24 73.33
CA THR D 846 53.21 -22.34 73.91
C THR D 846 54.43 -23.07 74.44
N ASN D 847 54.27 -24.33 74.88
CA ASN D 847 55.39 -25.17 75.30
C ASN D 847 55.00 -26.59 74.93
N PHE D 848 55.42 -27.02 73.75
CA PHE D 848 55.14 -28.39 73.36
C PHE D 848 56.37 -29.29 73.50
N GLU D 849 57.50 -28.89 72.93
CA GLU D 849 58.74 -29.63 73.12
C GLU D 849 59.26 -29.53 74.55
N LYS D 850 58.84 -28.51 75.29
CA LYS D 850 59.12 -28.47 76.71
C LYS D 850 58.20 -29.40 77.48
N ASP D 851 56.94 -29.54 77.05
CA ASP D 851 55.89 -30.19 77.82
C ASP D 851 55.12 -31.18 76.97
N LYS D 852 55.82 -32.08 76.27
CA LYS D 852 55.16 -33.23 75.66
C LYS D 852 54.51 -34.12 76.71
N ARG D 853 55.22 -34.35 77.82
CA ARG D 853 54.78 -35.29 78.84
C ARG D 853 54.11 -34.60 80.02
N HIS D 854 54.76 -33.62 80.61
CA HIS D 854 54.26 -32.99 81.83
C HIS D 854 53.22 -31.95 81.44
N GLY D 855 51.97 -32.40 81.38
CA GLY D 855 50.88 -31.53 81.01
C GLY D 855 49.69 -31.68 81.93
N SER D 856 49.85 -32.46 83.00
CA SER D 856 48.78 -32.64 83.97
C SER D 856 48.49 -31.36 84.75
N LYS D 857 49.46 -30.45 84.86
CA LYS D 857 49.22 -29.19 85.54
C LYS D 857 48.39 -28.23 84.70
N TYR D 858 48.39 -28.41 83.38
CA TYR D 858 47.64 -27.51 82.51
C TYR D 858 46.13 -27.74 82.55
N LYS D 859 45.66 -28.85 83.14
CA LYS D 859 44.22 -29.06 83.25
C LYS D 859 43.59 -28.08 84.22
N ASN D 860 44.35 -27.59 85.20
CA ASN D 860 43.89 -26.48 86.01
C ASN D 860 43.95 -25.19 85.20
N ILE D 861 43.06 -24.27 85.53
CA ILE D 861 42.90 -23.03 84.78
C ILE D 861 43.68 -21.88 85.42
N ASN D 862 43.51 -21.68 86.72
CA ASN D 862 44.00 -20.49 87.38
C ASN D 862 45.45 -20.59 87.84
N ASN D 863 46.10 -21.74 87.63
CA ASN D 863 47.54 -21.84 87.89
C ASN D 863 48.39 -21.21 86.78
N TRP D 864 47.74 -20.69 85.74
CA TRP D 864 48.39 -20.06 84.60
C TRP D 864 48.96 -18.72 85.03
N THR D 865 50.27 -18.68 85.26
CA THR D 865 50.92 -17.47 85.73
C THR D 865 51.05 -16.46 84.59
N ASP D 866 51.36 -15.21 84.95
CA ASP D 866 51.57 -14.16 83.97
C ASP D 866 52.95 -14.22 83.33
N ASP D 867 53.79 -15.16 83.72
CA ASP D 867 55.06 -15.37 83.05
C ASP D 867 54.86 -15.96 81.66
N GLN D 868 53.78 -16.71 81.48
CA GLN D 868 53.59 -17.52 80.29
C GLN D 868 52.41 -17.08 79.43
N GLU D 869 51.68 -16.03 79.84
CA GLU D 869 50.54 -15.58 79.04
C GLU D 869 50.98 -14.89 77.76
N GLN D 870 52.01 -14.03 77.84
CA GLN D 870 52.46 -13.35 76.63
C GLN D 870 53.23 -14.28 75.71
N ALA D 871 53.85 -15.34 76.24
CA ALA D 871 54.42 -16.35 75.37
C ALA D 871 53.33 -17.15 74.65
N PHE D 872 52.20 -17.36 75.33
CA PHE D 872 51.03 -17.94 74.69
C PHE D 872 50.47 -17.03 73.60
N GLN D 873 50.42 -15.71 73.87
CA GLN D 873 49.94 -14.77 72.86
C GLN D 873 50.89 -14.67 71.69
N LYS D 874 52.18 -14.88 71.91
CA LYS D 874 53.12 -14.89 70.79
C LYS D 874 52.96 -16.15 69.96
N LYS D 875 52.90 -17.31 70.62
CA LYS D 875 52.78 -18.58 69.89
C LYS D 875 51.39 -18.80 69.31
N LEU D 876 50.40 -18.00 69.70
CA LEU D 876 49.06 -18.17 69.15
C LEU D 876 48.96 -17.59 67.75
N GLN D 877 49.62 -16.47 67.50
CA GLN D 877 49.44 -15.73 66.26
C GLN D 877 50.49 -16.05 65.21
N ASP D 878 51.46 -16.91 65.52
CA ASP D 878 52.15 -17.65 64.48
C ASP D 878 51.41 -18.93 64.12
N ASN D 879 50.25 -19.16 64.72
CA ASN D 879 49.56 -20.44 64.66
C ASN D 879 48.06 -20.22 64.50
N ILE D 880 47.66 -19.09 63.91
CA ILE D 880 46.25 -18.76 63.77
C ILE D 880 45.82 -18.60 62.31
N LEU D 881 46.72 -18.28 61.38
CA LEU D 881 46.29 -18.15 60.00
C LEU D 881 46.10 -19.51 59.35
N GLY D 882 46.84 -20.53 59.81
CA GLY D 882 46.65 -21.85 59.26
C GLY D 882 45.44 -22.57 59.82
N ILE D 883 45.02 -22.24 61.04
CA ILE D 883 43.78 -22.84 61.51
C ILE D 883 42.59 -22.18 60.85
N PHE D 884 42.71 -20.90 60.48
CA PHE D 884 41.72 -20.31 59.59
C PHE D 884 41.83 -20.84 58.18
N GLN D 885 43.01 -21.33 57.78
CA GLN D 885 43.10 -22.01 56.49
C GLN D 885 42.35 -23.34 56.51
N VAL D 886 42.39 -24.04 57.64
CA VAL D 886 41.63 -25.28 57.77
C VAL D 886 40.13 -24.97 57.83
N PHE D 887 39.76 -23.88 58.52
CA PHE D 887 38.38 -23.41 58.55
C PHE D 887 37.88 -23.05 57.15
N SER D 888 38.72 -22.37 56.37
CA SER D 888 38.38 -22.04 55.00
C SER D 888 38.33 -23.27 54.11
N SER D 889 39.09 -24.30 54.46
CA SER D 889 39.00 -25.54 53.71
C SER D 889 37.67 -26.25 53.94
N ASP D 890 37.18 -26.26 55.17
CA ASP D 890 35.98 -27.05 55.42
C ASP D 890 34.70 -26.23 55.56
N ILE D 891 34.73 -24.92 55.28
CA ILE D 891 33.44 -24.28 55.00
C ILE D 891 33.14 -24.43 53.52
N HIS D 892 33.97 -23.84 52.67
CA HIS D 892 33.72 -23.90 51.23
C HIS D 892 34.10 -25.28 50.70
N ASP D 893 33.23 -26.23 51.01
CA ASP D 893 33.49 -27.64 50.76
C ASP D 893 33.19 -27.94 49.30
N VAL D 894 34.22 -28.20 48.51
CA VAL D 894 34.05 -28.14 47.07
C VAL D 894 33.46 -29.42 46.49
N GLU D 895 33.69 -30.58 47.12
CA GLU D 895 33.25 -31.84 46.54
C GLU D 895 31.99 -32.40 47.19
N GLY D 896 31.35 -31.64 48.06
CA GLY D 896 30.19 -32.14 48.77
C GLY D 896 30.55 -33.16 49.81
N ARG D 897 31.63 -32.92 50.56
CA ARG D 897 32.10 -33.91 51.53
C ARG D 897 31.21 -33.93 52.77
N THR D 898 30.58 -32.81 53.12
CA THR D 898 29.83 -32.75 54.36
C THR D 898 28.64 -31.80 54.23
N THR D 899 27.78 -31.84 55.23
CA THR D 899 26.61 -30.98 55.34
C THR D 899 26.96 -29.74 56.16
N TYR D 900 25.96 -28.98 56.57
CA TYR D 900 26.22 -27.71 57.24
C TYR D 900 26.49 -27.84 58.74
N TYR D 901 26.51 -29.06 59.29
CA TYR D 901 26.88 -29.20 60.69
C TYR D 901 28.34 -28.82 60.91
N GLU D 902 29.20 -29.18 59.95
CA GLU D 902 30.57 -28.70 59.93
C GLU D 902 30.62 -27.19 59.89
N LYS D 903 29.74 -26.56 59.10
CA LYS D 903 29.76 -25.11 58.97
C LYS D 903 29.31 -24.44 60.26
N LEU D 904 28.33 -25.05 60.94
CA LEU D 904 27.92 -24.57 62.25
C LEU D 904 29.07 -24.62 63.25
N ARG D 905 29.81 -25.73 63.28
CA ARG D 905 30.84 -25.80 64.29
C ARG D 905 32.12 -25.06 63.88
N VAL D 906 32.31 -24.76 62.59
CA VAL D 906 33.37 -23.83 62.20
C VAL D 906 33.02 -22.42 62.66
N ILE D 907 31.74 -22.02 62.53
CA ILE D 907 31.31 -20.72 63.03
C ILE D 907 31.43 -20.67 64.55
N ASN D 908 31.22 -21.80 65.23
CA ASN D 908 31.53 -21.88 66.66
C ASN D 908 33.02 -21.68 66.94
N GLY D 909 33.88 -22.24 66.10
CA GLY D 909 35.32 -22.04 66.28
C GLY D 909 35.75 -20.60 66.05
N ILE D 910 35.18 -19.96 65.03
CA ILE D 910 35.40 -18.53 64.79
C ILE D 910 34.96 -17.73 66.00
N SER D 911 33.81 -18.09 66.58
CA SER D 911 33.27 -17.35 67.71
C SER D 911 34.15 -17.51 68.95
N PHE D 912 34.70 -18.71 69.16
CA PHE D 912 35.65 -18.94 70.24
C PHE D 912 36.89 -18.10 70.05
N LEU D 913 37.44 -18.07 68.84
CA LEU D 913 38.64 -17.29 68.61
C LEU D 913 38.37 -15.79 68.64
N ILE D 914 37.13 -15.36 68.42
CA ILE D 914 36.83 -13.94 68.60
C ILE D 914 36.79 -13.61 70.08
N ILE D 915 36.21 -14.48 70.91
CA ILE D 915 36.21 -14.20 72.35
C ILE D 915 37.58 -14.46 72.95
N TYR D 916 38.04 -15.71 72.88
CA TYR D 916 39.20 -16.15 73.64
C TYR D 916 40.46 -16.16 72.76
N ALA D 917 40.97 -14.96 72.49
CA ALA D 917 42.24 -14.75 71.82
C ALA D 917 42.66 -13.30 72.02
N PRO D 918 43.95 -13.00 71.92
CA PRO D 918 44.38 -11.59 71.96
C PRO D 918 43.91 -10.82 70.73
N LYS D 919 43.87 -9.50 70.89
CA LYS D 919 43.29 -8.63 69.87
C LYS D 919 44.17 -8.58 68.62
N LYS D 920 45.49 -8.62 68.78
CA LYS D 920 46.40 -8.58 67.65
C LYS D 920 46.29 -9.82 66.77
N SER D 921 45.80 -10.92 67.31
CA SER D 921 45.53 -12.11 66.52
C SER D 921 44.25 -11.99 65.69
N ILE D 922 43.38 -11.05 66.03
CA ILE D 922 42.06 -10.96 65.40
C ILE D 922 42.05 -9.77 64.43
N ILE D 923 42.87 -8.77 64.71
CA ILE D 923 43.15 -7.75 63.70
C ILE D 923 43.90 -8.39 62.54
N SER D 924 44.70 -9.41 62.83
CA SER D 924 45.56 -10.09 61.85
C SER D 924 44.77 -10.78 60.74
N ALA D 925 44.07 -11.84 61.07
CA ALA D 925 43.31 -12.58 60.07
C ALA D 925 41.82 -12.23 60.14
N LEU D 926 41.53 -10.97 59.87
CA LEU D 926 40.14 -10.54 59.79
C LEU D 926 39.54 -10.89 58.44
N ALA D 927 40.32 -10.78 57.38
CA ALA D 927 39.85 -11.10 56.04
C ALA D 927 39.79 -12.60 55.78
N GLN D 928 40.18 -13.44 56.74
CA GLN D 928 39.79 -14.84 56.68
C GLN D 928 38.35 -15.02 57.13
N ILE D 929 38.03 -14.53 58.32
CA ILE D 929 36.73 -14.76 58.90
C ILE D 929 35.66 -13.89 58.24
N SER D 930 36.05 -12.85 57.51
CA SER D 930 35.08 -12.07 56.74
C SER D 930 34.43 -12.92 55.68
N ILE D 931 35.23 -13.54 54.81
CA ILE D 931 34.67 -14.42 53.79
C ILE D 931 34.47 -15.85 54.29
N CYS D 932 34.70 -16.10 55.57
CA CYS D 932 34.09 -17.29 56.18
C CYS D 932 32.66 -16.99 56.62
N LEU D 933 32.43 -15.85 57.28
CA LEU D 933 31.08 -15.45 57.63
C LEU D 933 30.23 -15.07 56.43
N GLN D 934 30.86 -14.69 55.31
CA GLN D 934 30.10 -14.44 54.10
C GLN D 934 29.52 -15.73 53.53
N THR D 935 30.33 -16.78 53.51
CA THR D 935 29.81 -18.10 53.12
C THR D 935 28.83 -18.64 54.16
N GLY D 936 28.95 -18.21 55.41
CA GLY D 936 27.96 -18.60 56.41
C GLY D 936 26.62 -17.90 56.18
N LEU D 937 26.66 -16.59 55.90
CA LEU D 937 25.47 -15.85 55.54
C LEU D 937 24.85 -16.35 54.25
N GLY D 938 25.66 -16.82 53.32
CA GLY D 938 25.14 -17.25 52.04
C GLY D 938 24.33 -18.54 52.13
N LEU D 939 24.80 -19.49 52.91
CA LEU D 939 24.08 -20.74 53.08
C LEU D 939 22.96 -20.54 54.09
N LYS D 940 21.80 -21.16 53.82
CA LYS D 940 20.56 -20.75 54.45
C LYS D 940 20.47 -21.20 55.91
N GLU D 941 20.85 -22.44 56.20
CA GLU D 941 20.64 -22.98 57.53
C GLU D 941 21.66 -22.51 58.54
N VAL D 942 22.74 -21.88 58.11
CA VAL D 942 23.77 -21.38 59.02
C VAL D 942 23.78 -19.86 59.06
N ARG D 943 22.67 -19.21 58.69
CA ARG D 943 22.63 -17.75 58.68
C ARG D 943 22.60 -17.18 60.09
N TYR D 944 21.76 -17.73 60.97
CA TYR D 944 21.56 -17.15 62.29
C TYR D 944 22.82 -17.23 63.15
N GLU D 945 23.53 -18.35 63.08
CA GLU D 945 24.76 -18.48 63.84
C GLU D 945 25.84 -17.57 63.28
N ALA D 946 25.79 -17.29 61.98
CA ALA D 946 26.78 -16.39 61.40
C ALA D 946 26.46 -14.93 61.71
N PHE D 947 25.18 -14.57 61.80
CA PHE D 947 24.83 -13.23 62.28
C PHE D 947 25.23 -13.06 63.74
N ARG D 948 25.04 -14.10 64.55
CA ARG D 948 25.43 -14.01 65.95
C ARG D 948 26.95 -13.97 66.09
N CYS D 949 27.66 -14.64 65.17
CA CYS D 949 29.11 -14.57 65.17
C CYS D 949 29.60 -13.21 64.72
N TRP D 950 28.87 -12.56 63.82
CA TRP D 950 29.22 -11.19 63.46
C TRP D 950 28.93 -10.25 64.62
N HIS D 951 27.82 -10.46 65.32
CA HIS D 951 27.47 -9.65 66.49
C HIS D 951 28.54 -9.76 67.55
N LEU D 952 29.11 -10.96 67.68
CA LEU D 952 30.27 -11.15 68.54
C LEU D 952 31.47 -10.42 67.99
N LEU D 953 31.64 -10.42 66.66
CA LEU D 953 32.78 -9.79 66.02
C LEU D 953 32.68 -8.28 66.00
N VAL D 954 31.48 -7.74 65.83
CA VAL D 954 31.33 -6.30 65.66
C VAL D 954 31.58 -5.56 66.98
N ARG D 955 31.53 -6.24 68.12
CA ARG D 955 31.75 -5.60 69.40
C ARG D 955 33.06 -5.99 70.05
N HIS D 956 33.74 -7.04 69.60
CA HIS D 956 35.08 -7.37 70.05
C HIS D 956 36.13 -6.78 69.13
N LEU D 957 35.86 -5.62 68.54
CA LEU D 957 36.71 -5.06 67.52
C LEU D 957 36.42 -3.57 67.41
N ASN D 958 37.44 -2.81 67.02
CA ASN D 958 37.35 -1.35 67.04
C ASN D 958 36.58 -0.78 65.85
N ASP D 959 36.66 0.54 65.68
CA ASP D 959 35.89 1.27 64.67
C ASP D 959 36.55 1.23 63.31
N GLU D 960 37.84 1.57 63.24
CA GLU D 960 38.46 1.83 61.95
C GLU D 960 38.86 0.55 61.25
N GLU D 961 39.16 -0.51 61.99
CA GLU D 961 39.54 -1.77 61.35
C GLU D 961 38.29 -2.65 61.24
N LEU D 962 37.19 -2.02 60.85
CA LEU D 962 35.89 -2.66 60.71
C LEU D 962 35.31 -2.16 59.40
N SER D 963 35.96 -1.11 58.88
CA SER D 963 35.56 -0.52 57.61
C SER D 963 35.84 -1.46 56.44
N THR D 964 36.76 -2.39 56.64
CA THR D 964 37.15 -3.28 55.55
C THR D 964 36.10 -4.35 55.31
N VAL D 965 35.16 -4.52 56.26
CA VAL D 965 34.26 -5.65 56.25
C VAL D 965 32.80 -5.27 56.45
N ILE D 966 32.50 -3.98 56.62
CA ILE D 966 31.15 -3.61 57.01
C ILE D 966 30.23 -3.51 55.79
N ASP D 967 30.79 -3.19 54.62
CA ASP D 967 29.98 -3.01 53.42
C ASP D 967 29.38 -4.33 52.97
N SER D 968 30.16 -5.41 53.05
CA SER D 968 29.77 -6.71 52.55
C SER D 968 28.62 -7.33 53.32
N LEU D 969 28.35 -6.88 54.54
CA LEU D 969 27.17 -7.41 55.21
C LEU D 969 26.07 -6.39 55.46
N ILE D 970 26.39 -5.08 55.45
CA ILE D 970 25.30 -4.10 55.39
C ILE D 970 24.54 -4.26 54.08
N ALA D 971 25.27 -4.59 53.01
CA ALA D 971 24.65 -4.97 51.75
C ALA D 971 23.82 -6.24 51.87
N PHE D 972 24.31 -7.24 52.61
CA PHE D 972 23.56 -8.48 52.75
C PHE D 972 22.30 -8.26 53.57
N ILE D 973 22.36 -7.40 54.57
CA ILE D 973 21.18 -7.06 55.36
C ILE D 973 20.15 -6.35 54.49
N LEU D 974 20.59 -5.34 53.74
CA LEU D 974 19.63 -4.54 52.98
C LEU D 974 19.11 -5.27 51.75
N GLN D 975 19.87 -6.21 51.20
CA GLN D 975 19.46 -6.89 49.97
C GLN D 975 18.80 -8.23 50.20
N LYS D 976 18.92 -8.83 51.39
CA LYS D 976 18.27 -10.09 51.67
C LYS D 976 17.33 -9.97 52.87
N TRP D 977 16.75 -8.79 53.05
CA TRP D 977 15.93 -8.53 54.23
C TRP D 977 14.60 -9.25 54.19
N SER D 978 14.09 -9.56 53.00
CA SER D 978 12.68 -9.91 52.87
C SER D 978 12.35 -11.29 53.39
N GLU D 979 13.28 -12.23 53.28
CA GLU D 979 13.01 -13.60 53.73
C GLU D 979 13.45 -13.84 55.16
N PHE D 980 13.96 -12.81 55.85
CA PHE D 980 14.31 -12.94 57.25
C PHE D 980 13.06 -13.13 58.08
N ASN D 981 13.07 -14.12 58.96
CA ASN D 981 11.95 -14.35 59.86
C ASN D 981 12.05 -13.40 61.06
N GLY D 982 11.28 -13.69 62.11
CA GLY D 982 11.32 -12.84 63.29
C GLY D 982 12.64 -12.91 64.03
N LYS D 983 13.23 -14.11 64.09
CA LYS D 983 14.46 -14.28 64.87
C LYS D 983 15.65 -13.65 64.16
N LEU D 984 15.74 -13.81 62.84
CA LEU D 984 16.82 -13.17 62.09
C LEU D 984 16.66 -11.66 62.04
N ARG D 985 15.42 -11.17 61.98
CA ARG D 985 15.23 -9.72 62.05
C ARG D 985 15.57 -9.18 63.43
N ASN D 986 15.34 -9.97 64.49
CA ASN D 986 15.72 -9.51 65.82
C ASN D 986 17.23 -9.48 66.01
N ILE D 987 17.93 -10.50 65.48
CA ILE D 987 19.39 -10.49 65.65
C ILE D 987 20.03 -9.45 64.73
N VAL D 988 19.38 -9.10 63.61
CA VAL D 988 19.94 -8.04 62.79
C VAL D 988 19.62 -6.66 63.39
N TYR D 989 18.47 -6.52 64.06
CA TYR D 989 18.23 -5.33 64.87
C TYR D 989 19.25 -5.20 65.99
N SER D 990 19.67 -6.31 66.55
CA SER D 990 20.67 -6.28 67.60
C SER D 990 22.07 -6.04 67.05
N ILE D 991 22.33 -6.39 65.78
CA ILE D 991 23.50 -5.87 65.07
C ILE D 991 23.44 -4.34 65.00
N LEU D 992 22.33 -3.83 64.46
CA LEU D 992 22.31 -2.45 63.98
C LEU D 992 22.25 -1.45 65.11
N ASP D 993 21.54 -1.77 66.21
CA ASP D 993 21.51 -0.80 67.30
C ASP D 993 22.84 -0.73 68.03
N THR D 994 23.53 -1.87 68.15
CA THR D 994 24.91 -1.88 68.64
C THR D 994 25.80 -1.06 67.72
N LEU D 995 25.59 -1.18 66.42
CA LEU D 995 26.46 -0.51 65.47
C LEU D 995 26.20 0.99 65.42
N ILE D 996 24.98 1.43 65.71
CA ILE D 996 24.70 2.86 65.66
C ILE D 996 24.82 3.57 67.01
N LYS D 997 24.79 2.84 68.12
CA LYS D 997 25.01 3.53 69.39
C LYS D 997 26.49 3.63 69.73
N GLU D 998 27.16 2.50 69.88
CA GLU D 998 28.49 2.51 70.44
C GLU D 998 29.59 2.63 69.40
N LYS D 999 29.30 2.36 68.13
CA LYS D 999 30.31 2.42 67.08
C LYS D 999 29.83 3.30 65.93
N SER D 1000 29.35 4.49 66.29
CA SER D 1000 28.94 5.49 65.31
C SER D 1000 30.11 6.19 64.65
N ASP D 1001 31.33 5.97 65.15
CA ASP D 1001 32.52 6.50 64.49
C ASP D 1001 32.68 5.94 63.08
N LEU D 1002 32.42 4.63 62.93
CA LEU D 1002 32.47 4.02 61.61
C LEU D 1002 31.30 4.48 60.76
N ILE D 1003 30.12 4.51 61.34
CA ILE D 1003 28.89 4.66 60.59
C ILE D 1003 28.68 6.09 60.12
N LEU D 1004 29.00 7.07 60.96
CA LEU D 1004 28.74 8.46 60.59
C LEU D 1004 29.82 9.01 59.68
N LYS D 1005 31.05 9.12 60.17
CA LYS D 1005 32.05 9.92 59.47
C LYS D 1005 33.19 9.13 58.86
N LEU D 1006 33.38 7.87 59.23
CA LEU D 1006 34.46 7.12 58.58
C LEU D 1006 34.00 6.64 57.21
N LYS D 1007 32.74 6.22 57.10
CA LYS D 1007 32.11 5.98 55.79
C LYS D 1007 30.62 6.22 55.90
N PRO D 1008 30.14 7.37 55.43
CA PRO D 1008 28.73 7.73 55.60
C PRO D 1008 27.79 7.02 54.64
N TYR D 1009 28.29 6.14 53.78
CA TYR D 1009 27.40 5.37 52.94
C TYR D 1009 26.65 4.32 53.74
N THR D 1010 27.27 3.82 54.81
CA THR D 1010 26.65 2.75 55.58
C THR D 1010 25.49 3.25 56.44
N THR D 1011 25.38 4.54 56.67
CA THR D 1011 24.17 5.02 57.34
C THR D 1011 23.10 5.44 56.35
N LEU D 1012 23.48 6.03 55.22
CA LEU D 1012 22.48 6.47 54.25
C LEU D 1012 21.87 5.28 53.54
N ALA D 1013 22.61 4.18 53.44
CA ALA D 1013 22.04 2.96 52.88
C ALA D 1013 21.00 2.36 53.83
N LEU D 1014 21.25 2.43 55.14
CA LEU D 1014 20.28 1.89 56.09
C LEU D 1014 19.07 2.80 56.23
N VAL D 1015 19.25 4.11 56.04
CA VAL D 1015 18.10 5.01 56.00
C VAL D 1015 17.29 4.80 54.74
N GLY D 1016 17.98 4.48 53.63
CA GLY D 1016 17.34 4.38 52.33
C GLY D 1016 16.34 3.25 52.19
N LYS D 1017 16.34 2.29 53.10
CA LYS D 1017 15.33 1.26 53.10
C LYS D 1017 14.34 1.55 54.22
N PRO D 1018 13.10 1.94 53.91
CA PRO D 1018 12.14 2.24 54.98
C PRO D 1018 11.51 1.01 55.60
N GLU D 1019 11.62 -0.15 54.94
CA GLU D 1019 11.10 -1.39 55.50
C GLU D 1019 11.84 -1.79 56.77
N LEU D 1020 13.12 -1.44 56.87
CA LEU D 1020 13.88 -1.74 58.08
C LEU D 1020 13.43 -0.84 59.24
N GLY D 1021 13.38 0.46 59.01
CA GLY D 1021 12.96 1.37 60.06
C GLY D 1021 14.03 1.70 61.09
N ILE D 1022 15.09 2.37 60.63
CA ILE D 1022 16.16 2.77 61.54
C ILE D 1022 15.72 3.91 62.45
N LEU D 1023 15.13 4.95 61.87
CA LEU D 1023 15.09 6.26 62.53
C LEU D 1023 14.13 6.28 63.71
N ALA D 1024 13.07 5.48 63.67
CA ALA D 1024 12.13 5.40 64.78
C ALA D 1024 12.70 4.65 65.97
N ARG D 1025 13.79 3.91 65.81
CA ARG D 1025 14.29 3.09 66.90
C ARG D 1025 15.06 3.92 67.91
N ASP D 1026 15.95 4.80 67.44
CA ASP D 1026 16.68 5.70 68.32
C ASP D 1026 16.02 7.07 68.42
N GLY D 1027 15.89 7.76 67.32
CA GLY D 1027 15.40 9.14 67.32
C GLY D 1027 16.50 10.17 67.38
N GLN D 1028 17.46 9.99 68.29
CA GLN D 1028 18.64 10.85 68.32
C GLN D 1028 19.61 10.53 67.19
N PHE D 1029 19.50 9.33 66.60
CA PHE D 1029 20.31 9.00 65.44
C PHE D 1029 19.83 9.73 64.20
N ALA D 1030 18.55 10.12 64.16
CA ALA D 1030 18.03 10.94 63.07
C ALA D 1030 18.65 12.33 63.07
N ARG D 1031 19.04 12.82 64.24
CA ARG D 1031 19.77 14.08 64.33
C ARG D 1031 21.12 14.00 63.63
N MET D 1032 21.73 12.82 63.60
CA MET D 1032 22.96 12.65 62.85
C MET D 1032 22.69 12.34 61.39
N VAL D 1033 21.57 11.67 61.11
CA VAL D 1033 21.21 11.33 59.73
C VAL D 1033 20.92 12.58 58.91
N ASN D 1034 20.12 13.49 59.46
CA ASN D 1034 19.70 14.66 58.71
C ASN D 1034 20.77 15.75 58.60
N LYS D 1035 22.01 15.45 58.95
CA LYS D 1035 23.14 16.27 58.59
C LYS D 1035 24.29 15.47 58.00
N ILE D 1036 24.26 14.15 58.09
CA ILE D 1036 25.31 13.36 57.44
C ILE D 1036 25.00 13.15 55.96
N ARG D 1037 23.75 13.38 55.55
CA ARG D 1037 23.42 13.29 54.13
C ARG D 1037 23.97 14.48 53.36
N SER D 1038 23.90 15.67 53.96
CA SER D 1038 24.28 16.89 53.25
C SER D 1038 25.78 17.01 53.12
N THR D 1039 26.51 16.96 54.24
CA THR D 1039 27.89 17.39 54.29
C THR D 1039 28.87 16.41 53.64
N THR D 1040 28.41 15.26 53.18
CA THR D 1040 29.27 14.24 52.60
C THR D 1040 28.94 14.07 51.13
N ASP D 1041 29.90 14.38 50.26
CA ASP D 1041 29.73 14.13 48.85
C ASP D 1041 29.78 12.63 48.60
N LEU D 1042 28.81 12.13 47.87
CA LEU D 1042 28.50 10.71 47.86
C LEU D 1042 28.89 10.02 46.57
N ILE D 1043 29.22 10.77 45.53
CA ILE D 1043 29.59 10.22 44.22
C ILE D 1043 30.86 9.37 44.23
N PRO D 1044 32.03 9.79 44.77
CA PRO D 1044 33.21 8.93 44.65
C PRO D 1044 33.17 7.68 45.50
N ILE D 1045 32.26 7.61 46.48
CA ILE D 1045 32.06 6.37 47.23
C ILE D 1045 30.93 5.54 46.66
N PHE D 1046 30.21 6.03 45.65
CA PHE D 1046 29.59 5.11 44.71
C PHE D 1046 30.57 4.64 43.66
N ALA D 1047 31.61 5.42 43.39
CA ALA D 1047 32.53 5.09 42.32
C ALA D 1047 33.42 3.91 42.68
N ASN D 1048 34.05 3.95 43.86
CA ASN D 1048 34.92 2.85 44.27
C ASN D 1048 34.18 1.75 45.00
N ASN D 1049 32.85 1.77 45.00
CA ASN D 1049 32.07 0.62 45.45
C ASN D 1049 31.50 -0.18 44.30
N LEU D 1050 31.36 0.41 43.12
CA LEU D 1050 30.91 -0.33 41.95
C LEU D 1050 32.03 -1.16 41.33
N LYS D 1051 33.26 -0.97 41.75
CA LYS D 1051 34.36 -1.81 41.30
C LYS D 1051 34.51 -3.05 42.16
N SER D 1052 33.55 -3.33 43.04
CA SER D 1052 33.58 -4.49 43.91
C SER D 1052 33.24 -5.76 43.13
N SER D 1053 33.17 -6.87 43.83
CA SER D 1053 33.05 -8.17 43.19
C SER D 1053 31.75 -8.88 43.51
N ASN D 1054 31.36 -8.92 44.78
CA ASN D 1054 30.16 -9.64 45.16
C ASN D 1054 28.91 -8.87 44.79
N LYS D 1055 27.91 -9.61 44.33
CA LYS D 1055 26.70 -9.06 43.73
C LYS D 1055 25.81 -8.33 44.73
N TYR D 1056 26.02 -8.52 46.04
CA TYR D 1056 25.14 -7.89 47.01
C TYR D 1056 25.44 -6.42 47.18
N VAL D 1057 26.71 -6.03 47.13
CA VAL D 1057 26.99 -4.63 47.34
C VAL D 1057 26.74 -3.83 46.06
N ILE D 1058 26.89 -4.45 44.89
CA ILE D 1058 26.63 -3.77 43.65
C ILE D 1058 25.21 -4.02 43.16
N ASN D 1059 24.33 -4.49 44.03
CA ASN D 1059 22.90 -4.25 43.88
C ASN D 1059 22.43 -3.15 44.81
N GLN D 1060 23.07 -3.03 45.98
CA GLN D 1060 22.70 -1.98 46.91
C GLN D 1060 23.20 -0.62 46.43
N ASN D 1061 24.37 -0.60 45.78
CA ASN D 1061 24.81 0.64 45.17
C ASN D 1061 23.92 1.05 44.01
N LEU D 1062 23.38 0.10 43.26
CA LEU D 1062 22.48 0.46 42.17
C LEU D 1062 21.14 0.94 42.69
N ASP D 1063 20.60 0.27 43.71
CA ASP D 1063 19.37 0.72 44.34
C ASP D 1063 19.54 2.04 45.08
N ASP D 1064 20.75 2.37 45.51
CA ASP D 1064 20.96 3.69 46.11
C ASP D 1064 21.20 4.76 45.07
N ILE D 1065 21.83 4.44 43.94
CA ILE D 1065 22.03 5.42 42.88
C ILE D 1065 20.71 5.80 42.22
N GLU D 1066 19.83 4.81 41.97
CA GLU D 1066 18.58 5.15 41.31
C GLU D 1066 17.61 5.92 42.21
N VAL D 1067 17.84 5.92 43.52
CA VAL D 1067 17.09 6.78 44.43
C VAL D 1067 17.80 8.11 44.63
N TYR D 1068 19.13 8.10 44.61
CA TYR D 1068 19.92 9.32 44.77
C TYR D 1068 19.71 10.28 43.61
N LEU D 1069 19.81 9.77 42.38
CA LEU D 1069 19.59 10.61 41.22
C LEU D 1069 18.14 11.02 41.08
N ARG D 1070 17.20 10.18 41.53
CA ARG D 1070 15.80 10.57 41.52
C ARG D 1070 15.53 11.69 42.53
N ARG D 1071 16.27 11.73 43.63
CA ARG D 1071 16.17 12.88 44.53
C ARG D 1071 16.83 14.10 43.92
N LYS D 1072 17.95 13.92 43.23
CA LYS D 1072 18.68 15.05 42.70
C LYS D 1072 18.02 15.68 41.47
N GLN D 1073 17.17 14.94 40.76
CA GLN D 1073 16.40 15.56 39.68
C GLN D 1073 15.40 16.56 40.23
N THR D 1074 14.58 16.14 41.19
CA THR D 1074 13.63 17.06 41.81
C THR D 1074 14.33 18.13 42.64
N GLU D 1075 15.52 17.83 43.14
CA GLU D 1075 16.30 18.83 43.85
C GLU D 1075 16.94 19.84 42.89
N ARG D 1076 17.05 19.48 41.61
CA ARG D 1076 17.50 20.33 40.50
C ARG D 1076 18.92 20.83 40.65
N SER D 1077 19.73 20.21 41.50
CA SER D 1077 21.09 20.67 41.69
C SER D 1077 22.05 19.49 41.79
N ILE D 1078 21.88 18.52 40.89
CA ILE D 1078 22.93 17.53 40.68
C ILE D 1078 24.10 18.20 39.98
N ASP D 1079 25.30 17.92 40.45
CA ASP D 1079 26.47 18.70 40.07
C ASP D 1079 26.95 18.26 38.69
N PHE D 1080 27.19 19.23 37.81
CA PHE D 1080 27.86 18.99 36.54
C PHE D 1080 29.03 19.97 36.46
N THR D 1081 30.17 19.59 37.03
CA THR D 1081 31.30 20.49 37.15
C THR D 1081 32.12 20.46 35.87
N PRO D 1082 32.35 21.61 35.20
CA PRO D 1082 33.15 21.69 33.98
C PRO D 1082 34.64 21.35 34.21
N SER D 1089 34.38 14.43 42.53
CA SER D 1089 32.95 14.67 42.69
C SER D 1089 32.26 14.80 41.34
N ASP D 1090 32.90 14.28 40.30
CA ASP D 1090 32.33 14.33 38.97
C ASP D 1090 31.36 13.18 38.74
N ILE D 1091 30.23 13.49 38.10
CA ILE D 1091 29.23 12.49 37.78
C ILE D 1091 29.73 11.55 36.69
N THR D 1092 30.73 11.97 35.91
CA THR D 1092 31.30 11.10 34.89
C THR D 1092 32.12 9.97 35.50
N LEU D 1093 32.58 10.11 36.74
CA LEU D 1093 33.22 9.01 37.46
C LEU D 1093 32.25 7.87 37.68
N VAL D 1094 31.06 8.18 38.20
CA VAL D 1094 30.10 7.12 38.43
C VAL D 1094 29.50 6.63 37.12
N LEU D 1095 29.50 7.46 36.08
CA LEU D 1095 29.03 6.95 34.77
C LEU D 1095 30.02 5.95 34.20
N GLY D 1096 31.33 6.21 34.32
CA GLY D 1096 32.30 5.24 33.88
C GLY D 1096 32.28 3.97 34.72
N ALA D 1097 32.01 4.12 36.03
CA ALA D 1097 31.86 2.95 36.88
C ALA D 1097 30.66 2.12 36.48
N LEU D 1098 29.55 2.76 36.11
CA LEU D 1098 28.36 2.03 35.67
C LEU D 1098 28.59 1.35 34.32
N LEU D 1099 29.31 2.00 33.42
CA LEU D 1099 29.58 1.36 32.13
C LEU D 1099 30.49 0.14 32.32
N ASP D 1100 31.48 0.24 33.21
CA ASP D 1100 32.33 -0.91 33.49
C ASP D 1100 31.57 -2.01 34.22
N THR D 1101 30.60 -1.64 35.06
CA THR D 1101 29.81 -2.63 35.77
C THR D 1101 28.90 -3.39 34.81
N SER D 1102 28.29 -2.68 33.87
CA SER D 1102 27.44 -3.34 32.89
C SER D 1102 28.26 -4.17 31.90
N HIS D 1103 29.48 -3.73 31.60
CA HIS D 1103 30.34 -4.53 30.72
C HIS D 1103 30.88 -5.76 31.44
N LYS D 1104 31.02 -5.70 32.76
CA LYS D 1104 31.54 -6.84 33.50
C LYS D 1104 30.54 -7.99 33.55
N PHE D 1105 29.25 -7.68 33.58
CA PHE D 1105 28.21 -8.67 33.79
C PHE D 1105 27.37 -8.90 32.53
N ARG D 1106 28.00 -8.82 31.35
CA ARG D 1106 27.29 -9.00 30.09
C ARG D 1106 26.77 -10.40 29.89
N ASN D 1107 27.35 -11.39 30.59
CA ASN D 1107 26.97 -12.77 30.42
C ASN D 1107 26.56 -13.40 31.75
N LEU D 1108 26.38 -12.59 32.79
CA LEU D 1108 26.01 -13.08 34.12
C LEU D 1108 25.04 -12.08 34.72
N ASP D 1109 23.86 -12.55 35.14
CA ASP D 1109 22.86 -11.76 35.86
C ASP D 1109 22.40 -10.54 35.06
N LYS D 1110 21.56 -10.76 34.04
CA LYS D 1110 20.94 -9.68 33.26
C LYS D 1110 20.27 -8.58 34.08
N ASP D 1111 19.88 -8.86 35.32
CA ASP D 1111 19.09 -7.92 36.11
C ASP D 1111 19.92 -6.73 36.59
N LEU D 1112 21.18 -6.96 36.99
CA LEU D 1112 21.92 -5.80 37.45
C LEU D 1112 22.45 -4.98 36.29
N CYS D 1113 22.62 -5.58 35.12
CA CYS D 1113 22.86 -4.77 33.93
C CYS D 1113 21.62 -3.99 33.53
N GLU D 1114 20.42 -4.53 33.77
CA GLU D 1114 19.19 -3.78 33.55
C GLU D 1114 19.12 -2.54 34.44
N LYS D 1115 19.24 -2.74 35.75
CA LYS D 1115 19.15 -1.58 36.64
C LYS D 1115 20.37 -0.67 36.54
N CYS D 1116 21.49 -1.21 36.07
CA CYS D 1116 22.68 -0.41 35.84
C CYS D 1116 22.49 0.52 34.65
N ALA D 1117 21.95 0.00 33.55
CA ALA D 1117 21.61 0.83 32.40
C ALA D 1117 20.50 1.81 32.73
N LYS D 1118 19.59 1.43 33.63
CA LYS D 1118 18.57 2.38 34.07
C LYS D 1118 19.18 3.54 34.84
N CYS D 1119 20.20 3.26 35.66
CA CYS D 1119 20.90 4.35 36.35
C CYS D 1119 21.68 5.22 35.37
N ILE D 1120 22.25 4.62 34.32
CA ILE D 1120 22.95 5.40 33.29
C ILE D 1120 21.96 6.31 32.57
N SER D 1121 20.77 5.80 32.30
CA SER D 1121 19.72 6.63 31.70
C SER D 1121 19.28 7.74 32.64
N MET D 1122 19.28 7.48 33.95
CA MET D 1122 18.96 8.54 34.90
C MET D 1122 20.03 9.60 34.94
N ILE D 1123 21.28 9.24 34.67
CA ILE D 1123 22.31 10.26 34.48
C ILE D 1123 22.02 11.06 33.22
N GLY D 1124 21.99 10.40 32.08
CA GLY D 1124 21.65 11.03 30.83
C GLY D 1124 22.86 11.27 29.95
N VAL D 1125 22.63 12.07 28.90
CA VAL D 1125 23.72 12.45 28.01
C VAL D 1125 24.51 13.57 28.67
N LEU D 1126 25.80 13.35 28.85
CA LEU D 1126 26.65 14.44 29.27
C LEU D 1126 27.09 15.26 28.07
N ASP D 1127 27.38 16.53 28.33
CA ASP D 1127 28.05 17.34 27.32
C ASP D 1127 29.43 16.76 27.09
N VAL D 1128 29.72 16.41 25.83
CA VAL D 1128 30.95 15.70 25.51
C VAL D 1128 32.15 16.64 25.60
N THR D 1129 31.91 17.95 25.57
CA THR D 1129 33.00 18.91 25.70
C THR D 1129 33.54 18.95 27.11
N LYS D 1130 32.70 19.28 28.10
CA LYS D 1130 33.16 19.57 29.44
C LYS D 1130 33.06 18.38 30.39
N HIS D 1131 32.95 17.16 29.86
CA HIS D 1131 32.94 15.96 30.69
C HIS D 1131 33.72 14.85 30.01
N GLU D 1132 34.61 14.21 30.77
CA GLU D 1132 35.54 13.24 30.21
C GLU D 1132 35.84 12.21 31.29
N PHE D 1133 36.17 10.99 30.86
CA PHE D 1133 36.51 9.90 31.78
C PHE D 1133 37.92 10.11 32.35
N LYS D 1134 38.43 9.11 33.06
CA LYS D 1134 39.67 9.27 33.81
C LYS D 1134 40.90 9.30 32.88
N ARG D 1135 40.99 8.35 31.94
CA ARG D 1135 42.03 8.26 30.92
C ARG D 1135 43.45 8.26 31.52
N THR D 1136 43.72 7.23 32.32
CA THR D 1136 45.05 7.07 32.92
C THR D 1136 45.95 6.28 31.96
N THR D 1137 46.29 6.94 30.85
CA THR D 1137 47.13 6.37 29.81
C THR D 1137 48.52 6.97 29.78
N TYR D 1138 48.64 8.29 29.85
CA TYR D 1138 49.92 8.96 30.03
C TYR D 1138 50.18 9.02 31.53
N SER D 1139 50.92 8.04 32.04
CA SER D 1139 51.03 7.80 33.47
C SER D 1139 52.33 7.03 33.71
N GLU D 1140 52.43 6.37 34.87
CA GLU D 1140 53.51 5.40 35.10
C GLU D 1140 53.48 4.28 34.07
N ASN D 1141 52.30 3.94 33.55
CA ASN D 1141 52.11 3.34 32.23
C ASN D 1141 52.60 1.90 32.14
N GLU D 1142 52.64 1.21 33.28
CA GLU D 1142 52.75 -0.25 33.38
C GLU D 1142 54.06 -0.80 32.81
N VAL D 1143 55.09 0.02 32.68
CA VAL D 1143 56.37 -0.41 32.10
C VAL D 1143 57.31 -0.79 33.23
N TYR D 1144 57.62 -2.08 33.30
CA TYR D 1144 58.48 -2.61 34.36
C TYR D 1144 59.38 -3.67 33.76
N ASP D 1145 60.69 -3.47 33.88
CA ASP D 1145 61.64 -4.47 33.46
C ASP D 1145 61.67 -5.60 34.47
N LEU D 1146 61.54 -6.84 33.98
CA LEU D 1146 61.54 -8.02 34.82
C LEU D 1146 62.93 -8.64 34.96
N ASN D 1147 63.97 -7.88 34.69
CA ASN D 1147 65.34 -8.34 34.80
C ASN D 1147 66.12 -7.67 35.92
N ASP D 1148 66.00 -6.35 36.04
CA ASP D 1148 66.64 -5.64 37.14
C ASP D 1148 65.84 -5.81 38.42
N SER D 1149 66.51 -5.58 39.55
CA SER D 1149 65.83 -5.74 40.83
C SER D 1149 64.97 -4.52 41.16
N VAL D 1150 65.51 -3.32 40.93
CA VAL D 1150 64.93 -2.07 41.42
C VAL D 1150 63.58 -1.76 40.77
N GLN D 1151 63.32 -2.29 39.58
CA GLN D 1151 62.01 -2.12 38.96
C GLN D 1151 61.12 -3.34 39.14
N THR D 1152 61.69 -4.53 39.36
CA THR D 1152 60.87 -5.69 39.67
C THR D 1152 60.19 -5.53 41.02
N ILE D 1153 60.90 -4.93 41.97
CA ILE D 1153 60.31 -4.65 43.27
C ILE D 1153 59.23 -3.59 43.16
N LYS D 1154 59.41 -2.62 42.25
CA LYS D 1154 58.36 -1.63 42.01
C LYS D 1154 57.14 -2.25 41.34
N PHE D 1155 57.36 -3.20 40.44
CA PHE D 1155 56.25 -3.92 39.82
C PHE D 1155 55.49 -4.75 40.85
N LEU D 1156 56.21 -5.42 41.75
CA LEU D 1156 55.53 -6.24 42.75
C LEU D 1156 54.79 -5.38 43.76
N ILE D 1157 55.36 -4.24 44.16
CA ILE D 1157 54.64 -3.39 45.10
C ILE D 1157 53.45 -2.74 44.42
N TRP D 1158 53.53 -2.50 43.11
CA TRP D 1158 52.39 -1.94 42.38
C TRP D 1158 51.27 -2.95 42.22
N VAL D 1159 51.62 -4.19 41.85
CA VAL D 1159 50.60 -5.21 41.64
C VAL D 1159 50.01 -5.69 42.96
N ILE D 1160 50.75 -5.55 44.06
CA ILE D 1160 50.15 -5.76 45.37
C ILE D 1160 49.20 -4.61 45.70
N ASN D 1161 49.62 -3.38 45.41
CA ASN D 1161 48.87 -2.22 45.88
C ASN D 1161 47.55 -2.04 45.12
N ASP D 1162 47.55 -2.20 43.80
CA ASP D 1162 46.35 -1.80 43.07
C ASP D 1162 45.36 -2.94 42.84
N ILE D 1163 45.80 -4.18 42.65
CA ILE D 1163 44.89 -5.25 42.30
C ILE D 1163 44.95 -6.46 43.23
N LEU D 1164 46.05 -6.72 43.96
CA LEU D 1164 46.05 -7.87 44.84
C LEU D 1164 45.46 -7.58 46.21
N VAL D 1165 45.73 -6.38 46.75
CA VAL D 1165 45.06 -5.97 47.98
C VAL D 1165 43.55 -5.83 47.84
N PRO D 1166 42.98 -5.25 46.75
CA PRO D 1166 41.52 -5.33 46.63
C PRO D 1166 40.97 -6.73 46.45
N ALA D 1167 41.62 -7.56 45.63
CA ALA D 1167 41.18 -8.93 45.44
C ALA D 1167 41.33 -9.78 46.71
N PHE D 1168 42.17 -9.35 47.64
CA PHE D 1168 42.32 -10.04 48.91
C PHE D 1168 41.07 -9.93 49.75
N TRP D 1169 40.39 -8.79 49.69
CA TRP D 1169 39.18 -8.58 50.49
C TRP D 1169 37.91 -9.04 49.79
N GLN D 1170 37.78 -8.76 48.50
CA GLN D 1170 36.52 -8.94 47.80
C GLN D 1170 36.36 -10.34 47.21
N SER D 1171 37.16 -11.30 47.67
CA SER D 1171 37.11 -12.66 47.17
C SER D 1171 35.77 -13.32 47.49
N GLU D 1172 35.37 -14.29 46.67
CA GLU D 1172 34.10 -14.98 46.84
C GLU D 1172 34.26 -16.27 47.63
N ASN D 1173 35.00 -17.21 47.10
CA ASN D 1173 35.27 -18.36 47.94
C ASN D 1173 36.58 -18.16 48.69
N PRO D 1174 36.67 -18.68 49.92
CA PRO D 1174 37.90 -18.47 50.72
C PRO D 1174 39.13 -19.15 50.15
N SER D 1175 39.00 -20.12 49.25
CA SER D 1175 40.17 -20.71 48.62
C SER D 1175 40.87 -19.71 47.71
N LYS D 1176 40.10 -18.84 47.05
CA LYS D 1176 40.70 -17.78 46.24
C LYS D 1176 41.39 -16.76 47.12
N GLN D 1177 40.81 -16.47 48.29
CA GLN D 1177 41.43 -15.53 49.20
C GLN D 1177 42.71 -16.08 49.81
N LEU D 1178 42.76 -17.40 50.04
CA LEU D 1178 44.00 -18.05 50.47
C LEU D 1178 45.06 -18.01 49.38
N PHE D 1179 44.65 -18.18 48.13
CA PHE D 1179 45.62 -18.15 47.03
C PHE D 1179 46.15 -16.75 46.79
N VAL D 1180 45.28 -15.74 46.93
CA VAL D 1180 45.72 -14.34 46.87
C VAL D 1180 46.68 -14.04 48.01
N ALA D 1181 46.40 -14.58 49.20
CA ALA D 1181 47.30 -14.43 50.35
C ALA D 1181 48.65 -15.08 50.09
N LEU D 1182 48.65 -16.26 49.47
CA LEU D 1182 49.90 -16.94 49.11
C LEU D 1182 50.73 -16.10 48.15
N VAL D 1183 50.11 -15.60 47.08
CA VAL D 1183 50.84 -14.84 46.09
C VAL D 1183 51.32 -13.51 46.66
N ILE D 1184 50.49 -12.87 47.48
CA ILE D 1184 50.86 -11.58 48.05
C ILE D 1184 51.85 -11.73 49.21
N GLN D 1185 52.01 -12.95 49.73
CA GLN D 1185 53.09 -13.23 50.68
C GLN D 1185 54.41 -13.50 49.97
N GLU D 1186 54.37 -14.35 48.95
CA GLU D 1186 55.61 -14.69 48.25
C GLU D 1186 56.15 -13.52 47.44
N SER D 1187 55.28 -12.59 47.04
CA SER D 1187 55.76 -11.36 46.45
C SER D 1187 56.48 -10.48 47.46
N LEU D 1188 56.04 -10.51 48.72
CA LEU D 1188 56.80 -9.84 49.78
C LEU D 1188 58.10 -10.56 50.07
N LYS D 1189 58.11 -11.88 49.88
CA LYS D 1189 59.31 -12.66 50.13
C LYS D 1189 60.37 -12.39 49.06
N TYR D 1190 59.93 -12.17 47.81
CA TYR D 1190 60.88 -11.78 46.77
C TYR D 1190 61.42 -10.37 47.02
N CYS D 1191 60.61 -9.50 47.62
CA CYS D 1191 61.02 -8.12 47.86
C CYS D 1191 61.86 -7.96 49.12
N GLY D 1192 62.19 -9.05 49.81
CA GLY D 1192 63.06 -8.98 50.97
C GLY D 1192 62.40 -8.33 52.17
N LEU D 1193 61.19 -8.77 52.51
CA LEU D 1193 60.45 -8.22 53.63
C LEU D 1193 59.85 -9.28 54.55
N SER D 1194 59.86 -10.55 54.16
CA SER D 1194 59.05 -11.56 54.84
C SER D 1194 59.80 -12.31 55.94
N SER D 1195 60.89 -12.99 55.57
CA SER D 1195 61.53 -13.94 56.47
C SER D 1195 62.17 -13.24 57.66
N GLU D 1196 62.98 -12.22 57.41
CA GLU D 1196 63.35 -11.33 58.51
C GLU D 1196 62.17 -10.44 58.85
N SER D 1197 62.05 -10.11 60.13
CA SER D 1197 61.00 -9.22 60.60
C SER D 1197 61.66 -7.93 61.09
N TRP D 1198 61.14 -6.80 60.62
CA TRP D 1198 61.69 -5.50 60.99
C TRP D 1198 60.63 -4.48 61.34
N ASP D 1199 59.35 -4.72 61.03
CA ASP D 1199 58.33 -3.67 61.08
C ASP D 1199 57.92 -3.30 62.50
N MET D 1200 58.45 -3.97 63.52
CA MET D 1200 58.11 -3.67 64.90
C MET D 1200 58.75 -2.38 65.40
N ASN D 1201 59.60 -1.75 64.59
CA ASN D 1201 60.34 -0.50 64.83
C ASN D 1201 61.40 -0.61 65.91
N HIS D 1202 61.58 -1.78 66.53
CA HIS D 1202 62.67 -2.00 67.46
C HIS D 1202 63.97 -2.33 66.76
N LYS D 1203 63.92 -2.68 65.48
CA LYS D 1203 65.13 -2.91 64.71
C LYS D 1203 65.72 -1.59 64.22
N GLU D 1204 64.99 -0.88 63.35
CA GLU D 1204 65.22 0.49 62.89
C GLU D 1204 66.47 0.64 62.01
N LEU D 1205 67.29 -0.41 61.91
CA LEU D 1205 68.48 -0.41 61.07
C LEU D 1205 68.16 -0.83 59.64
N TYR D 1206 66.90 -0.71 59.23
CA TYR D 1206 66.46 -1.08 57.89
C TYR D 1206 65.83 0.14 57.21
N PRO D 1207 66.63 1.09 56.71
CA PRO D 1207 66.04 2.22 55.98
C PRO D 1207 65.65 1.82 54.58
N ASN D 1208 66.42 0.88 54.02
CA ASN D 1208 66.16 0.36 52.68
C ASN D 1208 64.85 -0.39 52.62
N GLU D 1209 64.44 -1.00 53.74
CA GLU D 1209 63.15 -1.66 53.81
C GLU D 1209 62.03 -0.73 54.25
N ALA D 1210 62.33 0.30 55.04
CA ALA D 1210 61.29 1.21 55.49
C ALA D 1210 60.83 2.14 54.37
N LYS D 1211 61.77 2.69 53.60
CA LYS D 1211 61.42 3.49 52.43
C LYS D 1211 60.77 2.65 51.35
N LEU D 1212 61.05 1.35 51.32
CA LEU D 1212 60.33 0.47 50.41
C LEU D 1212 58.91 0.24 50.90
N TRP D 1213 58.73 0.07 52.21
CA TRP D 1213 57.43 -0.20 52.79
C TRP D 1213 56.48 0.99 52.70
N GLU D 1214 57.03 2.20 52.75
CA GLU D 1214 56.19 3.40 52.78
C GLU D 1214 55.40 3.60 51.48
N LYS D 1215 55.84 3.00 50.37
CA LYS D 1215 55.11 3.13 49.11
C LYS D 1215 53.79 2.37 49.12
N PHE D 1216 53.61 1.39 49.99
CA PHE D 1216 52.29 0.85 50.24
C PHE D 1216 51.42 1.92 50.89
N ASN D 1217 50.16 2.02 50.46
CA ASN D 1217 49.25 2.93 51.15
C ASN D 1217 48.58 2.20 52.31
N SER D 1218 47.97 2.99 53.21
CA SER D 1218 47.55 2.48 54.52
C SER D 1218 46.43 1.46 54.40
N VAL D 1219 45.52 1.65 53.45
CA VAL D 1219 44.47 0.67 53.21
C VAL D 1219 44.99 -0.62 52.59
N SER D 1220 46.24 -0.63 52.12
CA SER D 1220 46.95 -1.87 51.84
C SER D 1220 47.93 -2.24 52.93
N LYS D 1221 48.45 -1.26 53.68
CA LYS D 1221 49.41 -1.55 54.75
C LYS D 1221 48.79 -2.38 55.86
N THR D 1222 47.56 -2.02 56.26
CA THR D 1222 46.90 -2.70 57.36
C THR D 1222 46.56 -4.14 57.03
N THR D 1223 46.30 -4.44 55.75
CA THR D 1223 45.98 -5.79 55.35
C THR D 1223 47.20 -6.57 54.87
N ILE D 1224 48.32 -5.90 54.59
CA ILE D 1224 49.51 -6.64 54.18
C ILE D 1224 50.43 -6.90 55.37
N TYR D 1225 50.29 -6.13 56.45
CA TYR D 1225 51.11 -6.32 57.64
C TYR D 1225 51.08 -7.70 58.30
N PRO D 1226 49.94 -8.41 58.44
CA PRO D 1226 50.01 -9.70 59.15
C PRO D 1226 50.79 -10.78 58.44
N LEU D 1227 50.67 -10.87 57.12
CA LEU D 1227 51.19 -12.03 56.41
C LEU D 1227 52.60 -11.80 55.87
N LEU D 1228 53.39 -10.96 56.53
CA LEU D 1228 54.83 -11.01 56.32
C LEU D 1228 55.42 -12.31 56.84
N SER D 1229 55.03 -12.70 58.06
CA SER D 1229 55.56 -13.88 58.71
C SER D 1229 54.68 -15.10 58.54
N SER D 1230 53.67 -15.04 57.68
CA SER D 1230 52.72 -16.15 57.54
C SER D 1230 53.36 -17.34 56.83
N LEU D 1231 52.68 -18.49 56.86
CA LEU D 1231 53.23 -19.75 56.40
C LEU D 1231 52.32 -20.38 55.37
N TYR D 1232 51.86 -19.60 54.40
CA TYR D 1232 51.05 -20.15 53.32
C TYR D 1232 51.94 -20.93 52.36
N LEU D 1233 51.47 -22.12 51.97
CA LEU D 1233 52.25 -23.00 51.12
C LEU D 1233 51.25 -23.90 50.39
N ALA D 1234 51.00 -23.60 49.12
CA ALA D 1234 49.94 -24.27 48.36
C ALA D 1234 50.42 -24.64 46.96
N GLN D 1235 51.56 -25.32 46.88
CA GLN D 1235 52.14 -25.75 45.61
C GLN D 1235 51.21 -26.66 44.81
N SER D 1236 50.93 -27.87 45.36
CA SER D 1236 49.91 -28.80 44.88
C SER D 1236 50.12 -29.20 43.42
N TRP D 1237 51.22 -29.90 43.18
CA TRP D 1237 51.78 -30.05 41.84
C TRP D 1237 51.57 -31.49 41.32
N LYS D 1238 51.95 -31.69 40.04
CA LYS D 1238 52.11 -32.94 39.29
C LYS D 1238 50.80 -33.53 38.83
N GLU D 1239 49.81 -32.68 38.57
CA GLU D 1239 48.60 -33.05 37.83
C GLU D 1239 48.30 -31.98 36.78
N TYR D 1240 49.33 -31.61 36.02
CA TYR D 1240 49.30 -30.40 35.21
C TYR D 1240 49.13 -30.62 33.72
N VAL D 1241 49.85 -31.61 33.14
CA VAL D 1241 49.85 -32.05 31.74
C VAL D 1241 49.88 -30.88 30.74
N PRO D 1242 51.08 -30.27 30.51
CA PRO D 1242 51.19 -29.16 29.55
C PRO D 1242 50.74 -29.52 28.14
N LEU D 1243 49.63 -28.93 27.71
CA LEU D 1243 49.09 -29.18 26.37
C LEU D 1243 49.85 -28.37 25.33
N LYS D 1244 50.09 -28.99 24.18
CA LYS D 1244 50.67 -28.27 23.06
C LYS D 1244 49.67 -27.25 22.52
N TYR D 1245 50.21 -26.22 21.87
CA TYR D 1245 49.49 -24.95 21.80
C TYR D 1245 48.34 -24.91 20.80
N PRO D 1246 48.48 -25.28 19.51
CA PRO D 1246 47.35 -25.04 18.58
C PRO D 1246 46.11 -25.90 18.82
N SER D 1247 46.10 -26.78 19.82
CA SER D 1247 44.86 -27.31 20.36
C SER D 1247 44.14 -26.16 21.06
N ASN D 1248 43.15 -25.60 20.39
CA ASN D 1248 42.50 -24.39 20.85
C ASN D 1248 41.48 -24.66 21.94
N ASN D 1249 41.20 -23.62 22.72
CA ASN D 1249 40.22 -23.68 23.80
C ASN D 1249 39.02 -22.79 23.51
N PHE D 1250 38.75 -22.56 22.23
CA PHE D 1250 37.74 -21.59 21.84
C PHE D 1250 36.33 -22.13 22.02
N LYS D 1251 36.15 -23.44 21.91
CA LYS D 1251 34.85 -24.09 21.90
C LYS D 1251 34.21 -24.17 23.27
N GLU D 1252 34.88 -23.68 24.31
CA GLU D 1252 34.31 -23.58 25.65
C GLU D 1252 33.92 -22.14 26.00
N GLY D 1253 34.85 -21.20 25.85
CA GLY D 1253 34.54 -19.81 26.11
C GLY D 1253 35.78 -18.96 26.02
N TYR D 1254 35.64 -17.70 26.42
CA TYR D 1254 36.81 -16.83 26.52
C TYR D 1254 37.54 -17.02 27.83
N LYS D 1255 36.81 -17.02 28.95
CA LYS D 1255 37.44 -17.13 30.24
C LYS D 1255 38.03 -18.51 30.49
N ILE D 1256 37.55 -19.54 29.78
CA ILE D 1256 38.28 -20.80 29.74
C ILE D 1256 39.60 -20.61 29.02
N TRP D 1257 39.55 -19.94 27.86
CA TRP D 1257 40.69 -19.87 26.96
C TRP D 1257 41.84 -19.08 27.56
N VAL D 1258 41.56 -17.91 28.10
CA VAL D 1258 42.64 -17.03 28.52
C VAL D 1258 43.29 -17.56 29.80
N LYS D 1259 42.51 -18.22 30.66
CA LYS D 1259 43.07 -18.83 31.86
C LYS D 1259 43.95 -20.02 31.50
N ARG D 1260 43.46 -20.90 30.61
CA ARG D 1260 44.27 -22.04 30.20
C ARG D 1260 45.51 -21.63 29.41
N PHE D 1261 45.41 -20.57 28.60
CA PHE D 1261 46.56 -20.14 27.82
C PHE D 1261 47.61 -19.46 28.70
N THR D 1262 47.17 -18.59 29.62
CA THR D 1262 48.09 -17.99 30.58
C THR D 1262 48.74 -19.04 31.46
N LEU D 1263 47.98 -20.08 31.83
CA LEU D 1263 48.53 -21.14 32.69
C LEU D 1263 49.50 -22.02 31.92
N ASP D 1264 49.23 -22.28 30.64
CA ASP D 1264 50.18 -23.00 29.81
C ASP D 1264 51.44 -22.19 29.55
N LEU D 1265 51.34 -20.87 29.63
CA LEU D 1265 52.55 -20.07 29.46
C LEU D 1265 53.41 -20.03 30.72
N LEU D 1266 52.86 -19.53 31.83
CA LEU D 1266 53.74 -19.10 32.90
C LEU D 1266 54.32 -20.27 33.71
N LYS D 1267 53.72 -21.44 33.63
CA LYS D 1267 54.33 -22.60 34.27
C LYS D 1267 55.32 -23.32 33.39
N THR D 1268 55.50 -22.86 32.15
CA THR D 1268 56.49 -23.45 31.25
C THR D 1268 57.60 -22.47 30.89
N GLY D 1269 57.66 -21.32 31.55
CA GLY D 1269 58.67 -20.33 31.21
C GLY D 1269 59.22 -19.50 32.36
N THR D 1270 59.04 -19.94 33.60
CA THR D 1270 59.41 -19.11 34.73
C THR D 1270 60.44 -19.75 35.64
N THR D 1271 60.21 -21.01 36.03
CA THR D 1271 61.14 -21.89 36.74
C THR D 1271 61.50 -21.33 38.13
N GLU D 1272 60.45 -21.10 38.92
CA GLU D 1272 60.42 -21.04 40.39
C GLU D 1272 61.36 -20.01 41.03
N ASN D 1273 61.98 -19.10 40.27
CA ASN D 1273 62.85 -18.12 40.90
C ASN D 1273 62.49 -16.70 40.45
N HIS D 1274 62.07 -16.59 39.21
CA HIS D 1274 61.48 -15.36 38.71
C HIS D 1274 60.13 -15.14 39.39
N PRO D 1275 59.84 -13.92 39.85
CA PRO D 1275 58.74 -13.71 40.79
C PRO D 1275 57.34 -13.80 40.20
N LEU D 1276 57.19 -14.08 38.91
CA LEU D 1276 55.88 -14.33 38.35
C LEU D 1276 55.46 -15.80 38.50
N HIS D 1277 56.25 -16.61 39.19
CA HIS D 1277 55.95 -18.03 39.26
C HIS D 1277 54.80 -18.32 40.22
N VAL D 1278 54.66 -17.52 41.27
CA VAL D 1278 53.68 -17.80 42.31
C VAL D 1278 52.27 -17.47 41.80
N PHE D 1279 52.17 -16.49 40.90
CA PHE D 1279 50.91 -15.98 40.38
C PHE D 1279 50.05 -17.02 39.67
N SER D 1280 50.65 -18.16 39.30
CA SER D 1280 49.92 -19.28 38.72
C SER D 1280 48.90 -19.88 39.67
N SER D 1281 49.04 -19.66 40.97
CA SER D 1281 48.04 -20.15 41.91
C SER D 1281 46.73 -19.39 41.83
N LEU D 1282 46.70 -18.24 41.14
CA LEU D 1282 45.51 -17.41 41.04
C LEU D 1282 44.61 -17.76 39.88
N ILE D 1283 45.14 -18.40 38.84
CA ILE D 1283 44.46 -18.48 37.57
C ILE D 1283 43.84 -19.86 37.32
N ARG D 1284 43.59 -20.62 38.39
CA ARG D 1284 42.65 -21.73 38.30
C ARG D 1284 41.32 -21.38 38.94
N GLU D 1285 41.18 -20.15 39.41
CA GLU D 1285 39.93 -19.65 39.96
C GLU D 1285 39.69 -18.21 39.53
N ASP D 1286 40.46 -17.72 38.56
CA ASP D 1286 40.33 -16.38 38.02
C ASP D 1286 38.98 -16.23 37.30
N ASP D 1287 38.53 -14.98 37.19
CA ASP D 1287 37.42 -14.65 36.32
C ASP D 1287 37.89 -14.26 34.91
N GLY D 1288 39.15 -14.49 34.60
CA GLY D 1288 39.72 -14.07 33.34
C GLY D 1288 40.35 -12.69 33.35
N SER D 1289 40.08 -11.89 34.38
CA SER D 1289 40.65 -10.54 34.43
C SER D 1289 42.12 -10.58 34.80
N LEU D 1290 42.47 -11.37 35.81
CA LEU D 1290 43.85 -11.43 36.28
C LEU D 1290 44.73 -12.17 35.29
N SER D 1291 44.18 -13.17 34.59
CA SER D 1291 44.89 -13.83 33.51
C SER D 1291 45.22 -12.86 32.38
N ASN D 1292 44.24 -12.04 32.01
CA ASN D 1292 44.45 -11.03 30.98
C ASN D 1292 45.41 -9.94 31.45
N PHE D 1293 45.47 -9.70 32.76
CA PHE D 1293 46.44 -8.77 33.29
C PHE D 1293 47.86 -9.31 33.13
N LEU D 1294 48.08 -10.55 33.54
CA LEU D 1294 49.44 -11.08 33.56
C LEU D 1294 49.90 -11.65 32.24
N LEU D 1295 49.00 -11.83 31.28
CA LEU D 1295 49.40 -12.35 29.96
C LEU D 1295 50.45 -11.52 29.21
N PRO D 1296 50.38 -10.16 29.14
CA PRO D 1296 51.49 -9.43 28.49
C PRO D 1296 52.82 -9.57 29.20
N TYR D 1297 52.83 -9.60 30.53
CA TYR D 1297 54.10 -9.63 31.25
C TYR D 1297 54.78 -10.98 31.11
N ILE D 1298 54.03 -12.08 31.22
CA ILE D 1298 54.66 -13.38 31.09
C ILE D 1298 55.03 -13.66 29.65
N SER D 1299 54.26 -13.16 28.68
CA SER D 1299 54.63 -13.36 27.28
C SER D 1299 55.86 -12.54 26.92
N LEU D 1300 55.95 -11.31 27.43
CA LEU D 1300 57.12 -10.47 27.19
C LEU D 1300 58.35 -11.02 27.87
N ASP D 1301 58.20 -11.68 29.02
CA ASP D 1301 59.35 -12.33 29.62
C ASP D 1301 59.74 -13.60 28.87
N ILE D 1302 58.78 -14.23 28.18
CA ILE D 1302 59.13 -15.35 27.31
C ILE D 1302 59.83 -14.86 26.04
N ILE D 1303 59.57 -13.61 25.62
CA ILE D 1303 60.20 -13.05 24.42
C ILE D 1303 61.71 -12.96 24.57
N ILE D 1304 62.20 -12.47 25.72
CA ILE D 1304 63.62 -12.18 25.87
C ILE D 1304 64.50 -13.41 26.02
N LYS D 1305 63.93 -14.62 25.98
CA LYS D 1305 64.72 -15.85 25.96
C LYS D 1305 65.22 -16.05 24.53
N ALA D 1306 66.54 -16.04 24.38
CA ALA D 1306 67.17 -15.86 23.08
C ALA D 1306 67.68 -17.16 22.48
N GLU D 1307 68.11 -17.05 21.20
CA GLU D 1307 68.96 -18.00 20.44
C GLU D 1307 68.54 -19.46 20.60
N LYS D 1308 67.39 -19.80 20.01
CA LYS D 1308 66.25 -20.55 20.59
C LYS D 1308 66.72 -21.52 21.68
N GLY D 1309 67.51 -22.54 21.38
CA GLY D 1309 68.33 -23.21 22.38
C GLY D 1309 67.57 -24.00 23.43
N THR D 1310 66.90 -23.25 24.30
CA THR D 1310 66.06 -23.76 25.37
C THR D 1310 64.67 -24.01 24.79
N PRO D 1311 63.78 -24.72 25.50
CA PRO D 1311 62.39 -24.77 25.04
C PRO D 1311 61.60 -23.49 25.28
N TYR D 1312 62.22 -22.47 25.88
CA TYR D 1312 61.54 -21.21 26.15
C TYR D 1312 61.19 -20.48 24.86
N ALA D 1313 61.95 -20.70 23.80
CA ALA D 1313 61.55 -20.18 22.51
C ALA D 1313 60.82 -21.22 21.68
N ASP D 1314 60.79 -22.48 22.12
CA ASP D 1314 59.92 -23.47 21.50
C ASP D 1314 58.47 -23.24 21.85
N ILE D 1315 58.18 -22.77 23.07
CA ILE D 1315 56.82 -22.39 23.41
C ILE D 1315 56.45 -21.04 22.83
N LEU D 1316 57.44 -20.24 22.42
CA LEU D 1316 57.15 -19.03 21.66
C LEU D 1316 56.55 -19.37 20.29
N ASN D 1317 57.11 -20.37 19.62
CA ASN D 1317 56.54 -20.84 18.36
C ASN D 1317 55.18 -21.50 18.55
N GLY D 1318 54.86 -21.93 19.77
CA GLY D 1318 53.52 -22.39 20.04
C GLY D 1318 52.51 -21.26 20.12
N ILE D 1319 52.91 -20.14 20.72
CA ILE D 1319 51.95 -19.04 20.85
C ILE D 1319 51.88 -18.16 19.61
N ILE D 1320 52.89 -18.21 18.74
CA ILE D 1320 52.75 -17.58 17.44
C ILE D 1320 51.64 -18.24 16.65
N ILE D 1321 51.66 -19.57 16.58
CA ILE D 1321 50.59 -20.26 15.88
C ILE D 1321 49.30 -20.30 16.70
N GLU D 1322 49.37 -20.05 18.01
CA GLU D 1322 48.12 -19.86 18.75
C GLU D 1322 47.48 -18.51 18.42
N PHE D 1323 48.30 -17.47 18.21
CA PHE D 1323 47.77 -16.20 17.71
C PHE D 1323 47.23 -16.36 16.29
N ASP D 1324 47.88 -17.21 15.50
CA ASP D 1324 47.37 -17.55 14.18
C ASP D 1324 46.03 -18.26 14.27
N SER D 1325 45.86 -19.12 15.29
CA SER D 1325 44.58 -19.77 15.52
C SER D 1325 43.52 -18.78 15.98
N ILE D 1326 43.93 -17.74 16.70
CA ILE D 1326 42.99 -16.68 17.09
C ILE D 1326 42.51 -15.92 15.87
N PHE D 1327 43.45 -15.37 15.10
CA PHE D 1327 43.08 -14.48 13.99
C PHE D 1327 42.44 -15.25 12.84
N THR D 1328 43.17 -16.19 12.25
CA THR D 1328 42.65 -16.96 11.12
C THR D 1328 41.67 -18.02 11.62
N CYS D 1329 40.47 -17.54 11.93
CA CYS D 1329 39.36 -18.37 12.40
C CYS D 1329 38.19 -18.24 11.43
N ASN D 1330 37.09 -18.91 11.75
CA ASN D 1330 35.98 -18.96 10.80
C ASN D 1330 35.07 -17.75 10.96
N LEU D 1331 34.52 -17.55 12.17
CA LEU D 1331 33.71 -16.42 12.65
C LEU D 1331 32.28 -16.41 12.08
N GLU D 1332 31.98 -17.29 11.12
CA GLU D 1332 30.59 -17.54 10.78
C GLU D 1332 30.25 -18.98 11.13
N GLY D 1333 28.96 -19.29 11.07
CA GLY D 1333 28.45 -20.55 11.57
C GLY D 1333 28.27 -20.58 13.08
N MET D 1334 28.49 -19.45 13.75
CA MET D 1334 28.40 -19.34 15.19
C MET D 1334 27.58 -18.10 15.51
N ASN D 1335 26.86 -18.13 16.63
CA ASN D 1335 25.94 -17.04 16.93
C ASN D 1335 26.69 -15.92 17.67
N ASN D 1336 25.93 -14.98 18.24
CA ASN D 1336 26.51 -13.73 18.72
C ASN D 1336 27.14 -13.82 20.10
N LEU D 1337 27.52 -15.01 20.58
CA LEU D 1337 28.31 -15.12 21.80
C LEU D 1337 29.66 -15.77 21.60
N GLN D 1338 29.82 -16.68 20.63
CA GLN D 1338 31.16 -17.15 20.33
C GLN D 1338 31.97 -16.08 19.62
N VAL D 1339 31.31 -15.22 18.84
CA VAL D 1339 32.05 -14.12 18.23
C VAL D 1339 32.37 -13.06 19.28
N ASP D 1340 31.58 -12.98 20.35
CA ASP D 1340 31.89 -12.05 21.44
C ASP D 1340 33.13 -12.51 22.19
N SER D 1341 33.20 -13.82 22.48
CA SER D 1341 34.40 -14.42 23.04
C SER D 1341 35.59 -14.25 22.11
N LEU D 1342 35.35 -14.26 20.80
CA LEU D 1342 36.45 -14.04 19.87
C LEU D 1342 36.91 -12.58 19.86
N ARG D 1343 35.99 -11.63 20.08
CA ARG D 1343 36.38 -10.22 20.29
C ARG D 1343 37.27 -10.08 21.51
N MET D 1344 36.92 -10.76 22.60
CA MET D 1344 37.73 -10.69 23.81
C MET D 1344 39.08 -11.37 23.59
N CYS D 1345 39.11 -12.48 22.85
CA CYS D 1345 40.37 -13.14 22.52
C CYS D 1345 41.24 -12.28 21.62
N TYR D 1346 40.61 -11.45 20.77
CA TYR D 1346 41.34 -10.44 20.01
C TYR D 1346 41.98 -9.44 20.94
N GLU D 1347 41.18 -8.83 21.81
CA GLU D 1347 41.62 -7.72 22.68
C GLU D 1347 42.74 -8.15 23.62
N SER D 1348 42.63 -9.36 24.19
CA SER D 1348 43.61 -9.86 25.14
C SER D 1348 44.99 -10.03 24.54
N ILE D 1349 45.07 -10.18 23.23
CA ILE D 1349 46.36 -10.34 22.57
C ILE D 1349 46.70 -9.19 21.67
N PHE D 1350 45.81 -8.21 21.48
CA PHE D 1350 46.29 -6.90 21.07
C PHE D 1350 47.03 -6.24 22.21
N ARG D 1351 46.58 -6.51 23.44
CA ARG D 1351 47.24 -5.95 24.62
C ARG D 1351 48.69 -6.38 24.72
N VAL D 1352 49.00 -7.63 24.38
CA VAL D 1352 50.38 -8.07 24.46
C VAL D 1352 51.22 -7.44 23.36
N PHE D 1353 50.61 -7.13 22.20
CA PHE D 1353 51.38 -6.46 21.15
C PHE D 1353 51.71 -5.03 21.55
N GLU D 1354 50.73 -4.28 22.09
CA GLU D 1354 51.09 -2.92 22.50
C GLU D 1354 51.98 -2.92 23.73
N TYR D 1355 51.94 -3.94 24.58
CA TYR D 1355 52.87 -3.95 25.71
C TYR D 1355 54.28 -4.31 25.27
N CYS D 1356 54.43 -5.22 24.30
CA CYS D 1356 55.76 -5.50 23.76
C CYS D 1356 56.35 -4.28 23.08
N LYS D 1357 55.52 -3.54 22.34
CA LYS D 1357 56.01 -2.33 21.69
C LYS D 1357 56.37 -1.25 22.70
N LYS D 1358 55.52 -1.06 23.71
CA LYS D 1358 55.77 -0.05 24.74
C LYS D 1358 57.01 -0.38 25.57
N TRP D 1359 57.16 -1.65 25.95
CA TRP D 1359 58.31 -2.08 26.72
C TRP D 1359 59.59 -1.95 25.92
N ALA D 1360 59.55 -2.29 24.63
CA ALA D 1360 60.75 -2.20 23.83
C ALA D 1360 61.18 -0.76 23.62
N THR D 1361 60.22 0.15 23.41
CA THR D 1361 60.56 1.55 23.21
C THR D 1361 61.06 2.19 24.50
N GLU D 1362 60.44 1.87 25.65
CA GLU D 1362 60.96 2.43 26.90
C GLU D 1362 62.28 1.79 27.27
N PHE D 1363 62.52 0.54 26.84
CA PHE D 1363 63.79 -0.11 27.10
C PHE D 1363 64.91 0.54 26.30
N LYS D 1364 64.64 0.88 25.04
CA LYS D 1364 65.60 1.64 24.25
C LYS D 1364 65.83 3.01 24.85
N GLN D 1365 64.77 3.64 25.37
CA GLN D 1365 64.89 4.99 25.90
C GLN D 1365 65.72 5.02 27.18
N ASN D 1366 65.42 4.14 28.14
CA ASN D 1366 66.21 4.18 29.37
C ASN D 1366 67.55 3.46 29.23
N TYR D 1367 67.72 2.64 28.20
CA TYR D 1367 69.02 2.05 27.93
C TYR D 1367 69.97 3.07 27.33
N SER D 1368 69.45 3.96 26.48
CA SER D 1368 70.26 5.06 25.99
C SER D 1368 70.29 6.23 26.96
N LYS D 1369 69.45 6.22 28.00
CA LYS D 1369 69.47 7.29 28.97
C LYS D 1369 70.59 7.09 29.99
N LEU D 1370 70.52 6.00 30.76
CA LEU D 1370 71.46 5.77 31.84
C LEU D 1370 72.74 5.09 31.36
N HIS D 1371 72.63 3.95 30.69
CA HIS D 1371 73.81 3.23 30.20
C HIS D 1371 74.34 3.94 28.97
N GLY D 1372 75.17 4.95 29.20
CA GLY D 1372 75.74 5.69 28.09
C GLY D 1372 74.73 6.62 27.45
N THR D 1373 75.06 7.05 26.24
CA THR D 1373 74.15 7.88 25.46
C THR D 1373 73.96 7.37 24.04
N PHE D 1374 75.01 6.83 23.42
CA PHE D 1374 74.92 6.35 22.05
C PHE D 1374 74.12 5.06 22.01
N ILE D 1375 72.99 5.06 21.31
CA ILE D 1375 72.03 3.96 21.40
C ILE D 1375 72.44 2.93 20.35
N ILE D 1376 73.50 2.17 20.68
CA ILE D 1376 73.87 0.89 20.09
C ILE D 1376 74.93 0.31 21.01
N LYS D 1377 74.83 -0.98 21.33
CA LYS D 1377 75.80 -1.60 22.24
C LYS D 1377 75.73 -3.12 22.15
N ASP D 1378 76.89 -3.76 22.06
CA ASP D 1378 77.15 -5.14 22.46
C ASP D 1378 76.51 -6.22 21.62
N THR D 1379 75.64 -5.86 20.67
CA THR D 1379 74.97 -6.70 19.68
C THR D 1379 74.21 -7.89 20.28
N LYS D 1380 73.92 -7.89 21.58
CA LYS D 1380 73.18 -8.98 22.21
C LYS D 1380 71.84 -8.53 22.77
N THR D 1381 71.79 -7.34 23.38
CA THR D 1381 70.50 -6.72 23.65
C THR D 1381 69.83 -6.26 22.37
N THR D 1382 70.61 -6.04 21.30
CA THR D 1382 70.03 -5.91 19.97
C THR D 1382 69.37 -7.22 19.54
N ASN D 1383 69.94 -8.36 19.95
CA ASN D 1383 69.28 -9.63 19.66
C ASN D 1383 68.04 -9.84 20.53
N MET D 1384 67.94 -9.16 21.68
CA MET D 1384 66.64 -9.06 22.34
C MET D 1384 65.67 -8.23 21.51
N LEU D 1385 66.11 -7.05 21.06
CA LEU D 1385 65.26 -6.09 20.38
C LEU D 1385 64.88 -6.52 18.97
N LEU D 1386 65.51 -7.55 18.43
CA LEU D 1386 65.07 -8.06 17.13
C LEU D 1386 63.90 -9.02 17.27
N ARG D 1387 63.77 -9.70 18.41
CA ARG D 1387 62.71 -10.70 18.55
C ARG D 1387 61.36 -10.05 18.75
N ILE D 1388 61.30 -8.87 19.37
CA ILE D 1388 60.05 -8.13 19.39
C ILE D 1388 59.72 -7.63 17.99
N ASP D 1389 60.74 -7.34 17.18
CA ASP D 1389 60.50 -6.82 15.84
C ASP D 1389 59.96 -7.90 14.92
N GLU D 1390 60.44 -9.14 15.04
CA GLU D 1390 59.73 -10.18 14.32
C GLU D 1390 58.47 -10.62 15.04
N PHE D 1391 58.30 -10.24 16.31
CA PHE D 1391 57.05 -10.52 17.01
C PHE D 1391 56.00 -9.48 16.68
N LEU D 1392 56.41 -8.28 16.30
CA LEU D 1392 55.49 -7.27 15.82
C LEU D 1392 55.39 -7.23 14.31
N ARG D 1393 56.10 -8.10 13.60
CA ARG D 1393 55.91 -8.28 12.17
C ARG D 1393 55.37 -9.65 11.80
N THR D 1394 55.29 -10.59 12.75
CA THR D 1394 54.52 -11.80 12.49
C THR D 1394 53.04 -11.48 12.61
N THR D 1395 52.19 -12.45 12.20
CA THR D 1395 50.75 -12.39 11.92
C THR D 1395 50.36 -11.02 11.36
N PRO D 1396 51.01 -10.57 10.27
CA PRO D 1396 51.19 -9.12 10.04
C PRO D 1396 49.95 -8.35 9.64
N SER D 1397 50.11 -7.03 9.52
CA SER D 1397 49.03 -6.10 9.22
C SER D 1397 48.46 -6.36 7.82
N ASP D 1398 47.30 -5.75 7.57
CA ASP D 1398 46.18 -6.08 6.67
C ASP D 1398 45.35 -7.18 7.34
N LEU D 1399 45.77 -7.67 8.50
CA LEU D 1399 45.06 -8.68 9.24
C LEU D 1399 44.89 -8.33 10.71
N LEU D 1400 45.77 -7.50 11.28
CA LEU D 1400 45.42 -6.85 12.53
C LEU D 1400 44.25 -5.91 12.33
N ALA D 1401 44.29 -5.14 11.24
CA ALA D 1401 43.22 -4.20 10.92
C ALA D 1401 41.93 -4.92 10.55
N GLN D 1402 42.04 -6.04 9.83
CA GLN D 1402 40.87 -6.82 9.43
C GLN D 1402 40.17 -7.42 10.63
N ARG D 1403 40.92 -7.82 11.65
CA ARG D 1403 40.32 -8.39 12.84
C ARG D 1403 40.07 -7.36 13.93
N SER D 1404 40.45 -6.10 13.72
CA SER D 1404 40.21 -5.08 14.72
C SER D 1404 39.12 -4.10 14.33
N LEU D 1405 38.79 -3.94 13.05
CA LEU D 1405 37.70 -3.03 12.74
C LEU D 1405 36.35 -3.67 13.02
N GLU D 1406 36.27 -4.99 12.94
CA GLU D 1406 35.09 -5.70 13.40
C GLU D 1406 35.01 -5.79 14.91
N THR D 1407 36.12 -5.58 15.61
CA THR D 1407 36.15 -5.55 17.06
C THR D 1407 35.50 -4.30 17.65
N ASP D 1408 35.41 -3.22 16.84
CA ASP D 1408 34.94 -1.80 17.04
C ASP D 1408 36.00 -0.88 17.62
N SER D 1409 37.25 -1.31 17.72
CA SER D 1409 38.33 -0.38 18.08
C SER D 1409 38.80 0.32 16.82
N PHE D 1410 38.10 1.40 16.47
CA PHE D 1410 38.26 1.98 15.14
C PHE D 1410 39.57 2.74 15.02
N GLU D 1411 40.04 3.31 16.13
CA GLU D 1411 41.34 3.99 16.11
C GLU D 1411 42.48 2.99 15.94
N ARG D 1412 42.35 1.82 16.58
CA ARG D 1412 43.36 0.78 16.44
C ARG D 1412 43.37 0.22 15.03
N SER D 1413 42.19 0.05 14.44
CA SER D 1413 42.11 -0.39 13.05
C SER D 1413 42.66 0.66 12.11
N ALA D 1414 42.46 1.94 12.41
CA ALA D 1414 43.04 2.99 11.59
C ALA D 1414 44.55 2.99 11.70
N LEU D 1415 45.08 2.71 12.89
CA LEU D 1415 46.52 2.61 13.09
C LEU D 1415 47.11 1.48 12.26
N TYR D 1416 46.49 0.30 12.29
CA TYR D 1416 47.05 -0.81 11.53
C TYR D 1416 46.86 -0.63 10.03
N LEU D 1417 45.78 0.06 9.62
CA LEU D 1417 45.62 0.38 8.20
C LEU D 1417 46.67 1.36 7.73
N GLU D 1418 47.08 2.30 8.58
CA GLU D 1418 48.14 3.22 8.16
C GLU D 1418 49.51 2.54 8.16
N GLN D 1419 49.73 1.60 9.08
CA GLN D 1419 50.95 0.80 9.05
C GLN D 1419 51.03 -0.02 7.76
N CYS D 1420 49.92 -0.66 7.37
CA CYS D 1420 49.91 -1.38 6.11
C CYS D 1420 49.54 -0.49 4.93
N TYR D 1421 49.58 0.82 5.10
CA TYR D 1421 49.75 1.73 3.97
C TYR D 1421 51.21 2.06 3.76
N ARG D 1422 51.95 2.36 4.84
CA ARG D 1422 53.33 2.79 4.67
C ARG D 1422 54.25 1.62 4.33
N GLN D 1423 54.12 0.50 5.05
CA GLN D 1423 55.02 -0.62 4.82
C GLN D 1423 54.68 -1.38 3.54
N ASN D 1424 53.40 -1.50 3.23
CA ASN D 1424 52.97 -1.90 1.90
C ASN D 1424 53.51 -0.89 0.88
N PRO D 1425 54.09 -1.34 -0.23
CA PRO D 1425 54.44 -0.37 -1.29
C PRO D 1425 53.18 0.19 -1.92
N HIS D 1426 52.88 1.43 -1.51
CA HIS D 1426 51.69 2.15 -1.90
C HIS D 1426 51.81 2.81 -3.27
N ASP D 1427 52.98 2.68 -3.91
CA ASP D 1427 53.07 2.98 -5.33
C ASP D 1427 52.33 1.94 -6.15
N LYS D 1428 52.27 0.70 -5.66
CA LYS D 1428 51.53 -0.37 -6.31
C LYS D 1428 50.03 -0.23 -5.99
N ASN D 1429 49.24 -1.12 -6.58
CA ASN D 1429 47.79 -0.93 -6.67
C ASN D 1429 47.04 -1.75 -5.61
N GLN D 1430 47.58 -1.82 -4.40
CA GLN D 1430 46.84 -2.44 -3.31
C GLN D 1430 45.88 -1.49 -2.62
N ASN D 1431 45.76 -0.26 -3.12
CA ASN D 1431 44.96 0.78 -2.51
C ASN D 1431 43.48 0.71 -2.93
N GLY D 1432 43.05 -0.40 -3.50
CA GLY D 1432 41.63 -0.57 -3.78
C GLY D 1432 40.99 -1.39 -2.67
N GLN D 1433 41.62 -2.51 -2.32
CA GLN D 1433 41.18 -3.33 -1.21
C GLN D 1433 41.62 -2.77 0.13
N LEU D 1434 42.51 -1.77 0.14
CA LEU D 1434 42.91 -1.13 1.38
C LEU D 1434 41.90 -0.05 1.79
N LEU D 1435 41.23 0.53 0.82
CA LEU D 1435 40.43 1.72 1.08
C LEU D 1435 38.94 1.46 1.19
N LYS D 1436 38.43 0.29 0.81
CA LYS D 1436 36.98 0.11 0.95
C LYS D 1436 36.56 -0.07 2.41
N ASN D 1437 37.51 -0.39 3.29
CA ASN D 1437 37.27 -0.37 4.73
C ASN D 1437 38.01 0.76 5.45
N LEU D 1438 38.98 1.41 4.81
CA LEU D 1438 39.66 2.54 5.45
C LEU D 1438 38.72 3.72 5.64
N GLN D 1439 37.84 3.97 4.67
CA GLN D 1439 36.87 5.04 4.84
C GLN D 1439 35.78 4.67 5.83
N ILE D 1440 35.56 3.37 6.07
CA ILE D 1440 34.66 2.98 7.14
C ILE D 1440 35.28 3.30 8.49
N THR D 1441 36.60 3.15 8.61
CA THR D 1441 37.28 3.46 9.86
C THR D 1441 37.38 4.95 10.14
N TYR D 1442 36.92 5.82 9.24
CA TYR D 1442 36.79 7.23 9.57
C TYR D 1442 35.35 7.71 9.72
N GLU D 1443 34.40 7.07 9.05
CA GLU D 1443 33.04 7.61 9.03
C GLU D 1443 32.23 7.24 10.25
N GLU D 1444 32.77 6.48 11.20
CA GLU D 1444 32.21 6.41 12.54
C GLU D 1444 33.26 6.59 13.62
N ILE D 1445 34.46 7.04 13.27
CA ILE D 1445 35.43 7.46 14.27
C ILE D 1445 35.14 8.88 14.74
N GLY D 1446 34.27 9.60 14.04
CA GLY D 1446 33.96 10.98 14.32
C GLY D 1446 34.66 11.96 13.43
N ASP D 1447 35.82 11.60 12.90
CA ASP D 1447 36.61 12.51 12.09
C ASP D 1447 36.11 12.52 10.65
N ILE D 1448 35.94 13.71 10.11
CA ILE D 1448 35.43 13.87 8.75
C ILE D 1448 36.55 14.41 7.88
N ASP D 1449 37.40 15.26 8.46
CA ASP D 1449 38.39 15.98 7.68
C ASP D 1449 39.54 15.12 7.18
N SER D 1450 39.68 13.89 7.66
CA SER D 1450 40.53 12.94 6.96
C SER D 1450 39.73 12.02 6.06
N LEU D 1451 38.48 11.72 6.42
CA LEU D 1451 37.58 11.01 5.53
C LEU D 1451 37.36 11.80 4.24
N ASP D 1452 37.10 13.09 4.35
CA ASP D 1452 37.01 13.95 3.18
C ASP D 1452 38.35 14.10 2.48
N GLY D 1453 39.45 13.89 3.19
CA GLY D 1453 40.76 13.98 2.60
C GLY D 1453 41.18 12.70 1.92
N VAL D 1454 40.71 11.56 2.41
CA VAL D 1454 41.04 10.30 1.76
C VAL D 1454 40.09 10.03 0.60
N LEU D 1455 38.84 10.48 0.69
CA LEU D 1455 37.91 10.31 -0.43
C LEU D 1455 38.27 11.15 -1.64
N ARG D 1456 39.06 12.22 -1.49
CA ARG D 1456 39.48 13.02 -2.63
C ARG D 1456 40.95 12.84 -2.99
N THR D 1457 41.67 11.94 -2.33
CA THR D 1457 43.07 11.70 -2.65
C THR D 1457 43.25 10.22 -2.91
N PHE D 1458 43.90 9.91 -4.05
CA PHE D 1458 44.14 8.58 -4.62
C PHE D 1458 42.94 7.62 -4.60
N ALA D 1459 41.73 8.15 -4.65
CA ALA D 1459 40.53 7.31 -4.68
C ALA D 1459 39.50 7.87 -5.64
N THR D 1460 39.94 8.52 -6.71
CA THR D 1460 39.08 9.33 -7.55
C THR D 1460 38.76 8.64 -8.87
N GLY D 1461 38.58 7.33 -8.84
CA GLY D 1461 38.14 6.64 -10.03
C GLY D 1461 36.67 6.87 -10.34
N ASN D 1462 35.80 6.37 -9.47
CA ASN D 1462 34.36 6.42 -9.73
C ASN D 1462 33.77 7.76 -9.31
N LEU D 1463 32.75 8.19 -10.03
CA LEU D 1463 32.06 9.45 -9.75
C LEU D 1463 31.19 9.36 -8.51
N VAL D 1464 30.68 8.17 -8.19
CA VAL D 1464 29.86 7.96 -6.99
C VAL D 1464 30.66 8.28 -5.73
N SER D 1465 31.97 8.03 -5.76
CA SER D 1465 32.86 8.45 -4.68
C SER D 1465 32.94 9.96 -4.55
N LYS D 1466 32.88 10.69 -5.67
CA LYS D 1466 32.79 12.14 -5.59
C LYS D 1466 31.43 12.60 -5.12
N ILE D 1467 30.38 11.80 -5.35
CA ILE D 1467 29.07 12.12 -4.82
C ILE D 1467 29.04 11.95 -3.31
N GLU D 1468 29.73 10.92 -2.81
CA GLU D 1468 29.79 10.66 -1.37
C GLU D 1468 30.64 11.66 -0.61
N GLU D 1469 31.29 12.61 -1.27
CA GLU D 1469 31.89 13.73 -0.56
C GLU D 1469 30.86 14.78 -0.17
N LEU D 1470 29.74 14.84 -0.90
CA LEU D 1470 28.75 15.89 -0.68
C LEU D 1470 27.99 15.69 0.61
N GLN D 1471 27.82 14.44 1.06
CA GLN D 1471 27.03 14.12 2.24
C GLN D 1471 27.71 14.45 3.56
N TYR D 1472 28.83 15.17 3.54
CA TYR D 1472 29.48 15.63 4.76
C TYR D 1472 29.90 17.09 4.68
N SER D 1473 29.52 17.80 3.62
CA SER D 1473 30.07 19.12 3.34
C SER D 1473 28.97 20.10 2.93
N GLU D 1474 27.90 20.17 3.73
CA GLU D 1474 26.89 21.22 3.76
C GLU D 1474 25.95 21.20 2.55
N ASN D 1475 26.27 20.42 1.53
CA ASN D 1475 25.40 20.19 0.40
C ASN D 1475 24.93 18.73 0.40
N TRP D 1476 24.60 18.24 1.60
CA TRP D 1476 24.25 16.84 1.79
C TRP D 1476 22.98 16.47 1.06
N LYS D 1477 22.05 17.42 0.91
CA LYS D 1477 20.83 17.16 0.18
C LYS D 1477 21.05 17.10 -1.32
N LEU D 1478 22.18 17.63 -1.81
CA LEU D 1478 22.54 17.38 -3.19
C LEU D 1478 22.98 15.93 -3.37
N ALA D 1479 23.53 15.31 -2.33
CA ALA D 1479 23.87 13.90 -2.39
C ALA D 1479 22.70 12.99 -2.07
N GLN D 1480 21.72 13.49 -1.32
CA GLN D 1480 20.56 12.68 -0.95
C GLN D 1480 19.73 12.32 -2.17
N ASP D 1481 19.36 13.31 -2.97
CA ASP D 1481 18.53 13.02 -4.13
C ASP D 1481 19.31 12.35 -5.25
N CYS D 1482 20.65 12.38 -5.21
CA CYS D 1482 21.41 11.49 -6.07
C CYS D 1482 21.33 10.06 -5.57
N PHE D 1483 21.37 9.86 -4.25
CA PHE D 1483 21.25 8.51 -3.70
C PHE D 1483 19.84 7.97 -3.85
N ASN D 1484 18.84 8.84 -3.93
CA ASN D 1484 17.46 8.40 -4.06
C ASN D 1484 17.19 7.77 -5.41
N VAL D 1485 17.97 8.11 -6.42
CA VAL D 1485 17.82 7.50 -7.73
C VAL D 1485 18.93 6.52 -8.06
N LEU D 1486 20.09 6.62 -7.40
CA LEU D 1486 20.99 5.47 -7.39
C LEU D 1486 20.39 4.31 -6.61
N GLY D 1487 19.74 4.60 -5.48
CA GLY D 1487 19.08 3.61 -4.66
C GLY D 1487 17.75 3.13 -5.16
N LYS D 1488 17.32 3.59 -6.34
CA LYS D 1488 16.12 3.09 -6.96
C LYS D 1488 16.55 2.47 -8.30
N PHE D 1489 17.60 1.66 -8.24
CA PHE D 1489 17.97 0.81 -9.35
C PHE D 1489 17.70 -0.66 -9.10
N SER D 1490 17.52 -1.08 -7.85
CA SER D 1490 17.11 -2.42 -7.44
C SER D 1490 18.10 -3.50 -7.89
N ASP D 1491 19.37 -3.14 -8.01
CA ASP D 1491 20.40 -4.07 -8.45
C ASP D 1491 21.30 -4.53 -7.32
N ASP D 1492 21.44 -3.71 -6.27
CA ASP D 1492 22.30 -4.02 -5.14
C ASP D 1492 21.49 -3.94 -3.85
N PRO D 1493 21.84 -4.74 -2.86
CA PRO D 1493 21.16 -4.60 -1.56
C PRO D 1493 21.80 -3.53 -0.69
N LYS D 1494 23.05 -3.18 -0.99
CA LYS D 1494 23.80 -2.26 -0.15
C LYS D 1494 23.72 -0.83 -0.61
N THR D 1495 23.39 -0.57 -1.87
CA THR D 1495 23.16 0.81 -2.27
C THR D 1495 21.81 1.32 -1.76
N THR D 1496 20.94 0.44 -1.28
CA THR D 1496 19.74 0.87 -0.59
C THR D 1496 20.07 1.29 0.84
N THR D 1497 20.85 0.46 1.55
CA THR D 1497 21.17 0.79 2.93
C THR D 1497 22.15 1.95 3.03
N ARG D 1498 22.90 2.25 1.97
CA ARG D 1498 23.67 3.49 1.95
C ARG D 1498 22.75 4.70 1.97
N MET D 1499 21.68 4.66 1.16
CA MET D 1499 20.67 5.71 1.16
C MET D 1499 19.96 5.82 2.50
N LEU D 1500 19.67 4.66 3.12
CA LEU D 1500 18.94 4.68 4.39
C LEU D 1500 19.80 5.22 5.53
N LYS D 1501 21.07 4.81 5.60
CA LYS D 1501 21.97 5.37 6.60
C LYS D 1501 22.24 6.85 6.35
N SER D 1502 22.28 7.27 5.10
CA SER D 1502 22.50 8.69 4.83
C SER D 1502 21.25 9.52 5.14
N MET D 1503 20.07 8.90 5.03
CA MET D 1503 18.86 9.58 5.51
C MET D 1503 18.86 9.67 7.03
N TYR D 1504 19.24 8.58 7.71
CA TYR D 1504 19.20 8.55 9.16
C TYR D 1504 20.22 9.51 9.76
N ASP D 1505 21.40 9.62 9.15
CA ASP D 1505 22.41 10.53 9.67
C ASP D 1505 22.03 11.98 9.51
N HIS D 1506 21.10 12.28 8.60
CA HIS D 1506 20.60 13.62 8.39
C HIS D 1506 19.14 13.73 8.78
N GLN D 1507 18.69 12.89 9.72
CA GLN D 1507 17.45 13.06 10.48
C GLN D 1507 16.20 13.11 9.61
N LEU D 1508 16.21 12.44 8.46
CA LEU D 1508 15.06 12.45 7.55
C LEU D 1508 14.17 11.26 7.86
N TYR D 1509 13.57 11.32 9.05
CA TYR D 1509 12.85 10.17 9.61
C TYR D 1509 11.54 9.95 8.87
N SER D 1510 10.81 11.04 8.60
CA SER D 1510 9.57 10.96 7.85
C SER D 1510 9.82 10.50 6.41
N GLN D 1511 11.00 10.78 5.88
CA GLN D 1511 11.36 10.31 4.56
C GLN D 1511 11.84 8.87 4.58
N ILE D 1512 12.30 8.37 5.74
CA ILE D 1512 12.62 6.95 5.87
C ILE D 1512 11.32 6.14 5.92
N ILE D 1513 10.36 6.56 6.75
CA ILE D 1513 9.16 5.76 6.92
C ILE D 1513 8.23 5.80 5.72
N SER D 1514 8.45 6.72 4.77
CA SER D 1514 7.68 6.79 3.55
C SER D 1514 8.41 6.17 2.36
N ASN D 1515 9.50 5.48 2.60
CA ASN D 1515 10.32 4.94 1.52
C ASN D 1515 9.64 3.72 0.90
N SER D 1516 9.87 3.56 -0.40
CA SER D 1516 9.34 2.42 -1.15
C SER D 1516 10.22 1.19 -1.04
N SER D 1517 11.36 1.28 -0.34
CA SER D 1517 12.17 0.10 -0.08
C SER D 1517 11.52 -0.85 0.91
N PHE D 1518 10.58 -0.35 1.71
CA PHE D 1518 9.81 -1.16 2.63
C PHE D 1518 8.42 -1.42 2.11
N HIS D 1519 7.71 -0.36 1.73
CA HIS D 1519 6.37 -0.48 1.20
C HIS D 1519 6.46 -0.95 -0.25
N SER D 1520 6.47 -2.27 -0.43
CA SER D 1520 6.28 -2.85 -1.75
C SER D 1520 4.89 -2.49 -2.27
N SER D 1521 3.85 -2.93 -1.57
CA SER D 1521 2.55 -2.28 -1.62
C SER D 1521 2.17 -1.72 -0.25
N ASP D 1522 2.09 -2.57 0.77
CA ASP D 1522 1.89 -2.18 2.15
C ASP D 1522 2.91 -2.80 3.10
N GLY D 1523 3.28 -4.06 2.87
CA GLY D 1523 4.10 -4.81 3.79
C GLY D 1523 5.49 -5.09 3.22
N LYS D 1524 6.24 -5.86 3.99
CA LYS D 1524 7.65 -6.06 3.79
C LYS D 1524 7.94 -7.55 3.57
N ILE D 1525 9.18 -7.83 3.17
CA ILE D 1525 9.60 -9.18 2.84
C ILE D 1525 9.91 -9.98 4.09
N SER D 1526 10.20 -11.28 3.90
CA SER D 1526 10.38 -12.26 4.97
C SER D 1526 11.73 -12.11 5.67
N LEU D 1527 12.17 -13.19 6.34
CA LEU D 1527 13.35 -13.19 7.22
C LEU D 1527 14.59 -12.62 6.57
N SER D 1528 15.47 -12.04 7.38
CA SER D 1528 16.26 -10.89 6.98
C SER D 1528 17.74 -11.21 6.85
N PRO D 1529 18.29 -11.34 5.63
CA PRO D 1529 19.74 -11.40 5.47
C PRO D 1529 20.45 -10.07 5.74
N ASP D 1530 20.01 -9.01 5.06
CA ASP D 1530 20.53 -7.66 5.21
C ASP D 1530 19.39 -6.68 5.45
N VAL D 1531 18.16 -7.17 5.50
CA VAL D 1531 17.01 -6.30 5.68
C VAL D 1531 16.89 -5.95 7.16
N LYS D 1532 17.58 -6.69 8.02
CA LYS D 1532 17.67 -6.33 9.43
C LYS D 1532 18.35 -4.97 9.61
N GLU D 1533 19.35 -4.68 8.78
CA GLU D 1533 19.94 -3.34 8.75
C GLU D 1533 18.95 -2.32 8.22
N TRP D 1534 18.01 -2.75 7.37
CA TRP D 1534 16.95 -1.85 6.94
C TRP D 1534 15.88 -1.72 8.02
N TYR D 1535 15.48 -2.84 8.64
CA TYR D 1535 14.41 -2.80 9.63
C TYR D 1535 14.79 -2.04 10.89
N SER D 1536 16.07 -2.02 11.23
CA SER D 1536 16.53 -1.20 12.36
C SER D 1536 16.28 0.28 12.11
N ILE D 1537 16.67 0.76 10.94
CA ILE D 1537 16.47 2.15 10.58
C ILE D 1537 14.98 2.44 10.46
N GLY D 1538 14.21 1.46 9.98
CA GLY D 1538 12.77 1.68 9.81
C GLY D 1538 12.03 1.82 11.13
N LEU D 1539 12.32 0.91 12.08
CA LEU D 1539 11.75 1.01 13.43
C LEU D 1539 12.20 2.26 14.15
N GLU D 1540 13.46 2.66 13.98
CA GLU D 1540 13.96 3.81 14.70
C GLU D 1540 13.35 5.11 14.17
N ALA D 1541 13.22 5.22 12.85
CA ALA D 1541 12.56 6.37 12.27
C ALA D 1541 11.06 6.36 12.53
N ALA D 1542 10.46 5.18 12.63
CA ALA D 1542 9.04 5.12 12.98
C ALA D 1542 8.82 5.49 14.43
N ASN D 1543 9.82 5.29 15.28
CA ASN D 1543 9.69 5.76 16.65
C ASN D 1543 9.85 7.27 16.73
N LEU D 1544 10.79 7.81 15.96
CA LEU D 1544 11.11 9.23 16.10
C LEU D 1544 10.05 10.15 15.50
N GLU D 1545 9.18 9.64 14.65
CA GLU D 1545 7.99 10.35 14.22
C GLU D 1545 6.78 9.67 14.85
N GLY D 1546 6.08 10.38 15.71
CA GLY D 1546 5.06 9.74 16.50
C GLY D 1546 3.73 9.61 15.80
N ASN D 1547 3.50 8.45 15.21
CA ASN D 1547 2.27 8.16 14.49
C ASN D 1547 1.92 6.72 14.81
N VAL D 1548 0.81 6.51 15.50
CA VAL D 1548 0.47 5.18 15.99
C VAL D 1548 0.13 4.24 14.84
N GLN D 1549 -0.24 4.76 13.68
CA GLN D 1549 -0.63 3.87 12.60
C GLN D 1549 0.58 3.33 11.85
N THR D 1550 1.58 4.17 11.58
CA THR D 1550 2.78 3.69 10.91
C THR D 1550 3.70 2.94 11.85
N LEU D 1551 3.45 3.00 13.16
CA LEU D 1551 4.24 2.30 14.15
C LEU D 1551 3.57 1.03 14.61
N LYS D 1552 2.25 0.98 14.50
CA LYS D 1552 1.45 -0.14 14.97
C LYS D 1552 1.36 -1.25 13.95
N ASN D 1553 1.50 -0.93 12.66
CA ASN D 1553 1.54 -1.97 11.64
C ASN D 1553 2.97 -2.34 11.25
N TRP D 1554 3.97 -1.59 11.72
CA TRP D 1554 5.34 -2.05 11.56
C TRP D 1554 5.61 -3.24 12.47
N VAL D 1555 5.08 -3.19 13.70
CA VAL D 1555 5.22 -4.32 14.61
C VAL D 1555 4.28 -5.46 14.26
N GLU D 1556 3.30 -5.24 13.39
CA GLU D 1556 2.59 -6.35 12.79
C GLU D 1556 3.50 -7.12 11.85
N GLN D 1557 4.46 -6.42 11.23
CA GLN D 1557 5.38 -7.07 10.33
C GLN D 1557 6.59 -7.64 11.04
N ILE D 1558 7.05 -7.01 12.12
CA ILE D 1558 8.15 -7.56 12.91
C ILE D 1558 7.73 -8.86 13.56
N GLU D 1559 6.55 -8.87 14.17
CA GLU D 1559 6.02 -10.03 14.86
C GLU D 1559 5.53 -11.13 13.94
N SER D 1560 5.60 -10.98 12.64
CA SER D 1560 5.31 -12.10 11.76
C SER D 1560 6.54 -12.95 11.52
N LEU D 1561 7.72 -12.48 11.92
CA LEU D 1561 8.95 -13.21 11.75
C LEU D 1561 9.02 -14.37 12.75
N ARG D 1562 10.03 -15.21 12.56
CA ARG D 1562 10.18 -16.43 13.34
C ARG D 1562 11.21 -16.30 14.44
N ASN D 1563 12.45 -15.99 14.08
CA ASN D 1563 13.56 -16.00 15.04
C ASN D 1563 14.43 -14.79 14.76
N ILE D 1564 14.11 -13.68 15.42
CA ILE D 1564 14.85 -12.43 15.21
C ILE D 1564 16.17 -12.51 15.98
N ASP D 1565 17.26 -12.61 15.26
CA ASP D 1565 18.59 -12.69 15.86
C ASP D 1565 19.20 -11.33 16.09
N ASP D 1566 18.72 -10.29 15.42
CA ASP D 1566 19.44 -9.03 15.34
C ASP D 1566 19.37 -8.29 16.67
N ARG D 1567 20.55 -7.99 17.20
CA ARG D 1567 20.71 -7.26 18.44
C ARG D 1567 20.16 -5.84 18.33
N GLU D 1568 20.20 -5.26 17.13
CA GLU D 1568 19.86 -3.86 16.91
C GLU D 1568 18.38 -3.63 16.62
N VAL D 1569 17.71 -4.61 16.00
CA VAL D 1569 16.29 -4.47 15.69
C VAL D 1569 15.46 -4.48 16.97
N LEU D 1570 15.82 -5.34 17.92
CA LEU D 1570 14.95 -5.63 19.06
C LEU D 1570 14.87 -4.47 20.03
N LEU D 1571 15.90 -3.61 20.06
CA LEU D 1571 15.83 -2.40 20.88
C LEU D 1571 14.73 -1.48 20.40
N GLN D 1572 14.80 -1.07 19.13
CA GLN D 1572 13.81 -0.17 18.57
C GLN D 1572 12.45 -0.82 18.46
N TYR D 1573 12.39 -2.15 18.37
CA TYR D 1573 11.12 -2.86 18.50
C TYR D 1573 10.51 -2.67 19.88
N ASN D 1574 11.31 -2.83 20.93
CA ASN D 1574 10.78 -2.70 22.28
C ASN D 1574 10.38 -1.27 22.58
N ILE D 1575 11.12 -0.30 22.03
CA ILE D 1575 10.73 1.10 22.15
C ILE D 1575 9.43 1.34 21.40
N ALA D 1576 9.26 0.67 20.26
CA ALA D 1576 8.04 0.80 19.47
C ALA D 1576 6.83 0.27 20.22
N LYS D 1577 6.97 -0.90 20.84
CA LYS D 1577 5.82 -1.44 21.55
C LYS D 1577 5.59 -0.75 22.88
N ALA D 1578 6.63 -0.13 23.46
CA ALA D 1578 6.43 0.81 24.55
C ALA D 1578 5.56 1.99 24.11
N LEU D 1579 5.83 2.52 22.91
CA LEU D 1579 5.04 3.65 22.43
C LEU D 1579 3.62 3.24 22.07
N ILE D 1580 3.45 2.02 21.55
CA ILE D 1580 2.11 1.55 21.19
C ILE D 1580 1.28 1.29 22.43
N ALA D 1581 1.89 0.74 23.48
CA ALA D 1581 1.19 0.60 24.74
C ALA D 1581 0.97 1.94 25.41
N ILE D 1582 1.84 2.92 25.16
CA ILE D 1582 1.68 4.21 25.80
C ILE D 1582 0.59 5.00 25.12
N SER D 1583 0.25 4.65 23.87
CA SER D 1583 -0.93 5.22 23.24
C SER D 1583 -2.22 4.54 23.67
N ASN D 1584 -2.14 3.33 24.25
CA ASN D 1584 -3.31 2.64 24.76
C ASN D 1584 -3.57 2.95 26.23
N GLU D 1585 -2.94 4.00 26.77
CA GLU D 1585 -3.08 4.45 28.16
C GLU D 1585 -2.74 3.35 29.16
N ASP D 1586 -1.72 2.56 28.85
CA ASP D 1586 -1.37 1.37 29.63
C ASP D 1586 0.00 1.58 30.25
N PRO D 1587 0.07 1.99 31.52
CA PRO D 1587 1.37 2.38 32.08
C PRO D 1587 2.28 1.22 32.43
N LEU D 1588 1.74 0.13 32.98
CA LEU D 1588 2.62 -0.94 33.41
C LEU D 1588 3.19 -1.72 32.23
N ARG D 1589 2.45 -1.78 31.13
CA ARG D 1589 2.94 -2.47 29.95
C ARG D 1589 4.06 -1.69 29.28
N THR D 1590 3.94 -0.36 29.21
CA THR D 1590 5.04 0.41 28.64
C THR D 1590 6.23 0.47 29.58
N GLN D 1591 6.02 0.39 30.91
CA GLN D 1591 7.17 0.21 31.79
C GLN D 1591 7.85 -1.13 31.56
N LYS D 1592 7.07 -2.17 31.26
CA LYS D 1592 7.61 -3.49 30.97
C LYS D 1592 8.49 -3.46 29.72
N TYR D 1593 8.03 -2.79 28.67
CA TYR D 1593 8.83 -2.79 27.44
C TYR D 1593 10.02 -1.84 27.53
N ILE D 1594 9.92 -0.77 28.30
CA ILE D 1594 11.11 0.06 28.50
C ILE D 1594 12.14 -0.68 29.36
N HIS D 1595 11.69 -1.50 30.31
CA HIS D 1595 12.65 -2.31 31.05
C HIS D 1595 13.26 -3.40 30.18
N ASN D 1596 12.51 -3.92 29.19
CA ASN D 1596 13.09 -4.77 28.17
C ASN D 1596 14.19 -4.05 27.40
N SER D 1597 13.95 -2.79 27.07
CA SER D 1597 14.96 -1.99 26.37
C SER D 1597 16.20 -1.77 27.22
N PHE D 1598 16.03 -1.56 28.54
CA PHE D 1598 17.17 -1.39 29.41
C PHE D 1598 17.96 -2.69 29.57
N ARG D 1599 17.26 -3.82 29.62
CA ARG D 1599 17.93 -5.12 29.66
C ARG D 1599 18.78 -5.35 28.44
N LEU D 1600 18.22 -5.04 27.26
CA LEU D 1600 18.96 -5.27 26.02
C LEU D 1600 20.14 -4.34 25.90
N ILE D 1601 20.01 -3.09 26.37
CA ILE D 1601 21.14 -2.18 26.28
C ILE D 1601 22.21 -2.57 27.29
N GLY D 1602 21.82 -2.87 28.53
CA GLY D 1602 22.78 -3.21 29.55
C GLY D 1602 23.50 -4.52 29.34
N THR D 1603 22.93 -5.45 28.57
CA THR D 1603 23.65 -6.67 28.31
C THR D 1603 24.36 -6.68 26.96
N ASN D 1604 23.74 -6.15 25.91
CA ASN D 1604 24.25 -6.30 24.56
C ASN D 1604 24.89 -5.05 24.00
N PHE D 1605 24.21 -3.90 24.04
CA PHE D 1605 24.73 -2.72 23.37
C PHE D 1605 25.91 -2.10 24.10
N ILE D 1606 25.97 -2.26 25.40
CA ILE D 1606 26.90 -1.50 26.20
C ILE D 1606 28.28 -2.15 26.15
N THR D 1607 29.31 -1.34 26.34
CA THR D 1607 30.68 -1.83 26.26
C THR D 1607 31.50 -1.28 27.42
N SER D 1608 32.81 -1.47 27.36
CA SER D 1608 33.69 -1.07 28.44
C SER D 1608 33.92 0.42 28.43
N SER D 1609 33.88 1.04 29.61
CA SER D 1609 34.42 2.38 29.78
C SER D 1609 35.93 2.30 29.90
N LYS D 1610 36.55 3.48 30.11
CA LYS D 1610 37.98 3.77 30.25
C LYS D 1610 38.83 3.27 29.07
N GLU D 1611 38.20 2.81 27.99
CA GLU D 1611 38.86 2.47 26.75
C GLU D 1611 38.32 3.32 25.61
N THR D 1612 37.01 3.33 25.40
CA THR D 1612 36.42 4.12 24.33
C THR D 1612 36.40 5.59 24.70
N THR D 1613 35.93 6.40 23.75
CA THR D 1613 35.73 7.83 23.96
C THR D 1613 34.41 8.05 24.67
N LEU D 1614 33.99 9.31 24.75
CA LEU D 1614 32.59 9.63 25.01
C LEU D 1614 31.88 9.95 23.71
N LEU D 1615 32.61 10.10 22.60
CA LEU D 1615 32.03 10.38 21.30
C LEU D 1615 31.33 9.18 20.70
N LYS D 1616 31.71 7.97 21.10
CA LYS D 1616 31.07 6.77 20.60
C LYS D 1616 30.05 6.19 21.58
N LYS D 1617 30.20 6.50 22.87
CA LYS D 1617 29.16 6.19 23.84
C LYS D 1617 27.93 7.09 23.67
N GLN D 1618 28.09 8.23 23.02
CA GLN D 1618 27.05 9.24 22.97
C GLN D 1618 25.85 8.80 22.16
N ASN D 1619 26.08 7.97 21.13
CA ASN D 1619 24.99 7.38 20.36
C ASN D 1619 24.16 6.41 21.19
N LEU D 1620 24.74 5.85 22.23
CA LEU D 1620 24.00 4.99 23.15
C LEU D 1620 23.41 5.78 24.30
N LEU D 1621 24.09 6.84 24.73
CA LEU D 1621 23.56 7.68 25.80
C LEU D 1621 22.33 8.44 25.36
N MET D 1622 22.22 8.81 24.08
CA MET D 1622 20.99 9.47 23.62
C MET D 1622 19.82 8.49 23.62
N LYS D 1623 20.06 7.23 23.31
CA LYS D 1623 18.98 6.25 23.38
C LYS D 1623 18.59 5.96 24.82
N LEU D 1624 19.56 5.96 25.73
CA LEU D 1624 19.22 5.78 27.14
C LEU D 1624 18.48 7.00 27.70
N HIS D 1625 18.92 8.20 27.32
CA HIS D 1625 18.27 9.42 27.78
C HIS D 1625 16.86 9.54 27.23
N SER D 1626 16.61 8.96 26.06
CA SER D 1626 15.27 8.85 25.52
C SER D 1626 14.51 7.65 26.05
N LEU D 1627 15.19 6.70 26.69
CA LEU D 1627 14.41 5.67 27.36
C LEU D 1627 13.99 6.09 28.75
N TYR D 1628 14.73 7.00 29.36
CA TYR D 1628 14.33 7.43 30.69
C TYR D 1628 13.12 8.34 30.64
N ASP D 1629 13.07 9.25 29.67
CA ASP D 1629 11.99 10.21 29.68
C ASP D 1629 10.66 9.62 29.26
N LEU D 1630 10.65 8.50 28.53
CA LEU D 1630 9.40 7.79 28.28
C LEU D 1630 8.86 7.16 29.55
N SER D 1631 9.73 6.56 30.36
CA SER D 1631 9.28 6.06 31.66
C SER D 1631 8.89 7.19 32.59
N PHE D 1632 9.52 8.34 32.43
CA PHE D 1632 9.28 9.44 33.35
C PHE D 1632 8.06 10.26 32.96
N LEU D 1633 7.65 10.21 31.70
CA LEU D 1633 6.40 10.80 31.26
C LEU D 1633 5.25 9.83 31.32
N SER D 1634 5.51 8.53 31.25
CA SER D 1634 4.44 7.58 31.46
C SER D 1634 4.04 7.51 32.93
N SER D 1635 5.00 7.66 33.83
CA SER D 1635 4.74 7.61 35.26
C SER D 1635 4.08 8.91 35.70
N ALA D 1636 2.79 9.00 35.42
CA ALA D 1636 1.96 10.13 35.79
C ALA D 1636 0.51 9.68 35.70
N LYS D 1637 -0.33 10.22 36.58
CA LYS D 1637 -1.75 9.92 36.55
C LYS D 1637 -2.61 11.11 36.14
N ASP D 1638 -2.19 12.33 36.44
CA ASP D 1638 -2.92 13.52 36.04
C ASP D 1638 -1.91 14.61 35.74
N LYS D 1639 -2.41 15.77 35.29
CA LYS D 1639 -1.57 16.82 34.75
C LYS D 1639 -0.72 17.53 35.80
N PHE D 1640 -1.07 17.37 37.09
CA PHE D 1640 -0.37 18.08 38.15
C PHE D 1640 1.07 17.63 38.28
N GLU D 1641 1.31 16.33 38.17
CA GLU D 1641 2.67 15.81 38.14
C GLU D 1641 3.21 15.69 36.73
N TYR D 1642 2.34 15.71 35.71
CA TYR D 1642 2.82 15.70 34.33
C TYR D 1642 3.55 16.98 34.00
N LYS D 1643 3.03 18.13 34.46
CA LYS D 1643 3.72 19.40 34.26
C LYS D 1643 5.05 19.42 34.99
N SER D 1644 5.10 18.82 36.18
CA SER D 1644 6.34 18.75 36.93
C SER D 1644 7.35 17.83 36.25
N ASN D 1645 6.87 16.74 35.65
CA ASN D 1645 7.75 15.87 34.88
C ASN D 1645 8.32 16.59 33.66
N THR D 1646 7.49 17.40 32.99
CA THR D 1646 8.00 18.14 31.83
C THR D 1646 8.99 19.21 32.24
N THR D 1647 8.82 19.83 33.41
CA THR D 1647 9.82 20.78 33.87
C THR D 1647 11.12 20.08 34.28
N ILE D 1648 11.02 18.86 34.82
CA ILE D 1648 12.24 18.09 35.12
C ILE D 1648 12.94 17.67 33.83
N LEU D 1649 12.18 17.37 32.77
CA LEU D 1649 12.82 17.02 31.50
C LEU D 1649 13.45 18.24 30.85
N ASP D 1650 12.84 19.42 31.01
CA ASP D 1650 13.48 20.64 30.54
C ASP D 1650 14.74 20.95 31.35
N TYR D 1651 14.77 20.55 32.62
CA TYR D 1651 16.03 20.57 33.36
C TYR D 1651 17.02 19.58 32.78
N ARG D 1652 16.54 18.42 32.32
CA ARG D 1652 17.41 17.43 31.71
C ARG D 1652 17.87 17.85 30.33
N MET D 1653 17.22 18.84 29.73
CA MET D 1653 17.68 19.44 28.48
C MET D 1653 18.66 20.58 28.71
N GLU D 1654 19.32 20.62 29.88
CA GLU D 1654 20.37 21.58 30.14
C GLU D 1654 21.71 20.92 30.39
N ARG D 1655 21.74 19.68 30.84
CA ARG D 1655 22.96 18.88 30.91
C ARG D 1655 23.34 18.31 29.55
N ILE D 1656 22.43 18.40 28.59
CA ILE D 1656 22.51 17.71 27.31
C ILE D 1656 23.63 18.24 26.42
N GLY D 1657 24.13 19.44 26.69
CA GLY D 1657 25.05 20.06 25.78
C GLY D 1657 24.32 20.98 24.82
N ALA D 1658 24.89 21.20 23.64
CA ALA D 1658 24.23 22.01 22.64
C ALA D 1658 24.35 21.41 21.25
N ASP D 1659 24.82 20.18 21.13
CA ASP D 1659 24.95 19.57 19.82
C ASP D 1659 23.57 19.19 19.30
N PHE D 1660 23.45 19.15 17.98
CA PHE D 1660 22.12 19.05 17.38
C PHE D 1660 21.54 17.65 17.42
N VAL D 1661 22.38 16.63 17.25
CA VAL D 1661 21.88 15.25 17.14
C VAL D 1661 21.22 14.73 18.42
N PRO D 1662 21.84 14.84 19.62
CA PRO D 1662 21.11 14.37 20.80
C PRO D 1662 19.91 15.23 21.16
N ASN D 1663 20.02 16.55 20.96
CA ASN D 1663 18.89 17.44 21.22
C ASN D 1663 17.70 17.11 20.33
N HIS D 1664 17.95 16.90 19.04
CA HIS D 1664 16.88 16.53 18.13
C HIS D 1664 16.32 15.15 18.44
N TYR D 1665 17.15 14.23 18.91
CA TYR D 1665 16.66 12.90 19.25
C TYR D 1665 15.76 12.94 20.48
N ILE D 1666 16.19 13.63 21.54
CA ILE D 1666 15.42 13.67 22.77
C ILE D 1666 14.14 14.48 22.58
N LEU D 1667 14.21 15.57 21.83
CA LEU D 1667 13.00 16.34 21.55
C LEU D 1667 12.06 15.59 20.61
N SER D 1668 12.60 14.78 19.68
CA SER D 1668 11.78 13.93 18.85
C SER D 1668 11.08 12.85 19.66
N MET D 1669 11.73 12.34 20.71
CA MET D 1669 11.05 11.36 21.53
C MET D 1669 10.02 11.97 22.46
N ARG D 1670 10.24 13.20 22.95
CA ARG D 1670 9.14 13.82 23.70
C ARG D 1670 8.00 14.19 22.77
N LYS D 1671 8.34 14.58 21.54
CA LYS D 1671 7.35 14.79 20.49
C LYS D 1671 6.52 13.54 20.23
N SER D 1672 7.19 12.40 20.08
CA SER D 1672 6.49 11.16 19.83
C SER D 1672 5.70 10.69 21.03
N PHE D 1673 6.10 11.07 22.25
CA PHE D 1673 5.23 10.81 23.38
C PHE D 1673 3.97 11.66 23.33
N ASP D 1674 4.14 12.97 23.11
CA ASP D 1674 3.04 13.92 23.28
C ASP D 1674 1.98 13.85 22.20
N GLN D 1675 2.19 13.08 21.13
CA GLN D 1675 1.16 12.90 20.12
C GLN D 1675 0.73 11.46 19.98
N LEU D 1676 1.14 10.59 20.90
CA LEU D 1676 0.48 9.30 21.06
C LEU D 1676 -0.40 9.26 22.28
N LYS D 1677 -0.19 10.16 23.22
CA LYS D 1677 -1.05 10.32 24.40
C LYS D 1677 -1.85 11.59 24.16
N MET D 1678 -3.13 11.43 23.81
CA MET D 1678 -3.90 12.59 23.35
C MET D 1678 -4.61 13.30 24.51
N ASN D 1679 -3.85 13.63 25.55
CA ASN D 1679 -4.28 14.62 26.51
C ASN D 1679 -4.22 16.00 25.85
N GLU D 1680 -5.00 16.93 26.39
CA GLU D 1680 -4.85 18.31 25.95
C GLU D 1680 -3.62 18.97 26.56
N GLN D 1681 -3.23 18.54 27.76
CA GLN D 1681 -1.97 19.03 28.32
C GLN D 1681 -0.78 18.45 27.58
N ALA D 1682 -0.90 17.23 27.06
CA ALA D 1682 0.14 16.69 26.21
C ALA D 1682 0.22 17.43 24.88
N ASP D 1683 -0.90 17.93 24.38
CA ASP D 1683 -0.86 18.72 23.15
C ASP D 1683 -0.25 20.09 23.41
N ALA D 1684 -0.54 20.68 24.57
CA ALA D 1684 0.10 21.95 24.93
C ALA D 1684 1.58 21.76 25.16
N ASP D 1685 1.99 20.59 25.64
CA ASP D 1685 3.41 20.24 25.67
C ASP D 1685 3.95 20.07 24.27
N LEU D 1686 3.13 19.53 23.37
CA LEU D 1686 3.58 19.16 22.04
C LEU D 1686 3.90 20.38 21.20
N GLY D 1687 3.09 21.43 21.33
CA GLY D 1687 3.40 22.69 20.68
C GLY D 1687 4.71 23.29 21.16
N LYS D 1688 5.00 23.14 22.45
CA LYS D 1688 6.26 23.59 23.00
C LYS D 1688 7.43 22.79 22.44
N THR D 1689 7.25 21.47 22.28
CA THR D 1689 8.29 20.63 21.71
C THR D 1689 8.57 20.99 20.26
N PHE D 1690 7.51 21.25 19.48
CA PHE D 1690 7.72 21.65 18.09
C PHE D 1690 8.39 23.01 18.00
N PHE D 1691 8.05 23.94 18.90
CA PHE D 1691 8.70 25.24 18.85
C PHE D 1691 10.17 25.14 19.25
N THR D 1692 10.50 24.26 20.20
CA THR D 1692 11.90 24.08 20.56
C THR D 1692 12.67 23.34 19.49
N LEU D 1693 12.03 22.40 18.78
CA LEU D 1693 12.65 21.77 17.62
C LEU D 1693 12.92 22.78 16.52
N ALA D 1694 11.98 23.69 16.29
CA ALA D 1694 12.15 24.71 15.25
C ALA D 1694 13.29 25.65 15.58
N GLN D 1695 13.31 26.20 16.79
CA GLN D 1695 14.39 27.14 17.08
C GLN D 1695 15.69 26.45 17.41
N LEU D 1696 15.67 25.15 17.72
CA LEU D 1696 16.90 24.37 17.73
C LEU D 1696 17.48 24.26 16.33
N ALA D 1697 16.65 23.87 15.38
CA ALA D 1697 17.14 23.56 14.06
C ALA D 1697 17.49 24.78 13.24
N ARG D 1698 16.93 25.96 13.55
CA ARG D 1698 17.40 27.11 12.80
C ARG D 1698 18.68 27.71 13.37
N ASN D 1699 19.02 27.42 14.62
CA ASN D 1699 20.33 27.83 15.14
C ASN D 1699 21.44 26.89 14.74
N ASN D 1700 21.13 25.74 14.15
CA ASN D 1700 22.14 24.75 13.77
C ASN D 1700 22.21 24.55 12.27
N ALA D 1701 21.85 25.58 11.50
CA ALA D 1701 21.99 25.63 10.04
C ALA D 1701 21.24 24.51 9.35
N ARG D 1702 20.14 24.07 9.93
CA ARG D 1702 19.34 22.98 9.42
C ARG D 1702 17.88 23.37 9.42
N LEU D 1703 17.58 24.50 8.80
CA LEU D 1703 16.21 25.00 8.71
C LEU D 1703 15.36 24.26 7.68
N ASP D 1704 15.86 23.16 7.12
CA ASP D 1704 15.03 22.28 6.32
C ASP D 1704 13.91 21.66 7.15
N ILE D 1705 14.20 21.32 8.40
CA ILE D 1705 13.19 20.74 9.26
C ILE D 1705 12.67 21.70 10.31
N ALA D 1706 13.32 22.86 10.49
CA ALA D 1706 12.78 23.89 11.37
C ALA D 1706 11.46 24.45 10.82
N SER D 1707 11.36 24.56 9.51
CA SER D 1707 10.12 25.04 8.90
C SER D 1707 8.99 24.02 9.05
N GLU D 1708 9.26 22.76 8.71
CA GLU D 1708 8.23 21.74 8.80
C GLU D 1708 7.99 21.27 10.23
N SER D 1709 8.75 21.76 11.20
CA SER D 1709 8.36 21.62 12.60
C SER D 1709 7.61 22.84 13.12
N LEU D 1710 7.95 24.04 12.66
CA LEU D 1710 7.23 25.24 13.07
C LEU D 1710 5.83 25.29 12.50
N MET D 1711 5.57 24.61 11.37
CA MET D 1711 4.21 24.57 10.85
C MET D 1711 3.27 23.78 11.74
N HIS D 1712 3.79 22.89 12.58
CA HIS D 1712 2.96 22.25 13.60
C HIS D 1712 2.52 23.23 14.68
N CYS D 1713 3.25 24.33 14.87
CA CYS D 1713 2.88 25.38 15.80
C CYS D 1713 1.88 26.37 15.20
N LEU D 1714 1.32 26.07 14.03
CA LEU D 1714 0.33 26.94 13.41
C LEU D 1714 -1.07 26.35 13.40
N GLU D 1715 -1.20 25.02 13.44
CA GLU D 1715 -2.50 24.44 13.76
C GLU D 1715 -2.89 24.79 15.20
N ARG D 1716 -1.92 24.77 16.10
CA ARG D 1716 -2.17 25.25 17.45
C ARG D 1716 -2.29 26.76 17.50
N ARG D 1717 -1.73 27.45 16.51
CA ARG D 1717 -1.71 28.91 16.39
C ARG D 1717 -1.13 29.58 17.64
N LEU D 1718 0.14 29.28 17.88
CA LEU D 1718 0.87 29.93 18.96
C LEU D 1718 1.06 31.42 18.62
N PRO D 1719 1.09 32.28 19.62
CA PRO D 1719 1.36 33.70 19.38
C PRO D 1719 2.82 34.05 19.16
N GLN D 1720 3.68 33.07 18.94
CA GLN D 1720 5.11 33.28 18.86
C GLN D 1720 5.72 32.78 17.56
N ALA D 1721 4.98 31.95 16.80
CA ALA D 1721 5.48 31.43 15.53
C ALA D 1721 5.61 32.50 14.45
N GLU D 1722 4.89 33.63 14.59
CA GLU D 1722 5.08 34.74 13.66
C GLU D 1722 6.48 35.33 13.79
N LEU D 1723 7.05 35.28 14.98
CA LEU D 1723 8.43 35.71 15.18
C LEU D 1723 9.42 34.64 14.75
N GLU D 1724 9.07 33.35 14.92
CA GLU D 1724 10.02 32.30 14.60
C GLU D 1724 10.17 32.10 13.10
N PHE D 1725 9.07 32.27 12.36
CA PHE D 1725 9.13 32.20 10.91
C PHE D 1725 9.94 33.35 10.33
N ALA D 1726 10.08 34.45 11.06
CA ALA D 1726 10.97 35.53 10.64
C ALA D 1726 12.43 35.09 10.67
N GLU D 1727 12.85 34.36 11.72
CA GLU D 1727 14.24 33.90 11.71
C GLU D 1727 14.45 32.78 10.73
N ILE D 1728 13.43 31.96 10.46
CA ILE D 1728 13.61 30.94 9.43
C ILE D 1728 13.73 31.58 8.04
N LEU D 1729 12.94 32.63 7.78
CA LEU D 1729 13.12 33.40 6.56
C LEU D 1729 14.47 34.08 6.51
N TRP D 1730 14.98 34.52 7.66
CA TRP D 1730 16.26 35.19 7.67
C TRP D 1730 17.40 34.22 7.37
N LYS D 1731 17.36 33.03 7.97
CA LYS D 1731 18.42 32.06 7.73
C LYS D 1731 18.31 31.45 6.35
N GLN D 1732 17.12 31.41 5.76
CA GLN D 1732 16.97 30.91 4.40
C GLN D 1732 17.66 31.81 3.40
N GLY D 1733 17.49 33.12 3.55
CA GLY D 1733 18.24 34.04 2.72
C GLY D 1733 17.43 35.23 2.25
N GLU D 1734 16.14 35.25 2.52
CA GLU D 1734 15.30 36.36 2.10
C GLU D 1734 15.19 37.36 3.24
N ASN D 1735 15.73 38.55 3.01
CA ASN D 1735 15.81 39.54 4.07
C ASN D 1735 14.54 40.36 4.16
N ASP D 1736 13.99 40.73 3.01
CA ASP D 1736 12.92 41.73 2.98
C ASP D 1736 11.60 41.16 3.49
N ARG D 1737 11.33 39.88 3.24
CA ARG D 1737 10.11 39.28 3.77
C ARG D 1737 10.21 39.07 5.28
N ALA D 1738 11.40 38.78 5.78
CA ALA D 1738 11.61 38.70 7.22
C ALA D 1738 11.45 40.06 7.88
N LEU D 1739 11.97 41.11 7.25
CA LEU D 1739 11.78 42.46 7.77
C LEU D 1739 10.30 42.86 7.74
N LYS D 1740 9.60 42.46 6.69
CA LYS D 1740 8.18 42.77 6.57
C LYS D 1740 7.37 42.08 7.65
N ILE D 1741 7.65 40.81 7.94
CA ILE D 1741 6.89 40.12 8.97
C ILE D 1741 7.28 40.59 10.38
N VAL D 1742 8.54 40.97 10.59
CA VAL D 1742 8.90 41.39 11.95
C VAL D 1742 8.41 42.82 12.23
N GLN D 1743 8.30 43.68 11.22
CA GLN D 1743 7.61 44.93 11.50
C GLN D 1743 6.11 44.74 11.53
N GLU D 1744 5.60 43.71 10.85
CA GLU D 1744 4.18 43.38 10.90
C GLU D 1744 3.77 42.94 12.29
N ILE D 1745 4.68 42.29 13.03
CA ILE D 1745 4.40 42.04 14.44
C ILE D 1745 4.90 43.15 15.34
N HIS D 1746 5.67 44.11 14.83
CA HIS D 1746 6.01 45.24 15.69
C HIS D 1746 4.90 46.30 15.72
N GLU D 1747 4.30 46.63 14.58
CA GLU D 1747 3.13 47.50 14.68
C GLU D 1747 1.90 46.77 15.20
N LYS D 1748 1.94 45.45 15.35
CA LYS D 1748 0.98 44.72 16.17
C LYS D 1748 1.25 44.94 17.65
N TYR D 1749 2.48 45.31 18.02
CA TYR D 1749 2.79 45.66 19.40
C TYR D 1749 2.60 47.13 19.70
N GLN D 1750 1.70 47.80 18.99
CA GLN D 1750 1.25 49.11 19.47
C GLN D 1750 -0.04 48.96 20.26
N GLU D 1751 -0.61 47.76 20.26
CA GLU D 1751 -1.79 47.45 21.06
C GLU D 1751 -1.42 47.16 22.51
N ASN D 1752 -2.37 46.56 23.22
CA ASN D 1752 -2.25 46.38 24.66
C ASN D 1752 -1.31 45.21 25.00
N SER D 1753 -1.41 44.77 26.26
CA SER D 1753 -0.29 44.51 27.20
C SER D 1753 0.90 43.85 26.52
N SER D 1754 0.81 42.57 26.11
CA SER D 1754 1.78 41.88 25.23
C SER D 1754 3.24 42.12 25.64
N VAL D 1755 3.64 41.54 26.77
CA VAL D 1755 4.40 42.15 27.87
C VAL D 1755 5.44 43.20 27.44
N ASN D 1756 5.33 44.39 28.05
CA ASN D 1756 6.06 45.57 27.60
C ASN D 1756 7.55 45.49 27.86
N ALA D 1757 7.99 44.61 28.76
CA ALA D 1757 9.36 44.67 29.25
C ALA D 1757 10.34 44.19 28.18
N ARG D 1758 10.23 42.93 27.78
CA ARG D 1758 11.18 42.38 26.83
C ARG D 1758 10.53 41.79 25.59
N ASP D 1759 9.25 41.45 25.63
CA ASP D 1759 8.61 40.90 24.45
C ASP D 1759 8.33 41.96 23.39
N ARG D 1760 8.49 43.25 23.73
CA ARG D 1760 8.38 44.32 22.75
C ARG D 1760 9.72 44.91 22.38
N ALA D 1761 10.62 45.07 23.34
CA ALA D 1761 11.92 45.65 23.06
C ALA D 1761 12.83 44.73 22.27
N ALA D 1762 12.71 43.41 22.47
CA ALA D 1762 13.54 42.48 21.73
C ALA D 1762 13.09 42.33 20.29
N VAL D 1763 11.79 42.45 20.04
CA VAL D 1763 11.27 42.37 18.67
C VAL D 1763 11.72 43.59 17.88
N LEU D 1764 11.61 44.77 18.48
CA LEU D 1764 12.11 45.97 17.82
C LEU D 1764 13.63 45.95 17.69
N LEU D 1765 14.33 45.38 18.67
CA LEU D 1765 15.78 45.27 18.59
C LEU D 1765 16.20 44.34 17.47
N LYS D 1766 15.42 43.29 17.25
CA LYS D 1766 15.68 42.38 16.15
C LYS D 1766 15.39 43.04 14.80
N PHE D 1767 14.30 43.81 14.74
CA PHE D 1767 13.98 44.59 13.56
C PHE D 1767 15.10 45.55 13.21
N THR D 1768 15.68 46.21 14.21
CA THR D 1768 16.80 47.11 13.94
C THR D 1768 18.07 46.36 13.61
N GLU D 1769 18.35 45.25 14.31
CA GLU D 1769 19.61 44.53 14.11
C GLU D 1769 19.69 43.91 12.73
N TRP D 1770 18.56 43.48 12.16
CA TRP D 1770 18.68 43.09 10.78
C TRP D 1770 17.93 43.97 9.80
N LEU D 1771 17.60 45.20 10.20
CA LEU D 1771 17.50 46.27 9.22
C LEU D 1771 18.88 46.84 8.96
N ASP D 1772 19.75 46.76 9.96
CA ASP D 1772 21.17 47.04 9.76
C ASP D 1772 21.80 46.07 8.76
N LEU D 1773 21.63 44.76 8.99
CA LEU D 1773 22.34 43.77 8.18
C LEU D 1773 21.76 43.69 6.78
N SER D 1774 20.47 43.96 6.63
CA SER D 1774 19.84 43.93 5.31
C SER D 1774 20.30 45.07 4.43
N ASN D 1775 20.84 46.12 5.03
CA ASN D 1775 21.34 47.31 4.35
C ASN D 1775 20.21 47.98 3.57
N ASN D 1776 19.00 47.93 4.11
CA ASN D 1776 17.81 48.48 3.49
C ASN D 1776 17.43 49.85 4.01
N SER D 1777 18.28 50.48 4.83
CA SER D 1777 17.87 51.74 5.43
C SER D 1777 19.07 52.63 5.65
N ALA D 1778 18.77 53.92 5.73
CA ALA D 1778 19.78 54.91 6.08
C ALA D 1778 20.09 54.82 7.57
N SER D 1779 21.13 55.56 7.99
CA SER D 1779 21.57 55.51 9.37
C SER D 1779 20.56 56.13 10.32
N GLU D 1780 19.97 57.26 9.92
CA GLU D 1780 19.09 57.98 10.84
C GLU D 1780 17.79 57.23 11.09
N GLN D 1781 17.34 56.44 10.12
CA GLN D 1781 16.14 55.63 10.31
C GLN D 1781 16.37 54.54 11.35
N ILE D 1782 17.58 53.98 11.37
CA ILE D 1782 17.89 52.94 12.34
C ILE D 1782 18.10 53.53 13.72
N ILE D 1783 18.76 54.69 13.78
CA ILE D 1783 19.02 55.33 15.07
C ILE D 1783 17.74 55.89 15.69
N LYS D 1784 16.81 56.37 14.85
CA LYS D 1784 15.54 56.92 15.31
C LYS D 1784 14.65 55.88 15.99
N GLN D 1785 14.89 54.60 15.73
CA GLN D 1785 14.21 53.56 16.48
C GLN D 1785 15.09 52.80 17.45
N TYR D 1786 16.42 52.92 17.33
CA TYR D 1786 17.31 52.58 18.44
C TYR D 1786 16.94 53.36 19.69
N GLN D 1787 16.71 54.66 19.52
CA GLN D 1787 16.29 55.46 20.66
C GLN D 1787 14.87 55.12 21.10
N ASP D 1788 14.05 54.54 20.22
CA ASP D 1788 12.76 54.03 20.67
C ASP D 1788 12.91 52.75 21.49
N ILE D 1789 13.91 51.91 21.16
CA ILE D 1789 14.24 50.78 22.02
C ILE D 1789 14.68 51.27 23.38
N PHE D 1790 15.49 52.34 23.39
CA PHE D 1790 15.95 52.91 24.65
C PHE D 1790 14.81 53.51 25.45
N GLN D 1791 13.78 54.02 24.76
CA GLN D 1791 12.60 54.52 25.45
C GLN D 1791 11.80 53.38 26.06
N ILE D 1792 11.59 52.31 25.31
CA ILE D 1792 10.67 51.27 25.79
C ILE D 1792 11.30 50.42 26.89
N ASP D 1793 12.62 50.32 26.95
CA ASP D 1793 13.31 49.59 28.03
C ASP D 1793 14.75 50.07 28.04
N SER D 1794 15.20 50.61 29.16
CA SER D 1794 16.55 51.16 29.26
C SER D 1794 17.44 50.41 30.23
N LYS D 1795 16.91 49.39 30.92
CA LYS D 1795 17.67 48.64 31.91
C LYS D 1795 18.34 47.41 31.30
N TRP D 1796 18.70 47.47 30.04
CA TRP D 1796 19.11 46.28 29.29
C TRP D 1796 20.12 46.70 28.24
N ASP D 1797 21.30 46.10 28.29
CA ASP D 1797 22.43 46.62 27.54
C ASP D 1797 22.63 45.95 26.19
N LYS D 1798 21.89 44.90 25.88
CA LYS D 1798 21.91 44.36 24.52
C LYS D 1798 21.52 45.38 23.45
N PRO D 1799 20.56 46.29 23.64
CA PRO D 1799 20.46 47.40 22.67
C PRO D 1799 21.65 48.33 22.68
N TYR D 1800 22.30 48.52 23.83
CA TYR D 1800 23.47 49.39 23.86
C TYR D 1800 24.66 48.71 23.19
N TYR D 1801 24.76 47.38 23.36
CA TYR D 1801 25.68 46.56 22.58
C TYR D 1801 25.44 46.74 21.08
N SER D 1802 24.18 46.65 20.67
CA SER D 1802 23.85 46.71 19.24
C SER D 1802 24.15 48.08 18.66
N ILE D 1803 23.83 49.15 19.40
CA ILE D 1803 24.08 50.47 18.84
C ILE D 1803 25.57 50.83 18.90
N GLY D 1804 26.31 50.30 19.87
CA GLY D 1804 27.76 50.50 19.88
C GLY D 1804 28.44 49.78 18.73
N LEU D 1805 28.01 48.55 18.45
CA LEU D 1805 28.51 47.84 17.28
C LEU D 1805 28.06 48.51 15.99
N TYR D 1806 26.90 49.16 16.01
CA TYR D 1806 26.42 49.87 14.83
C TYR D 1806 27.32 51.06 14.51
N TYR D 1807 27.66 51.87 15.51
CA TYR D 1807 28.55 53.00 15.24
C TYR D 1807 29.97 52.55 14.94
N SER D 1808 30.46 51.55 15.66
CA SER D 1808 31.79 51.00 15.40
C SER D 1808 31.83 50.01 14.24
N ARG D 1809 30.76 49.93 13.45
CA ARG D 1809 30.77 49.37 12.12
C ARG D 1809 30.58 50.43 11.05
N LEU D 1810 29.70 51.41 11.31
CA LEU D 1810 29.46 52.49 10.38
C LEU D 1810 30.67 53.40 10.25
N LEU D 1811 31.54 53.44 11.27
CA LEU D 1811 32.78 54.19 11.15
C LEU D 1811 33.68 53.60 10.07
N GLU D 1812 33.78 52.26 10.01
CA GLU D 1812 34.56 51.63 8.95
C GLU D 1812 33.84 51.76 7.61
N ARG D 1813 32.53 51.59 7.60
CA ARG D 1813 31.80 51.69 6.33
C ARG D 1813 31.67 53.11 5.82
N LYS D 1814 32.08 54.13 6.60
CA LYS D 1814 32.33 55.44 6.04
C LYS D 1814 33.80 55.64 5.70
N LYS D 1815 34.70 55.16 6.55
CA LYS D 1815 36.13 55.33 6.34
C LYS D 1815 36.66 54.47 5.19
N ALA D 1816 35.88 53.49 4.73
CA ALA D 1816 36.23 52.76 3.52
C ALA D 1816 36.19 53.64 2.29
N GLU D 1817 35.38 54.70 2.31
CA GLU D 1817 35.41 55.73 1.29
C GLU D 1817 36.35 56.83 1.74
N GLY D 1818 36.35 57.95 1.03
CA GLY D 1818 37.21 59.07 1.37
C GLY D 1818 36.66 59.90 2.52
N TYR D 1819 36.64 59.33 3.71
CA TYR D 1819 36.16 59.99 4.91
C TYR D 1819 37.33 60.20 5.87
N ILE D 1820 37.35 61.35 6.54
CA ILE D 1820 38.47 61.69 7.40
C ILE D 1820 37.97 61.86 8.83
N THR D 1821 38.88 62.25 9.72
CA THR D 1821 38.64 62.16 11.15
C THR D 1821 37.66 63.24 11.60
N ASN D 1822 36.51 62.81 12.06
CA ASN D 1822 35.60 63.61 12.87
C ASN D 1822 35.48 62.93 14.24
N GLY D 1823 34.55 63.38 15.05
CA GLY D 1823 34.50 62.87 16.40
C GLY D 1823 33.22 62.14 16.77
N ARG D 1824 32.12 62.46 16.10
CA ARG D 1824 30.79 62.10 16.61
C ARG D 1824 30.53 60.60 16.52
N PHE D 1825 30.99 59.95 15.45
CA PHE D 1825 30.73 58.53 15.33
C PHE D 1825 31.65 57.69 16.21
N GLU D 1826 32.69 58.29 16.77
CA GLU D 1826 33.45 57.66 17.85
C GLU D 1826 32.99 58.10 19.23
N TYR D 1827 32.55 59.37 19.34
CA TYR D 1827 31.90 59.87 20.54
C TYR D 1827 30.72 58.99 20.95
N ARG D 1828 29.79 58.78 20.03
CA ARG D 1828 28.60 58.01 20.37
C ARG D 1828 28.93 56.54 20.55
N ALA D 1829 29.97 56.04 19.88
CA ALA D 1829 30.40 54.66 20.08
C ALA D 1829 30.90 54.43 21.50
N ILE D 1830 31.79 55.31 21.96
CA ILE D 1830 32.27 55.24 23.34
C ILE D 1830 31.12 55.50 24.32
N SER D 1831 30.21 56.42 23.96
CA SER D 1831 29.11 56.81 24.82
C SER D 1831 28.13 55.66 25.06
N TYR D 1832 27.91 54.82 24.05
CA TYR D 1832 27.00 53.71 24.25
C TYR D 1832 27.68 52.43 24.70
N PHE D 1833 28.95 52.20 24.34
CA PHE D 1833 29.65 51.06 24.92
C PHE D 1833 29.85 51.23 26.43
N LEU D 1834 30.14 52.44 26.87
CA LEU D 1834 30.41 52.66 28.29
C LEU D 1834 29.15 52.64 29.13
N LEU D 1835 27.98 52.75 28.51
CA LEU D 1835 26.74 52.53 29.23
C LEU D 1835 26.29 51.09 29.10
N ALA D 1836 26.74 50.39 28.07
CA ALA D 1836 26.55 48.95 28.00
C ALA D 1836 27.37 48.22 29.05
N PHE D 1837 28.58 48.71 29.32
CA PHE D 1837 29.51 47.99 30.19
C PHE D 1837 29.10 47.97 31.66
N GLU D 1838 28.08 48.72 32.07
CA GLU D 1838 27.72 48.72 33.47
C GLU D 1838 26.69 47.65 33.82
N LYS D 1839 26.06 47.02 32.84
CA LYS D 1839 24.87 46.22 33.11
C LYS D 1839 25.13 44.72 33.14
N ASN D 1840 25.66 44.15 32.05
CA ASN D 1840 25.84 42.70 32.01
C ASN D 1840 27.25 42.27 31.62
N THR D 1841 28.14 43.19 31.23
CA THR D 1841 29.62 43.09 31.18
C THR D 1841 30.16 41.80 30.52
N ALA D 1842 29.37 41.14 29.68
CA ALA D 1842 29.72 39.82 29.17
C ALA D 1842 30.38 39.87 27.80
N LYS D 1843 30.65 41.05 27.27
CA LYS D 1843 31.31 41.20 25.99
C LYS D 1843 32.36 42.29 26.05
N VAL D 1844 33.12 42.30 27.15
CA VAL D 1844 34.12 43.35 27.33
C VAL D 1844 35.36 43.11 26.48
N ARG D 1845 35.74 41.83 26.30
CA ARG D 1845 36.99 41.48 25.64
C ARG D 1845 37.05 41.97 24.20
N GLU D 1846 35.99 41.75 23.45
CA GLU D 1846 35.96 42.09 22.03
C GLU D 1846 35.33 43.45 21.76
N ASN D 1847 35.14 44.29 22.78
CA ASN D 1847 34.60 45.61 22.54
C ASN D 1847 35.34 46.75 23.20
N LEU D 1848 36.00 46.53 24.33
CA LEU D 1848 36.71 47.61 25.00
C LEU D 1848 38.05 48.02 24.34
N PRO D 1849 38.82 47.15 23.68
CA PRO D 1849 39.92 47.69 22.87
C PRO D 1849 39.46 48.59 21.74
N LYS D 1850 38.31 48.30 21.11
CA LYS D 1850 37.68 49.23 20.18
C LYS D 1850 37.39 50.56 20.86
N VAL D 1851 36.93 50.50 22.12
CA VAL D 1851 36.63 51.70 22.90
C VAL D 1851 37.86 52.55 23.08
N ILE D 1852 38.95 51.97 23.57
CA ILE D 1852 40.03 52.88 23.96
C ILE D 1852 40.90 53.23 22.76
N THR D 1853 40.84 52.46 21.67
CA THR D 1853 41.47 52.98 20.47
C THR D 1853 40.64 54.11 19.87
N PHE D 1854 39.32 54.10 20.07
CA PHE D 1854 38.54 55.28 19.72
C PHE D 1854 38.85 56.44 20.67
N TRP D 1855 39.16 56.11 21.93
CA TRP D 1855 39.43 57.12 22.93
C TRP D 1855 40.76 57.82 22.67
N LEU D 1856 41.72 57.11 22.10
CA LEU D 1856 43.02 57.71 21.88
C LEU D 1856 43.42 57.82 20.40
N ASP D 1857 42.48 57.69 19.47
CA ASP D 1857 42.74 58.17 18.11
C ASP D 1857 42.43 59.65 17.98
N ILE D 1858 41.18 60.05 18.26
CA ILE D 1858 40.79 61.45 18.17
C ILE D 1858 41.45 62.31 19.23
N ALA D 1859 41.91 61.73 20.33
CA ALA D 1859 42.64 62.50 21.33
C ALA D 1859 43.99 62.96 20.78
N ALA D 1860 44.70 62.07 20.07
CA ALA D 1860 45.94 62.48 19.42
C ALA D 1860 45.68 63.34 18.19
N ALA D 1861 44.52 63.15 17.55
CA ALA D 1861 44.15 63.99 16.42
C ALA D 1861 43.84 65.42 16.86
N SER D 1862 43.39 65.60 18.10
CA SER D 1862 43.22 66.92 18.68
C SER D 1862 44.51 67.56 19.15
N ILE D 1863 45.65 66.91 18.94
CA ILE D 1863 46.96 67.44 19.31
C ILE D 1863 47.76 67.62 18.03
N SER D 1864 47.39 66.86 16.99
CA SER D 1864 48.17 66.85 15.76
C SER D 1864 48.10 68.17 15.00
N GLU D 1865 46.93 68.52 14.49
CA GLU D 1865 46.74 69.76 13.73
C GLU D 1865 45.42 70.42 14.09
N ALA D 1866 45.20 70.60 15.41
CA ALA D 1866 43.91 71.05 15.93
C ALA D 1866 43.41 72.40 15.40
N PRO D 1867 44.25 73.43 15.18
CA PRO D 1867 43.63 74.56 14.45
C PRO D 1867 43.73 74.40 12.95
N ARG D 1870 36.79 72.53 10.41
CA ARG D 1870 37.63 73.21 11.38
C ARG D 1870 38.43 72.19 12.19
N LYS D 1871 37.81 71.03 12.42
CA LYS D 1871 38.30 69.92 13.25
C LYS D 1871 38.53 70.33 14.70
N GLU D 1872 37.91 71.41 15.14
CA GLU D 1872 37.72 71.69 16.56
C GLU D 1872 36.58 70.83 17.12
N MET D 1873 35.76 70.27 16.21
CA MET D 1873 34.66 69.39 16.59
C MET D 1873 35.18 68.12 17.28
N LEU D 1874 36.28 67.56 16.78
CA LEU D 1874 36.88 66.42 17.46
C LEU D 1874 37.58 66.81 18.75
N SER D 1875 37.95 68.08 18.91
CA SER D 1875 38.52 68.52 20.18
C SER D 1875 37.45 68.60 21.27
N LYS D 1876 36.27 69.09 20.91
CA LYS D 1876 35.15 69.01 21.86
C LYS D 1876 34.71 67.58 22.07
N ALA D 1877 34.85 66.74 21.03
CA ALA D 1877 34.50 65.33 21.13
C ALA D 1877 35.39 64.61 22.13
N THR D 1878 36.71 64.81 22.05
CA THR D 1878 37.58 64.21 23.06
C THR D 1878 37.39 64.88 24.41
N GLU D 1879 37.03 66.17 24.42
CA GLU D 1879 36.79 66.92 25.65
C GLU D 1879 35.64 66.34 26.46
N ASP D 1880 34.62 65.78 25.81
CA ASP D 1880 33.59 65.14 26.61
C ASP D 1880 33.58 63.61 26.60
N ILE D 1881 34.29 62.92 25.70
CA ILE D 1881 34.40 61.49 25.98
C ILE D 1881 35.46 61.21 27.05
N CYS D 1882 36.34 62.16 27.36
CA CYS D 1882 37.10 62.03 28.61
C CYS D 1882 36.18 62.05 29.81
N SER D 1883 35.14 62.88 29.76
CA SER D 1883 34.12 62.89 30.81
C SER D 1883 33.35 61.58 30.83
N HIS D 1884 33.06 61.02 29.65
CA HIS D 1884 32.39 59.71 29.58
C HIS D 1884 33.23 58.61 30.21
N VAL D 1885 34.54 58.60 29.94
CA VAL D 1885 35.42 57.58 30.52
C VAL D 1885 35.48 57.74 32.04
N GLU D 1886 35.46 58.99 32.53
CA GLU D 1886 35.48 59.17 33.97
C GLU D 1886 34.17 58.73 34.63
N GLU D 1887 33.02 59.02 33.99
CA GLU D 1887 31.73 58.58 34.53
C GLU D 1887 31.64 57.05 34.55
N ALA D 1888 32.15 56.40 33.51
CA ALA D 1888 32.16 54.95 33.48
C ALA D 1888 33.04 54.39 34.59
N LEU D 1889 34.26 54.92 34.73
CA LEU D 1889 35.19 54.46 35.75
C LEU D 1889 34.64 54.67 37.16
N GLN D 1890 33.84 55.71 37.37
CA GLN D 1890 33.26 55.84 38.70
C GLN D 1890 32.01 54.98 38.90
N HIS D 1891 31.37 54.47 37.83
CA HIS D 1891 30.33 53.44 38.10
C HIS D 1891 30.32 52.28 37.09
N CYS D 1892 31.49 51.71 36.81
CA CYS D 1892 31.57 50.40 36.18
C CYS D 1892 32.48 49.54 37.05
N PRO D 1893 32.46 48.21 36.89
CA PRO D 1893 33.40 47.36 37.64
C PRO D 1893 34.85 47.63 37.26
N THR D 1894 35.74 47.13 38.10
CA THR D 1894 37.16 47.47 38.04
C THR D 1894 37.94 46.57 37.07
N TYR D 1895 37.67 45.26 37.11
CA TYR D 1895 38.48 44.26 36.43
C TYR D 1895 38.41 44.39 34.92
N ILE D 1896 37.36 45.00 34.38
CA ILE D 1896 37.18 45.07 32.93
C ILE D 1896 38.22 45.93 32.23
N TRP D 1897 39.00 46.71 32.96
CA TRP D 1897 40.08 47.45 32.35
C TRP D 1897 41.33 46.60 32.14
N TYR D 1898 41.43 45.47 32.86
CA TYR D 1898 42.61 44.61 32.74
C TYR D 1898 42.74 44.04 31.33
N PHE D 1899 41.62 43.88 30.62
CA PHE D 1899 41.64 43.40 29.24
C PHE D 1899 42.37 44.33 28.30
N VAL D 1900 42.50 45.61 28.62
CA VAL D 1900 43.25 46.49 27.74
C VAL D 1900 44.52 46.94 28.43
N LEU D 1901 45.00 46.11 29.37
CA LEU D 1901 46.02 46.52 30.34
C LEU D 1901 47.32 46.93 29.66
N THR D 1902 47.86 46.08 28.81
CA THR D 1902 49.08 46.43 28.08
C THR D 1902 48.81 47.54 27.07
N GLN D 1903 47.59 47.59 26.53
CA GLN D 1903 47.23 48.72 25.68
C GLN D 1903 47.04 49.99 26.50
N LEU D 1904 46.81 49.85 27.81
CA LEU D 1904 46.95 50.96 28.73
C LEU D 1904 48.39 51.15 29.20
N LEU D 1905 49.23 50.11 29.14
CA LEU D 1905 50.63 50.30 29.51
C LEU D 1905 51.41 51.00 28.41
N SER D 1906 51.03 50.77 27.15
CA SER D 1906 51.44 51.71 26.12
C SER D 1906 50.46 52.87 26.12
N ARG D 1907 50.74 53.86 25.27
CA ARG D 1907 49.94 55.10 25.12
C ARG D 1907 49.87 55.92 26.40
N LEU D 1908 50.75 55.68 27.37
CA LEU D 1908 50.83 56.55 28.55
C LEU D 1908 51.45 57.89 28.18
N LEU D 1909 52.57 57.83 27.44
CA LEU D 1909 53.17 59.02 26.84
C LEU D 1909 52.34 59.41 25.63
N HIS D 1910 51.22 60.09 25.90
CA HIS D 1910 50.24 60.38 24.88
C HIS D 1910 50.24 61.83 24.42
N SER D 1911 50.75 62.75 25.25
CA SER D 1911 50.80 64.19 25.00
C SER D 1911 49.41 64.76 24.71
N HIS D 1912 48.53 64.55 25.67
CA HIS D 1912 47.21 65.16 25.67
C HIS D 1912 46.92 65.88 26.99
N GLN D 1913 47.39 65.33 28.10
CA GLN D 1913 47.38 65.86 29.47
C GLN D 1913 45.99 65.95 30.08
N SER D 1914 44.93 65.64 29.34
CA SER D 1914 43.63 65.41 29.92
C SER D 1914 43.21 63.95 29.80
N SER D 1915 43.90 63.17 28.98
CA SER D 1915 43.76 61.72 28.98
C SER D 1915 44.91 61.04 29.71
N ALA D 1916 46.05 61.72 29.87
CA ALA D 1916 47.15 61.17 30.65
C ALA D 1916 46.77 61.03 32.11
N GLN D 1917 46.03 62.01 32.66
CA GLN D 1917 45.50 61.89 34.01
C GLN D 1917 44.50 60.74 34.10
N ILE D 1918 43.72 60.53 33.04
CA ILE D 1918 42.76 59.44 33.06
C ILE D 1918 43.46 58.10 32.87
N ILE D 1919 44.52 58.05 32.05
CA ILE D 1919 45.24 56.79 31.88
C ILE D 1919 46.15 56.48 33.08
N MET D 1920 46.36 57.45 33.97
CA MET D 1920 46.95 57.12 35.26
C MET D 1920 45.89 56.75 36.30
N HIS D 1921 44.73 57.42 36.28
CA HIS D 1921 43.65 57.06 37.18
C HIS D 1921 43.10 55.67 36.85
N ILE D 1922 43.20 55.25 35.60
CA ILE D 1922 42.74 53.93 35.19
C ILE D 1922 43.66 52.84 35.70
N LEU D 1923 44.87 53.19 36.14
CA LEU D 1923 45.78 52.27 36.80
C LEU D 1923 45.73 52.38 38.31
N LEU D 1924 45.44 53.58 38.84
CA LEU D 1924 45.11 53.73 40.25
C LEU D 1924 43.93 52.84 40.64
N SER D 1925 42.84 52.93 39.87
CA SER D 1925 41.63 52.17 40.15
C SER D 1925 41.88 50.67 40.04
N LEU D 1926 42.73 50.27 39.10
CA LEU D 1926 43.01 48.86 38.92
C LEU D 1926 44.04 48.36 39.93
N ALA D 1927 44.75 49.27 40.59
CA ALA D 1927 45.69 48.86 41.62
C ALA D 1927 45.07 48.79 43.01
N VAL D 1928 44.06 49.62 43.31
CA VAL D 1928 43.47 49.61 44.64
C VAL D 1928 42.76 48.27 44.89
N GLU D 1929 41.77 47.95 44.07
CA GLU D 1929 41.17 46.63 44.10
C GLU D 1929 41.98 45.71 43.20
N TYR D 1930 42.25 44.50 43.69
CA TYR D 1930 43.04 43.45 43.05
C TYR D 1930 44.44 43.93 42.69
N PRO D 1931 45.33 44.19 43.68
CA PRO D 1931 46.66 44.69 43.34
C PRO D 1931 47.54 43.58 42.80
N SER D 1932 47.41 42.42 43.43
CA SER D 1932 48.41 41.36 43.43
C SER D 1932 48.77 40.86 42.04
N HIS D 1933 47.83 40.93 41.10
CA HIS D 1933 48.11 40.56 39.72
C HIS D 1933 48.86 41.66 38.99
N ILE D 1934 48.35 42.89 39.05
CA ILE D 1934 48.85 43.95 38.19
C ILE D 1934 50.07 44.66 38.77
N LEU D 1935 50.47 44.31 40.00
CA LEU D 1935 51.63 44.97 40.59
C LEU D 1935 52.92 44.63 39.85
N TRP D 1936 52.94 43.47 39.19
CA TRP D 1936 54.05 43.14 38.28
C TRP D 1936 54.18 44.18 37.17
N TYR D 1937 53.07 44.51 36.53
CA TYR D 1937 53.10 45.48 35.44
C TYR D 1937 53.38 46.87 35.97
N ILE D 1938 52.88 47.19 37.16
CA ILE D 1938 53.07 48.55 37.67
C ILE D 1938 54.48 48.74 38.21
N THR D 1939 55.20 47.66 38.53
CA THR D 1939 56.60 47.78 38.92
C THR D 1939 57.55 47.65 37.75
N ALA D 1940 57.19 46.88 36.73
CA ALA D 1940 57.91 46.95 35.47
C ALA D 1940 57.71 48.29 34.77
N LEU D 1941 56.66 49.02 35.13
CA LEU D 1941 56.47 50.37 34.62
C LEU D 1941 57.59 51.29 35.10
N VAL D 1942 57.93 51.21 36.38
CA VAL D 1942 58.94 52.14 36.91
C VAL D 1942 60.32 51.49 36.74
N ASN D 1943 60.72 51.38 35.48
CA ASN D 1943 61.99 50.84 34.97
C ASN D 1943 62.02 51.11 33.47
N SER D 1944 63.07 51.74 32.98
CA SER D 1944 63.24 51.98 31.55
C SER D 1944 64.69 52.35 31.27
N ASN D 1945 64.95 52.72 30.02
CA ASN D 1945 66.15 53.45 29.64
C ASN D 1945 65.86 54.89 29.27
N SER D 1946 64.67 55.13 28.70
CA SER D 1946 64.16 56.48 28.51
C SER D 1946 63.45 56.90 29.79
N SER D 1947 63.94 57.95 30.45
CA SER D 1947 63.56 58.23 31.82
C SER D 1947 62.24 59.01 31.94
N LYS D 1948 61.20 58.58 31.25
CA LYS D 1948 59.88 59.18 31.41
C LYS D 1948 58.85 58.23 31.95
N ARG D 1949 58.97 56.93 31.68
CA ARG D 1949 58.08 55.93 32.28
C ARG D 1949 58.27 55.86 33.78
N VAL D 1950 59.50 56.06 34.24
CA VAL D 1950 59.83 55.96 35.66
C VAL D 1950 59.14 57.06 36.45
N LEU D 1951 59.00 58.25 35.86
CA LEU D 1951 58.32 59.36 36.53
C LEU D 1951 56.85 59.04 36.77
N ARG D 1952 56.19 58.48 35.75
CA ARG D 1952 54.79 58.06 35.89
C ARG D 1952 54.67 56.84 36.79
N GLY D 1953 55.72 56.03 36.89
CA GLY D 1953 55.69 54.89 37.81
C GLY D 1953 55.77 55.30 39.26
N LYS D 1954 56.64 56.26 39.58
CA LYS D 1954 56.62 56.83 40.92
C LYS D 1954 55.31 57.53 41.20
N HIS D 1955 54.77 58.27 40.21
CA HIS D 1955 53.50 58.97 40.41
C HIS D 1955 52.32 58.02 40.56
N ILE D 1956 52.39 56.83 39.97
CA ILE D 1956 51.31 55.87 40.10
C ILE D 1956 51.44 55.05 41.38
N LEU D 1957 52.65 54.92 41.92
CA LEU D 1957 52.77 54.24 43.20
C LEU D 1957 52.54 55.17 44.39
N GLU D 1958 52.69 56.49 44.20
CA GLU D 1958 52.47 57.47 45.27
C GLU D 1958 51.06 57.40 45.82
N LYS D 1959 50.07 57.57 44.96
CA LYS D 1959 48.69 57.56 45.44
C LYS D 1959 48.21 56.15 45.78
N TYR D 1960 48.90 55.12 45.31
CA TYR D 1960 48.57 53.77 45.74
C TYR D 1960 48.99 53.53 47.18
N ARG D 1961 50.23 53.89 47.53
CA ARG D 1961 50.63 53.80 48.92
C ARG D 1961 49.99 54.87 49.79
N GLN D 1962 49.39 55.90 49.19
CA GLN D 1962 48.59 56.87 49.92
C GLN D 1962 47.19 56.33 50.24
N HIS D 1963 46.74 55.29 49.53
CA HIS D 1963 45.44 54.70 49.81
C HIS D 1963 45.43 53.95 51.14
N SER D 1964 44.23 53.79 51.70
CA SER D 1964 44.06 53.38 53.09
C SER D 1964 44.47 51.92 53.29
N GLN D 1965 43.92 51.02 52.50
CA GLN D 1965 44.29 49.61 52.56
C GLN D 1965 45.69 49.47 52.00
N ASN D 1966 46.68 49.41 52.88
CA ASN D 1966 48.02 49.10 52.44
C ASN D 1966 48.40 47.78 53.10
N PRO D 1967 48.03 46.65 52.50
CA PRO D 1967 48.12 45.35 53.21
C PRO D 1967 49.53 44.89 53.52
N HIS D 1968 50.54 45.48 52.88
CA HIS D 1968 51.92 45.11 53.10
C HIS D 1968 52.76 46.32 52.68
N ASP D 1969 54.07 46.21 52.83
CA ASP D 1969 55.01 47.07 52.15
C ASP D 1969 55.43 46.48 50.81
N LEU D 1970 54.49 45.77 50.16
CA LEU D 1970 54.75 44.92 49.01
C LEU D 1970 55.02 45.68 47.73
N VAL D 1971 54.86 47.00 47.72
CA VAL D 1971 55.40 47.78 46.61
C VAL D 1971 56.91 47.78 46.64
N SER D 1972 57.49 47.96 47.84
CA SER D 1972 58.94 47.96 47.96
C SER D 1972 59.52 46.57 47.75
N SER D 1973 58.87 45.54 48.31
CA SER D 1973 59.31 44.18 48.01
C SER D 1973 59.01 43.79 46.57
N ALA D 1974 58.03 44.43 45.95
CA ALA D 1974 57.74 44.20 44.54
C ALA D 1974 58.87 44.75 43.66
N LEU D 1975 59.36 45.95 43.99
CA LEU D 1975 60.57 46.45 43.35
C LEU D 1975 61.78 45.58 43.67
N ASP D 1976 61.79 44.96 44.85
CA ASP D 1976 62.87 44.03 45.20
C ASP D 1976 62.81 42.74 44.40
N LEU D 1977 61.61 42.29 43.99
CA LEU D 1977 61.55 41.20 43.02
C LEU D 1977 61.95 41.69 41.64
N THR D 1978 61.53 42.91 41.29
CA THR D 1978 61.67 43.40 39.91
C THR D 1978 63.12 43.66 39.54
N LYS D 1979 63.85 44.37 40.41
CA LYS D 1979 65.23 44.68 40.08
C LYS D 1979 66.11 43.43 40.20
N ALA D 1980 65.72 42.47 41.04
CA ALA D 1980 66.45 41.21 41.10
C ALA D 1980 66.24 40.40 39.83
N LEU D 1981 64.99 40.29 39.37
CA LEU D 1981 64.70 39.54 38.16
C LEU D 1981 65.17 40.24 36.90
N THR D 1982 65.46 41.54 36.97
CA THR D 1982 66.13 42.15 35.82
C THR D 1982 67.64 42.19 35.99
N ARG D 1983 68.17 41.85 37.17
CA ARG D 1983 69.59 41.63 37.31
C ARG D 1983 70.02 40.21 36.98
N VAL D 1984 69.10 39.29 36.73
CA VAL D 1984 69.48 37.92 36.43
C VAL D 1984 69.51 37.70 34.93
N CYS D 1985 69.55 38.78 34.16
CA CYS D 1985 69.76 38.69 32.73
C CYS D 1985 71.01 39.40 32.25
N LEU D 1986 71.67 40.18 33.10
CA LEU D 1986 72.91 40.85 32.70
C LEU D 1986 74.15 40.02 32.99
N GLN D 1987 74.12 39.20 34.04
CA GLN D 1987 75.30 38.44 34.45
C GLN D 1987 75.47 37.25 33.51
N ASP D 1988 76.11 37.53 32.38
CA ASP D 1988 76.39 36.52 31.36
C ASP D 1988 77.68 35.78 31.71
N VAL D 1989 77.57 34.48 31.98
CA VAL D 1989 78.72 33.65 32.32
C VAL D 1989 78.99 32.73 31.13
N LYS D 1990 80.19 32.83 30.58
CA LYS D 1990 80.55 32.03 29.42
C LYS D 1990 82.07 31.88 29.30
N PHE D 2004 75.26 31.66 40.64
CA PHE D 2004 75.76 32.73 41.50
C PHE D 2004 75.04 32.77 42.85
N LYS D 2005 73.76 32.37 42.84
CA LYS D 2005 72.92 32.20 44.04
C LYS D 2005 72.79 33.50 44.84
N PHE D 2006 72.11 34.48 44.23
CA PHE D 2006 71.75 35.73 44.91
C PHE D 2006 70.54 35.54 45.82
N ASP D 2007 69.89 36.66 46.17
CA ASP D 2007 68.91 36.73 47.25
C ASP D 2007 67.76 35.75 47.07
N MET D 2008 67.29 35.19 48.18
CA MET D 2008 66.39 34.05 48.14
C MET D 2008 65.13 34.29 48.98
N ASN D 2009 65.26 35.05 50.06
CA ASN D 2009 64.15 35.22 51.00
C ASN D 2009 63.14 36.28 50.56
N VAL D 2010 63.21 36.75 49.32
CA VAL D 2010 62.17 37.62 48.80
C VAL D 2010 60.87 36.85 48.65
N ALA D 2011 60.96 35.63 48.15
CA ALA D 2011 59.86 34.69 48.32
C ALA D 2011 59.88 34.16 49.76
N PRO D 2012 58.71 33.98 50.39
CA PRO D 2012 57.34 34.17 49.89
C PRO D 2012 56.87 35.61 49.89
N SER D 2013 55.81 35.86 49.13
CA SER D 2013 55.23 37.20 49.04
C SER D 2013 53.76 37.06 48.73
N ALA D 2014 53.01 38.12 49.01
CA ALA D 2014 51.65 38.25 48.52
C ALA D 2014 51.61 38.59 47.03
N MET D 2015 52.74 38.97 46.46
CA MET D 2015 52.93 38.96 45.02
C MET D 2015 52.67 37.56 44.48
N VAL D 2016 52.06 37.48 43.30
CA VAL D 2016 51.65 36.20 42.76
C VAL D 2016 52.41 35.97 41.47
N VAL D 2017 52.66 34.70 41.17
CA VAL D 2017 53.54 34.19 40.11
C VAL D 2017 53.12 34.72 38.74
N PRO D 2018 54.06 34.98 37.81
CA PRO D 2018 53.67 35.47 36.48
C PRO D 2018 53.19 34.42 35.47
N VAL D 2019 52.82 33.22 35.94
CA VAL D 2019 52.36 32.17 35.04
C VAL D 2019 50.96 32.51 34.53
N ARG D 2020 50.64 32.07 33.31
CA ARG D 2020 49.32 32.31 32.74
C ARG D 2020 48.18 31.61 33.49
N LYS D 2021 48.46 30.64 34.36
CA LYS D 2021 47.45 30.20 35.32
C LYS D 2021 47.56 30.99 36.62
N ASN D 2022 47.75 32.29 36.46
CA ASN D 2022 47.54 33.31 37.47
C ASN D 2022 46.84 34.49 36.83
N LEU D 2023 47.25 34.79 35.60
CA LEU D 2023 47.11 36.12 35.02
C LEU D 2023 46.00 36.22 33.97
N ASP D 2024 45.21 35.18 33.80
CA ASP D 2024 44.08 35.29 32.90
C ASP D 2024 42.92 35.96 33.63
N ILE D 2025 41.85 36.23 32.88
CA ILE D 2025 40.55 36.48 33.44
C ILE D 2025 39.67 35.30 33.07
N ILE D 2026 39.00 34.70 34.05
CA ILE D 2026 38.00 33.70 33.72
C ILE D 2026 36.87 34.40 32.95
N SER D 2027 36.43 33.78 31.86
CA SER D 2027 35.60 34.44 30.86
C SER D 2027 34.25 34.83 31.46
N PRO D 2028 33.89 36.11 31.45
CA PRO D 2028 32.74 36.58 32.22
C PRO D 2028 31.40 36.11 31.67
N LEU D 2029 30.77 35.19 32.40
CA LEU D 2029 29.38 34.84 32.19
C LEU D 2029 28.51 35.61 33.18
N GLU D 2030 27.22 35.68 32.86
CA GLU D 2030 26.27 36.39 33.72
C GLU D 2030 25.99 35.62 35.00
N GLY D 2036 28.01 37.58 40.51
CA GLY D 2036 28.70 37.34 41.76
C GLY D 2036 30.01 36.61 41.58
N TYR D 2037 30.44 36.49 40.34
CA TYR D 2037 31.67 35.77 40.02
C TYR D 2037 32.89 36.61 40.35
N GLN D 2038 33.99 35.93 40.64
CA GLN D 2038 35.29 36.52 40.89
C GLN D 2038 36.13 36.43 39.62
N PRO D 2039 36.87 37.48 39.26
CA PRO D 2039 37.55 37.51 37.95
C PRO D 2039 38.71 36.55 37.80
N PHE D 2040 39.22 35.97 38.87
CA PHE D 2040 40.47 35.22 38.81
C PHE D 2040 40.27 33.80 39.31
N ARG D 2041 41.33 33.01 39.18
CA ARG D 2041 41.44 31.73 39.86
C ARG D 2041 41.77 31.97 41.32
N PRO D 2042 41.70 30.94 42.17
CA PRO D 2042 42.32 31.06 43.49
C PRO D 2042 43.82 31.30 43.39
N VAL D 2043 44.30 32.18 44.27
CA VAL D 2043 45.64 32.75 44.14
C VAL D 2043 46.69 31.70 44.46
N VAL D 2044 47.64 31.51 43.53
CA VAL D 2044 48.76 30.61 43.76
C VAL D 2044 50.02 31.46 43.87
N SER D 2045 50.34 31.88 45.09
CA SER D 2045 51.36 32.89 45.30
C SER D 2045 52.76 32.29 45.33
N ILE D 2046 53.76 33.15 45.15
CA ILE D 2046 55.14 32.72 45.20
C ILE D 2046 55.53 32.38 46.64
N ILE D 2047 56.23 31.25 46.80
CA ILE D 2047 56.56 30.73 48.14
C ILE D 2047 58.07 30.59 48.30
N ARG D 2048 58.69 29.79 47.44
CA ARG D 2048 60.13 29.56 47.52
C ARG D 2048 60.73 29.80 46.14
N PHE D 2049 61.60 30.80 46.05
CA PHE D 2049 62.32 31.08 44.81
C PHE D 2049 63.27 29.93 44.52
N GLY D 2050 63.30 29.48 43.28
CA GLY D 2050 64.11 28.32 42.94
C GLY D 2050 65.59 28.65 42.94
N SER D 2051 66.38 27.72 43.46
CA SER D 2051 67.83 27.95 43.53
C SER D 2051 68.57 27.40 42.31
N SER D 2052 68.14 26.25 41.81
CA SER D 2052 68.82 25.60 40.68
C SER D 2052 68.41 26.27 39.38
N TYR D 2053 69.27 27.15 38.88
CA TYR D 2053 69.05 27.82 37.61
C TYR D 2053 69.58 26.96 36.46
N LYS D 2054 69.34 27.44 35.24
CA LYS D 2054 69.76 26.75 34.04
C LYS D 2054 70.14 27.81 33.00
N VAL D 2055 71.12 27.50 32.16
CA VAL D 2055 71.55 28.41 31.10
C VAL D 2055 72.14 27.57 29.98
N PHE D 2056 71.78 27.88 28.73
CA PHE D 2056 72.12 26.94 27.66
C PHE D 2056 72.69 27.65 26.44
N SER D 2057 73.20 26.82 25.52
CA SER D 2057 74.02 27.26 24.40
C SER D 2057 73.18 27.64 23.18
N SER D 2058 72.35 28.65 23.39
CA SER D 2058 71.67 29.33 22.30
C SER D 2058 72.50 30.53 21.86
N LEU D 2059 71.88 31.46 21.13
CA LEU D 2059 72.53 32.59 20.47
C LEU D 2059 73.35 33.47 21.41
N LYS D 2060 72.72 34.17 22.37
CA LYS D 2060 73.57 34.99 23.20
C LYS D 2060 74.19 34.21 24.38
N LYS D 2061 73.44 33.98 25.49
CA LYS D 2061 73.58 33.02 26.59
C LYS D 2061 72.32 33.01 27.44
N PRO D 2062 71.21 32.43 27.01
CA PRO D 2062 69.96 32.65 27.74
C PRO D 2062 69.68 31.59 28.81
N LYS D 2063 68.88 32.02 29.80
CA LYS D 2063 68.79 31.33 31.08
C LYS D 2063 67.35 31.26 31.60
N GLN D 2064 67.17 30.36 32.56
CA GLN D 2064 65.90 29.88 33.09
C GLN D 2064 66.00 29.69 34.59
N LEU D 2065 65.04 30.26 35.32
CA LEU D 2065 64.93 30.14 36.76
C LEU D 2065 63.82 29.15 37.11
N ASN D 2066 63.45 29.09 38.39
CA ASN D 2066 62.31 28.29 38.84
C ASN D 2066 61.60 29.03 39.96
N ILE D 2067 60.30 28.76 40.12
CA ILE D 2067 59.49 29.30 41.19
C ILE D 2067 58.73 28.14 41.82
N ILE D 2068 58.65 28.10 43.14
CA ILE D 2068 57.76 27.17 43.85
C ILE D 2068 56.56 27.97 44.35
N GLY D 2069 55.37 27.54 43.96
CA GLY D 2069 54.16 28.28 44.22
C GLY D 2069 53.42 27.81 45.46
N SER D 2070 52.19 28.29 45.59
CA SER D 2070 51.38 28.01 46.78
C SER D 2070 50.91 26.57 46.83
N ASP D 2071 50.84 25.88 45.69
CA ASP D 2071 50.55 24.46 45.70
C ASP D 2071 51.83 23.63 45.71
N GLY D 2072 52.98 24.28 45.77
CA GLY D 2072 54.23 23.55 45.79
C GLY D 2072 54.65 22.97 44.47
N ASN D 2073 54.16 23.53 43.36
CA ASN D 2073 54.54 23.09 42.03
C ASN D 2073 55.64 23.97 41.47
N ILE D 2074 56.43 23.39 40.57
CA ILE D 2074 57.47 24.14 39.88
C ILE D 2074 56.81 24.93 38.77
N TYR D 2075 57.01 26.23 38.76
CA TYR D 2075 56.63 27.10 37.67
C TYR D 2075 57.90 27.61 37.02
N GLY D 2076 58.03 27.36 35.72
CA GLY D 2076 59.25 27.67 35.02
C GLY D 2076 59.27 29.08 34.46
N ILE D 2077 60.42 29.72 34.57
CA ILE D 2077 60.61 31.11 34.22
C ILE D 2077 61.79 31.21 33.27
N MET D 2078 61.59 31.85 32.13
CA MET D 2078 62.66 32.11 31.18
C MET D 2078 62.94 33.60 31.20
N CYS D 2079 64.22 33.96 31.35
CA CYS D 2079 64.59 35.37 31.52
C CYS D 2079 65.46 35.78 30.33
N LYS D 2080 64.85 36.42 29.35
CA LYS D 2080 65.56 36.77 28.13
C LYS D 2080 66.07 38.20 28.18
N LYS D 2081 67.22 38.42 27.53
CA LYS D 2081 67.80 39.75 27.40
C LYS D 2081 67.44 40.31 26.03
N GLU D 2082 66.15 40.58 25.86
CA GLU D 2082 65.60 40.97 24.57
C GLU D 2082 64.26 41.66 24.80
N ASP D 2083 63.87 42.50 23.85
CA ASP D 2083 62.66 43.31 23.95
C ASP D 2083 61.45 42.39 23.77
N VAL D 2084 60.75 42.09 24.87
CA VAL D 2084 59.65 41.13 24.82
C VAL D 2084 58.32 41.84 24.68
N ARG D 2085 58.35 43.12 24.31
CA ARG D 2085 57.14 43.79 23.86
C ARG D 2085 56.59 43.13 22.61
N GLN D 2086 57.49 42.72 21.72
CA GLN D 2086 57.13 41.91 20.55
C GLN D 2086 56.42 40.64 20.98
N ASP D 2087 56.96 39.98 22.00
CA ASP D 2087 56.38 38.74 22.51
C ASP D 2087 55.03 38.99 23.16
N ASN D 2088 54.90 40.10 23.89
CA ASN D 2088 53.65 40.36 24.59
C ASN D 2088 52.54 40.71 23.62
N GLN D 2089 52.86 41.44 22.55
CA GLN D 2089 51.82 41.75 21.59
C GLN D 2089 51.50 40.58 20.68
N TYR D 2090 52.49 39.73 20.38
CA TYR D 2090 52.19 38.46 19.72
C TYR D 2090 51.24 37.63 20.56
N MET D 2091 51.49 37.59 21.87
CA MET D 2091 50.64 36.79 22.72
C MET D 2091 49.28 37.42 22.93
N GLN D 2092 49.17 38.74 22.80
CA GLN D 2092 47.84 39.33 22.84
C GLN D 2092 47.09 39.15 21.52
N PHE D 2093 47.81 39.07 20.41
CA PHE D 2093 47.19 38.59 19.17
C PHE D 2093 46.71 37.16 19.34
N ALA D 2094 47.50 36.34 20.02
CA ALA D 2094 47.10 34.95 20.26
C ALA D 2094 45.92 34.86 21.20
N THR D 2095 45.84 35.73 22.20
CA THR D 2095 44.74 35.64 23.16
C THR D 2095 43.53 36.46 22.74
N THR D 2096 43.61 37.17 21.61
CA THR D 2096 42.39 37.59 20.93
C THR D 2096 42.02 36.68 19.78
N MET D 2097 42.94 35.81 19.36
CA MET D 2097 42.69 34.84 18.30
C MET D 2097 42.05 33.56 18.82
N ASP D 2098 42.50 33.06 19.97
CA ASP D 2098 41.96 31.79 20.46
C ASP D 2098 40.55 31.94 21.03
N PHE D 2099 40.20 33.12 21.52
CA PHE D 2099 38.83 33.35 21.94
C PHE D 2099 37.88 33.49 20.76
N LEU D 2100 38.38 33.90 19.60
CA LEU D 2100 37.56 33.80 18.40
C LEU D 2100 37.51 32.38 17.88
N LEU D 2101 38.60 31.63 18.04
CA LEU D 2101 38.59 30.22 17.71
C LEU D 2101 37.66 29.42 18.62
N SER D 2102 37.52 29.84 19.87
CA SER D 2102 36.65 29.14 20.81
C SER D 2102 35.23 29.64 20.78
N LYS D 2103 34.84 30.36 19.73
CA LYS D 2103 33.46 30.78 19.53
C LYS D 2103 32.93 30.47 18.14
N ASP D 2104 33.79 30.35 17.14
CA ASP D 2104 33.36 30.01 15.80
C ASP D 2104 32.94 28.55 15.75
N ILE D 2105 31.75 28.29 15.19
CA ILE D 2105 31.27 26.92 15.13
C ILE D 2105 32.03 26.11 14.09
N ALA D 2106 32.66 26.78 13.13
CA ALA D 2106 33.55 26.07 12.21
C ALA D 2106 34.86 25.68 12.86
N SER D 2107 35.20 26.29 13.99
CA SER D 2107 36.43 25.97 14.70
C SER D 2107 36.21 25.31 16.04
N ARG D 2108 35.04 25.46 16.65
CA ARG D 2108 34.72 24.67 17.84
C ARG D 2108 34.33 23.24 17.50
N LYS D 2109 33.84 23.00 16.28
CA LYS D 2109 33.56 21.65 15.83
C LYS D 2109 34.83 20.83 15.72
N ARG D 2110 35.92 21.49 15.41
CA ARG D 2110 37.21 20.86 15.17
C ARG D 2110 38.18 21.19 16.29
N SER D 2111 37.70 21.91 17.32
CA SER D 2111 38.39 22.15 18.59
C SER D 2111 39.71 22.85 18.40
N LEU D 2112 39.70 23.91 17.60
CA LEU D 2112 40.94 24.62 17.32
C LEU D 2112 41.35 25.47 18.51
N GLY D 2113 42.65 25.52 18.74
CA GLY D 2113 43.21 26.37 19.76
C GLY D 2113 44.67 26.60 19.44
N ILE D 2114 45.27 27.52 20.19
CA ILE D 2114 46.69 27.81 20.09
C ILE D 2114 47.27 27.90 21.48
N ASN D 2115 48.53 27.49 21.61
CA ASN D 2115 49.16 27.56 22.92
C ASN D 2115 49.47 29.01 23.29
N ILE D 2116 49.87 29.17 24.54
CA ILE D 2116 49.70 30.43 25.23
C ILE D 2116 50.60 30.41 26.45
N TYR D 2117 51.23 31.54 26.72
CA TYR D 2117 52.03 31.71 27.92
C TYR D 2117 52.18 33.19 28.22
N SER D 2118 51.99 33.54 29.48
CA SER D 2118 52.08 34.92 29.90
C SER D 2118 53.52 35.40 29.85
N VAL D 2119 53.76 36.50 29.14
CA VAL D 2119 55.08 37.07 28.97
C VAL D 2119 55.02 38.54 29.37
N LEU D 2120 56.00 38.97 30.17
CA LEU D 2120 55.97 40.31 30.74
C LEU D 2120 57.29 41.01 30.45
N SER D 2121 57.21 42.32 30.31
CA SER D 2121 58.40 43.14 30.17
C SER D 2121 58.95 43.48 31.55
N LEU D 2122 60.22 43.84 31.57
CA LEU D 2122 60.78 44.43 32.78
C LEU D 2122 61.49 45.75 32.49
N ARG D 2123 62.21 45.82 31.38
CA ARG D 2123 62.94 46.98 30.91
C ARG D 2123 63.28 46.65 29.47
N GLU D 2124 63.59 47.69 28.68
CA GLU D 2124 63.92 47.49 27.28
C GLU D 2124 65.15 46.59 27.14
N ASP D 2125 65.05 45.65 26.19
CA ASP D 2125 65.98 44.56 25.96
C ASP D 2125 66.13 43.65 27.19
N CYS D 2126 65.05 43.45 27.95
CA CYS D 2126 64.97 42.33 28.87
C CYS D 2126 63.51 41.95 29.08
N GLY D 2127 63.30 40.79 29.68
CA GLY D 2127 61.95 40.39 30.02
C GLY D 2127 61.89 38.99 30.58
N ILE D 2128 60.71 38.66 31.12
CA ILE D 2128 60.39 37.39 31.71
C ILE D 2128 59.31 36.73 30.85
N LEU D 2129 59.29 35.40 30.83
CA LEU D 2129 58.26 34.67 30.13
C LEU D 2129 58.06 33.30 30.76
N GLU D 2130 56.88 32.74 30.53
CA GLU D 2130 56.43 31.54 31.21
C GLU D 2130 56.89 30.30 30.47
N MET D 2131 57.10 29.21 31.21
CA MET D 2131 57.48 27.93 30.66
C MET D 2131 56.30 26.98 30.64
N VAL D 2132 55.88 26.58 29.46
CA VAL D 2132 54.89 25.49 29.35
C VAL D 2132 55.56 24.19 29.77
N PRO D 2133 54.95 23.40 30.66
CA PRO D 2133 55.54 22.12 31.05
C PRO D 2133 55.33 21.07 29.97
N ASN D 2134 56.02 19.93 30.18
CA ASN D 2134 55.83 18.67 29.45
C ASN D 2134 56.14 18.78 27.97
N VAL D 2135 56.91 19.78 27.55
CA VAL D 2135 57.19 20.00 26.14
C VAL D 2135 58.62 19.57 25.81
N VAL D 2136 58.86 19.36 24.52
CA VAL D 2136 60.17 18.95 24.01
C VAL D 2136 60.29 19.41 22.56
N THR D 2137 61.47 19.91 22.18
CA THR D 2137 61.70 20.37 20.82
C THR D 2137 61.72 19.18 19.88
N LEU D 2138 61.44 19.42 18.59
CA LEU D 2138 61.50 18.31 17.67
C LEU D 2138 62.92 18.09 17.17
N ARG D 2139 63.84 19.02 17.48
CA ARG D 2139 65.25 18.67 17.35
C ARG D 2139 65.60 17.57 18.33
N SER D 2140 65.07 17.66 19.55
CA SER D 2140 65.33 16.63 20.56
C SER D 2140 64.58 15.35 20.23
N ILE D 2141 63.50 15.45 19.47
CA ILE D 2141 62.82 14.24 18.99
C ILE D 2141 63.64 13.59 17.89
N LEU D 2142 64.07 14.39 16.93
CA LEU D 2142 64.70 13.88 15.72
C LEU D 2142 66.09 13.35 15.98
N SER D 2143 66.81 13.96 16.94
CA SER D 2143 68.12 13.47 17.33
C SER D 2143 68.02 12.06 17.91
N THR D 2144 67.10 11.87 18.86
CA THR D 2144 66.98 10.58 19.50
C THR D 2144 66.19 9.58 18.67
N LYS D 2145 65.58 9.98 17.57
CA LYS D 2145 65.03 9.01 16.62
C LYS D 2145 65.96 8.70 15.47
N TYR D 2146 66.95 9.54 15.20
CA TYR D 2146 67.98 9.21 14.22
C TYR D 2146 69.06 8.34 14.84
N GLU D 2147 69.40 8.61 16.11
CA GLU D 2147 70.40 7.79 16.79
C GLU D 2147 69.89 6.39 17.09
N SER D 2148 68.57 6.20 17.12
CA SER D 2148 68.02 4.86 17.28
C SER D 2148 68.05 4.04 16.00
N LEU D 2149 68.46 4.62 14.88
CA LEU D 2149 68.64 3.88 13.64
C LEU D 2149 70.04 4.05 13.07
N LYS D 2150 70.94 4.70 13.82
CA LYS D 2150 72.37 4.82 13.52
C LYS D 2150 72.65 5.53 12.20
N ILE D 2151 71.79 6.46 11.81
CA ILE D 2151 72.05 7.27 10.63
C ILE D 2151 73.13 8.28 10.99
N LYS D 2152 74.31 8.12 10.40
CA LYS D 2152 75.44 8.99 10.71
C LYS D 2152 75.29 10.33 10.03
N TYR D 2153 75.46 11.40 10.79
CA TYR D 2153 75.44 12.74 10.23
C TYR D 2153 76.25 13.66 11.12
N SER D 2154 76.43 14.89 10.66
CA SER D 2154 77.24 15.89 11.32
C SER D 2154 76.40 17.13 11.65
N LEU D 2155 77.05 18.13 12.21
CA LEU D 2155 76.40 19.43 12.41
C LEU D 2155 77.18 20.58 11.81
N LYS D 2156 78.52 20.53 11.85
CA LYS D 2156 79.35 21.56 11.23
C LYS D 2156 79.87 21.14 9.88
N SER D 2157 80.13 19.86 9.67
CA SER D 2157 80.39 19.33 8.33
C SER D 2157 79.11 19.24 7.50
N LEU D 2158 77.95 19.46 8.11
CA LEU D 2158 76.69 19.48 7.41
C LEU D 2158 76.53 20.74 6.57
N HIS D 2159 77.09 21.87 6.99
CA HIS D 2159 76.85 23.14 6.32
C HIS D 2159 78.07 23.77 5.67
N ASP D 2160 79.28 23.28 5.92
CA ASP D 2160 80.41 23.77 5.14
C ASP D 2160 80.32 23.28 3.70
N ARG D 2161 79.78 22.08 3.50
CA ARG D 2161 79.47 21.60 2.16
C ARG D 2161 78.40 22.47 1.52
N TRP D 2162 77.41 22.90 2.31
CA TRP D 2162 76.36 23.79 1.80
C TRP D 2162 76.94 25.15 1.42
N GLN D 2163 77.92 25.62 2.19
CA GLN D 2163 78.68 26.81 1.79
C GLN D 2163 79.43 26.56 0.49
N HIS D 2164 79.94 25.34 0.31
CA HIS D 2164 80.68 25.01 -0.91
C HIS D 2164 79.78 24.77 -2.11
N THR D 2165 78.48 24.59 -1.91
CA THR D 2165 77.56 24.39 -3.03
C THR D 2165 77.31 25.71 -3.76
N ALA D 2166 77.16 25.61 -5.08
CA ALA D 2166 76.82 26.75 -5.91
C ALA D 2166 75.31 26.94 -5.92
N VAL D 2167 74.81 27.75 -6.86
CA VAL D 2167 73.39 27.97 -6.97
C VAL D 2167 72.69 26.73 -7.56
N ASP D 2168 73.43 25.85 -8.21
CA ASP D 2168 72.83 24.64 -8.77
C ASP D 2168 72.87 23.48 -7.79
N GLY D 2169 73.89 23.43 -6.92
CA GLY D 2169 74.05 22.31 -6.01
C GLY D 2169 73.07 22.28 -4.85
N LYS D 2170 72.29 23.35 -4.66
CA LYS D 2170 71.34 23.41 -3.56
C LYS D 2170 70.24 22.37 -3.71
N LEU D 2171 69.72 22.22 -4.93
CA LEU D 2171 68.58 21.33 -5.17
C LEU D 2171 68.99 19.87 -5.01
N GLU D 2172 70.12 19.48 -5.60
CA GLU D 2172 70.59 18.10 -5.47
C GLU D 2172 71.07 17.82 -4.05
N PHE D 2173 71.65 18.82 -3.39
CA PHE D 2173 72.06 18.69 -2.00
C PHE D 2173 70.87 18.43 -1.09
N TYR D 2174 69.78 19.16 -1.32
CA TYR D 2174 68.55 18.93 -0.55
C TYR D 2174 67.95 17.57 -0.87
N MET D 2175 67.88 17.20 -2.15
CA MET D 2175 67.25 15.93 -2.52
C MET D 2175 68.08 14.73 -2.12
N GLU D 2176 69.38 14.91 -1.86
CA GLU D 2176 70.18 13.83 -1.31
C GLU D 2176 70.08 13.77 0.21
N GLN D 2177 70.11 14.92 0.88
CA GLN D 2177 69.98 14.92 2.34
C GLN D 2177 68.59 14.51 2.80
N VAL D 2178 67.57 14.61 1.95
CA VAL D 2178 66.29 14.00 2.33
C VAL D 2178 66.27 12.51 2.07
N ASP D 2179 67.11 12.00 1.15
CA ASP D 2179 67.22 10.56 1.01
C ASP D 2179 68.07 9.93 2.09
N LYS D 2180 68.92 10.73 2.73
CA LYS D 2180 69.67 10.22 3.88
C LYS D 2180 68.74 9.91 5.05
N PHE D 2181 67.81 10.82 5.33
CA PHE D 2181 66.94 10.70 6.49
C PHE D 2181 65.54 10.32 6.08
N PRO D 2182 65.06 9.12 6.44
CA PRO D 2182 63.66 8.81 6.22
C PRO D 2182 62.79 9.59 7.17
N PRO D 2183 61.60 9.99 6.76
CA PRO D 2183 60.73 10.76 7.67
C PRO D 2183 60.17 9.85 8.77
N ILE D 2184 60.32 10.29 10.02
CA ILE D 2184 60.19 9.41 11.17
C ILE D 2184 59.32 9.98 12.28
N LEU D 2185 58.74 11.16 12.08
CA LEU D 2185 57.97 11.75 13.16
C LEU D 2185 56.60 11.11 13.32
N TYR D 2186 56.15 10.31 12.34
CA TYR D 2186 54.89 9.62 12.50
C TYR D 2186 54.96 8.55 13.57
N GLN D 2187 56.12 7.92 13.75
CA GLN D 2187 56.25 6.89 14.76
C GLN D 2187 56.75 7.42 16.09
N TRP D 2188 57.11 8.69 16.18
CA TRP D 2188 57.29 9.31 17.49
C TRP D 2188 55.95 9.41 18.21
N PHE D 2189 54.87 9.65 17.45
CA PHE D 2189 53.53 9.59 18.00
C PHE D 2189 53.15 8.18 18.40
N LEU D 2190 53.75 7.17 17.77
CA LEU D 2190 53.55 5.80 18.19
C LEU D 2190 54.30 5.46 19.47
N GLU D 2191 55.19 6.33 19.92
CA GLU D 2191 56.02 6.06 21.09
C GLU D 2191 55.77 7.07 22.19
N ASN D 2192 54.59 7.68 22.18
CA ASN D 2192 54.13 8.48 23.31
C ASN D 2192 52.76 8.01 23.70
N PHE D 2193 51.97 7.63 22.71
CA PHE D 2193 50.58 7.25 22.88
C PHE D 2193 50.41 5.84 22.31
N PRO D 2194 50.84 4.81 23.03
CA PRO D 2194 50.65 3.45 22.51
C PRO D 2194 49.21 3.01 22.54
N ASP D 2195 48.40 3.63 23.38
CA ASP D 2195 46.95 3.50 23.26
C ASP D 2195 46.55 4.18 21.97
N PRO D 2196 46.02 3.46 20.97
CA PRO D 2196 45.81 4.07 19.66
C PRO D 2196 44.70 5.10 19.62
N ILE D 2197 43.80 5.10 20.61
CA ILE D 2197 42.79 6.15 20.68
C ILE D 2197 43.43 7.46 21.10
N ASN D 2198 44.33 7.40 22.09
CA ASN D 2198 45.11 8.58 22.43
C ASN D 2198 46.05 8.98 21.30
N TRP D 2199 46.52 8.01 20.51
CA TRP D 2199 47.35 8.32 19.36
C TRP D 2199 46.58 9.06 18.28
N PHE D 2200 45.36 8.61 18.00
CA PHE D 2200 44.55 9.24 16.97
C PHE D 2200 44.13 10.65 17.37
N ASN D 2201 43.69 10.80 18.63
CA ASN D 2201 43.35 12.13 19.12
C ASN D 2201 44.57 13.04 19.20
N ALA D 2202 45.74 12.48 19.50
CA ALA D 2202 46.94 13.28 19.60
C ALA D 2202 47.43 13.72 18.22
N ARG D 2203 47.27 12.86 17.21
CA ARG D 2203 47.70 13.25 15.88
C ARG D 2203 46.75 14.27 15.28
N ASN D 2204 45.44 14.11 15.51
CA ASN D 2204 44.50 15.17 15.13
C ASN D 2204 44.81 16.48 15.83
N THR D 2205 45.11 16.41 17.13
CA THR D 2205 45.44 17.61 17.89
C THR D 2205 46.70 18.27 17.37
N TYR D 2206 47.69 17.45 16.98
CA TYR D 2206 48.92 17.94 16.38
C TYR D 2206 48.66 18.65 15.07
N ALA D 2207 47.95 17.99 14.15
CA ALA D 2207 47.70 18.56 12.83
C ALA D 2207 46.89 19.84 12.91
N ARG D 2208 45.87 19.85 13.77
CA ARG D 2208 45.00 21.01 13.89
C ARG D 2208 45.72 22.18 14.56
N SER D 2209 46.40 21.93 15.69
CA SER D 2209 47.06 22.99 16.41
C SER D 2209 48.28 23.50 15.65
N TYR D 2210 48.87 22.66 14.80
CA TYR D 2210 49.95 23.15 13.96
C TYR D 2210 49.40 23.92 12.79
N ALA D 2211 48.24 23.51 12.28
CA ALA D 2211 47.64 24.19 11.14
C ALA D 2211 47.19 25.59 11.47
N VAL D 2212 46.75 25.84 12.70
CA VAL D 2212 46.30 27.21 13.02
C VAL D 2212 47.50 28.16 13.08
N MET D 2213 48.53 27.79 13.83
CA MET D 2213 49.67 28.68 13.93
C MET D 2213 50.52 28.66 12.67
N ALA D 2214 50.33 27.67 11.78
CA ALA D 2214 51.03 27.62 10.49
C ALA D 2214 50.78 28.85 9.64
N MET D 2215 49.61 29.46 9.73
CA MET D 2215 49.46 30.75 9.08
C MET D 2215 49.18 31.91 10.02
N VAL D 2216 48.89 31.68 11.31
CA VAL D 2216 48.95 32.82 12.22
C VAL D 2216 50.38 33.37 12.28
N GLY D 2217 51.37 32.47 12.23
CA GLY D 2217 52.75 32.91 12.17
C GLY D 2217 53.12 33.53 10.84
N HIS D 2218 52.64 32.96 9.72
CA HIS D 2218 52.98 33.53 8.43
C HIS D 2218 52.32 34.88 8.21
N ILE D 2219 51.07 35.03 8.65
CA ILE D 2219 50.42 36.33 8.59
C ILE D 2219 51.13 37.32 9.51
N LEU D 2220 51.58 36.87 10.67
CA LEU D 2220 52.43 37.73 11.48
C LEU D 2220 53.87 37.76 11.02
N GLY D 2221 54.25 36.96 10.02
CA GLY D 2221 55.60 36.93 9.52
C GLY D 2221 56.56 36.40 10.56
N LEU D 2222 56.39 35.14 10.94
CA LEU D 2222 57.03 34.62 12.15
C LEU D 2222 58.52 34.39 11.93
N GLY D 2223 58.86 33.45 11.05
CA GLY D 2223 60.26 33.17 10.76
C GLY D 2223 61.02 32.57 11.92
N ASP D 2224 62.32 32.32 11.67
CA ASP D 2224 63.27 31.76 12.62
C ASP D 2224 62.82 30.40 13.14
N ARG D 2225 62.10 29.64 12.31
CA ARG D 2225 61.41 28.46 12.78
C ARG D 2225 62.28 27.22 12.76
N HIS D 2226 63.50 27.30 13.27
CA HIS D 2226 64.32 26.10 13.35
C HIS D 2226 63.78 25.18 14.44
N CYS D 2227 64.09 23.89 14.29
CA CYS D 2227 63.46 22.80 15.04
C CYS D 2227 63.76 22.81 16.53
N GLU D 2228 64.59 23.73 17.03
CA GLU D 2228 64.72 24.00 18.44
C GLU D 2228 63.64 24.93 18.97
N ASN D 2229 62.70 25.38 18.12
CA ASN D 2229 61.66 26.29 18.56
C ASN D 2229 60.26 25.81 18.20
N ILE D 2230 60.12 24.57 17.76
CA ILE D 2230 58.83 23.99 17.49
C ILE D 2230 58.61 22.98 18.61
N LEU D 2231 57.92 23.40 19.66
CA LEU D 2231 57.80 22.59 20.86
C LEU D 2231 56.50 21.80 20.81
N LEU D 2232 56.58 20.54 21.22
CA LEU D 2232 55.46 19.62 21.23
C LEU D 2232 55.32 19.07 22.64
N ASP D 2233 54.10 18.98 23.15
CA ASP D 2233 53.92 18.48 24.50
C ASP D 2233 53.58 17.00 24.51
N ILE D 2234 54.15 16.29 25.50
CA ILE D 2234 53.99 14.85 25.61
C ILE D 2234 52.58 14.50 26.04
N GLN D 2235 51.88 15.42 26.71
CA GLN D 2235 50.58 15.12 27.29
C GLN D 2235 49.51 14.93 26.23
N THR D 2236 49.36 15.90 25.33
CA THR D 2236 48.27 15.85 24.37
C THR D 2236 48.67 16.05 22.91
N GLY D 2237 49.85 16.59 22.64
CA GLY D 2237 50.29 16.75 21.27
C GLY D 2237 50.08 18.12 20.65
N LYS D 2238 49.89 19.16 21.45
CA LYS D 2238 49.78 20.51 20.92
C LYS D 2238 51.11 20.98 20.34
N VAL D 2239 51.07 22.12 19.66
CA VAL D 2239 52.25 22.73 19.06
C VAL D 2239 52.37 24.14 19.57
N LEU D 2240 53.55 24.50 20.08
CA LEU D 2240 53.82 25.89 20.42
C LEU D 2240 55.11 26.36 19.78
N HIS D 2241 55.19 27.68 19.63
CA HIS D 2241 56.26 28.36 18.90
C HIS D 2241 56.87 29.40 19.82
N VAL D 2242 58.11 29.19 20.23
CA VAL D 2242 58.62 29.83 21.43
C VAL D 2242 59.55 31.02 21.18
N ASP D 2243 60.26 31.07 20.06
CA ASP D 2243 61.36 32.04 19.96
C ASP D 2243 60.82 33.43 19.67
N LEU D 2244 60.36 33.49 18.46
CA LEU D 2244 59.58 34.54 17.96
C LEU D 2244 60.11 35.82 18.34
N ASP D 2245 61.42 35.96 18.29
CA ASP D 2245 61.91 37.27 18.56
C ASP D 2245 61.54 38.02 17.37
N CYS D 2246 61.91 37.47 16.22
CA CYS D 2246 61.68 38.20 15.00
C CYS D 2246 60.29 38.01 14.58
N LEU D 2247 59.68 39.11 14.18
CA LEU D 2247 58.34 39.08 13.63
C LEU D 2247 58.25 40.12 12.52
N PHE D 2248 57.10 40.11 11.86
CA PHE D 2248 56.74 41.03 10.78
C PHE D 2248 57.73 40.90 9.62
N GLU D 2249 57.73 39.70 9.03
CA GLU D 2249 58.55 39.19 7.92
C GLU D 2249 60.02 39.59 8.02
N LYS D 2250 60.58 39.62 9.24
CA LYS D 2250 61.95 40.04 9.44
C LYS D 2250 62.94 38.99 8.94
N GLY D 2251 62.51 37.74 8.79
CA GLY D 2251 63.37 36.68 8.31
C GLY D 2251 63.80 36.83 6.86
N LYS D 2252 63.12 37.69 6.11
CA LYS D 2252 63.50 37.93 4.72
C LYS D 2252 64.55 39.03 4.61
N ARG D 2253 64.70 39.85 5.66
CA ARG D 2253 65.59 41.01 5.62
C ARG D 2253 67.06 40.62 5.68
N LEU D 2254 67.39 39.44 6.19
CA LEU D 2254 68.75 39.02 6.41
C LEU D 2254 69.22 38.11 5.28
N PRO D 2255 70.54 38.07 5.00
CA PRO D 2255 71.06 37.22 3.92
C PRO D 2255 70.84 35.73 4.17
N VAL D 2256 71.04 34.94 3.12
CA VAL D 2256 70.47 33.62 2.84
C VAL D 2256 69.04 33.55 3.38
N PRO D 2257 68.11 34.28 2.77
CA PRO D 2257 66.89 34.68 3.46
C PRO D 2257 65.87 33.56 3.59
N GLU D 2258 64.99 33.71 4.57
CA GLU D 2258 63.91 32.76 4.82
C GLU D 2258 62.79 33.01 3.84
N ILE D 2259 62.67 32.14 2.83
CA ILE D 2259 61.67 32.33 1.79
C ILE D 2259 60.62 31.21 1.84
N VAL D 2260 60.41 30.66 3.03
CA VAL D 2260 59.30 29.75 3.25
C VAL D 2260 58.22 30.59 3.92
N PRO D 2261 56.94 30.27 3.76
CA PRO D 2261 55.94 30.93 4.61
C PRO D 2261 55.99 30.48 6.05
N PHE D 2262 56.17 29.19 6.28
CA PHE D 2262 56.21 28.56 7.60
C PHE D 2262 56.90 27.21 7.41
N ARG D 2263 57.43 26.66 8.50
CA ARG D 2263 58.20 25.40 8.43
C ARG D 2263 57.24 24.26 8.15
N LEU D 2264 57.07 23.90 6.88
CA LEU D 2264 56.39 22.68 6.51
C LEU D 2264 57.39 21.86 5.72
N THR D 2265 57.73 20.69 6.25
CA THR D 2265 59.05 20.11 6.19
C THR D 2265 58.90 18.61 6.43
N PRO D 2266 59.53 17.77 5.59
CA PRO D 2266 58.97 16.43 5.31
C PRO D 2266 58.84 15.46 6.48
N ASN D 2267 59.43 15.77 7.64
CA ASN D 2267 59.06 15.01 8.84
C ASN D 2267 57.65 15.33 9.28
N LEU D 2268 57.19 16.55 9.02
CA LEU D 2268 55.91 16.98 9.58
C LEU D 2268 54.74 16.43 8.76
N LEU D 2269 54.96 16.20 7.47
CA LEU D 2269 53.84 15.96 6.57
C LEU D 2269 53.27 14.55 6.71
N ASP D 2270 54.13 13.54 6.80
CA ASP D 2270 53.59 12.21 7.06
C ASP D 2270 53.20 12.04 8.52
N ALA D 2271 53.69 12.93 9.39
CA ALA D 2271 53.14 13.00 10.74
C ALA D 2271 51.73 13.56 10.72
N LEU D 2272 51.39 14.38 9.73
CA LEU D 2272 50.01 14.85 9.61
C LEU D 2272 49.06 13.72 9.26
N GLY D 2273 49.54 12.69 8.59
CA GLY D 2273 48.72 11.53 8.28
C GLY D 2273 49.15 10.91 6.96
N ILE D 2274 48.27 10.05 6.45
CA ILE D 2274 48.49 9.40 5.16
C ILE D 2274 48.43 10.42 4.03
N ILE D 2275 47.30 11.09 3.91
CA ILE D 2275 47.09 12.14 2.95
C ILE D 2275 47.94 13.37 3.22
N GLY D 2276 48.47 13.51 4.42
CA GLY D 2276 49.43 14.55 4.71
C GLY D 2276 48.79 15.91 4.82
N THR D 2277 49.25 16.84 4.00
CA THR D 2277 48.75 18.20 4.05
C THR D 2277 47.36 18.35 3.46
N GLU D 2278 46.86 17.34 2.72
CA GLU D 2278 45.54 17.40 2.11
C GLU D 2278 44.57 16.65 3.02
N GLY D 2279 44.15 17.30 4.09
CA GLY D 2279 43.35 16.66 5.11
C GLY D 2279 42.89 17.61 6.18
N THR D 2280 43.06 17.24 7.45
CA THR D 2280 42.68 18.12 8.56
C THR D 2280 43.52 19.39 8.58
N PHE D 2281 44.77 19.28 8.12
CA PHE D 2281 45.67 20.43 8.03
C PHE D 2281 45.09 21.50 7.13
N LYS D 2282 44.73 21.12 5.90
CA LYS D 2282 44.20 22.07 4.94
C LYS D 2282 42.84 22.61 5.36
N LYS D 2283 42.00 21.75 5.95
CA LYS D 2283 40.66 22.19 6.33
C LYS D 2283 40.69 23.19 7.48
N SER D 2284 41.42 22.85 8.55
CA SER D 2284 41.54 23.79 9.66
C SER D 2284 42.38 25.01 9.29
N SER D 2285 43.25 24.88 8.29
CA SER D 2285 43.93 26.03 7.70
C SER D 2285 42.94 27.00 7.07
N GLU D 2286 42.02 26.48 6.26
CA GLU D 2286 41.02 27.34 5.61
C GLU D 2286 40.06 27.93 6.63
N VAL D 2287 39.73 27.18 7.68
CA VAL D 2287 38.84 27.69 8.72
C VAL D 2287 39.52 28.81 9.50
N THR D 2288 40.81 28.67 9.79
CA THR D 2288 41.55 29.73 10.47
C THR D 2288 41.67 30.97 9.61
N LEU D 2289 41.96 30.80 8.31
CA LEU D 2289 42.05 31.95 7.41
C LEU D 2289 40.71 32.63 7.22
N ALA D 2290 39.62 31.86 7.16
CA ALA D 2290 38.30 32.44 7.05
C ALA D 2290 37.92 33.22 8.30
N LEU D 2291 38.30 32.72 9.47
CA LEU D 2291 38.06 33.45 10.70
C LEU D 2291 38.90 34.71 10.79
N MET D 2292 40.11 34.68 10.24
CA MET D 2292 40.92 35.90 10.26
C MET D 2292 40.44 36.92 9.24
N ARG D 2293 39.84 36.48 8.13
CA ARG D 2293 39.26 37.43 7.19
C ARG D 2293 37.97 38.03 7.72
N LYS D 2294 37.17 37.22 8.42
CA LYS D 2294 35.92 37.73 8.97
C LYS D 2294 36.17 38.73 10.10
N ASN D 2295 37.31 38.64 10.77
CA ASN D 2295 37.61 39.49 11.91
C ASN D 2295 38.85 40.34 11.64
N GLU D 2296 38.88 40.98 10.46
CA GLU D 2296 40.02 41.80 10.06
C GLU D 2296 40.18 43.01 10.97
N VAL D 2297 39.09 43.70 11.27
CA VAL D 2297 39.15 44.94 12.04
C VAL D 2297 39.60 44.68 13.48
N ALA D 2298 39.12 43.58 14.08
CA ALA D 2298 39.46 43.29 15.47
C ALA D 2298 40.92 42.89 15.62
N LEU D 2299 41.39 42.01 14.73
CA LEU D 2299 42.78 41.54 14.77
C LEU D 2299 43.75 42.67 14.46
N MET D 2300 43.43 43.49 13.45
CA MET D 2300 44.27 44.64 13.18
C MET D 2300 44.24 45.67 14.29
N ASN D 2301 43.09 45.82 14.97
CA ASN D 2301 42.99 46.75 16.08
C ASN D 2301 43.83 46.29 17.26
N VAL D 2302 43.85 44.98 17.52
CA VAL D 2302 44.73 44.42 18.54
C VAL D 2302 46.19 44.67 18.21
N ILE D 2303 46.56 44.50 16.93
CA ILE D 2303 47.96 44.61 16.57
C ILE D 2303 48.38 46.04 16.21
N GLU D 2304 47.47 47.02 16.32
CA GLU D 2304 47.83 48.43 16.10
C GLU D 2304 48.87 48.96 17.08
N THR D 2305 49.06 48.33 18.24
CA THR D 2305 49.90 48.90 19.28
C THR D 2305 51.39 48.73 19.03
N ILE D 2306 51.78 48.01 17.98
CA ILE D 2306 53.18 47.84 17.65
C ILE D 2306 53.81 49.18 17.25
N MET D 2307 53.09 49.96 16.44
CA MET D 2307 53.60 51.27 16.00
C MET D 2307 53.63 52.30 17.11
N TYR D 2308 53.07 52.00 18.28
CA TYR D 2308 53.13 52.87 19.42
C TYR D 2308 54.03 52.35 20.52
N ASP D 2309 54.39 51.07 20.51
CA ASP D 2309 55.48 50.59 21.35
C ASP D 2309 56.85 50.98 20.82
N ARG D 2310 56.97 51.27 19.52
CA ARG D 2310 58.27 51.50 18.91
C ARG D 2310 58.39 52.84 18.21
N ASN D 2311 57.28 53.56 18.03
CA ASN D 2311 57.09 54.93 17.50
C ASN D 2311 58.02 55.34 16.36
N MET D 2312 58.26 54.43 15.42
CA MET D 2312 59.07 54.72 14.24
C MET D 2312 58.17 54.79 13.01
N ASP D 2313 58.79 54.93 11.84
CA ASP D 2313 58.08 55.07 10.58
C ASP D 2313 58.76 54.22 9.51
N HIS D 2314 57.94 53.57 8.69
CA HIS D 2314 58.30 52.93 7.41
C HIS D 2314 59.21 51.71 7.52
N SER D 2315 59.67 51.38 8.73
CA SER D 2315 60.12 50.05 9.06
C SER D 2315 59.05 49.30 9.83
N ILE D 2316 58.01 50.01 10.25
CA ILE D 2316 56.93 49.44 11.05
C ILE D 2316 55.56 49.72 10.47
N GLN D 2317 55.39 50.76 9.65
CA GLN D 2317 54.12 50.97 8.95
C GLN D 2317 53.96 49.95 7.83
N LYS D 2318 55.04 49.72 7.08
CA LYS D 2318 55.03 48.75 5.98
C LYS D 2318 54.76 47.35 6.49
N ALA D 2319 55.26 47.02 7.69
CA ALA D 2319 54.98 45.74 8.30
C ALA D 2319 53.50 45.58 8.60
N LEU D 2320 52.85 46.63 9.11
CA LEU D 2320 51.42 46.55 9.37
C LEU D 2320 50.61 46.50 8.08
N LYS D 2321 51.10 47.14 7.01
CA LYS D 2321 50.37 47.09 5.74
C LYS D 2321 50.47 45.71 5.11
N VAL D 2322 51.64 45.08 5.19
CA VAL D 2322 51.80 43.71 4.70
C VAL D 2322 50.98 42.74 5.55
N LEU D 2323 50.91 43.00 6.85
CA LEU D 2323 50.06 42.24 7.75
C LEU D 2323 48.58 42.36 7.38
N ARG D 2324 48.13 43.57 7.07
CA ARG D 2324 46.73 43.78 6.68
C ARG D 2324 46.43 43.12 5.34
N ASN D 2325 47.38 43.16 4.41
CA ASN D 2325 47.15 42.52 3.13
C ASN D 2325 47.15 40.99 3.24
N LYS D 2326 47.93 40.44 4.18
CA LYS D 2326 47.87 39.00 4.42
C LYS D 2326 46.59 38.61 5.12
N ILE D 2327 46.07 39.47 6.00
CA ILE D 2327 44.81 39.18 6.68
C ILE D 2327 43.65 39.22 5.70
N ARG D 2328 43.61 40.23 4.82
CA ARG D 2328 42.53 40.28 3.85
C ARG D 2328 42.67 39.18 2.80
N GLY D 2329 43.88 38.69 2.56
CA GLY D 2329 44.05 37.55 1.69
C GLY D 2329 44.62 37.89 0.33
N ILE D 2330 45.60 38.78 0.30
CA ILE D 2330 46.22 39.22 -0.94
C ILE D 2330 47.48 38.40 -1.18
N ASP D 2331 47.63 37.88 -2.39
CA ASP D 2331 48.86 37.20 -2.77
C ASP D 2331 49.99 38.21 -2.78
N PRO D 2332 51.17 37.89 -2.21
CA PRO D 2332 52.20 38.92 -1.99
C PRO D 2332 52.85 39.43 -3.26
N GLN D 2333 52.65 38.77 -4.39
CA GLN D 2333 53.03 39.30 -5.69
C GLN D 2333 51.80 39.39 -6.56
N ASP D 2334 51.76 40.42 -7.42
CA ASP D 2334 50.60 40.77 -8.25
C ASP D 2334 49.36 40.94 -7.37
N GLY D 2335 49.41 41.99 -6.56
CA GLY D 2335 48.51 42.13 -5.43
C GLY D 2335 47.04 42.31 -5.72
N LEU D 2336 46.27 41.24 -5.48
CA LEU D 2336 44.82 41.26 -5.56
C LEU D 2336 44.32 40.04 -4.80
N VAL D 2337 43.10 40.14 -4.28
CA VAL D 2337 42.65 39.27 -3.20
C VAL D 2337 42.39 37.86 -3.74
N LEU D 2338 42.98 36.87 -3.08
CA LEU D 2338 42.86 35.47 -3.39
C LEU D 2338 41.91 34.82 -2.38
N SER D 2339 41.35 33.67 -2.73
CA SER D 2339 40.39 33.03 -1.84
C SER D 2339 41.11 32.31 -0.70
N VAL D 2340 40.33 31.84 0.27
CA VAL D 2340 40.90 31.10 1.40
C VAL D 2340 41.45 29.76 0.94
N ALA D 2341 40.73 29.07 0.05
CA ALA D 2341 41.26 27.84 -0.53
C ALA D 2341 42.33 28.11 -1.57
N GLY D 2342 42.49 29.35 -2.00
CA GLY D 2342 43.58 29.73 -2.87
C GLY D 2342 44.80 30.16 -2.08
N GLN D 2343 44.58 30.93 -1.01
CA GLN D 2343 45.69 31.32 -0.14
C GLN D 2343 46.27 30.12 0.58
N THR D 2344 45.42 29.17 0.96
CA THR D 2344 45.87 27.93 1.59
C THR D 2344 46.71 27.10 0.62
N GLU D 2345 46.24 26.95 -0.63
CA GLU D 2345 46.98 26.20 -1.64
C GLU D 2345 48.30 26.87 -1.98
N THR D 2346 48.31 28.21 -2.01
CA THR D 2346 49.54 28.93 -2.28
C THR D 2346 50.57 28.72 -1.17
N LEU D 2347 50.16 28.89 0.08
CA LEU D 2347 51.10 28.75 1.19
C LEU D 2347 51.57 27.32 1.37
N ILE D 2348 50.70 26.33 1.12
CA ILE D 2348 51.11 24.94 1.24
C ILE D 2348 52.04 24.53 0.10
N GLN D 2349 51.64 24.77 -1.16
CA GLN D 2349 52.52 24.40 -2.25
C GLN D 2349 53.70 25.35 -2.45
N GLU D 2350 53.89 26.39 -1.64
CA GLU D 2350 55.20 27.01 -1.60
C GLU D 2350 55.94 26.73 -0.31
N ALA D 2351 55.29 26.11 0.68
CA ALA D 2351 56.03 25.67 1.86
C ALA D 2351 56.68 24.31 1.64
N THR D 2352 55.98 23.38 0.99
CA THR D 2352 56.52 22.07 0.69
C THR D 2352 57.24 22.01 -0.65
N SER D 2353 57.47 23.16 -1.29
CA SER D 2353 58.12 23.16 -2.60
C SER D 2353 59.62 22.99 -2.42
N GLU D 2354 60.16 21.95 -3.05
CA GLU D 2354 61.55 21.58 -2.84
C GLU D 2354 62.53 22.59 -3.40
N ASP D 2355 62.12 23.39 -4.38
CA ASP D 2355 63.01 24.45 -4.87
C ASP D 2355 63.14 25.56 -3.84
N ASN D 2356 62.09 25.81 -3.05
CA ASN D 2356 62.23 26.76 -1.96
C ASN D 2356 63.05 26.18 -0.82
N LEU D 2357 62.81 24.91 -0.49
CA LEU D 2357 63.41 24.29 0.69
C LEU D 2357 64.92 24.10 0.55
N SER D 2358 65.46 24.12 -0.66
CA SER D 2358 66.90 24.04 -0.83
C SER D 2358 67.59 25.34 -0.45
N LYS D 2359 66.91 26.47 -0.55
CA LYS D 2359 67.60 27.76 -0.52
C LYS D 2359 67.99 28.19 0.89
N MET D 2360 67.23 27.81 1.90
CA MET D 2360 67.38 28.45 3.20
C MET D 2360 68.53 27.87 4.02
N TYR D 2361 68.94 28.67 5.00
CA TYR D 2361 70.14 28.44 5.79
C TYR D 2361 70.01 27.19 6.64
N ILE D 2362 71.14 26.51 6.86
CA ILE D 2362 71.15 25.19 7.51
C ILE D 2362 70.87 25.28 9.00
N GLY D 2363 70.87 26.48 9.58
CA GLY D 2363 70.32 26.68 10.90
C GLY D 2363 68.85 26.30 10.95
N TRP D 2364 68.11 26.76 9.94
CA TRP D 2364 66.77 26.23 9.66
C TRP D 2364 66.96 25.02 8.76
N LEU D 2365 67.40 23.89 9.31
CA LEU D 2365 67.78 22.75 8.48
C LEU D 2365 66.56 22.08 7.87
N PRO D 2366 66.42 22.13 6.54
CA PRO D 2366 65.11 21.84 5.94
C PRO D 2366 64.89 20.38 5.66
N PHE D 2367 65.98 19.62 5.52
CA PHE D 2367 65.88 18.24 5.05
C PHE D 2367 65.31 17.33 6.11
N TRP D 2368 65.38 17.74 7.37
CA TRP D 2368 64.63 17.09 8.43
C TRP D 2368 63.15 17.28 8.19
PG ANP E . 10.41 72.08 -23.15
O1G ANP E . 9.61 71.06 -22.42
O2G ANP E . 11.88 72.10 -22.61
O3G ANP E . 9.77 73.51 -22.92
PB ANP E . 11.80 72.01 -25.58
O1B ANP E . 12.93 72.09 -24.62
O2B ANP E . 11.68 73.36 -26.33
N3B ANP E . 10.35 71.71 -24.80
PA ANP E . 11.37 69.45 -26.32
O1A ANP E . 10.94 69.34 -24.91
O2A ANP E . 12.38 68.40 -26.78
O3A ANP E . 12.06 70.85 -26.58
O5' ANP E . 10.07 69.41 -27.19
C5' ANP E . 8.78 69.34 -26.56
C4' ANP E . 7.92 68.38 -27.33
O4' ANP E . 8.73 67.68 -28.28
C3' ANP E . 7.29 67.28 -26.49
O3' ANP E . 6.04 67.72 -25.97
C2' ANP E . 7.11 66.13 -27.49
O2' ANP E . 5.77 66.04 -27.96
C1' ANP E . 8.05 66.49 -28.65
N9 ANP E . 9.04 65.48 -28.96
C8 ANP E . 10.40 65.63 -28.94
N7 ANP E . 11.06 64.55 -29.28
C5 ANP E . 10.08 63.63 -29.55
C6 ANP E . 10.13 62.29 -29.98
N6 ANP E . 11.25 61.62 -30.20
N1 ANP E . 8.95 61.65 -30.17
C2 ANP E . 7.81 62.31 -29.94
N3 ANP E . 7.64 63.57 -29.55
C4 ANP E . 8.82 64.18 -29.37
ZN ZN F . -17.56 -17.20 -54.03
MG MG G . 10.69 69.30 -22.69
MG MG H . 13.98 71.56 -22.91
PG ANP I . 67.22 30.71 19.60
O1G ANP I . 66.44 29.63 18.93
O2G ANP I . 66.83 32.11 19.01
O3G ANP I . 68.76 30.48 19.33
PB ANP I . 66.85 32.13 21.98
O1B ANP I . 66.58 33.20 20.99
O2B ANP I . 68.21 32.41 22.67
N3B ANP I . 66.93 30.62 21.26
PA ANP I . 64.53 31.06 22.83
O1A ANP I . 64.50 30.55 21.45
O2A ANP I . 63.26 31.79 23.30
O3A ANP I . 65.71 32.10 23.03
O5' ANP I . 64.84 29.84 23.76
C5' ANP I . 65.13 28.56 23.18
C4' ANP I . 64.47 27.50 24.02
O4' ANP I . 63.60 28.13 24.97
C3' ANP I . 63.57 26.56 23.25
O3' ANP I . 64.32 25.45 22.75
C2' ANP I . 62.53 26.12 24.30
O2' ANP I . 62.82 24.83 24.81
C1' ANP I . 62.67 27.17 25.40
N9 ANP I . 61.43 27.86 25.73
C8 ANP I . 61.21 29.20 25.65
N7 ANP I . 60.01 29.57 26.01
C5 ANP I . 59.39 28.38 26.37
C6 ANP I . 58.10 28.08 26.84
N6 ANP I . 57.16 29.01 27.06
N1 ANP I . 57.81 26.79 27.10
C2 ANP I . 58.75 25.86 26.88
N3 ANP I . 59.99 26.02 26.45
C4 ANP I . 60.26 27.32 26.20
ZN ZN J . -9.94 -19.12 55.35
MG MG K . 64.48 30.20 19.31
MG MG L . 66.21 34.20 19.20
#